data_5A8W
#
_entry.id   5A8W
#
_cell.length_a   110.391
_cell.length_b   102.185
_cell.length_c   118.739
_cell.angle_alpha   89.20
_cell.angle_beta   93.97
_cell.angle_gamma   90.98
#
_symmetry.space_group_name_H-M   'P 1'
#
loop_
_entity.id
_entity.type
_entity.pdbx_description
1 polymer 'METHYL-COENZYME M II REDUCTASE'
2 polymer 'METHYL-COENZYME M REDUCTASE II'
3 polymer 'METHYL-COENZYME M REDUCTASE II'
4 non-polymer '1-THIOETHANESULFONIC ACID'
5 non-polymer 'Coenzyme B'
6 non-polymer 'ACETATE ION'
7 non-polymer 'FACTOR 430'
8 non-polymer 'SODIUM ION'
9 water water
#
loop_
_entity_poly.entity_id
_entity_poly.type
_entity_poly.pdbx_seq_one_letter_code
_entity_poly.pdbx_strand_id
1 'polypeptide(L)'
;MDNEKKLFLKALKKKFEGEDPEEKSTNFYCFGGWEQSERKREFTEYAKKAAEKRGGIPFYNPDIGVPLGQRKLMAYRVSG
TDAYVEGDDLHFVNNAAIQQMVDDIKRTVIVGMDTAHAVLEKRLGVEVTPETINEYMEVINHALPGGAVVQEHMVEVHPG
IVEDCYAKVFTGDDNLADELDKRILIDINKEFPEEQAEQLKSYIGNRTYQVNRVPTIVVRACDGGTVSRWSAMQIGMSFI
SAYKLCAGEAAIADFSFAAK(MHS)ADVIEMGTIMPAR(AGM)ARGPNEPGGVAFGTFADIVQASRVSDDPANVSLEVIA
GAAALYDQVWLGSYMSGGVGFTQYATAAYTDDILDDFLYYGMEYVEDKFGICGSEPTMDVVRDISTEVTLYSLEQYEEYP
TLLEDHFGGS(MGN)RAAVAAAAAGCSTAFATGNSNAGVNGWYLSQILHKEAHSRLGFY(GL3)YDLQDQ(SMC)GASNS
LSIRSDEGLIHELRGPNYPNYAMNVGHQPEYAGIAQAPHAARGDAFCTNPLIKVAFADKDLSFDFTSPRKSIAKGALREF
IPEGERDLIIPAGK
;
A,D,G,J
2 'polypeptide(L)'
;MPMYEDRVDLYGADGKLLEEDVPLEAVSPLKNPTIANLVSDVKRSVAVNLAGIEGSLRKAALGGKSNFIPGREVDLPIVE
NAEAIAEKIKKLVQTSEDDDTNIRLINNGQQILVQVPTTRMGVAADYTVSALVTGAAVVQAIIDEFDVDMFDANAVKTAV
MGRYPQTVDFTGANLSTLLGPPVLLEGLGYGLRNIMANHVVAITRKNTLNASALSSILEQTAMFETGDAVGAFERMHLLG
LAYQGLNANNLLFDLVKENGKGTVGTVIASLVERAIEDRVIKVAKEMTSGYKMYEPADWALWNAYAATGLLAATIVNVGA
ARAAQGVASTVLYYNDILEYETGLPGVDFGRAMGTAVGFSFFSHSIYGGGGPGIFHGNHVVTRHSKGFALPCVAAAMCLD
AGTQMFSVEKTSGLIGSVYSEIDYFREPIVNVAKGAAEIKDQL
;
B,E,H,K
3 'polypeptide(L)'
;MSYKAQYTPGETRIAENRRKHMNPDYELRKLREISDEDLVKVLGHRNPGESYKSVHPPLDEMDFEEDIVRDLVEPIQGAK
EGVRVRYIQFADSMYNAPAQPYDRARTYMWRYRGVDTGTLSGRQVIEMRELDLEGVSKELVETELFDPATTGIRGATVHG
HSLRLDENGLMFDALQRYVFDEETGHVVYVKEQVGRPLDEPVDMGQPLDEEELRKITTIYRKDNIAMRDDKEAIEVVENI
HTGRTMGGFGMDVFKEDLRKRLGDD
;
C,F,I,L
#
loop_
_chem_comp.id
_chem_comp.type
_chem_comp.name
_chem_comp.formula
ACT non-polymer 'ACETATE ION' 'C2 H3 O2 -1'
COM non-polymer '1-THIOETHANESULFONIC ACID' 'C2 H6 O3 S2'
F43 non-polymer 'FACTOR 430' 'C42 H51 N6 Ni O13 1'
NA non-polymer 'SODIUM ION' 'Na 1'
TP7 non-polymer 'Coenzyme B' 'C11 H22 N O7 P S'
#
# COMPACT_ATOMS: atom_id res chain seq x y z
N LYS A 5 -69.38 12.61 5.96
CA LYS A 5 -68.19 13.38 5.56
C LYS A 5 -67.38 12.66 4.48
N LYS A 6 -66.86 13.37 3.49
CA LYS A 6 -66.06 12.73 2.47
C LYS A 6 -64.65 12.45 3.03
N LEU A 7 -64.11 11.27 2.74
CA LEU A 7 -62.86 10.86 3.39
C LEU A 7 -61.65 11.69 2.93
N PHE A 8 -61.70 12.27 1.75
CA PHE A 8 -60.57 13.06 1.27
C PHE A 8 -60.54 14.49 1.77
N LEU A 9 -61.58 14.96 2.47
CA LEU A 9 -61.66 16.38 2.78
C LEU A 9 -60.58 16.79 3.76
N LYS A 10 -60.30 15.93 4.73
CA LYS A 10 -59.26 16.24 5.71
C LYS A 10 -57.93 16.57 5.02
N ALA A 11 -57.55 15.77 4.02
CA ALA A 11 -56.31 16.03 3.28
C ALA A 11 -56.40 17.31 2.44
N LEU A 12 -57.50 17.53 1.75
CA LEU A 12 -57.64 18.74 0.95
C LEU A 12 -57.49 19.97 1.82
N LYS A 13 -58.08 19.92 3.01
CA LYS A 13 -58.07 21.06 3.90
C LYS A 13 -56.67 21.37 4.37
N LYS A 14 -55.84 20.36 4.52
CA LYS A 14 -54.44 20.58 4.89
C LYS A 14 -53.62 20.93 3.66
N LYS A 15 -53.88 20.26 2.55
CA LYS A 15 -53.09 20.52 1.35
C LYS A 15 -53.35 21.90 0.76
N PHE A 16 -54.55 22.43 0.95
CA PHE A 16 -54.95 23.71 0.41
C PHE A 16 -55.34 24.68 1.52
N GLU A 17 -54.48 24.74 2.55
CA GLU A 17 -54.72 25.58 3.72
C GLU A 17 -54.90 27.03 3.30
N GLY A 18 -55.89 27.69 3.90
CA GLY A 18 -56.21 29.06 3.56
C GLY A 18 -57.14 29.22 2.37
N GLU A 19 -57.53 28.12 1.73
CA GLU A 19 -58.39 28.12 0.55
C GLU A 19 -59.59 27.21 0.77
N ASP A 20 -60.74 27.64 0.28
CA ASP A 20 -61.96 26.81 0.24
C ASP A 20 -61.83 25.66 -0.76
N PRO A 21 -61.97 24.39 -0.32
CA PRO A 21 -61.86 23.26 -1.26
C PRO A 21 -62.84 23.29 -2.42
N GLU A 22 -63.95 24.02 -2.32
CA GLU A 22 -64.92 24.08 -3.39
C GLU A 22 -64.72 25.27 -4.33
N GLU A 23 -63.75 26.14 -4.07
CA GLU A 23 -63.59 27.35 -4.88
C GLU A 23 -62.83 27.03 -6.17
N LYS A 24 -63.35 27.53 -7.31
CA LYS A 24 -62.84 27.26 -8.65
C LYS A 24 -61.62 28.08 -9.03
N SER A 25 -61.29 29.12 -8.27
CA SER A 25 -60.22 30.04 -8.62
C SER A 25 -59.16 30.15 -7.52
N THR A 26 -57.98 30.63 -7.91
CA THR A 26 -56.82 30.70 -7.02
C THR A 26 -55.82 31.71 -7.61
N ASN A 27 -54.64 31.81 -7.01
CA ASN A 27 -53.52 32.60 -7.53
C ASN A 27 -52.32 31.71 -7.81
N PHE A 28 -51.61 31.98 -8.89
CA PHE A 28 -50.46 31.23 -9.32
C PHE A 28 -49.26 32.15 -9.44
N TYR A 29 -48.11 31.55 -9.77
CA TYR A 29 -46.89 32.24 -10.16
C TYR A 29 -46.29 33.03 -9.01
N CYS A 30 -46.66 32.71 -7.78
CA CYS A 30 -46.37 33.56 -6.63
C CYS A 30 -45.69 32.78 -5.52
N PHE A 31 -45.03 31.69 -5.86
CA PHE A 31 -44.48 30.79 -4.85
C PHE A 31 -42.96 30.75 -4.84
N GLY A 32 -42.30 31.45 -5.77
CA GLY A 32 -40.85 31.38 -5.86
C GLY A 32 -40.35 30.18 -6.61
N GLY A 33 -41.21 29.56 -7.42
CA GLY A 33 -40.72 28.41 -8.17
C GLY A 33 -40.32 27.27 -7.24
N TRP A 34 -39.18 26.63 -7.56
CA TRP A 34 -38.70 25.46 -6.81
C TRP A 34 -38.38 25.81 -5.36
N GLU A 35 -38.10 27.07 -5.09
CA GLU A 35 -37.70 27.45 -3.74
C GLU A 35 -38.84 27.33 -2.74
N GLN A 36 -40.07 27.12 -3.19
CA GLN A 36 -41.13 26.93 -2.22
C GLN A 36 -41.01 25.58 -1.48
N SER A 37 -40.23 24.62 -2.01
CA SER A 37 -40.21 23.22 -1.58
C SER A 37 -38.96 22.86 -0.78
N GLU A 38 -39.15 22.38 0.45
CA GLU A 38 -38.03 21.89 1.25
C GLU A 38 -37.21 20.89 0.46
N ARG A 39 -37.89 19.97 -0.21
CA ARG A 39 -37.18 18.89 -0.87
C ARG A 39 -36.42 19.42 -2.09
N LYS A 40 -37.07 20.30 -2.88
CA LYS A 40 -36.36 20.86 -4.02
C LYS A 40 -35.14 21.63 -3.54
N ARG A 41 -35.26 22.36 -2.42
CA ARG A 41 -34.10 23.10 -1.95
C ARG A 41 -32.99 22.13 -1.54
N GLU A 42 -33.35 21.06 -0.81
CA GLU A 42 -32.36 20.06 -0.45
C GLU A 42 -31.69 19.51 -1.69
N PHE A 43 -32.47 19.21 -2.74
CA PHE A 43 -31.91 18.56 -3.93
C PHE A 43 -30.89 19.46 -4.58
N THR A 44 -31.25 20.75 -4.73
CA THR A 44 -30.36 21.70 -5.36
C THR A 44 -29.07 21.82 -4.57
N GLU A 45 -29.17 21.78 -3.24
CA GLU A 45 -28.00 21.91 -2.38
C GLU A 45 -27.06 20.71 -2.52
N TYR A 46 -27.60 19.50 -2.59
CA TYR A 46 -26.76 18.34 -2.83
C TYR A 46 -26.16 18.38 -4.22
N ALA A 47 -26.91 18.88 -5.20
CA ALA A 47 -26.35 18.94 -6.54
C ALA A 47 -25.09 19.81 -6.55
N LYS A 48 -25.12 20.95 -5.84
CA LYS A 48 -23.94 21.80 -5.76
C LYS A 48 -22.81 21.11 -4.99
N LYS A 49 -23.13 20.41 -3.90
CA LYS A 49 -22.07 19.73 -3.17
C LYS A 49 -21.43 18.59 -3.97
N ALA A 50 -22.15 18.08 -4.98
CA ALA A 50 -21.64 17.01 -5.83
C ALA A 50 -20.62 17.49 -6.86
N ALA A 51 -20.50 18.78 -7.06
CA ALA A 51 -19.62 19.32 -8.10
C ALA A 51 -18.20 18.74 -8.04
N GLU A 52 -17.60 18.63 -6.85
CA GLU A 52 -16.23 18.15 -6.76
C GLU A 52 -16.12 16.68 -7.16
N LYS A 53 -17.03 15.83 -6.66
CA LYS A 53 -17.03 14.41 -7.02
C LYS A 53 -17.14 14.23 -8.53
N ARG A 54 -18.02 15.02 -9.17
CA ARG A 54 -18.29 14.94 -10.61
C ARG A 54 -17.19 15.58 -11.46
N GLY A 55 -16.26 16.29 -10.85
CA GLY A 55 -15.15 16.88 -11.57
C GLY A 55 -15.48 17.75 -12.76
N GLY A 56 -16.63 18.43 -12.78
CA GLY A 56 -16.99 19.32 -13.89
C GLY A 56 -18.22 18.88 -14.66
N ILE A 57 -18.52 17.58 -14.67
CA ILE A 57 -19.72 17.09 -15.36
C ILE A 57 -20.98 17.77 -14.80
N PRO A 58 -21.76 18.46 -15.63
CA PRO A 58 -22.98 19.08 -15.12
C PRO A 58 -23.89 18.04 -14.47
N PHE A 59 -24.86 18.52 -13.72
CA PHE A 59 -25.69 17.65 -12.89
C PHE A 59 -27.08 18.28 -12.74
N TYR A 60 -27.81 17.87 -11.71
CA TYR A 60 -29.14 18.41 -11.45
C TYR A 60 -29.08 19.93 -11.35
N ASN A 61 -29.97 20.60 -12.06
CA ASN A 61 -29.96 22.07 -12.09
C ASN A 61 -31.39 22.53 -12.27
N PRO A 62 -32.03 23.12 -11.25
CA PRO A 62 -33.43 23.51 -11.41
C PRO A 62 -33.64 24.56 -12.52
N ASP A 63 -32.57 25.21 -13.01
CA ASP A 63 -32.72 26.18 -14.11
C ASP A 63 -32.67 25.56 -15.50
N ILE A 64 -32.47 24.26 -15.59
CA ILE A 64 -32.59 23.52 -16.85
C ILE A 64 -34.04 23.16 -17.06
N GLY A 65 -34.56 23.46 -18.26
CA GLY A 65 -35.94 23.07 -18.56
C GLY A 65 -36.99 23.72 -17.69
N VAL A 66 -38.06 22.96 -17.43
CA VAL A 66 -39.30 23.50 -16.85
C VAL A 66 -39.00 24.15 -15.52
N PRO A 67 -39.47 25.38 -15.29
CA PRO A 67 -39.38 26.00 -13.97
C PRO A 67 -40.48 25.47 -13.05
N LEU A 68 -40.18 24.36 -12.38
CA LEU A 68 -41.17 23.70 -11.55
C LEU A 68 -41.71 24.67 -10.54
N GLY A 69 -42.97 24.47 -10.14
CA GLY A 69 -43.51 25.23 -9.02
C GLY A 69 -44.11 26.57 -9.37
N GLN A 70 -44.64 26.72 -10.61
CA GLN A 70 -45.47 27.91 -10.92
C GLN A 70 -46.83 27.77 -10.26
N ARG A 71 -47.26 26.53 -10.03
CA ARG A 71 -48.37 26.28 -9.13
C ARG A 71 -47.82 25.91 -7.77
N LYS A 72 -48.72 25.71 -6.82
CA LYS A 72 -48.29 25.22 -5.52
C LYS A 72 -47.94 23.72 -5.61
N LEU A 73 -46.74 23.36 -5.16
CA LEU A 73 -46.29 21.98 -5.16
C LEU A 73 -46.85 21.27 -3.95
N MET A 74 -47.58 20.16 -4.18
CA MET A 74 -48.37 19.56 -3.13
C MET A 74 -47.57 18.68 -2.18
N ALA A 75 -48.03 18.65 -0.94
CA ALA A 75 -47.73 17.53 -0.06
C ALA A 75 -48.81 16.47 -0.28
N TYR A 76 -48.49 15.22 0.11
CA TYR A 76 -49.47 14.15 0.04
C TYR A 76 -49.64 13.43 1.38
N ARG A 77 -50.87 13.20 1.74
CA ARG A 77 -51.13 12.37 2.91
C ARG A 77 -51.06 10.91 2.47
N VAL A 78 -50.23 10.07 3.09
CA VAL A 78 -50.37 8.65 2.77
C VAL A 78 -51.68 8.15 3.37
N SER A 79 -52.56 7.62 2.53
CA SER A 79 -53.89 7.24 3.01
C SER A 79 -53.80 6.28 4.21
N GLY A 80 -54.72 6.44 5.16
CA GLY A 80 -54.74 5.61 6.36
C GLY A 80 -53.66 5.90 7.36
N THR A 81 -52.86 6.92 7.12
CA THR A 81 -51.81 7.36 8.01
C THR A 81 -52.05 8.84 8.28
N ASP A 82 -51.25 9.42 9.16
CA ASP A 82 -51.23 10.84 9.38
C ASP A 82 -49.93 11.46 8.84
N ALA A 83 -49.24 10.73 7.95
CA ALA A 83 -47.98 11.20 7.38
C ALA A 83 -48.26 12.04 6.15
N TYR A 84 -47.77 13.28 6.16
CA TYR A 84 -47.86 14.19 5.03
C TYR A 84 -46.46 14.46 4.49
N VAL A 85 -46.22 14.12 3.21
CA VAL A 85 -44.87 14.17 2.66
C VAL A 85 -44.93 14.75 1.25
N GLU A 86 -43.82 15.35 0.82
CA GLU A 86 -43.72 15.79 -0.57
C GLU A 86 -43.64 14.56 -1.48
N GLY A 87 -44.11 14.73 -2.72
CA GLY A 87 -44.13 13.65 -3.67
C GLY A 87 -42.76 13.01 -3.86
N ASP A 88 -41.69 13.80 -3.75
CA ASP A 88 -40.37 13.25 -4.00
C ASP A 88 -40.05 12.16 -2.99
N ASP A 89 -40.58 12.26 -1.77
CA ASP A 89 -40.28 11.25 -0.74
C ASP A 89 -40.97 9.91 -1.03
N LEU A 90 -41.82 9.87 -2.06
CA LEU A 90 -42.50 8.65 -2.44
C LEU A 90 -41.92 8.04 -3.71
N HIS A 91 -40.95 8.71 -4.34
CA HIS A 91 -40.24 8.14 -5.48
C HIS A 91 -39.51 6.87 -5.02
N PHE A 92 -39.60 5.81 -5.80
CA PHE A 92 -39.02 4.56 -5.33
C PHE A 92 -37.51 4.67 -5.13
N VAL A 93 -36.81 5.52 -5.91
CA VAL A 93 -35.38 5.62 -5.67
C VAL A 93 -35.12 6.30 -4.34
N ASN A 94 -36.04 7.17 -3.90
CA ASN A 94 -35.84 7.95 -2.68
C ASN A 94 -36.43 7.27 -1.47
N ASN A 95 -37.12 6.14 -1.64
CA ASN A 95 -37.91 5.56 -0.57
C ASN A 95 -37.42 4.13 -0.32
N ALA A 96 -36.69 3.93 0.78
CA ALA A 96 -36.10 2.63 1.11
C ALA A 96 -37.14 1.55 1.44
N ALA A 97 -38.33 1.97 1.93
CA ALA A 97 -39.38 1.01 2.23
C ALA A 97 -39.91 0.39 0.95
N ILE A 98 -40.11 1.21 -0.09
CA ILE A 98 -40.59 0.66 -1.35
C ILE A 98 -39.56 -0.32 -1.91
N GLN A 99 -38.28 0.06 -1.87
CA GLN A 99 -37.23 -0.81 -2.35
C GLN A 99 -37.15 -2.09 -1.52
N GLN A 100 -37.32 -1.98 -0.19
CA GLN A 100 -37.28 -3.22 0.61
C GLN A 100 -38.53 -4.08 0.39
N MET A 101 -39.68 -3.46 0.10
CA MET A 101 -40.86 -4.28 -0.22
C MET A 101 -40.54 -5.18 -1.41
N VAL A 102 -39.98 -4.58 -2.44
CA VAL A 102 -39.67 -5.35 -3.65
C VAL A 102 -38.61 -6.39 -3.36
N ASP A 103 -37.54 -5.99 -2.66
CA ASP A 103 -36.47 -6.95 -2.34
C ASP A 103 -36.99 -8.12 -1.53
N ASP A 104 -37.85 -7.89 -0.53
CA ASP A 104 -38.40 -9.00 0.25
C ASP A 104 -39.22 -9.98 -0.61
N ILE A 105 -39.91 -9.46 -1.62
CA ILE A 105 -40.64 -10.38 -2.52
C ILE A 105 -39.67 -11.15 -3.39
N LYS A 106 -38.75 -10.39 -4.05
CA LYS A 106 -37.77 -11.03 -4.95
C LYS A 106 -36.96 -12.10 -4.22
N ARG A 107 -36.62 -11.87 -2.97
CA ARG A 107 -35.70 -12.77 -2.28
C ARG A 107 -36.35 -13.98 -1.55
N THR A 108 -37.66 -14.19 -1.74
CA THR A 108 -38.40 -15.25 -1.09
C THR A 108 -38.67 -16.34 -2.11
N VAL A 109 -38.42 -17.59 -1.72
CA VAL A 109 -38.92 -18.74 -2.46
CA VAL A 109 -38.91 -18.76 -2.46
C VAL A 109 -39.41 -19.78 -1.43
N ILE A 110 -40.38 -20.60 -1.84
CA ILE A 110 -40.99 -21.61 -1.01
C ILE A 110 -40.63 -22.95 -1.62
N VAL A 111 -40.21 -23.93 -0.78
CA VAL A 111 -39.85 -25.23 -1.30
C VAL A 111 -40.54 -26.29 -0.45
N GLY A 112 -41.28 -27.18 -1.10
CA GLY A 112 -41.82 -28.33 -0.39
C GLY A 112 -40.70 -29.17 0.18
N MET A 113 -40.93 -29.73 1.38
CA MET A 113 -39.98 -30.66 2.01
C MET A 113 -40.37 -32.13 1.90
N ASP A 114 -41.61 -32.45 1.51
CA ASP A 114 -42.05 -33.85 1.52
C ASP A 114 -41.29 -34.69 0.50
N THR A 115 -40.91 -34.12 -0.64
CA THR A 115 -40.19 -34.94 -1.62
C THR A 115 -38.77 -35.25 -1.13
N ALA A 116 -38.05 -34.21 -0.67
CA ALA A 116 -36.74 -34.47 -0.08
C ALA A 116 -36.82 -35.50 1.03
N HIS A 117 -37.87 -35.40 1.86
CA HIS A 117 -37.98 -36.36 2.97
C HIS A 117 -38.24 -37.77 2.44
N ALA A 118 -38.99 -37.89 1.35
CA ALA A 118 -39.16 -39.20 0.75
C ALA A 118 -37.85 -39.72 0.14
N VAL A 119 -37.01 -38.82 -0.42
CA VAL A 119 -35.72 -39.27 -0.96
C VAL A 119 -34.89 -39.84 0.16
N LEU A 120 -34.82 -39.12 1.28
CA LEU A 120 -34.12 -39.64 2.44
C LEU A 120 -34.67 -41.01 2.87
N GLU A 121 -35.99 -41.15 3.04
CA GLU A 121 -36.44 -42.41 3.62
C GLU A 121 -36.42 -43.61 2.66
N LYS A 122 -36.92 -43.43 1.44
CA LYS A 122 -37.17 -44.40 0.38
C LYS A 122 -35.92 -44.74 -0.40
N ARG A 123 -35.09 -43.75 -0.68
CA ARG A 123 -33.88 -43.98 -1.44
C ARG A 123 -32.66 -44.12 -0.56
N LEU A 124 -32.56 -43.39 0.54
CA LEU A 124 -31.36 -43.39 1.35
C LEU A 124 -31.53 -44.15 2.67
N GLY A 125 -32.73 -44.69 2.94
CA GLY A 125 -32.96 -45.43 4.19
C GLY A 125 -32.75 -44.60 5.44
N VAL A 126 -32.93 -43.28 5.37
CA VAL A 126 -32.66 -42.40 6.49
C VAL A 126 -34.01 -41.94 7.06
N GLU A 127 -34.15 -41.98 8.39
CA GLU A 127 -35.43 -41.63 8.95
C GLU A 127 -35.51 -40.12 9.17
N VAL A 128 -36.69 -39.58 8.94
CA VAL A 128 -36.96 -38.16 9.14
C VAL A 128 -37.92 -38.06 10.30
N THR A 129 -37.57 -37.22 11.28
CA THR A 129 -38.34 -36.99 12.50
C THR A 129 -38.42 -35.50 12.75
N PRO A 130 -39.30 -35.09 13.69
CA PRO A 130 -39.32 -33.68 14.06
C PRO A 130 -37.95 -33.19 14.48
N GLU A 131 -37.21 -34.02 15.20
CA GLU A 131 -35.87 -33.64 15.66
C GLU A 131 -34.92 -33.48 14.49
N THR A 132 -35.02 -34.34 13.48
CA THR A 132 -34.09 -34.15 12.38
C THR A 132 -34.48 -32.94 11.52
N ILE A 133 -35.77 -32.64 11.34
CA ILE A 133 -36.18 -31.41 10.66
C ILE A 133 -35.66 -30.21 11.41
N ASN A 134 -35.79 -30.22 12.73
CA ASN A 134 -35.31 -29.11 13.54
C ASN A 134 -33.82 -28.92 13.39
N GLU A 135 -33.05 -30.02 13.36
CA GLU A 135 -31.61 -29.88 13.20
C GLU A 135 -31.29 -29.33 11.80
N TYR A 136 -32.00 -29.81 10.78
CA TYR A 136 -31.83 -29.30 9.43
C TYR A 136 -32.12 -27.81 9.37
N MET A 137 -33.21 -27.36 10.02
CA MET A 137 -33.54 -25.93 9.95
C MET A 137 -32.46 -25.12 10.63
N GLU A 138 -31.82 -25.66 11.67
CA GLU A 138 -30.69 -24.93 12.28
C GLU A 138 -29.50 -24.83 11.33
N VAL A 139 -29.20 -25.93 10.62
CA VAL A 139 -28.11 -25.93 9.67
C VAL A 139 -28.37 -24.95 8.53
N ILE A 140 -29.59 -24.94 7.96
CA ILE A 140 -29.80 -24.07 6.79
C ILE A 140 -29.77 -22.58 7.16
N ASN A 141 -30.04 -22.26 8.41
CA ASN A 141 -29.90 -20.90 8.90
C ASN A 141 -28.44 -20.49 9.14
N HIS A 142 -27.50 -21.43 9.07
CA HIS A 142 -26.08 -21.10 8.97
C HIS A 142 -25.63 -21.11 7.50
N ALA A 143 -26.14 -22.06 6.71
CA ALA A 143 -25.72 -22.20 5.33
C ALA A 143 -26.37 -21.16 4.43
N LEU A 144 -27.67 -20.89 4.60
CA LEU A 144 -28.33 -20.01 3.64
C LEU A 144 -27.66 -18.63 3.56
N PRO A 145 -27.29 -17.97 4.66
CA PRO A 145 -26.61 -16.67 4.55
C PRO A 145 -25.15 -16.76 4.15
N GLY A 146 -24.63 -17.95 3.85
CA GLY A 146 -23.25 -18.04 3.36
C GLY A 146 -22.21 -18.61 4.29
N GLY A 147 -22.63 -19.51 5.18
CA GLY A 147 -21.71 -20.24 6.05
C GLY A 147 -21.41 -21.62 5.48
N ALA A 148 -20.16 -22.05 5.65
CA ALA A 148 -19.73 -23.36 5.14
C ALA A 148 -20.08 -24.49 6.09
N VAL A 149 -20.42 -25.64 5.52
CA VAL A 149 -20.78 -26.79 6.36
C VAL A 149 -20.02 -28.06 5.98
N VAL A 150 -19.37 -28.23 4.81
CA VAL A 150 -18.71 -29.50 4.48
C VAL A 150 -17.23 -29.34 4.18
N GLN A 151 -16.86 -28.38 3.33
CA GLN A 151 -15.48 -28.35 2.86
C GLN A 151 -14.54 -27.58 3.77
N GLU A 152 -13.31 -28.10 3.87
CA GLU A 152 -12.21 -27.37 4.47
C GLU A 152 -11.76 -26.21 3.58
N HIS A 153 -11.29 -25.13 4.22
CA HIS A 153 -10.73 -23.95 3.53
C HIS A 153 -11.78 -23.22 2.70
N MET A 154 -12.99 -23.12 3.23
CA MET A 154 -14.02 -22.28 2.63
C MET A 154 -13.93 -20.85 3.13
N VAL A 155 -14.16 -19.89 2.24
CA VAL A 155 -14.33 -18.52 2.68
C VAL A 155 -15.83 -18.35 2.88
N GLU A 156 -16.25 -17.33 3.63
CA GLU A 156 -17.66 -17.27 3.93
C GLU A 156 -18.15 -15.83 3.78
N VAL A 157 -19.46 -15.71 3.71
CA VAL A 157 -20.10 -14.39 3.64
C VAL A 157 -20.10 -13.78 5.03
N HIS A 158 -19.82 -12.45 5.13
CA HIS A 158 -19.79 -11.70 6.39
C HIS A 158 -21.19 -11.72 7.02
N PRO A 159 -21.39 -12.34 8.19
CA PRO A 159 -22.76 -12.45 8.71
C PRO A 159 -23.41 -11.12 8.96
N GLY A 160 -22.60 -10.10 9.29
CA GLY A 160 -23.06 -8.74 9.54
C GLY A 160 -23.77 -8.14 8.35
N ILE A 161 -23.47 -8.59 7.12
CA ILE A 161 -24.09 -8.04 5.92
CA ILE A 161 -24.19 -7.95 6.03
C ILE A 161 -25.37 -8.78 5.54
N VAL A 162 -25.61 -9.96 6.13
CA VAL A 162 -26.73 -10.82 5.71
C VAL A 162 -27.62 -11.27 6.89
N GLU A 163 -27.75 -10.41 7.90
CA GLU A 163 -28.59 -10.71 9.06
C GLU A 163 -30.08 -10.80 8.73
N ASP A 164 -30.51 -10.39 7.52
CA ASP A 164 -31.89 -10.53 7.07
C ASP A 164 -32.16 -11.87 6.40
N CYS A 165 -31.14 -12.68 6.21
CA CYS A 165 -31.28 -13.96 5.52
C CYS A 165 -31.67 -15.08 6.51
N TYR A 166 -32.75 -15.77 6.21
CA TYR A 166 -33.14 -16.82 7.15
C TYR A 166 -34.07 -17.76 6.43
N ALA A 167 -34.37 -18.88 7.12
CA ALA A 167 -35.34 -19.86 6.60
C ALA A 167 -36.32 -20.25 7.70
N LYS A 168 -37.59 -20.44 7.33
CA LYS A 168 -38.54 -20.99 8.29
C LYS A 168 -39.32 -22.14 7.64
N VAL A 169 -40.07 -22.86 8.47
CA VAL A 169 -40.89 -23.97 7.99
C VAL A 169 -42.34 -23.74 8.40
N PHE A 170 -43.27 -24.22 7.57
CA PHE A 170 -44.65 -24.29 8.01
C PHE A 170 -45.24 -25.60 7.49
N THR A 171 -46.34 -26.03 8.12
CA THR A 171 -46.99 -27.28 7.74
C THR A 171 -48.48 -27.18 8.01
N GLY A 172 -49.26 -27.86 7.15
CA GLY A 172 -50.68 -28.02 7.43
C GLY A 172 -50.98 -29.12 8.46
N ASP A 173 -49.96 -29.84 8.87
CA ASP A 173 -50.12 -30.95 9.82
C ASP A 173 -49.92 -30.39 11.22
N ASP A 174 -51.02 -30.16 11.96
CA ASP A 174 -50.91 -29.56 13.30
C ASP A 174 -50.05 -30.42 14.23
N ASN A 175 -50.16 -31.75 14.13
CA ASN A 175 -49.37 -32.65 14.99
C ASN A 175 -47.87 -32.45 14.79
N LEU A 176 -47.44 -32.31 13.53
CA LEU A 176 -46.04 -31.99 13.27
C LEU A 176 -45.70 -30.57 13.71
N ALA A 177 -46.57 -29.61 13.42
CA ALA A 177 -46.30 -28.22 13.85
C ALA A 177 -46.02 -28.12 15.36
N ASP A 178 -46.76 -28.88 16.19
CA ASP A 178 -46.53 -28.85 17.64
C ASP A 178 -45.15 -29.34 18.06
N GLU A 179 -44.44 -30.00 17.17
CA GLU A 179 -43.15 -30.60 17.48
C GLU A 179 -41.97 -29.83 16.87
N LEU A 180 -42.21 -28.88 16.00
CA LEU A 180 -41.14 -28.15 15.36
C LEU A 180 -40.68 -27.00 16.24
N ASP A 181 -39.39 -26.70 16.17
CA ASP A 181 -38.81 -25.61 16.95
C ASP A 181 -39.52 -24.30 16.64
N LYS A 182 -40.08 -23.67 17.64
CA LYS A 182 -40.84 -22.48 17.32
C LYS A 182 -40.02 -21.28 16.87
N ARG A 183 -38.72 -21.28 17.12
CA ARG A 183 -37.83 -20.24 16.63
C ARG A 183 -37.84 -20.18 15.11
N ILE A 184 -38.16 -21.29 14.44
CA ILE A 184 -38.10 -21.36 12.98
C ILE A 184 -39.44 -21.77 12.37
N LEU A 185 -40.54 -21.68 13.13
CA LEU A 185 -41.86 -22.08 12.67
C LEU A 185 -42.71 -20.87 12.31
N ILE A 186 -43.31 -20.89 11.13
CA ILE A 186 -44.44 -20.01 10.82
C ILE A 186 -45.68 -20.82 11.22
N ASP A 187 -46.34 -20.35 12.26
CA ASP A 187 -47.40 -21.07 12.94
C ASP A 187 -48.72 -20.58 12.39
N ILE A 188 -49.40 -21.40 11.58
CA ILE A 188 -50.61 -20.94 10.92
C ILE A 188 -51.69 -20.61 11.94
N ASN A 189 -51.79 -21.41 13.00
CA ASN A 189 -52.82 -21.20 13.97
C ASN A 189 -52.60 -19.96 14.77
N LYS A 190 -51.36 -19.49 14.90
CA LYS A 190 -51.12 -18.24 15.60
C LYS A 190 -51.21 -17.00 14.70
N GLU A 191 -50.86 -17.11 13.41
CA GLU A 191 -50.83 -15.94 12.53
C GLU A 191 -52.22 -15.61 11.96
N PHE A 192 -53.11 -16.59 11.85
CA PHE A 192 -54.38 -16.37 11.15
C PHE A 192 -55.57 -16.53 12.08
N PRO A 193 -56.62 -15.70 11.89
CA PRO A 193 -57.89 -15.92 12.57
C PRO A 193 -58.33 -17.37 12.38
N GLU A 194 -59.09 -17.88 13.36
CA GLU A 194 -59.46 -19.32 13.38
C GLU A 194 -60.03 -19.84 12.05
N GLU A 195 -61.01 -19.12 11.45
CA GLU A 195 -61.64 -19.59 10.21
C GLU A 195 -60.69 -19.58 9.03
N GLN A 196 -59.84 -18.56 8.97
CA GLN A 196 -58.83 -18.50 7.92
C GLN A 196 -57.82 -19.61 8.09
N ALA A 197 -57.38 -19.85 9.35
CA ALA A 197 -56.47 -20.96 9.65
C ALA A 197 -57.05 -22.25 9.15
N GLU A 198 -58.32 -22.49 9.45
CA GLU A 198 -58.98 -23.73 9.05
C GLU A 198 -59.04 -23.84 7.54
N GLN A 199 -59.39 -22.73 6.84
CA GLN A 199 -59.40 -22.77 5.39
C GLN A 199 -58.02 -23.07 4.80
N LEU A 200 -56.98 -22.37 5.26
CA LEU A 200 -55.63 -22.61 4.77
C LEU A 200 -55.25 -24.06 4.92
N LYS A 201 -55.50 -24.63 6.11
CA LYS A 201 -55.09 -26.01 6.36
C LYS A 201 -55.86 -27.01 5.50
N SER A 202 -57.13 -26.76 5.21
CA SER A 202 -57.86 -27.67 4.33
C SER A 202 -57.24 -27.72 2.93
N TYR A 203 -56.63 -26.61 2.47
CA TYR A 203 -56.03 -26.63 1.12
C TYR A 203 -54.58 -27.12 1.14
N ILE A 204 -53.85 -26.82 2.20
CA ILE A 204 -52.45 -27.23 2.31
C ILE A 204 -52.34 -28.71 2.66
N GLY A 205 -53.25 -29.24 3.51
CA GLY A 205 -53.20 -30.67 3.87
C GLY A 205 -51.98 -30.97 4.74
N ASN A 206 -51.65 -32.25 4.84
CA ASN A 206 -50.48 -32.71 5.60
C ASN A 206 -49.19 -32.62 4.76
N ARG A 207 -48.86 -31.39 4.44
CA ARG A 207 -47.66 -31.08 3.66
C ARG A 207 -46.86 -30.03 4.41
N THR A 208 -45.56 -30.08 4.18
CA THR A 208 -44.59 -29.26 4.90
C THR A 208 -43.74 -28.54 3.88
N TYR A 209 -43.42 -27.28 4.17
CA TYR A 209 -42.76 -26.33 3.27
C TYR A 209 -41.73 -25.52 4.00
N GLN A 210 -40.65 -25.24 3.34
CA GLN A 210 -39.73 -24.29 3.95
C GLN A 210 -39.77 -22.99 3.14
N VAL A 211 -39.62 -21.88 3.85
CA VAL A 211 -39.66 -20.56 3.24
C VAL A 211 -38.26 -20.03 3.40
N ASN A 212 -37.59 -19.79 2.28
CA ASN A 212 -36.21 -19.31 2.30
C ASN A 212 -36.19 -17.86 1.84
N ARG A 213 -35.59 -17.00 2.65
CA ARG A 213 -35.40 -15.59 2.25
C ARG A 213 -33.90 -15.40 2.08
N VAL A 214 -33.43 -15.29 0.82
CA VAL A 214 -32.00 -15.13 0.58
C VAL A 214 -31.62 -13.70 0.94
N PRO A 215 -30.34 -13.34 1.06
CA PRO A 215 -30.01 -11.99 1.55
C PRO A 215 -30.46 -10.91 0.57
N THR A 216 -30.93 -9.80 1.13
CA THR A 216 -31.25 -8.61 0.33
C THR A 216 -30.04 -8.17 -0.50
N ILE A 217 -28.83 -8.20 0.07
CA ILE A 217 -27.69 -7.75 -0.74
C ILE A 217 -27.49 -8.58 -1.98
N VAL A 218 -27.90 -9.86 -1.94
CA VAL A 218 -27.70 -10.76 -3.06
C VAL A 218 -28.62 -10.39 -4.22
N VAL A 219 -29.90 -10.07 -3.93
CA VAL A 219 -30.79 -9.74 -5.02
C VAL A 219 -30.48 -8.34 -5.56
N ARG A 220 -29.90 -7.45 -4.74
CA ARG A 220 -29.44 -6.17 -5.22
C ARG A 220 -28.19 -6.31 -6.09
N ALA A 221 -27.22 -7.14 -5.68
CA ALA A 221 -26.07 -7.29 -6.55
C ALA A 221 -26.40 -8.08 -7.81
N CYS A 222 -27.37 -8.98 -7.73
CA CYS A 222 -27.65 -9.90 -8.83
C CYS A 222 -29.06 -9.66 -9.33
N ASP A 223 -29.95 -10.65 -9.25
CA ASP A 223 -31.32 -10.46 -9.76
C ASP A 223 -32.27 -11.48 -9.11
N GLY A 224 -33.52 -11.50 -9.57
CA GLY A 224 -34.50 -12.39 -8.99
C GLY A 224 -34.29 -13.83 -9.37
N GLY A 225 -33.73 -14.06 -10.57
CA GLY A 225 -33.44 -15.40 -10.99
C GLY A 225 -32.38 -16.07 -10.12
N THR A 226 -31.63 -15.29 -9.35
CA THR A 226 -30.65 -15.89 -8.45
C THR A 226 -31.31 -16.68 -7.31
N VAL A 227 -32.53 -16.30 -6.93
CA VAL A 227 -33.10 -16.68 -5.62
C VAL A 227 -33.42 -18.18 -5.52
N SER A 228 -34.13 -18.74 -6.52
CA SER A 228 -34.43 -20.15 -6.41
C SER A 228 -33.15 -20.95 -6.45
N ARG A 229 -32.13 -20.47 -7.16
CA ARG A 229 -30.88 -21.24 -7.25
C ARG A 229 -30.15 -21.21 -5.92
N TRP A 230 -30.00 -20.01 -5.36
CA TRP A 230 -29.29 -19.84 -4.10
C TRP A 230 -29.94 -20.68 -3.00
N SER A 231 -31.27 -20.55 -2.86
CA SER A 231 -32.06 -21.41 -1.98
C SER A 231 -31.75 -22.89 -2.21
N ALA A 232 -31.83 -23.34 -3.45
CA ALA A 232 -31.62 -24.77 -3.72
C ALA A 232 -30.18 -25.21 -3.38
N MET A 233 -29.17 -24.38 -3.65
CA MET A 233 -27.80 -24.82 -3.34
C MET A 233 -27.67 -25.09 -1.85
N GLN A 234 -28.22 -24.19 -1.05
CA GLN A 234 -28.01 -24.29 0.38
C GLN A 234 -28.96 -25.29 1.00
N ILE A 235 -30.10 -25.58 0.35
CA ILE A 235 -30.92 -26.68 0.80
C ILE A 235 -30.13 -27.98 0.67
N GLY A 236 -29.46 -28.14 -0.48
CA GLY A 236 -28.66 -29.33 -0.72
C GLY A 236 -27.53 -29.50 0.29
N MET A 237 -26.76 -28.44 0.53
CA MET A 237 -25.70 -28.50 1.53
C MET A 237 -26.26 -28.85 2.90
N SER A 238 -27.44 -28.34 3.21
CA SER A 238 -28.00 -28.54 4.55
C SER A 238 -28.55 -29.95 4.72
N PHE A 239 -29.08 -30.56 3.67
CA PHE A 239 -29.42 -31.98 3.79
C PHE A 239 -28.17 -32.83 3.96
N ILE A 240 -27.13 -32.57 3.16
CA ILE A 240 -25.88 -33.33 3.25
C ILE A 240 -25.32 -33.26 4.65
N SER A 241 -25.28 -32.06 5.22
CA SER A 241 -24.68 -31.91 6.53
C SER A 241 -25.56 -32.52 7.62
N ALA A 242 -26.84 -32.14 7.65
CA ALA A 242 -27.74 -32.49 8.77
C ALA A 242 -28.00 -33.97 8.83
N TYR A 243 -28.15 -34.61 7.68
CA TYR A 243 -28.42 -36.04 7.62
C TYR A 243 -27.17 -36.84 7.36
N LYS A 244 -26.01 -36.18 7.37
CA LYS A 244 -24.76 -36.92 7.33
C LYS A 244 -24.61 -37.81 6.10
N LEU A 245 -24.92 -37.27 4.94
CA LEU A 245 -24.84 -38.00 3.67
C LEU A 245 -23.43 -37.97 3.08
N CYS A 246 -23.17 -38.89 2.13
CA CYS A 246 -21.97 -38.75 1.30
CA CYS A 246 -21.98 -38.75 1.31
C CYS A 246 -22.07 -37.46 0.53
N ALA A 247 -21.00 -36.70 0.51
CA ALA A 247 -21.12 -35.33 0.04
C ALA A 247 -20.86 -35.35 -1.45
N GLY A 248 -21.87 -35.85 -2.19
N GLY A 248 -21.84 -35.91 -2.18
CA GLY A 248 -21.76 -36.03 -3.62
CA GLY A 248 -21.70 -36.09 -3.61
C GLY A 248 -22.13 -37.43 -4.09
C GLY A 248 -22.12 -37.45 -4.11
N GLU A 249 -23.41 -37.78 -4.01
CA GLU A 249 -23.92 -39.07 -4.49
C GLU A 249 -25.25 -38.87 -5.27
N ALA A 250 -25.69 -39.94 -5.96
CA ALA A 250 -26.79 -39.82 -6.91
C ALA A 250 -28.07 -39.25 -6.29
N ALA A 251 -28.40 -39.66 -5.05
CA ALA A 251 -29.62 -39.15 -4.43
C ALA A 251 -29.62 -37.63 -4.30
N ILE A 252 -28.45 -37.00 -4.18
CA ILE A 252 -28.35 -35.55 -4.00
C ILE A 252 -28.98 -34.82 -5.17
N ALA A 253 -28.88 -35.39 -6.37
CA ALA A 253 -29.47 -34.75 -7.53
C ALA A 253 -30.99 -34.71 -7.43
N ASP A 254 -31.59 -35.62 -6.67
CA ASP A 254 -33.04 -35.56 -6.45
C ASP A 254 -33.42 -34.37 -5.58
N PHE A 255 -32.67 -34.08 -4.50
CA PHE A 255 -32.96 -32.85 -3.76
C PHE A 255 -32.89 -31.64 -4.65
N SER A 256 -31.88 -31.60 -5.53
CA SER A 256 -31.72 -30.46 -6.42
C SER A 256 -32.93 -30.30 -7.33
N PHE A 257 -33.29 -31.35 -8.05
CA PHE A 257 -34.42 -31.23 -8.97
C PHE A 257 -35.70 -30.80 -8.25
N ALA A 258 -35.93 -31.37 -7.06
CA ALA A 258 -37.05 -30.97 -6.23
C ALA A 258 -36.97 -29.48 -5.88
N ALA A 259 -35.81 -29.01 -5.40
CA ALA A 259 -35.70 -27.63 -4.91
C ALA A 259 -35.67 -26.58 -6.03
N LYS A 260 -35.26 -26.93 -7.25
CA LYS A 260 -35.18 -25.93 -8.30
C LYS A 260 -36.39 -26.04 -9.23
N MHS A 261 -37.10 -27.18 -9.20
CA MHS A 261 -38.19 -27.44 -10.21
C MHS A 261 -39.45 -28.12 -9.70
O MHS A 261 -40.57 -27.55 -9.87
CB MHS A 261 -37.66 -28.27 -11.40
CG MHS A 261 -36.51 -27.56 -12.11
ND1 MHS A 261 -36.59 -26.49 -12.97
CD2 MHS A 261 -35.17 -27.89 -11.97
CE1 MHS A 261 -35.35 -26.19 -13.36
NE2 MHS A 261 -34.49 -27.03 -12.75
CM MHS A 261 -37.82 -25.76 -13.45
N ALA A 262 -39.33 -29.29 -9.09
CA ALA A 262 -40.53 -30.11 -8.90
C ALA A 262 -41.31 -29.65 -7.67
N ASP A 263 -40.64 -29.06 -6.68
CA ASP A 263 -41.29 -28.71 -5.42
C ASP A 263 -41.12 -27.25 -5.03
N VAL A 264 -40.73 -26.39 -5.97
CA VAL A 264 -40.46 -24.98 -5.68
C VAL A 264 -41.68 -24.13 -6.02
N ILE A 265 -41.94 -23.09 -5.23
CA ILE A 265 -42.95 -22.06 -5.56
C ILE A 265 -42.21 -20.73 -5.71
N GLU A 266 -42.13 -20.19 -6.91
CA GLU A 266 -41.54 -18.87 -7.04
C GLU A 266 -42.62 -17.80 -6.98
N MET A 267 -42.19 -16.55 -6.79
CA MET A 267 -43.14 -15.44 -6.70
C MET A 267 -43.57 -14.99 -8.11
N GLY A 268 -42.65 -15.04 -9.07
CA GLY A 268 -42.93 -14.55 -10.41
C GLY A 268 -42.37 -15.49 -11.46
N THR A 269 -43.05 -15.53 -12.60
CA THR A 269 -42.70 -16.34 -13.75
C THR A 269 -41.90 -15.55 -14.79
N ILE A 270 -41.29 -16.27 -15.73
CA ILE A 270 -40.40 -15.59 -16.69
C ILE A 270 -41.20 -14.80 -17.73
N MET A 271 -40.49 -13.83 -18.39
CA MET A 271 -41.01 -12.93 -19.41
C MET A 271 -40.64 -13.43 -20.80
N PRO A 272 -41.42 -13.08 -21.82
CA PRO A 272 -40.97 -13.31 -23.21
C PRO A 272 -39.81 -12.40 -23.58
N ALA A 273 -39.17 -12.72 -24.72
CA ALA A 273 -37.84 -12.16 -25.06
C ALA A 273 -37.84 -10.63 -25.12
N ARG A 274 -38.90 -10.01 -25.64
CA ARG A 274 -38.97 -8.57 -25.74
CA ARG A 274 -38.92 -8.57 -25.75
C ARG A 274 -38.74 -7.88 -24.40
N AGM A 275 -39.17 -8.52 -23.33
CA AGM A 275 -39.07 -7.86 -22.00
CB AGM A 275 -40.42 -7.30 -21.50
CG AGM A 275 -41.58 -8.31 -21.60
CD AGM A 275 -42.92 -7.59 -21.53
CE2 AGM A 275 -43.35 -7.26 -20.12
NE1 AGM A 275 -43.95 -8.49 -22.01
CZ AGM A 275 -44.55 -8.35 -23.30
NH1 AGM A 275 -45.21 -9.59 -23.64
NH2 AGM A 275 -43.64 -7.99 -24.38
C AGM A 275 -38.41 -8.87 -21.06
O AGM A 275 -38.73 -8.96 -19.85
N ALA A 276 -37.44 -9.59 -21.61
CA ALA A 276 -36.78 -10.70 -20.89
C ALA A 276 -36.33 -10.39 -19.47
N ARG A 277 -36.68 -11.29 -18.57
CA ARG A 277 -36.29 -11.27 -17.16
C ARG A 277 -36.42 -12.69 -16.64
N GLY A 278 -35.59 -13.03 -15.67
CA GLY A 278 -35.76 -14.32 -15.02
C GLY A 278 -36.92 -14.32 -14.03
N PRO A 279 -37.10 -15.42 -13.29
CA PRO A 279 -38.19 -15.51 -12.32
C PRO A 279 -37.96 -14.54 -11.18
N ASN A 280 -39.02 -14.36 -10.35
CA ASN A 280 -38.99 -13.50 -9.19
C ASN A 280 -38.61 -12.06 -9.56
N GLU A 281 -39.11 -11.60 -10.69
CA GLU A 281 -39.10 -10.17 -11.02
C GLU A 281 -40.54 -9.65 -11.13
N PRO A 282 -40.76 -8.34 -11.01
CA PRO A 282 -42.15 -7.86 -10.83
C PRO A 282 -43.10 -8.19 -11.97
N GLY A 283 -42.63 -8.26 -13.23
CA GLY A 283 -43.58 -8.50 -14.29
C GLY A 283 -44.19 -9.87 -14.23
N GLY A 284 -43.50 -10.79 -13.56
CA GLY A 284 -43.96 -12.16 -13.42
C GLY A 284 -44.88 -12.43 -12.25
N VAL A 285 -45.13 -11.43 -11.39
CA VAL A 285 -46.02 -11.60 -10.24
C VAL A 285 -47.48 -11.39 -10.65
N ALA A 286 -48.26 -12.48 -10.73
CA ALA A 286 -49.70 -12.35 -10.99
C ALA A 286 -50.39 -11.49 -9.90
N PHE A 287 -51.47 -10.84 -10.29
CA PHE A 287 -52.17 -9.93 -9.39
C PHE A 287 -52.68 -10.64 -8.14
N GLY A 288 -53.23 -11.83 -8.29
CA GLY A 288 -53.65 -12.63 -7.15
C GLY A 288 -52.50 -13.12 -6.30
N THR A 289 -51.32 -13.33 -6.91
CA THR A 289 -50.14 -13.68 -6.14
C THR A 289 -49.76 -12.51 -5.25
N PHE A 290 -49.77 -11.30 -5.82
CA PHE A 290 -49.43 -10.14 -5.02
C PHE A 290 -50.45 -9.95 -3.90
N ALA A 291 -51.75 -10.08 -4.21
CA ALA A 291 -52.76 -9.95 -3.14
C ALA A 291 -52.51 -10.94 -2.01
N ASP A 292 -52.02 -12.12 -2.34
CA ASP A 292 -51.71 -13.09 -1.27
C ASP A 292 -50.43 -12.72 -0.52
N ILE A 293 -49.47 -12.07 -1.17
CA ILE A 293 -48.25 -11.62 -0.47
C ILE A 293 -48.60 -10.59 0.59
N VAL A 294 -49.43 -9.60 0.24
CA VAL A 294 -49.89 -8.60 1.20
C VAL A 294 -50.70 -9.27 2.30
N GLN A 295 -50.53 -8.82 3.53
CA GLN A 295 -51.04 -9.54 4.69
C GLN A 295 -52.23 -8.82 5.38
N ALA A 296 -52.73 -7.75 4.79
CA ALA A 296 -53.91 -7.05 5.33
C ALA A 296 -55.08 -8.01 5.52
N SER A 297 -55.22 -9.00 4.63
CA SER A 297 -56.34 -9.94 4.76
C SER A 297 -56.40 -10.62 6.13
N ARG A 298 -55.26 -10.83 6.79
CA ARG A 298 -55.35 -11.61 8.01
C ARG A 298 -55.43 -10.76 9.28
N VAL A 299 -55.34 -9.44 9.16
CA VAL A 299 -55.48 -8.52 10.31
C VAL A 299 -56.67 -7.59 10.19
N SER A 300 -57.41 -7.64 9.09
CA SER A 300 -58.56 -6.76 8.93
C SER A 300 -59.71 -7.56 8.35
N ASP A 301 -60.94 -7.34 8.81
CA ASP A 301 -62.13 -7.93 8.21
CA ASP A 301 -62.10 -7.95 8.16
C ASP A 301 -62.95 -6.92 7.41
N ASP A 302 -62.37 -5.77 7.09
CA ASP A 302 -62.96 -4.70 6.31
C ASP A 302 -62.52 -4.95 4.88
N PRO A 303 -63.39 -5.45 4.02
CA PRO A 303 -62.96 -5.79 2.65
C PRO A 303 -62.46 -4.57 1.87
N ALA A 304 -63.02 -3.39 2.13
CA ALA A 304 -62.49 -2.20 1.48
C ALA A 304 -61.07 -1.92 1.93
N ASN A 305 -60.82 -2.01 3.26
CA ASN A 305 -59.46 -1.76 3.78
C ASN A 305 -58.45 -2.76 3.20
N VAL A 306 -58.82 -4.04 3.20
CA VAL A 306 -57.95 -5.05 2.66
C VAL A 306 -57.62 -4.74 1.20
N SER A 307 -58.65 -4.47 0.38
CA SER A 307 -58.36 -4.19 -1.04
C SER A 307 -57.48 -2.96 -1.19
N LEU A 308 -57.72 -1.95 -0.35
CA LEU A 308 -56.98 -0.71 -0.47
C LEU A 308 -55.52 -0.90 -0.10
N GLU A 309 -55.24 -1.79 0.89
CA GLU A 309 -53.85 -2.06 1.27
C GLU A 309 -53.12 -2.77 0.16
N VAL A 310 -53.80 -3.70 -0.52
CA VAL A 310 -53.20 -4.37 -1.66
C VAL A 310 -52.91 -3.36 -2.76
N ILE A 311 -53.86 -2.50 -3.06
CA ILE A 311 -53.65 -1.52 -4.14
C ILE A 311 -52.44 -0.65 -3.83
N ALA A 312 -52.24 -0.28 -2.55
CA ALA A 312 -51.10 0.57 -2.21
C ALA A 312 -49.77 -0.13 -2.50
N GLY A 313 -49.63 -1.39 -2.04
CA GLY A 313 -48.41 -2.11 -2.31
C GLY A 313 -48.22 -2.34 -3.78
N ALA A 314 -49.32 -2.68 -4.49
CA ALA A 314 -49.21 -2.98 -5.90
C ALA A 314 -48.90 -1.74 -6.71
N ALA A 315 -49.26 -0.54 -6.21
CA ALA A 315 -48.95 0.69 -6.96
C ALA A 315 -47.46 0.91 -6.90
N ALA A 316 -46.89 0.62 -5.74
CA ALA A 316 -45.44 0.72 -5.58
C ALA A 316 -44.77 -0.31 -6.46
N LEU A 317 -45.27 -1.53 -6.45
CA LEU A 317 -44.59 -2.60 -7.18
C LEU A 317 -44.71 -2.42 -8.68
N TYR A 318 -45.95 -2.34 -9.17
CA TYR A 318 -46.18 -2.41 -10.61
C TYR A 318 -46.00 -1.06 -11.32
N ASP A 319 -46.57 0.02 -10.77
CA ASP A 319 -46.47 1.30 -11.52
C ASP A 319 -45.13 1.98 -11.25
N GLN A 320 -44.74 2.11 -9.98
CA GLN A 320 -43.50 2.85 -9.70
C GLN A 320 -42.25 2.07 -10.10
N VAL A 321 -42.16 0.82 -9.70
CA VAL A 321 -40.90 0.08 -9.87
C VAL A 321 -40.88 -0.67 -11.19
N TRP A 322 -41.92 -1.48 -11.45
CA TRP A 322 -41.93 -2.29 -12.68
C TRP A 322 -42.04 -1.41 -13.93
N LEU A 323 -43.17 -0.69 -14.08
CA LEU A 323 -43.36 0.10 -15.30
C LEU A 323 -42.47 1.33 -15.32
N GLY A 324 -42.27 1.96 -14.15
CA GLY A 324 -41.54 3.20 -14.02
C GLY A 324 -40.04 3.08 -14.04
N SER A 325 -39.49 1.86 -13.97
CA SER A 325 -38.06 1.74 -14.02
C SER A 325 -37.67 0.56 -14.89
N TYR A 326 -38.02 -0.66 -14.44
CA TYR A 326 -37.70 -1.84 -15.24
C TYR A 326 -38.08 -1.70 -16.70
N MET A 327 -39.27 -1.14 -16.99
CA MET A 327 -39.78 -1.03 -18.35
C MET A 327 -39.61 0.38 -18.92
N SER A 328 -39.07 1.34 -18.16
CA SER A 328 -38.93 2.70 -18.70
C SER A 328 -37.76 3.37 -18.01
N GLY A 329 -37.96 4.06 -16.90
CA GLY A 329 -36.87 4.66 -16.17
C GLY A 329 -36.91 6.19 -16.28
N GLY A 330 -36.08 6.83 -15.46
CA GLY A 330 -36.07 8.29 -15.36
C GLY A 330 -36.79 8.85 -14.15
N VAL A 331 -37.32 10.07 -14.31
CA VAL A 331 -38.19 10.60 -13.26
C VAL A 331 -39.32 9.59 -12.97
N GLY A 332 -39.81 8.89 -13.99
CA GLY A 332 -40.69 7.76 -13.71
C GLY A 332 -42.12 8.13 -13.32
N PHE A 333 -42.76 7.25 -12.52
CA PHE A 333 -44.21 7.26 -12.48
C PHE A 333 -44.73 7.37 -11.06
N THR A 334 -44.09 8.18 -10.23
CA THR A 334 -44.49 8.21 -8.82
C THR A 334 -45.96 8.56 -8.65
N GLN A 335 -46.42 9.65 -9.27
CA GLN A 335 -47.78 10.14 -9.00
C GLN A 335 -48.85 9.39 -9.77
N TYR A 336 -48.51 8.73 -10.89
CA TYR A 336 -49.48 7.78 -11.42
C TYR A 336 -49.86 6.78 -10.36
N ALA A 337 -48.91 6.41 -9.50
CA ALA A 337 -49.12 5.42 -8.47
C ALA A 337 -49.67 6.02 -7.20
N THR A 338 -49.11 7.17 -6.76
CA THR A 338 -49.56 7.72 -5.48
C THR A 338 -51.05 8.13 -5.54
N ALA A 339 -51.60 8.37 -6.72
CA ALA A 339 -53.00 8.74 -6.75
C ALA A 339 -53.87 7.64 -6.13
N ALA A 340 -53.38 6.38 -6.14
CA ALA A 340 -54.16 5.27 -5.63
C ALA A 340 -53.87 4.96 -4.19
N TYR A 341 -53.02 5.74 -3.50
CA TYR A 341 -52.83 5.46 -2.08
C TYR A 341 -52.55 6.71 -1.27
N THR A 342 -52.98 7.90 -1.74
CA THR A 342 -52.80 9.10 -0.95
C THR A 342 -54.12 9.85 -0.80
N ASP A 343 -54.12 10.72 0.18
CA ASP A 343 -55.19 11.67 0.46
C ASP A 343 -56.57 11.02 0.72
N ASP A 344 -56.63 9.69 0.91
CA ASP A 344 -57.91 8.99 1.17
C ASP A 344 -58.93 9.23 0.05
N ILE A 345 -58.48 9.51 -1.17
CA ILE A 345 -59.42 9.74 -2.28
C ILE A 345 -60.00 8.42 -2.76
N LEU A 346 -59.14 7.48 -3.18
CA LEU A 346 -59.65 6.16 -3.55
C LEU A 346 -60.50 5.54 -2.42
N ASP A 347 -60.07 5.71 -1.17
CA ASP A 347 -60.87 5.29 -0.02
C ASP A 347 -62.28 5.85 -0.09
N ASP A 348 -62.41 7.16 -0.29
CA ASP A 348 -63.76 7.70 -0.33
C ASP A 348 -64.58 7.01 -1.40
N PHE A 349 -64.01 6.84 -2.59
CA PHE A 349 -64.82 6.26 -3.64
C PHE A 349 -65.17 4.82 -3.34
N LEU A 350 -64.20 4.04 -2.81
CA LEU A 350 -64.49 2.62 -2.60
C LEU A 350 -65.44 2.43 -1.42
N TYR A 351 -65.28 3.22 -0.35
CA TYR A 351 -66.25 3.06 0.74
C TYR A 351 -67.66 3.47 0.27
N TYR A 352 -67.78 4.45 -0.61
CA TYR A 352 -69.10 4.75 -1.18
C TYR A 352 -69.68 3.54 -1.89
N GLY A 353 -68.86 2.91 -2.72
CA GLY A 353 -69.34 1.78 -3.50
C GLY A 353 -69.66 0.59 -2.64
N MET A 354 -68.84 0.35 -1.61
CA MET A 354 -69.12 -0.77 -0.72
C MET A 354 -70.42 -0.53 0.02
N GLU A 355 -70.68 0.72 0.42
CA GLU A 355 -71.92 1.01 1.14
C GLU A 355 -73.12 0.95 0.21
N TYR A 356 -72.96 1.36 -1.04
CA TYR A 356 -74.02 1.21 -2.03
C TYR A 356 -74.34 -0.26 -2.25
N VAL A 357 -73.30 -1.10 -2.38
CA VAL A 357 -73.48 -2.53 -2.53
C VAL A 357 -74.15 -3.15 -1.31
N GLU A 358 -73.65 -2.84 -0.10
CA GLU A 358 -74.26 -3.35 1.13
C GLU A 358 -75.76 -3.06 1.18
N ASP A 359 -76.14 -1.84 0.80
CA ASP A 359 -77.55 -1.45 0.86
C ASP A 359 -78.41 -2.10 -0.23
N LYS A 360 -77.89 -2.25 -1.44
CA LYS A 360 -78.75 -2.65 -2.55
C LYS A 360 -78.73 -4.15 -2.81
N PHE A 361 -77.57 -4.78 -2.64
CA PHE A 361 -77.35 -6.17 -2.97
C PHE A 361 -76.93 -7.00 -1.78
N GLY A 362 -76.24 -6.40 -0.82
CA GLY A 362 -75.50 -7.19 0.17
C GLY A 362 -74.12 -7.54 -0.36
N ILE A 363 -73.14 -7.56 0.56
CA ILE A 363 -71.83 -8.07 0.22
C ILE A 363 -71.97 -9.55 -0.09
N CYS A 364 -71.45 -9.97 -1.26
CA CYS A 364 -71.65 -11.34 -1.75
C CYS A 364 -73.13 -11.68 -1.86
N GLY A 365 -73.97 -10.68 -2.08
CA GLY A 365 -75.38 -10.95 -2.11
C GLY A 365 -75.94 -11.18 -3.50
N SER A 366 -75.11 -11.14 -4.56
CA SER A 366 -75.61 -11.37 -5.91
C SER A 366 -74.74 -12.37 -6.62
N GLU A 367 -75.36 -13.20 -7.46
CA GLU A 367 -74.61 -13.89 -8.50
C GLU A 367 -74.15 -12.88 -9.55
N PRO A 368 -73.03 -13.14 -10.22
CA PRO A 368 -72.58 -12.22 -11.27
C PRO A 368 -73.54 -12.24 -12.45
N THR A 369 -74.03 -11.06 -12.81
CA THR A 369 -74.83 -10.86 -14.01
C THR A 369 -74.40 -9.51 -14.62
N MET A 370 -74.68 -9.32 -15.90
CA MET A 370 -74.36 -8.03 -16.52
C MET A 370 -75.18 -6.91 -15.92
N ASP A 371 -76.44 -7.18 -15.54
CA ASP A 371 -77.29 -6.17 -14.87
C ASP A 371 -76.63 -5.62 -13.63
N VAL A 372 -76.08 -6.51 -12.81
CA VAL A 372 -75.46 -6.09 -11.58
C VAL A 372 -74.17 -5.35 -11.87
N VAL A 373 -73.35 -5.85 -12.81
CA VAL A 373 -72.12 -5.13 -13.15
C VAL A 373 -72.46 -3.74 -13.64
N ARG A 374 -73.42 -3.64 -14.55
CA ARG A 374 -73.77 -2.32 -15.08
C ARG A 374 -74.27 -1.39 -13.99
N ASP A 375 -75.08 -1.92 -13.06
CA ASP A 375 -75.67 -1.07 -12.05
C ASP A 375 -74.59 -0.46 -11.16
N ILE A 376 -73.74 -1.32 -10.62
CA ILE A 376 -72.74 -0.90 -9.66
C ILE A 376 -71.66 -0.05 -10.33
N SER A 377 -71.14 -0.48 -11.49
CA SER A 377 -70.04 0.25 -12.09
CA SER A 377 -70.04 0.25 -12.09
C SER A 377 -70.46 1.66 -12.47
N THR A 378 -71.63 1.79 -13.07
CA THR A 378 -72.18 3.08 -13.43
C THR A 378 -72.33 3.98 -12.22
N GLU A 379 -72.97 3.48 -11.16
CA GLU A 379 -73.24 4.32 -9.99
C GLU A 379 -71.94 4.81 -9.34
N VAL A 380 -70.98 3.91 -9.13
CA VAL A 380 -69.72 4.33 -8.50
C VAL A 380 -68.90 5.23 -9.40
N THR A 381 -68.93 5.01 -10.72
CA THR A 381 -68.25 5.94 -11.63
C THR A 381 -68.86 7.35 -11.56
N LEU A 382 -70.20 7.44 -11.65
CA LEU A 382 -70.85 8.76 -11.51
C LEU A 382 -70.49 9.43 -10.19
N TYR A 383 -70.54 8.68 -9.09
CA TYR A 383 -70.22 9.30 -7.80
C TYR A 383 -68.80 9.86 -7.83
N SER A 384 -67.85 9.06 -8.37
CA SER A 384 -66.43 9.44 -8.39
C SER A 384 -66.20 10.70 -9.22
N LEU A 385 -66.75 10.73 -10.44
CA LEU A 385 -66.68 11.92 -11.29
C LEU A 385 -67.24 13.13 -10.57
N GLU A 386 -68.38 12.96 -9.89
CA GLU A 386 -69.02 14.11 -9.24
C GLU A 386 -68.12 14.67 -8.16
N GLN A 387 -67.32 13.83 -7.53
CA GLN A 387 -66.40 14.35 -6.52
C GLN A 387 -65.37 15.29 -7.16
N TYR A 388 -64.83 14.92 -8.33
CA TYR A 388 -63.87 15.83 -8.95
C TYR A 388 -64.55 17.12 -9.42
N GLU A 389 -65.84 17.02 -9.76
CA GLU A 389 -66.59 18.20 -10.21
C GLU A 389 -67.01 19.10 -9.05
N GLU A 390 -67.27 18.52 -7.88
CA GLU A 390 -67.67 19.37 -6.73
C GLU A 390 -66.47 19.98 -6.01
N TYR A 391 -65.29 19.39 -6.11
CA TYR A 391 -64.10 19.88 -5.41
C TYR A 391 -62.99 20.21 -6.40
N PRO A 392 -62.88 21.49 -6.77
CA PRO A 392 -61.77 21.91 -7.65
C PRO A 392 -60.42 21.54 -7.07
N THR A 393 -60.29 21.57 -5.73
CA THR A 393 -58.99 21.19 -5.18
C THR A 393 -58.74 19.70 -5.34
N LEU A 394 -59.80 18.88 -5.39
CA LEU A 394 -59.60 17.46 -5.59
C LEU A 394 -59.06 17.20 -6.99
N LEU A 395 -59.63 17.92 -7.97
CA LEU A 395 -59.28 17.78 -9.37
C LEU A 395 -57.89 18.36 -9.67
N GLU A 396 -57.46 19.37 -8.91
CA GLU A 396 -56.10 19.90 -9.04
C GLU A 396 -55.09 18.95 -8.40
N ASP A 397 -55.55 18.13 -7.45
CA ASP A 397 -54.73 17.10 -6.82
C ASP A 397 -54.51 15.93 -7.77
N HIS A 398 -55.59 15.28 -8.20
CA HIS A 398 -55.49 14.26 -9.26
C HIS A 398 -55.56 14.95 -10.63
N PHE A 399 -54.47 15.70 -10.91
CA PHE A 399 -54.44 16.60 -12.06
C PHE A 399 -54.31 15.84 -13.38
N GLY A 400 -53.85 14.60 -13.37
CA GLY A 400 -53.66 13.86 -14.62
C GLY A 400 -54.86 12.95 -14.81
N GLY A 401 -55.44 12.98 -16.01
CA GLY A 401 -56.62 12.16 -16.28
C GLY A 401 -56.43 10.69 -15.95
N SER A 402 -55.22 10.17 -16.19
CA SER A 402 -54.98 8.75 -15.98
C SER A 402 -55.26 8.40 -14.50
N MGN A 403 -54.78 9.29 -13.62
CA MGN A 403 -54.94 9.14 -12.19
CB1 MGN A 403 -54.40 10.38 -11.45
CB2 MGN A 403 -54.11 7.91 -11.75
CG MGN A 403 -52.89 10.60 -11.68
CD MGN A 403 -52.55 11.87 -10.91
OE1 MGN A 403 -53.20 12.91 -11.10
NE2 MGN A 403 -51.55 11.81 -10.03
C MGN A 403 -56.42 8.99 -11.89
O MGN A 403 -56.86 8.07 -11.16
N ARG A 404 -57.26 9.88 -12.47
CA ARG A 404 -58.66 9.90 -12.16
C ARG A 404 -59.37 8.66 -12.71
N ALA A 405 -58.99 8.30 -13.91
CA ALA A 405 -59.61 7.16 -14.54
C ALA A 405 -59.32 5.89 -13.74
N ALA A 406 -58.08 5.74 -13.28
CA ALA A 406 -57.69 4.54 -12.53
C ALA A 406 -58.45 4.45 -11.21
N VAL A 407 -58.58 5.57 -10.52
CA VAL A 407 -59.16 5.59 -9.17
C VAL A 407 -60.67 5.37 -9.22
N ALA A 408 -61.39 6.10 -10.11
CA ALA A 408 -62.81 5.84 -10.28
C ALA A 408 -63.06 4.39 -10.68
N ALA A 409 -62.30 3.88 -11.64
CA ALA A 409 -62.57 2.52 -12.13
C ALA A 409 -62.17 1.46 -11.09
N ALA A 410 -61.18 1.75 -10.25
CA ALA A 410 -60.81 0.84 -9.18
C ALA A 410 -61.94 0.70 -8.19
N ALA A 411 -62.56 1.82 -7.79
CA ALA A 411 -63.72 1.75 -6.92
C ALA A 411 -64.87 1.01 -7.59
N ALA A 412 -65.09 1.26 -8.88
CA ALA A 412 -66.18 0.57 -9.57
C ALA A 412 -65.94 -0.93 -9.66
N GLY A 413 -64.73 -1.32 -10.08
CA GLY A 413 -64.39 -2.73 -10.21
C GLY A 413 -64.36 -3.47 -8.88
N CYS A 414 -63.71 -2.89 -7.86
CA CYS A 414 -63.75 -3.60 -6.57
C CYS A 414 -65.17 -3.73 -6.04
N SER A 415 -66.00 -2.67 -6.18
CA SER A 415 -67.34 -2.76 -5.62
C SER A 415 -68.16 -3.82 -6.33
N THR A 416 -68.01 -3.92 -7.64
CA THR A 416 -68.68 -4.96 -8.40
C THR A 416 -68.24 -6.35 -7.90
N ALA A 417 -66.94 -6.49 -7.61
CA ALA A 417 -66.47 -7.75 -7.07
C ALA A 417 -67.01 -8.01 -5.68
N PHE A 418 -67.20 -6.96 -4.87
CA PHE A 418 -67.76 -7.17 -3.53
C PHE A 418 -69.15 -7.77 -3.62
N ALA A 419 -69.96 -7.28 -4.56
CA ALA A 419 -71.33 -7.75 -4.71
C ALA A 419 -71.37 -9.18 -5.24
N THR A 420 -70.53 -9.50 -6.23
CA THR A 420 -70.73 -10.72 -7.03
C THR A 420 -69.76 -11.84 -6.68
N GLY A 421 -68.68 -11.54 -5.97
CA GLY A 421 -67.65 -12.53 -5.70
C GLY A 421 -66.89 -13.02 -6.91
N ASN A 422 -66.90 -12.28 -8.01
CA ASN A 422 -66.29 -12.75 -9.24
C ASN A 422 -65.36 -11.66 -9.75
N SER A 423 -64.06 -11.96 -9.74
CA SER A 423 -63.01 -11.02 -10.19
C SER A 423 -63.16 -10.61 -11.66
N ASN A 424 -63.62 -11.50 -12.52
CA ASN A 424 -63.73 -11.09 -13.91
C ASN A 424 -64.95 -10.20 -14.09
N ALA A 425 -66.00 -10.41 -13.28
CA ALA A 425 -67.11 -9.45 -13.30
C ALA A 425 -66.63 -8.09 -12.80
N GLY A 426 -65.78 -8.11 -11.77
CA GLY A 426 -65.10 -6.89 -11.35
C GLY A 426 -64.38 -6.17 -12.49
N VAL A 427 -63.56 -6.90 -13.25
CA VAL A 427 -62.73 -6.20 -14.23
C VAL A 427 -63.58 -5.80 -15.44
N ASN A 428 -64.66 -6.55 -15.72
CA ASN A 428 -65.63 -6.05 -16.69
C ASN A 428 -66.21 -4.72 -16.23
N GLY A 429 -66.56 -4.63 -14.95
CA GLY A 429 -67.03 -3.36 -14.38
C GLY A 429 -66.04 -2.21 -14.51
N TRP A 430 -64.76 -2.48 -14.28
CA TRP A 430 -63.66 -1.52 -14.55
C TRP A 430 -63.70 -1.02 -15.98
N TYR A 431 -63.89 -1.90 -16.97
CA TYR A 431 -63.91 -1.44 -18.35
C TYR A 431 -65.13 -0.58 -18.67
N LEU A 432 -66.31 -0.93 -18.11
CA LEU A 432 -67.49 -0.06 -18.25
C LEU A 432 -67.19 1.31 -17.67
N SER A 433 -66.61 1.33 -16.46
CA SER A 433 -66.31 2.61 -15.82
C SER A 433 -65.46 3.49 -16.72
N GLN A 434 -64.41 2.91 -17.35
CA GLN A 434 -63.48 3.69 -18.19
C GLN A 434 -64.20 4.33 -19.37
N ILE A 435 -65.04 3.57 -20.10
CA ILE A 435 -65.67 4.19 -21.26
C ILE A 435 -66.76 5.17 -20.87
N LEU A 436 -67.37 5.01 -19.68
CA LEU A 436 -68.32 6.00 -19.20
CA LEU A 436 -68.32 5.99 -19.16
C LEU A 436 -67.60 7.28 -18.77
N HIS A 437 -66.49 7.13 -18.06
CA HIS A 437 -65.64 8.26 -17.67
C HIS A 437 -65.27 9.09 -18.89
N LYS A 438 -64.79 8.40 -19.95
CA LYS A 438 -64.39 9.06 -21.16
C LYS A 438 -65.52 9.85 -21.76
N GLU A 439 -66.72 9.30 -21.76
CA GLU A 439 -67.82 9.98 -22.41
C GLU A 439 -68.33 11.14 -21.53
N ALA A 440 -68.19 11.04 -20.22
CA ALA A 440 -68.57 12.15 -19.34
C ALA A 440 -67.68 13.41 -19.50
N HIS A 441 -66.37 13.26 -19.41
CA HIS A 441 -65.40 14.36 -19.39
C HIS A 441 -64.79 14.60 -20.73
N SER A 442 -65.16 13.82 -21.74
CA SER A 442 -64.56 13.95 -23.09
C SER A 442 -63.03 13.88 -23.03
N ARG A 443 -62.52 13.04 -22.13
CA ARG A 443 -61.10 12.77 -22.01
C ARG A 443 -61.01 11.53 -21.12
N LEU A 444 -59.82 10.94 -21.11
CA LEU A 444 -59.64 9.81 -20.21
C LEU A 444 -58.21 9.89 -19.63
N GLY A 445 -57.23 9.15 -20.17
CA GLY A 445 -55.91 9.26 -19.58
C GLY A 445 -54.91 9.79 -20.60
N PHE A 446 -53.64 9.36 -20.50
CA PHE A 446 -52.59 9.81 -21.40
C PHE A 446 -52.80 9.17 -22.78
N TYR A 447 -51.97 9.57 -23.72
CA TYR A 447 -52.12 9.17 -25.12
C TYR A 447 -52.46 7.65 -25.28
CA GL3 A 448 -52.01 5.36 -24.75
N GL3 A 448 -51.83 6.78 -24.49
C GL3 A 448 -52.61 4.62 -23.61
S GL3 A 448 -52.45 3.04 -23.51
N TYR A 449 -53.34 5.37 -22.79
CA TYR A 449 -53.88 4.82 -21.55
C TYR A 449 -54.95 3.71 -21.75
N ASP A 450 -55.86 3.90 -22.68
CA ASP A 450 -57.02 3.03 -22.77
C ASP A 450 -56.85 1.94 -23.83
N LEU A 451 -55.60 1.61 -24.18
CA LEU A 451 -55.41 0.44 -25.03
C LEU A 451 -56.13 -0.74 -24.40
N GLN A 452 -55.90 -1.01 -23.13
CA GLN A 452 -56.47 -2.24 -22.58
C GLN A 452 -57.94 -2.09 -22.25
N ASP A 453 -58.41 -0.85 -22.01
CA ASP A 453 -59.81 -0.60 -21.67
C ASP A 453 -60.72 -0.67 -22.89
N GLN A 454 -60.23 -0.32 -24.08
CA GLN A 454 -61.07 -0.46 -25.27
C GLN A 454 -61.12 -1.93 -25.68
N SMC A 455 -60.03 -2.66 -25.45
CA SMC A 455 -60.04 -4.15 -25.68
CB SMC A 455 -58.56 -4.61 -25.71
SG SMC A 455 -57.62 -4.19 -27.17
CS SMC A 455 -55.97 -4.13 -26.56
C SMC A 455 -60.62 -4.87 -24.47
O SMC A 455 -60.91 -6.09 -24.54
N GLY A 456 -60.82 -4.16 -23.36
CA GLY A 456 -61.11 -4.86 -22.11
C GLY A 456 -62.46 -5.54 -21.99
N ALA A 457 -63.57 -4.87 -22.39
CA ALA A 457 -64.85 -5.56 -22.26
C ALA A 457 -64.82 -6.88 -23.01
N SER A 458 -64.29 -6.87 -24.24
CA SER A 458 -64.32 -8.11 -25.02
C SER A 458 -63.41 -9.18 -24.40
N ASN A 459 -62.29 -8.79 -23.80
CA ASN A 459 -61.36 -9.80 -23.31
C ASN A 459 -61.63 -10.21 -21.84
N SER A 460 -62.51 -9.45 -21.14
CA SER A 460 -62.78 -9.71 -19.72
C SER A 460 -63.36 -11.09 -19.49
N LEU A 461 -64.33 -11.49 -20.31
CA LEU A 461 -64.99 -12.79 -20.22
C LEU A 461 -64.68 -13.69 -21.42
N SER A 462 -63.63 -13.34 -22.18
CA SER A 462 -63.21 -14.15 -23.32
C SER A 462 -62.73 -15.51 -22.84
N ILE A 463 -62.82 -16.50 -23.74
CA ILE A 463 -62.27 -17.82 -23.46
C ILE A 463 -61.17 -18.19 -24.44
N ARG A 464 -60.73 -17.25 -25.30
CA ARG A 464 -59.76 -17.57 -26.33
C ARG A 464 -58.32 -17.44 -25.85
N SER A 465 -57.44 -18.19 -26.54
CA SER A 465 -55.99 -18.25 -26.49
C SER A 465 -55.30 -17.31 -25.51
N ASP A 466 -55.01 -16.10 -25.97
CA ASP A 466 -54.30 -15.13 -25.14
C ASP A 466 -55.22 -14.05 -24.62
N GLU A 467 -56.52 -14.31 -24.65
CA GLU A 467 -57.54 -13.38 -24.18
C GLU A 467 -58.13 -13.87 -22.88
N GLY A 468 -58.58 -15.13 -22.83
CA GLY A 468 -59.25 -15.60 -21.65
C GLY A 468 -58.30 -16.01 -20.57
N LEU A 469 -58.59 -15.57 -19.35
CA LEU A 469 -57.79 -15.96 -18.22
C LEU A 469 -58.50 -15.44 -16.98
N ILE A 470 -58.66 -16.29 -15.97
CA ILE A 470 -59.34 -15.84 -14.76
C ILE A 470 -58.55 -14.67 -14.16
N HIS A 471 -59.25 -13.64 -13.66
CA HIS A 471 -58.56 -12.37 -13.42
C HIS A 471 -57.42 -12.48 -12.41
N GLU A 472 -57.60 -13.30 -11.35
CA GLU A 472 -56.59 -13.47 -10.30
C GLU A 472 -55.23 -13.91 -10.84
N LEU A 473 -55.23 -14.61 -11.98
CA LEU A 473 -54.02 -15.14 -12.58
C LEU A 473 -53.48 -14.26 -13.69
N ARG A 474 -54.18 -13.16 -14.02
CA ARG A 474 -53.61 -12.23 -14.98
C ARG A 474 -52.52 -11.54 -14.24
N GLY A 475 -51.65 -10.89 -14.97
CA GLY A 475 -50.59 -10.10 -14.31
C GLY A 475 -50.00 -9.13 -15.33
N PRO A 476 -48.81 -8.55 -15.03
CA PRO A 476 -48.17 -7.58 -15.97
C PRO A 476 -47.77 -8.14 -17.33
N ASN A 477 -47.77 -9.45 -17.52
CA ASN A 477 -47.47 -10.00 -18.84
C ASN A 477 -48.70 -10.41 -19.63
N TYR A 478 -49.90 -10.34 -19.03
CA TYR A 478 -51.14 -10.53 -19.79
C TYR A 478 -51.06 -9.49 -20.92
N PRO A 479 -51.16 -9.89 -22.21
CA PRO A 479 -50.73 -9.01 -23.33
C PRO A 479 -51.30 -7.59 -23.34
N ASN A 480 -52.61 -7.46 -23.13
CA ASN A 480 -53.25 -6.13 -23.13
C ASN A 480 -52.66 -5.26 -22.04
N TYR A 481 -52.12 -5.88 -20.97
CA TYR A 481 -51.72 -5.15 -19.79
C TYR A 481 -50.25 -4.85 -19.79
N ALA A 482 -49.50 -5.31 -20.80
CA ALA A 482 -48.05 -5.39 -20.68
C ALA A 482 -47.34 -4.03 -20.75
N MET A 483 -48.03 -2.91 -21.09
CA MET A 483 -47.36 -1.62 -21.36
C MET A 483 -47.69 -0.42 -20.47
N ASN A 484 -48.88 -0.35 -19.90
CA ASN A 484 -49.39 0.97 -19.48
C ASN A 484 -49.64 1.13 -17.99
N VAL A 485 -49.25 2.31 -17.44
CA VAL A 485 -49.59 2.66 -16.05
C VAL A 485 -51.10 2.72 -15.74
N GLY A 486 -51.40 2.90 -14.47
CA GLY A 486 -52.75 3.20 -14.05
C GLY A 486 -53.73 2.08 -14.22
N HIS A 487 -53.26 0.81 -14.18
CA HIS A 487 -54.16 -0.33 -14.27
C HIS A 487 -53.72 -1.47 -13.36
N GLN A 488 -52.44 -1.89 -13.51
CA GLN A 488 -51.93 -3.06 -12.81
C GLN A 488 -52.13 -2.94 -11.31
N PRO A 489 -51.78 -1.83 -10.65
CA PRO A 489 -52.04 -1.73 -9.21
C PRO A 489 -53.50 -1.95 -8.85
N GLU A 490 -54.40 -1.34 -9.62
CA GLU A 490 -55.80 -1.45 -9.31
C GLU A 490 -56.34 -2.86 -9.61
N TYR A 491 -55.81 -3.52 -10.63
CA TYR A 491 -56.21 -4.89 -10.93
C TYR A 491 -55.85 -5.81 -9.77
N ALA A 492 -54.78 -5.51 -9.05
CA ALA A 492 -54.45 -6.30 -7.87
C ALA A 492 -55.53 -6.14 -6.80
N GLY A 493 -56.05 -4.95 -6.66
CA GLY A 493 -57.17 -4.72 -5.77
C GLY A 493 -58.41 -5.49 -6.23
N ILE A 494 -58.66 -5.50 -7.54
CA ILE A 494 -59.83 -6.24 -8.03
C ILE A 494 -59.67 -7.77 -7.79
N ALA A 495 -58.44 -8.30 -7.91
CA ALA A 495 -58.17 -9.69 -7.60
C ALA A 495 -58.44 -9.95 -6.13
N GLN A 496 -58.04 -9.02 -5.25
CA GLN A 496 -58.27 -9.24 -3.82
C GLN A 496 -59.75 -9.10 -3.45
N ALA A 497 -60.50 -8.18 -4.10
CA ALA A 497 -61.81 -7.75 -3.64
C ALA A 497 -62.83 -8.87 -3.42
N PRO A 498 -63.03 -9.83 -4.35
CA PRO A 498 -64.09 -10.84 -4.11
C PRO A 498 -63.74 -11.76 -2.95
N HIS A 499 -62.43 -11.98 -2.77
CA HIS A 499 -61.95 -12.82 -1.68
C HIS A 499 -62.04 -12.11 -0.35
N ALA A 500 -61.73 -10.80 -0.30
CA ALA A 500 -61.94 -10.09 0.94
C ALA A 500 -63.43 -10.02 1.28
N ALA A 501 -64.29 -9.89 0.28
CA ALA A 501 -65.71 -9.80 0.58
C ALA A 501 -66.21 -11.13 1.12
N ARG A 502 -65.66 -12.24 0.60
CA ARG A 502 -66.02 -13.56 1.07
C ARG A 502 -65.39 -13.89 2.42
N GLY A 503 -64.38 -13.14 2.86
CA GLY A 503 -63.60 -13.59 4.00
C GLY A 503 -62.67 -14.75 3.73
N ASP A 504 -62.24 -14.97 2.48
CA ASP A 504 -61.24 -16.00 2.22
C ASP A 504 -59.92 -15.64 2.87
N ALA A 505 -59.19 -16.66 3.26
CA ALA A 505 -57.83 -16.51 3.76
C ALA A 505 -56.83 -16.16 2.66
N PHE A 506 -57.15 -16.39 1.37
CA PHE A 506 -56.19 -16.13 0.29
C PHE A 506 -56.99 -16.01 -1.00
N CYS A 507 -56.33 -15.52 -2.05
CA CYS A 507 -56.93 -15.33 -3.39
C CYS A 507 -56.55 -16.41 -4.39
N THR A 508 -55.30 -16.88 -4.35
CA THR A 508 -54.79 -17.80 -5.38
C THR A 508 -53.89 -18.90 -4.84
N ASN A 509 -53.24 -18.71 -3.72
CA ASN A 509 -52.24 -19.69 -3.33
C ASN A 509 -52.10 -19.64 -1.80
N PRO A 510 -52.49 -20.68 -1.08
CA PRO A 510 -52.35 -20.62 0.39
C PRO A 510 -50.90 -20.70 0.84
N LEU A 511 -50.01 -21.29 0.02
CA LEU A 511 -48.58 -21.34 0.38
C LEU A 511 -47.97 -19.95 0.35
N ILE A 512 -48.33 -19.12 -0.65
CA ILE A 512 -47.85 -17.74 -0.71
C ILE A 512 -48.33 -16.96 0.51
N LYS A 513 -49.62 -17.09 0.83
CA LYS A 513 -50.22 -16.32 1.94
C LYS A 513 -49.51 -16.64 3.25
N VAL A 514 -49.27 -17.93 3.53
CA VAL A 514 -48.61 -18.28 4.77
C VAL A 514 -47.16 -17.83 4.74
N ALA A 515 -46.49 -18.00 3.60
CA ALA A 515 -45.07 -17.63 3.49
C ALA A 515 -44.80 -16.17 3.83
N PHE A 516 -45.78 -15.26 3.75
CA PHE A 516 -45.49 -13.87 4.16
C PHE A 516 -46.12 -13.49 5.50
N ALA A 517 -46.65 -14.45 6.25
CA ALA A 517 -47.22 -14.21 7.58
C ALA A 517 -46.13 -14.38 8.63
N ASP A 518 -45.23 -13.41 8.68
CA ASP A 518 -43.94 -13.60 9.36
C ASP A 518 -43.46 -12.24 9.83
N LYS A 519 -43.42 -12.03 11.14
CA LYS A 519 -42.97 -10.75 11.68
C LYS A 519 -41.53 -10.43 11.33
N ASP A 520 -40.76 -11.41 10.86
CA ASP A 520 -39.34 -11.18 10.63
C ASP A 520 -39.02 -10.68 9.22
N LEU A 521 -40.02 -10.52 8.35
CA LEU A 521 -39.82 -9.73 7.16
C LEU A 521 -39.37 -8.33 7.58
N SER A 522 -38.69 -7.64 6.66
CA SER A 522 -38.24 -6.26 6.90
C SER A 522 -39.35 -5.27 6.56
N PHE A 523 -39.97 -5.41 5.41
CA PHE A 523 -41.13 -4.59 5.10
C PHE A 523 -42.34 -5.18 5.80
N ASP A 524 -43.21 -4.31 6.34
CA ASP A 524 -44.42 -4.75 7.02
C ASP A 524 -45.55 -4.95 6.03
N PHE A 525 -45.74 -6.20 5.61
CA PHE A 525 -46.77 -6.50 4.61
C PHE A 525 -48.19 -6.48 5.15
N THR A 526 -48.41 -6.34 6.48
CA THR A 526 -49.78 -6.21 6.94
C THR A 526 -50.34 -4.84 6.58
N SER A 527 -49.50 -3.82 6.40
CA SER A 527 -49.97 -2.51 5.96
C SER A 527 -48.92 -1.87 5.06
N PRO A 528 -48.98 -2.14 3.75
CA PRO A 528 -48.04 -1.46 2.85
C PRO A 528 -48.13 0.06 2.95
N ARG A 529 -49.31 0.61 3.25
CA ARG A 529 -49.42 2.06 3.42
C ARG A 529 -48.52 2.55 4.56
N LYS A 530 -48.63 1.95 5.73
CA LYS A 530 -47.84 2.41 6.85
C LYS A 530 -46.34 2.27 6.58
N SER A 531 -45.91 1.16 5.95
CA SER A 531 -44.49 0.98 5.68
C SER A 531 -43.98 2.00 4.67
N ILE A 532 -44.73 2.21 3.59
CA ILE A 532 -44.32 3.19 2.61
C ILE A 532 -44.23 4.56 3.25
N ALA A 533 -45.18 4.87 4.14
CA ALA A 533 -45.14 6.14 4.86
C ALA A 533 -43.88 6.23 5.68
N LYS A 534 -43.50 5.15 6.37
CA LYS A 534 -42.28 5.20 7.18
C LYS A 534 -41.06 5.45 6.29
N GLY A 535 -41.05 4.87 5.09
CA GLY A 535 -40.00 5.16 4.15
C GLY A 535 -40.00 6.62 3.70
N ALA A 536 -41.18 7.17 3.47
CA ALA A 536 -41.30 8.57 3.02
C ALA A 536 -40.75 9.51 4.08
N LEU A 537 -40.89 9.13 5.34
CA LEU A 537 -40.41 9.93 6.46
C LEU A 537 -38.93 9.69 6.75
N ARG A 538 -38.25 8.90 5.94
CA ARG A 538 -36.86 8.52 6.17
C ARG A 538 -36.68 7.85 7.53
N GLU A 539 -37.66 7.03 7.93
CA GLU A 539 -37.57 6.32 9.20
C GLU A 539 -37.45 4.82 9.03
N PHE A 540 -37.42 4.34 7.81
CA PHE A 540 -37.36 2.92 7.53
C PHE A 540 -35.91 2.50 7.33
N ILE A 541 -35.48 1.45 8.04
CA ILE A 541 -34.11 0.93 7.96
C ILE A 541 -34.13 -0.27 7.03
N PRO A 542 -33.53 -0.20 5.84
CA PRO A 542 -33.61 -1.32 4.91
C PRO A 542 -32.51 -2.30 5.23
N GLU A 543 -32.49 -3.38 4.47
CA GLU A 543 -31.48 -4.42 4.51
C GLU A 543 -30.48 -4.24 3.37
N GLY A 544 -29.34 -4.90 3.50
CA GLY A 544 -28.44 -5.02 2.37
C GLY A 544 -27.47 -3.87 2.18
N GLU A 545 -27.38 -2.94 3.11
CA GLU A 545 -26.41 -1.87 2.92
C GLU A 545 -25.01 -2.42 3.15
N ARG A 546 -23.99 -1.67 2.71
CA ARG A 546 -22.64 -2.22 2.73
C ARG A 546 -21.70 -1.51 3.71
N ASP A 547 -22.26 -0.86 4.72
CA ASP A 547 -21.41 -0.04 5.61
C ASP A 547 -20.27 -0.85 6.23
N LEU A 548 -20.50 -2.13 6.57
CA LEU A 548 -19.47 -2.92 7.26
C LEU A 548 -18.26 -3.27 6.38
N ILE A 549 -18.35 -3.14 5.06
CA ILE A 549 -17.24 -3.52 4.21
C ILE A 549 -16.66 -2.33 3.46
N ILE A 550 -17.01 -1.11 3.85
CA ILE A 550 -16.49 0.05 3.11
C ILE A 550 -15.96 1.04 4.13
N PRO A 551 -15.15 2.01 3.70
CA PRO A 551 -14.56 2.93 4.69
C PRO A 551 -15.65 3.67 5.46
N ALA A 552 -15.31 4.02 6.71
CA ALA A 552 -16.19 4.78 7.58
C ALA A 552 -16.54 6.14 6.97
N PRO B 2 -71.48 -26.44 -48.56
CA PRO B 2 -70.34 -26.35 -47.64
C PRO B 2 -70.79 -26.22 -46.16
N MET B 3 -69.84 -25.93 -45.27
CA MET B 3 -70.18 -25.71 -43.86
C MET B 3 -71.01 -24.45 -43.68
N TYR B 4 -70.55 -23.34 -44.25
CA TYR B 4 -71.20 -22.03 -44.16
C TYR B 4 -71.96 -21.75 -45.44
N GLU B 5 -73.03 -20.95 -45.33
CA GLU B 5 -73.88 -20.63 -46.47
C GLU B 5 -73.39 -19.41 -47.25
N ASP B 6 -72.44 -18.68 -46.70
CA ASP B 6 -71.99 -17.44 -47.32
C ASP B 6 -71.36 -17.65 -48.69
N ARG B 7 -71.73 -16.78 -49.63
CA ARG B 7 -71.04 -16.67 -50.92
C ARG B 7 -70.71 -15.22 -51.18
N VAL B 8 -69.55 -14.97 -51.81
CA VAL B 8 -69.11 -13.61 -52.15
C VAL B 8 -68.62 -13.57 -53.60
N ASP B 9 -68.59 -12.34 -54.15
CA ASP B 9 -67.86 -12.10 -55.39
C ASP B 9 -66.48 -11.59 -55.03
N LEU B 10 -65.44 -12.15 -55.68
CA LEU B 10 -64.07 -11.70 -55.45
C LEU B 10 -63.72 -10.67 -56.52
N TYR B 11 -63.29 -9.49 -56.08
CA TYR B 11 -62.90 -8.39 -56.95
C TYR B 11 -61.41 -8.11 -56.75
N GLY B 12 -60.76 -7.64 -57.80
CA GLY B 12 -59.34 -7.34 -57.73
C GLY B 12 -59.02 -5.99 -57.12
N ALA B 13 -57.72 -5.70 -57.01
CA ALA B 13 -57.30 -4.38 -56.53
C ALA B 13 -57.70 -3.27 -57.51
N ASP B 14 -57.99 -3.61 -58.75
CA ASP B 14 -58.46 -2.61 -59.70
C ASP B 14 -59.97 -2.41 -59.63
N GLY B 15 -60.67 -3.08 -58.72
CA GLY B 15 -62.11 -2.90 -58.59
C GLY B 15 -62.93 -3.63 -59.62
N LYS B 16 -62.34 -4.57 -60.33
CA LYS B 16 -63.05 -5.32 -61.34
C LYS B 16 -63.23 -6.76 -60.88
N LEU B 17 -64.31 -7.40 -61.33
CA LEU B 17 -64.67 -8.73 -60.87
C LEU B 17 -63.65 -9.78 -61.30
N LEU B 18 -63.25 -10.62 -60.35
CA LEU B 18 -62.35 -11.74 -60.63
C LEU B 18 -63.12 -13.07 -60.67
N GLU B 19 -63.90 -13.34 -59.63
CA GLU B 19 -64.65 -14.60 -59.58
C GLU B 19 -66.05 -14.34 -59.01
N GLU B 20 -67.05 -14.86 -59.66
CA GLU B 20 -68.41 -14.65 -59.20
C GLU B 20 -68.89 -15.81 -58.33
N ASP B 21 -69.64 -15.48 -57.26
CA ASP B 21 -70.43 -16.46 -56.50
C ASP B 21 -69.56 -17.56 -55.91
N VAL B 22 -68.61 -17.15 -55.09
CA VAL B 22 -67.59 -18.04 -54.53
C VAL B 22 -68.01 -18.44 -53.11
N PRO B 23 -67.99 -19.72 -52.75
CA PRO B 23 -68.26 -20.07 -51.34
C PRO B 23 -67.21 -19.43 -50.46
N LEU B 24 -67.64 -18.91 -49.31
CA LEU B 24 -66.71 -18.32 -48.35
C LEU B 24 -65.50 -19.20 -48.06
N GLU B 25 -65.72 -20.51 -47.89
CA GLU B 25 -64.59 -21.35 -47.52
C GLU B 25 -63.56 -21.48 -48.62
N ALA B 26 -63.88 -21.07 -49.86
CA ALA B 26 -62.90 -21.15 -50.92
C ALA B 26 -61.74 -20.19 -50.66
N VAL B 27 -61.87 -19.27 -49.71
CA VAL B 27 -60.73 -18.45 -49.36
C VAL B 27 -60.20 -18.77 -47.98
N SER B 28 -60.63 -19.88 -47.38
CA SER B 28 -60.13 -20.27 -46.08
C SER B 28 -58.65 -20.60 -46.16
N PRO B 29 -57.84 -20.14 -45.22
CA PRO B 29 -56.47 -20.63 -45.11
C PRO B 29 -56.37 -22.16 -45.04
N LEU B 30 -57.44 -22.83 -44.56
CA LEU B 30 -57.45 -24.29 -44.48
C LEU B 30 -57.76 -24.96 -45.82
N LYS B 31 -58.24 -24.21 -46.81
CA LYS B 31 -58.68 -24.81 -48.08
C LYS B 31 -57.99 -24.23 -49.30
N ASN B 32 -57.80 -22.91 -49.34
CA ASN B 32 -57.29 -22.26 -50.56
C ASN B 32 -55.88 -22.69 -50.92
N PRO B 33 -55.62 -23.23 -52.11
CA PRO B 33 -54.27 -23.72 -52.38
C PRO B 33 -53.25 -22.60 -52.52
N THR B 34 -53.68 -21.37 -52.89
CA THR B 34 -52.73 -20.27 -53.00
C THR B 34 -52.22 -19.88 -51.62
N ILE B 35 -53.10 -19.81 -50.62
CA ILE B 35 -52.66 -19.47 -49.27
C ILE B 35 -51.71 -20.54 -48.76
N ALA B 36 -52.02 -21.83 -49.00
CA ALA B 36 -51.10 -22.88 -48.56
C ALA B 36 -49.72 -22.70 -49.17
N ASN B 37 -49.66 -22.40 -50.47
CA ASN B 37 -48.37 -22.23 -51.14
C ASN B 37 -47.67 -20.97 -50.66
N LEU B 38 -48.42 -19.94 -50.36
CA LEU B 38 -47.79 -18.70 -49.91
C LEU B 38 -47.16 -18.92 -48.55
N VAL B 39 -47.88 -19.61 -47.66
CA VAL B 39 -47.37 -19.86 -46.33
C VAL B 39 -46.16 -20.79 -46.38
N SER B 40 -46.23 -21.82 -47.22
CA SER B 40 -45.09 -22.70 -47.39
C SER B 40 -43.84 -21.94 -47.86
N ASP B 41 -44.01 -21.01 -48.81
CA ASP B 41 -42.89 -20.23 -49.33
C ASP B 41 -42.36 -19.26 -48.29
N VAL B 42 -43.23 -18.69 -47.46
CA VAL B 42 -42.75 -17.80 -46.41
C VAL B 42 -41.88 -18.59 -45.42
N LYS B 43 -42.32 -19.80 -45.06
CA LYS B 43 -41.57 -20.61 -44.09
C LYS B 43 -40.27 -21.13 -44.66
N ARG B 44 -40.24 -21.47 -45.95
CA ARG B 44 -39.08 -22.16 -46.48
C ARG B 44 -38.05 -21.25 -47.14
N SER B 45 -38.32 -19.96 -47.26
CA SER B 45 -37.48 -19.06 -48.04
C SER B 45 -36.45 -18.39 -47.11
N VAL B 46 -35.24 -18.27 -47.62
CA VAL B 46 -34.09 -17.72 -46.88
C VAL B 46 -33.34 -16.78 -47.82
N ALA B 47 -33.00 -15.59 -47.34
CA ALA B 47 -32.22 -14.63 -48.11
C ALA B 47 -30.76 -14.71 -47.68
N VAL B 48 -29.86 -15.03 -48.62
CA VAL B 48 -28.43 -15.13 -48.33
C VAL B 48 -27.76 -13.89 -48.90
N ASN B 49 -27.08 -13.13 -48.06
CA ASN B 49 -26.41 -11.91 -48.50
C ASN B 49 -24.93 -12.20 -48.75
N LEU B 50 -24.60 -12.64 -49.96
CA LEU B 50 -23.22 -13.01 -50.26
C LEU B 50 -22.29 -11.82 -50.16
N ALA B 51 -22.73 -10.66 -50.65
CA ALA B 51 -21.94 -9.45 -50.58
C ALA B 51 -21.69 -9.07 -49.13
N GLY B 52 -22.69 -9.25 -48.27
CA GLY B 52 -22.48 -8.97 -46.85
C GLY B 52 -21.51 -9.97 -46.21
N ILE B 53 -21.63 -11.25 -46.56
CA ILE B 53 -20.67 -12.23 -46.03
C ILE B 53 -19.25 -11.85 -46.46
N GLU B 54 -19.07 -11.54 -47.73
CA GLU B 54 -17.77 -11.17 -48.24
C GLU B 54 -17.21 -9.93 -47.54
N GLY B 55 -18.00 -8.86 -47.42
CA GLY B 55 -17.46 -7.66 -46.80
C GLY B 55 -17.20 -7.86 -45.32
N SER B 56 -18.11 -8.58 -44.64
CA SER B 56 -17.89 -8.96 -43.24
C SER B 56 -16.57 -9.69 -43.07
N LEU B 57 -16.30 -10.66 -43.93
CA LEU B 57 -15.03 -11.38 -43.85
C LEU B 57 -13.86 -10.45 -44.14
N ARG B 58 -14.01 -9.56 -45.13
CA ARG B 58 -12.86 -8.77 -45.55
C ARG B 58 -12.39 -7.84 -44.45
N LYS B 59 -13.32 -7.34 -43.64
CA LYS B 59 -13.05 -6.43 -42.52
C LYS B 59 -13.02 -7.10 -41.15
N ALA B 60 -13.22 -8.41 -41.09
CA ALA B 60 -13.54 -9.13 -39.85
C ALA B 60 -14.67 -8.44 -39.10
N ALA B 61 -15.66 -7.93 -39.85
CA ALA B 61 -16.79 -7.18 -39.28
C ALA B 61 -17.84 -8.23 -38.90
N LEU B 62 -17.63 -8.84 -37.73
CA LEU B 62 -18.27 -10.12 -37.38
C LEU B 62 -19.16 -9.97 -36.16
N GLY B 63 -20.39 -10.46 -36.25
CA GLY B 63 -21.21 -10.66 -35.07
C GLY B 63 -22.05 -9.49 -34.63
N GLY B 64 -22.29 -8.52 -35.51
CA GLY B 64 -23.19 -7.43 -35.20
C GLY B 64 -22.56 -6.07 -35.43
N LYS B 65 -23.42 -5.07 -35.38
CA LYS B 65 -23.06 -3.73 -35.75
C LYS B 65 -21.88 -3.20 -34.96
N SER B 66 -20.94 -2.63 -35.69
CA SER B 66 -19.71 -2.01 -35.22
C SER B 66 -18.72 -2.98 -34.59
N ASN B 67 -18.97 -4.28 -34.64
CA ASN B 67 -17.95 -5.24 -34.24
C ASN B 67 -16.90 -5.38 -35.34
N PHE B 68 -15.64 -5.45 -34.93
CA PHE B 68 -14.53 -5.83 -35.79
C PHE B 68 -13.53 -6.62 -34.93
N ILE B 69 -12.94 -7.62 -35.54
CA ILE B 69 -11.97 -8.44 -34.84
C ILE B 69 -10.65 -8.36 -35.59
N PRO B 70 -9.83 -7.37 -35.27
CA PRO B 70 -8.58 -7.16 -36.01
C PRO B 70 -7.67 -8.38 -36.09
N GLY B 71 -7.14 -8.66 -37.27
CA GLY B 71 -6.26 -9.78 -37.42
C GLY B 71 -6.94 -11.01 -37.95
N ARG B 72 -8.26 -10.99 -38.03
CA ARG B 72 -8.99 -12.20 -38.41
C ARG B 72 -9.68 -12.04 -39.76
N GLU B 73 -9.28 -11.00 -40.53
CA GLU B 73 -9.80 -10.74 -41.87
C GLU B 73 -9.55 -11.93 -42.80
N VAL B 74 -10.51 -12.21 -43.67
CA VAL B 74 -10.42 -13.25 -44.70
C VAL B 74 -10.91 -12.58 -45.96
N ASP B 75 -10.07 -12.59 -47.04
CA ASP B 75 -10.37 -11.89 -48.29
C ASP B 75 -10.73 -12.91 -49.38
N LEU B 76 -12.01 -13.03 -49.72
CA LEU B 76 -12.39 -14.05 -50.69
C LEU B 76 -13.29 -13.44 -51.74
N PRO B 77 -13.14 -13.86 -53.08
CA PRO B 77 -14.02 -13.34 -54.13
C PRO B 77 -15.34 -14.11 -54.20
N ILE B 78 -16.17 -13.95 -53.16
CA ILE B 78 -17.43 -14.71 -53.07
C ILE B 78 -18.42 -14.29 -54.14
N VAL B 79 -18.68 -12.98 -54.27
CA VAL B 79 -19.66 -12.57 -55.27
C VAL B 79 -19.22 -12.94 -56.68
N GLU B 80 -17.91 -12.83 -56.98
CA GLU B 80 -17.36 -13.19 -58.28
C GLU B 80 -17.63 -14.66 -58.63
N ASN B 81 -17.77 -15.52 -57.63
CA ASN B 81 -18.01 -16.95 -57.82
C ASN B 81 -19.40 -17.37 -57.35
N ALA B 82 -20.36 -16.44 -57.40
CA ALA B 82 -21.68 -16.68 -56.83
C ALA B 82 -22.39 -17.85 -57.50
N GLU B 83 -22.22 -18.00 -58.81
CA GLU B 83 -22.89 -19.10 -59.51
C GLU B 83 -22.41 -20.45 -59.01
N ALA B 84 -21.09 -20.64 -58.97
CA ALA B 84 -20.53 -21.89 -58.48
C ALA B 84 -20.98 -22.15 -57.05
N ILE B 85 -20.97 -21.12 -56.22
CA ILE B 85 -21.38 -21.28 -54.84
C ILE B 85 -22.85 -21.64 -54.72
N ALA B 86 -23.71 -20.95 -55.49
CA ALA B 86 -25.12 -21.29 -55.52
C ALA B 86 -25.33 -22.73 -55.97
N GLU B 87 -24.54 -23.22 -56.94
CA GLU B 87 -24.76 -24.59 -57.38
C GLU B 87 -24.44 -25.58 -56.25
N LYS B 88 -23.44 -25.28 -55.45
CA LYS B 88 -23.10 -26.11 -54.30
C LYS B 88 -24.18 -26.04 -53.24
N ILE B 89 -24.70 -24.85 -52.99
CA ILE B 89 -25.79 -24.72 -52.01
C ILE B 89 -26.95 -25.60 -52.44
N LYS B 90 -27.27 -25.58 -53.73
CA LYS B 90 -28.38 -26.37 -54.21
C LYS B 90 -28.18 -27.86 -53.90
N LYS B 91 -26.98 -28.37 -54.21
CA LYS B 91 -26.67 -29.78 -53.97
C LYS B 91 -26.81 -30.14 -52.49
N LEU B 92 -26.46 -29.19 -51.61
CA LEU B 92 -26.49 -29.45 -50.18
C LEU B 92 -27.87 -29.34 -49.56
N VAL B 93 -28.72 -28.48 -50.13
CA VAL B 93 -30.04 -28.18 -49.56
C VAL B 93 -31.09 -29.14 -50.08
N GLN B 94 -30.92 -29.65 -51.30
CA GLN B 94 -31.97 -30.45 -51.88
C GLN B 94 -32.04 -31.82 -51.21
N THR B 95 -33.17 -32.51 -51.39
CA THR B 95 -33.29 -33.88 -50.96
C THR B 95 -33.35 -34.83 -52.14
N SER B 96 -33.63 -34.30 -53.33
CA SER B 96 -33.53 -35.07 -54.56
C SER B 96 -33.49 -34.09 -55.72
N GLU B 97 -33.05 -34.59 -56.88
CA GLU B 97 -32.99 -33.72 -58.06
C GLU B 97 -34.36 -33.24 -58.50
N ASP B 98 -35.41 -33.97 -58.14
CA ASP B 98 -36.76 -33.70 -58.57
C ASP B 98 -37.59 -32.93 -57.55
N ASP B 99 -36.99 -32.39 -56.49
CA ASP B 99 -37.82 -31.82 -55.46
C ASP B 99 -38.03 -30.33 -55.72
N ASP B 100 -38.59 -29.62 -54.73
CA ASP B 100 -39.00 -28.23 -54.96
C ASP B 100 -37.98 -27.25 -54.38
N THR B 101 -36.72 -27.68 -54.22
CA THR B 101 -35.59 -26.76 -53.95
C THR B 101 -35.47 -25.73 -55.05
N ASN B 102 -35.37 -24.45 -54.66
CA ASN B 102 -35.20 -23.36 -55.62
CA ASN B 102 -35.17 -23.39 -55.64
C ASN B 102 -34.09 -22.45 -55.14
N ILE B 103 -33.13 -22.15 -56.02
CA ILE B 103 -32.02 -21.23 -55.71
C ILE B 103 -32.02 -20.17 -56.80
N ARG B 104 -32.12 -18.90 -56.43
CA ARG B 104 -32.10 -17.83 -57.41
C ARG B 104 -31.10 -16.75 -57.00
N LEU B 105 -30.15 -16.45 -57.87
CA LEU B 105 -29.25 -15.31 -57.70
C LEU B 105 -29.98 -14.00 -58.05
N ILE B 106 -29.77 -12.98 -57.23
CA ILE B 106 -30.43 -11.68 -57.34
C ILE B 106 -29.32 -10.64 -57.33
N ASN B 107 -29.57 -9.48 -57.94
CA ASN B 107 -28.69 -8.33 -57.76
C ASN B 107 -27.24 -8.66 -58.10
N ASN B 108 -27.05 -9.24 -59.28
CA ASN B 108 -25.74 -9.58 -59.82
C ASN B 108 -24.97 -10.51 -58.89
N GLY B 109 -25.68 -11.42 -58.25
CA GLY B 109 -25.03 -12.40 -57.43
C GLY B 109 -24.71 -11.94 -56.02
N GLN B 110 -25.14 -10.73 -55.64
CA GLN B 110 -24.82 -10.26 -54.30
C GLN B 110 -25.75 -10.86 -53.24
N GLN B 111 -26.91 -11.38 -53.66
CA GLN B 111 -27.84 -12.04 -52.78
C GLN B 111 -28.36 -13.29 -53.49
N ILE B 112 -28.78 -14.26 -52.71
CA ILE B 112 -29.39 -15.49 -53.21
C ILE B 112 -30.71 -15.67 -52.49
N LEU B 113 -31.75 -16.01 -53.24
CA LEU B 113 -32.98 -16.49 -52.61
C LEU B 113 -32.91 -18.02 -52.58
N VAL B 114 -32.94 -18.60 -51.39
CA VAL B 114 -32.92 -20.06 -51.22
C VAL B 114 -34.28 -20.49 -50.70
N GLN B 115 -34.98 -21.37 -51.45
CA GLN B 115 -36.21 -21.98 -50.98
C GLN B 115 -35.93 -23.46 -50.70
N VAL B 116 -35.89 -23.80 -49.42
CA VAL B 116 -35.55 -25.14 -48.92
C VAL B 116 -36.69 -26.10 -49.29
N PRO B 117 -36.39 -27.37 -49.62
CA PRO B 117 -37.44 -28.29 -50.06
C PRO B 117 -38.45 -28.60 -48.95
N THR B 118 -39.73 -28.76 -49.35
CA THR B 118 -40.79 -29.08 -48.39
CA THR B 118 -40.78 -29.06 -48.38
C THR B 118 -40.48 -30.37 -47.65
N THR B 119 -39.75 -31.29 -48.28
CA THR B 119 -39.37 -32.52 -47.60
C THR B 119 -38.61 -32.24 -46.31
N ARG B 120 -37.71 -31.25 -46.33
CA ARG B 120 -37.00 -30.93 -45.09
C ARG B 120 -37.91 -30.29 -44.05
N MET B 121 -38.85 -29.46 -44.50
CA MET B 121 -39.79 -28.88 -43.55
C MET B 121 -40.67 -29.95 -42.94
N GLY B 122 -41.02 -30.94 -43.74
CA GLY B 122 -41.93 -31.99 -43.27
C GLY B 122 -41.41 -32.82 -42.10
N VAL B 123 -40.10 -33.01 -41.99
CA VAL B 123 -39.60 -33.80 -40.89
C VAL B 123 -38.88 -32.91 -39.88
N ALA B 124 -39.12 -31.61 -39.95
CA ALA B 124 -38.62 -30.72 -38.92
C ALA B 124 -39.78 -30.26 -38.05
N ALA B 125 -39.46 -29.91 -36.80
CA ALA B 125 -40.51 -29.43 -35.89
C ALA B 125 -40.94 -27.99 -36.21
N ASP B 126 -39.98 -27.11 -36.49
CA ASP B 126 -40.43 -25.75 -36.86
C ASP B 126 -39.70 -25.19 -38.08
N TYR B 127 -40.03 -23.95 -38.41
CA TYR B 127 -39.60 -23.36 -39.67
C TYR B 127 -38.13 -22.90 -39.61
N THR B 128 -37.48 -22.92 -38.44
CA THR B 128 -36.08 -22.52 -38.39
CA THR B 128 -36.07 -22.53 -38.40
C THR B 128 -35.19 -23.44 -39.22
N VAL B 129 -35.61 -24.69 -39.45
CA VAL B 129 -34.82 -25.58 -40.31
C VAL B 129 -34.35 -24.88 -41.58
N SER B 130 -35.18 -23.99 -42.17
CA SER B 130 -34.77 -23.49 -43.49
C SER B 130 -33.53 -22.59 -43.37
N ALA B 131 -33.49 -21.74 -42.34
CA ALA B 131 -32.33 -20.91 -42.09
C ALA B 131 -31.14 -21.75 -41.70
N LEU B 132 -31.36 -22.77 -40.84
CA LEU B 132 -30.23 -23.54 -40.34
C LEU B 132 -29.59 -24.35 -41.46
N VAL B 133 -30.42 -24.98 -42.27
CA VAL B 133 -29.87 -25.79 -43.32
C VAL B 133 -29.20 -24.90 -44.35
N THR B 134 -29.83 -23.76 -44.64
CA THR B 134 -29.27 -22.87 -45.63
C THR B 134 -27.95 -22.31 -45.13
N GLY B 135 -27.88 -21.95 -43.83
CA GLY B 135 -26.61 -21.47 -43.29
C GLY B 135 -25.51 -22.51 -43.38
N ALA B 136 -25.86 -23.76 -43.05
CA ALA B 136 -24.86 -24.81 -43.09
C ALA B 136 -24.38 -25.01 -44.52
N ALA B 137 -25.30 -24.98 -45.47
CA ALA B 137 -24.92 -25.16 -46.86
C ALA B 137 -24.05 -24.00 -47.37
N VAL B 138 -24.35 -22.76 -46.96
CA VAL B 138 -23.56 -21.63 -47.43
C VAL B 138 -22.16 -21.69 -46.88
N VAL B 139 -22.05 -22.08 -45.59
CA VAL B 139 -20.75 -22.13 -44.95
C VAL B 139 -19.88 -23.14 -45.64
N GLN B 140 -20.44 -24.33 -45.91
CA GLN B 140 -19.62 -25.36 -46.52
C GLN B 140 -19.33 -25.03 -47.97
N ALA B 141 -20.29 -24.42 -48.66
CA ALA B 141 -20.04 -24.09 -50.04
C ALA B 141 -18.88 -23.12 -50.16
N ILE B 142 -18.82 -22.13 -49.27
CA ILE B 142 -17.75 -21.15 -49.33
C ILE B 142 -16.41 -21.78 -48.95
N ILE B 143 -16.39 -22.56 -47.85
CA ILE B 143 -15.15 -23.20 -47.43
C ILE B 143 -14.63 -24.11 -48.52
N ASP B 144 -15.52 -24.88 -49.18
CA ASP B 144 -15.09 -25.77 -50.25
C ASP B 144 -14.67 -25.01 -51.51
N GLU B 145 -15.37 -23.93 -51.84
CA GLU B 145 -15.05 -23.22 -53.08
C GLU B 145 -13.62 -22.66 -53.07
N PHE B 146 -13.16 -22.18 -51.91
CA PHE B 146 -11.88 -21.52 -51.78
C PHE B 146 -10.88 -22.30 -50.95
N ASP B 147 -11.23 -23.50 -50.49
CA ASP B 147 -10.37 -24.31 -49.64
C ASP B 147 -9.87 -23.49 -48.45
N VAL B 148 -10.83 -22.87 -47.76
CA VAL B 148 -10.53 -22.05 -46.59
C VAL B 148 -9.89 -22.93 -45.52
N ASP B 149 -8.79 -22.45 -44.97
CA ASP B 149 -8.08 -23.25 -44.01
C ASP B 149 -8.81 -23.31 -42.66
N MET B 150 -8.44 -24.33 -41.89
CA MET B 150 -9.12 -24.66 -40.65
C MET B 150 -9.13 -23.50 -39.65
N PHE B 151 -8.10 -22.67 -39.64
CA PHE B 151 -8.08 -21.60 -38.64
C PHE B 151 -8.89 -20.37 -39.05
N ASP B 152 -9.23 -20.22 -40.34
CA ASP B 152 -10.05 -19.13 -40.82
C ASP B 152 -11.51 -19.54 -40.97
N ALA B 153 -11.76 -20.84 -41.02
CA ALA B 153 -13.10 -21.34 -41.33
C ALA B 153 -14.16 -20.85 -40.34
N ASN B 154 -13.84 -20.82 -39.04
CA ASN B 154 -14.85 -20.37 -38.10
C ASN B 154 -15.27 -18.91 -38.37
N ALA B 155 -14.40 -18.10 -39.01
CA ALA B 155 -14.81 -16.73 -39.37
C ALA B 155 -15.87 -16.74 -40.46
N VAL B 156 -15.73 -17.63 -41.44
CA VAL B 156 -16.81 -17.78 -42.42
C VAL B 156 -18.13 -18.15 -41.73
N LYS B 157 -18.08 -19.13 -40.80
CA LYS B 157 -19.28 -19.49 -40.06
C LYS B 157 -19.89 -18.29 -39.37
N THR B 158 -19.05 -17.49 -38.69
CA THR B 158 -19.50 -16.31 -37.96
C THR B 158 -20.02 -15.25 -38.91
N ALA B 159 -19.46 -15.16 -40.13
CA ALA B 159 -19.96 -14.18 -41.10
C ALA B 159 -21.38 -14.52 -41.56
N VAL B 160 -21.66 -15.81 -41.74
CA VAL B 160 -22.95 -16.28 -42.20
C VAL B 160 -24.00 -16.20 -41.09
N MET B 161 -23.73 -16.81 -39.93
CA MET B 161 -24.76 -16.96 -38.90
C MET B 161 -24.63 -16.00 -37.72
N GLY B 162 -23.67 -15.10 -37.73
CA GLY B 162 -23.69 -14.09 -36.70
C GLY B 162 -23.09 -14.60 -35.39
N ARG B 163 -23.60 -14.06 -34.29
CA ARG B 163 -23.10 -14.41 -32.96
C ARG B 163 -23.75 -15.68 -32.37
N TYR B 164 -24.58 -16.39 -33.13
CA TYR B 164 -25.13 -17.63 -32.66
C TYR B 164 -23.95 -18.60 -32.45
N PRO B 165 -23.91 -19.37 -31.34
CA PRO B 165 -24.92 -19.56 -30.31
C PRO B 165 -24.70 -18.77 -29.03
N GLN B 166 -23.76 -17.82 -28.98
CA GLN B 166 -23.68 -17.00 -27.78
C GLN B 166 -24.97 -16.17 -27.66
N THR B 167 -25.50 -15.68 -28.79
CA THR B 167 -26.84 -15.09 -28.82
C THR B 167 -27.85 -16.19 -29.10
N VAL B 168 -29.10 -15.95 -28.69
CA VAL B 168 -30.16 -16.96 -28.88
C VAL B 168 -30.58 -16.99 -30.35
N ASP B 169 -30.25 -15.94 -31.08
CA ASP B 169 -30.61 -15.86 -32.49
C ASP B 169 -29.40 -15.57 -33.39
N PHE B 170 -29.65 -15.35 -34.68
CA PHE B 170 -28.56 -15.06 -35.61
C PHE B 170 -28.16 -13.56 -35.55
N THR B 171 -27.88 -13.00 -34.38
CA THR B 171 -27.47 -11.60 -34.28
C THR B 171 -26.26 -11.30 -35.17
N GLY B 172 -26.40 -10.27 -36.01
CA GLY B 172 -25.33 -9.84 -36.89
C GLY B 172 -25.05 -10.79 -38.03
N ALA B 173 -25.99 -11.67 -38.37
CA ALA B 173 -25.83 -12.60 -39.45
C ALA B 173 -25.96 -11.95 -40.82
N ASN B 174 -25.54 -12.71 -41.83
CA ASN B 174 -25.68 -12.29 -43.22
C ASN B 174 -26.62 -13.23 -43.96
N LEU B 175 -27.54 -13.82 -43.23
CA LEU B 175 -28.71 -14.37 -43.87
C LEU B 175 -29.94 -13.94 -43.06
N SER B 176 -31.09 -13.96 -43.71
CA SER B 176 -32.28 -13.47 -43.04
C SER B 176 -33.46 -14.24 -43.56
N THR B 177 -34.55 -14.20 -42.81
CA THR B 177 -35.79 -14.85 -43.19
C THR B 177 -36.89 -13.88 -42.86
N LEU B 178 -38.03 -14.02 -43.55
CA LEU B 178 -39.19 -13.19 -43.20
C LEU B 178 -39.66 -13.51 -41.78
N LEU B 179 -39.58 -14.75 -41.37
CA LEU B 179 -39.96 -15.10 -40.00
C LEU B 179 -38.73 -15.15 -39.10
N GLY B 180 -38.81 -14.50 -37.95
CA GLY B 180 -37.70 -14.63 -37.01
C GLY B 180 -37.81 -15.93 -36.25
N PRO B 181 -36.79 -16.27 -35.47
CA PRO B 181 -36.83 -17.53 -34.74
C PRO B 181 -37.94 -17.53 -33.68
N PRO B 182 -38.49 -18.70 -33.41
CA PRO B 182 -39.63 -18.77 -32.50
C PRO B 182 -39.29 -18.39 -31.08
N VAL B 183 -38.01 -18.35 -30.69
CA VAL B 183 -37.68 -18.05 -29.28
C VAL B 183 -38.01 -16.56 -29.03
N LEU B 184 -38.15 -15.76 -30.09
CA LEU B 184 -38.48 -14.34 -29.95
C LEU B 184 -39.97 -14.06 -30.15
N LEU B 185 -40.81 -15.08 -30.22
CA LEU B 185 -42.23 -14.86 -30.34
C LEU B 185 -42.80 -14.32 -29.00
N GLU B 186 -43.67 -13.31 -29.11
CA GLU B 186 -44.50 -12.77 -28.02
C GLU B 186 -45.58 -13.72 -27.55
N GLY B 187 -46.19 -14.41 -28.49
CA GLY B 187 -47.33 -15.26 -28.18
C GLY B 187 -47.14 -16.58 -28.90
N LEU B 188 -47.76 -17.63 -28.38
CA LEU B 188 -47.66 -18.94 -29.02
C LEU B 188 -48.40 -18.91 -30.32
N GLY B 189 -47.83 -19.52 -31.36
CA GLY B 189 -48.45 -19.50 -32.68
C GLY B 189 -48.28 -18.19 -33.45
N TYR B 190 -47.45 -17.26 -32.98
CA TYR B 190 -47.38 -15.94 -33.65
C TYR B 190 -46.43 -15.89 -34.86
N GLY B 191 -45.85 -17.03 -35.26
CA GLY B 191 -44.81 -17.02 -36.29
C GLY B 191 -45.16 -16.18 -37.50
N LEU B 192 -46.36 -16.38 -38.06
CA LEU B 192 -46.73 -15.71 -39.30
C LEU B 192 -47.00 -14.23 -39.10
N ARG B 193 -47.09 -13.75 -37.84
CA ARG B 193 -47.41 -12.35 -37.56
C ARG B 193 -46.16 -11.48 -37.50
N ASN B 194 -44.97 -12.07 -37.64
CA ASN B 194 -43.69 -11.41 -37.34
C ASN B 194 -43.13 -10.58 -38.48
N ILE B 195 -43.90 -10.24 -39.51
CA ILE B 195 -43.36 -9.54 -40.67
C ILE B 195 -43.75 -8.06 -40.60
N MET B 196 -42.77 -7.19 -40.44
CA MET B 196 -42.98 -5.75 -40.35
C MET B 196 -43.72 -5.18 -41.56
N ALA B 197 -44.54 -4.17 -41.30
CA ALA B 197 -45.35 -3.58 -42.35
C ALA B 197 -44.51 -3.11 -43.53
N ASN B 198 -43.33 -2.49 -43.26
CA ASN B 198 -42.45 -2.05 -44.35
C ASN B 198 -42.01 -3.21 -45.23
N HIS B 199 -41.80 -4.40 -44.67
CA HIS B 199 -41.44 -5.53 -45.51
C HIS B 199 -42.59 -5.90 -46.46
N VAL B 200 -43.81 -5.93 -45.93
CA VAL B 200 -45.02 -6.22 -46.71
C VAL B 200 -45.15 -5.24 -47.87
N VAL B 201 -44.90 -3.95 -47.60
CA VAL B 201 -44.94 -2.94 -48.63
C VAL B 201 -43.88 -3.18 -49.68
N ALA B 202 -42.64 -3.57 -49.28
CA ALA B 202 -41.62 -3.83 -50.30
C ALA B 202 -41.96 -5.09 -51.13
N ILE B 203 -42.51 -6.12 -50.48
CA ILE B 203 -42.84 -7.34 -51.23
C ILE B 203 -43.92 -7.10 -52.30
N THR B 204 -44.87 -6.22 -52.03
CA THR B 204 -45.95 -5.94 -52.97
C THR B 204 -45.67 -4.68 -53.81
N ARG B 205 -44.43 -4.20 -53.78
CA ARG B 205 -43.98 -3.04 -54.56
C ARG B 205 -44.90 -1.83 -54.36
N LYS B 206 -45.32 -1.60 -53.10
CA LYS B 206 -46.05 -0.40 -52.67
C LYS B 206 -47.47 -0.29 -53.23
N ASN B 207 -48.06 -1.40 -53.65
CA ASN B 207 -49.41 -1.40 -54.19
C ASN B 207 -50.39 -1.61 -53.05
N THR B 208 -51.17 -0.56 -52.76
CA THR B 208 -51.92 -0.40 -51.52
C THR B 208 -52.75 -1.64 -51.18
N LEU B 209 -53.68 -2.01 -52.04
CA LEU B 209 -54.55 -3.12 -51.65
C LEU B 209 -53.86 -4.49 -51.69
N ASN B 210 -52.84 -4.67 -52.51
CA ASN B 210 -52.11 -5.93 -52.39
C ASN B 210 -51.31 -6.00 -51.10
N ALA B 211 -50.84 -4.86 -50.61
CA ALA B 211 -50.17 -4.88 -49.30
C ALA B 211 -51.15 -5.21 -48.19
N SER B 212 -52.30 -4.53 -48.17
CA SER B 212 -53.28 -4.84 -47.13
C SER B 212 -53.77 -6.28 -47.26
N ALA B 213 -53.89 -6.81 -48.48
CA ALA B 213 -54.29 -8.22 -48.66
C ALA B 213 -53.23 -9.16 -48.09
N LEU B 214 -51.97 -8.94 -48.44
CA LEU B 214 -50.92 -9.85 -47.94
C LEU B 214 -50.90 -9.84 -46.43
N SER B 215 -50.99 -8.65 -45.84
CA SER B 215 -51.07 -8.53 -44.40
C SER B 215 -52.30 -9.26 -43.83
N SER B 216 -53.48 -9.05 -44.45
CA SER B 216 -54.67 -9.73 -43.94
C SER B 216 -54.53 -11.24 -44.06
N ILE B 217 -53.98 -11.71 -45.17
CA ILE B 217 -53.81 -13.15 -45.35
C ILE B 217 -52.90 -13.71 -44.27
N LEU B 218 -51.77 -13.04 -44.02
CA LEU B 218 -50.87 -13.58 -43.02
C LEU B 218 -51.50 -13.48 -41.65
N GLU B 219 -52.15 -12.34 -41.35
CA GLU B 219 -52.73 -12.17 -40.01
C GLU B 219 -53.83 -13.19 -39.78
N GLN B 220 -54.76 -13.31 -40.71
CA GLN B 220 -55.87 -14.21 -40.49
C GLN B 220 -55.41 -15.67 -40.53
N THR B 221 -54.41 -16.00 -41.34
CA THR B 221 -53.88 -17.37 -41.25
C THR B 221 -53.25 -17.63 -39.88
N ALA B 222 -52.56 -16.63 -39.34
CA ALA B 222 -52.06 -16.78 -37.99
C ALA B 222 -53.18 -17.04 -36.97
N MET B 223 -54.38 -16.47 -37.18
CA MET B 223 -55.48 -16.70 -36.23
C MET B 223 -55.95 -18.13 -36.26
N PHE B 224 -55.79 -18.80 -37.41
CA PHE B 224 -56.03 -20.24 -37.42
C PHE B 224 -54.96 -20.98 -36.62
N GLU B 225 -53.72 -20.50 -36.71
CA GLU B 225 -52.59 -21.13 -36.02
C GLU B 225 -52.71 -20.94 -34.52
N THR B 226 -53.18 -19.78 -34.06
CA THR B 226 -53.29 -19.57 -32.61
C THR B 226 -54.53 -20.22 -32.01
N GLY B 227 -55.40 -20.82 -32.83
CA GLY B 227 -56.65 -21.33 -32.33
C GLY B 227 -57.75 -20.31 -32.15
N ASP B 228 -57.51 -19.02 -32.48
CA ASP B 228 -58.58 -18.04 -32.33
C ASP B 228 -59.70 -18.25 -33.36
N ALA B 229 -59.36 -18.63 -34.59
CA ALA B 229 -60.36 -18.93 -35.62
C ALA B 229 -60.82 -20.39 -35.57
N VAL B 230 -61.25 -20.85 -34.39
CA VAL B 230 -61.75 -22.21 -34.20
C VAL B 230 -63.22 -22.10 -33.80
N GLY B 231 -64.03 -23.05 -34.25
CA GLY B 231 -65.37 -23.19 -33.69
C GLY B 231 -66.22 -21.96 -33.93
N ALA B 232 -66.76 -21.43 -32.83
CA ALA B 232 -67.65 -20.26 -32.90
C ALA B 232 -67.05 -19.06 -33.65
N PHE B 233 -65.72 -18.89 -33.64
CA PHE B 233 -65.07 -17.69 -34.16
C PHE B 233 -64.60 -17.83 -35.60
N GLU B 234 -64.67 -19.04 -36.16
CA GLU B 234 -64.08 -19.26 -37.49
C GLU B 234 -64.72 -18.36 -38.54
N ARG B 235 -66.05 -18.29 -38.57
CA ARG B 235 -66.73 -17.53 -39.60
C ARG B 235 -66.34 -16.05 -39.53
N MET B 236 -66.25 -15.46 -38.33
CA MET B 236 -65.78 -14.09 -38.19
C MET B 236 -64.42 -13.88 -38.87
N HIS B 237 -63.48 -14.82 -38.69
CA HIS B 237 -62.16 -14.61 -39.27
C HIS B 237 -62.16 -14.82 -40.77
N LEU B 238 -62.97 -15.78 -41.28
CA LEU B 238 -63.06 -15.95 -42.71
C LEU B 238 -63.69 -14.71 -43.38
N LEU B 239 -64.77 -14.19 -42.80
CA LEU B 239 -65.45 -13.05 -43.39
C LEU B 239 -64.54 -11.83 -43.37
N GLY B 240 -63.78 -11.68 -42.29
CA GLY B 240 -62.78 -10.63 -42.19
C GLY B 240 -61.73 -10.69 -43.29
N LEU B 241 -61.16 -11.89 -43.50
CA LEU B 241 -60.26 -12.07 -44.61
C LEU B 241 -60.94 -11.68 -45.91
N ALA B 242 -62.13 -12.25 -46.17
CA ALA B 242 -62.76 -12.08 -47.47
C ALA B 242 -63.07 -10.62 -47.77
N TYR B 243 -63.69 -9.93 -46.81
CA TYR B 243 -64.11 -8.53 -46.99
C TYR B 243 -62.95 -7.54 -46.83
N GLN B 244 -62.22 -7.63 -45.72
CA GLN B 244 -61.22 -6.59 -45.47
C GLN B 244 -59.96 -6.84 -46.25
N GLY B 245 -59.55 -8.10 -46.35
CA GLY B 245 -58.34 -8.44 -47.05
C GLY B 245 -58.49 -8.61 -48.54
N LEU B 246 -59.62 -9.14 -48.99
CA LEU B 246 -59.72 -9.55 -50.38
C LEU B 246 -60.81 -8.80 -51.14
N ASN B 247 -61.33 -7.69 -50.60
CA ASN B 247 -62.24 -6.82 -51.37
C ASN B 247 -63.48 -7.59 -51.84
N ALA B 248 -64.00 -8.48 -50.97
CA ALA B 248 -65.23 -9.19 -51.30
C ALA B 248 -66.35 -8.23 -51.72
N ASN B 249 -67.03 -8.57 -52.81
CA ASN B 249 -68.18 -7.78 -53.30
C ASN B 249 -67.82 -6.33 -53.63
N ASN B 250 -66.52 -6.06 -53.77
CA ASN B 250 -65.99 -4.73 -54.11
C ASN B 250 -66.31 -3.71 -53.03
N LEU B 251 -66.62 -4.16 -51.80
CA LEU B 251 -67.09 -3.23 -50.78
C LEU B 251 -65.99 -2.25 -50.36
N LEU B 252 -64.79 -2.77 -50.09
CA LEU B 252 -63.62 -1.93 -49.80
C LEU B 252 -63.36 -0.90 -50.91
N PHE B 253 -63.19 -1.37 -52.13
CA PHE B 253 -62.90 -0.50 -53.25
C PHE B 253 -63.95 0.61 -53.41
N ASP B 254 -65.24 0.23 -53.40
CA ASP B 254 -66.32 1.20 -53.56
C ASP B 254 -66.40 2.21 -52.43
N LEU B 255 -66.11 1.81 -51.20
CA LEU B 255 -66.09 2.77 -50.09
C LEU B 255 -65.02 3.83 -50.29
N VAL B 256 -63.81 3.43 -50.69
CA VAL B 256 -62.75 4.40 -50.96
C VAL B 256 -63.16 5.31 -52.12
N LYS B 257 -63.62 4.69 -53.20
CA LYS B 257 -63.92 5.46 -54.40
C LYS B 257 -64.93 6.55 -54.12
N GLU B 258 -66.03 6.21 -53.42
CA GLU B 258 -67.07 7.18 -53.18
C GLU B 258 -66.66 8.19 -52.11
N ASN B 259 -65.57 7.93 -51.41
CA ASN B 259 -65.10 8.88 -50.40
C ASN B 259 -63.72 9.48 -50.71
N GLY B 260 -63.30 9.48 -51.98
CA GLY B 260 -61.96 9.93 -52.32
C GLY B 260 -61.70 11.39 -52.00
N LYS B 261 -62.76 12.19 -51.87
CA LYS B 261 -62.64 13.57 -51.43
C LYS B 261 -63.26 13.77 -50.05
N GLY B 262 -63.39 12.70 -49.27
CA GLY B 262 -64.13 12.71 -48.04
C GLY B 262 -63.23 12.56 -46.83
N THR B 263 -63.86 12.16 -45.72
CA THR B 263 -63.19 12.12 -44.42
C THR B 263 -63.45 10.76 -43.77
N VAL B 264 -62.85 10.54 -42.59
CA VAL B 264 -63.17 9.33 -41.86
C VAL B 264 -64.67 9.26 -41.55
N GLY B 265 -65.25 10.41 -41.17
CA GLY B 265 -66.67 10.47 -40.91
C GLY B 265 -67.53 10.11 -42.12
N THR B 266 -67.20 10.66 -43.29
CA THR B 266 -68.04 10.32 -44.45
C THR B 266 -67.89 8.84 -44.82
N VAL B 267 -66.75 8.23 -44.53
CA VAL B 267 -66.60 6.79 -44.81
C VAL B 267 -67.51 6.02 -43.86
N ILE B 268 -67.58 6.45 -42.62
CA ILE B 268 -68.46 5.81 -41.66
C ILE B 268 -69.91 5.88 -42.12
N ALA B 269 -70.34 7.05 -42.58
CA ALA B 269 -71.70 7.23 -43.04
C ALA B 269 -71.99 6.30 -44.22
N SER B 270 -71.02 6.16 -45.15
CA SER B 270 -71.25 5.26 -46.29
C SER B 270 -71.34 3.81 -45.84
N LEU B 271 -70.55 3.45 -44.84
CA LEU B 271 -70.51 2.06 -44.42
C LEU B 271 -71.78 1.70 -43.67
N VAL B 272 -72.20 2.56 -42.73
CA VAL B 272 -73.44 2.33 -42.01
C VAL B 272 -74.61 2.26 -42.97
N GLU B 273 -74.68 3.17 -43.96
CA GLU B 273 -75.80 3.10 -44.92
C GLU B 273 -75.81 1.77 -45.66
N ARG B 274 -74.62 1.30 -46.04
CA ARG B 274 -74.53 0.05 -46.77
C ARG B 274 -74.94 -1.10 -45.87
N ALA B 275 -74.57 -1.02 -44.58
CA ALA B 275 -74.91 -2.09 -43.66
C ALA B 275 -76.41 -2.17 -43.42
N ILE B 276 -77.08 -1.01 -43.40
CA ILE B 276 -78.54 -0.99 -43.32
C ILE B 276 -79.14 -1.56 -44.59
N GLU B 277 -78.67 -1.08 -45.76
CA GLU B 277 -79.17 -1.64 -47.03
C GLU B 277 -79.08 -3.14 -47.11
N ASP B 278 -77.97 -3.69 -46.68
CA ASP B 278 -77.76 -5.10 -46.86
C ASP B 278 -78.37 -5.90 -45.72
N ARG B 279 -79.08 -5.23 -44.79
CA ARG B 279 -79.74 -5.85 -43.64
C ARG B 279 -78.73 -6.54 -42.71
N VAL B 280 -77.51 -6.02 -42.66
CA VAL B 280 -76.47 -6.51 -41.75
C VAL B 280 -76.73 -5.97 -40.34
N ILE B 281 -77.32 -4.79 -40.21
CA ILE B 281 -77.68 -4.25 -38.91
C ILE B 281 -79.11 -3.76 -38.98
N LYS B 282 -79.70 -3.50 -37.82
CA LYS B 282 -81.09 -3.04 -37.77
C LYS B 282 -81.27 -2.21 -36.50
N VAL B 283 -82.30 -1.39 -36.52
CA VAL B 283 -82.56 -0.52 -35.38
C VAL B 283 -83.07 -1.35 -34.21
N ALA B 284 -82.41 -1.22 -33.06
CA ALA B 284 -82.87 -1.91 -31.86
C ALA B 284 -83.82 -1.03 -31.06
N LYS B 285 -83.55 0.26 -30.99
CA LYS B 285 -84.39 1.10 -30.16
C LYS B 285 -84.19 2.54 -30.59
N GLU B 286 -85.26 3.29 -30.66
CA GLU B 286 -85.11 4.72 -30.93
C GLU B 286 -85.23 5.46 -29.60
N MET B 287 -84.27 6.34 -29.30
CA MET B 287 -84.16 7.01 -28.00
C MET B 287 -84.99 8.29 -28.03
N THR B 288 -85.13 8.92 -26.86
CA THR B 288 -85.91 10.18 -26.79
C THR B 288 -85.50 11.22 -27.84
N SER B 289 -84.21 11.41 -28.07
CA SER B 289 -83.66 12.47 -28.94
C SER B 289 -83.87 12.18 -30.41
N GLY B 290 -84.33 10.98 -30.74
CA GLY B 290 -84.38 10.50 -32.09
C GLY B 290 -83.22 9.61 -32.43
N TYR B 291 -82.22 9.54 -31.55
CA TYR B 291 -81.08 8.69 -31.82
C TYR B 291 -81.52 7.23 -31.96
N LYS B 292 -81.09 6.60 -33.04
CA LYS B 292 -81.40 5.18 -33.26
C LYS B 292 -80.21 4.32 -32.83
N MET B 293 -80.45 3.38 -31.90
CA MET B 293 -79.42 2.45 -31.47
C MET B 293 -79.62 1.16 -32.25
N TYR B 294 -78.56 0.72 -32.91
CA TYR B 294 -78.63 -0.40 -33.82
C TYR B 294 -78.14 -1.65 -33.11
N GLU B 295 -78.47 -2.80 -33.65
CA GLU B 295 -77.89 -4.07 -33.22
C GLU B 295 -77.50 -4.86 -34.46
N PRO B 296 -76.52 -5.75 -34.39
CA PRO B 296 -76.21 -6.59 -35.56
C PRO B 296 -77.33 -7.60 -35.76
N ALA B 297 -77.67 -7.84 -37.04
CA ALA B 297 -78.49 -8.99 -37.39
C ALA B 297 -77.64 -10.23 -37.59
N ASP B 298 -76.34 -10.04 -37.85
CA ASP B 298 -75.38 -11.13 -38.13
C ASP B 298 -74.06 -10.61 -37.59
N TRP B 299 -73.62 -11.14 -36.42
CA TRP B 299 -72.52 -10.47 -35.73
C TRP B 299 -71.19 -10.60 -36.47
N ALA B 300 -70.92 -11.77 -37.02
CA ALA B 300 -69.67 -11.94 -37.74
C ALA B 300 -69.66 -11.07 -39.00
N LEU B 301 -70.81 -10.95 -39.66
CA LEU B 301 -70.86 -10.16 -40.89
C LEU B 301 -70.78 -8.67 -40.58
N TRP B 302 -71.46 -8.20 -39.53
CA TRP B 302 -71.29 -6.81 -39.11
C TRP B 302 -69.83 -6.52 -38.83
N ASN B 303 -69.16 -7.42 -38.14
CA ASN B 303 -67.76 -7.14 -37.86
C ASN B 303 -66.98 -7.01 -39.18
N ALA B 304 -67.32 -7.81 -40.18
CA ALA B 304 -66.55 -7.78 -41.42
C ALA B 304 -66.82 -6.51 -42.19
N TYR B 305 -68.09 -6.07 -42.23
CA TYR B 305 -68.41 -4.79 -42.83
C TYR B 305 -67.66 -3.67 -42.12
N ALA B 306 -67.74 -3.65 -40.81
CA ALA B 306 -67.05 -2.62 -40.05
C ALA B 306 -65.54 -2.61 -40.34
N ALA B 307 -64.92 -3.81 -40.41
CA ALA B 307 -63.49 -3.89 -40.69
C ALA B 307 -63.18 -3.37 -42.09
N THR B 308 -64.05 -3.65 -43.05
CA THR B 308 -63.84 -3.13 -44.38
C THR B 308 -63.89 -1.60 -44.38
N GLY B 309 -64.86 -1.01 -43.70
CA GLY B 309 -64.90 0.45 -43.61
C GLY B 309 -63.65 1.00 -42.98
N LEU B 310 -63.10 0.30 -41.99
CA LEU B 310 -61.89 0.73 -41.30
C LEU B 310 -60.70 0.86 -42.26
N LEU B 311 -60.46 -0.17 -43.05
CA LEU B 311 -59.42 -0.09 -44.06
C LEU B 311 -59.72 1.02 -45.05
N ALA B 312 -60.97 1.16 -45.50
CA ALA B 312 -61.29 2.25 -46.43
C ALA B 312 -60.99 3.61 -45.82
N ALA B 313 -61.32 3.78 -44.54
CA ALA B 313 -61.09 5.05 -43.86
C ALA B 313 -59.60 5.35 -43.75
N THR B 314 -58.78 4.30 -43.55
CA THR B 314 -57.34 4.46 -43.53
C THR B 314 -56.85 4.97 -44.86
N ILE B 315 -57.33 4.35 -45.93
CA ILE B 315 -56.85 4.69 -47.25
C ILE B 315 -57.28 6.11 -47.60
N VAL B 316 -58.50 6.48 -47.22
CA VAL B 316 -58.99 7.83 -47.50
C VAL B 316 -58.18 8.87 -46.70
N ASN B 317 -58.03 8.67 -45.39
CA ASN B 317 -57.45 9.70 -44.53
C ASN B 317 -55.92 9.72 -44.61
N VAL B 318 -55.28 8.57 -44.66
CA VAL B 318 -53.82 8.58 -44.87
C VAL B 318 -53.51 8.95 -46.31
N GLY B 319 -54.32 8.46 -47.23
CA GLY B 319 -54.15 8.83 -48.62
C GLY B 319 -54.33 10.30 -48.88
N ALA B 320 -55.19 10.94 -48.10
CA ALA B 320 -55.34 12.39 -48.26
C ALA B 320 -54.05 13.10 -47.86
N ALA B 321 -53.45 12.65 -46.76
CA ALA B 321 -52.21 13.28 -46.26
C ALA B 321 -50.94 12.80 -46.98
N ARG B 322 -51.00 11.64 -47.63
CA ARG B 322 -49.86 10.86 -48.14
C ARG B 322 -48.75 10.83 -47.09
N ALA B 323 -49.15 10.63 -45.84
CA ALA B 323 -48.27 10.59 -44.68
C ALA B 323 -48.77 9.49 -43.76
N ALA B 324 -47.94 8.48 -43.53
CA ALA B 324 -48.42 7.29 -42.82
C ALA B 324 -48.63 7.53 -41.32
N GLN B 325 -48.06 8.60 -40.72
CA GLN B 325 -48.20 8.69 -39.28
C GLN B 325 -49.65 8.66 -38.81
N GLY B 326 -50.58 9.19 -39.62
CA GLY B 326 -51.94 9.27 -39.19
C GLY B 326 -52.69 7.96 -39.10
N VAL B 327 -52.07 6.85 -39.48
CA VAL B 327 -52.78 5.58 -39.54
C VAL B 327 -53.30 5.18 -38.16
N ALA B 328 -52.50 5.38 -37.10
CA ALA B 328 -52.98 4.91 -35.81
C ALA B 328 -54.20 5.72 -35.34
N SER B 329 -54.12 7.04 -35.52
CA SER B 329 -55.25 7.90 -35.19
C SER B 329 -56.49 7.53 -36.01
N THR B 330 -56.30 7.21 -37.29
CA THR B 330 -57.43 6.84 -38.13
C THR B 330 -58.10 5.59 -37.63
N VAL B 331 -57.30 4.58 -37.26
CA VAL B 331 -57.90 3.35 -36.80
C VAL B 331 -58.66 3.61 -35.51
N LEU B 332 -58.08 4.48 -34.66
CA LEU B 332 -58.70 4.78 -33.38
C LEU B 332 -60.04 5.44 -33.60
N TYR B 333 -60.02 6.58 -34.32
CA TYR B 333 -61.25 7.36 -34.37
C TYR B 333 -62.26 6.79 -35.36
N TYR B 334 -61.84 6.01 -36.37
CA TYR B 334 -62.87 5.34 -37.16
C TYR B 334 -63.75 4.50 -36.24
N ASN B 335 -63.11 3.75 -35.29
CA ASN B 335 -63.87 2.84 -34.43
C ASN B 335 -64.68 3.61 -33.40
N ASP B 336 -64.06 4.65 -32.80
CA ASP B 336 -64.71 5.47 -31.81
C ASP B 336 -65.96 6.15 -32.39
N ILE B 337 -65.81 6.77 -33.57
CA ILE B 337 -66.93 7.45 -34.17
C ILE B 337 -67.99 6.43 -34.61
N LEU B 338 -67.57 5.29 -35.17
CA LEU B 338 -68.57 4.33 -35.61
C LEU B 338 -69.46 3.90 -34.43
N GLU B 339 -68.84 3.65 -33.26
CA GLU B 339 -69.59 3.18 -32.13
C GLU B 339 -70.59 4.23 -31.65
N TYR B 340 -70.15 5.48 -31.52
CA TYR B 340 -71.12 6.47 -31.07
C TYR B 340 -72.11 6.93 -32.16
N GLU B 341 -71.83 6.67 -33.43
CA GLU B 341 -72.78 6.92 -34.49
C GLU B 341 -73.94 5.93 -34.44
N THR B 342 -73.71 4.71 -33.90
CA THR B 342 -74.66 3.61 -34.05
C THR B 342 -75.07 2.86 -32.79
N GLY B 343 -74.23 2.83 -31.75
CA GLY B 343 -74.51 1.94 -30.64
C GLY B 343 -73.98 0.53 -30.83
N LEU B 344 -73.33 0.25 -31.94
CA LEU B 344 -72.80 -1.07 -32.26
C LEU B 344 -71.38 -1.22 -31.74
N PRO B 345 -70.91 -2.43 -31.55
CA PRO B 345 -69.49 -2.62 -31.23
C PRO B 345 -68.62 -2.38 -32.47
N GLY B 346 -67.48 -1.76 -32.27
CA GLY B 346 -66.57 -1.47 -33.38
C GLY B 346 -65.82 -2.72 -33.79
N VAL B 347 -64.82 -2.51 -34.66
CA VAL B 347 -64.09 -3.62 -35.27
C VAL B 347 -63.41 -4.50 -34.22
N ASP B 348 -63.64 -5.81 -34.30
CA ASP B 348 -62.99 -6.74 -33.36
C ASP B 348 -63.41 -6.46 -31.94
N PHE B 349 -64.66 -5.97 -31.77
CA PHE B 349 -65.31 -5.72 -30.47
C PHE B 349 -64.47 -4.87 -29.54
N GLY B 350 -63.83 -3.84 -30.12
CA GLY B 350 -62.99 -2.94 -29.36
C GLY B 350 -61.51 -3.14 -29.53
N ARG B 351 -61.07 -4.30 -30.01
CA ARG B 351 -59.64 -4.54 -29.94
C ARG B 351 -58.86 -3.78 -31.01
N ALA B 352 -59.47 -3.52 -32.15
CA ALA B 352 -58.80 -2.70 -33.14
C ALA B 352 -58.62 -1.29 -32.64
N MET B 353 -59.67 -0.76 -31.98
CA MET B 353 -59.56 0.54 -31.37
C MET B 353 -58.54 0.56 -30.27
N GLY B 354 -58.56 -0.46 -29.40
CA GLY B 354 -57.58 -0.48 -28.31
C GLY B 354 -56.16 -0.59 -28.84
N THR B 355 -55.98 -1.44 -29.86
CA THR B 355 -54.66 -1.52 -30.50
C THR B 355 -54.21 -0.15 -30.97
N ALA B 356 -55.12 0.58 -31.58
CA ALA B 356 -54.80 1.90 -32.15
C ALA B 356 -54.45 2.90 -31.08
N VAL B 357 -55.01 2.77 -29.89
CA VAL B 357 -54.64 3.72 -28.83
C VAL B 357 -53.19 3.55 -28.47
N GLY B 358 -52.78 2.31 -28.26
CA GLY B 358 -51.39 2.09 -27.88
C GLY B 358 -50.43 2.38 -29.03
N PHE B 359 -50.81 1.98 -30.23
CA PHE B 359 -50.08 2.27 -31.45
C PHE B 359 -49.90 3.78 -31.66
N SER B 360 -50.96 4.57 -31.42
CA SER B 360 -50.81 6.04 -31.49
C SER B 360 -49.77 6.49 -30.50
N PHE B 361 -49.89 5.99 -29.27
CA PHE B 361 -48.99 6.38 -28.20
C PHE B 361 -47.56 5.96 -28.51
N PHE B 362 -47.36 4.71 -28.91
CA PHE B 362 -46.00 4.26 -29.20
C PHE B 362 -45.51 4.66 -30.58
N SER B 363 -46.20 5.58 -31.27
CA SER B 363 -45.66 6.20 -32.48
C SER B 363 -45.65 7.72 -32.35
N HIS B 364 -45.79 8.22 -31.14
CA HIS B 364 -45.69 9.65 -30.88
C HIS B 364 -45.04 9.96 -29.54
N SER B 365 -44.38 8.99 -28.84
CA SER B 365 -43.90 9.21 -27.47
C SER B 365 -42.44 8.76 -27.28
N ILE B 366 -41.91 9.01 -26.08
CA ILE B 366 -40.54 8.63 -25.78
C ILE B 366 -40.35 7.15 -25.43
N TYR B 367 -41.44 6.37 -25.20
CA TYR B 367 -41.34 5.14 -24.41
C TYR B 367 -41.01 3.88 -25.22
N GLY B 368 -41.10 3.93 -26.54
CA GLY B 368 -40.91 2.69 -27.30
C GLY B 368 -41.58 2.84 -28.66
N GLY B 369 -41.81 1.73 -29.30
CA GLY B 369 -42.41 1.83 -30.63
C GLY B 369 -41.45 2.37 -31.69
N GLY B 370 -41.95 3.33 -32.47
CA GLY B 370 -41.26 3.84 -33.65
C GLY B 370 -42.29 4.32 -34.69
N GLY B 371 -41.85 4.51 -35.92
CA GLY B 371 -42.77 4.86 -36.97
C GLY B 371 -43.66 3.66 -37.32
N PRO B 372 -44.74 3.90 -38.08
CA PRO B 372 -45.73 2.82 -38.31
C PRO B 372 -45.17 1.62 -39.05
N GLY B 373 -44.12 1.83 -39.84
CA GLY B 373 -43.56 0.79 -40.70
C GLY B 373 -42.87 -0.33 -39.96
N ILE B 374 -42.49 -0.12 -38.70
CA ILE B 374 -41.75 -1.19 -37.99
C ILE B 374 -42.67 -2.09 -37.16
N PHE B 375 -44.00 -1.86 -37.18
CA PHE B 375 -44.89 -2.67 -36.37
C PHE B 375 -45.33 -3.91 -37.14
N HIS B 376 -45.91 -4.84 -36.39
CA HIS B 376 -46.33 -6.13 -36.91
C HIS B 376 -47.12 -6.85 -35.81
N GLY B 377 -47.68 -8.00 -36.16
CA GLY B 377 -48.57 -8.68 -35.22
C GLY B 377 -47.85 -9.37 -34.07
N ASN B 378 -46.52 -9.51 -34.14
CA ASN B 378 -45.75 -10.09 -33.05
C ASN B 378 -45.10 -8.98 -32.21
N HIS B 379 -45.54 -7.75 -32.40
CA HIS B 379 -45.04 -6.62 -31.61
C HIS B 379 -45.95 -6.43 -30.40
N VAL B 380 -45.38 -6.16 -29.22
CA VAL B 380 -46.22 -6.05 -28.02
C VAL B 380 -47.30 -4.98 -28.20
N VAL B 381 -47.00 -3.93 -28.96
CA VAL B 381 -47.96 -2.82 -29.13
C VAL B 381 -49.15 -3.23 -29.99
N THR B 382 -48.92 -3.92 -31.11
CA THR B 382 -49.96 -4.10 -32.12
C THR B 382 -50.37 -5.57 -32.25
N ARG B 383 -50.17 -6.37 -31.19
CA ARG B 383 -50.60 -7.77 -31.25
C ARG B 383 -52.09 -7.99 -30.95
N HIS B 384 -52.81 -6.97 -30.42
CA HIS B 384 -54.06 -7.20 -29.67
C HIS B 384 -55.27 -7.46 -30.54
N SER B 385 -55.40 -6.76 -31.65
CA SER B 385 -56.48 -7.03 -32.58
C SER B 385 -56.20 -8.34 -33.32
N LYS B 386 -57.23 -9.17 -33.48
CA LYS B 386 -56.96 -10.50 -34.03
C LYS B 386 -57.05 -10.50 -35.55
N GLY B 387 -56.18 -9.67 -36.16
CA GLY B 387 -56.00 -9.63 -37.61
C GLY B 387 -56.61 -8.44 -38.31
N PHE B 388 -57.28 -7.55 -37.59
CA PHE B 388 -58.08 -6.52 -38.23
C PHE B 388 -57.39 -5.17 -38.29
N ALA B 389 -56.20 -5.03 -37.70
CA ALA B 389 -55.58 -3.74 -37.63
C ALA B 389 -54.35 -3.64 -38.52
N LEU B 390 -53.48 -4.65 -38.53
CA LEU B 390 -52.25 -4.49 -39.29
C LEU B 390 -52.45 -4.30 -40.78
N PRO B 391 -53.53 -4.78 -41.42
CA PRO B 391 -53.68 -4.45 -42.85
C PRO B 391 -53.75 -2.96 -43.10
N CYS B 392 -54.24 -2.20 -42.11
CA CYS B 392 -54.31 -0.77 -42.26
C CYS B 392 -52.92 -0.18 -42.31
N VAL B 393 -51.98 -0.75 -41.56
CA VAL B 393 -50.65 -0.21 -41.49
C VAL B 393 -49.91 -0.49 -42.79
N ALA B 394 -50.12 -1.68 -43.35
CA ALA B 394 -49.55 -2.00 -44.66
C ALA B 394 -50.05 -1.02 -45.72
N ALA B 395 -51.37 -0.77 -45.75
CA ALA B 395 -51.91 0.19 -46.71
C ALA B 395 -51.31 1.56 -46.47
N ALA B 396 -51.24 1.97 -45.20
CA ALA B 396 -50.75 3.31 -44.92
C ALA B 396 -49.34 3.51 -45.42
N MET B 397 -48.45 2.55 -45.19
CA MET B 397 -47.07 2.78 -45.60
C MET B 397 -46.91 2.76 -47.11
N CYS B 398 -47.83 2.09 -47.85
CA CYS B 398 -47.85 2.24 -49.30
C CYS B 398 -48.11 3.66 -49.74
N LEU B 399 -48.91 4.39 -48.95
CA LEU B 399 -49.36 5.72 -49.27
C LEU B 399 -48.42 6.80 -48.75
N ASP B 400 -47.44 6.44 -47.93
CA ASP B 400 -46.49 7.45 -47.48
C ASP B 400 -45.60 7.91 -48.64
N ALA B 401 -45.53 9.22 -48.85
CA ALA B 401 -44.79 9.76 -49.98
C ALA B 401 -43.38 10.17 -49.59
N GLY B 402 -42.98 9.93 -48.34
CA GLY B 402 -41.62 10.18 -47.95
C GLY B 402 -41.48 11.02 -46.70
N THR B 403 -42.29 10.75 -45.68
CA THR B 403 -42.29 11.53 -44.46
C THR B 403 -41.57 10.85 -43.29
N GLN B 404 -41.17 9.58 -43.45
CA GLN B 404 -40.64 8.74 -42.38
C GLN B 404 -39.11 8.66 -42.39
N MET B 405 -38.53 8.59 -41.18
CA MET B 405 -37.10 8.26 -41.14
C MET B 405 -36.90 6.76 -41.34
N PHE B 406 -37.72 5.95 -40.69
CA PHE B 406 -37.65 4.49 -40.82
C PHE B 406 -38.61 4.06 -41.92
N SER B 407 -38.22 4.43 -43.13
CA SER B 407 -38.95 4.22 -44.36
C SER B 407 -38.69 2.79 -44.85
N VAL B 408 -39.44 2.41 -45.89
CA VAL B 408 -39.25 1.10 -46.52
C VAL B 408 -37.81 0.90 -46.94
N GLU B 409 -37.25 1.96 -47.49
CA GLU B 409 -35.94 1.98 -48.09
C GLU B 409 -34.91 1.74 -47.02
N LYS B 410 -35.14 2.33 -45.86
CA LYS B 410 -34.23 2.19 -44.72
C LYS B 410 -34.35 0.81 -44.03
N THR B 411 -35.56 0.31 -43.86
CA THR B 411 -35.73 -0.92 -43.09
C THR B 411 -35.77 -2.17 -43.95
N SER B 412 -36.08 -2.01 -45.23
CA SER B 412 -36.52 -3.11 -46.08
C SER B 412 -35.91 -2.97 -47.48
N GLY B 413 -34.70 -2.38 -47.55
CA GLY B 413 -34.14 -1.90 -48.81
C GLY B 413 -33.91 -2.96 -49.87
N LEU B 414 -33.62 -4.20 -49.47
CA LEU B 414 -33.36 -5.28 -50.41
C LEU B 414 -34.52 -6.28 -50.48
N ILE B 415 -35.52 -6.14 -49.59
CA ILE B 415 -36.66 -7.05 -49.49
C ILE B 415 -37.40 -7.18 -50.81
N GLY B 416 -37.64 -6.06 -51.50
CA GLY B 416 -38.29 -6.13 -52.80
C GLY B 416 -37.49 -6.90 -53.83
N SER B 417 -36.18 -6.63 -53.93
CA SER B 417 -35.43 -7.30 -54.97
C SER B 417 -35.31 -8.78 -54.67
N VAL B 418 -35.41 -9.18 -53.40
CA VAL B 418 -35.26 -10.60 -53.07
C VAL B 418 -36.57 -11.36 -53.22
N TYR B 419 -37.69 -10.82 -52.74
CA TYR B 419 -38.94 -11.57 -52.64
C TYR B 419 -40.04 -11.16 -53.60
N SER B 420 -40.01 -9.93 -54.16
CA SER B 420 -41.21 -9.43 -54.83
C SER B 420 -41.42 -10.10 -56.16
N GLU B 421 -40.46 -10.88 -56.66
CA GLU B 421 -40.71 -11.61 -57.90
C GLU B 421 -41.58 -12.85 -57.68
N ILE B 422 -41.84 -13.23 -56.44
CA ILE B 422 -42.75 -14.33 -56.15
C ILE B 422 -44.19 -13.84 -56.36
N ASP B 423 -44.87 -14.37 -57.38
CA ASP B 423 -46.16 -13.80 -57.83
C ASP B 423 -47.20 -13.76 -56.71
N TYR B 424 -47.32 -14.86 -55.97
CA TYR B 424 -48.28 -14.97 -54.87
C TYR B 424 -47.99 -13.95 -53.78
N PHE B 425 -46.71 -13.64 -53.54
CA PHE B 425 -46.38 -12.63 -52.52
C PHE B 425 -46.75 -11.25 -53.04
N ARG B 426 -46.35 -10.97 -54.27
CA ARG B 426 -46.49 -9.63 -54.82
C ARG B 426 -47.94 -9.34 -55.16
N GLU B 427 -48.66 -10.31 -55.71
CA GLU B 427 -50.02 -10.07 -56.17
C GLU B 427 -50.97 -11.10 -55.53
N PRO B 428 -51.19 -11.01 -54.23
CA PRO B 428 -51.92 -12.07 -53.55
C PRO B 428 -53.40 -12.10 -53.93
N ILE B 429 -54.02 -10.93 -54.22
CA ILE B 429 -55.48 -10.94 -54.44
C ILE B 429 -55.83 -11.78 -55.65
N VAL B 430 -55.23 -11.46 -56.81
CA VAL B 430 -55.61 -12.18 -58.01
C VAL B 430 -55.28 -13.66 -57.89
N ASN B 431 -54.17 -13.99 -57.20
CA ASN B 431 -53.78 -15.40 -57.13
C ASN B 431 -54.60 -16.17 -56.10
N VAL B 432 -55.04 -15.52 -55.02
CA VAL B 432 -55.94 -16.20 -54.11
C VAL B 432 -57.28 -16.46 -54.81
N ALA B 433 -57.73 -15.49 -55.63
CA ALA B 433 -58.97 -15.71 -56.37
C ALA B 433 -58.85 -16.87 -57.33
N LYS B 434 -57.70 -16.99 -57.98
CA LYS B 434 -57.55 -18.10 -58.86
C LYS B 434 -57.49 -19.44 -58.09
N GLY B 435 -56.90 -19.45 -56.89
CA GLY B 435 -56.97 -20.64 -56.06
C GLY B 435 -58.40 -20.97 -55.66
N ALA B 436 -59.19 -19.93 -55.33
CA ALA B 436 -60.58 -20.14 -54.97
C ALA B 436 -61.36 -20.73 -56.13
N ALA B 437 -61.12 -20.25 -57.35
CA ALA B 437 -61.82 -20.81 -58.49
C ALA B 437 -61.46 -22.28 -58.68
N GLU B 438 -60.21 -22.64 -58.35
CA GLU B 438 -59.76 -24.02 -58.51
C GLU B 438 -60.51 -25.00 -57.62
N ILE B 439 -60.94 -24.58 -56.42
CA ILE B 439 -61.55 -25.52 -55.48
C ILE B 439 -63.02 -25.24 -55.24
N LYS B 440 -63.60 -24.22 -55.86
CA LYS B 440 -64.93 -23.76 -55.45
C LYS B 440 -65.97 -24.87 -55.47
N ASP B 441 -65.88 -25.79 -56.43
CA ASP B 441 -66.91 -26.82 -56.52
C ASP B 441 -66.51 -28.10 -55.81
N GLN B 442 -65.34 -28.12 -55.21
CA GLN B 442 -64.94 -29.25 -54.39
C GLN B 442 -65.47 -29.10 -52.97
N LEU B 443 -65.85 -27.89 -52.57
CA LEU B 443 -66.48 -27.62 -51.29
C LEU B 443 -67.96 -28.00 -51.38
N SER C 2 -80.41 6.63 -48.87
CA SER C 2 -79.82 7.81 -48.24
C SER C 2 -79.57 7.50 -46.76
N TYR C 3 -78.79 8.36 -46.10
CA TYR C 3 -78.46 8.17 -44.68
C TYR C 3 -78.20 9.50 -43.98
N LYS C 4 -78.96 9.77 -42.92
CA LYS C 4 -78.78 10.90 -41.96
C LYS C 4 -77.90 10.55 -40.75
N ALA C 5 -76.67 11.12 -40.73
CA ALA C 5 -75.74 10.89 -39.64
C ALA C 5 -76.34 11.37 -38.33
N GLN C 6 -76.02 10.65 -37.25
CA GLN C 6 -76.50 10.88 -35.88
C GLN C 6 -75.48 11.50 -34.96
N TYR C 7 -74.18 11.22 -35.17
CA TYR C 7 -72.98 11.79 -34.51
C TYR C 7 -72.76 11.29 -33.08
N THR C 8 -73.73 11.44 -32.19
CA THR C 8 -73.53 10.96 -30.83
C THR C 8 -74.90 10.85 -30.12
N PRO C 9 -75.04 9.93 -29.18
CA PRO C 9 -76.31 9.81 -28.46
C PRO C 9 -76.41 10.85 -27.36
N GLY C 10 -77.63 11.10 -26.92
CA GLY C 10 -77.84 11.90 -25.73
C GLY C 10 -78.99 12.87 -25.85
N GLU C 11 -79.61 13.17 -24.70
CA GLU C 11 -80.85 13.93 -24.66
C GLU C 11 -80.65 15.32 -24.11
N THR C 12 -79.43 15.67 -23.72
CA THR C 12 -79.16 16.93 -23.04
C THR C 12 -78.53 17.92 -24.01
N ARG C 13 -78.42 19.15 -23.54
CA ARG C 13 -77.78 20.20 -24.35
C ARG C 13 -76.32 19.86 -24.65
N ILE C 14 -75.66 19.18 -23.72
CA ILE C 14 -74.26 18.83 -23.90
C ILE C 14 -74.10 17.91 -25.10
N ALA C 15 -74.99 16.94 -25.22
CA ALA C 15 -74.92 16.04 -26.37
C ALA C 15 -75.16 16.80 -27.66
N GLU C 16 -76.15 17.69 -27.69
CA GLU C 16 -76.40 18.41 -28.93
C GLU C 16 -75.21 19.29 -29.29
N ASN C 17 -74.57 19.90 -28.28
CA ASN C 17 -73.34 20.65 -28.58
C ASN C 17 -72.28 19.77 -29.26
N ARG C 18 -72.09 18.53 -28.77
CA ARG C 18 -71.17 17.58 -29.40
C ARG C 18 -71.57 17.29 -30.82
N ARG C 19 -72.86 17.13 -31.06
CA ARG C 19 -73.31 16.83 -32.41
C ARG C 19 -73.08 18.01 -33.33
N LYS C 20 -73.30 19.22 -32.83
CA LYS C 20 -73.06 20.40 -33.66
C LYS C 20 -71.59 20.49 -34.06
N HIS C 21 -70.69 20.19 -33.13
CA HIS C 21 -69.26 20.25 -33.45
C HIS C 21 -68.96 19.27 -34.55
N MET C 22 -69.57 18.08 -34.49
CA MET C 22 -69.18 17.02 -35.40
C MET C 22 -69.80 17.19 -36.78
N ASN C 23 -71.00 17.79 -36.85
CA ASN C 23 -71.74 17.89 -38.09
C ASN C 23 -71.05 18.81 -39.08
N PRO C 24 -70.55 18.33 -40.22
CA PRO C 24 -69.82 19.21 -41.16
C PRO C 24 -70.70 20.28 -41.78
N ASP C 25 -72.01 20.08 -41.76
CA ASP C 25 -72.94 21.04 -42.31
C ASP C 25 -73.38 22.04 -41.27
N TYR C 26 -72.93 21.89 -40.02
CA TYR C 26 -73.19 22.90 -39.02
C TYR C 26 -72.08 23.97 -39.08
N GLU C 27 -72.47 25.21 -39.34
CA GLU C 27 -71.47 26.26 -39.50
C GLU C 27 -71.04 26.77 -38.12
N LEU C 28 -69.75 26.61 -37.81
CA LEU C 28 -69.21 27.06 -36.53
C LEU C 28 -69.24 28.59 -36.49
N ARG C 29 -69.70 29.17 -35.38
CA ARG C 29 -69.80 30.61 -35.31
C ARG C 29 -68.43 31.21 -35.12
N LYS C 30 -68.14 32.28 -35.82
CA LYS C 30 -66.88 32.97 -35.59
C LYS C 30 -67.07 34.02 -34.48
N LEU C 31 -66.25 33.94 -33.44
CA LEU C 31 -66.27 34.82 -32.30
C LEU C 31 -65.17 35.89 -32.32
N ARG C 32 -64.16 35.72 -33.17
CA ARG C 32 -63.05 36.66 -33.26
C ARG C 32 -62.39 36.49 -34.63
N GLU C 33 -61.52 37.42 -34.97
CA GLU C 33 -60.67 37.24 -36.13
C GLU C 33 -59.21 37.40 -35.75
N ILE C 34 -58.36 36.63 -36.40
CA ILE C 34 -56.92 36.71 -36.22
C ILE C 34 -56.32 36.79 -37.60
N SER C 35 -55.29 37.64 -37.78
CA SER C 35 -54.67 37.75 -39.09
C SER C 35 -53.86 36.49 -39.43
N ASP C 36 -53.59 36.33 -40.72
CA ASP C 36 -52.74 35.22 -41.15
C ASP C 36 -51.35 35.31 -40.52
N GLU C 37 -50.78 36.51 -40.50
CA GLU C 37 -49.47 36.71 -39.87
C GLU C 37 -49.49 36.27 -38.41
N ASP C 38 -50.46 36.78 -37.62
CA ASP C 38 -50.51 36.45 -36.18
C ASP C 38 -50.76 34.97 -35.93
N LEU C 39 -51.57 34.32 -36.75
CA LEU C 39 -51.73 32.88 -36.57
C LEU C 39 -50.41 32.15 -36.81
N VAL C 40 -49.73 32.47 -37.91
CA VAL C 40 -48.43 31.86 -38.19
C VAL C 40 -47.45 32.12 -37.07
N LYS C 41 -47.47 33.34 -36.51
CA LYS C 41 -46.57 33.69 -35.42
C LYS C 41 -46.84 32.83 -34.18
N VAL C 42 -48.10 32.60 -33.84
CA VAL C 42 -48.39 31.82 -32.63
C VAL C 42 -48.11 30.34 -32.84
N LEU C 43 -48.39 29.81 -34.03
CA LEU C 43 -47.96 28.44 -34.36
C LEU C 43 -46.47 28.26 -34.14
N GLY C 44 -45.66 29.25 -34.54
CA GLY C 44 -44.25 29.28 -34.26
C GLY C 44 -43.37 28.43 -35.18
N HIS C 45 -43.92 27.87 -36.25
CA HIS C 45 -43.09 27.01 -37.09
C HIS C 45 -42.32 27.74 -38.18
N ARG C 46 -42.82 28.89 -38.65
CA ARG C 46 -42.21 29.56 -39.79
C ARG C 46 -42.50 31.05 -39.65
N ASN C 47 -41.80 31.84 -40.43
CA ASN C 47 -42.15 33.27 -40.44
C ASN C 47 -43.04 33.55 -41.63
N PRO C 48 -44.02 34.44 -41.53
CA PRO C 48 -44.87 34.72 -42.70
C PRO C 48 -44.02 35.26 -43.85
N GLY C 49 -44.37 34.86 -45.07
CA GLY C 49 -43.59 35.26 -46.22
C GLY C 49 -42.51 34.26 -46.63
N GLU C 50 -42.07 33.41 -45.71
CA GLU C 50 -41.11 32.37 -46.08
C GLU C 50 -41.84 31.31 -46.90
N SER C 51 -41.17 30.82 -47.94
CA SER C 51 -41.71 29.70 -48.72
C SER C 51 -41.99 28.50 -47.81
N TYR C 52 -43.05 27.76 -48.10
CA TYR C 52 -43.29 26.52 -47.35
C TYR C 52 -42.15 25.54 -47.57
N LYS C 53 -41.70 24.87 -46.49
CA LYS C 53 -40.55 23.97 -46.58
C LYS C 53 -41.05 22.55 -46.77
N SER C 54 -40.43 21.84 -47.69
CA SER C 54 -40.84 20.47 -48.01
C SER C 54 -40.15 19.46 -47.11
N VAL C 55 -40.74 18.27 -47.05
CA VAL C 55 -40.08 17.11 -46.46
C VAL C 55 -39.76 16.07 -47.53
N HIS C 56 -40.41 16.12 -48.70
CA HIS C 56 -40.11 15.24 -49.83
C HIS C 56 -40.49 15.97 -51.11
N PRO C 57 -40.05 15.47 -52.26
CA PRO C 57 -40.35 16.16 -53.55
C PRO C 57 -41.84 16.22 -53.82
N PRO C 58 -42.26 17.00 -54.83
CA PRO C 58 -43.68 17.04 -55.19
C PRO C 58 -44.23 15.63 -55.43
N LEU C 59 -45.49 15.47 -55.07
CA LEU C 59 -46.13 14.16 -55.01
C LEU C 59 -46.10 13.46 -56.37
N ASP C 60 -46.22 14.22 -57.45
CA ASP C 60 -46.24 13.58 -58.75
C ASP C 60 -44.91 12.95 -59.13
N GLU C 61 -43.86 13.09 -58.32
CA GLU C 61 -42.63 12.37 -58.60
C GLU C 61 -42.53 11.07 -57.80
N MET C 62 -43.50 10.80 -56.93
CA MET C 62 -43.47 9.62 -56.06
C MET C 62 -44.27 8.45 -56.59
N ASP C 63 -44.98 8.64 -57.69
CA ASP C 63 -45.94 7.65 -58.16
C ASP C 63 -45.35 6.97 -59.40
N PHE C 64 -44.50 5.95 -59.16
CA PHE C 64 -43.71 5.31 -60.22
C PHE C 64 -44.52 4.27 -61.00
N GLU C 65 -45.49 3.69 -60.33
CA GLU C 65 -46.35 2.59 -60.73
C GLU C 65 -47.83 2.85 -60.54
N GLU C 66 -48.60 2.23 -61.42
CA GLU C 66 -50.04 2.34 -61.33
C GLU C 66 -50.52 1.76 -59.99
N ASP C 67 -51.36 2.51 -59.32
CA ASP C 67 -52.04 2.09 -58.09
C ASP C 67 -53.43 2.68 -58.20
N ILE C 68 -54.38 1.88 -58.66
CA ILE C 68 -55.72 2.41 -58.92
C ILE C 68 -56.37 2.91 -57.63
N VAL C 69 -56.20 2.17 -56.52
CA VAL C 69 -56.81 2.58 -55.26
C VAL C 69 -56.20 3.88 -54.76
N ARG C 70 -54.87 4.00 -54.83
CA ARG C 70 -54.20 5.26 -54.44
C ARG C 70 -54.79 6.47 -55.18
N ASP C 71 -55.00 6.33 -56.49
CA ASP C 71 -55.49 7.46 -57.28
C ASP C 71 -56.97 7.70 -57.10
N LEU C 72 -57.67 6.85 -56.34
CA LEU C 72 -59.05 7.17 -55.97
C LEU C 72 -59.10 8.33 -54.97
N VAL C 73 -58.02 8.59 -54.24
CA VAL C 73 -58.08 9.54 -53.13
C VAL C 73 -57.41 10.87 -53.52
N GLU C 74 -58.12 11.95 -53.32
CA GLU C 74 -57.55 13.29 -53.62
C GLU C 74 -56.57 13.71 -52.53
N PRO C 75 -55.32 13.98 -52.86
CA PRO C 75 -54.37 14.42 -51.84
C PRO C 75 -54.63 15.87 -51.49
N ILE C 76 -54.42 16.21 -50.22
CA ILE C 76 -54.61 17.62 -49.85
C ILE C 76 -53.46 18.42 -50.43
N GLN C 77 -53.64 19.74 -50.52
CA GLN C 77 -52.70 20.55 -51.29
C GLN C 77 -51.29 20.45 -50.71
N GLY C 78 -51.18 20.42 -49.36
CA GLY C 78 -49.89 20.29 -48.73
C GLY C 78 -49.20 19.01 -49.12
N ALA C 79 -49.99 17.94 -49.36
CA ALA C 79 -49.38 16.68 -49.76
C ALA C 79 -48.87 16.77 -51.20
N LYS C 80 -49.67 17.40 -52.07
CA LYS C 80 -49.25 17.59 -53.47
C LYS C 80 -47.92 18.28 -53.53
N GLU C 81 -47.69 19.22 -52.63
CA GLU C 81 -46.50 20.04 -52.66
C GLU C 81 -45.38 19.47 -51.82
N GLY C 82 -45.63 18.39 -51.07
CA GLY C 82 -44.58 17.79 -50.26
C GLY C 82 -44.21 18.57 -49.02
N VAL C 83 -45.10 19.47 -48.58
CA VAL C 83 -44.80 20.32 -47.42
C VAL C 83 -44.64 19.46 -46.16
N ARG C 84 -43.71 19.85 -45.33
CA ARG C 84 -43.55 19.24 -44.02
C ARG C 84 -44.82 19.22 -43.18
N VAL C 85 -44.89 18.27 -42.24
CA VAL C 85 -45.96 18.13 -41.29
C VAL C 85 -45.66 18.97 -40.06
N ARG C 86 -46.64 19.75 -39.60
CA ARG C 86 -46.45 20.53 -38.39
C ARG C 86 -47.70 20.35 -37.53
N TYR C 87 -47.79 21.05 -36.39
CA TYR C 87 -48.83 20.74 -35.41
C TYR C 87 -49.44 22.01 -34.80
N ILE C 88 -50.64 21.84 -34.27
CA ILE C 88 -51.19 22.76 -33.26
C ILE C 88 -51.71 21.90 -32.09
N GLN C 89 -51.58 22.41 -30.88
CA GLN C 89 -51.98 21.67 -29.69
CA GLN C 89 -51.98 21.67 -29.69
C GLN C 89 -52.70 22.58 -28.71
N PHE C 90 -53.79 22.07 -28.13
CA PHE C 90 -54.62 22.85 -27.19
C PHE C 90 -54.75 22.07 -25.89
N ALA C 91 -54.72 22.80 -24.77
CA ALA C 91 -55.32 22.39 -23.52
C ALA C 91 -56.68 23.08 -23.36
N ASP C 92 -57.69 22.34 -22.86
CA ASP C 92 -59.05 22.81 -22.66
C ASP C 92 -59.41 22.70 -21.18
N SER C 93 -59.77 23.81 -20.57
CA SER C 93 -60.11 23.78 -19.16
C SER C 93 -61.31 22.87 -18.92
N MET C 94 -61.26 22.09 -17.83
CA MET C 94 -62.43 21.35 -17.39
C MET C 94 -63.51 22.26 -16.82
N TYR C 95 -63.23 23.55 -16.67
CA TYR C 95 -64.29 24.48 -16.31
C TYR C 95 -64.99 25.00 -17.57
N ASN C 96 -65.59 24.04 -18.30
CA ASN C 96 -66.50 24.31 -19.42
C ASN C 96 -65.82 25.00 -20.60
N ALA C 97 -64.55 24.67 -20.89
CA ALA C 97 -63.97 25.10 -22.17
C ALA C 97 -64.91 24.68 -23.30
N PRO C 98 -65.03 25.49 -24.35
CA PRO C 98 -66.08 25.25 -25.35
C PRO C 98 -65.79 24.07 -26.25
N ALA C 99 -64.56 23.57 -26.29
CA ALA C 99 -64.24 22.31 -26.94
C ALA C 99 -63.49 21.42 -25.93
N GLN C 100 -63.52 20.11 -26.13
CA GLN C 100 -62.93 19.19 -25.17
C GLN C 100 -62.22 18.11 -25.97
N PRO C 101 -61.30 17.31 -25.34
CA PRO C 101 -60.35 16.53 -26.16
C PRO C 101 -60.96 15.50 -27.12
N TYR C 102 -61.79 14.55 -26.67
CA TYR C 102 -62.35 13.61 -27.66
C TYR C 102 -63.35 14.29 -28.59
N ASP C 103 -64.05 15.30 -28.09
CA ASP C 103 -64.93 16.10 -28.93
C ASP C 103 -64.15 16.66 -30.12
N ARG C 104 -62.94 17.21 -29.86
CA ARG C 104 -62.07 17.67 -30.94
C ARG C 104 -61.72 16.56 -31.93
N ALA C 105 -61.20 15.44 -31.43
CA ALA C 105 -60.79 14.32 -32.31
C ALA C 105 -61.94 13.89 -33.23
N ARG C 106 -63.13 13.74 -32.64
CA ARG C 106 -64.31 13.36 -33.42
C ARG C 106 -64.72 14.47 -34.40
N THR C 107 -64.69 15.72 -33.97
CA THR C 107 -64.95 16.83 -34.90
C THR C 107 -63.96 16.82 -36.07
N TYR C 108 -62.65 16.69 -35.80
CA TYR C 108 -61.65 16.76 -36.86
C TYR C 108 -61.82 15.67 -37.88
N MET C 109 -62.09 14.42 -37.42
CA MET C 109 -62.21 13.28 -38.32
C MET C 109 -63.50 13.33 -39.18
N TRP C 110 -64.51 14.08 -38.75
CA TRP C 110 -65.67 14.31 -39.61
C TRP C 110 -65.45 15.49 -40.56
N ARG C 111 -64.83 16.57 -40.08
CA ARG C 111 -64.78 17.80 -40.86
C ARG C 111 -63.57 17.91 -41.78
N TYR C 112 -62.41 17.36 -41.43
CA TYR C 112 -61.15 17.71 -42.09
C TYR C 112 -60.49 16.50 -42.73
N ARG C 113 -59.69 16.77 -43.74
CA ARG C 113 -59.06 15.73 -44.55
C ARG C 113 -57.59 15.61 -44.17
N GLY C 114 -57.08 14.37 -44.13
CA GLY C 114 -55.64 14.14 -43.93
C GLY C 114 -55.17 14.50 -42.53
N VAL C 115 -55.91 14.00 -41.55
CA VAL C 115 -55.75 14.32 -40.13
C VAL C 115 -54.90 13.26 -39.41
N ASP C 116 -53.95 13.71 -38.57
CA ASP C 116 -53.33 12.82 -37.54
C ASP C 116 -53.63 13.49 -36.20
N THR C 117 -54.52 12.94 -35.38
CA THR C 117 -54.89 13.70 -34.18
C THR C 117 -54.76 12.84 -32.95
N GLY C 118 -54.23 13.43 -31.88
CA GLY C 118 -54.01 12.67 -30.65
C GLY C 118 -54.74 13.27 -29.49
N THR C 119 -55.47 12.45 -28.72
CA THR C 119 -56.25 12.92 -27.58
C THR C 119 -55.62 12.47 -26.27
N LEU C 120 -55.48 13.41 -25.33
CA LEU C 120 -54.93 13.13 -24.01
C LEU C 120 -55.77 13.93 -23.01
N SER C 121 -55.64 13.65 -21.72
CA SER C 121 -56.45 14.39 -20.77
C SER C 121 -56.07 15.87 -20.79
N GLY C 122 -54.76 16.17 -20.91
CA GLY C 122 -54.27 17.53 -20.75
C GLY C 122 -53.96 18.31 -22.02
N ARG C 123 -54.14 17.70 -23.18
CA ARG C 123 -53.87 18.42 -24.41
C ARG C 123 -54.42 17.57 -25.55
N GLN C 124 -54.59 18.22 -26.71
CA GLN C 124 -55.15 17.57 -27.89
C GLN C 124 -54.36 18.12 -29.05
N VAL C 125 -53.78 17.26 -29.88
CA VAL C 125 -52.84 17.68 -30.90
C VAL C 125 -53.39 17.29 -32.25
N ILE C 126 -53.16 18.17 -33.28
CA ILE C 126 -53.33 17.80 -34.70
C ILE C 126 -52.00 17.98 -35.39
N GLU C 127 -51.57 16.98 -36.13
CA GLU C 127 -50.40 17.06 -36.99
C GLU C 127 -50.91 16.91 -38.41
N MET C 128 -50.51 17.82 -39.27
CA MET C 128 -51.03 17.92 -40.63
C MET C 128 -50.00 18.60 -41.51
N ARG C 129 -50.06 18.34 -42.81
CA ARG C 129 -49.25 19.11 -43.75
C ARG C 129 -49.44 20.59 -43.42
N GLU C 130 -48.33 21.28 -43.25
CA GLU C 130 -48.34 22.59 -42.63
C GLU C 130 -49.20 23.56 -43.43
N LEU C 131 -49.20 23.41 -44.74
CA LEU C 131 -50.01 24.32 -45.55
C LEU C 131 -51.47 24.22 -45.12
N ASP C 132 -51.96 22.99 -45.00
CA ASP C 132 -53.37 22.77 -44.67
C ASP C 132 -53.60 22.96 -43.18
N LEU C 133 -52.58 22.71 -42.37
CA LEU C 133 -52.69 23.01 -40.93
C LEU C 133 -53.10 24.47 -40.68
N GLU C 134 -52.52 25.39 -41.42
CA GLU C 134 -52.78 26.82 -41.16
C GLU C 134 -54.23 27.18 -41.46
N GLY C 135 -54.81 26.61 -42.51
CA GLY C 135 -56.24 26.85 -42.75
C GLY C 135 -57.12 26.29 -41.64
N VAL C 136 -56.87 25.04 -41.25
CA VAL C 136 -57.61 24.41 -40.16
C VAL C 136 -57.42 25.18 -38.87
N SER C 137 -56.17 25.54 -38.52
CA SER C 137 -55.92 26.23 -37.26
C SER C 137 -56.70 27.54 -37.18
N LYS C 138 -56.85 28.25 -38.30
CA LYS C 138 -57.54 29.54 -38.22
C LYS C 138 -58.97 29.35 -37.74
N GLU C 139 -59.62 28.30 -38.27
CA GLU C 139 -60.96 27.97 -37.82
C GLU C 139 -60.95 27.54 -36.37
N LEU C 140 -59.93 26.82 -35.94
CA LEU C 140 -59.93 26.34 -34.57
C LEU C 140 -59.73 27.47 -33.58
N VAL C 141 -59.15 28.60 -34.00
CA VAL C 141 -58.93 29.67 -33.04
CA VAL C 141 -58.88 29.72 -33.10
C VAL C 141 -59.98 30.77 -33.21
N GLU C 142 -60.56 30.95 -34.41
CA GLU C 142 -61.54 32.03 -34.59
C GLU C 142 -62.98 31.72 -34.12
N THR C 143 -63.36 30.43 -34.04
CA THR C 143 -64.73 29.97 -33.84
C THR C 143 -64.99 29.70 -32.37
N GLU C 144 -66.21 29.26 -32.10
CA GLU C 144 -66.65 28.91 -30.78
C GLU C 144 -65.98 27.66 -30.21
N LEU C 145 -65.05 27.05 -30.96
CA LEU C 145 -64.24 25.99 -30.40
C LEU C 145 -63.15 26.54 -29.52
N PHE C 146 -63.01 27.86 -29.44
CA PHE C 146 -61.87 28.47 -28.75
C PHE C 146 -62.37 29.57 -27.82
N ASP C 147 -61.85 29.56 -26.61
CA ASP C 147 -62.08 30.64 -25.63
C ASP C 147 -60.70 31.02 -25.10
N PRO C 148 -60.23 32.26 -25.25
CA PRO C 148 -58.84 32.48 -24.89
C PRO C 148 -58.57 32.29 -23.43
N ALA C 149 -59.59 32.32 -22.58
CA ALA C 149 -59.34 32.10 -21.16
C ALA C 149 -59.29 30.60 -20.81
N THR C 150 -60.04 29.76 -21.52
CA THR C 150 -60.15 28.35 -21.15
C THR C 150 -59.55 27.40 -22.17
N THR C 151 -59.08 27.89 -23.31
CA THR C 151 -58.44 27.09 -24.35
C THR C 151 -57.02 27.62 -24.55
N GLY C 152 -56.00 26.91 -24.10
CA GLY C 152 -54.65 27.39 -24.16
C GLY C 152 -53.89 26.75 -25.31
N ILE C 153 -53.24 27.58 -26.12
CA ILE C 153 -52.39 27.03 -27.19
C ILE C 153 -51.03 26.68 -26.60
N ARG C 154 -50.63 25.41 -26.70
CA ARG C 154 -49.39 25.04 -25.97
C ARG C 154 -48.84 23.71 -26.45
N GLY C 155 -47.55 23.70 -26.85
CA GLY C 155 -46.95 22.49 -27.38
C GLY C 155 -46.09 21.71 -26.39
N ALA C 156 -45.90 22.28 -25.19
CA ALA C 156 -45.02 21.70 -24.19
C ALA C 156 -45.37 22.32 -22.86
N THR C 157 -45.18 21.53 -21.80
CA THR C 157 -45.48 22.00 -20.44
C THR C 157 -46.94 22.45 -20.39
N VAL C 158 -47.83 21.49 -20.64
CA VAL C 158 -49.22 21.80 -20.88
C VAL C 158 -50.13 21.81 -19.65
N HIS C 159 -49.60 21.45 -18.48
CA HIS C 159 -50.34 21.41 -17.23
C HIS C 159 -51.39 22.52 -17.19
N GLY C 160 -52.63 22.21 -16.79
CA GLY C 160 -53.57 23.28 -16.48
C GLY C 160 -55.02 22.92 -16.75
N HIS C 161 -55.29 21.89 -17.58
CA HIS C 161 -56.70 21.59 -17.86
C HIS C 161 -57.50 21.33 -16.59
N SER C 162 -56.88 20.71 -15.57
CA SER C 162 -57.57 20.27 -14.37
C SER C 162 -57.38 21.25 -13.21
N LEU C 163 -56.67 22.35 -13.43
CA LEU C 163 -56.41 23.27 -12.34
C LEU C 163 -57.52 24.30 -12.18
N ARG C 164 -57.57 24.87 -10.99
CA ARG C 164 -58.39 26.04 -10.74
C ARG C 164 -57.98 27.20 -11.66
N LEU C 165 -58.95 28.04 -12.02
CA LEU C 165 -58.63 29.19 -12.86
C LEU C 165 -57.91 30.24 -12.03
N ASP C 166 -57.12 31.09 -12.71
CA ASP C 166 -56.43 32.12 -11.93
C ASP C 166 -57.41 33.25 -11.54
N GLU C 167 -56.91 34.26 -10.84
CA GLU C 167 -57.78 35.31 -10.34
C GLU C 167 -58.41 36.14 -11.46
N ASN C 168 -57.91 36.05 -12.68
CA ASN C 168 -58.60 36.73 -13.78
C ASN C 168 -59.50 35.81 -14.57
N GLY C 169 -59.66 34.56 -14.13
CA GLY C 169 -60.47 33.61 -14.85
C GLY C 169 -59.77 32.89 -15.98
N LEU C 170 -58.44 32.98 -16.10
CA LEU C 170 -57.69 32.31 -17.16
C LEU C 170 -57.13 30.98 -16.63
N MET C 171 -57.04 30.00 -17.51
CA MET C 171 -56.35 28.74 -17.19
C MET C 171 -54.86 28.96 -16.90
N PHE C 172 -54.38 28.20 -15.93
CA PHE C 172 -52.96 28.10 -15.61
C PHE C 172 -52.12 27.82 -16.85
N ASP C 173 -50.96 28.47 -16.93
CA ASP C 173 -49.95 28.12 -17.94
C ASP C 173 -48.61 28.32 -17.28
N ALA C 174 -47.88 27.23 -16.98
CA ALA C 174 -46.59 27.39 -16.27
C ALA C 174 -45.61 28.25 -17.07
N LEU C 175 -45.71 28.27 -18.40
CA LEU C 175 -44.86 29.15 -19.20
C LEU C 175 -45.48 30.54 -19.48
N GLN C 176 -46.72 30.78 -19.05
CA GLN C 176 -47.46 32.03 -19.28
C GLN C 176 -47.34 32.54 -20.72
N ARG C 177 -47.77 31.69 -21.66
CA ARG C 177 -47.69 32.06 -23.06
C ARG C 177 -48.69 33.15 -23.38
N TYR C 178 -49.75 33.28 -22.57
CA TYR C 178 -50.69 34.38 -22.67
C TYR C 178 -50.85 35.01 -21.30
N VAL C 179 -51.22 36.29 -21.31
CA VAL C 179 -51.42 37.07 -20.09
C VAL C 179 -52.71 37.87 -20.23
N PHE C 180 -53.27 38.26 -19.09
CA PHE C 180 -54.48 39.06 -19.05
C PHE C 180 -54.07 40.53 -19.08
N ASP C 181 -54.59 41.29 -20.04
CA ASP C 181 -54.31 42.72 -20.10
C ASP C 181 -55.35 43.42 -19.25
N GLU C 182 -54.92 43.96 -18.12
CA GLU C 182 -55.88 44.54 -17.19
C GLU C 182 -56.45 45.84 -17.74
N GLU C 183 -55.72 46.49 -18.64
CA GLU C 183 -56.24 47.74 -19.18
C GLU C 183 -57.43 47.47 -20.10
N THR C 184 -57.45 46.32 -20.80
CA THR C 184 -58.50 46.08 -21.79
C THR C 184 -59.40 44.91 -21.47
N GLY C 185 -59.00 43.98 -20.60
CA GLY C 185 -59.79 42.80 -20.43
C GLY C 185 -59.53 41.73 -21.46
N HIS C 186 -58.55 41.92 -22.35
CA HIS C 186 -58.26 40.92 -23.37
C HIS C 186 -57.17 39.96 -22.93
N VAL C 187 -57.17 38.76 -23.54
CA VAL C 187 -56.09 37.78 -23.34
C VAL C 187 -55.11 37.95 -24.48
N VAL C 188 -53.83 38.11 -24.17
CA VAL C 188 -52.85 38.48 -25.18
C VAL C 188 -51.75 37.43 -25.20
N TYR C 189 -51.44 36.88 -26.36
CA TYR C 189 -50.31 35.94 -26.42
C TYR C 189 -48.98 36.70 -26.52
N VAL C 190 -48.07 36.42 -25.59
CA VAL C 190 -46.73 37.00 -25.63
C VAL C 190 -45.66 35.99 -26.03
N LYS C 191 -45.99 34.69 -26.09
CA LYS C 191 -45.10 33.63 -26.54
C LYS C 191 -45.82 32.78 -27.57
N GLU C 192 -45.06 32.04 -28.39
CA GLU C 192 -45.70 31.11 -29.31
C GLU C 192 -45.92 29.76 -28.60
N GLN C 193 -46.45 28.74 -29.30
CA GLN C 193 -47.00 27.60 -28.58
C GLN C 193 -45.91 26.73 -27.89
N VAL C 194 -44.65 26.81 -28.28
CA VAL C 194 -43.66 26.10 -27.47
C VAL C 194 -43.07 26.98 -26.36
N GLY C 195 -43.29 28.29 -26.41
CA GLY C 195 -42.84 29.17 -25.34
C GLY C 195 -41.74 30.16 -25.71
N ARG C 196 -41.44 30.31 -27.02
CA ARG C 196 -40.50 31.37 -27.38
C ARG C 196 -41.21 32.72 -27.40
N PRO C 197 -40.59 33.77 -26.90
CA PRO C 197 -41.23 35.09 -26.89
C PRO C 197 -41.59 35.58 -28.27
N LEU C 198 -42.72 36.26 -28.37
CA LEU C 198 -43.12 36.91 -29.61
C LEU C 198 -42.54 38.32 -29.67
N ASP C 199 -42.03 38.71 -30.85
CA ASP C 199 -41.64 40.09 -31.04
C ASP C 199 -42.83 41.01 -30.89
N GLU C 200 -44.00 40.57 -31.34
CA GLU C 200 -45.19 41.41 -31.26
C GLU C 200 -46.33 40.60 -30.68
N PRO C 201 -46.86 41.01 -29.53
CA PRO C 201 -47.95 40.27 -28.87
C PRO C 201 -49.16 40.14 -29.78
N VAL C 202 -49.94 39.06 -29.60
CA VAL C 202 -51.13 38.79 -30.40
C VAL C 202 -52.37 38.82 -29.52
N ASP C 203 -53.25 39.78 -29.76
CA ASP C 203 -54.48 39.91 -28.99
C ASP C 203 -55.50 38.86 -29.41
N MET C 204 -55.97 38.06 -28.44
CA MET C 204 -56.97 37.04 -28.72
C MET C 204 -58.36 37.44 -28.22
N GLY C 205 -58.51 38.68 -27.76
CA GLY C 205 -59.80 39.18 -27.44
C GLY C 205 -60.23 38.86 -26.03
N GLN C 206 -61.63 39.00 -25.81
CA GLN C 206 -62.15 38.85 -24.46
C GLN C 206 -62.58 37.40 -24.19
N PRO C 207 -62.35 36.97 -22.96
CA PRO C 207 -62.91 35.68 -22.52
C PRO C 207 -64.42 35.65 -22.65
N LEU C 208 -64.95 34.46 -22.95
CA LEU C 208 -66.39 34.25 -22.86
C LEU C 208 -66.85 34.32 -21.41
N ASP C 209 -68.09 34.75 -21.18
CA ASP C 209 -68.54 34.74 -19.79
C ASP C 209 -68.95 33.33 -19.36
N GLU C 210 -69.08 33.14 -18.05
CA GLU C 210 -69.38 31.80 -17.55
C GLU C 210 -70.67 31.27 -18.14
N GLU C 211 -71.69 32.12 -18.30
CA GLU C 211 -72.97 31.62 -18.75
C GLU C 211 -72.88 31.14 -20.21
N GLU C 212 -72.09 31.85 -21.03
CA GLU C 212 -71.93 31.39 -22.41
C GLU C 212 -71.22 30.05 -22.45
N LEU C 213 -70.18 29.88 -21.61
CA LEU C 213 -69.49 28.60 -21.56
C LEU C 213 -70.42 27.47 -21.13
N ARG C 214 -71.29 27.69 -20.11
CA ARG C 214 -72.22 26.64 -19.71
C ARG C 214 -73.13 26.25 -20.86
N LYS C 215 -73.45 27.22 -21.74
CA LYS C 215 -74.35 26.98 -22.86
C LYS C 215 -73.68 26.15 -23.96
N ILE C 216 -72.42 26.43 -24.30
CA ILE C 216 -71.85 25.84 -25.50
C ILE C 216 -70.83 24.75 -25.22
N THR C 217 -70.51 24.48 -23.95
CA THR C 217 -69.45 23.51 -23.68
C THR C 217 -69.89 22.08 -23.98
N THR C 218 -68.90 21.19 -24.19
CA THR C 218 -69.14 19.79 -24.49
C THR C 218 -68.74 18.87 -23.33
N ILE C 219 -68.36 19.41 -22.16
CA ILE C 219 -68.11 18.56 -21.01
C ILE C 219 -69.34 18.48 -20.11
N TYR C 220 -69.57 17.32 -19.49
CA TYR C 220 -70.61 17.14 -18.50
C TYR C 220 -70.04 17.51 -17.14
N ARG C 221 -70.75 18.35 -16.38
CA ARG C 221 -70.37 18.69 -15.02
C ARG C 221 -71.63 18.83 -14.18
N LYS C 222 -71.60 18.31 -12.95
CA LYS C 222 -72.77 18.34 -12.09
C LYS C 222 -73.33 19.73 -11.89
N ASP C 223 -72.47 20.74 -11.76
CA ASP C 223 -72.97 22.09 -11.54
CA ASP C 223 -72.85 22.13 -11.56
C ASP C 223 -73.41 22.80 -12.82
N ASN C 224 -73.43 22.09 -13.95
CA ASN C 224 -74.01 22.60 -15.19
C ASN C 224 -75.02 21.54 -15.65
N ILE C 225 -74.62 20.59 -16.48
CA ILE C 225 -75.47 19.44 -16.78
C ILE C 225 -74.69 18.17 -16.44
N ALA C 226 -75.18 17.38 -15.48
CA ALA C 226 -74.50 16.16 -15.04
C ALA C 226 -74.64 15.06 -16.07
N MET C 227 -73.57 14.25 -16.21
CA MET C 227 -73.68 13.00 -17.00
C MET C 227 -74.87 12.15 -16.53
N ARG C 228 -75.10 12.15 -15.22
CA ARG C 228 -76.17 11.33 -14.63
C ARG C 228 -77.52 11.68 -15.22
N ASP C 229 -77.69 12.95 -15.63
CA ASP C 229 -78.94 13.44 -16.20
C ASP C 229 -79.15 12.96 -17.64
N ASP C 230 -78.09 12.61 -18.36
CA ASP C 230 -78.24 12.19 -19.74
C ASP C 230 -78.44 10.67 -19.76
N LYS C 231 -79.65 10.26 -19.39
CA LYS C 231 -79.93 8.82 -19.34
C LYS C 231 -79.75 8.18 -20.71
N GLU C 232 -80.08 8.91 -21.78
CA GLU C 232 -79.95 8.36 -23.11
C GLU C 232 -78.49 8.06 -23.43
N ALA C 233 -77.59 9.00 -23.14
CA ALA C 233 -76.18 8.79 -23.42
C ALA C 233 -75.65 7.60 -22.64
N ILE C 234 -76.01 7.50 -21.35
CA ILE C 234 -75.53 6.39 -20.54
C ILE C 234 -76.05 5.08 -21.10
N GLU C 235 -77.31 5.06 -21.55
CA GLU C 235 -77.88 3.84 -22.11
C GLU C 235 -77.10 3.38 -23.32
N VAL C 236 -76.65 4.31 -24.15
CA VAL C 236 -75.90 3.88 -25.33
C VAL C 236 -74.49 3.44 -24.95
N VAL C 237 -73.85 4.15 -24.02
CA VAL C 237 -72.53 3.72 -23.58
C VAL C 237 -72.60 2.30 -23.03
N GLU C 238 -73.62 2.00 -22.19
CA GLU C 238 -73.74 0.66 -21.62
C GLU C 238 -73.98 -0.38 -22.70
N ASN C 239 -74.70 0.00 -23.73
CA ASN C 239 -74.95 -0.89 -24.83
C ASN C 239 -73.69 -1.24 -25.59
N ILE C 240 -72.81 -0.24 -25.82
CA ILE C 240 -71.55 -0.49 -26.47
C ILE C 240 -70.73 -1.44 -25.62
N HIS C 241 -70.66 -1.15 -24.33
CA HIS C 241 -69.95 -2.03 -23.43
C HIS C 241 -70.48 -3.46 -23.46
N THR C 242 -71.81 -3.61 -23.39
CA THR C 242 -72.45 -4.93 -23.38
C THR C 242 -72.16 -5.66 -24.68
N GLY C 243 -72.32 -4.95 -25.82
CA GLY C 243 -72.04 -5.54 -27.11
C GLY C 243 -70.59 -5.99 -27.27
N ARG C 244 -69.63 -5.19 -26.79
CA ARG C 244 -68.24 -5.62 -26.85
C ARG C 244 -68.03 -6.87 -26.00
N THR C 245 -68.64 -6.93 -24.80
CA THR C 245 -68.52 -8.11 -23.93
C THR C 245 -69.10 -9.35 -24.61
N MET C 246 -70.27 -9.21 -25.22
CA MET C 246 -70.91 -10.34 -25.89
C MET C 246 -70.08 -10.82 -27.07
N GLY C 247 -69.53 -9.88 -27.83
CA GLY C 247 -68.71 -10.25 -28.99
C GLY C 247 -67.42 -10.96 -28.58
N GLY C 248 -66.79 -10.51 -27.52
CA GLY C 248 -65.59 -11.18 -27.03
C GLY C 248 -65.88 -12.57 -26.48
N PHE C 249 -67.03 -12.72 -25.81
CA PHE C 249 -67.38 -14.02 -25.27
C PHE C 249 -67.74 -14.97 -26.39
N GLY C 250 -68.47 -14.46 -27.40
CA GLY C 250 -68.56 -15.14 -28.69
C GLY C 250 -69.60 -16.24 -28.74
N MET C 251 -69.72 -17.00 -27.66
CA MET C 251 -70.46 -18.25 -27.75
C MET C 251 -71.95 -18.03 -27.97
N ASP C 252 -72.53 -16.93 -27.47
CA ASP C 252 -73.92 -16.77 -27.84
CA ASP C 252 -73.94 -16.65 -27.76
C ASP C 252 -74.13 -15.99 -29.13
N VAL C 253 -73.38 -14.90 -29.39
CA VAL C 253 -73.66 -14.13 -30.63
C VAL C 253 -73.28 -14.93 -31.86
N PHE C 254 -72.31 -15.85 -31.73
CA PHE C 254 -71.88 -16.71 -32.82
C PHE C 254 -72.49 -18.13 -32.72
N LYS C 255 -73.62 -18.29 -32.01
CA LYS C 255 -74.15 -19.64 -31.77
C LYS C 255 -74.47 -20.37 -33.06
N GLU C 256 -75.00 -19.67 -34.09
CA GLU C 256 -75.30 -20.35 -35.33
C GLU C 256 -74.03 -20.66 -36.11
N ASP C 257 -73.01 -19.83 -36.00
CA ASP C 257 -71.74 -20.17 -36.61
C ASP C 257 -71.14 -21.42 -35.98
N LEU C 258 -71.16 -21.49 -34.63
CA LEU C 258 -70.72 -22.69 -33.92
C LEU C 258 -71.55 -23.91 -34.32
N ARG C 259 -72.86 -23.76 -34.45
CA ARG C 259 -73.67 -24.92 -34.81
C ARG C 259 -73.29 -25.47 -36.17
N LYS C 260 -72.95 -24.60 -37.13
CA LYS C 260 -72.48 -25.09 -38.43
C LYS C 260 -71.13 -25.79 -38.30
N ARG C 261 -70.26 -25.26 -37.44
CA ARG C 261 -68.97 -25.94 -37.26
C ARG C 261 -69.14 -27.29 -36.56
N LEU C 262 -70.16 -27.43 -35.70
CA LEU C 262 -70.34 -28.69 -34.99
C LEU C 262 -71.11 -29.72 -35.82
N GLY C 263 -71.53 -29.33 -37.02
CA GLY C 263 -72.23 -30.25 -37.89
C GLY C 263 -73.66 -30.42 -37.44
N ASP C 264 -74.16 -29.49 -36.64
CA ASP C 264 -75.50 -29.57 -36.07
C ASP C 264 -76.50 -28.84 -36.96
N GLU D 4 13.34 -13.31 -7.85
CA GLU D 4 13.41 -14.74 -7.52
C GLU D 4 13.39 -15.63 -8.77
N LYS D 5 13.54 -16.93 -8.54
CA LYS D 5 13.53 -17.88 -9.64
C LYS D 5 12.15 -18.00 -10.28
N LYS D 6 11.10 -17.64 -9.54
CA LYS D 6 9.72 -17.89 -9.95
C LYS D 6 8.88 -16.77 -9.34
N LEU D 7 7.89 -16.29 -10.10
CA LEU D 7 7.19 -15.09 -9.65
C LEU D 7 6.32 -15.34 -8.41
N PHE D 8 5.90 -16.58 -8.18
CA PHE D 8 5.07 -16.88 -7.03
C PHE D 8 5.83 -17.17 -5.72
N LEU D 9 7.17 -17.25 -5.73
CA LEU D 9 7.87 -17.72 -4.53
C LEU D 9 7.76 -16.72 -3.38
N LYS D 10 7.82 -15.42 -3.69
CA LYS D 10 7.68 -14.37 -2.69
C LYS D 10 6.38 -14.55 -1.90
N ALA D 11 5.27 -14.77 -2.61
CA ALA D 11 3.99 -14.97 -1.94
C ALA D 11 3.95 -16.27 -1.16
N LEU D 12 4.44 -17.35 -1.74
CA LEU D 12 4.39 -18.62 -0.99
C LEU D 12 5.12 -18.50 0.34
N LYS D 13 6.27 -17.84 0.34
CA LYS D 13 7.07 -17.73 1.55
C LYS D 13 6.38 -16.88 2.58
N LYS D 14 5.58 -15.89 2.15
CA LYS D 14 4.87 -15.09 3.13
C LYS D 14 3.61 -15.81 3.62
N LYS D 15 2.90 -16.49 2.70
CA LYS D 15 1.63 -17.13 3.05
C LYS D 15 1.80 -18.29 4.03
N PHE D 16 2.94 -18.98 3.95
CA PHE D 16 3.14 -20.17 4.76
C PHE D 16 4.13 -19.90 5.88
N GLU D 17 4.22 -18.65 6.33
CA GLU D 17 4.97 -18.29 7.54
C GLU D 17 6.40 -18.75 7.43
N GLY D 18 7.01 -18.45 6.29
CA GLY D 18 8.40 -18.80 6.11
C GLY D 18 8.68 -20.27 5.83
N GLU D 19 7.67 -21.14 5.82
CA GLU D 19 7.93 -22.54 5.52
C GLU D 19 8.61 -22.71 4.15
N ASP D 20 9.56 -23.64 4.07
CA ASP D 20 10.22 -23.93 2.80
C ASP D 20 9.22 -24.40 1.76
N PRO D 21 9.06 -23.66 0.63
CA PRO D 21 8.07 -24.05 -0.40
C PRO D 21 8.31 -25.43 -0.97
N GLU D 22 9.54 -25.95 -0.84
CA GLU D 22 9.88 -27.25 -1.41
C GLU D 22 9.70 -28.41 -0.46
N GLU D 23 9.43 -28.17 0.82
CA GLU D 23 9.32 -29.25 1.80
C GLU D 23 7.94 -29.92 1.72
N LYS D 24 7.94 -31.27 1.63
CA LYS D 24 6.75 -32.10 1.44
C LYS D 24 5.96 -32.38 2.71
N SER D 25 6.51 -32.01 3.88
CA SER D 25 5.86 -32.30 5.13
C SER D 25 5.59 -31.05 5.94
N THR D 26 4.62 -31.19 6.85
CA THR D 26 4.22 -30.07 7.70
C THR D 26 3.51 -30.63 8.94
N ASN D 27 2.96 -29.73 9.77
CA ASN D 27 2.12 -30.11 10.90
C ASN D 27 0.70 -29.56 10.75
N PHE D 28 -0.28 -30.34 11.16
CA PHE D 28 -1.67 -29.92 11.08
C PHE D 28 -2.34 -30.00 12.45
N TYR D 29 -3.60 -29.59 12.47
CA TYR D 29 -4.51 -29.76 13.61
C TYR D 29 -4.06 -28.93 14.81
N CYS D 30 -3.24 -27.89 14.57
CA CYS D 30 -2.56 -27.18 15.66
C CYS D 30 -2.78 -25.68 15.57
N PHE D 31 -3.87 -25.25 14.96
CA PHE D 31 -4.13 -23.83 14.68
C PHE D 31 -5.28 -23.29 15.49
N GLY D 32 -5.97 -24.14 16.25
CA GLY D 32 -7.13 -23.69 16.98
C GLY D 32 -8.33 -23.59 16.09
N GLY D 33 -8.31 -24.25 14.93
CA GLY D 33 -9.47 -24.20 14.06
C GLY D 33 -9.73 -22.78 13.56
N TRP D 34 -11.00 -22.38 13.56
CA TRP D 34 -11.37 -21.09 13.01
C TRP D 34 -10.73 -19.93 13.79
N GLU D 35 -10.36 -20.15 15.05
CA GLU D 35 -9.83 -19.05 15.82
C GLU D 35 -8.46 -18.60 15.32
N GLN D 36 -7.84 -19.33 14.40
CA GLN D 36 -6.58 -18.84 13.84
C GLN D 36 -6.79 -17.60 12.95
N SER D 37 -8.02 -17.31 12.53
CA SER D 37 -8.29 -16.29 11.51
C SER D 37 -8.97 -15.07 12.12
N GLU D 38 -8.29 -13.93 12.06
CA GLU D 38 -8.98 -12.67 12.31
C GLU D 38 -10.32 -12.51 11.66
N ARG D 39 -10.47 -12.91 10.40
CA ARG D 39 -11.72 -12.69 9.73
C ARG D 39 -12.80 -13.61 10.28
N LYS D 40 -12.48 -14.89 10.47
CA LYS D 40 -13.45 -15.82 11.06
C LYS D 40 -13.86 -15.35 12.45
N ARG D 41 -12.90 -14.81 13.25
CA ARG D 41 -13.30 -14.35 14.57
C ARG D 41 -14.26 -13.17 14.47
N GLU D 42 -14.01 -12.25 13.51
CA GLU D 42 -14.93 -11.14 13.30
C GLU D 42 -16.31 -11.65 12.93
N PHE D 43 -16.37 -12.64 12.02
CA PHE D 43 -17.65 -13.10 11.54
C PHE D 43 -18.44 -13.71 12.69
N THR D 44 -17.78 -14.53 13.50
CA THR D 44 -18.42 -15.19 14.63
C THR D 44 -18.95 -14.14 15.60
N GLU D 45 -18.19 -13.06 15.82
CA GLU D 45 -18.66 -12.08 16.79
C GLU D 45 -19.85 -11.30 16.25
N TYR D 46 -19.84 -10.95 14.95
CA TYR D 46 -21.03 -10.33 14.39
C TYR D 46 -22.23 -11.25 14.44
N ALA D 47 -22.03 -12.56 14.21
CA ALA D 47 -23.15 -13.47 14.25
C ALA D 47 -23.79 -13.45 15.63
N LYS D 48 -22.97 -13.47 16.70
CA LYS D 48 -23.53 -13.37 18.03
C LYS D 48 -24.23 -12.02 18.25
N LYS D 49 -23.67 -10.93 17.74
CA LYS D 49 -24.33 -9.65 17.95
C LYS D 49 -25.65 -9.56 17.20
N ALA D 50 -25.83 -10.37 16.16
CA ALA D 50 -27.06 -10.37 15.41
C ALA D 50 -28.20 -11.04 16.15
N ALA D 51 -27.92 -11.72 17.25
CA ALA D 51 -28.96 -12.46 17.97
C ALA D 51 -30.21 -11.64 18.23
N GLU D 52 -30.08 -10.40 18.69
CA GLU D 52 -31.27 -9.65 19.05
C GLU D 52 -32.13 -9.30 17.82
N LYS D 53 -31.50 -8.80 16.75
CA LYS D 53 -32.23 -8.51 15.52
C LYS D 53 -32.98 -9.74 14.99
N ARG D 54 -32.35 -10.90 15.02
CA ARG D 54 -32.97 -12.13 14.50
C ARG D 54 -34.00 -12.73 15.44
N GLY D 55 -34.08 -12.24 16.69
CA GLY D 55 -35.05 -12.68 17.67
C GLY D 55 -35.14 -14.17 17.94
N GLY D 56 -34.03 -14.91 17.84
CA GLY D 56 -34.03 -16.34 18.13
C GLY D 56 -33.70 -17.22 16.93
N ILE D 57 -33.97 -16.75 15.71
CA ILE D 57 -33.59 -17.55 14.54
C ILE D 57 -32.10 -17.88 14.57
N PRO D 58 -31.70 -19.14 14.57
CA PRO D 58 -30.26 -19.45 14.53
C PRO D 58 -29.61 -18.78 13.32
N PHE D 59 -28.29 -18.75 13.33
CA PHE D 59 -27.53 -17.97 12.34
C PHE D 59 -26.15 -18.61 12.17
N TYR D 60 -25.20 -17.84 11.65
CA TYR D 60 -23.85 -18.35 11.46
C TYR D 60 -23.27 -18.88 12.77
N ASN D 61 -22.72 -20.09 12.70
CA ASN D 61 -22.23 -20.74 13.91
C ASN D 61 -21.06 -21.61 13.48
N PRO D 62 -19.82 -21.29 13.84
CA PRO D 62 -18.69 -22.06 13.33
C PRO D 62 -18.70 -23.49 13.83
N ASP D 63 -19.49 -23.78 14.87
CA ASP D 63 -19.60 -25.16 15.36
C ASP D 63 -20.62 -25.99 14.58
N ILE D 64 -21.28 -25.45 13.58
CA ILE D 64 -22.15 -26.24 12.71
C ILE D 64 -21.31 -26.84 11.60
N GLY D 65 -21.49 -28.14 11.36
CA GLY D 65 -20.75 -28.71 10.23
C GLY D 65 -19.23 -28.64 10.39
N VAL D 66 -18.55 -28.52 9.25
CA VAL D 66 -17.08 -28.72 9.14
C VAL D 66 -16.34 -27.81 10.11
N PRO D 67 -15.40 -28.34 10.90
CA PRO D 67 -14.56 -27.49 11.76
C PRO D 67 -13.45 -26.87 10.93
N LEU D 68 -13.73 -25.72 10.33
CA LEU D 68 -12.79 -25.10 9.42
C LEU D 68 -11.45 -24.89 10.11
N GLY D 69 -10.37 -24.91 9.33
CA GLY D 69 -9.07 -24.53 9.87
C GLY D 69 -8.31 -25.64 10.55
N GLN D 70 -8.49 -26.90 10.11
CA GLN D 70 -7.61 -27.96 10.60
C GLN D 70 -6.23 -27.84 9.95
N ARG D 71 -6.20 -27.27 8.75
CA ARG D 71 -5.00 -26.81 8.11
C ARG D 71 -4.89 -25.32 8.34
N LYS D 72 -3.81 -24.76 7.81
CA LYS D 72 -3.65 -23.32 7.82
C LYS D 72 -4.63 -22.68 6.83
N LEU D 73 -5.36 -21.68 7.29
CA LEU D 73 -6.23 -20.92 6.42
C LEU D 73 -5.36 -19.84 5.80
N MET D 74 -5.26 -19.86 4.46
CA MET D 74 -4.31 -19.00 3.75
C MET D 74 -4.81 -17.58 3.60
N ALA D 75 -3.88 -16.63 3.65
CA ALA D 75 -4.11 -15.35 3.01
C ALA D 75 -3.67 -15.44 1.55
N TYR D 76 -4.14 -14.50 0.73
CA TYR D 76 -3.82 -14.43 -0.69
C TYR D 76 -3.26 -13.06 -1.06
N ARG D 77 -2.20 -13.07 -1.85
CA ARG D 77 -1.70 -11.82 -2.41
C ARG D 77 -2.48 -11.53 -3.69
N VAL D 78 -3.12 -10.38 -3.79
CA VAL D 78 -3.68 -10.07 -5.10
C VAL D 78 -2.52 -9.83 -6.04
N SER D 79 -2.43 -10.60 -7.14
CA SER D 79 -1.27 -10.54 -8.04
C SER D 79 -1.02 -9.11 -8.56
N GLY D 80 0.24 -8.75 -8.73
CA GLY D 80 0.53 -7.40 -9.17
C GLY D 80 0.27 -6.33 -8.13
N THR D 81 -0.12 -6.71 -6.91
CA THR D 81 -0.26 -5.77 -5.81
C THR D 81 0.59 -6.29 -4.67
N ASP D 82 0.66 -5.51 -3.59
CA ASP D 82 1.27 -5.95 -2.35
C ASP D 82 0.22 -6.22 -1.28
N ALA D 83 -1.04 -6.39 -1.68
CA ALA D 83 -2.13 -6.61 -0.75
C ALA D 83 -2.24 -8.11 -0.45
N TYR D 84 -2.15 -8.46 0.82
CA TYR D 84 -2.36 -9.84 1.27
C TYR D 84 -3.60 -9.86 2.14
N VAL D 85 -4.59 -10.62 1.74
CA VAL D 85 -5.90 -10.54 2.38
C VAL D 85 -6.39 -11.96 2.56
N GLU D 86 -7.26 -12.14 3.56
CA GLU D 86 -7.88 -13.45 3.71
C GLU D 86 -8.87 -13.68 2.57
N GLY D 87 -9.07 -14.98 2.25
CA GLY D 87 -9.94 -15.32 1.16
C GLY D 87 -11.33 -14.71 1.27
N ASP D 88 -11.81 -14.55 2.52
CA ASP D 88 -13.16 -14.04 2.71
C ASP D 88 -13.28 -12.61 2.16
N ASP D 89 -12.18 -11.87 2.14
CA ASP D 89 -12.19 -10.47 1.66
C ASP D 89 -12.32 -10.38 0.15
N LEU D 90 -12.25 -11.51 -0.57
CA LEU D 90 -12.42 -11.52 -2.01
C LEU D 90 -13.76 -12.08 -2.43
N HIS D 91 -14.60 -12.51 -1.47
CA HIS D 91 -15.95 -12.97 -1.79
C HIS D 91 -16.73 -11.79 -2.36
N PHE D 92 -17.44 -12.00 -3.45
CA PHE D 92 -18.08 -10.84 -4.07
C PHE D 92 -19.06 -10.15 -3.12
N VAL D 93 -19.68 -10.91 -2.19
CA VAL D 93 -20.64 -10.27 -1.29
C VAL D 93 -19.90 -9.37 -0.33
N ASN D 94 -18.67 -9.75 0.00
CA ASN D 94 -17.89 -9.01 0.99
C ASN D 94 -17.05 -7.93 0.35
N ASN D 95 -17.02 -7.81 -0.97
CA ASN D 95 -16.02 -6.97 -1.63
C ASN D 95 -16.78 -5.97 -2.51
N ALA D 96 -16.84 -4.74 -2.03
CA ALA D 96 -17.59 -3.68 -2.73
C ALA D 96 -16.98 -3.33 -4.11
N ALA D 97 -15.68 -3.54 -4.30
CA ALA D 97 -15.08 -3.25 -5.61
C ALA D 97 -15.60 -4.21 -6.66
N ILE D 98 -15.71 -5.50 -6.28
CA ILE D 98 -16.20 -6.47 -7.25
C ILE D 98 -17.64 -6.13 -7.64
N GLN D 99 -18.47 -5.85 -6.64
CA GLN D 99 -19.85 -5.45 -6.91
C GLN D 99 -19.90 -4.19 -7.76
N GLN D 100 -19.05 -3.20 -7.48
CA GLN D 100 -19.11 -1.98 -8.31
C GLN D 100 -18.58 -2.23 -9.72
N MET D 101 -17.65 -3.16 -9.91
CA MET D 101 -17.24 -3.49 -11.26
C MET D 101 -18.44 -3.95 -12.05
N VAL D 102 -19.20 -4.88 -11.49
CA VAL D 102 -20.35 -5.43 -12.21
C VAL D 102 -21.37 -4.33 -12.46
N ASP D 103 -21.65 -3.52 -11.44
CA ASP D 103 -22.65 -2.48 -11.60
C ASP D 103 -22.24 -1.47 -12.68
N ASP D 104 -20.94 -1.07 -12.73
CA ASP D 104 -20.47 -0.13 -13.76
C ASP D 104 -20.70 -0.70 -15.17
N ILE D 105 -20.54 -2.00 -15.32
CA ILE D 105 -20.79 -2.66 -16.61
C ILE D 105 -22.28 -2.71 -16.92
N LYS D 106 -23.07 -3.22 -15.96
CA LYS D 106 -24.52 -3.32 -16.13
C LYS D 106 -25.15 -1.97 -16.42
N ARG D 107 -24.63 -0.89 -15.82
CA ARG D 107 -25.30 0.41 -15.89
C ARG D 107 -24.86 1.26 -17.10
N THR D 108 -24.07 0.72 -18.02
CA THR D 108 -23.54 1.44 -19.17
C THR D 108 -24.24 0.99 -20.43
N VAL D 109 -24.61 1.96 -21.26
CA VAL D 109 -25.09 1.67 -22.60
C VAL D 109 -24.58 2.79 -23.51
N ILE D 110 -24.37 2.44 -24.80
CA ILE D 110 -23.85 3.36 -25.80
C ILE D 110 -24.94 3.58 -26.84
N VAL D 111 -25.13 4.83 -27.25
CA VAL D 111 -26.17 5.14 -28.24
C VAL D 111 -25.58 6.05 -29.30
N GLY D 112 -25.67 5.62 -30.56
CA GLY D 112 -25.29 6.49 -31.66
C GLY D 112 -26.15 7.74 -31.68
N MET D 113 -25.53 8.88 -32.03
CA MET D 113 -26.29 10.13 -32.13
C MET D 113 -26.61 10.55 -33.56
N ASP D 114 -25.97 9.92 -34.55
CA ASP D 114 -26.13 10.41 -35.92
C ASP D 114 -27.53 10.21 -36.43
N THR D 115 -28.23 9.15 -35.97
CA THR D 115 -29.58 8.97 -36.47
C THR D 115 -30.51 10.01 -35.87
N ALA D 116 -30.42 10.23 -34.55
CA ALA D 116 -31.21 11.30 -33.93
C ALA D 116 -30.94 12.62 -34.62
N HIS D 117 -29.68 12.89 -34.93
CA HIS D 117 -29.36 14.16 -35.55
C HIS D 117 -29.96 14.24 -36.96
N ALA D 118 -30.00 13.09 -37.65
CA ALA D 118 -30.67 13.07 -38.94
C ALA D 118 -32.19 13.28 -38.79
N VAL D 119 -32.81 12.75 -37.72
CA VAL D 119 -34.25 13.00 -37.52
C VAL D 119 -34.48 14.49 -37.33
N LEU D 120 -33.66 15.13 -36.50
CA LEU D 120 -33.79 16.56 -36.28
C LEU D 120 -33.66 17.39 -37.58
N GLU D 121 -32.60 17.16 -38.35
CA GLU D 121 -32.39 17.97 -39.54
C GLU D 121 -33.32 17.59 -40.67
N LYS D 122 -33.46 16.30 -40.93
CA LYS D 122 -34.15 15.78 -42.09
C LYS D 122 -35.63 15.67 -41.94
N ARG D 123 -36.14 15.32 -40.76
CA ARG D 123 -37.57 15.23 -40.49
C ARG D 123 -38.13 16.47 -39.80
N LEU D 124 -37.34 17.11 -38.96
CA LEU D 124 -37.84 18.23 -38.17
C LEU D 124 -37.30 19.59 -38.60
N GLY D 125 -36.45 19.66 -39.63
CA GLY D 125 -35.90 20.93 -40.11
C GLY D 125 -35.07 21.68 -39.09
N VAL D 126 -34.44 20.99 -38.15
CA VAL D 126 -33.71 21.61 -37.06
C VAL D 126 -32.21 21.41 -37.27
N GLU D 127 -31.42 22.47 -37.11
CA GLU D 127 -30.00 22.29 -37.36
C GLU D 127 -29.29 21.78 -36.10
N VAL D 128 -28.32 20.90 -36.31
CA VAL D 128 -27.50 20.35 -35.26
C VAL D 128 -26.11 20.93 -35.44
N THR D 129 -25.56 21.52 -34.39
CA THR D 129 -24.24 22.14 -34.37
C THR D 129 -23.48 21.66 -33.15
N PRO D 130 -22.17 21.92 -33.08
CA PRO D 130 -21.47 21.58 -31.85
C PRO D 130 -22.14 22.22 -30.65
N GLU D 131 -22.58 23.46 -30.80
CA GLU D 131 -23.22 24.18 -29.69
C GLU D 131 -24.52 23.52 -29.26
N THR D 132 -25.32 23.00 -30.21
CA THR D 132 -26.55 22.36 -29.77
C THR D 132 -26.26 20.99 -29.13
N ILE D 133 -25.25 20.26 -29.63
CA ILE D 133 -24.86 19.02 -28.99
C ILE D 133 -24.41 19.28 -27.55
N ASN D 134 -23.61 20.33 -27.35
CA ASN D 134 -23.14 20.65 -26.01
C ASN D 134 -24.28 21.01 -25.09
N GLU D 135 -25.25 21.79 -25.58
CA GLU D 135 -26.39 22.09 -24.74
C GLU D 135 -27.20 20.82 -24.43
N TYR D 136 -27.39 19.94 -25.43
CA TYR D 136 -28.06 18.65 -25.22
C TYR D 136 -27.31 17.82 -24.16
N MET D 137 -25.98 17.76 -24.21
CA MET D 137 -25.26 16.98 -23.22
C MET D 137 -25.42 17.58 -21.81
N GLU D 138 -25.57 18.91 -21.71
CA GLU D 138 -25.83 19.49 -20.40
C GLU D 138 -27.22 19.09 -19.88
N VAL D 139 -28.23 19.11 -20.78
CA VAL D 139 -29.56 18.74 -20.38
C VAL D 139 -29.61 17.29 -19.91
N ILE D 140 -28.97 16.38 -20.64
CA ILE D 140 -29.14 14.96 -20.29
C ILE D 140 -28.43 14.65 -18.96
N ASN D 141 -27.44 15.46 -18.59
CA ASN D 141 -26.80 15.23 -17.30
C ASN D 141 -27.63 15.75 -16.15
N HIS D 142 -28.71 16.46 -16.42
CA HIS D 142 -29.73 16.76 -15.42
C HIS D 142 -30.83 15.71 -15.51
N ALA D 143 -31.21 15.30 -16.72
CA ALA D 143 -32.33 14.37 -16.87
C ALA D 143 -31.95 12.93 -16.54
N LEU D 144 -30.77 12.47 -16.99
CA LEU D 144 -30.44 11.06 -16.80
C LEU D 144 -30.46 10.65 -15.32
N PRO D 145 -29.96 11.43 -14.36
CA PRO D 145 -30.08 11.04 -12.95
C PRO D 145 -31.44 11.27 -12.32
N GLY D 146 -32.50 11.66 -13.04
CA GLY D 146 -33.81 11.85 -12.48
C GLY D 146 -34.29 13.29 -12.22
N GLY D 147 -33.81 14.26 -12.99
CA GLY D 147 -34.28 15.65 -12.92
C GLY D 147 -35.29 15.89 -14.03
N ALA D 148 -36.31 16.69 -13.71
CA ALA D 148 -37.40 16.91 -14.65
C ALA D 148 -37.07 18.06 -15.60
N VAL D 149 -37.53 17.96 -16.85
CA VAL D 149 -37.25 19.02 -17.82
C VAL D 149 -38.48 19.55 -18.54
N VAL D 150 -39.64 18.90 -18.56
CA VAL D 150 -40.78 19.41 -19.31
C VAL D 150 -42.00 19.69 -18.44
N GLN D 151 -42.39 18.72 -17.61
CA GLN D 151 -43.68 18.82 -16.96
C GLN D 151 -43.67 19.58 -15.65
N GLU D 152 -44.76 20.29 -15.39
CA GLU D 152 -45.06 20.88 -14.09
C GLU D 152 -45.45 19.80 -13.07
N HIS D 153 -45.08 20.05 -11.82
CA HIS D 153 -45.40 19.17 -10.68
C HIS D 153 -44.76 17.80 -10.83
N MET D 154 -43.53 17.76 -11.28
CA MET D 154 -42.76 16.51 -11.28
C MET D 154 -42.03 16.31 -9.95
N VAL D 155 -42.01 15.05 -9.46
CA VAL D 155 -41.14 14.75 -8.34
C VAL D 155 -39.82 14.32 -8.96
N GLU D 156 -38.73 14.37 -8.20
CA GLU D 156 -37.46 14.05 -8.82
C GLU D 156 -36.64 13.14 -7.90
N VAL D 157 -35.66 12.50 -8.48
CA VAL D 157 -34.75 11.65 -7.71
C VAL D 157 -33.79 12.53 -6.92
N HIS D 158 -33.49 12.15 -5.67
CA HIS D 158 -32.52 12.90 -4.85
C HIS D 158 -31.12 12.89 -5.47
N PRO D 159 -30.57 14.02 -5.92
CA PRO D 159 -29.28 13.98 -6.63
C PRO D 159 -28.16 13.39 -5.83
N GLY D 160 -28.19 13.53 -4.51
CA GLY D 160 -27.15 12.98 -3.65
C GLY D 160 -27.05 11.45 -3.70
N ILE D 161 -28.12 10.78 -4.12
N ILE D 161 -28.09 10.74 -4.13
CA ILE D 161 -28.17 9.32 -4.22
CA ILE D 161 -27.93 9.29 -4.18
C ILE D 161 -27.58 8.85 -5.54
C ILE D 161 -27.64 8.81 -5.59
N VAL D 162 -27.54 9.71 -6.56
CA VAL D 162 -27.20 9.37 -7.94
C VAL D 162 -26.06 10.23 -8.53
N GLU D 163 -25.08 10.62 -7.72
CA GLU D 163 -23.96 11.41 -8.21
C GLU D 163 -23.06 10.63 -9.17
N ASP D 164 -23.22 9.30 -9.28
CA ASP D 164 -22.46 8.49 -10.21
C ASP D 164 -23.08 8.42 -11.59
N CYS D 165 -24.26 8.99 -11.75
CA CYS D 165 -24.99 8.93 -13.01
C CYS D 165 -24.57 10.09 -13.91
N TYR D 166 -24.15 9.79 -15.14
CA TYR D 166 -23.75 10.87 -16.03
C TYR D 166 -23.76 10.34 -17.46
N ALA D 167 -23.61 11.26 -18.40
CA ALA D 167 -23.53 10.96 -19.83
C ALA D 167 -22.35 11.68 -20.46
N LYS D 168 -21.63 11.01 -21.37
CA LYS D 168 -20.53 11.66 -22.09
C LYS D 168 -20.70 11.33 -23.57
N VAL D 169 -19.90 12.00 -24.40
CA VAL D 169 -19.96 11.82 -25.85
C VAL D 169 -18.55 11.55 -26.37
N PHE D 170 -18.45 10.73 -27.43
CA PHE D 170 -17.19 10.56 -28.14
C PHE D 170 -17.47 10.52 -29.64
N THR D 171 -16.45 10.83 -30.44
CA THR D 171 -16.64 10.85 -31.88
C THR D 171 -15.31 10.49 -32.54
N GLY D 172 -15.43 9.81 -33.68
CA GLY D 172 -14.30 9.57 -34.56
C GLY D 172 -13.92 10.77 -35.40
N ASP D 173 -14.74 11.82 -35.37
CA ASP D 173 -14.53 13.03 -36.16
C ASP D 173 -13.71 14.01 -35.31
N ASP D 174 -12.40 14.05 -35.55
CA ASP D 174 -11.52 14.93 -34.76
C ASP D 174 -11.96 16.40 -34.82
N ASN D 175 -12.44 16.85 -36.00
CA ASN D 175 -12.89 18.24 -36.14
C ASN D 175 -14.06 18.55 -35.23
N LEU D 176 -15.03 17.62 -35.14
CA LEU D 176 -16.12 17.80 -34.20
C LEU D 176 -15.65 17.68 -32.76
N ALA D 177 -14.80 16.69 -32.45
CA ALA D 177 -14.33 16.55 -31.07
C ALA D 177 -13.68 17.85 -30.57
N ASP D 178 -12.93 18.56 -31.43
CA ASP D 178 -12.34 19.84 -31.02
C ASP D 178 -13.38 20.88 -30.63
N GLU D 179 -14.63 20.69 -31.00
CA GLU D 179 -15.65 21.68 -30.75
C GLU D 179 -16.57 21.28 -29.60
N LEU D 180 -16.48 20.05 -29.12
CA LEU D 180 -17.36 19.60 -28.06
C LEU D 180 -16.81 20.00 -26.69
N ASP D 181 -17.73 20.23 -25.76
CA ASP D 181 -17.38 20.58 -24.39
C ASP D 181 -16.50 19.49 -23.76
N LYS D 182 -15.31 19.92 -23.30
CA LYS D 182 -14.33 19.03 -22.67
C LYS D 182 -14.87 18.32 -21.43
N ARG D 183 -15.78 19.00 -20.70
CA ARG D 183 -16.37 18.48 -19.47
C ARG D 183 -17.14 17.19 -19.69
N ILE D 184 -17.67 16.98 -20.90
CA ILE D 184 -18.52 15.81 -21.16
C ILE D 184 -17.99 14.99 -22.34
N LEU D 185 -16.72 15.18 -22.70
CA LEU D 185 -16.11 14.49 -23.84
C LEU D 185 -15.21 13.35 -23.37
N ILE D 186 -15.36 12.18 -23.96
CA ILE D 186 -14.34 11.14 -23.88
C ILE D 186 -13.47 11.33 -25.10
N ASP D 187 -12.23 11.72 -24.86
CA ASP D 187 -11.31 12.21 -25.87
C ASP D 187 -10.40 11.07 -26.30
N ILE D 188 -10.62 10.55 -27.49
CA ILE D 188 -9.88 9.36 -27.94
C ILE D 188 -8.39 9.66 -28.03
N ASN D 189 -8.05 10.85 -28.52
CA ASN D 189 -6.65 11.17 -28.71
C ASN D 189 -5.93 11.40 -27.40
N LYS D 190 -6.65 11.76 -26.34
CA LYS D 190 -5.98 11.88 -25.05
C LYS D 190 -5.95 10.55 -24.29
N GLU D 191 -6.95 9.69 -24.46
CA GLU D 191 -7.03 8.47 -23.67
C GLU D 191 -6.15 7.36 -24.20
N PHE D 192 -5.89 7.34 -25.50
CA PHE D 192 -5.22 6.23 -26.16
C PHE D 192 -3.89 6.63 -26.74
N PRO D 193 -2.86 5.76 -26.64
CA PRO D 193 -1.60 5.99 -27.34
C PRO D 193 -1.90 6.25 -28.81
N GLU D 194 -1.02 7.01 -29.46
CA GLU D 194 -1.24 7.49 -30.85
C GLU D 194 -1.68 6.39 -31.83
N GLU D 195 -0.94 5.28 -31.88
CA GLU D 195 -1.25 4.22 -32.83
C GLU D 195 -2.63 3.61 -32.54
N GLN D 196 -2.97 3.46 -31.27
CA GLN D 196 -4.28 2.90 -30.91
C GLN D 196 -5.39 3.88 -31.25
N ALA D 197 -5.15 5.17 -30.99
CA ALA D 197 -6.13 6.21 -31.34
C ALA D 197 -6.44 6.18 -32.84
N GLU D 198 -5.39 6.07 -33.64
CA GLU D 198 -5.57 6.07 -35.08
C GLU D 198 -6.36 4.85 -35.52
N GLN D 199 -6.03 3.66 -34.96
CA GLN D 199 -6.79 2.46 -35.26
C GLN D 199 -8.27 2.62 -34.89
N LEU D 200 -8.57 3.07 -33.66
CA LEU D 200 -9.95 3.26 -33.25
C LEU D 200 -10.69 4.16 -34.21
N LYS D 201 -10.08 5.30 -34.56
CA LYS D 201 -10.77 6.27 -35.41
C LYS D 201 -10.97 5.71 -36.82
N SER D 202 -10.07 4.86 -37.28
CA SER D 202 -10.26 4.25 -38.60
C SER D 202 -11.50 3.37 -38.62
N TYR D 203 -11.81 2.71 -37.51
CA TYR D 203 -12.99 1.84 -37.49
C TYR D 203 -14.26 2.60 -37.13
N ILE D 204 -14.14 3.61 -36.27
CA ILE D 204 -15.32 4.35 -35.86
C ILE D 204 -15.81 5.28 -36.96
N GLY D 205 -14.89 5.93 -37.70
CA GLY D 205 -15.23 6.85 -38.80
C GLY D 205 -15.83 8.14 -38.23
N ASN D 206 -16.48 8.88 -39.12
CA ASN D 206 -17.14 10.13 -38.72
C ASN D 206 -18.52 9.86 -38.11
N ARG D 207 -18.51 9.19 -36.97
CA ARG D 207 -19.72 8.88 -36.23
C ARG D 207 -19.52 9.36 -34.79
N THR D 208 -20.64 9.68 -34.17
CA THR D 208 -20.69 10.21 -32.81
C THR D 208 -21.61 9.35 -31.96
N TYR D 209 -21.21 9.17 -30.71
CA TYR D 209 -21.89 8.27 -29.77
C TYR D 209 -21.97 8.91 -28.39
N GLN D 210 -23.05 8.62 -27.70
CA GLN D 210 -23.10 9.05 -26.31
C GLN D 210 -23.02 7.80 -25.43
N VAL D 211 -22.38 7.94 -24.28
CA VAL D 211 -22.19 6.86 -23.32
C VAL D 211 -23.00 7.27 -22.12
N ASN D 212 -24.04 6.52 -21.81
CA ASN D 212 -24.90 6.83 -20.67
C ASN D 212 -24.62 5.83 -19.57
N ARG D 213 -24.32 6.33 -18.36
CA ARG D 213 -24.17 5.48 -17.19
C ARG D 213 -25.34 5.80 -16.27
N VAL D 214 -26.32 4.92 -16.24
CA VAL D 214 -27.52 5.00 -15.41
CA VAL D 214 -27.50 5.13 -15.40
C VAL D 214 -27.09 4.92 -13.94
N PRO D 215 -27.87 5.37 -12.93
CA PRO D 215 -27.36 5.30 -11.55
C PRO D 215 -27.13 3.87 -11.06
N THR D 216 -26.06 3.70 -10.25
CA THR D 216 -25.82 2.39 -9.64
C THR D 216 -27.03 1.93 -8.81
N ILE D 217 -27.64 2.82 -8.04
CA ILE D 217 -28.81 2.38 -7.25
C ILE D 217 -29.95 1.83 -8.11
N VAL D 218 -30.07 2.28 -9.36
CA VAL D 218 -31.10 1.78 -10.24
C VAL D 218 -30.86 0.32 -10.62
N VAL D 219 -29.60 -0.04 -10.95
CA VAL D 219 -29.40 -1.44 -11.33
C VAL D 219 -29.44 -2.34 -10.10
N ARG D 220 -29.08 -1.85 -8.92
CA ARG D 220 -29.23 -2.65 -7.71
C ARG D 220 -30.70 -2.84 -7.35
N ALA D 221 -31.51 -1.79 -7.45
CA ALA D 221 -32.92 -1.97 -7.16
C ALA D 221 -33.61 -2.78 -8.26
N CYS D 222 -33.14 -2.70 -9.51
CA CYS D 222 -33.88 -3.28 -10.64
C CYS D 222 -33.00 -4.32 -11.30
N ASP D 223 -32.62 -4.15 -12.57
CA ASP D 223 -31.78 -5.16 -13.22
C ASP D 223 -31.09 -4.54 -14.44
N GLY D 224 -30.39 -5.38 -15.21
CA GLY D 224 -29.65 -4.86 -16.35
C GLY D 224 -30.54 -4.46 -17.51
N GLY D 225 -31.68 -5.13 -17.65
CA GLY D 225 -32.64 -4.80 -18.70
C GLY D 225 -33.25 -3.41 -18.53
N THR D 226 -33.16 -2.86 -17.33
CA THR D 226 -33.63 -1.49 -17.09
C THR D 226 -32.82 -0.41 -17.82
N VAL D 227 -31.53 -0.70 -18.07
CA VAL D 227 -30.52 0.30 -18.42
C VAL D 227 -30.75 0.90 -19.82
N SER D 228 -30.89 0.07 -20.86
CA SER D 228 -31.09 0.73 -22.15
C SER D 228 -32.42 1.49 -22.18
N ARG D 229 -33.40 1.05 -21.39
CA ARG D 229 -34.67 1.73 -21.35
C ARG D 229 -34.53 3.06 -20.64
N TRP D 230 -33.90 3.05 -19.45
CA TRP D 230 -33.75 4.29 -18.70
C TRP D 230 -33.00 5.34 -19.53
N SER D 231 -31.89 4.91 -20.12
CA SER D 231 -31.14 5.74 -21.04
C SER D 231 -32.05 6.32 -22.12
N ALA D 232 -32.81 5.47 -22.78
CA ALA D 232 -33.59 5.97 -23.91
C ALA D 232 -34.66 6.97 -23.47
N MET D 233 -35.29 6.73 -22.30
CA MET D 233 -36.31 7.65 -21.86
C MET D 233 -35.72 9.04 -21.70
N GLN D 234 -34.55 9.12 -21.11
CA GLN D 234 -34.02 10.44 -20.80
C GLN D 234 -33.30 11.04 -22.00
N ILE D 235 -32.87 10.20 -22.97
CA ILE D 235 -32.41 10.73 -24.24
C ILE D 235 -33.55 11.47 -24.92
N GLY D 236 -34.75 10.85 -24.94
CA GLY D 236 -35.93 11.47 -25.52
C GLY D 236 -36.32 12.77 -24.86
N MET D 237 -36.38 12.77 -23.53
CA MET D 237 -36.67 13.99 -22.79
C MET D 237 -35.64 15.06 -23.10
N SER D 238 -34.38 14.68 -23.27
CA SER D 238 -33.34 15.69 -23.46
C SER D 238 -33.36 16.27 -24.85
N PHE D 239 -33.74 15.49 -25.87
CA PHE D 239 -33.93 16.08 -27.20
C PHE D 239 -35.13 17.03 -27.21
N ILE D 240 -36.25 16.62 -26.59
CA ILE D 240 -37.44 17.46 -26.53
C ILE D 240 -37.08 18.79 -25.91
N SER D 241 -36.35 18.74 -24.80
CA SER D 241 -36.03 19.96 -24.08
C SER D 241 -34.95 20.76 -24.79
N ALA D 242 -33.81 20.14 -25.13
CA ALA D 242 -32.70 20.93 -25.67
C ALA D 242 -33.03 21.51 -27.05
N TYR D 243 -33.77 20.79 -27.88
CA TYR D 243 -34.10 21.31 -29.20
C TYR D 243 -35.49 21.94 -29.27
N LYS D 244 -36.16 22.11 -28.12
CA LYS D 244 -37.45 22.82 -28.05
C LYS D 244 -38.50 22.21 -28.97
N LEU D 245 -38.62 20.88 -28.90
CA LEU D 245 -39.63 20.19 -29.70
C LEU D 245 -41.00 20.19 -29.05
N CYS D 246 -42.01 19.90 -29.88
CA CYS D 246 -43.33 19.59 -29.37
CA CYS D 246 -43.33 19.58 -29.39
C CYS D 246 -43.24 18.33 -28.53
N ALA D 247 -43.80 18.40 -27.34
CA ALA D 247 -43.48 17.44 -26.30
C ALA D 247 -44.41 16.24 -26.47
N GLY D 248 -44.17 15.52 -27.56
CA GLY D 248 -44.94 14.35 -27.96
C GLY D 248 -45.53 14.48 -29.34
N GLU D 249 -44.70 14.30 -30.38
CA GLU D 249 -45.07 14.31 -31.80
C GLU D 249 -44.42 13.12 -32.55
N ALA D 250 -44.85 12.88 -33.80
CA ALA D 250 -44.47 11.62 -34.47
C ALA D 250 -42.97 11.38 -34.50
N ALA D 251 -42.17 12.43 -34.82
CA ALA D 251 -40.71 12.26 -34.92
C ALA D 251 -40.11 11.77 -33.62
N ILE D 252 -40.75 12.03 -32.49
CA ILE D 252 -40.15 11.56 -31.23
C ILE D 252 -40.03 10.04 -31.14
N ALA D 253 -40.93 9.33 -31.78
CA ALA D 253 -40.81 7.91 -31.78
C ALA D 253 -39.58 7.45 -32.54
N ASP D 254 -39.08 8.23 -33.50
CA ASP D 254 -37.83 7.82 -34.17
C ASP D 254 -36.65 7.88 -33.21
N PHE D 255 -36.59 8.91 -32.34
CA PHE D 255 -35.54 8.93 -31.31
C PHE D 255 -35.60 7.68 -30.46
N SER D 256 -36.82 7.29 -30.08
CA SER D 256 -37.00 6.13 -29.22
C SER D 256 -36.50 4.87 -29.89
N PHE D 257 -36.97 4.60 -31.13
CA PHE D 257 -36.53 3.38 -31.81
C PHE D 257 -35.01 3.36 -32.00
N ALA D 258 -34.39 4.51 -32.34
CA ALA D 258 -32.93 4.58 -32.45
C ALA D 258 -32.26 4.24 -31.11
N ALA D 259 -32.72 4.87 -30.02
CA ALA D 259 -32.08 4.71 -28.71
C ALA D 259 -32.32 3.36 -28.06
N LYS D 260 -33.42 2.67 -28.40
CA LYS D 260 -33.68 1.39 -27.74
C LYS D 260 -33.31 0.23 -28.64
N MHS D 261 -33.24 0.45 -29.96
CA MHS D 261 -33.02 -0.69 -30.93
C MHS D 261 -32.01 -0.41 -32.05
O MHS D 261 -31.02 -1.15 -32.14
CB MHS D 261 -34.33 -1.13 -31.59
CG MHS D 261 -35.31 -1.59 -30.52
ND1 MHS D 261 -35.30 -2.78 -29.86
CD2 MHS D 261 -36.39 -0.84 -30.04
CE1 MHS D 261 -36.32 -2.76 -28.99
NE2 MHS D 261 -37.00 -1.58 -29.10
CM MHS D 261 -34.31 -3.92 -30.03
N ALA D 262 -32.25 0.59 -32.87
CA ALA D 262 -31.47 0.70 -34.12
C ALA D 262 -30.03 1.21 -33.90
N ASP D 263 -29.79 2.00 -32.85
CA ASP D 263 -28.49 2.65 -32.66
C ASP D 263 -27.88 2.40 -31.28
N VAL D 264 -28.37 1.43 -30.56
CA VAL D 264 -27.96 1.17 -29.18
C VAL D 264 -26.91 0.07 -29.18
N ILE D 265 -25.90 0.20 -28.32
CA ILE D 265 -24.91 -0.86 -28.11
C ILE D 265 -25.03 -1.29 -26.65
N GLU D 266 -25.52 -2.50 -26.41
CA GLU D 266 -25.60 -2.99 -25.04
CA GLU D 266 -25.59 -2.99 -25.04
C GLU D 266 -24.34 -3.82 -24.69
N MET D 267 -24.12 -4.02 -23.38
CA MET D 267 -22.96 -4.78 -22.95
C MET D 267 -23.21 -6.27 -23.11
N GLY D 268 -24.43 -6.72 -22.84
CA GLY D 268 -24.73 -8.15 -22.84
C GLY D 268 -26.05 -8.41 -23.53
N THR D 269 -26.16 -9.59 -24.13
CA THR D 269 -27.35 -10.00 -24.86
C THR D 269 -28.22 -10.93 -24.01
N ILE D 270 -29.49 -11.13 -24.46
CA ILE D 270 -30.41 -11.93 -23.63
C ILE D 270 -30.04 -13.41 -23.61
N MET D 271 -30.57 -14.13 -22.59
CA MET D 271 -30.39 -15.55 -22.32
C MET D 271 -31.59 -16.35 -22.83
N PRO D 272 -31.42 -17.63 -23.13
CA PRO D 272 -32.59 -18.49 -23.35
C PRO D 272 -33.33 -18.77 -22.04
N ALA D 273 -34.54 -19.30 -22.20
CA ALA D 273 -35.53 -19.37 -21.12
C ALA D 273 -35.02 -20.10 -19.88
N ARG D 274 -34.25 -21.17 -20.06
CA ARG D 274 -33.77 -21.92 -18.90
C ARG D 274 -32.98 -21.05 -17.94
N AGM D 275 -32.30 -20.04 -18.49
CA AGM D 275 -31.43 -19.15 -17.68
CB AGM D 275 -29.93 -19.44 -17.82
CG AGM D 275 -29.48 -19.64 -19.30
CD AGM D 275 -28.16 -20.35 -19.38
CE2 AGM D 275 -27.06 -19.40 -18.94
NE1 AGM D 275 -27.93 -20.70 -20.76
CZ AGM D 275 -28.14 -22.02 -21.28
NH1 AGM D 275 -28.31 -21.94 -22.70
NH2 AGM D 275 -29.22 -22.79 -20.66
C AGM D 275 -31.78 -17.69 -17.93
O AGM D 275 -30.92 -16.81 -17.89
N ALA D 276 -33.07 -17.47 -18.12
CA ALA D 276 -33.64 -16.20 -18.53
C ALA D 276 -33.06 -15.00 -17.80
N ARG D 277 -32.64 -13.99 -18.56
CA ARG D 277 -32.18 -12.70 -18.00
C ARG D 277 -32.33 -11.68 -19.11
N GLY D 278 -32.56 -10.44 -18.75
CA GLY D 278 -32.54 -9.41 -19.79
C GLY D 278 -31.12 -9.04 -20.21
N PRO D 279 -31.01 -8.03 -21.07
CA PRO D 279 -29.71 -7.56 -21.52
C PRO D 279 -28.94 -6.97 -20.35
N ASN D 280 -27.65 -6.72 -20.62
CA ASN D 280 -26.72 -6.15 -19.66
C ASN D 280 -26.67 -6.96 -18.37
N GLU D 281 -26.72 -8.27 -18.49
CA GLU D 281 -26.38 -9.15 -17.37
C GLU D 281 -25.13 -9.94 -17.74
N PRO D 282 -24.42 -10.49 -16.77
CA PRO D 282 -23.09 -11.06 -17.05
C PRO D 282 -23.07 -12.20 -18.05
N GLY D 283 -24.12 -13.03 -18.09
CA GLY D 283 -24.07 -14.16 -19.01
C GLY D 283 -24.11 -13.74 -20.46
N GLY D 284 -24.64 -12.55 -20.73
CA GLY D 284 -24.70 -12.05 -22.08
C GLY D 284 -23.44 -11.32 -22.54
N VAL D 285 -22.44 -11.15 -21.69
CA VAL D 285 -21.21 -10.43 -22.06
C VAL D 285 -20.23 -11.41 -22.72
N ALA D 286 -20.05 -11.29 -24.03
CA ALA D 286 -19.05 -12.07 -24.74
C ALA D 286 -17.64 -11.79 -24.20
N PHE D 287 -16.77 -12.79 -24.34
CA PHE D 287 -15.42 -12.71 -23.80
C PHE D 287 -14.62 -11.56 -24.41
N GLY D 288 -14.72 -11.36 -25.72
CA GLY D 288 -14.07 -10.22 -26.33
C GLY D 288 -14.65 -8.89 -25.94
N THR D 289 -15.96 -8.86 -25.63
CA THR D 289 -16.62 -7.65 -25.13
C THR D 289 -16.03 -7.28 -23.80
N PHE D 290 -15.90 -8.29 -22.92
CA PHE D 290 -15.31 -8.00 -21.63
C PHE D 290 -13.85 -7.55 -21.75
N ALA D 291 -13.04 -8.23 -22.60
CA ALA D 291 -11.66 -7.76 -22.80
C ALA D 291 -11.64 -6.31 -23.30
N ASP D 292 -12.64 -5.88 -24.08
CA ASP D 292 -12.67 -4.45 -24.48
C ASP D 292 -13.09 -3.53 -23.34
N ILE D 293 -13.92 -4.02 -22.42
CA ILE D 293 -14.30 -3.20 -21.27
C ILE D 293 -13.09 -2.91 -20.40
N VAL D 294 -12.28 -3.96 -20.12
CA VAL D 294 -11.07 -3.77 -19.35
C VAL D 294 -10.10 -2.85 -20.09
N GLN D 295 -9.44 -1.95 -19.35
CA GLN D 295 -8.71 -0.88 -20.02
C GLN D 295 -7.19 -1.05 -19.92
N ALA D 296 -6.73 -2.21 -19.44
CA ALA D 296 -5.29 -2.49 -19.38
C ALA D 296 -4.62 -2.31 -20.74
N SER D 297 -5.32 -2.68 -21.82
CA SER D 297 -4.76 -2.57 -23.17
C SER D 297 -4.26 -1.16 -23.51
N ARG D 298 -4.85 -0.14 -22.94
CA ARG D 298 -4.47 1.20 -23.33
C ARG D 298 -3.42 1.83 -22.40
N VAL D 299 -3.02 1.14 -21.33
CA VAL D 299 -1.99 1.68 -20.44
C VAL D 299 -0.78 0.75 -20.31
N SER D 300 -0.79 -0.41 -20.94
CA SER D 300 0.32 -1.35 -20.89
C SER D 300 0.55 -1.90 -22.29
N ASP D 301 1.83 -2.06 -22.70
CA ASP D 301 2.12 -2.78 -23.94
C ASP D 301 2.79 -4.12 -23.69
N ASP D 302 2.62 -4.65 -22.49
CA ASP D 302 3.09 -5.97 -22.13
C ASP D 302 1.91 -6.92 -22.35
N PRO D 303 1.92 -7.76 -23.38
CA PRO D 303 0.72 -8.56 -23.66
C PRO D 303 0.35 -9.55 -22.55
N ALA D 304 1.32 -10.10 -21.81
CA ALA D 304 1.00 -10.95 -20.67
C ALA D 304 0.26 -10.15 -19.61
N ASN D 305 0.74 -8.93 -19.31
CA ASN D 305 0.11 -8.09 -18.31
C ASN D 305 -1.31 -7.74 -18.72
N VAL D 306 -1.49 -7.31 -19.98
CA VAL D 306 -2.82 -6.98 -20.44
C VAL D 306 -3.73 -8.21 -20.31
N SER D 307 -3.29 -9.38 -20.75
CA SER D 307 -4.16 -10.57 -20.63
C SER D 307 -4.49 -10.90 -19.16
N LEU D 308 -3.52 -10.73 -18.28
CA LEU D 308 -3.72 -11.11 -16.88
C LEU D 308 -4.71 -10.18 -16.19
N GLU D 309 -4.69 -8.88 -16.55
CA GLU D 309 -5.65 -7.94 -15.98
C GLU D 309 -7.06 -8.28 -16.45
N VAL D 310 -7.22 -8.66 -17.71
CA VAL D 310 -8.50 -9.10 -18.21
C VAL D 310 -8.97 -10.36 -17.46
N ILE D 311 -8.10 -11.32 -17.30
CA ILE D 311 -8.48 -12.54 -16.61
C ILE D 311 -8.90 -12.23 -15.17
N ALA D 312 -8.21 -11.30 -14.50
CA ALA D 312 -8.58 -11.01 -13.11
C ALA D 312 -10.01 -10.44 -13.05
N GLY D 313 -10.31 -9.46 -13.91
CA GLY D 313 -11.64 -8.87 -13.91
C GLY D 313 -12.68 -9.91 -14.29
N ALA D 314 -12.37 -10.73 -15.31
CA ALA D 314 -13.32 -11.74 -15.77
C ALA D 314 -13.52 -12.84 -14.73
N ALA D 315 -12.56 -13.08 -13.83
CA ALA D 315 -12.76 -14.14 -12.83
C ALA D 315 -13.80 -13.68 -11.81
N ALA D 316 -13.74 -12.41 -11.45
CA ALA D 316 -14.77 -11.83 -10.59
C ALA D 316 -16.13 -11.84 -11.26
N LEU D 317 -16.18 -11.44 -12.53
CA LEU D 317 -17.46 -11.31 -13.22
C LEU D 317 -18.09 -12.67 -13.47
N TYR D 318 -17.35 -13.56 -14.10
CA TYR D 318 -17.97 -14.79 -14.61
C TYR D 318 -17.99 -15.90 -13.56
N ASP D 319 -16.87 -16.12 -12.86
CA ASP D 319 -16.86 -17.25 -11.89
C ASP D 319 -17.46 -16.85 -10.56
N GLN D 320 -17.04 -15.73 -9.99
CA GLN D 320 -17.56 -15.35 -8.67
C GLN D 320 -19.02 -14.89 -8.76
N VAL D 321 -19.32 -13.98 -9.68
CA VAL D 321 -20.65 -13.36 -9.65
C VAL D 321 -21.64 -14.14 -10.50
N TRP D 322 -21.30 -14.35 -11.78
CA TRP D 322 -22.24 -15.03 -12.68
C TRP D 322 -22.45 -16.48 -12.27
N LEU D 323 -21.41 -17.32 -12.31
CA LEU D 323 -21.64 -18.74 -12.00
C LEU D 323 -21.89 -18.96 -10.53
N GLY D 324 -21.21 -18.16 -9.69
CA GLY D 324 -21.26 -18.28 -8.25
C GLY D 324 -22.46 -17.70 -7.57
N SER D 325 -23.29 -16.91 -8.26
CA SER D 325 -24.48 -16.38 -7.58
C SER D 325 -25.66 -16.42 -8.54
N TYR D 326 -25.59 -15.66 -9.63
CA TYR D 326 -26.69 -15.72 -10.60
C TYR D 326 -27.10 -17.13 -10.95
N MET D 327 -26.12 -18.03 -11.18
CA MET D 327 -26.43 -19.38 -11.61
C MET D 327 -26.33 -20.41 -10.49
N SER D 328 -25.99 -20.03 -9.26
CA SER D 328 -25.91 -21.01 -8.18
C SER D 328 -26.18 -20.33 -6.85
N GLY D 329 -25.15 -19.82 -6.18
CA GLY D 329 -25.36 -19.06 -4.96
C GLY D 329 -24.88 -19.86 -3.73
N GLY D 330 -24.86 -19.15 -2.60
CA GLY D 330 -24.32 -19.71 -1.38
C GLY D 330 -22.93 -19.22 -1.07
N VAL D 331 -22.13 -20.05 -0.40
CA VAL D 331 -20.73 -19.71 -0.23
C VAL D 331 -20.08 -19.41 -1.59
N GLY D 332 -20.46 -20.15 -2.65
CA GLY D 332 -20.03 -19.76 -4.00
C GLY D 332 -18.59 -20.13 -4.37
N PHE D 333 -18.00 -19.32 -5.27
CA PHE D 333 -16.87 -19.80 -6.04
C PHE D 333 -15.70 -18.84 -5.94
N THR D 334 -15.48 -18.25 -4.76
CA THR D 334 -14.41 -17.28 -4.63
C THR D 334 -13.06 -17.83 -5.11
N GLN D 335 -12.63 -19.00 -4.57
CA GLN D 335 -11.29 -19.52 -4.81
C GLN D 335 -11.16 -20.24 -6.14
N TYR D 336 -12.25 -20.73 -6.72
CA TYR D 336 -12.15 -21.11 -8.14
C TYR D 336 -11.66 -19.92 -8.96
N ALA D 337 -12.05 -18.72 -8.56
CA ALA D 337 -11.71 -17.51 -9.29
C ALA D 337 -10.39 -16.94 -8.86
N THR D 338 -10.16 -16.81 -7.54
CA THR D 338 -8.91 -16.20 -7.07
C THR D 338 -7.67 -16.95 -7.55
N ALA D 339 -7.79 -18.24 -7.89
CA ALA D 339 -6.57 -18.93 -8.35
C ALA D 339 -5.99 -18.24 -9.60
N ALA D 340 -6.80 -17.49 -10.33
CA ALA D 340 -6.38 -16.88 -11.59
C ALA D 340 -5.93 -15.46 -11.42
N TYR D 341 -5.96 -14.90 -10.19
CA TYR D 341 -5.48 -13.54 -9.98
C TYR D 341 -4.79 -13.35 -8.63
N THR D 342 -4.27 -14.43 -8.00
CA THR D 342 -3.55 -14.25 -6.74
C THR D 342 -2.22 -14.96 -6.80
N ASP D 343 -1.38 -14.53 -5.86
CA ASP D 343 -0.07 -15.10 -5.55
C ASP D 343 0.90 -15.10 -6.75
N ASP D 344 0.59 -14.36 -7.84
CA ASP D 344 1.43 -14.31 -9.07
C ASP D 344 1.69 -15.68 -9.67
N ILE D 345 0.79 -16.63 -9.43
CA ILE D 345 1.01 -17.98 -9.91
C ILE D 345 0.75 -18.06 -11.41
N LEU D 346 -0.47 -17.68 -11.84
CA LEU D 346 -0.73 -17.60 -13.28
C LEU D 346 0.30 -16.72 -13.99
N ASP D 347 0.67 -15.58 -13.39
CA ASP D 347 1.72 -14.72 -13.96
C ASP D 347 2.97 -15.51 -14.30
N ASP D 348 3.46 -16.33 -13.35
CA ASP D 348 4.67 -17.08 -13.63
C ASP D 348 4.50 -17.97 -14.86
N PHE D 349 3.38 -18.68 -14.93
CA PHE D 349 3.22 -19.63 -16.03
C PHE D 349 3.10 -18.88 -17.33
N LEU D 350 2.35 -17.77 -17.33
CA LEU D 350 2.15 -17.06 -18.58
C LEU D 350 3.42 -16.31 -19.00
N TYR D 351 4.14 -15.70 -18.06
CA TYR D 351 5.41 -15.11 -18.45
C TYR D 351 6.39 -16.16 -18.98
N TYR D 352 6.41 -17.38 -18.40
CA TYR D 352 7.20 -18.47 -18.99
C TYR D 352 6.79 -18.75 -20.41
N GLY D 353 5.48 -18.84 -20.67
CA GLY D 353 5.05 -19.18 -22.01
C GLY D 353 5.38 -18.09 -23.01
N MET D 354 5.22 -16.83 -22.60
CA MET D 354 5.48 -15.73 -23.53
C MET D 354 6.95 -15.71 -23.89
N GLU D 355 7.81 -16.00 -22.91
CA GLU D 355 9.24 -15.96 -23.18
C GLU D 355 9.65 -17.12 -24.06
N TYR D 356 9.03 -18.29 -23.86
CA TYR D 356 9.24 -19.43 -24.74
C TYR D 356 8.84 -19.10 -26.17
N VAL D 357 7.68 -18.48 -26.34
CA VAL D 357 7.22 -18.02 -27.65
C VAL D 357 8.18 -16.98 -28.25
N GLU D 358 8.55 -15.97 -27.46
CA GLU D 358 9.50 -14.96 -27.97
C GLU D 358 10.77 -15.61 -28.51
N ASP D 359 11.31 -16.58 -27.78
CA ASP D 359 12.57 -17.22 -28.18
C ASP D 359 12.38 -18.13 -29.39
N LYS D 360 11.29 -18.87 -29.44
CA LYS D 360 11.17 -19.91 -30.45
C LYS D 360 10.46 -19.47 -31.72
N PHE D 361 9.45 -18.61 -31.60
CA PHE D 361 8.60 -18.22 -32.71
C PHE D 361 8.61 -16.73 -32.99
N GLY D 362 8.82 -15.91 -31.97
CA GLY D 362 8.48 -14.50 -32.02
C GLY D 362 7.03 -14.28 -31.67
N ILE D 363 6.76 -13.17 -30.97
CA ILE D 363 5.38 -12.77 -30.75
C ILE D 363 4.77 -12.43 -32.10
N CYS D 364 3.60 -12.99 -32.41
CA CYS D 364 3.02 -12.86 -33.74
C CYS D 364 3.96 -13.35 -34.84
N GLY D 365 4.83 -14.31 -34.53
CA GLY D 365 5.83 -14.75 -35.47
C GLY D 365 5.45 -15.96 -36.29
N SER D 366 4.28 -16.54 -36.06
CA SER D 366 3.87 -17.74 -36.76
C SER D 366 2.42 -17.61 -37.21
N GLU D 367 2.13 -18.18 -38.38
CA GLU D 367 0.75 -18.44 -38.76
C GLU D 367 0.21 -19.56 -37.88
N PRO D 368 -1.10 -19.59 -37.62
CA PRO D 368 -1.65 -20.69 -36.80
C PRO D 368 -1.53 -21.99 -37.57
N THR D 369 -0.88 -22.98 -36.94
CA THR D 369 -0.80 -24.33 -37.47
C THR D 369 -0.99 -25.29 -36.29
N MET D 370 -1.40 -26.52 -36.59
CA MET D 370 -1.52 -27.48 -35.49
C MET D 370 -0.16 -27.79 -34.86
N ASP D 371 0.92 -27.79 -35.66
CA ASP D 371 2.27 -28.00 -35.14
C ASP D 371 2.59 -26.99 -34.05
N VAL D 372 2.24 -25.72 -34.32
CA VAL D 372 2.58 -24.63 -33.42
C VAL D 372 1.72 -24.71 -32.16
N VAL D 373 0.41 -24.97 -32.32
CA VAL D 373 -0.43 -25.14 -31.14
C VAL D 373 0.09 -26.29 -30.29
N ARG D 374 0.38 -27.41 -30.92
CA ARG D 374 0.81 -28.56 -30.11
C ARG D 374 2.13 -28.24 -29.39
N ASP D 375 3.05 -27.53 -30.07
CA ASP D 375 4.34 -27.26 -29.48
C ASP D 375 4.20 -26.39 -28.24
N ILE D 376 3.47 -25.28 -28.37
CA ILE D 376 3.37 -24.31 -27.30
C ILE D 376 2.54 -24.85 -26.13
N SER D 377 1.35 -25.41 -26.42
CA SER D 377 0.49 -25.87 -25.35
CA SER D 377 0.47 -25.87 -25.35
C SER D 377 1.14 -26.96 -24.54
N THR D 378 1.77 -27.90 -25.21
CA THR D 378 2.46 -28.98 -24.51
C THR D 378 3.55 -28.43 -23.61
N GLU D 379 4.43 -27.56 -24.16
CA GLU D 379 5.55 -27.07 -23.36
C GLU D 379 5.08 -26.28 -22.14
N VAL D 380 4.11 -25.37 -22.34
CA VAL D 380 3.64 -24.55 -21.21
C VAL D 380 2.86 -25.38 -20.18
N THR D 381 2.09 -26.38 -20.61
CA THR D 381 1.44 -27.30 -19.68
C THR D 381 2.45 -28.09 -18.84
N LEU D 382 3.41 -28.72 -19.51
CA LEU D 382 4.48 -29.41 -18.77
C LEU D 382 5.16 -28.48 -17.76
N TYR D 383 5.47 -27.25 -18.17
CA TYR D 383 6.16 -26.36 -17.23
C TYR D 383 5.27 -26.07 -16.03
N SER D 384 3.99 -25.80 -16.29
CA SER D 384 3.04 -25.49 -15.22
C SER D 384 2.88 -26.65 -14.25
N LEU D 385 2.65 -27.86 -14.78
CA LEU D 385 2.58 -29.06 -13.92
C LEU D 385 3.84 -29.22 -13.08
N GLU D 386 5.01 -28.99 -13.68
CA GLU D 386 6.26 -29.18 -12.95
C GLU D 386 6.36 -28.20 -11.79
N GLN D 387 5.72 -27.03 -11.90
CA GLN D 387 5.76 -26.09 -10.78
C GLN D 387 5.00 -26.65 -9.59
N TYR D 388 3.85 -27.28 -9.84
CA TYR D 388 3.11 -27.85 -8.74
C TYR D 388 3.89 -29.00 -8.11
N GLU D 389 4.68 -29.72 -8.91
CA GLU D 389 5.42 -30.89 -8.41
C GLU D 389 6.67 -30.46 -7.65
N GLU D 390 7.24 -29.34 -8.06
CA GLU D 390 8.46 -28.83 -7.45
CA GLU D 390 8.46 -28.84 -7.45
C GLU D 390 8.20 -28.13 -6.12
N TYR D 391 7.01 -27.56 -5.94
CA TYR D 391 6.72 -26.75 -4.75
C TYR D 391 5.46 -27.26 -4.05
N PRO D 392 5.61 -28.07 -3.02
CA PRO D 392 4.44 -28.54 -2.27
C PRO D 392 3.55 -27.41 -1.74
N THR D 393 4.13 -26.26 -1.33
CA THR D 393 3.24 -25.22 -0.86
C THR D 393 2.46 -24.60 -2.01
N LEU D 394 2.98 -24.68 -3.24
CA LEU D 394 2.21 -24.20 -4.37
C LEU D 394 0.99 -25.07 -4.59
N LEU D 395 1.17 -26.39 -4.47
CA LEU D 395 0.10 -27.34 -4.71
C LEU D 395 -0.93 -27.30 -3.57
N GLU D 396 -0.48 -26.99 -2.35
CA GLU D 396 -1.40 -26.83 -1.24
C GLU D 396 -2.18 -25.49 -1.34
N ASP D 397 -1.64 -24.53 -2.09
CA ASP D 397 -2.30 -23.25 -2.36
C ASP D 397 -3.43 -23.45 -3.36
N HIS D 398 -3.10 -23.93 -4.57
CA HIS D 398 -4.10 -24.32 -5.57
C HIS D 398 -4.50 -25.76 -5.28
N PHE D 399 -5.25 -25.90 -4.19
CA PHE D 399 -5.53 -27.21 -3.63
C PHE D 399 -6.55 -27.98 -4.43
N GLY D 400 -7.40 -27.32 -5.21
CA GLY D 400 -8.42 -28.01 -6.00
C GLY D 400 -7.91 -28.17 -7.43
N GLY D 401 -8.08 -29.38 -7.99
CA GLY D 401 -7.65 -29.62 -9.35
C GLY D 401 -8.18 -28.62 -10.36
N SER D 402 -9.41 -28.14 -10.19
CA SER D 402 -9.98 -27.31 -11.19
C SER D 402 -9.12 -26.03 -11.33
N MGN D 403 -8.70 -25.54 -10.19
CA MGN D 403 -7.88 -24.33 -10.13
CB1 MGN D 403 -7.45 -24.11 -8.68
CB2 MGN D 403 -8.71 -23.14 -10.68
CG MGN D 403 -8.57 -23.70 -7.76
CD MGN D 403 -8.03 -23.54 -6.36
OE1 MGN D 403 -7.39 -24.44 -5.85
NE2 MGN D 403 -8.31 -22.42 -5.67
C MGN D 403 -6.65 -24.56 -10.93
O MGN D 403 -6.25 -23.72 -11.75
N ARG D 404 -6.00 -25.71 -10.75
CA ARG D 404 -4.74 -25.96 -11.38
C ARG D 404 -4.91 -26.12 -12.89
N ALA D 405 -5.96 -26.82 -13.27
CA ALA D 405 -6.24 -27.04 -14.67
C ALA D 405 -6.49 -25.72 -15.39
N ALA D 406 -7.27 -24.84 -14.78
CA ALA D 406 -7.62 -23.56 -15.40
C ALA D 406 -6.37 -22.69 -15.58
N VAL D 407 -5.50 -22.68 -14.60
CA VAL D 407 -4.35 -21.77 -14.64
C VAL D 407 -3.31 -22.28 -15.65
N ALA D 408 -3.01 -23.60 -15.63
CA ALA D 408 -2.10 -24.17 -16.63
C ALA D 408 -2.65 -23.97 -18.05
N ALA D 409 -3.93 -24.26 -18.27
CA ALA D 409 -4.48 -24.15 -19.62
C ALA D 409 -4.54 -22.68 -20.08
N ALA D 410 -4.78 -21.76 -19.15
CA ALA D 410 -4.79 -20.35 -19.49
C ALA D 410 -3.44 -19.90 -20.02
N ALA D 411 -2.35 -20.28 -19.32
CA ALA D 411 -1.01 -19.97 -19.82
C ALA D 411 -0.79 -20.60 -21.18
N ALA D 412 -1.21 -21.85 -21.34
CA ALA D 412 -0.97 -22.53 -22.61
C ALA D 412 -1.75 -21.86 -23.75
N GLY D 413 -3.04 -21.58 -23.52
CA GLY D 413 -3.89 -20.95 -24.54
C GLY D 413 -3.50 -19.53 -24.89
N CYS D 414 -3.28 -18.69 -23.87
CA CYS D 414 -2.80 -17.36 -24.19
C CYS D 414 -1.46 -17.40 -24.91
N SER D 415 -0.52 -18.29 -24.49
CA SER D 415 0.77 -18.29 -25.16
C SER D 415 0.62 -18.72 -26.60
N THR D 416 -0.25 -19.69 -26.87
CA THR D 416 -0.49 -20.08 -28.25
C THR D 416 -1.06 -18.89 -29.03
N ALA D 417 -1.95 -18.12 -28.42
CA ALA D 417 -2.51 -16.94 -29.12
C ALA D 417 -1.44 -15.88 -29.34
N PHE D 418 -0.47 -15.78 -28.42
CA PHE D 418 0.62 -14.83 -28.60
C PHE D 418 1.43 -15.13 -29.85
N ALA D 419 1.74 -16.40 -30.06
CA ALA D 419 2.53 -16.78 -31.23
C ALA D 419 1.75 -16.61 -32.53
N THR D 420 0.45 -16.96 -32.53
CA THR D 420 -0.26 -17.16 -33.80
C THR D 420 -1.21 -16.04 -34.18
N GLY D 421 -1.55 -15.14 -33.26
CA GLY D 421 -2.58 -14.13 -33.49
C GLY D 421 -3.99 -14.65 -33.67
N ASN D 422 -4.28 -15.88 -33.24
CA ASN D 422 -5.57 -16.47 -33.56
C ASN D 422 -6.17 -17.05 -32.28
N SER D 423 -7.26 -16.44 -31.86
CA SER D 423 -7.96 -16.84 -30.62
C SER D 423 -8.48 -18.25 -30.65
N ASN D 424 -8.91 -18.75 -31.82
CA ASN D 424 -9.41 -20.13 -31.82
C ASN D 424 -8.25 -21.12 -31.75
N ALA D 425 -7.09 -20.76 -32.31
CA ALA D 425 -5.89 -21.58 -32.07
C ALA D 425 -5.56 -21.55 -30.59
N GLY D 426 -5.63 -20.38 -29.98
CA GLY D 426 -5.49 -20.32 -28.53
C GLY D 426 -6.38 -21.31 -27.79
N VAL D 427 -7.69 -21.33 -28.09
CA VAL D 427 -8.58 -22.14 -27.26
C VAL D 427 -8.38 -23.60 -27.60
N ASN D 428 -8.02 -23.91 -28.85
CA ASN D 428 -7.64 -25.28 -29.17
C ASN D 428 -6.46 -25.72 -28.31
N GLY D 429 -5.47 -24.83 -28.14
CA GLY D 429 -4.36 -25.10 -27.25
C GLY D 429 -4.75 -25.34 -25.80
N TRP D 430 -5.71 -24.55 -25.34
CA TRP D 430 -6.32 -24.72 -24.01
C TRP D 430 -6.86 -26.15 -23.85
N TYR D 431 -7.57 -26.66 -24.88
CA TYR D 431 -8.12 -28.01 -24.78
C TYR D 431 -7.03 -29.09 -24.80
N LEU D 432 -5.97 -28.92 -25.63
CA LEU D 432 -4.81 -29.81 -25.53
C LEU D 432 -4.25 -29.82 -24.12
N SER D 433 -4.03 -28.64 -23.56
CA SER D 433 -3.48 -28.54 -22.21
C SER D 433 -4.28 -29.36 -21.20
N GLN D 434 -5.62 -29.28 -21.26
CA GLN D 434 -6.50 -30.00 -20.33
C GLN D 434 -6.32 -31.51 -20.43
N ILE D 435 -6.32 -32.08 -21.64
CA ILE D 435 -6.26 -33.53 -21.67
C ILE D 435 -4.82 -34.02 -21.34
N LEU D 436 -3.77 -33.22 -21.64
CA LEU D 436 -2.41 -33.55 -21.21
CA LEU D 436 -2.41 -33.53 -21.20
C LEU D 436 -2.29 -33.49 -19.68
N HIS D 437 -2.85 -32.44 -19.09
CA HIS D 437 -2.91 -32.29 -17.63
C HIS D 437 -3.57 -33.53 -16.98
N LYS D 438 -4.71 -33.93 -17.53
CA LYS D 438 -5.41 -35.09 -17.00
C LYS D 438 -4.55 -36.36 -17.06
N GLU D 439 -3.80 -36.56 -18.15
CA GLU D 439 -3.03 -37.79 -18.26
C GLU D 439 -1.77 -37.72 -17.37
N ALA D 440 -1.24 -36.54 -17.16
CA ALA D 440 -0.09 -36.42 -16.25
C ALA D 440 -0.45 -36.77 -14.78
N HIS D 441 -1.50 -36.17 -14.23
CA HIS D 441 -1.77 -36.31 -12.80
C HIS D 441 -2.86 -37.31 -12.51
N SER D 442 -3.42 -37.94 -13.53
CA SER D 442 -4.54 -38.88 -13.39
C SER D 442 -5.72 -38.23 -12.63
N ARG D 443 -5.90 -36.94 -12.88
CA ARG D 443 -7.01 -36.19 -12.33
C ARG D 443 -7.07 -34.88 -13.10
N LEU D 444 -8.19 -34.22 -12.99
CA LEU D 444 -8.26 -32.91 -13.63
C LEU D 444 -8.99 -31.98 -12.67
N GLY D 445 -10.29 -31.75 -12.87
CA GLY D 445 -10.99 -30.86 -11.96
C GLY D 445 -12.11 -31.54 -11.20
N PHE D 446 -13.16 -30.76 -10.89
CA PHE D 446 -14.29 -31.26 -10.15
C PHE D 446 -15.09 -32.20 -11.03
N TYR D 447 -16.10 -32.82 -10.42
CA TYR D 447 -16.88 -33.86 -11.12
C TYR D 447 -17.23 -33.50 -12.57
CA GL3 D 448 -18.16 -31.92 -14.09
N GL3 D 448 -17.66 -32.26 -12.78
C GL3 D 448 -17.35 -30.84 -14.78
S GL3 D 448 -17.99 -30.08 -16.09
N TYR D 449 -16.06 -30.82 -14.46
CA TYR D 449 -15.19 -29.75 -14.93
C TYR D 449 -14.94 -29.78 -16.44
N ASP D 450 -14.68 -30.96 -16.95
CA ASP D 450 -14.16 -31.08 -18.31
C ASP D 450 -15.21 -31.45 -19.34
N LEU D 451 -16.48 -31.19 -19.05
CA LEU D 451 -17.50 -31.30 -20.10
C LEU D 451 -17.06 -30.50 -21.33
N GLN D 452 -16.70 -29.23 -21.16
CA GLN D 452 -16.37 -28.45 -22.36
C GLN D 452 -15.00 -28.79 -22.94
N ASP D 453 -14.08 -29.30 -22.10
CA ASP D 453 -12.74 -29.63 -22.55
C ASP D 453 -12.69 -30.91 -23.36
N GLN D 454 -13.54 -31.91 -23.06
CA GLN D 454 -13.56 -33.13 -23.89
C GLN D 454 -14.27 -32.85 -25.21
N SMC D 455 -15.23 -31.92 -25.21
CA SMC D 455 -15.93 -31.44 -26.45
CB SMC D 455 -17.25 -30.71 -26.05
SG SMC D 455 -18.59 -31.79 -25.46
CS SMC D 455 -19.54 -30.71 -24.49
C SMC D 455 -15.09 -30.38 -27.12
O SMC D 455 -15.33 -30.04 -28.29
N GLY D 456 -14.15 -29.82 -26.37
CA GLY D 456 -13.43 -28.64 -26.82
C GLY D 456 -12.62 -28.72 -28.12
N ALA D 457 -11.78 -29.75 -28.29
CA ALA D 457 -10.99 -29.81 -29.53
C ALA D 457 -11.90 -29.85 -30.74
N SER D 458 -12.95 -30.66 -30.70
CA SER D 458 -13.80 -30.76 -31.89
C SER D 458 -14.55 -29.45 -32.15
N ASN D 459 -14.99 -28.73 -31.09
CA ASN D 459 -15.79 -27.52 -31.35
C ASN D 459 -14.94 -26.26 -31.52
N SER D 460 -13.64 -26.32 -31.19
CA SER D 460 -12.76 -25.14 -31.27
C SER D 460 -12.67 -24.61 -32.70
N LEU D 461 -12.53 -25.49 -33.67
CA LEU D 461 -12.42 -25.07 -35.06
C LEU D 461 -13.64 -25.52 -35.87
N SER D 462 -14.72 -25.91 -35.20
CA SER D 462 -15.92 -26.37 -35.88
C SER D 462 -16.54 -25.22 -36.66
N ILE D 463 -17.30 -25.54 -37.71
CA ILE D 463 -18.09 -24.55 -38.42
C ILE D 463 -19.59 -24.82 -38.34
N ARG D 464 -20.01 -25.76 -37.50
CA ARG D 464 -21.42 -26.10 -37.44
C ARG D 464 -22.22 -25.23 -36.50
N SER D 465 -23.53 -25.13 -36.83
CA SER D 465 -24.65 -24.54 -36.07
C SER D 465 -24.30 -23.90 -34.74
N ASP D 466 -24.37 -24.68 -33.65
CA ASP D 466 -24.10 -24.19 -32.29
C ASP D 466 -22.72 -24.59 -31.81
N GLU D 467 -21.84 -24.95 -32.75
CA GLU D 467 -20.47 -25.33 -32.44
C GLU D 467 -19.48 -24.29 -32.88
N GLY D 468 -19.53 -23.87 -34.14
CA GLY D 468 -18.52 -22.95 -34.63
C GLY D 468 -18.86 -21.52 -34.29
N LEU D 469 -17.84 -20.79 -33.84
CA LEU D 469 -18.01 -19.38 -33.49
C LEU D 469 -16.62 -18.86 -33.16
N ILE D 470 -16.26 -17.73 -33.76
CA ILE D 470 -14.95 -17.18 -33.51
C ILE D 470 -14.83 -16.92 -32.03
N HIS D 471 -13.66 -17.24 -31.44
CA HIS D 471 -13.60 -17.36 -29.98
C HIS D 471 -13.97 -16.03 -29.29
N GLU D 472 -13.56 -14.89 -29.84
CA GLU D 472 -13.84 -13.57 -29.24
C GLU D 472 -15.32 -13.37 -29.00
N LEU D 473 -16.17 -13.97 -29.83
CA LEU D 473 -17.61 -13.76 -29.71
C LEU D 473 -18.28 -14.83 -28.88
N ARG D 474 -17.54 -15.84 -28.40
CA ARG D 474 -18.12 -16.81 -27.49
C ARG D 474 -18.28 -16.10 -26.18
N GLY D 475 -19.10 -16.65 -25.31
CA GLY D 475 -19.32 -16.08 -23.98
C GLY D 475 -19.99 -17.15 -23.11
N PRO D 476 -20.51 -16.73 -21.95
CA PRO D 476 -21.14 -17.66 -21.00
C PRO D 476 -22.35 -18.43 -21.53
N ASN D 477 -22.95 -18.02 -22.64
CA ASN D 477 -24.09 -18.74 -23.20
C ASN D 477 -23.70 -19.63 -24.36
N TYR D 478 -22.44 -19.61 -24.79
CA TYR D 478 -21.97 -20.60 -25.76
C TYR D 478 -22.25 -21.98 -25.13
N PRO D 479 -22.97 -22.89 -25.80
CA PRO D 479 -23.59 -24.03 -25.09
C PRO D 479 -22.61 -24.84 -24.21
N ASN D 480 -21.44 -25.18 -24.75
CA ASN D 480 -20.47 -25.98 -23.99
C ASN D 480 -20.05 -25.26 -22.71
N TYR D 481 -20.10 -23.92 -22.72
CA TYR D 481 -19.53 -23.11 -21.65
C TYR D 481 -20.56 -22.72 -20.60
N ALA D 482 -21.82 -23.08 -20.80
CA ALA D 482 -22.92 -22.47 -20.08
C ALA D 482 -22.99 -22.82 -18.59
N MET D 483 -22.26 -23.85 -18.11
CA MET D 483 -22.43 -24.40 -16.76
C MET D 483 -21.24 -24.34 -15.78
N ASN D 484 -19.98 -24.31 -16.24
CA ASN D 484 -18.89 -24.71 -15.31
C ASN D 484 -17.84 -23.64 -15.02
N VAL D 485 -17.44 -23.55 -13.73
CA VAL D 485 -16.33 -22.67 -13.31
C VAL D 485 -15.00 -22.97 -14.01
N GLY D 486 -13.99 -22.13 -13.75
CA GLY D 486 -12.64 -22.46 -14.16
C GLY D 486 -12.40 -22.49 -15.65
N HIS D 487 -13.18 -21.75 -16.44
CA HIS D 487 -13.04 -21.64 -17.90
C HIS D 487 -13.32 -20.24 -18.43
N GLN D 488 -14.54 -19.69 -18.17
CA GLN D 488 -14.93 -18.40 -18.75
C GLN D 488 -13.92 -17.30 -18.44
N PRO D 489 -13.48 -17.10 -17.20
CA PRO D 489 -12.48 -16.03 -16.93
C PRO D 489 -11.23 -16.19 -17.77
N GLU D 490 -10.73 -17.43 -17.88
CA GLU D 490 -9.55 -17.65 -18.66
C GLU D 490 -9.85 -17.49 -20.15
N TYR D 491 -11.05 -17.85 -20.62
CA TYR D 491 -11.35 -17.60 -22.04
C TYR D 491 -11.30 -16.10 -22.39
N ALA D 492 -11.67 -15.26 -21.45
CA ALA D 492 -11.60 -13.83 -21.71
C ALA D 492 -10.16 -13.40 -21.91
N GLY D 493 -9.25 -13.98 -21.15
CA GLY D 493 -7.84 -13.75 -21.41
C GLY D 493 -7.39 -14.24 -22.77
N ILE D 494 -7.85 -15.44 -23.17
CA ILE D 494 -7.48 -15.94 -24.49
C ILE D 494 -8.06 -15.05 -25.59
N ALA D 495 -9.26 -14.51 -25.38
CA ALA D 495 -9.84 -13.56 -26.34
C ALA D 495 -8.94 -12.34 -26.45
N GLN D 496 -8.41 -11.87 -25.32
CA GLN D 496 -7.57 -10.68 -25.36
C GLN D 496 -6.19 -10.95 -25.96
N ALA D 497 -5.61 -12.14 -25.70
CA ALA D 497 -4.21 -12.42 -25.94
C ALA D 497 -3.73 -12.11 -27.36
N PRO D 498 -4.44 -12.48 -28.44
CA PRO D 498 -3.85 -12.23 -29.78
C PRO D 498 -3.84 -10.77 -30.12
N HIS D 499 -4.84 -10.03 -29.60
CA HIS D 499 -4.94 -8.60 -29.83
C HIS D 499 -3.92 -7.87 -29.01
N ALA D 500 -3.65 -8.34 -27.77
CA ALA D 500 -2.58 -7.70 -27.02
C ALA D 500 -1.23 -7.95 -27.69
N ALA D 501 -1.02 -9.16 -28.22
CA ALA D 501 0.24 -9.45 -28.88
C ALA D 501 0.40 -8.60 -30.14
N ARG D 502 -0.70 -8.37 -30.88
CA ARG D 502 -0.67 -7.53 -32.07
C ARG D 502 -0.55 -6.04 -31.75
N GLY D 503 -0.76 -5.66 -30.50
CA GLY D 503 -0.88 -4.25 -30.16
C GLY D 503 -2.17 -3.62 -30.64
N ASP D 504 -3.22 -4.41 -30.90
CA ASP D 504 -4.51 -3.84 -31.26
C ASP D 504 -5.05 -2.98 -30.14
N ALA D 505 -5.78 -1.93 -30.51
CA ALA D 505 -6.53 -1.11 -29.56
C ALA D 505 -7.80 -1.79 -28.99
N PHE D 506 -8.33 -2.84 -29.60
CA PHE D 506 -9.53 -3.50 -29.10
C PHE D 506 -9.56 -4.89 -29.69
N CYS D 507 -10.43 -5.73 -29.14
CA CYS D 507 -10.61 -7.12 -29.58
C CYS D 507 -11.84 -7.35 -30.45
N THR D 508 -12.95 -6.69 -30.15
CA THR D 508 -14.22 -6.96 -30.86
C THR D 508 -15.03 -5.73 -31.18
N ASN D 509 -14.86 -4.64 -30.42
CA ASN D 509 -15.75 -3.51 -30.62
C ASN D 509 -15.03 -2.23 -30.18
N PRO D 510 -14.76 -1.31 -31.09
CA PRO D 510 -14.03 -0.10 -30.70
C PRO D 510 -14.89 0.84 -29.88
N LEU D 511 -16.23 0.77 -30.05
CA LEU D 511 -17.11 1.65 -29.29
C LEU D 511 -17.10 1.27 -27.82
N ILE D 512 -17.08 -0.05 -27.56
CA ILE D 512 -17.01 -0.55 -26.17
C ILE D 512 -15.70 -0.11 -25.54
N LYS D 513 -14.60 -0.28 -26.27
CA LYS D 513 -13.30 0.09 -25.73
C LYS D 513 -13.25 1.56 -25.37
N VAL D 514 -13.75 2.45 -26.23
CA VAL D 514 -13.71 3.90 -25.93
C VAL D 514 -14.69 4.21 -24.79
N ALA D 515 -15.84 3.56 -24.78
CA ALA D 515 -16.87 3.83 -23.78
C ALA D 515 -16.39 3.60 -22.34
N PHE D 516 -15.36 2.78 -22.10
CA PHE D 516 -14.82 2.61 -20.75
C PHE D 516 -13.48 3.32 -20.53
N ALA D 517 -13.02 4.14 -21.48
CA ALA D 517 -11.79 4.95 -21.30
C ALA D 517 -12.15 6.30 -20.67
N ASP D 518 -12.44 6.25 -19.37
CA ASP D 518 -13.15 7.35 -18.70
C ASP D 518 -12.76 7.32 -17.23
N LYS D 519 -12.06 8.35 -16.75
CA LYS D 519 -11.65 8.36 -15.37
C LYS D 519 -12.85 8.44 -14.41
N ASP D 520 -14.04 8.77 -14.91
CA ASP D 520 -15.15 8.99 -14.00
C ASP D 520 -15.94 7.72 -13.69
N LEU D 521 -15.56 6.58 -14.24
CA LEU D 521 -16.04 5.31 -13.73
C LEU D 521 -15.66 5.17 -12.25
N SER D 522 -16.42 4.36 -11.51
CA SER D 522 -16.15 4.15 -10.09
C SER D 522 -15.11 3.06 -9.89
N PHE D 523 -15.31 1.93 -10.56
CA PHE D 523 -14.27 0.91 -10.60
C PHE D 523 -13.19 1.32 -11.58
N ASP D 524 -11.93 1.07 -11.20
CA ASP D 524 -10.79 1.36 -12.09
C ASP D 524 -10.53 0.22 -13.08
N PHE D 525 -11.05 0.37 -14.31
CA PHE D 525 -10.91 -0.67 -15.32
C PHE D 525 -9.52 -0.75 -15.96
N THR D 526 -8.59 0.20 -15.71
CA THR D 526 -7.24 0.00 -16.19
C THR D 526 -6.52 -1.10 -15.40
N SER D 527 -6.91 -1.35 -14.15
CA SER D 527 -6.32 -2.46 -13.41
C SER D 527 -7.37 -3.07 -12.49
N PRO D 528 -8.14 -4.03 -13.00
CA PRO D 528 -9.07 -4.75 -12.12
C PRO D 528 -8.36 -5.37 -10.91
N ARG D 529 -7.10 -5.77 -11.06
CA ARG D 529 -6.38 -6.33 -9.92
C ARG D 529 -6.27 -5.30 -8.78
N LYS D 530 -5.80 -4.10 -9.12
CA LYS D 530 -5.64 -3.04 -8.15
C LYS D 530 -6.95 -2.70 -7.46
N SER D 531 -8.04 -2.58 -8.23
CA SER D 531 -9.34 -2.20 -7.68
C SER D 531 -9.91 -3.30 -6.80
N ILE D 532 -9.84 -4.55 -7.26
CA ILE D 532 -10.31 -5.67 -6.44
C ILE D 532 -9.54 -5.72 -5.12
N ALA D 533 -8.21 -5.47 -5.18
CA ALA D 533 -7.43 -5.41 -3.95
C ALA D 533 -7.93 -4.32 -3.02
N LYS D 534 -8.26 -3.14 -3.57
CA LYS D 534 -8.73 -2.04 -2.73
C LYS D 534 -10.04 -2.41 -2.04
N GLY D 535 -10.93 -3.11 -2.75
CA GLY D 535 -12.12 -3.60 -2.10
C GLY D 535 -11.81 -4.62 -1.03
N ALA D 536 -10.85 -5.49 -1.28
CA ALA D 536 -10.50 -6.53 -0.30
C ALA D 536 -9.98 -5.90 0.98
N LEU D 537 -9.33 -4.74 0.87
CA LEU D 537 -8.82 -4.00 2.02
C LEU D 537 -9.88 -3.13 2.68
N ARG D 538 -11.12 -3.18 2.20
CA ARG D 538 -12.22 -2.31 2.63
C ARG D 538 -11.84 -0.83 2.47
N GLU D 539 -11.17 -0.53 1.36
CA GLU D 539 -10.78 0.84 1.05
C GLU D 539 -11.54 1.40 -0.13
N PHE D 540 -12.39 0.61 -0.78
CA PHE D 540 -13.13 1.03 -1.96
C PHE D 540 -14.50 1.58 -1.59
N ILE D 541 -14.82 2.79 -2.08
CA ILE D 541 -16.11 3.45 -1.81
C ILE D 541 -17.02 3.22 -3.00
N PRO D 542 -18.06 2.39 -2.87
CA PRO D 542 -18.93 2.09 -3.99
C PRO D 542 -20.00 3.16 -4.09
N GLU D 543 -20.81 3.05 -5.14
CA GLU D 543 -21.93 3.93 -5.45
C GLU D 543 -23.24 3.28 -5.02
N GLY D 544 -24.30 4.08 -4.92
CA GLY D 544 -25.63 3.54 -4.80
C GLY D 544 -26.07 3.22 -3.39
N GLU D 545 -25.30 3.59 -2.36
CA GLU D 545 -25.75 3.35 -1.00
C GLU D 545 -26.90 4.29 -0.66
N ARG D 546 -27.65 3.96 0.41
CA ARG D 546 -28.87 4.69 0.72
C ARG D 546 -28.79 5.51 2.01
N ASP D 547 -27.56 5.84 2.45
CA ASP D 547 -27.42 6.52 3.73
C ASP D 547 -28.24 7.81 3.80
N LEU D 548 -28.34 8.56 2.68
CA LEU D 548 -29.02 9.86 2.75
C LEU D 548 -30.54 9.77 2.97
N ILE D 549 -31.14 8.60 2.79
CA ILE D 549 -32.57 8.47 2.93
C ILE D 549 -32.93 7.52 4.06
N ILE D 550 -31.99 7.19 4.92
CA ILE D 550 -32.32 6.27 6.01
C ILE D 550 -31.87 6.90 7.33
N PRO D 551 -32.46 6.49 8.44
CA PRO D 551 -32.15 7.15 9.71
C PRO D 551 -30.67 7.07 10.04
N ALA D 552 -30.19 8.11 10.71
CA ALA D 552 -28.79 8.21 11.15
C ALA D 552 -28.42 7.07 12.09
N PRO E 2 -27.50 -44.72 -55.55
CA PRO E 2 -27.79 -43.65 -54.57
C PRO E 2 -26.64 -42.68 -54.39
N MET E 3 -26.78 -41.73 -53.45
CA MET E 3 -25.71 -40.78 -53.16
C MET E 3 -24.52 -41.48 -52.53
N TYR E 4 -24.76 -42.27 -51.49
CA TYR E 4 -23.71 -42.97 -50.77
C TYR E 4 -23.69 -44.42 -51.20
N GLU E 5 -22.52 -45.06 -51.08
CA GLU E 5 -22.38 -46.45 -51.49
C GLU E 5 -22.73 -47.44 -50.36
N ASP E 6 -22.85 -46.97 -49.13
CA ASP E 6 -23.09 -47.87 -48.01
C ASP E 6 -24.41 -48.64 -48.15
N ARG E 7 -24.35 -49.94 -47.82
CA ARG E 7 -25.52 -50.77 -47.62
C ARG E 7 -25.36 -51.52 -46.30
N VAL E 8 -26.49 -51.75 -45.62
CA VAL E 8 -26.53 -52.45 -44.34
C VAL E 8 -27.65 -53.49 -44.34
N ASP E 9 -27.52 -54.45 -43.42
CA ASP E 9 -28.65 -55.32 -43.08
C ASP E 9 -29.32 -54.73 -41.86
N LEU E 10 -30.65 -54.66 -41.87
CA LEU E 10 -31.43 -54.18 -40.73
C LEU E 10 -31.88 -55.38 -39.90
N TYR E 11 -31.56 -55.34 -38.62
CA TYR E 11 -31.87 -56.40 -37.66
C TYR E 11 -32.82 -55.86 -36.60
N GLY E 12 -33.74 -56.71 -36.13
CA GLY E 12 -34.70 -56.26 -35.13
C GLY E 12 -34.11 -56.23 -33.75
N ALA E 13 -34.94 -55.77 -32.78
CA ALA E 13 -34.50 -55.77 -31.38
C ALA E 13 -34.30 -57.18 -30.83
N ASP E 14 -34.87 -58.18 -31.49
CA ASP E 14 -34.63 -59.55 -31.06
C ASP E 14 -33.37 -60.13 -31.69
N GLY E 15 -32.62 -59.34 -32.47
CA GLY E 15 -31.39 -59.84 -33.07
C GLY E 15 -31.61 -60.69 -34.30
N LYS E 16 -32.79 -60.64 -34.88
CA LYS E 16 -33.05 -61.39 -36.09
C LYS E 16 -33.17 -60.45 -37.29
N LEU E 17 -32.77 -60.98 -38.44
CA LEU E 17 -32.70 -60.18 -39.66
C LEU E 17 -34.09 -59.72 -40.07
N LEU E 18 -34.23 -58.44 -40.38
CA LEU E 18 -35.45 -57.85 -40.91
C LEU E 18 -35.38 -57.58 -42.40
N GLU E 19 -34.36 -56.84 -42.83
CA GLU E 19 -34.22 -56.45 -44.24
C GLU E 19 -32.76 -56.57 -44.67
N GLU E 20 -32.54 -57.22 -45.78
CA GLU E 20 -31.20 -57.48 -46.25
C GLU E 20 -30.76 -56.46 -47.29
N ASP E 21 -29.50 -56.03 -47.19
CA ASP E 21 -28.83 -55.28 -48.27
C ASP E 21 -29.60 -53.98 -48.62
N VAL E 22 -29.74 -53.11 -47.62
CA VAL E 22 -30.52 -51.88 -47.71
C VAL E 22 -29.58 -50.70 -47.92
N PRO E 23 -29.84 -49.83 -48.92
CA PRO E 23 -29.05 -48.59 -49.07
C PRO E 23 -29.20 -47.73 -47.84
N LEU E 24 -28.06 -47.18 -47.39
CA LEU E 24 -28.04 -46.37 -46.18
C LEU E 24 -29.14 -45.33 -46.20
N GLU E 25 -29.35 -44.69 -47.34
CA GLU E 25 -30.33 -43.60 -47.36
C GLU E 25 -31.76 -44.09 -47.12
N ALA E 26 -31.99 -45.40 -47.18
CA ALA E 26 -33.34 -45.88 -46.94
C ALA E 26 -33.75 -45.66 -45.50
N VAL E 27 -32.82 -45.36 -44.60
CA VAL E 27 -33.19 -45.00 -43.24
C VAL E 27 -32.93 -43.52 -42.98
N SER E 28 -32.69 -42.73 -44.01
CA SER E 28 -32.55 -41.28 -43.81
C SER E 28 -33.87 -40.68 -43.36
N PRO E 29 -33.85 -39.82 -42.37
CA PRO E 29 -35.05 -39.04 -42.02
C PRO E 29 -35.62 -38.28 -43.22
N LEU E 30 -34.80 -37.99 -44.23
CA LEU E 30 -35.27 -37.29 -45.43
C LEU E 30 -36.00 -38.20 -46.41
N LYS E 31 -35.85 -39.52 -46.27
CA LYS E 31 -36.43 -40.45 -47.23
C LYS E 31 -37.38 -41.46 -46.59
N ASN E 32 -37.08 -41.94 -45.39
CA ASN E 32 -37.85 -43.06 -44.85
C ASN E 32 -39.29 -42.68 -44.52
N PRO E 33 -40.29 -43.34 -45.10
CA PRO E 33 -41.66 -42.87 -44.86
C PRO E 33 -42.10 -43.10 -43.42
N THR E 34 -41.52 -44.09 -42.72
CA THR E 34 -41.91 -44.33 -41.33
C THR E 34 -41.42 -43.19 -40.43
N ILE E 35 -40.19 -42.73 -40.65
CA ILE E 35 -39.69 -41.60 -39.88
C ILE E 35 -40.55 -40.37 -40.13
N ALA E 36 -40.90 -40.11 -41.40
CA ALA E 36 -41.74 -38.94 -41.69
C ALA E 36 -43.08 -38.99 -40.93
N ASN E 37 -43.73 -40.15 -40.91
CA ASN E 37 -45.01 -40.28 -40.21
C ASN E 37 -44.82 -40.19 -38.71
N LEU E 38 -43.71 -40.69 -38.22
CA LEU E 38 -43.46 -40.61 -36.79
C LEU E 38 -43.29 -39.18 -36.37
N VAL E 39 -42.53 -38.39 -37.15
CA VAL E 39 -42.31 -36.98 -36.81
C VAL E 39 -43.61 -36.18 -36.96
N SER E 40 -44.36 -36.44 -38.01
CA SER E 40 -45.67 -35.80 -38.14
C SER E 40 -46.56 -36.10 -36.94
N ASP E 41 -46.59 -37.36 -36.46
CA ASP E 41 -47.45 -37.71 -35.31
C ASP E 41 -46.95 -37.05 -34.03
N VAL E 42 -45.63 -36.94 -33.85
CA VAL E 42 -45.16 -36.29 -32.63
C VAL E 42 -45.62 -34.84 -32.61
N LYS E 43 -45.58 -34.17 -33.77
CA LYS E 43 -45.91 -32.75 -33.86
C LYS E 43 -47.40 -32.49 -33.70
N ARG E 44 -48.23 -33.38 -34.24
CA ARG E 44 -49.66 -33.11 -34.28
C ARG E 44 -50.44 -33.68 -33.11
N SER E 45 -49.80 -34.46 -32.23
CA SER E 45 -50.54 -35.18 -31.20
C SER E 45 -50.57 -34.37 -29.92
N VAL E 46 -51.72 -34.38 -29.26
CA VAL E 46 -52.00 -33.63 -28.06
C VAL E 46 -52.77 -34.55 -27.08
N ALA E 47 -52.33 -34.56 -25.81
CA ALA E 47 -52.98 -35.31 -24.76
C ALA E 47 -53.89 -34.35 -23.99
N VAL E 48 -55.19 -34.63 -23.96
CA VAL E 48 -56.14 -33.81 -23.22
C VAL E 48 -56.49 -34.56 -21.94
N ASN E 49 -56.27 -33.95 -20.78
CA ASN E 49 -56.60 -34.61 -19.51
C ASN E 49 -57.98 -34.13 -19.03
N LEU E 50 -59.03 -34.81 -19.48
CA LEU E 50 -60.39 -34.44 -19.08
C LEU E 50 -60.60 -34.58 -17.57
N ALA E 51 -60.06 -35.64 -16.96
CA ALA E 51 -60.20 -35.79 -15.52
C ALA E 51 -59.50 -34.64 -14.81
N GLY E 52 -58.33 -34.24 -15.29
CA GLY E 52 -57.67 -33.10 -14.68
C GLY E 52 -58.42 -31.79 -14.89
N ILE E 53 -58.98 -31.59 -16.07
CA ILE E 53 -59.79 -30.37 -16.27
C ILE E 53 -60.96 -30.34 -15.29
N GLU E 54 -61.68 -31.47 -15.18
CA GLU E 54 -62.82 -31.57 -14.29
C GLU E 54 -62.42 -31.30 -12.83
N GLY E 55 -61.36 -31.96 -12.35
CA GLY E 55 -60.99 -31.79 -10.95
C GLY E 55 -60.47 -30.40 -10.66
N SER E 56 -59.70 -29.81 -11.59
CA SER E 56 -59.27 -28.41 -11.49
C SER E 56 -60.44 -27.47 -11.35
N LEU E 57 -61.46 -27.68 -12.18
CA LEU E 57 -62.65 -26.83 -12.11
C LEU E 57 -63.38 -27.05 -10.79
N ARG E 58 -63.51 -28.32 -10.34
CA ARG E 58 -64.32 -28.60 -9.16
C ARG E 58 -63.74 -27.96 -7.90
N LYS E 59 -62.40 -27.84 -7.82
CA LYS E 59 -61.71 -27.25 -6.69
C LYS E 59 -61.24 -25.83 -6.95
N ALA E 60 -61.51 -25.27 -8.12
CA ALA E 60 -60.87 -24.04 -8.62
C ALA E 60 -59.36 -24.12 -8.47
N ALA E 61 -58.80 -25.32 -8.71
CA ALA E 61 -57.36 -25.58 -8.61
C ALA E 61 -56.76 -25.20 -9.95
N LEU E 62 -56.51 -23.90 -10.12
CA LEU E 62 -56.30 -23.30 -11.43
C LEU E 62 -54.92 -22.68 -11.55
N GLY E 63 -54.23 -23.04 -12.62
CA GLY E 63 -53.05 -22.32 -13.04
C GLY E 63 -51.75 -22.81 -12.46
N GLY E 64 -51.73 -23.99 -11.86
CA GLY E 64 -50.48 -24.60 -11.45
C GLY E 64 -50.43 -24.98 -9.98
N LYS E 65 -49.29 -25.58 -9.65
CA LYS E 65 -48.92 -26.18 -8.39
C LYS E 65 -49.44 -25.43 -7.17
N SER E 66 -50.45 -26.00 -6.52
CA SER E 66 -51.04 -25.55 -5.25
C SER E 66 -51.86 -24.25 -5.36
N ASN E 67 -52.13 -23.77 -6.57
CA ASN E 67 -53.08 -22.67 -6.73
C ASN E 67 -54.51 -23.14 -6.50
N PHE E 68 -55.29 -22.31 -5.80
CA PHE E 68 -56.72 -22.44 -5.67
C PHE E 68 -57.34 -21.05 -5.62
N ILE E 69 -58.49 -20.90 -6.26
CA ILE E 69 -59.19 -19.61 -6.28
C ILE E 69 -60.55 -19.80 -5.60
N PRO E 70 -60.64 -19.62 -4.31
CA PRO E 70 -61.89 -19.87 -3.60
C PRO E 70 -63.10 -19.09 -4.14
N GLY E 71 -64.23 -19.77 -4.33
CA GLY E 71 -65.42 -19.13 -4.82
C GLY E 71 -65.62 -19.25 -6.31
N ARG E 72 -64.64 -19.80 -7.01
CA ARG E 72 -64.72 -19.84 -8.47
C ARG E 72 -64.85 -21.26 -8.99
N GLU E 73 -65.15 -22.21 -8.09
CA GLU E 73 -65.36 -23.61 -8.43
C GLU E 73 -66.51 -23.75 -9.45
N VAL E 74 -66.36 -24.69 -10.37
CA VAL E 74 -67.37 -25.04 -11.36
C VAL E 74 -67.44 -26.57 -11.34
N ASP E 75 -68.63 -27.13 -11.08
CA ASP E 75 -68.80 -28.59 -10.93
C ASP E 75 -69.49 -29.21 -12.16
N LEU E 76 -68.73 -29.88 -13.03
CA LEU E 76 -69.34 -30.39 -14.27
C LEU E 76 -69.00 -31.86 -14.49
N PRO E 77 -69.90 -32.63 -14.96
CA PRO E 77 -69.62 -34.05 -15.24
C PRO E 77 -68.92 -34.28 -16.59
N ILE E 78 -67.67 -33.82 -16.69
CA ILE E 78 -66.95 -33.85 -17.97
C ILE E 78 -66.58 -35.28 -18.37
N VAL E 79 -65.94 -36.05 -17.47
CA VAL E 79 -65.57 -37.42 -17.84
C VAL E 79 -66.80 -38.27 -18.24
N GLU E 80 -67.93 -38.16 -17.53
CA GLU E 80 -69.14 -38.95 -17.89
C GLU E 80 -69.64 -38.66 -19.27
N ASN E 81 -69.39 -37.46 -19.78
CA ASN E 81 -69.85 -37.07 -21.11
C ASN E 81 -68.68 -37.00 -22.09
N ALA E 82 -67.63 -37.78 -21.84
CA ALA E 82 -66.41 -37.66 -22.64
C ALA E 82 -66.67 -37.97 -24.10
N GLU E 83 -67.54 -38.93 -24.38
CA GLU E 83 -67.80 -39.29 -25.77
C GLU E 83 -68.43 -38.13 -26.53
N ALA E 84 -69.46 -37.51 -25.93
CA ALA E 84 -70.07 -36.34 -26.58
C ALA E 84 -69.04 -35.22 -26.78
N ILE E 85 -68.24 -34.95 -25.75
CA ILE E 85 -67.24 -33.89 -25.83
C ILE E 85 -66.20 -34.19 -26.89
N ALA E 86 -65.73 -35.45 -26.96
CA ALA E 86 -64.79 -35.84 -28.00
C ALA E 86 -65.37 -35.67 -29.39
N GLU E 87 -66.67 -35.95 -29.58
CA GLU E 87 -67.24 -35.81 -30.90
C GLU E 87 -67.23 -34.34 -31.33
N LYS E 88 -67.47 -33.45 -30.37
CA LYS E 88 -67.42 -32.02 -30.61
C LYS E 88 -66.00 -31.56 -30.91
N ILE E 89 -65.03 -32.07 -30.13
CA ILE E 89 -63.64 -31.74 -30.42
C ILE E 89 -63.31 -32.15 -31.85
N LYS E 90 -63.80 -33.34 -32.27
CA LYS E 90 -63.48 -33.78 -33.63
C LYS E 90 -64.01 -32.80 -34.67
N LYS E 91 -65.28 -32.39 -34.52
CA LYS E 91 -65.87 -31.48 -35.47
C LYS E 91 -65.11 -30.16 -35.53
N LEU E 92 -64.59 -29.67 -34.38
CA LEU E 92 -63.92 -28.38 -34.33
C LEU E 92 -62.48 -28.43 -34.84
N VAL E 93 -61.83 -29.59 -34.70
CA VAL E 93 -60.42 -29.73 -35.06
C VAL E 93 -60.25 -30.13 -36.52
N GLN E 94 -61.22 -30.85 -37.09
CA GLN E 94 -60.97 -31.38 -38.41
C GLN E 94 -61.05 -30.24 -39.44
N THR E 95 -60.49 -30.51 -40.61
CA THR E 95 -60.64 -29.60 -41.74
C THR E 95 -61.57 -30.17 -42.79
N SER E 96 -61.81 -31.47 -42.77
CA SER E 96 -62.82 -32.13 -43.60
C SER E 96 -63.10 -33.50 -43.00
N GLU E 97 -64.24 -34.09 -43.39
CA GLU E 97 -64.58 -35.42 -42.87
C GLU E 97 -63.59 -36.50 -43.31
N ASP E 98 -62.91 -36.27 -44.42
CA ASP E 98 -61.99 -37.22 -45.03
C ASP E 98 -60.52 -37.03 -44.61
N ASP E 99 -60.25 -36.20 -43.61
CA ASP E 99 -58.85 -35.89 -43.38
C ASP E 99 -58.31 -36.80 -42.27
N ASP E 100 -57.10 -36.52 -41.79
CA ASP E 100 -56.44 -37.46 -40.92
C ASP E 100 -56.54 -37.05 -39.46
N THR E 101 -57.54 -36.23 -39.12
CA THR E 101 -57.87 -35.97 -37.71
C THR E 101 -58.16 -37.30 -37.01
N ASN E 102 -57.57 -37.51 -35.83
CA ASN E 102 -57.79 -38.71 -35.04
CA ASN E 102 -57.86 -38.70 -35.05
C ASN E 102 -58.12 -38.30 -33.60
N ILE E 103 -59.21 -38.82 -33.05
CA ILE E 103 -59.56 -38.57 -31.65
C ILE E 103 -59.76 -39.93 -31.00
N ARG E 104 -59.05 -40.17 -29.90
CA ARG E 104 -59.12 -41.45 -29.21
C ARG E 104 -59.29 -41.20 -27.72
N LEU E 105 -60.37 -41.73 -27.14
CA LEU E 105 -60.54 -41.71 -25.69
C LEU E 105 -59.67 -42.80 -25.06
N ILE E 106 -59.05 -42.49 -23.90
CA ILE E 106 -58.12 -43.36 -23.19
C ILE E 106 -58.64 -43.47 -21.77
N ASN E 107 -58.37 -44.60 -21.08
CA ASN E 107 -58.51 -44.64 -19.62
C ASN E 107 -59.92 -44.26 -19.18
N ASN E 108 -60.92 -44.91 -19.79
CA ASN E 108 -62.33 -44.71 -19.49
C ASN E 108 -62.75 -43.26 -19.69
N GLY E 109 -62.21 -42.63 -20.70
CA GLY E 109 -62.63 -41.29 -21.01
C GLY E 109 -61.94 -40.22 -20.17
N GLN E 110 -60.97 -40.60 -19.33
CA GLN E 110 -60.35 -39.57 -18.51
C GLN E 110 -59.32 -38.77 -19.29
N GLN E 111 -58.83 -39.31 -20.42
CA GLN E 111 -57.89 -38.62 -21.29
C GLN E 111 -58.31 -38.84 -22.72
N ILE E 112 -57.86 -37.92 -23.58
CA ILE E 112 -58.08 -38.00 -25.02
C ILE E 112 -56.75 -37.84 -25.72
N LEU E 113 -56.48 -38.67 -26.69
CA LEU E 113 -55.40 -38.40 -27.63
C LEU E 113 -56.02 -37.73 -28.85
N VAL E 114 -55.61 -36.50 -29.14
CA VAL E 114 -56.07 -35.71 -30.28
C VAL E 114 -54.89 -35.59 -31.23
N GLN E 115 -55.07 -36.06 -32.47
CA GLN E 115 -54.08 -35.88 -33.51
C GLN E 115 -54.65 -34.91 -34.54
N VAL E 116 -54.12 -33.69 -34.54
CA VAL E 116 -54.59 -32.57 -35.37
C VAL E 116 -54.31 -32.85 -36.85
N PRO E 117 -55.19 -32.52 -37.77
CA PRO E 117 -54.94 -32.87 -39.18
C PRO E 117 -53.72 -32.14 -39.74
N THR E 118 -52.99 -32.84 -40.64
CA THR E 118 -51.79 -32.27 -41.24
C THR E 118 -52.09 -31.01 -42.05
N THR E 119 -53.32 -30.87 -42.57
CA THR E 119 -53.71 -29.63 -43.23
C THR E 119 -53.52 -28.40 -42.34
N ARG E 120 -53.87 -28.51 -41.04
CA ARG E 120 -53.63 -27.38 -40.13
C ARG E 120 -52.14 -27.15 -39.88
N MET E 121 -51.36 -28.22 -39.78
CA MET E 121 -49.92 -28.05 -39.61
C MET E 121 -49.32 -27.41 -40.82
N GLY E 122 -49.79 -27.78 -42.02
CA GLY E 122 -49.24 -27.24 -43.27
C GLY E 122 -49.37 -25.73 -43.44
N VAL E 123 -50.41 -25.11 -42.86
CA VAL E 123 -50.56 -23.67 -42.99
C VAL E 123 -50.21 -22.96 -41.68
N ALA E 124 -49.57 -23.66 -40.75
CA ALA E 124 -49.06 -23.01 -39.56
C ALA E 124 -47.55 -22.90 -39.62
N ALA E 125 -47.01 -21.88 -38.91
CA ALA E 125 -45.56 -21.71 -38.91
C ALA E 125 -44.85 -22.79 -38.07
N ASP E 126 -45.37 -23.08 -36.88
CA ASP E 126 -44.72 -24.12 -36.08
C ASP E 126 -45.76 -25.08 -35.49
N TYR E 127 -45.27 -26.02 -34.69
CA TYR E 127 -46.06 -27.14 -34.21
C TYR E 127 -46.95 -26.77 -33.03
N THR E 128 -46.79 -25.59 -32.42
CA THR E 128 -47.69 -25.24 -31.32
CA THR E 128 -47.69 -25.21 -31.33
C THR E 128 -49.16 -25.19 -31.78
N VAL E 129 -49.42 -25.07 -33.07
CA VAL E 129 -50.79 -25.00 -33.55
C VAL E 129 -51.60 -26.16 -32.99
N SER E 130 -51.01 -27.36 -32.88
CA SER E 130 -51.83 -28.51 -32.50
CA SER E 130 -51.77 -28.55 -32.46
C SER E 130 -52.38 -28.36 -31.09
N ALA E 131 -51.54 -27.91 -30.15
CA ALA E 131 -51.98 -27.65 -28.79
C ALA E 131 -52.99 -26.52 -28.73
N LEU E 132 -52.74 -25.47 -29.53
CA LEU E 132 -53.59 -24.27 -29.50
C LEU E 132 -54.95 -24.56 -30.06
N VAL E 133 -54.99 -25.30 -31.18
CA VAL E 133 -56.26 -25.58 -31.79
C VAL E 133 -57.01 -26.60 -30.92
N THR E 134 -56.28 -27.59 -30.38
CA THR E 134 -56.91 -28.58 -29.55
C THR E 134 -57.46 -27.93 -28.30
N GLY E 135 -56.69 -27.02 -27.68
CA GLY E 135 -57.18 -26.32 -26.51
C GLY E 135 -58.44 -25.52 -26.78
N ALA E 136 -58.50 -24.86 -27.94
CA ALA E 136 -59.65 -24.04 -28.25
C ALA E 136 -60.88 -24.91 -28.44
N ALA E 137 -60.70 -26.06 -29.11
CA ALA E 137 -61.81 -26.97 -29.32
C ALA E 137 -62.29 -27.58 -28.00
N VAL E 138 -61.37 -27.92 -27.09
CA VAL E 138 -61.74 -28.52 -25.82
C VAL E 138 -62.51 -27.52 -24.98
N VAL E 139 -62.07 -26.24 -24.97
CA VAL E 139 -62.77 -25.23 -24.19
C VAL E 139 -64.18 -25.02 -24.72
N GLN E 140 -64.32 -24.89 -26.05
CA GLN E 140 -65.65 -24.63 -26.56
C GLN E 140 -66.53 -25.86 -26.45
N ALA E 141 -65.95 -27.04 -26.63
CA ALA E 141 -66.75 -28.24 -26.50
C ALA E 141 -67.30 -28.35 -25.09
N ILE E 142 -66.48 -28.04 -24.08
CA ILE E 142 -66.98 -28.14 -22.73
C ILE E 142 -68.07 -27.09 -22.46
N ILE E 143 -67.81 -25.82 -22.87
CA ILE E 143 -68.77 -24.74 -22.64
C ILE E 143 -70.10 -25.07 -23.31
N ASP E 144 -70.07 -25.60 -24.55
CA ASP E 144 -71.29 -25.92 -25.29
C ASP E 144 -71.98 -27.13 -24.69
N GLU E 145 -71.20 -28.12 -24.23
CA GLU E 145 -71.83 -29.33 -23.71
C GLU E 145 -72.71 -29.02 -22.50
N PHE E 146 -72.28 -28.11 -21.62
CA PHE E 146 -72.97 -27.83 -20.37
C PHE E 146 -73.58 -26.44 -20.31
N ASP E 147 -73.53 -25.69 -21.41
CA ASP E 147 -74.03 -24.31 -21.45
CA ASP E 147 -74.04 -24.32 -21.44
C ASP E 147 -73.48 -23.51 -20.28
N VAL E 148 -72.14 -23.53 -20.16
CA VAL E 148 -71.47 -22.84 -19.07
C VAL E 148 -71.68 -21.34 -19.24
N ASP E 149 -72.07 -20.71 -18.15
CA ASP E 149 -72.39 -19.31 -18.19
C ASP E 149 -71.12 -18.48 -18.38
N MET E 150 -71.35 -17.27 -18.89
CA MET E 150 -70.27 -16.38 -19.27
C MET E 150 -69.32 -16.05 -18.13
N PHE E 151 -69.80 -15.94 -16.91
CA PHE E 151 -68.91 -15.57 -15.82
C PHE E 151 -68.08 -16.76 -15.31
N ASP E 152 -68.49 -17.98 -15.63
CA ASP E 152 -67.73 -19.19 -15.29
C ASP E 152 -66.85 -19.66 -16.43
N ALA E 153 -67.13 -19.21 -17.66
CA ALA E 153 -66.45 -19.78 -18.81
C ALA E 153 -64.93 -19.59 -18.74
N ASN E 154 -64.47 -18.45 -18.23
CA ASN E 154 -63.03 -18.23 -18.24
C ASN E 154 -62.30 -19.22 -17.34
N ALA E 155 -62.98 -19.78 -16.34
CA ALA E 155 -62.35 -20.81 -15.50
C ALA E 155 -62.12 -22.08 -16.29
N VAL E 156 -63.06 -22.42 -17.18
CA VAL E 156 -62.86 -23.57 -18.07
C VAL E 156 -61.64 -23.32 -18.94
N LYS E 157 -61.55 -22.11 -19.54
CA LYS E 157 -60.37 -21.78 -20.32
C LYS E 157 -59.10 -21.96 -19.48
N THR E 158 -59.12 -21.44 -18.25
CA THR E 158 -57.94 -21.52 -17.39
C THR E 158 -57.66 -22.95 -16.98
N ALA E 159 -58.70 -23.78 -16.81
CA ALA E 159 -58.44 -25.19 -16.44
C ALA E 159 -57.74 -25.94 -17.57
N VAL E 160 -58.10 -25.65 -18.81
CA VAL E 160 -57.51 -26.31 -19.97
C VAL E 160 -56.10 -25.79 -20.26
N MET E 161 -55.93 -24.46 -20.42
CA MET E 161 -54.63 -23.95 -20.88
C MET E 161 -53.76 -23.35 -19.78
N GLY E 162 -54.21 -23.37 -18.54
CA GLY E 162 -53.32 -22.97 -17.49
C GLY E 162 -53.22 -21.47 -17.35
N ARG E 163 -52.04 -20.99 -17.00
CA ARG E 163 -51.86 -19.56 -16.71
C ARG E 163 -51.53 -18.72 -17.96
N TYR E 164 -51.52 -19.34 -19.13
CA TYR E 164 -51.27 -18.62 -20.36
C TYR E 164 -52.41 -17.62 -20.54
N PRO E 165 -52.13 -16.37 -20.93
CA PRO E 165 -50.86 -15.78 -21.40
C PRO E 165 -50.07 -14.99 -20.38
N GLN E 166 -50.43 -14.99 -19.10
CA GLN E 166 -49.56 -14.37 -18.12
C GLN E 166 -48.22 -15.11 -18.09
N THR E 167 -48.25 -16.44 -18.22
CA THR E 167 -47.02 -17.20 -18.42
C THR E 167 -46.80 -17.32 -19.94
N VAL E 168 -45.53 -17.53 -20.32
CA VAL E 168 -45.17 -17.63 -21.74
C VAL E 168 -45.62 -18.96 -22.31
N ASP E 169 -45.93 -19.91 -21.44
CA ASP E 169 -46.39 -21.24 -21.83
C ASP E 169 -47.68 -21.65 -21.11
N PHE E 170 -48.12 -22.90 -21.32
CA PHE E 170 -49.33 -23.40 -20.67
C PHE E 170 -49.01 -23.89 -19.23
N THR E 171 -48.42 -23.06 -18.38
CA THR E 171 -48.19 -23.45 -17.00
C THR E 171 -49.47 -23.89 -16.28
N GLY E 172 -49.45 -25.08 -15.69
CA GLY E 172 -50.60 -25.58 -14.94
C GLY E 172 -51.75 -26.01 -15.81
N ALA E 173 -51.53 -26.23 -17.09
CA ALA E 173 -52.57 -26.66 -18.00
C ALA E 173 -52.94 -28.12 -17.78
N ASN E 174 -54.06 -28.50 -18.38
CA ASN E 174 -54.50 -29.90 -18.38
C ASN E 174 -54.49 -30.45 -19.80
N LEU E 175 -53.61 -29.90 -20.63
CA LEU E 175 -53.22 -30.63 -21.82
C LEU E 175 -51.71 -30.57 -21.96
N SER E 176 -51.18 -31.50 -22.74
CA SER E 176 -49.74 -31.60 -22.82
C SER E 176 -49.40 -32.13 -24.19
N THR E 177 -48.16 -31.92 -24.58
CA THR E 177 -47.68 -32.40 -25.87
C THR E 177 -46.32 -32.96 -25.60
N LEU E 178 -45.86 -33.83 -26.47
CA LEU E 178 -44.50 -34.33 -26.33
C LEU E 178 -43.50 -33.20 -26.52
N LEU E 179 -43.78 -32.28 -27.43
CA LEU E 179 -42.89 -31.15 -27.67
C LEU E 179 -43.34 -29.91 -26.92
N GLY E 180 -42.46 -29.31 -26.15
CA GLY E 180 -42.85 -28.07 -25.50
C GLY E 180 -42.73 -26.91 -26.49
N PRO E 181 -43.30 -25.77 -26.11
CA PRO E 181 -43.31 -24.65 -27.05
C PRO E 181 -41.94 -24.14 -27.38
N PRO E 182 -41.75 -23.59 -28.58
CA PRO E 182 -40.42 -23.20 -29.05
C PRO E 182 -39.81 -22.08 -28.24
N VAL E 183 -40.62 -21.31 -27.53
CA VAL E 183 -40.07 -20.23 -26.71
C VAL E 183 -39.19 -20.80 -25.59
N LEU E 184 -39.32 -22.07 -25.26
CA LEU E 184 -38.48 -22.71 -24.24
C LEU E 184 -37.32 -23.52 -24.83
N LEU E 185 -37.10 -23.47 -26.14
CA LEU E 185 -35.96 -24.19 -26.72
C LEU E 185 -34.63 -23.51 -26.37
N GLU E 186 -33.64 -24.34 -25.99
CA GLU E 186 -32.23 -24.01 -25.76
C GLU E 186 -31.50 -23.62 -27.04
N GLY E 187 -31.79 -24.32 -28.10
CA GLY E 187 -31.06 -24.16 -29.35
C GLY E 187 -32.07 -24.06 -30.46
N LEU E 188 -31.69 -23.37 -31.53
CA LEU E 188 -32.58 -23.28 -32.67
C LEU E 188 -32.71 -24.65 -33.31
N GLY E 189 -33.93 -25.05 -33.69
CA GLY E 189 -34.12 -26.37 -34.29
C GLY E 189 -34.15 -27.53 -33.31
N TYR E 190 -34.21 -27.26 -32.01
CA TYR E 190 -34.16 -28.32 -31.02
C TYR E 190 -35.51 -28.98 -30.68
N GLY E 191 -36.60 -28.59 -31.37
CA GLY E 191 -37.92 -29.09 -31.00
C GLY E 191 -37.99 -30.58 -30.77
N LEU E 192 -37.41 -31.37 -31.67
CA LEU E 192 -37.53 -32.83 -31.57
C LEU E 192 -36.69 -33.40 -30.44
N ARG E 193 -35.77 -32.62 -29.87
CA ARG E 193 -34.89 -33.13 -28.83
C ARG E 193 -35.48 -32.98 -27.45
N ASN E 194 -36.69 -32.40 -27.35
CA ASN E 194 -37.27 -31.99 -26.08
C ASN E 194 -37.99 -33.13 -25.33
N ILE E 195 -37.84 -34.41 -25.66
CA ILE E 195 -38.61 -35.46 -25.01
C ILE E 195 -37.76 -36.17 -23.95
N MET E 196 -38.11 -36.01 -22.68
CA MET E 196 -37.35 -36.62 -21.59
C MET E 196 -37.25 -38.14 -21.75
N ALA E 197 -36.10 -38.68 -21.32
CA ALA E 197 -35.84 -40.12 -21.45
C ALA E 197 -36.93 -40.98 -20.82
N ASN E 198 -37.47 -40.58 -19.64
CA ASN E 198 -38.56 -41.36 -19.05
C ASN E 198 -39.79 -41.42 -19.97
N HIS E 199 -40.07 -40.37 -20.73
CA HIS E 199 -41.21 -40.46 -21.65
C HIS E 199 -40.94 -41.49 -22.74
N VAL E 200 -39.70 -41.50 -23.26
CA VAL E 200 -39.31 -42.45 -24.30
C VAL E 200 -39.50 -43.87 -23.83
N VAL E 201 -39.06 -44.15 -22.60
CA VAL E 201 -39.21 -45.47 -22.00
C VAL E 201 -40.68 -45.81 -21.89
N ALA E 202 -41.53 -44.83 -21.50
CA ALA E 202 -42.94 -45.13 -21.33
C ALA E 202 -43.60 -45.42 -22.66
N ILE E 203 -43.24 -44.67 -23.71
CA ILE E 203 -43.82 -44.85 -25.03
C ILE E 203 -43.48 -46.22 -25.62
N THR E 204 -42.29 -46.73 -25.32
CA THR E 204 -41.85 -48.02 -25.84
C THR E 204 -42.06 -49.13 -24.82
N ARG E 205 -42.82 -48.85 -23.75
CA ARG E 205 -43.14 -49.85 -22.76
C ARG E 205 -41.90 -50.57 -22.23
N LYS E 206 -40.82 -49.80 -21.97
CA LYS E 206 -39.62 -50.28 -21.27
C LYS E 206 -38.79 -51.28 -22.07
N ASN E 207 -38.99 -51.39 -23.38
CA ASN E 207 -38.22 -52.32 -24.18
C ASN E 207 -36.92 -51.66 -24.64
N THR E 208 -35.78 -52.15 -24.12
CA THR E 208 -34.49 -51.45 -24.18
C THR E 208 -34.15 -50.93 -25.57
N LEU E 209 -34.04 -51.81 -26.54
CA LEU E 209 -33.57 -51.36 -27.84
C LEU E 209 -34.61 -50.52 -28.61
N ASN E 210 -35.90 -50.73 -28.38
CA ASN E 210 -36.86 -49.81 -29.01
C ASN E 210 -36.79 -48.42 -28.40
N ALA E 211 -36.51 -48.33 -27.11
CA ALA E 211 -36.33 -47.01 -26.49
C ALA E 211 -35.11 -46.32 -27.05
N SER E 212 -33.96 -47.02 -27.08
CA SER E 212 -32.79 -46.38 -27.64
C SER E 212 -32.98 -46.08 -29.12
N ALA E 213 -33.74 -46.91 -29.85
CA ALA E 213 -34.00 -46.59 -31.27
C ALA E 213 -34.85 -45.31 -31.39
N LEU E 214 -35.94 -45.23 -30.65
CA LEU E 214 -36.80 -44.04 -30.76
C LEU E 214 -36.00 -42.78 -30.44
N SER E 215 -35.17 -42.83 -29.40
CA SER E 215 -34.30 -41.70 -29.05
C SER E 215 -33.34 -41.36 -30.19
N SER E 216 -32.69 -42.37 -30.76
CA SER E 216 -31.78 -42.13 -31.84
C SER E 216 -32.50 -41.53 -33.05
N ILE E 217 -33.69 -42.03 -33.35
CA ILE E 217 -34.45 -41.50 -34.48
C ILE E 217 -34.76 -40.05 -34.24
N LEU E 218 -35.25 -39.73 -33.04
CA LEU E 218 -35.61 -38.32 -32.84
C LEU E 218 -34.37 -37.45 -32.82
N GLU E 219 -33.29 -37.92 -32.18
CA GLU E 219 -32.07 -37.12 -32.09
C GLU E 219 -31.46 -36.86 -33.45
N GLN E 220 -31.28 -37.91 -34.22
CA GLN E 220 -30.66 -37.74 -35.52
C GLN E 220 -31.55 -36.98 -36.47
N THR E 221 -32.87 -37.15 -36.39
CA THR E 221 -33.75 -36.33 -37.21
C THR E 221 -33.61 -34.87 -36.81
N ALA E 222 -33.51 -34.61 -35.51
CA ALA E 222 -33.20 -33.25 -35.07
C ALA E 222 -31.89 -32.73 -35.65
N MET E 223 -30.91 -33.60 -35.89
CA MET E 223 -29.63 -33.13 -36.44
C MET E 223 -29.80 -32.68 -37.88
N PHE E 224 -30.81 -33.21 -38.59
CA PHE E 224 -31.12 -32.68 -39.91
C PHE E 224 -31.76 -31.31 -39.81
N GLU E 225 -32.62 -31.14 -38.79
CA GLU E 225 -33.32 -29.88 -38.57
C GLU E 225 -32.35 -28.77 -38.18
N THR E 226 -31.29 -29.07 -37.42
CA THR E 226 -30.35 -28.04 -36.99
C THR E 226 -29.32 -27.70 -38.06
N GLY E 227 -29.35 -28.41 -39.19
CA GLY E 227 -28.32 -28.21 -40.18
C GLY E 227 -27.00 -28.93 -39.87
N ASP E 228 -26.94 -29.67 -38.76
CA ASP E 228 -25.70 -30.40 -38.47
C ASP E 228 -25.47 -31.55 -39.44
N ALA E 229 -26.51 -32.25 -39.81
CA ALA E 229 -26.38 -33.34 -40.77
C ALA E 229 -26.51 -32.83 -42.21
N VAL E 230 -25.72 -31.82 -42.58
CA VAL E 230 -25.70 -31.26 -43.93
C VAL E 230 -24.30 -31.49 -44.52
N GLY E 231 -24.27 -31.76 -45.82
CA GLY E 231 -23.02 -31.75 -46.54
C GLY E 231 -22.06 -32.77 -46.01
N ALA E 232 -20.86 -32.30 -45.66
CA ALA E 232 -19.80 -33.18 -45.18
C ALA E 232 -20.23 -34.13 -44.06
N PHE E 233 -21.19 -33.70 -43.23
CA PHE E 233 -21.50 -34.43 -42.00
C PHE E 233 -22.68 -35.37 -42.13
N GLU E 234 -23.40 -35.31 -43.25
CA GLU E 234 -24.64 -36.08 -43.38
C GLU E 234 -24.41 -37.57 -43.18
N ARG E 235 -23.41 -38.14 -43.87
CA ARG E 235 -23.13 -39.56 -43.78
C ARG E 235 -22.79 -40.01 -42.35
N MET E 236 -22.02 -39.20 -41.62
CA MET E 236 -21.79 -39.51 -40.22
C MET E 236 -23.13 -39.67 -39.45
N HIS E 237 -24.11 -38.78 -39.66
CA HIS E 237 -25.35 -38.88 -38.89
C HIS E 237 -26.21 -40.06 -39.36
N LEU E 238 -26.23 -40.34 -40.66
CA LEU E 238 -26.98 -41.49 -41.14
C LEU E 238 -26.38 -42.78 -40.61
N LEU E 239 -25.06 -42.91 -40.66
CA LEU E 239 -24.43 -44.13 -40.18
C LEU E 239 -24.65 -44.30 -38.68
N GLY E 240 -24.58 -43.20 -37.95
CA GLY E 240 -24.93 -43.19 -36.55
C GLY E 240 -26.33 -43.69 -36.27
N LEU E 241 -27.32 -43.16 -37.00
CA LEU E 241 -28.66 -43.67 -36.86
C LEU E 241 -28.73 -45.17 -37.17
N ALA E 242 -28.19 -45.57 -38.32
CA ALA E 242 -28.36 -46.95 -38.77
C ALA E 242 -27.72 -47.94 -37.79
N TYR E 243 -26.48 -47.64 -37.35
CA TYR E 243 -25.74 -48.55 -36.46
C TYR E 243 -26.19 -48.46 -35.01
N GLN E 244 -26.17 -47.25 -34.44
CA GLN E 244 -26.45 -47.14 -33.02
C GLN E 244 -27.93 -47.18 -32.76
N GLY E 245 -28.74 -46.52 -33.61
CA GLY E 245 -30.16 -46.54 -33.37
C GLY E 245 -30.87 -47.78 -33.87
N LEU E 246 -30.46 -48.33 -35.01
CA LEU E 246 -31.26 -49.34 -35.68
C LEU E 246 -30.55 -50.69 -35.77
N ASN E 247 -29.47 -50.92 -35.03
CA ASN E 247 -28.88 -52.25 -34.91
C ASN E 247 -28.45 -52.78 -36.28
N ALA E 248 -27.92 -51.88 -37.12
CA ALA E 248 -27.43 -52.28 -38.43
C ALA E 248 -26.41 -53.42 -38.32
N ASN E 249 -26.57 -54.43 -39.19
CA ASN E 249 -25.68 -55.59 -39.27
C ASN E 249 -25.63 -56.37 -37.96
N ASN E 250 -26.57 -56.11 -37.07
CA ASN E 250 -26.67 -56.76 -35.77
C ASN E 250 -25.49 -56.45 -34.87
N LEU E 251 -24.77 -55.36 -35.14
CA LEU E 251 -23.54 -55.13 -34.40
C LEU E 251 -23.84 -54.83 -32.94
N LEU E 252 -24.80 -53.94 -32.70
CA LEU E 252 -25.23 -53.60 -31.35
C LEU E 252 -25.62 -54.84 -30.54
N PHE E 253 -26.55 -55.62 -31.09
CA PHE E 253 -27.02 -56.83 -30.42
C PHE E 253 -25.88 -57.81 -30.12
N ASP E 254 -25.04 -58.13 -31.11
CA ASP E 254 -23.94 -59.08 -30.91
C ASP E 254 -22.93 -58.59 -29.88
N LEU E 255 -22.65 -57.29 -29.86
CA LEU E 255 -21.74 -56.76 -28.84
C LEU E 255 -22.27 -57.00 -27.44
N VAL E 256 -23.57 -56.75 -27.19
CA VAL E 256 -24.19 -57.04 -25.90
C VAL E 256 -24.15 -58.55 -25.62
N LYS E 257 -24.60 -59.35 -26.59
CA LYS E 257 -24.69 -60.77 -26.35
C LYS E 257 -23.34 -61.36 -25.95
N GLU E 258 -22.27 -61.00 -26.64
CA GLU E 258 -20.98 -61.60 -26.32
C GLU E 258 -20.36 -61.04 -25.06
N ASN E 259 -20.91 -59.95 -24.54
CA ASN E 259 -20.40 -59.35 -23.31
C ASN E 259 -21.42 -59.36 -22.18
N GLY E 260 -22.41 -60.27 -22.20
CA GLY E 260 -23.45 -60.28 -21.17
C GLY E 260 -22.95 -60.52 -19.76
N LYS E 261 -21.78 -61.15 -19.61
CA LYS E 261 -21.13 -61.33 -18.32
C LYS E 261 -19.87 -60.50 -18.21
N GLY E 262 -19.78 -59.44 -19.01
CA GLY E 262 -18.57 -58.68 -19.18
C GLY E 262 -18.66 -57.30 -18.56
N THR E 263 -17.74 -56.43 -18.98
CA THR E 263 -17.56 -55.12 -18.40
C THR E 263 -17.51 -54.11 -19.53
N VAL E 264 -17.42 -52.82 -19.17
CA VAL E 264 -17.21 -51.80 -20.19
C VAL E 264 -15.92 -52.09 -20.97
N GLY E 265 -14.86 -52.52 -20.26
CA GLY E 265 -13.60 -52.81 -20.93
C GLY E 265 -13.73 -53.93 -21.96
N THR E 266 -14.39 -55.01 -21.57
CA THR E 266 -14.48 -56.13 -22.53
C THR E 266 -15.34 -55.74 -23.73
N VAL E 267 -16.29 -54.81 -23.55
CA VAL E 267 -17.05 -54.36 -24.72
C VAL E 267 -16.15 -53.56 -25.64
N ILE E 268 -15.28 -52.73 -25.08
CA ILE E 268 -14.33 -52.00 -25.90
C ILE E 268 -13.46 -52.96 -26.70
N ALA E 269 -12.91 -53.99 -26.04
CA ALA E 269 -12.05 -54.96 -26.74
C ALA E 269 -12.80 -55.61 -27.88
N SER E 270 -14.08 -55.97 -27.68
CA SER E 270 -14.86 -56.60 -28.75
C SER E 270 -15.08 -55.64 -29.92
N LEU E 271 -15.33 -54.37 -29.61
CA LEU E 271 -15.61 -53.41 -30.66
C LEU E 271 -14.34 -53.10 -31.44
N VAL E 272 -13.22 -52.82 -30.75
CA VAL E 272 -11.99 -52.58 -31.47
C VAL E 272 -11.65 -53.76 -32.36
N GLU E 273 -11.81 -55.00 -31.85
CA GLU E 273 -11.49 -56.16 -32.68
C GLU E 273 -12.37 -56.23 -33.92
N ARG E 274 -13.67 -55.92 -33.76
CA ARG E 274 -14.56 -55.98 -34.91
C ARG E 274 -14.18 -54.91 -35.93
N ALA E 275 -13.78 -53.72 -35.44
CA ALA E 275 -13.40 -52.62 -36.30
C ALA E 275 -12.13 -52.93 -37.09
N ILE E 276 -11.18 -53.63 -36.44
CA ILE E 276 -10.01 -54.09 -37.16
C ILE E 276 -10.40 -55.13 -38.22
N GLU E 277 -11.23 -56.13 -37.86
CA GLU E 277 -11.64 -57.13 -38.89
C GLU E 277 -12.32 -56.49 -40.06
N ASP E 278 -13.17 -55.50 -39.82
CA ASP E 278 -13.95 -54.93 -40.90
C ASP E 278 -13.18 -53.85 -41.63
N ARG E 279 -11.91 -53.66 -41.24
CA ARG E 279 -11.00 -52.67 -41.83
C ARG E 279 -11.51 -51.25 -41.72
N VAL E 280 -12.21 -50.95 -40.63
CA VAL E 280 -12.69 -49.62 -40.34
C VAL E 280 -11.59 -48.79 -39.77
N ILE E 281 -10.64 -49.41 -39.07
CA ILE E 281 -9.47 -48.73 -38.54
C ILE E 281 -8.24 -49.55 -38.91
N LYS E 282 -7.07 -48.91 -38.84
CA LYS E 282 -5.84 -49.60 -39.17
C LYS E 282 -4.72 -49.00 -38.34
N VAL E 283 -3.63 -49.74 -38.20
CA VAL E 283 -2.51 -49.24 -37.38
C VAL E 283 -1.80 -48.10 -38.10
N ALA E 284 -1.62 -46.97 -37.41
CA ALA E 284 -0.92 -45.83 -37.97
C ALA E 284 0.56 -45.86 -37.61
N LYS E 285 0.87 -46.29 -36.39
CA LYS E 285 2.24 -46.27 -35.94
C LYS E 285 2.34 -47.18 -34.73
N GLU E 286 3.37 -47.97 -34.69
CA GLU E 286 3.67 -48.74 -33.50
C GLU E 286 4.79 -48.04 -32.74
N MET E 287 4.57 -47.80 -31.44
CA MET E 287 5.40 -46.99 -30.55
C MET E 287 6.44 -47.91 -29.90
N THR E 288 7.38 -47.29 -29.16
CA THR E 288 8.47 -48.06 -28.52
C THR E 288 7.99 -49.24 -27.65
N SER E 289 7.02 -49.00 -26.79
CA SER E 289 6.48 -50.01 -25.88
C SER E 289 5.74 -51.14 -26.58
N GLY E 290 5.50 -51.04 -27.88
CA GLY E 290 4.66 -51.97 -28.58
C GLY E 290 3.25 -51.45 -28.77
N TYR E 291 2.90 -50.35 -28.12
CA TYR E 291 1.57 -49.79 -28.28
C TYR E 291 1.31 -49.42 -29.73
N LYS E 292 0.17 -49.86 -30.27
CA LYS E 292 -0.24 -49.52 -31.62
C LYS E 292 -1.24 -48.37 -31.59
N MET E 293 -0.91 -47.28 -32.28
CA MET E 293 -1.78 -46.13 -32.40
C MET E 293 -2.52 -46.31 -33.70
N TYR E 294 -3.83 -46.28 -33.64
CA TYR E 294 -4.69 -46.55 -34.81
C TYR E 294 -5.16 -45.24 -35.43
N GLU E 295 -5.60 -45.30 -36.68
CA GLU E 295 -6.27 -44.19 -37.35
C GLU E 295 -7.52 -44.75 -38.03
N PRO E 296 -8.54 -43.94 -38.24
CA PRO E 296 -9.70 -44.46 -38.98
C PRO E 296 -9.34 -44.60 -40.46
N ALA E 297 -9.83 -45.68 -41.08
CA ALA E 297 -9.82 -45.75 -42.56
C ALA E 297 -11.04 -45.05 -43.15
N ASP E 298 -12.11 -44.90 -42.37
CA ASP E 298 -13.36 -44.27 -42.81
C ASP E 298 -13.91 -43.57 -41.58
N TRP E 299 -13.78 -42.22 -41.53
CA TRP E 299 -14.04 -41.54 -40.27
C TRP E 299 -15.51 -41.62 -39.86
N ALA E 300 -16.42 -41.48 -40.79
CA ALA E 300 -17.82 -41.53 -40.40
C ALA E 300 -18.20 -42.94 -39.93
N LEU E 301 -17.63 -43.96 -40.57
CA LEU E 301 -17.96 -45.33 -40.20
C LEU E 301 -17.31 -45.69 -38.87
N TRP E 302 -16.06 -45.27 -38.64
CA TRP E 302 -15.47 -45.47 -37.33
C TRP E 302 -16.32 -44.83 -36.26
N ASN E 303 -16.80 -43.61 -36.49
CA ASN E 303 -17.61 -43.02 -35.44
C ASN E 303 -18.88 -43.86 -35.18
N ALA E 304 -19.42 -44.47 -36.22
CA ALA E 304 -20.63 -45.26 -36.06
C ALA E 304 -20.34 -46.53 -35.28
N TYR E 305 -19.21 -47.19 -35.58
CA TYR E 305 -18.79 -48.38 -34.82
C TYR E 305 -18.58 -48.00 -33.36
N ALA E 306 -17.83 -46.93 -33.14
CA ALA E 306 -17.62 -46.46 -31.78
C ALA E 306 -18.94 -46.19 -31.06
N ALA E 307 -19.90 -45.52 -31.72
CA ALA E 307 -21.16 -45.20 -31.05
C ALA E 307 -21.94 -46.47 -30.70
N THR E 308 -21.92 -47.47 -31.60
CA THR E 308 -22.58 -48.72 -31.32
C THR E 308 -21.96 -49.41 -30.10
N GLY E 309 -20.63 -49.47 -30.00
CA GLY E 309 -20.03 -50.03 -28.81
C GLY E 309 -20.46 -49.28 -27.56
N LEU E 310 -20.62 -47.95 -27.68
CA LEU E 310 -21.05 -47.11 -26.56
C LEU E 310 -22.42 -47.53 -26.03
N LEU E 311 -23.41 -47.67 -26.91
CA LEU E 311 -24.71 -48.13 -26.46
C LEU E 311 -24.62 -49.55 -25.86
N ALA E 312 -23.84 -50.43 -26.49
CA ALA E 312 -23.68 -51.79 -25.97
C ALA E 312 -23.04 -51.77 -24.59
N ALA E 313 -22.04 -50.90 -24.39
CA ALA E 313 -21.42 -50.81 -23.07
C ALA E 313 -22.41 -50.30 -22.02
N THR E 314 -23.30 -49.39 -22.42
CA THR E 314 -24.34 -48.90 -21.51
C THR E 314 -25.24 -50.05 -21.11
N ILE E 315 -25.66 -50.84 -22.08
CA ILE E 315 -26.58 -51.93 -21.78
C ILE E 315 -25.90 -52.98 -20.89
N VAL E 316 -24.63 -53.27 -21.16
CA VAL E 316 -23.94 -54.28 -20.37
C VAL E 316 -23.77 -53.81 -18.92
N ASN E 317 -23.27 -52.58 -18.74
CA ASN E 317 -22.90 -52.12 -17.41
C ASN E 317 -24.10 -51.67 -16.59
N VAL E 318 -25.02 -50.92 -17.21
CA VAL E 318 -26.23 -50.60 -16.49
C VAL E 318 -27.10 -51.83 -16.33
N GLY E 319 -27.13 -52.67 -17.38
CA GLY E 319 -27.90 -53.91 -17.27
C GLY E 319 -27.39 -54.80 -16.16
N ALA E 320 -26.09 -54.78 -15.90
CA ALA E 320 -25.54 -55.56 -14.81
C ALA E 320 -26.02 -55.03 -13.46
N ALA E 321 -26.07 -53.70 -13.29
CA ALA E 321 -26.53 -53.08 -12.02
C ALA E 321 -28.06 -53.03 -11.86
N ARG E 322 -28.80 -53.10 -12.97
CA ARG E 322 -30.22 -52.77 -13.13
C ARG E 322 -30.51 -51.50 -12.35
N ALA E 323 -29.60 -50.53 -12.46
CA ALA E 323 -29.69 -49.24 -11.79
C ALA E 323 -29.20 -48.17 -12.76
N ALA E 324 -30.08 -47.25 -13.15
CA ALA E 324 -29.72 -46.35 -14.25
C ALA E 324 -28.67 -45.30 -13.86
N GLN E 325 -28.42 -45.06 -12.57
CA GLN E 325 -27.52 -43.95 -12.27
C GLN E 325 -26.17 -44.09 -12.95
N GLY E 326 -25.68 -45.34 -13.19
CA GLY E 326 -24.40 -45.59 -13.78
C GLY E 326 -24.29 -45.19 -15.24
N VAL E 327 -25.36 -44.71 -15.86
CA VAL E 327 -25.33 -44.48 -17.30
C VAL E 327 -24.35 -43.38 -17.64
N ALA E 328 -24.30 -42.29 -16.87
CA ALA E 328 -23.40 -41.19 -17.25
C ALA E 328 -21.94 -41.62 -17.12
N SER E 329 -21.64 -42.32 -16.05
CA SER E 329 -20.31 -42.84 -15.85
C SER E 329 -19.92 -43.80 -16.98
N THR E 330 -20.87 -44.65 -17.40
CA THR E 330 -20.55 -45.57 -18.48
C THR E 330 -20.24 -44.82 -19.76
N VAL E 331 -21.03 -43.80 -20.10
CA VAL E 331 -20.78 -43.10 -21.35
C VAL E 331 -19.42 -42.45 -21.29
N LEU E 332 -19.07 -41.90 -20.12
CA LEU E 332 -17.81 -41.22 -19.94
C LEU E 332 -16.65 -42.21 -20.12
N TYR E 333 -16.60 -43.25 -19.29
CA TYR E 333 -15.42 -44.10 -19.31
C TYR E 333 -15.41 -45.02 -20.53
N TYR E 334 -16.57 -45.29 -21.14
CA TYR E 334 -16.43 -46.02 -22.41
C TYR E 334 -15.56 -45.23 -23.37
N ASN E 335 -15.81 -43.90 -23.53
CA ASN E 335 -15.07 -43.09 -24.50
C ASN E 335 -13.63 -42.90 -24.07
N ASP E 336 -13.43 -42.63 -22.77
CA ASP E 336 -12.11 -42.44 -22.22
C ASP E 336 -11.24 -43.67 -22.45
N ILE E 337 -11.74 -44.85 -22.08
CA ILE E 337 -10.93 -46.04 -22.24
C ILE E 337 -10.73 -46.32 -23.72
N LEU E 338 -11.76 -46.08 -24.54
CA LEU E 338 -11.60 -46.38 -25.95
C LEU E 338 -10.47 -45.57 -26.56
N GLU E 339 -10.39 -44.28 -26.20
CA GLU E 339 -9.37 -43.43 -26.75
C GLU E 339 -7.99 -43.88 -26.31
N TYR E 340 -7.82 -44.15 -25.01
CA TYR E 340 -6.47 -44.56 -24.59
C TYR E 340 -6.14 -46.01 -24.97
N GLU E 341 -7.13 -46.81 -25.31
CA GLU E 341 -6.85 -48.14 -25.85
C GLU E 341 -6.27 -48.10 -27.28
N THR E 342 -6.61 -47.05 -28.06
CA THR E 342 -6.38 -47.06 -29.51
C THR E 342 -5.66 -45.83 -30.08
N GLY E 343 -5.75 -44.67 -29.41
CA GLY E 343 -5.28 -43.44 -30.03
C GLY E 343 -6.30 -42.79 -30.96
N LEU E 344 -7.50 -43.36 -31.07
CA LEU E 344 -8.56 -42.87 -31.95
C LEU E 344 -9.41 -41.84 -31.23
N PRO E 345 -10.11 -41.01 -31.95
CA PRO E 345 -11.11 -40.14 -31.29
C PRO E 345 -12.35 -40.95 -30.93
N GLY E 346 -12.90 -40.67 -29.77
CA GLY E 346 -14.06 -41.37 -29.27
C GLY E 346 -15.32 -40.91 -29.99
N VAL E 347 -16.46 -41.33 -29.45
CA VAL E 347 -17.76 -41.07 -30.09
C VAL E 347 -18.02 -39.58 -30.24
N ASP E 348 -18.38 -39.15 -31.44
CA ASP E 348 -18.72 -37.74 -31.69
C ASP E 348 -17.53 -36.85 -31.38
N PHE E 349 -16.32 -37.42 -31.57
CA PHE E 349 -15.03 -36.70 -31.45
C PHE E 349 -14.87 -35.98 -30.11
N GLY E 350 -15.28 -36.64 -29.03
CA GLY E 350 -15.17 -36.09 -27.71
C GLY E 350 -16.48 -35.60 -27.14
N ARG E 351 -17.49 -35.30 -27.97
CA ARG E 351 -18.65 -34.64 -27.42
C ARG E 351 -19.54 -35.60 -26.62
N ALA E 352 -19.58 -36.89 -26.95
CA ALA E 352 -20.34 -37.79 -26.09
C ALA E 352 -19.67 -37.92 -24.73
N MET E 353 -18.33 -37.98 -24.72
CA MET E 353 -17.64 -38.04 -23.44
C MET E 353 -17.84 -36.76 -22.65
N GLY E 354 -17.72 -35.60 -23.31
CA GLY E 354 -17.92 -34.36 -22.58
C GLY E 354 -19.34 -34.25 -22.05
N THR E 355 -20.31 -34.64 -22.87
CA THR E 355 -21.68 -34.65 -22.38
C THR E 355 -21.80 -35.50 -21.11
N ALA E 356 -21.15 -36.66 -21.09
CA ALA E 356 -21.24 -37.56 -19.95
C ALA E 356 -20.56 -36.95 -18.73
N VAL E 357 -19.54 -36.13 -18.91
CA VAL E 357 -18.89 -35.52 -17.76
C VAL E 357 -19.87 -34.62 -17.04
N GLY E 358 -20.52 -33.75 -17.78
CA GLY E 358 -21.48 -32.85 -17.15
C GLY E 358 -22.70 -33.58 -16.63
N PHE E 359 -23.20 -34.55 -17.42
CA PHE E 359 -24.29 -35.40 -17.03
C PHE E 359 -23.98 -36.13 -15.70
N SER E 360 -22.73 -36.62 -15.53
CA SER E 360 -22.35 -37.27 -14.28
C SER E 360 -22.49 -36.31 -13.13
N PHE E 361 -21.91 -35.15 -13.33
CA PHE E 361 -21.88 -34.11 -12.31
C PHE E 361 -23.28 -33.66 -11.96
N PHE E 362 -24.11 -33.38 -12.97
CA PHE E 362 -25.47 -32.93 -12.70
C PHE E 362 -26.45 -34.08 -12.41
N SER E 363 -25.98 -35.29 -12.15
CA SER E 363 -26.84 -36.35 -11.63
C SER E 363 -26.25 -36.90 -10.33
N HIS E 364 -25.32 -36.17 -9.74
CA HIS E 364 -24.75 -36.55 -8.46
C HIS E 364 -24.40 -35.34 -7.59
N SER E 365 -24.88 -34.12 -7.90
CA SER E 365 -24.39 -32.92 -7.21
C SER E 365 -25.55 -32.01 -6.75
N ILE E 366 -25.21 -30.95 -6.01
CA ILE E 366 -26.25 -30.04 -5.55
C ILE E 366 -26.75 -29.06 -6.61
N TYR E 367 -26.09 -28.95 -7.78
CA TYR E 367 -26.19 -27.70 -8.56
C TYR E 367 -27.34 -27.66 -9.57
N GLY E 368 -27.96 -28.79 -9.88
CA GLY E 368 -28.95 -28.80 -10.95
C GLY E 368 -29.11 -30.21 -11.48
N GLY E 369 -29.71 -30.33 -12.64
CA GLY E 369 -29.91 -31.68 -13.18
C GLY E 369 -30.98 -32.46 -12.42
N GLY E 370 -30.67 -33.70 -12.06
CA GLY E 370 -31.60 -34.64 -11.47
C GLY E 370 -31.20 -36.08 -11.82
N GLY E 371 -32.12 -37.01 -11.68
CA GLY E 371 -31.84 -38.38 -12.07
C GLY E 371 -31.79 -38.52 -13.59
N PRO E 372 -31.31 -39.66 -14.11
CA PRO E 372 -31.05 -39.73 -15.58
C PRO E 372 -32.32 -39.60 -16.44
N GLY E 373 -33.46 -39.98 -15.89
CA GLY E 373 -34.69 -40.05 -16.66
C GLY E 373 -35.25 -38.70 -17.08
N ILE E 374 -34.82 -37.61 -16.45
CA ILE E 374 -35.40 -36.30 -16.77
C ILE E 374 -34.60 -35.55 -17.83
N PHE E 375 -33.50 -36.11 -18.32
CA PHE E 375 -32.67 -35.42 -19.29
C PHE E 375 -33.16 -35.68 -20.70
N HIS E 376 -32.68 -34.86 -21.63
CA HIS E 376 -33.13 -34.87 -23.03
C HIS E 376 -32.21 -33.95 -23.83
N GLY E 377 -32.38 -33.94 -25.16
CA GLY E 377 -31.44 -33.20 -26.00
C GLY E 377 -31.61 -31.67 -25.96
N ASN E 378 -32.69 -31.19 -25.36
CA ASN E 378 -32.92 -29.77 -25.20
C ASN E 378 -32.56 -29.29 -23.79
N HIS E 379 -31.90 -30.14 -23.00
CA HIS E 379 -31.46 -29.82 -21.64
C HIS E 379 -30.04 -29.26 -21.75
N VAL E 380 -29.76 -28.18 -21.01
CA VAL E 380 -28.42 -27.58 -21.15
C VAL E 380 -27.33 -28.61 -20.82
N VAL E 381 -27.62 -29.58 -19.94
CA VAL E 381 -26.56 -30.54 -19.59
C VAL E 381 -26.26 -31.49 -20.73
N THR E 382 -27.29 -32.01 -21.44
CA THR E 382 -27.11 -33.15 -22.32
C THR E 382 -27.38 -32.81 -23.79
N ARG E 383 -27.25 -31.53 -24.17
CA ARG E 383 -27.45 -31.10 -25.55
C ARG E 383 -26.24 -31.29 -26.45
N HIS E 384 -25.02 -31.51 -25.88
CA HIS E 384 -23.76 -31.21 -26.57
C HIS E 384 -23.40 -32.26 -27.61
N SER E 385 -23.65 -33.53 -27.32
CA SER E 385 -23.42 -34.59 -28.30
C SER E 385 -24.51 -34.54 -29.37
N LYS E 386 -24.12 -34.72 -30.61
CA LYS E 386 -25.09 -34.48 -31.67
C LYS E 386 -25.80 -35.79 -32.00
N GLY E 387 -26.45 -36.33 -30.97
CA GLY E 387 -27.36 -37.46 -31.17
C GLY E 387 -26.84 -38.77 -30.66
N PHE E 388 -25.62 -38.82 -30.18
CA PHE E 388 -24.98 -40.08 -29.86
C PHE E 388 -25.03 -40.47 -28.39
N ALA E 389 -25.56 -39.62 -27.51
CA ALA E 389 -25.54 -39.89 -26.07
C ALA E 389 -26.91 -40.23 -25.53
N LEU E 390 -27.94 -39.46 -25.89
CA LEU E 390 -29.24 -39.69 -25.28
C LEU E 390 -29.83 -41.07 -25.54
N PRO E 391 -29.57 -41.76 -26.65
CA PRO E 391 -30.11 -43.13 -26.74
C PRO E 391 -29.63 -44.02 -25.61
N CYS E 392 -28.44 -43.75 -25.03
CA CYS E 392 -27.95 -44.53 -23.91
C CYS E 392 -28.80 -44.30 -22.69
N VAL E 393 -29.30 -43.10 -22.53
CA VAL E 393 -30.09 -42.79 -21.35
C VAL E 393 -31.44 -43.47 -21.48
N ALA E 394 -32.01 -43.49 -22.68
CA ALA E 394 -33.24 -44.24 -22.89
C ALA E 394 -33.05 -45.71 -22.56
N ALA E 395 -31.96 -46.33 -23.04
CA ALA E 395 -31.71 -47.74 -22.74
C ALA E 395 -31.52 -47.94 -21.23
N ALA E 396 -30.77 -47.06 -20.60
CA ALA E 396 -30.52 -47.19 -19.17
C ALA E 396 -31.81 -47.17 -18.37
N MET E 397 -32.72 -46.23 -18.65
CA MET E 397 -33.91 -46.17 -17.83
C MET E 397 -34.87 -47.34 -18.09
N CYS E 398 -34.81 -48.00 -19.26
CA CYS E 398 -35.53 -49.26 -19.42
C CYS E 398 -35.00 -50.32 -18.45
N LEU E 399 -33.71 -50.29 -18.15
CA LEU E 399 -33.05 -51.31 -17.35
C LEU E 399 -33.08 -51.01 -15.86
N ASP E 400 -33.49 -49.80 -15.45
CA ASP E 400 -33.62 -49.52 -14.01
C ASP E 400 -34.74 -50.34 -13.42
N ALA E 401 -34.45 -51.04 -12.33
CA ALA E 401 -35.44 -51.92 -11.73
C ALA E 401 -36.17 -51.26 -10.57
N GLY E 402 -35.88 -49.99 -10.29
CA GLY E 402 -36.64 -49.27 -9.27
C GLY E 402 -35.77 -48.56 -8.26
N THR E 403 -34.71 -47.94 -8.74
CA THR E 403 -33.77 -47.27 -7.85
C THR E 403 -33.96 -45.75 -7.83
N GLN E 404 -34.84 -45.21 -8.68
CA GLN E 404 -35.01 -43.78 -8.89
C GLN E 404 -36.21 -43.21 -8.14
N MET E 405 -36.05 -41.99 -7.62
CA MET E 405 -37.19 -41.26 -7.09
C MET E 405 -38.01 -40.67 -8.25
N PHE E 406 -37.32 -40.11 -9.24
CA PHE E 406 -37.99 -39.56 -10.43
C PHE E 406 -38.01 -40.66 -11.50
N SER E 407 -38.81 -41.67 -11.22
CA SER E 407 -38.98 -42.84 -12.05
C SER E 407 -39.93 -42.55 -13.22
N VAL E 408 -40.04 -43.52 -14.14
CA VAL E 408 -41.02 -43.43 -15.22
C VAL E 408 -42.43 -43.20 -14.67
N GLU E 409 -42.80 -43.93 -13.61
CA GLU E 409 -44.12 -43.79 -13.01
C GLU E 409 -44.34 -42.38 -12.47
N LYS E 410 -43.31 -41.80 -11.86
CA LYS E 410 -43.45 -40.48 -11.26
C LYS E 410 -43.52 -39.38 -12.32
N THR E 411 -42.70 -39.46 -13.37
CA THR E 411 -42.62 -38.35 -14.31
C THR E 411 -43.50 -38.53 -15.53
N SER E 412 -43.89 -39.78 -15.83
CA SER E 412 -44.41 -40.17 -17.15
C SER E 412 -45.56 -41.15 -17.02
N GLY E 413 -46.31 -41.04 -15.91
CA GLY E 413 -47.22 -42.10 -15.47
C GLY E 413 -48.35 -42.44 -16.43
N LEU E 414 -48.83 -41.46 -17.19
CA LEU E 414 -49.90 -41.66 -18.17
C LEU E 414 -49.40 -41.67 -19.62
N ILE E 415 -48.11 -41.39 -19.85
CA ILE E 415 -47.52 -41.34 -21.20
C ILE E 415 -47.68 -42.67 -21.94
N GLY E 416 -47.47 -43.81 -21.26
CA GLY E 416 -47.73 -45.09 -21.90
C GLY E 416 -49.18 -45.28 -22.31
N SER E 417 -50.12 -44.96 -21.40
CA SER E 417 -51.53 -45.21 -21.73
C SER E 417 -52.00 -44.30 -22.87
N VAL E 418 -51.39 -43.12 -23.02
CA VAL E 418 -51.84 -42.17 -24.06
C VAL E 418 -51.18 -42.44 -25.40
N TYR E 419 -49.85 -42.66 -25.46
CA TYR E 419 -49.13 -42.69 -26.73
C TYR E 419 -48.61 -44.05 -27.18
N SER E 420 -48.46 -45.04 -26.29
CA SER E 420 -47.75 -46.26 -26.66
C SER E 420 -48.57 -47.19 -27.54
N GLU E 421 -49.84 -46.90 -27.79
CA GLU E 421 -50.55 -47.74 -28.75
C GLU E 421 -50.22 -47.36 -30.20
N ILE E 422 -49.53 -46.25 -30.42
CA ILE E 422 -49.06 -45.86 -31.75
C ILE E 422 -47.88 -46.74 -32.14
N ASP E 423 -48.05 -47.57 -33.18
CA ASP E 423 -47.10 -48.64 -33.47
C ASP E 423 -45.69 -48.14 -33.76
N TYR E 424 -45.56 -47.08 -34.58
CA TYR E 424 -44.26 -46.52 -34.96
C TYR E 424 -43.55 -45.92 -33.77
N PHE E 425 -44.32 -45.40 -32.79
CA PHE E 425 -43.70 -44.92 -31.54
C PHE E 425 -43.19 -46.09 -30.70
N ARG E 426 -44.05 -47.07 -30.50
CA ARG E 426 -43.76 -48.17 -29.57
C ARG E 426 -42.72 -49.08 -30.16
N GLU E 427 -42.81 -49.33 -31.46
CA GLU E 427 -41.96 -50.34 -32.10
C GLU E 427 -41.26 -49.71 -33.30
N PRO E 428 -40.35 -48.78 -33.07
CA PRO E 428 -39.80 -48.02 -34.22
C PRO E 428 -38.89 -48.87 -35.12
N ILE E 429 -38.12 -49.83 -34.57
CA ILE E 429 -37.14 -50.54 -35.37
C ILE E 429 -37.82 -51.30 -36.49
N VAL E 430 -38.80 -52.17 -36.12
CA VAL E 430 -39.45 -52.99 -37.14
C VAL E 430 -40.18 -52.10 -38.15
N ASN E 431 -40.72 -50.98 -37.68
CA ASN E 431 -41.50 -50.18 -38.63
C ASN E 431 -40.61 -49.32 -39.50
N VAL E 432 -39.44 -48.90 -39.00
CA VAL E 432 -38.54 -48.17 -39.87
C VAL E 432 -37.98 -49.11 -40.93
N ALA E 433 -37.73 -50.37 -40.55
CA ALA E 433 -37.25 -51.36 -41.53
C ALA E 433 -38.29 -51.60 -42.62
N LYS E 434 -39.57 -51.70 -42.26
CA LYS E 434 -40.61 -51.82 -43.28
C LYS E 434 -40.65 -50.59 -44.19
N GLY E 435 -40.44 -49.39 -43.63
CA GLY E 435 -40.35 -48.20 -44.46
C GLY E 435 -39.16 -48.28 -45.40
N ALA E 436 -38.00 -48.76 -44.89
CA ALA E 436 -36.82 -48.89 -45.73
C ALA E 436 -37.08 -49.85 -46.88
N ALA E 437 -37.80 -50.93 -46.61
CA ALA E 437 -38.11 -51.86 -47.68
C ALA E 437 -38.98 -51.21 -48.75
N GLU E 438 -39.88 -50.33 -48.35
CA GLU E 438 -40.77 -49.68 -49.31
C GLU E 438 -40.01 -48.81 -50.31
N ILE E 439 -38.89 -48.19 -49.92
CA ILE E 439 -38.23 -47.22 -50.80
C ILE E 439 -36.87 -47.69 -51.29
N LYS E 440 -36.38 -48.86 -50.84
CA LYS E 440 -35.00 -49.24 -51.12
C LYS E 440 -34.69 -49.22 -52.61
N ASP E 441 -35.69 -49.52 -53.46
CA ASP E 441 -35.48 -49.60 -54.90
C ASP E 441 -35.73 -48.27 -55.59
N GLN E 442 -36.15 -47.25 -54.85
CA GLN E 442 -36.36 -45.92 -55.37
C GLN E 442 -35.12 -45.04 -55.23
N LEU E 443 -34.20 -45.43 -54.34
CA LEU E 443 -32.96 -44.69 -54.14
C LEU E 443 -31.97 -44.97 -55.27
N SER F 2 -8.87 -62.75 -32.83
CA SER F 2 -8.45 -62.44 -31.47
C SER F 2 -7.96 -60.98 -31.39
N TYR F 3 -7.85 -60.46 -30.15
CA TYR F 3 -7.46 -59.08 -29.89
C TYR F 3 -6.76 -59.01 -28.54
N LYS F 4 -5.55 -58.46 -28.51
CA LYS F 4 -4.80 -58.27 -27.26
C LYS F 4 -4.93 -56.83 -26.77
N ALA F 5 -5.67 -56.61 -25.67
CA ALA F 5 -5.86 -55.25 -25.18
C ALA F 5 -4.52 -54.61 -24.82
N GLN F 6 -4.44 -53.27 -25.03
CA GLN F 6 -3.26 -52.41 -24.80
C GLN F 6 -3.35 -51.55 -23.56
N TYR F 7 -4.57 -51.12 -23.19
CA TYR F 7 -4.93 -50.39 -21.96
C TYR F 7 -4.50 -48.93 -21.97
N THR F 8 -3.22 -48.63 -22.22
CA THR F 8 -2.82 -47.22 -22.21
C THR F 8 -1.46 -47.09 -22.87
N PRO F 9 -1.16 -45.95 -23.51
CA PRO F 9 0.15 -45.75 -24.13
C PRO F 9 1.19 -45.34 -23.10
N GLY F 10 2.44 -45.53 -23.45
CA GLY F 10 3.52 -44.93 -22.68
C GLY F 10 4.69 -45.89 -22.50
N GLU F 11 5.89 -45.33 -22.41
CA GLU F 11 7.10 -46.14 -22.41
C GLU F 11 7.74 -46.20 -21.04
N THR F 12 7.15 -45.56 -20.02
CA THR F 12 7.74 -45.45 -18.70
C THR F 12 7.12 -46.44 -17.73
N ARG F 13 7.76 -46.57 -16.56
CA ARG F 13 7.23 -47.46 -15.52
C ARG F 13 5.82 -47.02 -15.06
N ILE F 14 5.56 -45.71 -15.08
CA ILE F 14 4.26 -45.19 -14.67
C ILE F 14 3.19 -45.75 -15.60
N ALA F 15 3.44 -45.71 -16.89
CA ALA F 15 2.48 -46.24 -17.84
C ALA F 15 2.24 -47.72 -17.60
N GLU F 16 3.31 -48.48 -17.38
CA GLU F 16 3.12 -49.92 -17.17
C GLU F 16 2.30 -50.18 -15.89
N ASN F 17 2.53 -49.39 -14.84
CA ASN F 17 1.71 -49.51 -13.64
C ASN F 17 0.21 -49.30 -13.93
N ARG F 18 -0.11 -48.27 -14.73
CA ARG F 18 -1.50 -48.04 -15.14
C ARG F 18 -2.06 -49.23 -15.88
N ARG F 19 -1.25 -49.83 -16.76
CA ARG F 19 -1.72 -50.97 -17.53
C ARG F 19 -1.95 -52.17 -16.60
N LYS F 20 -1.08 -52.32 -15.63
CA LYS F 20 -1.24 -53.42 -14.68
C LYS F 20 -2.53 -53.28 -13.90
N HIS F 21 -2.87 -52.05 -13.49
CA HIS F 21 -4.12 -51.84 -12.77
C HIS F 21 -5.31 -52.22 -13.64
N MET F 22 -5.25 -51.86 -14.92
CA MET F 22 -6.42 -52.02 -15.76
C MET F 22 -6.57 -53.45 -16.23
N ASN F 23 -5.47 -54.17 -16.42
CA ASN F 23 -5.52 -55.50 -16.98
C ASN F 23 -6.22 -56.48 -16.05
N PRO F 24 -7.39 -57.02 -16.40
CA PRO F 24 -8.12 -57.89 -15.47
C PRO F 24 -7.40 -59.20 -15.16
N ASP F 25 -6.46 -59.59 -15.99
CA ASP F 25 -5.67 -60.81 -15.80
C ASP F 25 -4.41 -60.53 -15.00
N TYR F 26 -4.14 -59.28 -14.64
CA TYR F 26 -3.05 -58.98 -13.73
C TYR F 26 -3.56 -59.10 -12.30
N GLU F 27 -2.99 -60.02 -11.53
CA GLU F 27 -3.48 -60.22 -10.16
C GLU F 27 -2.89 -59.15 -9.23
N LEU F 28 -3.76 -58.34 -8.64
CA LEU F 28 -3.34 -57.29 -7.71
C LEU F 28 -2.74 -57.93 -6.44
N ARG F 29 -1.56 -57.47 -6.03
CA ARG F 29 -0.90 -58.07 -4.86
C ARG F 29 -1.66 -57.68 -3.62
N LYS F 30 -1.86 -58.62 -2.73
CA LYS F 30 -2.47 -58.29 -1.45
C LYS F 30 -1.36 -57.83 -0.50
N LEU F 31 -1.51 -56.66 0.09
CA LEU F 31 -0.55 -56.11 1.03
C LEU F 31 -0.98 -56.24 2.50
N ARG F 32 -2.27 -56.49 2.75
CA ARG F 32 -2.79 -56.55 4.11
C ARG F 32 -4.07 -57.33 4.07
N GLU F 33 -4.56 -57.68 5.26
CA GLU F 33 -5.89 -58.25 5.35
C GLU F 33 -6.75 -57.49 6.34
N ILE F 34 -8.03 -57.40 6.01
CA ILE F 34 -9.04 -56.76 6.82
C ILE F 34 -10.19 -57.74 6.94
N SER F 35 -10.75 -57.86 8.12
CA SER F 35 -11.88 -58.78 8.28
C SER F 35 -13.12 -58.24 7.60
N ASP F 36 -14.08 -59.14 7.33
CA ASP F 36 -15.34 -58.71 6.71
C ASP F 36 -16.01 -57.70 7.63
N GLU F 37 -16.05 -58.01 8.92
CA GLU F 37 -16.65 -57.11 9.90
C GLU F 37 -16.02 -55.72 9.87
N ASP F 38 -14.69 -55.64 9.95
CA ASP F 38 -14.02 -54.34 9.96
C ASP F 38 -14.24 -53.56 8.67
N LEU F 39 -14.29 -54.24 7.53
CA LEU F 39 -14.58 -53.50 6.31
C LEU F 39 -15.99 -52.91 6.36
N VAL F 40 -16.97 -53.73 6.75
CA VAL F 40 -18.34 -53.25 6.87
C VAL F 40 -18.44 -52.07 7.84
N LYS F 41 -17.68 -52.09 8.94
CA LYS F 41 -17.68 -51.01 9.92
C LYS F 41 -17.13 -49.69 9.32
N VAL F 42 -16.04 -49.77 8.56
CA VAL F 42 -15.43 -48.56 8.00
C VAL F 42 -16.29 -47.99 6.88
N LEU F 43 -16.91 -48.86 6.07
CA LEU F 43 -17.91 -48.42 5.10
C LEU F 43 -18.99 -47.61 5.80
N GLY F 44 -19.47 -48.09 6.94
CA GLY F 44 -20.41 -47.34 7.75
C GLY F 44 -21.86 -47.39 7.32
N HIS F 45 -22.23 -48.26 6.36
CA HIS F 45 -23.63 -48.27 5.93
C HIS F 45 -24.53 -49.21 6.73
N ARG F 46 -23.97 -50.29 7.27
CA ARG F 46 -24.76 -51.27 8.01
C ARG F 46 -23.88 -51.87 9.08
N ASN F 47 -24.51 -52.66 9.95
CA ASN F 47 -23.76 -53.46 10.92
C ASN F 47 -23.64 -54.88 10.42
N PRO F 48 -22.52 -55.57 10.61
CA PRO F 48 -22.44 -56.95 10.13
C PRO F 48 -23.49 -57.83 10.81
N GLY F 49 -24.02 -58.78 10.03
CA GLY F 49 -25.06 -59.65 10.51
C GLY F 49 -26.46 -59.18 10.19
N GLU F 50 -26.63 -57.89 9.92
CA GLU F 50 -27.92 -57.36 9.52
C GLU F 50 -28.25 -57.80 8.09
N SER F 51 -29.53 -58.13 7.86
CA SER F 51 -29.99 -58.44 6.50
C SER F 51 -29.65 -57.29 5.56
N TYR F 52 -29.24 -57.61 4.34
CA TYR F 52 -29.08 -56.56 3.36
C TYR F 52 -30.43 -55.92 3.10
N LYS F 53 -30.45 -54.61 3.01
CA LYS F 53 -31.70 -53.89 2.84
C LYS F 53 -31.94 -53.60 1.36
N SER F 54 -33.19 -53.77 0.94
CA SER F 54 -33.60 -53.59 -0.44
C SER F 54 -33.97 -52.15 -0.75
N VAL F 55 -33.91 -51.82 -2.02
CA VAL F 55 -34.53 -50.59 -2.51
C VAL F 55 -35.71 -50.90 -3.41
N HIS F 56 -35.82 -52.12 -3.94
CA HIS F 56 -36.95 -52.57 -4.73
C HIS F 56 -37.09 -54.08 -4.59
N PRO F 57 -38.21 -54.64 -5.01
CA PRO F 57 -38.42 -56.09 -4.88
C PRO F 57 -37.40 -56.89 -5.68
N PRO F 58 -37.36 -58.20 -5.47
CA PRO F 58 -36.46 -59.05 -6.26
C PRO F 58 -36.67 -58.85 -7.75
N LEU F 59 -35.56 -58.95 -8.45
CA LEU F 59 -35.50 -58.58 -9.87
C LEU F 59 -36.48 -59.41 -10.70
N ASP F 60 -36.67 -60.65 -10.34
CA ASP F 60 -37.57 -61.44 -11.17
C ASP F 60 -39.03 -60.96 -11.08
N GLU F 61 -39.38 -59.98 -10.25
CA GLU F 61 -40.73 -59.46 -10.28
C GLU F 61 -40.87 -58.23 -11.17
N MET F 62 -39.76 -57.77 -11.77
CA MET F 62 -39.73 -56.64 -12.68
C MET F 62 -39.70 -57.06 -14.14
N ASP F 63 -39.51 -58.36 -14.42
CA ASP F 63 -39.19 -58.86 -15.76
C ASP F 63 -40.26 -59.78 -16.32
N PHE F 64 -41.53 -59.45 -16.12
CA PHE F 64 -42.54 -60.34 -16.69
C PHE F 64 -42.61 -60.22 -18.21
N GLU F 65 -42.49 -59.01 -18.80
CA GLU F 65 -42.48 -59.01 -20.26
C GLU F 65 -41.12 -59.15 -20.93
N GLU F 66 -41.20 -59.72 -22.12
CA GLU F 66 -40.04 -60.09 -22.89
C GLU F 66 -39.23 -58.88 -23.34
N ASP F 67 -37.96 -58.94 -23.04
CA ASP F 67 -36.98 -57.98 -23.55
C ASP F 67 -35.75 -58.85 -23.79
N ILE F 68 -35.53 -59.22 -25.05
CA ILE F 68 -34.46 -60.14 -25.38
C ILE F 68 -33.08 -59.53 -25.05
N VAL F 69 -32.88 -58.26 -25.39
CA VAL F 69 -31.62 -57.59 -25.07
C VAL F 69 -31.38 -57.49 -23.57
N ARG F 70 -32.41 -57.15 -22.79
CA ARG F 70 -32.25 -57.13 -21.33
C ARG F 70 -31.74 -58.49 -20.81
N ASP F 71 -32.35 -59.57 -21.28
CA ASP F 71 -31.98 -60.88 -20.78
C ASP F 71 -30.65 -61.40 -21.34
N LEU F 72 -30.03 -60.64 -22.24
CA LEU F 72 -28.67 -60.96 -22.64
C LEU F 72 -27.66 -60.66 -21.55
N VAL F 73 -28.01 -59.80 -20.59
CA VAL F 73 -27.05 -59.31 -19.62
C VAL F 73 -27.27 -59.95 -18.24
N GLU F 74 -26.22 -60.52 -17.65
CA GLU F 74 -26.40 -61.15 -16.33
C GLU F 74 -26.39 -60.08 -15.25
N PRO F 75 -27.38 -60.02 -14.39
CA PRO F 75 -27.35 -59.02 -13.32
C PRO F 75 -26.41 -59.47 -12.22
N ILE F 76 -25.77 -58.50 -11.56
CA ILE F 76 -24.92 -58.87 -10.42
C ILE F 76 -25.81 -59.29 -9.27
N GLN F 77 -25.23 -59.97 -8.29
CA GLN F 77 -26.07 -60.60 -7.30
C GLN F 77 -26.89 -59.59 -6.49
N GLY F 78 -26.30 -58.42 -6.22
CA GLY F 78 -27.03 -57.36 -5.53
C GLY F 78 -28.24 -56.86 -6.32
N ALA F 79 -28.17 -56.87 -7.67
CA ALA F 79 -29.33 -56.44 -8.43
C ALA F 79 -30.43 -57.50 -8.36
N LYS F 80 -30.04 -58.78 -8.39
CA LYS F 80 -31.00 -59.87 -8.33
C LYS F 80 -31.87 -59.76 -7.09
N GLU F 81 -31.28 -59.38 -5.98
CA GLU F 81 -31.93 -59.32 -4.69
C GLU F 81 -32.51 -57.94 -4.40
N GLY F 82 -32.29 -56.96 -5.29
CA GLY F 82 -32.87 -55.64 -5.05
C GLY F 82 -32.15 -54.84 -3.99
N VAL F 83 -30.91 -55.20 -3.66
CA VAL F 83 -30.19 -54.49 -2.59
C VAL F 83 -29.98 -53.02 -2.96
N ARG F 84 -30.10 -52.15 -1.97
CA ARG F 84 -29.80 -50.74 -2.11
C ARG F 84 -28.37 -50.50 -2.63
N VAL F 85 -28.18 -49.33 -3.25
CA VAL F 85 -26.89 -48.88 -3.76
C VAL F 85 -26.17 -48.09 -2.66
N ARG F 86 -24.90 -48.40 -2.43
CA ARG F 86 -24.09 -47.70 -1.45
C ARG F 86 -22.73 -47.40 -2.08
N TYR F 87 -21.80 -46.83 -1.30
CA TYR F 87 -20.62 -46.23 -1.91
C TYR F 87 -19.36 -46.49 -1.08
N ILE F 88 -18.21 -46.44 -1.75
CA ILE F 88 -16.94 -46.17 -1.07
C ILE F 88 -16.22 -45.06 -1.82
N GLN F 89 -15.50 -44.21 -1.10
CA GLN F 89 -14.84 -43.05 -1.67
CA GLN F 89 -14.80 -43.10 -1.72
C GLN F 89 -13.43 -42.92 -1.10
N PHE F 90 -12.45 -42.65 -1.98
CA PHE F 90 -11.05 -42.50 -1.57
C PHE F 90 -10.51 -41.15 -2.02
N ALA F 91 -9.71 -40.52 -1.17
CA ALA F 91 -8.75 -39.52 -1.61
C ALA F 91 -7.37 -40.18 -1.73
N ASP F 92 -6.63 -39.81 -2.78
CA ASP F 92 -5.31 -40.37 -3.07
C ASP F 92 -4.29 -39.24 -3.06
N SER F 93 -3.28 -39.34 -2.21
CA SER F 93 -2.30 -38.25 -2.15
C SER F 93 -1.56 -38.10 -3.47
N MET F 94 -1.31 -36.84 -3.85
CA MET F 94 -0.46 -36.60 -5.02
C MET F 94 1.01 -36.92 -4.77
N TYR F 95 1.38 -37.27 -3.54
CA TYR F 95 2.72 -37.76 -3.25
C TYR F 95 2.78 -39.30 -3.43
N ASN F 96 2.52 -39.70 -4.69
CA ASN F 96 2.73 -41.06 -5.17
C ASN F 96 1.82 -42.08 -4.48
N ALA F 97 0.58 -41.69 -4.17
CA ALA F 97 -0.36 -42.73 -3.75
C ALA F 97 -0.41 -43.82 -4.82
N PRO F 98 -0.63 -45.09 -4.42
CA PRO F 98 -0.43 -46.19 -5.38
C PRO F 98 -1.54 -46.29 -6.43
N ALA F 99 -2.68 -45.68 -6.17
CA ALA F 99 -3.77 -45.54 -7.14
C ALA F 99 -4.11 -44.05 -7.22
N GLN F 100 -4.69 -43.64 -8.33
CA GLN F 100 -4.96 -42.23 -8.59
C GLN F 100 -6.31 -42.17 -9.29
N PRO F 101 -6.96 -41.00 -9.32
CA PRO F 101 -8.41 -40.99 -9.66
C PRO F 101 -8.83 -41.55 -11.03
N TYR F 102 -8.28 -41.08 -12.17
CA TYR F 102 -8.71 -41.69 -13.44
C TYR F 102 -8.20 -43.13 -13.60
N ASP F 103 -7.05 -43.39 -13.01
CA ASP F 103 -6.52 -44.76 -12.94
C ASP F 103 -7.56 -45.70 -12.33
N ARG F 104 -8.15 -45.28 -11.18
CA ARG F 104 -9.22 -46.05 -10.55
C ARG F 104 -10.39 -46.24 -11.49
N ALA F 105 -10.91 -45.14 -12.08
CA ALA F 105 -12.10 -45.24 -12.95
C ALA F 105 -11.88 -46.23 -14.08
N ARG F 106 -10.73 -46.14 -14.75
CA ARG F 106 -10.42 -47.06 -15.84
C ARG F 106 -10.24 -48.49 -15.33
N THR F 107 -9.61 -48.64 -14.17
CA THR F 107 -9.47 -49.98 -13.58
C THR F 107 -10.83 -50.59 -13.29
N TYR F 108 -11.73 -49.82 -12.65
CA TYR F 108 -13.02 -50.37 -12.26
C TYR F 108 -13.83 -50.78 -13.47
N MET F 109 -13.79 -49.96 -14.55
CA MET F 109 -14.60 -50.21 -15.75
C MET F 109 -14.08 -51.40 -16.58
N TRP F 110 -12.84 -51.80 -16.38
CA TRP F 110 -12.32 -53.02 -16.98
C TRP F 110 -12.58 -54.25 -16.11
N ARG F 111 -12.41 -54.11 -14.78
CA ARG F 111 -12.42 -55.28 -13.92
C ARG F 111 -13.79 -55.63 -13.35
N TYR F 112 -14.66 -54.66 -13.13
CA TYR F 112 -15.84 -54.90 -12.32
C TYR F 112 -17.11 -54.64 -13.11
N ARG F 113 -18.18 -55.28 -12.66
CA ARG F 113 -19.46 -55.27 -13.35
C ARG F 113 -20.45 -54.37 -12.61
N GLY F 114 -21.24 -53.59 -13.34
CA GLY F 114 -22.34 -52.85 -12.70
C GLY F 114 -21.85 -51.70 -11.82
N VAL F 115 -20.96 -50.92 -12.41
CA VAL F 115 -20.20 -49.86 -11.76
C VAL F 115 -20.83 -48.49 -12.05
N ASP F 116 -20.93 -47.64 -11.02
CA ASP F 116 -21.17 -46.20 -11.23
C ASP F 116 -19.99 -45.51 -10.58
N THR F 117 -19.10 -44.89 -11.35
CA THR F 117 -17.90 -44.35 -10.70
C THR F 117 -17.66 -42.90 -11.08
N GLY F 118 -17.30 -42.09 -10.07
CA GLY F 118 -17.10 -40.67 -10.31
C GLY F 118 -15.69 -40.25 -10.00
N THR F 119 -15.04 -39.52 -10.93
CA THR F 119 -13.66 -39.06 -10.74
C THR F 119 -13.61 -37.55 -10.53
N LEU F 120 -12.86 -37.13 -9.50
CA LEU F 120 -12.67 -35.72 -9.16
C LEU F 120 -11.20 -35.57 -8.76
N SER F 121 -10.69 -34.34 -8.68
CA SER F 121 -9.29 -34.18 -8.27
C SER F 121 -9.10 -34.70 -6.85
N GLY F 122 -10.09 -34.47 -5.98
CA GLY F 122 -9.98 -34.70 -4.56
C GLY F 122 -10.54 -36.00 -4.01
N ARG F 123 -11.26 -36.76 -4.82
CA ARG F 123 -11.80 -38.01 -4.31
C ARG F 123 -12.29 -38.81 -5.52
N GLN F 124 -12.54 -40.10 -5.30
CA GLN F 124 -13.00 -40.97 -6.38
C GLN F 124 -14.01 -41.91 -5.75
N VAL F 125 -15.20 -41.97 -6.31
CA VAL F 125 -16.31 -42.65 -5.67
C VAL F 125 -16.71 -43.82 -6.56
N ILE F 126 -17.11 -44.95 -5.95
CA ILE F 126 -17.88 -46.01 -6.62
C ILE F 126 -19.18 -46.17 -5.87
N GLU F 127 -20.29 -46.16 -6.58
CA GLU F 127 -21.57 -46.47 -6.00
C GLU F 127 -22.00 -47.76 -6.67
N MET F 128 -22.37 -48.76 -5.87
CA MET F 128 -22.70 -50.08 -6.42
C MET F 128 -23.72 -50.73 -5.49
N ARG F 129 -24.47 -51.71 -6.02
CA ARG F 129 -25.29 -52.55 -5.16
C ARG F 129 -24.45 -53.02 -3.98
N GLU F 130 -24.96 -52.80 -2.76
CA GLU F 130 -24.14 -52.85 -1.57
C GLU F 130 -23.53 -54.24 -1.37
N LEU F 131 -24.26 -55.28 -1.74
CA LEU F 131 -23.74 -56.63 -1.59
C LEU F 131 -22.43 -56.76 -2.36
N ASP F 132 -22.44 -56.30 -3.60
CA ASP F 132 -21.28 -56.47 -4.47
C ASP F 132 -20.23 -55.43 -4.16
N LEU F 133 -20.66 -54.22 -3.73
CA LEU F 133 -19.72 -53.19 -3.25
C LEU F 133 -18.77 -53.75 -2.18
N GLU F 134 -19.29 -54.58 -1.28
CA GLU F 134 -18.46 -55.05 -0.17
C GLU F 134 -17.34 -55.98 -0.66
N GLY F 135 -17.63 -56.83 -1.66
CA GLY F 135 -16.56 -57.64 -2.25
C GLY F 135 -15.52 -56.80 -2.98
N VAL F 136 -15.97 -55.86 -3.82
CA VAL F 136 -15.07 -54.95 -4.51
C VAL F 136 -14.24 -54.14 -3.50
N SER F 137 -14.90 -53.60 -2.45
CA SER F 137 -14.18 -52.76 -1.48
C SER F 137 -13.06 -53.52 -0.79
N LYS F 138 -13.29 -54.80 -0.48
CA LYS F 138 -12.25 -55.61 0.14
C LYS F 138 -10.99 -55.61 -0.73
N GLU F 139 -11.15 -55.85 -2.02
CA GLU F 139 -9.99 -55.82 -2.91
C GLU F 139 -9.36 -54.43 -2.95
N LEU F 140 -10.17 -53.37 -2.91
CA LEU F 140 -9.62 -52.04 -3.02
C LEU F 140 -8.86 -51.64 -1.76
N VAL F 141 -9.13 -52.27 -0.61
CA VAL F 141 -8.39 -51.85 0.59
C VAL F 141 -7.26 -52.85 0.89
N GLU F 142 -7.43 -54.15 0.54
CA GLU F 142 -6.35 -55.09 0.88
C GLU F 142 -5.10 -55.07 -0.05
N THR F 143 -5.23 -54.61 -1.30
CA THR F 143 -4.23 -54.75 -2.35
C THR F 143 -3.37 -53.51 -2.48
N GLU F 144 -2.47 -53.55 -3.47
CA GLU F 144 -1.53 -52.46 -3.70
C GLU F 144 -2.21 -51.22 -4.25
N LEU F 145 -3.54 -51.22 -4.43
CA LEU F 145 -4.26 -50.02 -4.76
C LEU F 145 -4.42 -49.13 -3.56
N PHE F 146 -4.03 -49.60 -2.39
CA PHE F 146 -4.30 -48.88 -1.14
C PHE F 146 -3.04 -48.79 -0.29
N ASP F 147 -2.77 -47.60 0.24
CA ASP F 147 -1.69 -47.36 1.22
C ASP F 147 -2.31 -46.53 2.34
N PRO F 148 -2.35 -47.01 3.58
CA PRO F 148 -3.12 -46.29 4.59
C PRO F 148 -2.57 -44.90 4.86
N ALA F 149 -1.33 -44.60 4.44
CA ALA F 149 -0.83 -43.25 4.66
C ALA F 149 -1.25 -42.27 3.57
N THR F 150 -1.36 -42.73 2.31
CA THR F 150 -1.60 -41.85 1.18
C THR F 150 -2.95 -42.08 0.51
N THR F 151 -3.74 -43.05 0.97
CA THR F 151 -5.07 -43.40 0.45
C THR F 151 -6.06 -43.29 1.60
N GLY F 152 -6.88 -42.25 1.61
CA GLY F 152 -7.77 -42.01 2.72
C GLY F 152 -9.19 -42.40 2.35
N ILE F 153 -9.83 -43.20 3.21
CA ILE F 153 -11.24 -43.54 2.99
C ILE F 153 -12.10 -42.38 3.54
N ARG F 154 -12.93 -41.77 2.69
CA ARG F 154 -13.62 -40.58 3.17
C ARG F 154 -14.77 -40.16 2.26
N GLY F 155 -15.99 -40.06 2.82
CA GLY F 155 -17.23 -39.72 2.11
C GLY F 155 -17.62 -38.25 2.17
N ALA F 156 -16.90 -37.45 2.95
CA ALA F 156 -17.26 -36.04 3.14
C ALA F 156 -16.05 -35.35 3.71
N THR F 157 -15.92 -34.06 3.38
CA THR F 157 -14.77 -33.26 3.87
C THR F 157 -13.46 -33.92 3.47
N VAL F 158 -13.25 -34.01 2.15
CA VAL F 158 -12.19 -34.85 1.59
C VAL F 158 -10.85 -34.15 1.39
N HIS F 159 -10.76 -32.85 1.59
CA HIS F 159 -9.55 -32.09 1.42
C HIS F 159 -8.35 -32.95 1.80
N GLY F 160 -7.29 -32.97 0.99
CA GLY F 160 -6.01 -33.52 1.45
C GLY F 160 -5.19 -34.11 0.33
N HIS F 161 -5.81 -34.44 -0.81
CA HIS F 161 -4.99 -35.03 -1.89
C HIS F 161 -3.80 -34.15 -2.30
N SER F 162 -3.95 -32.82 -2.26
CA SER F 162 -2.94 -31.87 -2.72
C SER F 162 -2.12 -31.29 -1.59
N LEU F 163 -2.37 -31.72 -0.35
CA LEU F 163 -1.65 -31.10 0.77
C LEU F 163 -0.33 -31.81 1.07
N ARG F 164 0.57 -31.09 1.75
CA ARG F 164 1.76 -31.72 2.31
C ARG F 164 1.36 -32.82 3.31
N LEU F 165 2.20 -33.85 3.43
CA LEU F 165 1.93 -34.91 4.41
C LEU F 165 2.22 -34.39 5.84
N ASP F 166 1.58 -35.00 6.84
CA ASP F 166 1.81 -34.59 8.22
C ASP F 166 3.17 -35.12 8.71
N GLU F 167 3.53 -34.82 9.98
CA GLU F 167 4.87 -35.16 10.42
C GLU F 167 5.07 -36.66 10.58
N ASN F 168 4.01 -37.45 10.51
CA ASN F 168 4.16 -38.89 10.52
C ASN F 168 4.07 -39.48 9.12
N GLY F 169 3.98 -38.64 8.08
CA GLY F 169 3.88 -39.14 6.73
C GLY F 169 2.49 -39.50 6.30
N LEU F 170 1.45 -39.13 7.05
CA LEU F 170 0.08 -39.43 6.67
C LEU F 170 -0.55 -38.23 5.94
N MET F 171 -1.43 -38.53 5.00
CA MET F 171 -2.25 -37.48 4.35
C MET F 171 -3.14 -36.77 5.36
N PHE F 172 -3.30 -35.47 5.14
CA PHE F 172 -4.26 -34.66 5.88
C PHE F 172 -5.66 -35.27 5.85
N ASP F 173 -6.35 -35.17 6.97
CA ASP F 173 -7.78 -35.45 7.01
C ASP F 173 -8.40 -34.52 8.05
N ALA F 174 -9.20 -33.54 7.61
CA ALA F 174 -9.75 -32.57 8.58
C ALA F 174 -10.61 -33.23 9.64
N LEU F 175 -11.22 -34.38 9.36
CA LEU F 175 -11.99 -35.11 10.37
C LEU F 175 -11.18 -36.20 11.12
N GLN F 176 -9.93 -36.42 10.75
CA GLN F 176 -9.03 -37.41 11.37
C GLN F 176 -9.72 -38.77 11.57
N ARG F 177 -10.20 -39.31 10.47
CA ARG F 177 -10.84 -40.62 10.51
C ARG F 177 -9.83 -41.71 10.80
N TYR F 178 -8.54 -41.46 10.51
CA TYR F 178 -7.46 -42.34 10.91
C TYR F 178 -6.41 -41.55 11.67
N VAL F 179 -5.68 -42.27 12.50
CA VAL F 179 -4.59 -41.69 13.28
C VAL F 179 -3.39 -42.62 13.20
N PHE F 180 -2.21 -42.04 13.45
CA PHE F 180 -0.98 -42.79 13.46
C PHE F 180 -0.80 -43.31 14.86
N ASP F 181 -0.64 -44.62 15.03
CA ASP F 181 -0.36 -45.18 16.36
C ASP F 181 1.14 -45.16 16.58
N GLU F 182 1.60 -44.29 17.48
CA GLU F 182 3.03 -44.10 17.65
C GLU F 182 3.68 -45.29 18.34
N GLU F 183 2.91 -46.08 19.09
CA GLU F 183 3.46 -47.26 19.72
C GLU F 183 3.82 -48.32 18.68
N THR F 184 3.06 -48.42 17.59
CA THR F 184 3.23 -49.49 16.61
C THR F 184 3.67 -49.01 15.24
N GLY F 185 3.45 -47.75 14.89
CA GLY F 185 3.73 -47.39 13.52
C GLY F 185 2.61 -47.71 12.55
N HIS F 186 1.48 -48.20 13.04
CA HIS F 186 0.34 -48.51 12.17
C HIS F 186 -0.61 -47.34 12.05
N VAL F 187 -1.35 -47.31 10.96
CA VAL F 187 -2.41 -46.33 10.76
C VAL F 187 -3.72 -47.01 11.16
N VAL F 188 -4.50 -46.36 12.04
CA VAL F 188 -5.68 -46.97 12.64
C VAL F 188 -6.89 -46.11 12.36
N TYR F 189 -7.94 -46.70 11.80
CA TYR F 189 -9.17 -45.94 11.59
C TYR F 189 -9.95 -45.90 12.91
N VAL F 190 -10.26 -44.70 13.38
CA VAL F 190 -11.09 -44.50 14.55
C VAL F 190 -12.51 -44.02 14.21
N LYS F 191 -12.77 -43.66 12.94
CA LYS F 191 -14.08 -43.24 12.48
C LYS F 191 -14.42 -43.96 11.17
N GLU F 192 -15.72 -44.00 10.79
CA GLU F 192 -16.03 -44.56 9.48
C GLU F 192 -15.98 -43.48 8.39
N GLN F 193 -16.32 -43.84 7.14
CA GLN F 193 -15.91 -42.97 6.05
C GLN F 193 -16.65 -41.63 6.06
N VAL F 194 -17.81 -41.49 6.71
CA VAL F 194 -18.41 -40.17 6.82
C VAL F 194 -17.93 -39.43 8.09
N GLY F 195 -17.34 -40.12 9.07
CA GLY F 195 -16.77 -39.47 10.23
C GLY F 195 -17.47 -39.78 11.55
N ARG F 196 -18.34 -40.80 11.56
CA ARG F 196 -18.87 -41.23 12.86
C ARG F 196 -17.85 -42.09 13.59
N PRO F 197 -17.75 -41.93 14.91
CA PRO F 197 -16.79 -42.72 15.70
C PRO F 197 -17.03 -44.22 15.59
N LEU F 198 -15.93 -44.97 15.51
CA LEU F 198 -16.00 -46.42 15.56
C LEU F 198 -15.98 -46.89 17.00
N ASP F 199 -16.83 -47.88 17.34
CA ASP F 199 -16.74 -48.49 18.66
C ASP F 199 -15.42 -49.18 18.83
N GLU F 200 -14.92 -49.79 17.76
CA GLU F 200 -13.67 -50.52 17.83
C GLU F 200 -12.78 -50.10 16.67
N PRO F 201 -11.62 -49.53 16.96
CA PRO F 201 -10.69 -49.06 15.92
C PRO F 201 -10.28 -50.20 15.00
N VAL F 202 -9.98 -49.86 13.75
CA VAL F 202 -9.61 -50.84 12.74
C VAL F 202 -8.18 -50.60 12.30
N ASP F 203 -7.30 -51.53 12.59
CA ASP F 203 -5.91 -51.38 12.21
C ASP F 203 -5.73 -51.59 10.69
N MET F 204 -5.16 -50.63 9.99
CA MET F 204 -4.91 -50.79 8.56
C MET F 204 -3.45 -51.05 8.26
N GLY F 205 -2.62 -51.23 9.28
CA GLY F 205 -1.25 -51.66 9.09
C GLY F 205 -0.30 -50.52 8.86
N GLN F 206 0.83 -50.86 8.28
CA GLN F 206 2.00 -50.02 8.12
CA GLN F 206 1.95 -49.97 8.14
C GLN F 206 1.94 -49.28 6.77
N PRO F 207 2.28 -47.98 6.79
CA PRO F 207 2.43 -47.23 5.52
C PRO F 207 3.51 -47.85 4.65
N LEU F 208 3.32 -47.78 3.34
CA LEU F 208 4.38 -48.18 2.43
C LEU F 208 5.52 -47.18 2.52
N ASP F 209 6.74 -47.65 2.27
CA ASP F 209 7.84 -46.69 2.31
C ASP F 209 7.91 -45.89 1.01
N GLU F 210 8.70 -44.84 1.05
CA GLU F 210 8.60 -43.83 0.00
C GLU F 210 9.02 -44.46 -1.31
N GLU F 211 10.01 -45.35 -1.21
CA GLU F 211 10.59 -45.95 -2.40
C GLU F 211 9.64 -46.93 -3.05
N GLU F 212 8.89 -47.67 -2.23
CA GLU F 212 7.89 -48.55 -2.80
C GLU F 212 6.81 -47.75 -3.53
N LEU F 213 6.43 -46.60 -2.97
CA LEU F 213 5.43 -45.77 -3.64
C LEU F 213 5.93 -45.26 -4.98
N ARG F 214 7.22 -44.81 -5.07
CA ARG F 214 7.76 -44.37 -6.35
C ARG F 214 7.70 -45.47 -7.39
N LYS F 215 7.83 -46.71 -6.94
CA LYS F 215 7.86 -47.83 -7.86
C LYS F 215 6.45 -48.17 -8.39
N ILE F 216 5.42 -48.12 -7.53
CA ILE F 216 4.12 -48.66 -7.95
C ILE F 216 3.09 -47.57 -8.25
N THR F 217 3.39 -46.30 -8.06
CA THR F 217 2.37 -45.26 -8.26
C THR F 217 2.03 -45.03 -9.74
N THR F 218 0.85 -44.47 -9.98
CA THR F 218 0.36 -44.22 -11.32
C THR F 218 0.32 -42.72 -11.66
N ILE F 219 0.87 -41.85 -10.79
CA ILE F 219 0.99 -40.44 -11.10
C ILE F 219 2.38 -40.12 -11.67
N TYR F 220 2.43 -39.17 -12.60
CA TYR F 220 3.71 -38.65 -13.07
C TYR F 220 4.11 -37.47 -12.19
N ARG F 221 5.33 -37.46 -11.70
CA ARG F 221 5.91 -36.35 -10.93
C ARG F 221 7.37 -36.20 -11.35
N LYS F 222 7.82 -34.96 -11.55
CA LYS F 222 9.18 -34.69 -12.01
C LYS F 222 10.23 -35.33 -11.10
N ASP F 223 9.99 -35.36 -9.78
CA ASP F 223 10.98 -35.93 -8.86
C ASP F 223 10.90 -37.45 -8.77
N ASN F 224 10.08 -38.07 -9.59
CA ASN F 224 10.05 -39.53 -9.74
C ASN F 224 10.25 -39.83 -11.22
N ILE F 225 9.16 -39.94 -11.97
CA ILE F 225 9.23 -40.02 -13.43
C ILE F 225 8.32 -38.91 -13.99
N ALA F 226 8.89 -37.95 -14.69
CA ALA F 226 8.16 -36.81 -15.24
C ALA F 226 7.32 -37.23 -16.43
N MET F 227 6.13 -36.61 -16.56
CA MET F 227 5.34 -36.74 -17.80
C MET F 227 6.19 -36.42 -19.02
N ARG F 228 7.07 -35.41 -18.90
CA ARG F 228 7.89 -34.98 -20.01
C ARG F 228 8.76 -36.10 -20.56
N ASP F 229 9.15 -37.05 -19.70
CA ASP F 229 10.01 -38.15 -20.16
C ASP F 229 9.24 -39.22 -20.91
N ASP F 230 7.90 -39.27 -20.79
CA ASP F 230 7.15 -40.31 -21.47
C ASP F 230 6.71 -39.75 -22.81
N LYS F 231 7.69 -39.69 -23.74
CA LYS F 231 7.38 -39.11 -25.04
C LYS F 231 6.30 -39.88 -25.75
N GLU F 232 6.25 -41.21 -25.57
CA GLU F 232 5.21 -42.01 -26.21
C GLU F 232 3.80 -41.61 -25.71
N ALA F 233 3.65 -41.46 -24.41
CA ALA F 233 2.35 -41.13 -23.87
C ALA F 233 1.91 -39.77 -24.40
N ILE F 234 2.83 -38.82 -24.46
CA ILE F 234 2.48 -37.49 -24.96
C ILE F 234 2.08 -37.57 -26.41
N GLU F 235 2.80 -38.36 -27.20
CA GLU F 235 2.50 -38.50 -28.61
C GLU F 235 1.08 -39.00 -28.80
N VAL F 236 0.65 -39.94 -27.96
CA VAL F 236 -0.70 -40.44 -28.16
C VAL F 236 -1.73 -39.43 -27.67
N VAL F 237 -1.45 -38.73 -26.57
CA VAL F 237 -2.39 -37.70 -26.14
C VAL F 237 -2.57 -36.66 -27.25
N GLU F 238 -1.45 -36.23 -27.87
CA GLU F 238 -1.53 -35.24 -28.93
C GLU F 238 -2.31 -35.80 -30.12
N ASN F 239 -2.14 -37.08 -30.40
CA ASN F 239 -2.86 -37.69 -31.50
C ASN F 239 -4.36 -37.71 -31.23
N ILE F 240 -4.77 -37.97 -29.98
CA ILE F 240 -6.19 -37.93 -29.64
C ILE F 240 -6.73 -36.53 -29.85
N HIS F 241 -6.01 -35.53 -29.32
CA HIS F 241 -6.43 -34.14 -29.49
C HIS F 241 -6.56 -33.73 -30.96
N THR F 242 -5.55 -34.06 -31.75
CA THR F 242 -5.54 -33.72 -33.16
C THR F 242 -6.73 -34.36 -33.87
N GLY F 243 -6.91 -35.68 -33.67
CA GLY F 243 -8.03 -36.38 -34.29
C GLY F 243 -9.40 -35.80 -33.92
N ARG F 244 -9.57 -35.42 -32.65
CA ARG F 244 -10.80 -34.76 -32.26
C ARG F 244 -10.97 -33.44 -32.98
N THR F 245 -9.88 -32.67 -33.14
CA THR F 245 -9.93 -31.39 -33.86
C THR F 245 -10.31 -31.63 -35.32
N MET F 246 -9.71 -32.63 -35.94
CA MET F 246 -10.01 -32.94 -37.33
C MET F 246 -11.43 -33.39 -37.51
N GLY F 247 -11.94 -34.24 -36.59
CA GLY F 247 -13.31 -34.71 -36.73
C GLY F 247 -14.30 -33.58 -36.55
N GLY F 248 -14.04 -32.69 -35.60
CA GLY F 248 -14.94 -31.56 -35.40
C GLY F 248 -14.95 -30.63 -36.60
N PHE F 249 -13.79 -30.42 -37.22
CA PHE F 249 -13.73 -29.51 -38.36
C PHE F 249 -14.39 -30.17 -39.56
N GLY F 250 -14.13 -31.46 -39.77
CA GLY F 250 -14.95 -32.28 -40.64
C GLY F 250 -14.60 -32.23 -42.12
N MET F 251 -14.26 -31.05 -42.61
CA MET F 251 -14.19 -30.84 -44.05
C MET F 251 -13.10 -31.66 -44.71
N ASP F 252 -11.99 -31.93 -44.00
CA ASP F 252 -10.98 -32.81 -44.56
C ASP F 252 -11.29 -34.28 -44.31
N VAL F 253 -11.62 -34.68 -43.08
CA VAL F 253 -11.78 -36.13 -42.87
C VAL F 253 -13.03 -36.65 -43.56
N PHE F 254 -14.02 -35.79 -43.76
CA PHE F 254 -15.24 -36.18 -44.47
C PHE F 254 -15.25 -35.71 -45.93
N LYS F 255 -14.06 -35.48 -46.51
CA LYS F 255 -14.02 -34.91 -47.85
C LYS F 255 -14.73 -35.78 -48.88
N GLU F 256 -14.60 -37.12 -48.80
CA GLU F 256 -15.28 -37.90 -49.82
C GLU F 256 -16.79 -37.94 -49.58
N ASP F 257 -17.23 -37.86 -48.31
CA ASP F 257 -18.66 -37.75 -48.03
C ASP F 257 -19.23 -36.45 -48.60
N LEU F 258 -18.52 -35.33 -48.41
CA LEU F 258 -18.89 -34.07 -49.02
C LEU F 258 -18.95 -34.18 -50.54
N ARG F 259 -17.94 -34.79 -51.14
CA ARG F 259 -17.90 -34.89 -52.59
C ARG F 259 -19.11 -35.65 -53.11
N LYS F 260 -19.56 -36.70 -52.41
CA LYS F 260 -20.77 -37.38 -52.84
C LYS F 260 -21.99 -36.48 -52.67
N ARG F 261 -22.02 -35.71 -51.58
CA ARG F 261 -23.16 -34.81 -51.42
C ARG F 261 -23.16 -33.72 -52.48
N LEU F 262 -21.97 -33.30 -52.98
CA LEU F 262 -21.94 -32.25 -53.99
C LEU F 262 -22.14 -32.79 -55.40
N GLY F 263 -22.21 -34.11 -55.56
CA GLY F 263 -22.42 -34.70 -56.87
C GLY F 263 -21.17 -34.73 -57.70
N ASP F 264 -20.00 -34.58 -57.07
CA ASP F 264 -18.70 -34.53 -57.75
C ASP F 264 -17.92 -35.86 -57.74
N LYS G 5 -11.36 -4.56 24.12
CA LYS G 5 -10.41 -5.65 23.90
C LYS G 5 -8.94 -5.16 23.86
N LYS G 6 -8.06 -5.88 24.56
CA LYS G 6 -6.68 -5.46 24.72
C LYS G 6 -5.96 -5.39 23.37
N LEU G 7 -5.16 -4.35 23.16
CA LEU G 7 -4.62 -4.11 21.83
C LEU G 7 -3.57 -5.16 21.42
N PHE G 8 -2.94 -5.82 22.40
CA PHE G 8 -1.93 -6.81 22.09
C PHE G 8 -2.52 -8.18 21.80
N LEU G 9 -3.85 -8.35 21.97
CA LEU G 9 -4.42 -9.69 21.86
C LEU G 9 -4.30 -10.22 20.45
N LYS G 10 -4.49 -9.35 19.46
CA LYS G 10 -4.42 -9.76 18.07
C LYS G 10 -3.05 -10.34 17.75
N ALA G 11 -1.98 -9.66 18.23
CA ALA G 11 -0.65 -10.19 18.02
C ALA G 11 -0.41 -11.47 18.81
N LEU G 12 -0.82 -11.55 20.08
CA LEU G 12 -0.60 -12.79 20.83
C LEU G 12 -1.25 -13.97 20.12
N LYS G 13 -2.47 -13.79 19.62
CA LYS G 13 -3.20 -14.89 19.04
C LYS G 13 -2.51 -15.39 17.79
N LYS G 14 -1.84 -14.51 17.06
CA LYS G 14 -1.12 -14.97 15.87
C LYS G 14 0.22 -15.56 16.26
N LYS G 15 0.92 -14.95 17.21
CA LYS G 15 2.24 -15.45 17.58
C LYS G 15 2.18 -16.81 18.26
N PHE G 16 1.06 -17.11 18.93
CA PHE G 16 0.87 -18.32 19.72
C PHE G 16 -0.35 -19.06 19.20
N GLU G 17 -0.35 -19.26 17.89
CA GLU G 17 -1.50 -19.85 17.23
C GLU G 17 -1.74 -21.26 17.77
N GLY G 18 -3.00 -21.60 18.02
CA GLY G 18 -3.40 -22.89 18.56
C GLY G 18 -3.25 -23.03 20.06
N GLU G 19 -2.75 -22.00 20.73
CA GLU G 19 -2.58 -21.96 22.18
C GLU G 19 -3.51 -20.92 22.79
N ASP G 20 -4.03 -21.22 23.96
CA ASP G 20 -4.76 -20.20 24.72
C ASP G 20 -3.80 -19.13 25.23
N PRO G 21 -3.99 -17.84 24.88
CA PRO G 21 -3.08 -16.80 25.38
C PRO G 21 -3.02 -16.71 26.88
N GLU G 22 -4.03 -17.21 27.61
CA GLU G 22 -4.04 -17.11 29.06
C GLU G 22 -3.50 -18.35 29.75
N GLU G 23 -3.11 -19.40 28.99
CA GLU G 23 -2.67 -20.67 29.56
C GLU G 23 -1.20 -20.64 30.00
N LYS G 24 -0.95 -21.13 31.24
CA LYS G 24 0.35 -21.05 31.88
C LYS G 24 1.33 -22.14 31.45
N SER G 25 0.88 -23.16 30.74
CA SER G 25 1.78 -24.25 30.39
C SER G 25 1.82 -24.45 28.88
N THR G 26 2.88 -25.13 28.43
CA THR G 26 3.09 -25.32 26.98
C THR G 26 4.02 -26.52 26.82
N ASN G 27 4.45 -26.79 25.59
CA ASN G 27 5.47 -27.79 25.31
C ASN G 27 6.71 -27.13 24.71
N PHE G 28 7.88 -27.62 25.09
CA PHE G 28 9.15 -27.11 24.58
C PHE G 28 9.96 -28.26 23.98
N TYR G 29 11.13 -27.90 23.41
CA TYR G 29 12.15 -28.85 22.97
C TYR G 29 11.70 -29.67 21.77
N CYS G 30 10.69 -29.18 21.04
CA CYS G 30 10.00 -29.98 20.04
C CYS G 30 9.93 -29.23 18.71
N PHE G 31 10.85 -28.31 18.46
CA PHE G 31 10.74 -27.44 17.30
C PHE G 31 11.84 -27.69 16.28
N GLY G 32 12.78 -28.58 16.59
CA GLY G 32 13.91 -28.78 15.74
C GLY G 32 14.98 -27.72 15.90
N GLY G 33 14.96 -26.97 16.98
CA GLY G 33 16.02 -25.97 17.15
C GLY G 33 16.02 -24.86 16.09
N TRP G 34 17.20 -24.46 15.63
CA TRP G 34 17.26 -23.35 14.66
C TRP G 34 16.51 -23.68 13.38
N GLU G 35 16.29 -24.95 13.07
CA GLU G 35 15.66 -25.31 11.82
C GLU G 35 14.19 -24.91 11.75
N GLN G 36 13.57 -24.54 12.88
CA GLN G 36 12.19 -24.04 12.81
C GLN G 36 12.10 -22.66 12.13
N SER G 37 13.21 -21.95 11.98
CA SER G 37 13.18 -20.54 11.57
C SER G 37 13.64 -20.35 10.13
N GLU G 38 12.80 -19.71 9.32
CA GLU G 38 13.19 -19.34 7.97
C GLU G 38 14.52 -18.57 7.95
N ARG G 39 14.66 -17.58 8.84
CA ARG G 39 15.87 -16.75 8.83
C ARG G 39 17.09 -17.53 9.27
N LYS G 40 16.96 -18.32 10.34
CA LYS G 40 18.09 -19.12 10.76
C LYS G 40 18.52 -20.06 9.67
N ARG G 41 17.55 -20.63 8.94
CA ARG G 41 17.95 -21.54 7.88
C ARG G 41 18.69 -20.78 6.79
N GLU G 42 18.22 -19.57 6.45
CA GLU G 42 18.87 -18.76 5.45
C GLU G 42 20.29 -18.41 5.88
N PHE G 43 20.44 -18.02 7.16
CA PHE G 43 21.73 -17.58 7.65
C PHE G 43 22.74 -18.71 7.58
N THR G 44 22.32 -19.90 8.04
CA THR G 44 23.20 -21.05 7.99
C THR G 44 23.62 -21.35 6.56
N GLU G 45 22.68 -21.25 5.60
CA GLU G 45 23.04 -21.57 4.23
C GLU G 45 23.98 -20.53 3.65
N TYR G 46 23.79 -19.24 3.98
CA TYR G 46 24.78 -18.27 3.50
C TYR G 46 26.14 -18.51 4.12
N ALA G 47 26.19 -18.89 5.40
CA ALA G 47 27.48 -19.08 6.02
C ALA G 47 28.26 -20.15 5.27
N LYS G 48 27.57 -21.25 4.91
CA LYS G 48 28.20 -22.30 4.12
C LYS G 48 28.63 -21.80 2.77
N LYS G 49 27.82 -20.98 2.11
CA LYS G 49 28.26 -20.48 0.81
C LYS G 49 29.42 -19.49 0.93
N ALA G 50 29.61 -18.88 2.10
CA ALA G 50 30.74 -17.99 2.28
C ALA G 50 32.07 -18.72 2.40
N ALA G 51 32.04 -20.05 2.59
CA ALA G 51 33.27 -20.81 2.81
C ALA G 51 34.35 -20.48 1.79
N GLU G 52 33.99 -20.36 0.50
CA GLU G 52 35.03 -20.14 -0.50
C GLU G 52 35.67 -18.76 -0.34
N LYS G 53 34.85 -17.71 -0.20
CA LYS G 53 35.37 -16.34 0.00
C LYS G 53 36.30 -16.26 1.20
N ARG G 54 35.93 -16.94 2.31
CA ARG G 54 36.69 -16.87 3.56
C ARG G 54 37.93 -17.76 3.55
N GLY G 55 38.08 -18.63 2.55
CA GLY G 55 39.24 -19.49 2.41
C GLY G 55 39.62 -20.38 3.59
N GLY G 56 38.66 -20.81 4.41
CA GLY G 56 38.94 -21.69 5.54
C GLY G 56 38.68 -21.05 6.90
N ILE G 57 38.76 -19.73 6.98
CA ILE G 57 38.40 -19.06 8.23
C ILE G 57 36.99 -19.48 8.67
N PRO G 58 36.85 -20.03 9.86
CA PRO G 58 35.51 -20.40 10.37
C PRO G 58 34.57 -19.20 10.37
N PHE G 59 33.27 -19.46 10.50
CA PHE G 59 32.25 -18.40 10.32
C PHE G 59 31.02 -18.75 11.16
N TYR G 60 29.86 -18.15 10.81
CA TYR G 60 28.61 -18.43 11.51
C TYR G 60 28.33 -19.92 11.50
N ASN G 61 28.00 -20.46 12.65
CA ASN G 61 27.80 -21.92 12.77
C ASN G 61 26.76 -22.17 13.85
N PRO G 62 25.56 -22.64 13.52
CA PRO G 62 24.53 -22.75 14.56
C PRO G 62 24.90 -23.76 15.63
N ASP G 63 25.86 -24.65 15.37
CA ASP G 63 26.27 -25.62 16.37
C ASP G 63 27.34 -25.09 17.33
N ILE G 64 27.77 -23.85 17.21
CA ILE G 64 28.66 -23.23 18.19
C ILE G 64 27.82 -22.65 19.33
N GLY G 65 28.20 -22.97 20.56
CA GLY G 65 27.40 -22.36 21.64
C GLY G 65 25.94 -22.75 21.66
N VAL G 66 25.12 -21.81 22.13
CA VAL G 66 23.72 -22.03 22.53
C VAL G 66 22.91 -22.64 21.41
N PRO G 67 22.19 -23.74 21.66
CA PRO G 67 21.33 -24.28 20.61
C PRO G 67 20.04 -23.49 20.52
N LEU G 68 20.02 -22.40 19.73
CA LEU G 68 18.85 -21.52 19.69
C LEU G 68 17.61 -22.33 19.35
N GLY G 69 16.47 -21.88 19.88
CA GLY G 69 15.19 -22.42 19.46
C GLY G 69 14.75 -23.63 20.23
N GLN G 70 15.13 -23.76 21.51
CA GLN G 70 14.51 -24.78 22.35
C GLN G 70 13.08 -24.38 22.69
N ARG G 71 12.81 -23.08 22.75
CA ARG G 71 11.45 -22.58 22.74
C ARG G 71 11.06 -22.22 21.32
N LYS G 72 9.80 -21.83 21.14
CA LYS G 72 9.41 -21.37 19.82
C LYS G 72 10.01 -19.97 19.59
N LEU G 73 10.66 -19.79 18.44
CA LEU G 73 11.26 -18.50 18.10
C LEU G 73 10.16 -17.62 17.55
N MET G 74 9.99 -16.45 18.13
CA MET G 74 8.82 -15.62 17.84
C MET G 74 8.93 -14.82 16.54
N ALA G 75 7.76 -14.61 15.91
CA ALA G 75 7.58 -13.51 14.97
C ALA G 75 7.12 -12.30 15.79
N TYR G 76 7.30 -11.12 15.22
CA TYR G 76 6.85 -9.87 15.85
C TYR G 76 6.00 -9.07 14.90
N ARG G 77 4.90 -8.55 15.40
CA ARG G 77 4.09 -7.61 14.65
C ARG G 77 4.69 -6.24 14.85
N VAL G 78 5.02 -5.55 13.76
CA VAL G 78 5.41 -4.15 14.01
C VAL G 78 4.15 -3.40 14.38
N SER G 79 4.14 -2.78 15.57
CA SER G 79 2.94 -2.11 16.05
C SER G 79 2.39 -1.09 15.05
N GLY G 80 1.07 -1.02 14.96
CA GLY G 80 0.41 -0.15 14.02
C GLY G 80 0.50 -0.58 12.58
N THR G 81 1.07 -1.74 12.30
CA THR G 81 1.15 -2.24 10.94
C THR G 81 0.55 -3.64 10.96
N ASP G 82 0.48 -4.26 9.80
CA ASP G 82 0.09 -5.65 9.66
C ASP G 82 1.28 -6.53 9.31
N ALA G 83 2.51 -6.02 9.49
CA ALA G 83 3.72 -6.77 9.13
C ALA G 83 4.16 -7.66 10.31
N TYR G 84 4.30 -8.95 10.06
CA TYR G 84 4.80 -9.90 11.05
C TYR G 84 6.12 -10.45 10.55
N VAL G 85 7.18 -10.27 11.34
CA VAL G 85 8.53 -10.57 10.87
C VAL G 85 9.30 -11.24 12.00
N GLU G 86 10.30 -12.02 11.63
CA GLU G 86 11.19 -12.56 12.67
C GLU G 86 12.05 -11.44 13.23
N GLY G 87 12.51 -11.63 14.48
CA GLY G 87 13.36 -10.62 15.12
C GLY G 87 14.60 -10.28 14.30
N ASP G 88 15.16 -11.24 13.55
CA ASP G 88 16.38 -10.97 12.82
C ASP G 88 16.14 -9.86 11.78
N ASP G 89 14.91 -9.74 11.28
CA ASP G 89 14.56 -8.72 10.28
C ASP G 89 14.52 -7.30 10.85
N LEU G 90 14.61 -7.19 12.18
CA LEU G 90 14.61 -5.92 12.86
C LEU G 90 15.98 -5.53 13.36
N HIS G 91 16.99 -6.41 13.21
CA HIS G 91 18.36 -6.02 13.57
C HIS G 91 18.84 -4.88 12.69
N PHE G 92 19.45 -3.87 13.29
CA PHE G 92 19.79 -2.70 12.46
C PHE G 92 20.74 -3.06 11.31
N VAL G 93 21.58 -4.10 11.46
CA VAL G 93 22.47 -4.41 10.35
C VAL G 93 21.70 -5.01 9.20
N ASN G 94 20.61 -5.69 9.53
CA ASN G 94 19.81 -6.40 8.55
C ASN G 94 18.69 -5.55 7.98
N ASN G 95 18.49 -4.34 8.48
CA ASN G 95 17.30 -3.59 8.16
C ASN G 95 17.74 -2.24 7.58
N ALA G 96 17.64 -2.11 6.26
CA ALA G 96 18.07 -0.88 5.57
C ALA G 96 17.23 0.34 5.96
N ALA G 97 15.97 0.15 6.42
CA ALA G 97 15.18 1.34 6.79
C ALA G 97 15.74 1.97 8.06
N ILE G 98 16.12 1.12 9.04
CA ILE G 98 16.71 1.65 10.27
C ILE G 98 17.99 2.40 9.93
N GLN G 99 18.84 1.81 9.09
CA GLN G 99 20.08 2.47 8.70
C GLN G 99 19.79 3.75 7.92
N GLN G 100 18.79 3.77 7.02
CA GLN G 100 18.51 5.03 6.32
C GLN G 100 17.88 6.06 7.25
N MET G 101 17.12 5.64 8.27
CA MET G 101 16.63 6.62 9.26
C MET G 101 17.82 7.35 9.86
N VAL G 102 18.81 6.57 10.31
CA VAL G 102 19.95 7.21 10.97
C VAL G 102 20.71 8.11 10.01
N ASP G 103 20.96 7.63 8.80
CA ASP G 103 21.68 8.38 7.80
C ASP G 103 20.97 9.67 7.42
N ASP G 104 19.64 9.66 7.26
CA ASP G 104 18.90 10.90 6.95
C ASP G 104 19.06 11.93 8.06
N ILE G 105 19.10 11.49 9.31
CA ILE G 105 19.33 12.43 10.43
C ILE G 105 20.77 12.93 10.42
N LYS G 106 21.73 11.99 10.34
CA LYS G 106 23.15 12.37 10.32
C LYS G 106 23.49 13.33 9.18
N ARG G 107 22.86 13.17 8.01
CA ARG G 107 23.26 13.91 6.84
C ARG G 107 22.52 15.24 6.65
N THR G 108 21.74 15.67 7.63
CA THR G 108 20.94 16.88 7.56
C THR G 108 21.58 17.96 8.42
N VAL G 109 21.71 19.16 7.86
CA VAL G 109 22.05 20.34 8.68
C VAL G 109 21.18 21.51 8.20
N ILE G 110 20.86 22.44 9.12
CA ILE G 110 20.07 23.64 8.80
C ILE G 110 20.98 24.85 8.93
N VAL G 111 20.93 25.78 7.96
CA VAL G 111 21.77 26.97 8.00
C VAL G 111 20.88 28.19 7.74
N GLY G 112 20.93 29.15 8.66
CA GLY G 112 20.25 30.40 8.38
C GLY G 112 20.83 31.07 7.15
N MET G 113 19.98 31.74 6.39
CA MET G 113 20.44 32.51 5.25
C MET G 113 20.49 34.01 5.51
N ASP G 114 19.92 34.50 6.61
CA ASP G 114 19.82 35.95 6.76
C ASP G 114 21.19 36.59 6.98
N THR G 115 22.13 35.92 7.63
CA THR G 115 23.42 36.56 7.85
C THR G 115 24.18 36.67 6.53
N ALA G 116 24.24 35.57 5.76
CA ALA G 116 24.85 35.60 4.44
C ALA G 116 24.22 36.68 3.57
N HIS G 117 22.90 36.81 3.66
CA HIS G 117 22.28 37.83 2.82
C HIS G 117 22.70 39.22 3.29
N ALA G 118 22.89 39.40 4.61
CA ALA G 118 23.39 40.68 5.11
C ALA G 118 24.83 40.93 4.66
N VAL G 119 25.67 39.88 4.61
CA VAL G 119 27.02 40.04 4.12
C VAL G 119 26.98 40.53 2.68
N LEU G 120 26.13 39.90 1.86
CA LEU G 120 26.04 40.34 0.48
C LEU G 120 25.59 41.80 0.39
N GLU G 121 24.56 42.15 1.13
CA GLU G 121 24.04 43.50 0.94
C GLU G 121 24.91 44.56 1.63
N LYS G 122 25.32 44.31 2.88
CA LYS G 122 25.93 45.33 3.72
C LYS G 122 27.42 45.47 3.49
N ARG G 123 28.08 44.36 3.21
CA ARG G 123 29.52 44.35 3.01
C ARG G 123 29.90 44.35 1.55
N LEU G 124 29.12 43.67 0.70
CA LEU G 124 29.46 43.50 -0.70
C LEU G 124 28.58 44.36 -1.63
N GLY G 125 27.63 45.13 -1.09
CA GLY G 125 26.79 45.96 -1.94
C GLY G 125 26.00 45.19 -2.99
N VAL G 126 25.65 43.93 -2.74
CA VAL G 126 24.94 43.11 -3.70
C VAL G 126 23.51 42.91 -3.23
N GLU G 127 22.53 43.09 -4.12
CA GLU G 127 21.17 42.97 -3.65
C GLU G 127 20.71 41.51 -3.69
N VAL G 128 19.90 41.17 -2.70
CA VAL G 128 19.34 39.83 -2.58
C VAL G 128 17.85 39.95 -2.86
N THR G 129 17.33 39.11 -3.76
CA THR G 129 15.94 39.10 -4.16
C THR G 129 15.42 37.67 -4.20
N PRO G 130 14.10 37.51 -4.27
CA PRO G 130 13.60 36.14 -4.49
C PRO G 130 14.25 35.50 -5.68
N GLU G 131 14.48 36.25 -6.76
CA GLU G 131 15.09 35.65 -7.95
C GLU G 131 16.54 35.24 -7.69
N THR G 132 17.32 36.03 -6.92
CA THR G 132 18.70 35.60 -6.69
C THR G 132 18.76 34.41 -5.72
N ILE G 133 17.87 34.35 -4.71
CA ILE G 133 17.79 33.17 -3.84
C ILE G 133 17.45 31.93 -4.66
N ASN G 134 16.50 32.05 -5.58
CA ASN G 134 16.14 30.91 -6.41
C ASN G 134 17.31 30.48 -7.27
N GLU G 135 18.05 31.44 -7.84
CA GLU G 135 19.26 31.10 -8.61
C GLU G 135 20.28 30.38 -7.73
N TYR G 136 20.55 30.93 -6.54
CA TYR G 136 21.44 30.28 -5.57
C TYR G 136 20.99 28.86 -5.23
N MET G 137 19.69 28.65 -4.99
CA MET G 137 19.22 27.32 -4.66
C MET G 137 19.41 26.36 -5.84
N GLU G 138 19.30 26.86 -7.09
CA GLU G 138 19.60 25.97 -8.21
C GLU G 138 21.08 25.61 -8.26
N VAL G 139 21.96 26.59 -8.01
CA VAL G 139 23.39 26.30 -8.02
C VAL G 139 23.76 25.30 -6.92
N ILE G 140 23.24 25.50 -5.71
CA ILE G 140 23.70 24.62 -4.63
C ILE G 140 23.24 23.17 -4.83
N ASN G 141 22.15 22.97 -5.55
CA ASN G 141 21.71 21.63 -5.86
C ASN G 141 22.57 20.97 -6.93
N HIS G 142 23.45 21.72 -7.59
CA HIS G 142 24.51 21.16 -8.42
C HIS G 142 25.78 21.04 -7.60
N ALA G 143 26.07 22.02 -6.73
CA ALA G 143 27.33 21.97 -5.99
C ALA G 143 27.29 20.99 -4.82
N LEU G 144 26.19 20.93 -4.06
CA LEU G 144 26.16 20.11 -2.85
C LEU G 144 26.43 18.65 -3.15
N PRO G 145 25.88 18.03 -4.20
CA PRO G 145 26.22 16.64 -4.46
C PRO G 145 27.57 16.41 -5.12
N GLY G 146 28.43 17.42 -5.27
CA GLY G 146 29.75 17.24 -5.84
C GLY G 146 29.97 17.71 -7.28
N GLY G 147 29.24 18.72 -7.74
CA GLY G 147 29.43 19.31 -9.05
C GLY G 147 30.23 20.61 -8.95
N ALA G 148 31.12 20.81 -9.90
CA ALA G 148 32.02 22.00 -9.86
C ALA G 148 31.35 23.24 -10.44
N VAL G 149 31.71 24.40 -9.89
CA VAL G 149 31.11 25.65 -10.36
C VAL G 149 32.14 26.76 -10.64
N VAL G 150 33.39 26.70 -10.18
CA VAL G 150 34.34 27.79 -10.39
C VAL G 150 35.59 27.35 -11.16
N GLN G 151 36.24 26.27 -10.71
CA GLN G 151 37.58 25.98 -11.26
C GLN G 151 37.56 25.13 -12.53
N GLU G 152 38.50 25.43 -13.43
CA GLU G 152 38.78 24.57 -14.57
C GLU G 152 39.47 23.28 -14.11
N HIS G 153 39.21 22.19 -14.83
CA HIS G 153 39.85 20.89 -14.58
C HIS G 153 39.49 20.30 -13.22
N MET G 154 38.24 20.43 -12.82
CA MET G 154 37.72 19.78 -11.63
C MET G 154 37.19 18.39 -11.96
N VAL G 155 37.45 17.42 -11.07
CA VAL G 155 36.80 16.12 -11.20
C VAL G 155 35.53 16.26 -10.37
N GLU G 156 34.54 15.41 -10.61
CA GLU G 156 33.31 15.59 -9.88
C GLU G 156 32.80 14.25 -9.42
N VAL G 157 31.88 14.28 -8.44
CA VAL G 157 31.24 13.10 -7.91
C VAL G 157 30.22 12.59 -8.91
N HIS G 158 30.11 11.27 -9.06
CA HIS G 158 29.19 10.65 -10.00
C HIS G 158 27.75 10.96 -9.58
N PRO G 159 26.96 11.71 -10.35
CA PRO G 159 25.64 12.09 -9.84
C PRO G 159 24.77 10.91 -9.54
N GLY G 160 24.95 9.79 -10.24
CA GLY G 160 24.14 8.62 -10.01
C GLY G 160 24.31 7.98 -8.64
N ILE G 161 25.38 8.30 -7.91
CA ILE G 161 25.65 7.77 -6.58
CA ILE G 161 25.49 7.71 -6.59
C ILE G 161 25.09 8.68 -5.49
N VAL G 162 24.73 9.92 -5.83
CA VAL G 162 24.34 10.93 -4.84
C VAL G 162 22.98 11.55 -5.21
N GLU G 163 22.08 10.78 -5.80
CA GLU G 163 20.78 11.35 -6.16
C GLU G 163 19.93 11.70 -4.95
N ASP G 164 20.31 11.29 -3.74
CA ASP G 164 19.60 11.64 -2.52
C ASP G 164 20.05 12.96 -1.93
N CYS G 165 21.08 13.55 -2.50
CA CYS G 165 21.64 14.80 -1.98
C CYS G 165 20.92 16.02 -2.54
N TYR G 166 20.41 16.87 -1.66
CA TYR G 166 19.71 18.04 -2.17
C TYR G 166 19.64 19.13 -1.09
N ALA G 167 19.19 20.31 -1.50
CA ALA G 167 18.99 21.40 -0.55
C ALA G 167 17.66 22.06 -0.80
N LYS G 168 16.96 22.49 0.26
CA LYS G 168 15.71 23.22 0.12
C LYS G 168 15.78 24.43 1.04
N VAL G 169 14.81 25.31 0.91
CA VAL G 169 14.70 26.51 1.72
C VAL G 169 13.33 26.57 2.36
N PHE G 170 13.28 27.17 3.56
CA PHE G 170 12.00 27.52 4.14
C PHE G 170 12.13 28.89 4.81
N THR G 171 10.97 29.50 5.00
CA THR G 171 10.97 30.82 5.60
C THR G 171 9.67 31.01 6.38
N GLY G 172 9.78 31.74 7.47
CA GLY G 172 8.62 32.15 8.23
C GLY G 172 7.90 33.33 7.62
N ASP G 173 8.49 33.95 6.59
CA ASP G 173 7.94 35.11 5.90
C ASP G 173 7.09 34.62 4.75
N ASP G 174 5.76 34.64 4.94
CA ASP G 174 4.84 34.14 3.92
C ASP G 174 4.99 34.88 2.59
N ASN G 175 5.24 36.20 2.65
CA ASN G 175 5.42 36.99 1.44
C ASN G 175 6.60 36.51 0.62
N LEU G 176 7.71 36.21 1.29
CA LEU G 176 8.86 35.64 0.59
C LEU G 176 8.58 34.21 0.14
N ALA G 177 7.93 33.39 0.97
CA ALA G 177 7.62 32.02 0.56
C ALA G 177 6.85 31.96 -0.78
N ASP G 178 5.90 32.88 -1.00
CA ASP G 178 5.08 32.88 -2.22
C ASP G 178 5.89 33.10 -3.48
N GLU G 179 7.09 33.56 -3.31
CA GLU G 179 8.04 34.09 -4.24
C GLU G 179 9.22 33.15 -4.49
N LEU G 180 9.39 32.17 -3.65
CA LEU G 180 10.45 31.18 -3.83
C LEU G 180 9.98 30.06 -4.76
N ASP G 181 10.93 29.49 -5.49
CA ASP G 181 10.67 28.38 -6.39
C ASP G 181 10.09 27.16 -5.65
N LYS G 182 8.88 26.72 -6.04
CA LYS G 182 8.27 25.63 -5.28
C LYS G 182 9.06 24.34 -5.36
N ARG G 183 9.89 24.17 -6.42
CA ARG G 183 10.71 22.96 -6.52
C ARG G 183 11.71 22.80 -5.37
N ILE G 184 12.13 23.89 -4.73
CA ILE G 184 13.17 23.80 -3.69
C ILE G 184 12.65 24.37 -2.36
N LEU G 185 11.33 24.54 -2.23
CA LEU G 185 10.69 25.12 -1.04
C LEU G 185 10.07 24.06 -0.13
N ILE G 186 10.35 24.15 1.16
CA ILE G 186 9.57 23.45 2.17
C ILE G 186 8.52 24.45 2.64
N ASP G 187 7.29 24.16 2.30
CA ASP G 187 6.18 25.09 2.42
C ASP G 187 5.46 24.81 3.73
N ILE G 188 5.62 25.70 4.70
CA ILE G 188 5.11 25.44 6.06
C ILE G 188 3.59 25.36 6.04
N ASN G 189 2.94 26.24 5.28
CA ASN G 189 1.50 26.27 5.25
C ASN G 189 0.95 25.05 4.57
N LYS G 190 1.74 24.43 3.69
CA LYS G 190 1.21 23.23 3.07
C LYS G 190 1.50 21.96 3.87
N GLU G 191 2.59 21.91 4.62
CA GLU G 191 3.01 20.69 5.32
C GLU G 191 2.31 20.51 6.67
N PHE G 192 1.90 21.63 7.28
CA PHE G 192 1.38 21.64 8.64
C PHE G 192 -0.06 22.10 8.68
N PRO G 193 -0.86 21.49 9.57
CA PRO G 193 -2.21 21.98 9.87
C PRO G 193 -2.16 23.44 10.24
N GLU G 194 -3.26 24.17 9.96
CA GLU G 194 -3.27 25.63 10.11
C GLU G 194 -2.73 26.11 11.47
N GLU G 195 -3.23 25.54 12.58
CA GLU G 195 -2.82 25.98 13.91
C GLU G 195 -1.34 25.73 14.18
N GLN G 196 -0.82 24.59 13.73
CA GLN G 196 0.61 24.30 13.87
C GLN G 196 1.46 25.25 13.00
N ALA G 197 1.02 25.47 11.74
CA ALA G 197 1.71 26.42 10.86
C ALA G 197 1.78 27.80 11.51
N GLU G 198 0.66 28.25 12.08
CA GLU G 198 0.64 29.55 12.76
C GLU G 198 1.63 29.58 13.90
N GLN G 199 1.64 28.51 14.71
CA GLN G 199 2.57 28.43 15.84
C GLN G 199 4.03 28.46 15.38
N LEU G 200 4.41 27.62 14.40
CA LEU G 200 5.77 27.59 13.87
C LEU G 200 6.21 28.96 13.40
N LYS G 201 5.37 29.62 12.60
CA LYS G 201 5.76 30.92 12.06
C LYS G 201 5.88 31.96 13.17
N SER G 202 5.06 31.88 14.21
CA SER G 202 5.20 32.84 15.30
C SER G 202 6.57 32.71 15.96
N TYR G 203 7.13 31.52 16.00
CA TYR G 203 8.45 31.35 16.62
C TYR G 203 9.60 31.60 15.65
N ILE G 204 9.42 31.23 14.39
CA ILE G 204 10.48 31.40 13.38
C ILE G 204 10.61 32.87 12.97
N GLY G 205 9.49 33.59 12.90
CA GLY G 205 9.54 35.01 12.46
C GLY G 205 9.91 35.15 10.98
N ASN G 206 10.29 36.38 10.60
CA ASN G 206 10.73 36.66 9.21
C ASN G 206 12.21 36.29 9.02
N ARG G 207 12.48 35.01 9.14
CA ARG G 207 13.81 34.44 8.98
C ARG G 207 13.73 33.32 7.97
N THR G 208 14.85 33.12 7.28
CA THR G 208 14.94 32.18 6.17
C THR G 208 16.09 31.24 6.44
N TYR G 209 15.89 29.97 6.10
CA TYR G 209 16.81 28.87 6.42
C TYR G 209 16.98 27.94 5.22
N GLN G 210 18.17 27.39 5.06
CA GLN G 210 18.28 26.34 4.06
C GLN G 210 18.53 25.03 4.79
N VAL G 211 18.02 23.95 4.19
CA VAL G 211 18.15 22.62 4.75
C VAL G 211 18.99 21.84 3.77
N ASN G 212 20.17 21.42 4.19
CA ASN G 212 21.09 20.72 3.32
C ASN G 212 21.14 19.27 3.74
N ARG G 213 20.88 18.37 2.81
CA ARG G 213 21.01 16.93 3.05
C ARG G 213 22.19 16.45 2.22
N VAL G 214 23.34 16.23 2.87
CA VAL G 214 24.54 15.82 2.15
C VAL G 214 24.35 14.35 1.74
N PRO G 215 25.14 13.80 0.80
CA PRO G 215 24.84 12.45 0.32
C PRO G 215 24.94 11.41 1.43
N THR G 216 24.05 10.44 1.37
CA THR G 216 24.16 9.28 2.27
C THR G 216 25.50 8.56 2.14
N ILE G 217 26.00 8.38 0.92
CA ILE G 217 27.30 7.71 0.80
C ILE G 217 28.41 8.44 1.54
N VAL G 218 28.29 9.75 1.70
CA VAL G 218 29.34 10.50 2.37
C VAL G 218 29.37 10.22 3.88
N VAL G 219 28.18 10.19 4.53
CA VAL G 219 28.15 9.91 5.96
C VAL G 219 28.48 8.45 6.22
N ARG G 220 28.20 7.55 5.25
CA ARG G 220 28.63 6.17 5.43
C ARG G 220 30.15 6.01 5.28
N ALA G 221 30.76 6.68 4.28
CA ALA G 221 32.19 6.54 4.14
C ALA G 221 32.90 7.29 5.27
N CYS G 222 32.27 8.35 5.77
CA CYS G 222 32.94 9.26 6.70
C CYS G 222 32.16 9.28 8.01
N ASP G 223 31.62 10.43 8.44
CA ASP G 223 30.94 10.43 9.73
C ASP G 223 30.02 11.64 9.82
N GLY G 224 29.40 11.86 10.99
CA GLY G 224 28.45 12.94 11.15
C GLY G 224 29.11 14.30 11.21
N GLY G 225 30.33 14.33 11.73
CA GLY G 225 31.09 15.55 11.81
C GLY G 225 31.44 16.08 10.44
N THR G 226 31.37 15.23 9.41
CA THR G 226 31.60 15.69 8.04
C THR G 226 30.51 16.64 7.54
N VAL G 227 29.29 16.51 8.08
CA VAL G 227 28.08 17.05 7.45
C VAL G 227 28.03 18.59 7.46
N SER G 228 28.20 19.20 8.64
CA SER G 228 28.13 20.66 8.65
C SER G 228 29.26 21.26 7.81
N ARG G 229 30.42 20.58 7.72
CA ARG G 229 31.52 21.09 6.92
C ARG G 229 31.20 20.99 5.45
N TRP G 230 30.74 19.79 5.02
CA TRP G 230 30.43 19.56 3.61
C TRP G 230 29.39 20.58 3.16
N SER G 231 28.34 20.73 3.95
CA SER G 231 27.33 21.77 3.72
C SER G 231 27.95 23.15 3.56
N ALA G 232 28.76 23.56 4.51
CA ALA G 232 29.30 24.91 4.48
C ALA G 232 30.22 25.12 3.27
N MET G 233 31.02 24.11 2.91
CA MET G 233 31.89 24.31 1.76
C MET G 233 31.06 24.63 0.54
N GLN G 234 29.97 23.90 0.37
CA GLN G 234 29.24 24.05 -0.89
C GLN G 234 28.29 25.24 -0.82
N ILE G 235 27.96 25.69 0.40
CA ILE G 235 27.27 26.96 0.52
C ILE G 235 28.16 28.08 0.02
N GLY G 236 29.44 28.07 0.45
CA GLY G 236 30.38 29.08 0.01
C GLY G 236 30.60 29.08 -1.50
N MET G 237 30.78 27.89 -2.09
CA MET G 237 30.94 27.80 -3.54
C MET G 237 29.71 28.36 -4.27
N SER G 238 28.52 28.11 -3.73
CA SER G 238 27.28 28.50 -4.40
C SER G 238 27.03 30.00 -4.25
N PHE G 239 27.42 30.63 -3.13
CA PHE G 239 27.37 32.09 -3.09
C PHE G 239 28.36 32.73 -4.06
N ILE G 240 29.60 32.22 -4.13
CA ILE G 240 30.59 32.75 -5.07
C ILE G 240 30.04 32.69 -6.48
N SER G 241 29.45 31.55 -6.83
CA SER G 241 29.01 31.36 -8.22
C SER G 241 27.75 32.15 -8.52
N ALA G 242 26.72 32.00 -7.69
CA ALA G 242 25.41 32.58 -7.99
C ALA G 242 25.45 34.09 -7.94
N TYR G 243 26.22 34.67 -7.03
CA TYR G 243 26.29 36.13 -6.90
C TYR G 243 27.52 36.72 -7.59
N LYS G 244 28.26 35.90 -8.34
CA LYS G 244 29.39 36.33 -9.17
C LYS G 244 30.42 37.10 -8.34
N LEU G 245 30.83 36.51 -7.22
CA LEU G 245 31.87 37.07 -6.38
C LEU G 245 33.26 36.72 -6.92
N CYS G 246 34.25 37.52 -6.54
CA CYS G 246 35.64 37.13 -6.74
CA CYS G 246 35.60 37.08 -6.80
C CYS G 246 35.91 35.92 -5.87
N ALA G 247 36.62 34.95 -6.42
CA ALA G 247 36.54 33.61 -5.88
C ALA G 247 37.63 33.47 -4.82
N GLY G 248 37.31 33.99 -3.63
N GLY G 248 37.30 33.98 -3.62
CA GLY G 248 38.21 34.01 -2.50
CA GLY G 248 38.19 33.99 -2.49
C GLY G 248 38.60 35.41 -2.06
C GLY G 248 38.59 35.39 -2.05
N GLU G 249 37.69 36.11 -1.38
CA GLU G 249 37.92 37.47 -0.85
C GLU G 249 37.46 37.55 0.61
N ALA G 250 37.80 38.63 1.32
CA ALA G 250 37.59 38.66 2.78
C ALA G 250 36.14 38.33 3.20
N ALA G 251 35.15 38.86 2.47
CA ALA G 251 33.75 38.60 2.82
C ALA G 251 33.39 37.12 2.80
N ILE G 252 34.08 36.33 1.97
CA ILE G 252 33.77 34.89 1.88
C ILE G 252 33.96 34.20 3.23
N ALA G 253 34.88 34.69 4.04
CA ALA G 253 35.08 34.04 5.32
C ALA G 253 33.88 34.27 6.24
N ASP G 254 33.11 35.34 6.02
CA ASP G 254 31.90 35.54 6.82
C ASP G 254 30.88 34.48 6.51
N PHE G 255 30.70 34.11 5.22
CA PHE G 255 29.77 33.03 4.88
C PHE G 255 30.18 31.76 5.58
N SER G 256 31.48 31.51 5.61
CA SER G 256 31.97 30.30 6.25
C SER G 256 31.63 30.29 7.73
N PHE G 257 31.97 31.36 8.45
CA PHE G 257 31.74 31.39 9.87
C PHE G 257 30.24 31.26 10.19
N ALA G 258 29.39 31.94 9.42
CA ALA G 258 27.96 31.78 9.59
C ALA G 258 27.54 30.33 9.34
N ALA G 259 28.02 29.73 8.24
CA ALA G 259 27.56 28.38 7.88
C ALA G 259 28.11 27.27 8.77
N LYS G 260 29.26 27.48 9.42
CA LYS G 260 29.86 26.42 10.21
C LYS G 260 29.62 26.64 11.69
N MHS G 261 29.27 27.89 12.09
CA MHS G 261 29.18 28.23 13.55
C MHS G 261 28.01 29.13 13.96
O MHS G 261 27.18 28.68 14.79
CB MHS G 261 30.50 28.87 14.05
CG MHS G 261 31.67 27.94 13.81
ND1 MHS G 261 31.96 26.84 14.57
CD2 MHS G 261 32.66 28.03 12.85
CE1 MHS G 261 33.07 26.24 14.07
NE2 MHS G 261 33.51 26.99 13.04
CM MHS G 261 31.15 26.34 15.75
N ALA G 262 27.95 30.35 13.42
CA ALA G 262 27.05 31.37 13.96
C ALA G 262 25.59 31.11 13.56
N ASP G 263 25.34 30.46 12.42
CA ASP G 263 23.97 30.33 11.92
C ASP G 263 23.60 28.90 11.59
N VAL G 264 24.37 27.94 12.07
CA VAL G 264 24.14 26.54 11.74
C VAL G 264 23.33 25.87 12.85
N ILE G 265 22.44 24.95 12.48
CA ILE G 265 21.69 24.16 13.47
C ILE G 265 22.06 22.71 13.21
N GLU G 266 22.77 22.08 14.11
CA GLU G 266 23.09 20.68 13.89
CA GLU G 266 23.12 20.68 13.93
C GLU G 266 22.07 19.80 14.61
N MET G 267 22.11 18.50 14.30
CA MET G 267 21.16 17.56 14.89
C MET G 267 21.64 17.12 16.28
N GLY G 268 22.96 16.94 16.41
CA GLY G 268 23.54 16.42 17.63
C GLY G 268 24.83 17.14 18.01
N THR G 269 25.10 17.20 19.30
CA THR G 269 26.26 17.89 19.85
C THR G 269 27.38 16.90 20.17
N ILE G 270 28.59 17.44 20.41
CA ILE G 270 29.75 16.56 20.61
C ILE G 270 29.66 15.86 21.97
N MET G 271 30.41 14.72 22.09
CA MET G 271 30.51 13.88 23.26
C MET G 271 31.77 14.23 24.07
N PRO G 272 31.82 13.94 25.37
CA PRO G 272 33.11 13.97 26.07
C PRO G 272 34.04 12.83 25.61
N ALA G 273 35.31 12.97 25.99
CA ALA G 273 36.40 12.15 25.44
C ALA G 273 36.15 10.65 25.59
N ARG G 274 35.63 10.25 26.75
CA ARG G 274 35.42 8.82 26.99
C ARG G 274 34.56 8.22 25.88
N AGM G 275 33.61 8.99 25.35
CA AGM G 275 32.73 8.43 24.27
CB AGM G 275 31.30 8.17 24.78
CG AGM G 275 30.66 9.34 25.53
CD AGM G 275 29.51 8.89 26.43
CE2 AGM G 275 28.18 8.71 25.69
NE1 AGM G 275 29.26 9.92 27.39
CZ AGM G 275 29.62 9.75 28.78
NH1 AGM G 275 29.54 11.05 29.42
NH2 AGM G 275 30.95 9.18 29.05
C AGM G 275 32.80 9.34 23.08
O AGM G 275 31.78 9.55 22.44
N ALA G 276 34.00 9.84 22.77
CA ALA G 276 34.19 10.89 21.79
C ALA G 276 33.55 10.63 20.42
N ARG G 277 32.84 11.64 19.94
CA ARG G 277 32.23 11.61 18.63
C ARG G 277 32.04 13.05 18.20
N GLY G 278 32.07 13.31 16.91
CA GLY G 278 31.75 14.65 16.44
C GLY G 278 30.25 14.92 16.44
N PRO G 279 29.85 16.08 15.91
CA PRO G 279 28.44 16.44 15.85
C PRO G 279 27.68 15.49 14.91
N ASN G 280 26.34 15.58 14.97
CA ASN G 280 25.45 14.77 14.15
C ASN G 280 25.71 13.27 14.27
N GLU G 281 26.03 12.83 15.49
CA GLU G 281 26.01 11.41 15.85
C GLU G 281 24.91 11.14 16.89
N PRO G 282 24.47 9.91 17.02
CA PRO G 282 23.24 9.68 17.81
C PRO G 282 23.34 10.10 19.26
N GLY G 283 24.51 10.00 19.89
CA GLY G 283 24.54 10.34 21.31
C GLY G 283 24.29 11.80 21.58
N GLY G 284 24.58 12.65 20.59
CA GLY G 284 24.36 14.06 20.73
C GLY G 284 22.94 14.55 20.42
N VAL G 285 22.03 13.68 19.98
CA VAL G 285 20.65 14.10 19.68
C VAL G 285 19.81 14.08 20.96
N ALA G 286 19.45 15.28 21.47
CA ALA G 286 18.56 15.42 22.62
C ALA G 286 17.20 14.77 22.32
N PHE G 287 16.49 14.35 23.37
CA PHE G 287 15.22 13.61 23.22
C PHE G 287 14.17 14.46 22.54
N GLY G 288 14.06 15.73 22.92
CA GLY G 288 13.14 16.64 22.26
C GLY G 288 13.54 16.95 20.82
N THR G 289 14.84 16.91 20.50
CA THR G 289 15.27 17.07 19.12
C THR G 289 14.76 15.91 18.29
N PHE G 290 14.92 14.70 18.82
CA PHE G 290 14.44 13.56 18.07
C PHE G 290 12.91 13.62 17.92
N ALA G 291 12.17 13.97 18.99
CA ALA G 291 10.71 14.06 18.82
C ALA G 291 10.35 15.06 17.73
N ASP G 292 11.14 16.14 17.57
CA ASP G 292 10.85 17.10 16.49
C ASP G 292 11.24 16.57 15.11
N ILE G 293 12.25 15.71 15.02
CA ILE G 293 12.60 15.12 13.72
C ILE G 293 11.47 14.22 13.22
N VAL G 294 10.94 13.36 14.10
CA VAL G 294 9.78 12.52 13.74
C VAL G 294 8.58 13.41 13.38
N GLN G 295 7.82 13.02 12.36
CA GLN G 295 6.83 13.94 11.80
C GLN G 295 5.38 13.52 12.12
N ALA G 296 5.20 12.53 13.00
CA ALA G 296 3.88 12.06 13.40
C ALA G 296 3.01 13.20 13.94
N SER G 297 3.62 14.15 14.65
CA SER G 297 2.88 15.28 15.21
C SER G 297 2.09 16.07 14.14
N ARG G 298 2.54 16.11 12.90
CA ARG G 298 1.86 16.95 11.93
C ARG G 298 0.83 16.20 11.09
N VAL G 299 0.71 14.88 11.25
CA VAL G 299 -0.31 14.09 10.54
C VAL G 299 -1.27 13.37 11.47
N SER G 300 -1.09 13.47 12.79
CA SER G 300 -1.96 12.78 13.71
C SER G 300 -2.24 13.74 14.84
N ASP G 301 -3.49 13.81 15.31
CA ASP G 301 -3.75 14.55 16.55
C ASP G 301 -4.11 13.61 17.69
N ASP G 302 -3.69 12.35 17.59
CA ASP G 302 -3.85 11.38 18.64
C ASP G 302 -2.56 11.43 19.47
N PRO G 303 -2.55 11.99 20.67
CA PRO G 303 -1.28 12.17 21.40
C PRO G 303 -0.58 10.85 21.74
N ALA G 304 -1.34 9.79 21.99
CA ALA G 304 -0.75 8.47 22.21
C ALA G 304 -0.06 8.01 20.95
N ASN G 305 -0.72 8.17 19.79
CA ASN G 305 -0.13 7.72 18.54
C ASN G 305 1.16 8.47 18.22
N VAL G 306 1.13 9.79 18.40
CA VAL G 306 2.30 10.60 18.15
C VAL G 306 3.45 10.17 19.05
N SER G 307 3.20 10.06 20.36
CA SER G 307 4.25 9.58 21.27
C SER G 307 4.74 8.18 20.87
N LEU G 308 3.85 7.32 20.43
CA LEU G 308 4.27 5.95 20.11
C LEU G 308 5.17 5.91 18.87
N GLU G 309 4.87 6.77 17.88
CA GLU G 309 5.71 6.83 16.68
C GLU G 309 7.11 7.36 17.00
N VAL G 310 7.20 8.36 17.88
CA VAL G 310 8.51 8.84 18.34
C VAL G 310 9.25 7.71 19.05
N ILE G 311 8.56 7.02 19.95
CA ILE G 311 9.24 5.94 20.68
C ILE G 311 9.78 4.88 19.74
N ALA G 312 9.04 4.54 18.67
CA ALA G 312 9.53 3.51 17.74
C ALA G 312 10.81 3.94 17.03
N GLY G 313 10.82 5.19 16.51
CA GLY G 313 12.01 5.68 15.86
C GLY G 313 13.16 5.78 16.85
N ALA G 314 12.88 6.30 18.07
CA ALA G 314 13.95 6.47 19.03
C ALA G 314 14.50 5.13 19.51
N ALA G 315 13.69 4.05 19.44
CA ALA G 315 14.15 2.74 19.90
C ALA G 315 15.21 2.22 18.93
N ALA G 316 14.97 2.47 17.65
CA ALA G 316 15.94 2.12 16.62
C ALA G 316 17.21 2.95 16.76
N LEU G 317 17.05 4.27 16.94
CA LEU G 317 18.19 5.17 16.99
C LEU G 317 19.04 4.94 18.23
N TYR G 318 18.42 4.99 19.41
CA TYR G 318 19.17 5.03 20.66
C TYR G 318 19.50 3.63 21.18
N ASP G 319 18.54 2.72 21.19
CA ASP G 319 18.88 1.41 21.75
C ASP G 319 19.57 0.53 20.73
N GLN G 320 19.02 0.40 19.52
CA GLN G 320 19.63 -0.53 18.57
C GLN G 320 20.95 0.00 18.00
N VAL G 321 20.98 1.24 17.52
CA VAL G 321 22.15 1.71 16.81
C VAL G 321 23.13 2.36 17.76
N TRP G 322 22.68 3.34 18.56
CA TRP G 322 23.63 4.02 19.46
C TRP G 322 24.17 3.08 20.55
N LEU G 323 23.31 2.62 21.45
CA LEU G 323 23.84 1.80 22.56
C LEU G 323 24.26 0.43 22.06
N GLY G 324 23.54 -0.11 21.05
CA GLY G 324 23.78 -1.44 20.57
C GLY G 324 24.91 -1.60 19.61
N SER G 325 25.46 -0.49 19.10
CA SER G 325 26.59 -0.65 18.19
C SER G 325 27.67 0.37 18.48
N TYR G 326 27.37 1.66 18.28
CA TYR G 326 28.33 2.70 18.63
C TYR G 326 28.96 2.49 19.99
N MET G 327 28.15 2.15 21.00
CA MET G 327 28.67 2.03 22.35
C MET G 327 28.93 0.60 22.78
N SER G 328 28.65 -0.40 21.94
CA SER G 328 28.91 -1.78 22.34
C SER G 328 29.19 -2.60 21.10
N GLY G 329 28.17 -3.19 20.48
CA GLY G 329 28.37 -3.92 19.24
C GLY G 329 28.16 -5.42 19.47
N GLY G 330 28.15 -6.17 18.36
CA GLY G 330 27.87 -7.59 18.39
C GLY G 330 26.46 -7.92 17.94
N VAL G 331 25.93 -9.00 18.50
CA VAL G 331 24.52 -9.31 18.33
C VAL G 331 23.67 -8.10 18.71
N GLY G 332 24.06 -7.35 19.75
CA GLY G 332 23.42 -6.06 20.03
C GLY G 332 22.04 -6.17 20.69
N PHE G 333 21.21 -5.14 20.46
CA PHE G 333 20.10 -4.88 21.36
C PHE G 333 18.77 -4.78 20.63
N THR G 334 18.56 -5.59 19.57
CA THR G 334 17.32 -5.51 18.80
C THR G 334 16.05 -5.60 19.68
N GLN G 335 15.94 -6.64 20.53
CA GLN G 335 14.69 -6.90 21.29
C GLN G 335 14.56 -6.05 22.56
N TYR G 336 15.65 -5.56 23.13
CA TYR G 336 15.46 -4.49 24.10
C TYR G 336 14.66 -3.34 23.46
N ALA G 337 14.87 -3.09 22.16
CA ALA G 337 14.21 -2.00 21.46
C ALA G 337 12.85 -2.36 20.89
N THR G 338 12.75 -3.53 20.23
CA THR G 338 11.49 -3.95 19.64
C THR G 338 10.38 -4.09 20.68
N ALA G 339 10.71 -4.32 21.95
CA ALA G 339 9.61 -4.44 22.93
C ALA G 339 8.77 -3.16 22.95
N ALA G 340 9.33 -2.04 22.50
CA ALA G 340 8.67 -0.75 22.58
C ALA G 340 7.97 -0.41 21.29
N TYR G 341 8.04 -1.27 20.25
CA TYR G 341 7.31 -0.96 19.04
C TYR G 341 6.75 -2.19 18.33
N THR G 342 6.53 -3.29 19.05
CA THR G 342 5.92 -4.48 18.47
C THR G 342 4.73 -4.95 19.31
N ASP G 343 3.92 -5.74 18.64
CA ASP G 343 2.77 -6.48 19.16
C ASP G 343 1.70 -5.56 19.79
N ASP G 344 1.78 -4.24 19.58
CA ASP G 344 0.83 -3.28 20.18
C ASP G 344 0.78 -3.39 21.70
N ILE G 345 1.88 -3.81 22.34
CA ILE G 345 1.87 -4.01 23.78
C ILE G 345 1.96 -2.67 24.48
N LEU G 346 3.02 -1.89 24.21
CA LEU G 346 3.08 -0.53 24.73
C LEU G 346 1.81 0.27 24.34
N ASP G 347 1.34 0.10 23.11
CA ASP G 347 0.09 0.76 22.72
C ASP G 347 -1.00 0.49 23.73
N ASP G 348 -1.21 -0.78 24.08
CA ASP G 348 -2.29 -1.08 25.01
C ASP G 348 -2.10 -0.34 26.32
N PHE G 349 -0.88 -0.35 26.86
CA PHE G 349 -0.67 0.26 28.16
C PHE G 349 -0.86 1.77 28.06
N LEU G 350 -0.37 2.37 26.96
CA LEU G 350 -0.44 3.83 26.88
C LEU G 350 -1.86 4.31 26.55
N TYR G 351 -2.58 3.57 25.74
CA TYR G 351 -3.98 3.94 25.52
C TYR G 351 -4.77 3.80 26.81
N TYR G 352 -4.49 2.76 27.63
CA TYR G 352 -5.15 2.65 28.92
C TYR G 352 -4.90 3.88 29.77
N GLY G 353 -3.63 4.29 29.87
CA GLY G 353 -3.29 5.41 30.71
C GLY G 353 -3.88 6.70 30.20
N MET G 354 -3.91 6.86 28.87
CA MET G 354 -4.51 8.09 28.32
C MET G 354 -6.00 8.15 28.61
N GLU G 355 -6.69 7.03 28.50
CA GLU G 355 -8.12 7.02 28.78
C GLU G 355 -8.39 7.23 30.25
N TYR G 356 -7.50 6.72 31.11
CA TYR G 356 -7.60 6.96 32.54
C TYR G 356 -7.43 8.44 32.86
N VAL G 357 -6.43 9.07 32.23
CA VAL G 357 -6.22 10.51 32.41
C VAL G 357 -7.41 11.29 31.89
N GLU G 358 -7.88 10.94 30.68
CA GLU G 358 -9.05 11.62 30.10
C GLU G 358 -10.26 11.58 31.06
N ASP G 359 -10.50 10.43 31.68
CA ASP G 359 -11.65 10.31 32.57
C ASP G 359 -11.43 11.04 33.88
N LYS G 360 -10.23 10.98 34.45
CA LYS G 360 -10.09 11.46 35.82
C LYS G 360 -9.62 12.91 35.91
N PHE G 361 -8.79 13.33 34.99
CA PHE G 361 -8.19 14.65 35.02
C PHE G 361 -8.53 15.48 33.81
N GLY G 362 -8.71 14.84 32.65
CA GLY G 362 -8.68 15.53 31.37
C GLY G 362 -7.26 15.63 30.84
N ILE G 363 -7.14 15.53 29.51
CA ILE G 363 -5.87 15.79 28.86
C ILE G 363 -5.49 17.24 29.11
N CYS G 364 -4.27 17.46 29.59
CA CYS G 364 -3.84 18.81 30.02
C CYS G 364 -4.81 19.41 31.04
N GLY G 365 -5.46 18.59 31.82
CA GLY G 365 -6.44 19.09 32.75
C GLY G 365 -5.91 19.36 34.14
N SER G 366 -4.62 19.12 34.38
CA SER G 366 -4.04 19.25 35.72
CA SER G 366 -4.07 19.30 35.72
C SER G 366 -2.77 20.07 35.65
N GLU G 367 -2.54 20.90 36.67
CA GLU G 367 -1.20 21.40 36.89
C GLU G 367 -0.33 20.26 37.42
N PRO G 368 0.99 20.29 37.19
CA PRO G 368 1.83 19.20 37.74
C PRO G 368 1.84 19.29 39.25
N THR G 369 1.49 18.20 39.90
CA THR G 369 1.66 18.09 41.34
C THR G 369 2.16 16.68 41.63
N MET G 370 2.76 16.48 42.79
CA MET G 370 3.18 15.12 43.17
C MET G 370 1.99 14.17 43.34
N ASP G 371 0.85 14.67 43.85
CA ASP G 371 -0.35 13.86 43.96
C ASP G 371 -0.74 13.28 42.62
N VAL G 372 -0.71 14.13 41.59
CA VAL G 372 -1.14 13.71 40.27
C VAL G 372 -0.15 12.73 39.70
N VAL G 373 1.15 13.02 39.82
CA VAL G 373 2.15 12.07 39.31
C VAL G 373 1.97 10.71 39.98
N ARG G 374 1.81 10.73 41.30
CA ARG G 374 1.71 9.45 42.02
C ARG G 374 0.46 8.68 41.59
N ASP G 375 -0.65 9.39 41.39
CA ASP G 375 -1.91 8.72 41.09
C ASP G 375 -1.82 8.01 39.74
N ILE G 376 -1.33 8.74 38.73
CA ILE G 376 -1.29 8.24 37.36
C ILE G 376 -0.24 7.14 37.22
N SER G 377 0.98 7.39 37.73
CA SER G 377 2.05 6.43 37.52
C SER G 377 1.72 5.12 38.21
N THR G 378 1.21 5.21 39.45
CA THR G 378 0.82 4.01 40.17
C THR G 378 -0.24 3.22 39.41
N GLU G 379 -1.30 3.91 38.95
CA GLU G 379 -2.40 3.21 38.29
C GLU G 379 -1.93 2.55 36.98
N VAL G 380 -1.19 3.28 36.15
CA VAL G 380 -0.76 2.72 34.87
C VAL G 380 0.28 1.60 35.06
N THR G 381 1.17 1.72 36.04
CA THR G 381 2.10 0.62 36.36
C THR G 381 1.35 -0.63 36.81
N LEU G 382 0.43 -0.49 37.76
CA LEU G 382 -0.38 -1.65 38.19
C LEU G 382 -1.10 -2.30 37.01
N TYR G 383 -1.76 -1.50 36.14
CA TYR G 383 -2.46 -2.09 35.00
C TYR G 383 -1.47 -2.86 34.13
N SER G 384 -0.30 -2.27 33.85
CA SER G 384 0.70 -2.90 32.97
C SER G 384 1.17 -4.23 33.54
N LEU G 385 1.52 -4.25 34.83
CA LEU G 385 1.91 -5.50 35.47
C LEU G 385 0.81 -6.54 35.38
N GLU G 386 -0.46 -6.12 35.58
CA GLU G 386 -1.57 -7.09 35.57
C GLU G 386 -1.72 -7.75 34.21
N GLN G 387 -1.38 -7.03 33.14
CA GLN G 387 -1.42 -7.62 31.81
C GLN G 387 -0.40 -8.74 31.69
N TYR G 388 0.82 -8.51 32.22
CA TYR G 388 1.79 -9.62 32.12
C TYR G 388 1.38 -10.80 32.99
N GLU G 389 0.67 -10.55 34.09
CA GLU G 389 0.21 -11.60 35.01
C GLU G 389 -1.00 -12.34 34.46
N GLU G 390 -1.82 -11.64 33.69
CA GLU G 390 -3.03 -12.23 33.11
CA GLU G 390 -3.03 -12.23 33.12
C GLU G 390 -2.73 -13.04 31.85
N TYR G 391 -1.70 -12.67 31.09
CA TYR G 391 -1.36 -13.32 29.81
C TYR G 391 0.04 -13.93 29.87
N PRO G 392 0.12 -15.21 30.19
CA PRO G 392 1.43 -15.89 30.16
C PRO G 392 2.11 -15.74 28.82
N THR G 393 1.35 -15.71 27.71
CA THR G 393 2.01 -15.51 26.42
C THR G 393 2.60 -14.11 26.28
N LEU G 394 2.02 -13.11 26.96
CA LEU G 394 2.59 -11.78 26.89
C LEU G 394 3.93 -11.74 27.63
N LEU G 395 3.97 -12.40 28.79
CA LEU G 395 5.16 -12.41 29.63
C LEU G 395 6.27 -13.24 28.97
N GLU G 396 5.89 -14.24 28.20
CA GLU G 396 6.87 -14.99 27.43
C GLU G 396 7.34 -14.19 26.21
N ASP G 397 6.53 -13.24 25.75
CA ASP G 397 6.90 -12.33 24.65
C ASP G 397 7.91 -11.29 25.15
N HIS G 398 7.55 -10.48 26.14
CA HIS G 398 8.53 -9.58 26.78
C HIS G 398 9.24 -10.37 27.88
N PHE G 399 10.09 -11.29 27.42
CA PHE G 399 10.67 -12.26 28.34
C PHE G 399 11.75 -11.64 29.22
N GLY G 400 12.35 -10.52 28.85
CA GLY G 400 13.39 -9.91 29.67
C GLY G 400 12.78 -8.82 30.53
N GLY G 401 13.13 -8.81 31.82
CA GLY G 401 12.60 -7.79 32.72
C GLY G 401 12.80 -6.35 32.24
N SER G 402 13.92 -6.07 31.58
CA SER G 402 14.21 -4.69 31.18
C SER G 402 13.12 -4.22 30.25
N MGN G 403 12.77 -5.11 29.31
CA MGN G 403 11.70 -4.85 28.35
CB1 MGN G 403 11.34 -6.11 27.54
CB2 MGN G 403 12.28 -3.77 27.44
CG MGN G 403 12.48 -6.57 26.64
CD MGN G 403 12.08 -7.86 25.94
OE1 MGN G 403 11.70 -8.82 26.58
NE2 MGN G 403 12.24 -7.91 24.62
C MGN G 403 10.43 -4.43 29.06
O MGN G 403 9.78 -3.42 28.70
N ARG G 404 10.03 -5.20 30.08
CA ARG G 404 8.78 -5.00 30.76
C ARG G 404 8.85 -3.70 31.55
N ALA G 405 9.98 -3.49 32.20
CA ALA G 405 10.15 -2.27 33.00
C ALA G 405 10.03 -1.02 32.13
N ALA G 406 10.69 -1.01 30.96
CA ALA G 406 10.68 0.13 30.04
C ALA G 406 9.27 0.41 29.51
N VAL G 407 8.56 -0.63 29.14
CA VAL G 407 7.25 -0.47 28.51
C VAL G 407 6.20 0.00 29.52
N ALA G 408 6.18 -0.60 30.73
CA ALA G 408 5.29 -0.11 31.79
C ALA G 408 5.63 1.33 32.18
N ALA G 409 6.93 1.66 32.35
CA ALA G 409 7.27 3.01 32.80
C ALA G 409 7.00 4.06 31.71
N ALA G 410 7.18 3.69 30.45
CA ALA G 410 6.89 4.59 29.33
C ALA G 410 5.42 4.97 29.35
N ALA G 411 4.54 3.97 29.51
CA ALA G 411 3.11 4.25 29.61
C ALA G 411 2.80 5.13 30.81
N ALA G 412 3.43 4.85 31.97
CA ALA G 412 3.15 5.68 33.14
C ALA G 412 3.65 7.13 32.97
N GLY G 413 4.89 7.28 32.48
CA GLY G 413 5.48 8.61 32.26
C GLY G 413 4.77 9.43 31.20
N CYS G 414 4.49 8.83 30.04
CA CYS G 414 3.76 9.57 29.03
C CYS G 414 2.37 9.96 29.53
N SER G 415 1.67 9.05 30.24
CA SER G 415 0.34 9.38 30.69
C SER G 415 0.39 10.51 31.68
N THR G 416 1.42 10.49 32.52
CA THR G 416 1.58 11.57 33.49
C THR G 416 1.82 12.90 32.76
N ALA G 417 2.61 12.88 31.68
CA ALA G 417 2.85 14.09 30.91
C ALA G 417 1.58 14.52 30.17
N PHE G 418 0.74 13.57 29.75
CA PHE G 418 -0.49 13.94 29.08
C PHE G 418 -1.39 14.76 30.02
N ALA G 419 -1.45 14.37 31.29
CA ALA G 419 -2.29 15.09 32.25
C ALA G 419 -1.73 16.48 32.58
N THR G 420 -0.42 16.59 32.75
CA THR G 420 0.13 17.75 33.43
C THR G 420 0.80 18.73 32.50
N GLY G 421 1.09 18.32 31.25
CA GLY G 421 1.85 19.14 30.31
C GLY G 421 3.30 19.39 30.67
N ASN G 422 3.91 18.57 31.54
CA ASN G 422 5.23 18.85 32.07
C ASN G 422 6.08 17.57 31.91
N SER G 423 7.09 17.64 31.05
CA SER G 423 7.96 16.47 30.77
C SER G 423 8.74 16.00 32.00
N ASN G 424 9.11 16.92 32.90
CA ASN G 424 9.87 16.45 34.06
C ASN G 424 8.95 15.78 35.06
N ALA G 425 7.67 16.20 35.11
CA ALA G 425 6.70 15.45 35.90
C ALA G 425 6.53 14.08 35.27
N GLY G 426 6.50 14.04 33.94
CA GLY G 426 6.50 12.75 33.27
C GLY G 426 7.64 11.82 33.71
N VAL G 427 8.88 12.31 33.66
CA VAL G 427 10.01 11.40 33.92
C VAL G 427 10.05 11.09 35.40
N ASN G 428 9.52 12.02 36.23
CA ASN G 428 9.42 11.66 37.66
C ASN G 428 8.47 10.46 37.82
N GLY G 429 7.36 10.49 37.07
CA GLY G 429 6.42 9.38 37.07
C GLY G 429 7.03 8.07 36.58
N TRP G 430 7.86 8.15 35.55
CA TRP G 430 8.64 7.03 35.07
C TRP G 430 9.45 6.41 36.22
N TYR G 431 10.15 7.22 37.02
CA TYR G 431 10.94 6.68 38.11
C TYR G 431 10.08 6.05 39.21
N LEU G 432 8.92 6.64 39.54
CA LEU G 432 7.98 5.96 40.43
C LEU G 432 7.58 4.59 39.89
N SER G 433 7.21 4.55 38.61
CA SER G 433 6.80 3.29 38.02
C SER G 433 7.89 2.22 38.20
N GLN G 434 9.16 2.58 37.99
CA GLN G 434 10.26 1.60 38.07
C GLN G 434 10.35 1.01 39.47
N ILE G 435 10.34 1.86 40.51
CA ILE G 435 10.53 1.26 41.83
C ILE G 435 9.28 0.52 42.32
N LEU G 436 8.10 0.89 41.82
CA LEU G 436 6.93 0.09 42.14
CA LEU G 436 6.90 0.10 42.10
C LEU G 436 6.99 -1.27 41.45
N HIS G 437 7.38 -1.28 40.19
CA HIS G 437 7.54 -2.50 39.42
C HIS G 437 8.48 -3.46 40.13
N LYS G 438 9.63 -2.94 40.56
CA LYS G 438 10.61 -3.75 41.26
C LYS G 438 10.02 -4.37 42.51
N GLU G 439 9.18 -3.64 43.24
CA GLU G 439 8.62 -4.15 44.47
C GLU G 439 7.47 -5.15 44.21
N ALA G 440 6.74 -4.98 43.14
CA ALA G 440 5.72 -5.96 42.79
C ALA G 440 6.31 -7.33 42.41
N HIS G 441 7.27 -7.36 41.48
CA HIS G 441 7.75 -8.62 40.94
C HIS G 441 9.03 -9.10 41.55
N SER G 442 9.58 -8.35 42.50
CA SER G 442 10.89 -8.68 43.12
C SER G 442 11.99 -8.87 42.05
N ARG G 443 11.90 -8.07 40.99
CA ARG G 443 12.90 -8.01 39.94
C ARG G 443 12.60 -6.75 39.13
N LEU G 444 13.60 -6.36 38.34
CA LEU G 444 13.29 -5.22 37.46
C LEU G 444 13.95 -5.57 36.13
N GLY G 445 15.14 -5.05 35.86
CA GLY G 445 15.76 -5.37 34.58
C GLY G 445 17.06 -6.13 34.72
N PHE G 446 17.98 -5.89 33.75
CA PHE G 446 19.30 -6.56 33.75
C PHE G 446 20.17 -6.00 34.87
N TYR G 447 21.35 -6.59 35.04
CA TYR G 447 22.24 -6.26 36.18
C TYR G 447 22.37 -4.74 36.48
CA GL3 G 448 22.71 -2.50 35.66
N GL3 G 448 22.51 -3.92 35.44
C GL3 G 448 21.67 -1.65 35.01
S GL3 G 448 21.96 -0.11 34.84
N TYR G 449 20.43 -2.17 35.08
CA TYR G 449 19.31 -1.46 34.44
C TYR G 449 18.87 -0.21 35.20
N ASP G 450 18.77 -0.32 36.51
CA ASP G 450 18.14 0.74 37.27
C ASP G 450 19.15 1.71 37.89
N LEU G 451 20.36 1.81 37.32
CA LEU G 451 21.26 2.89 37.73
C LEU G 451 20.52 4.22 37.62
N GLN G 452 19.93 4.52 36.49
CA GLN G 452 19.34 5.87 36.41
C GLN G 452 17.99 5.98 37.12
N ASP G 453 17.28 4.84 37.34
CA ASP G 453 15.98 4.89 37.97
C ASP G 453 16.10 5.05 39.49
N GLN G 454 17.17 4.54 40.08
CA GLN G 454 17.34 4.76 41.53
C GLN G 454 17.83 6.22 41.74
N SMC G 455 18.65 6.71 40.84
CA SMC G 455 19.09 8.15 40.87
CB SMC G 455 20.25 8.40 39.86
SG SMC G 455 21.76 7.64 40.46
CS SMC G 455 22.77 7.52 39.00
C SMC G 455 17.98 9.02 40.37
O SMC G 455 18.05 10.25 40.50
N GLY G 456 16.99 8.43 39.76
CA GLY G 456 16.03 9.24 38.99
C GLY G 456 15.09 10.19 39.70
N ALA G 457 14.44 9.75 40.79
CA ALA G 457 13.53 10.67 41.46
C ALA G 457 14.28 11.93 41.90
N SER G 458 15.46 11.74 42.47
CA SER G 458 16.19 12.91 43.00
C SER G 458 16.64 13.83 41.87
N ASN G 459 17.01 13.28 40.71
CA ASN G 459 17.54 14.14 39.67
C ASN G 459 16.46 14.68 38.72
N SER G 460 15.23 14.15 38.81
CA SER G 460 14.15 14.55 37.89
C SER G 460 13.80 16.03 38.05
N LEU G 461 13.71 16.52 39.27
CA LEU G 461 13.37 17.91 39.56
C LEU G 461 14.55 18.67 40.18
N SER G 462 15.75 18.10 40.09
CA SER G 462 16.94 18.76 40.62
C SER G 462 17.22 20.01 39.83
N ILE G 463 17.89 20.97 40.48
CA ILE G 463 18.40 22.19 39.83
C ILE G 463 19.92 22.28 39.86
N ARG G 464 20.61 21.22 40.29
CA ARG G 464 22.07 21.27 40.41
C ARG G 464 22.80 20.93 39.13
N SER G 465 24.03 21.49 39.02
CA SER G 465 25.07 21.29 38.02
C SER G 465 24.74 20.35 36.87
N ASP G 466 25.09 19.09 37.06
CA ASP G 466 24.87 18.05 36.05
C ASP G 466 23.67 17.18 36.36
N GLU G 467 22.76 17.66 37.23
CA GLU G 467 21.55 16.95 37.60
C GLU G 467 20.34 17.59 37.00
N GLY G 468 20.17 18.90 37.19
CA GLY G 468 18.97 19.54 36.70
C GLY G 468 19.06 19.88 35.22
N LEU G 469 17.98 19.60 34.52
CA LEU G 469 17.91 19.93 33.10
C LEU G 469 16.47 19.59 32.69
N ILE G 470 15.79 20.53 32.00
CA ILE G 470 14.45 20.27 31.53
C ILE G 470 14.49 19.03 30.62
N HIS G 471 13.48 18.15 30.74
CA HIS G 471 13.61 16.79 30.23
C HIS G 471 13.80 16.75 28.70
N GLU G 472 13.14 17.65 27.97
CA GLU G 472 13.26 17.70 26.50
C GLU G 472 14.68 17.87 26.04
N LEU G 473 15.51 18.52 26.84
CA LEU G 473 16.87 18.82 26.42
C LEU G 473 17.84 17.78 26.94
N ARG G 474 17.37 16.84 27.76
CA ARG G 474 18.24 15.72 28.14
C ARG G 474 18.43 14.86 26.92
N GLY G 475 19.42 13.98 26.95
CA GLY G 475 19.63 13.08 25.82
C GLY G 475 20.59 11.97 26.27
N PRO G 476 21.18 11.23 25.32
CA PRO G 476 22.08 10.10 25.67
C PRO G 476 23.33 10.49 26.42
N ASN G 477 23.69 11.78 26.48
CA ASN G 477 24.89 12.19 27.20
C ASN G 477 24.58 12.78 28.57
N TYR G 478 23.29 12.92 28.90
CA TYR G 478 22.92 13.26 30.27
C TYR G 478 23.54 12.19 31.15
N PRO G 479 24.36 12.53 32.16
CA PRO G 479 25.24 11.51 32.77
C PRO G 479 24.55 10.22 33.25
N ASN G 480 23.42 10.33 33.95
CA ASN G 480 22.73 9.13 34.43
C ASN G 480 22.31 8.22 33.30
N TYR G 481 22.11 8.79 32.11
CA TYR G 481 21.52 8.09 30.99
C TYR G 481 22.60 7.55 30.05
N ALA G 482 23.87 7.81 30.33
CA ALA G 482 24.88 7.61 29.31
C ALA G 482 25.17 6.14 28.97
N MET G 483 24.69 5.17 29.74
CA MET G 483 25.13 3.78 29.58
C MET G 483 24.08 2.74 29.19
N ASN G 484 22.79 2.90 29.55
CA ASN G 484 21.94 1.70 29.62
C ASN G 484 20.74 1.68 28.66
N VAL G 485 20.49 0.49 28.08
CA VAL G 485 19.27 0.29 27.28
C VAL G 485 17.96 0.50 28.04
N GLY G 486 16.84 0.50 27.30
CA GLY G 486 15.51 0.47 27.88
C GLY G 486 15.13 1.72 28.60
N HIS G 487 15.67 2.89 28.18
CA HIS G 487 15.33 4.18 28.76
C HIS G 487 15.26 5.29 27.72
N GLN G 488 16.36 5.50 26.95
CA GLN G 488 16.44 6.63 26.01
C GLN G 488 15.27 6.62 25.02
N PRO G 489 14.93 5.50 24.37
CA PRO G 489 13.78 5.52 23.43
C PRO G 489 12.50 5.98 24.10
N GLU G 490 12.26 5.47 25.30
CA GLU G 490 11.05 5.84 25.99
C GLU G 490 11.13 7.29 26.49
N TYR G 491 12.32 7.77 26.87
CA TYR G 491 12.43 9.18 27.24
C TYR G 491 12.09 10.11 26.08
N ALA G 492 12.39 9.70 24.85
CA ALA G 492 12.01 10.52 23.72
C ALA G 492 10.49 10.61 23.64
N GLY G 493 9.80 9.52 23.93
CA GLY G 493 8.34 9.55 24.00
C GLY G 493 7.83 10.47 25.09
N ILE G 494 8.48 10.44 26.26
CA ILE G 494 8.10 11.35 27.34
C ILE G 494 8.37 12.82 26.96
N ALA G 495 9.46 13.10 26.19
CA ALA G 495 9.68 14.47 25.72
C ALA G 495 8.55 14.89 24.80
N GLN G 496 8.09 13.99 23.94
CA GLN G 496 7.00 14.36 23.03
C GLN G 496 5.64 14.49 23.73
N ALA G 497 5.34 13.65 24.74
CA ALA G 497 3.98 13.48 25.26
C ALA G 497 3.30 14.77 25.68
N PRO G 498 3.93 15.68 26.42
CA PRO G 498 3.16 16.86 26.87
C PRO G 498 2.85 17.79 25.73
N HIS G 499 3.74 17.81 24.73
CA HIS G 499 3.51 18.64 23.54
C HIS G 499 2.48 18.02 22.63
N ALA G 500 2.46 16.67 22.48
CA ALA G 500 1.36 16.08 21.70
C ALA G 500 0.02 16.32 22.42
N ALA G 501 0.04 16.29 23.75
CA ALA G 501 -1.21 16.47 24.45
C ALA G 501 -1.72 17.89 24.26
N ARG G 502 -0.81 18.86 24.24
CA ARG G 502 -1.14 20.26 24.04
C ARG G 502 -1.50 20.57 22.60
N GLY G 503 -1.19 19.68 21.65
CA GLY G 503 -1.28 20.01 20.25
C GLY G 503 -0.19 20.95 19.75
N ASP G 504 0.95 21.00 20.43
CA ASP G 504 2.05 21.83 19.95
C ASP G 504 2.55 21.34 18.60
N ALA G 505 3.02 22.27 17.80
CA ALA G 505 3.66 21.90 16.55
C ALA G 505 5.07 21.30 16.73
N PHE G 506 5.71 21.51 17.89
CA PHE G 506 7.08 21.03 18.11
C PHE G 506 7.32 20.98 19.62
N CYS G 507 8.39 20.28 20.01
CA CYS G 507 8.76 20.13 21.41
C CYS G 507 9.90 21.04 21.85
N THR G 508 10.88 21.25 20.98
CA THR G 508 12.10 22.00 21.36
C THR G 508 12.60 22.97 20.32
N ASN G 509 12.32 22.76 19.04
CA ASN G 509 12.92 23.59 18.02
C ASN G 509 12.05 23.58 16.78
N PRO G 510 11.48 24.70 16.40
CA PRO G 510 10.64 24.70 15.19
C PRO G 510 11.42 24.55 13.90
N LEU G 511 12.71 24.94 13.87
CA LEU G 511 13.49 24.77 12.63
C LEU G 511 13.72 23.30 12.35
N ILE G 512 14.01 22.51 13.39
CA ILE G 512 14.17 21.07 13.23
C ILE G 512 12.87 20.45 12.73
N LYS G 513 11.75 20.80 13.34
CA LYS G 513 10.47 20.23 12.92
C LYS G 513 10.18 20.53 11.44
N VAL G 514 10.39 21.78 11.00
CA VAL G 514 10.11 22.08 9.59
C VAL G 514 11.13 21.38 8.68
N ALA G 515 12.40 21.30 9.12
CA ALA G 515 13.46 20.73 8.28
C ALA G 515 13.19 19.27 7.91
N PHE G 516 12.40 18.54 8.70
CA PHE G 516 12.07 17.15 8.35
C PHE G 516 10.64 17.02 7.80
N ALA G 517 9.96 18.14 7.49
CA ALA G 517 8.63 18.10 6.84
C ALA G 517 8.79 18.10 5.32
N ASP G 518 9.21 16.96 4.78
CA ASP G 518 9.75 16.95 3.41
C ASP G 518 9.58 15.55 2.81
N LYS G 519 8.75 15.45 1.77
CA LYS G 519 8.51 14.13 1.20
C LYS G 519 9.75 13.54 0.55
N ASP G 520 10.79 14.35 0.30
CA ASP G 520 11.93 13.84 -0.44
C ASP G 520 12.99 13.21 0.43
N LEU G 521 12.79 13.19 1.75
CA LEU G 521 13.57 12.30 2.61
C LEU G 521 13.37 10.87 2.14
N SER G 522 14.37 10.01 2.40
CA SER G 522 14.29 8.60 2.01
CA SER G 522 14.30 8.59 2.02
C SER G 522 13.52 7.77 3.04
N PHE G 523 13.86 7.88 4.32
CA PHE G 523 13.05 7.31 5.38
C PHE G 523 11.78 8.14 5.60
N ASP G 524 10.64 7.47 5.82
CA ASP G 524 9.38 8.19 6.07
C ASP G 524 9.24 8.54 7.55
N PHE G 525 9.58 9.78 7.89
CA PHE G 525 9.51 10.19 9.29
C PHE G 525 8.09 10.45 9.78
N THR G 526 7.05 10.46 8.92
CA THR G 526 5.69 10.58 9.49
C THR G 526 5.28 9.29 10.22
N SER G 527 5.84 8.14 9.86
CA SER G 527 5.57 6.91 10.60
C SER G 527 6.84 6.06 10.64
N PRO G 528 7.70 6.25 11.64
CA PRO G 528 8.85 5.36 11.76
C PRO G 528 8.44 3.89 11.84
N ARG G 529 7.25 3.58 12.40
CA ARG G 529 6.79 2.18 12.45
C ARG G 529 6.61 1.60 11.06
N LYS G 530 5.86 2.30 10.19
CA LYS G 530 5.65 1.77 8.85
C LYS G 530 6.96 1.61 8.10
N SER G 531 7.88 2.58 8.22
CA SER G 531 9.14 2.52 7.51
C SER G 531 10.02 1.38 8.02
N ILE G 532 10.12 1.24 9.34
CA ILE G 532 10.86 0.12 9.90
C ILE G 532 10.24 -1.19 9.44
N ALA G 533 8.90 -1.26 9.37
CA ALA G 533 8.27 -2.48 8.88
C ALA G 533 8.68 -2.76 7.43
N LYS G 534 8.71 -1.72 6.59
CA LYS G 534 9.06 -1.94 5.17
C LYS G 534 10.50 -2.45 5.02
N GLY G 535 11.42 -1.94 5.84
CA GLY G 535 12.76 -2.50 5.84
C GLY G 535 12.77 -3.94 6.32
N ALA G 536 11.96 -4.23 7.37
CA ALA G 536 11.89 -5.59 7.91
C ALA G 536 11.40 -6.57 6.84
N LEU G 537 10.59 -6.09 5.91
CA LEU G 537 10.08 -6.92 4.82
C LEU G 537 11.04 -6.97 3.63
N ARG G 538 12.22 -6.36 3.77
CA ARG G 538 13.19 -6.23 2.69
C ARG G 538 12.56 -5.54 1.48
N GLU G 539 11.72 -4.53 1.73
CA GLU G 539 11.09 -3.77 0.67
C GLU G 539 11.57 -2.32 0.62
N PHE G 540 12.49 -1.94 1.51
CA PHE G 540 12.95 -0.58 1.57
C PHE G 540 14.23 -0.43 0.76
N ILE G 541 14.25 0.55 -0.16
CA ILE G 541 15.40 0.84 -1.02
C ILE G 541 16.20 1.97 -0.36
N PRO G 542 17.36 1.72 0.18
CA PRO G 542 18.10 2.78 0.86
C PRO G 542 18.95 3.53 -0.15
N GLU G 543 19.63 4.58 0.32
CA GLU G 543 20.50 5.42 -0.49
C GLU G 543 21.97 5.01 -0.30
N GLY G 544 22.81 5.47 -1.22
CA GLY G 544 24.23 5.40 -0.97
C GLY G 544 24.91 4.09 -1.33
N GLU G 545 24.21 3.17 -1.98
CA GLU G 545 24.85 1.94 -2.43
C GLU G 545 25.81 2.25 -3.58
N ARG G 546 26.73 1.32 -3.87
CA ARG G 546 27.81 1.61 -4.80
C ARG G 546 27.76 0.80 -6.10
N ASP G 547 26.57 0.29 -6.47
CA ASP G 547 26.48 -0.57 -7.66
C ASP G 547 27.05 0.07 -8.90
N LEU G 548 26.87 1.40 -9.06
CA LEU G 548 27.29 2.06 -10.30
C LEU G 548 28.80 2.10 -10.47
N ILE G 549 29.56 1.90 -9.40
CA ILE G 549 31.01 2.00 -9.51
C ILE G 549 31.69 0.67 -9.19
N ILE G 550 30.97 -0.45 -9.18
CA ILE G 550 31.64 -1.73 -8.94
C ILE G 550 31.22 -2.72 -10.03
N PRO G 551 31.94 -3.83 -10.18
CA PRO G 551 31.63 -4.75 -11.27
C PRO G 551 30.20 -5.26 -11.19
N ALA G 552 29.68 -5.63 -12.37
CA ALA G 552 28.31 -6.14 -12.52
C ALA G 552 28.06 -7.43 -11.71
N PRO H 2 29.50 30.68 64.16
CA PRO H 2 29.70 30.34 62.74
C PRO H 2 28.39 30.37 61.95
N MET H 3 28.43 29.93 60.70
CA MET H 3 27.23 29.87 59.88
C MET H 3 26.26 28.80 60.39
N TYR H 4 26.76 27.61 60.63
CA TYR H 4 25.96 26.49 61.06
C TYR H 4 26.16 26.22 62.55
N GLU H 5 25.14 25.64 63.19
CA GLU H 5 25.22 25.38 64.63
C GLU H 5 25.90 24.04 64.96
N ASP H 6 26.10 23.18 63.98
CA ASP H 6 26.63 21.85 64.25
C ASP H 6 28.01 21.88 64.86
N ARG H 7 28.20 21.00 65.86
CA ARG H 7 29.52 20.72 66.39
C ARG H 7 29.70 19.21 66.45
N VAL H 8 30.94 18.75 66.20
CA VAL H 8 31.24 17.33 66.26
C VAL H 8 32.55 17.09 67.01
N ASP H 9 32.71 15.86 67.49
CA ASP H 9 34.00 15.40 67.96
C ASP H 9 34.69 14.67 66.81
N LEU H 10 35.99 14.95 66.62
CA LEU H 10 36.78 14.31 65.58
C LEU H 10 37.54 13.16 66.24
N TYR H 11 37.39 11.96 65.71
CA TYR H 11 38.02 10.74 66.18
C TYR H 11 38.98 10.22 65.13
N GLY H 12 40.07 9.58 65.56
CA GLY H 12 41.04 9.07 64.60
C GLY H 12 40.60 7.75 63.97
N ALA H 13 41.42 7.27 63.03
CA ALA H 13 41.17 5.96 62.46
C ALA H 13 41.30 4.85 63.49
N ASP H 14 41.96 5.12 64.62
CA ASP H 14 42.06 4.13 65.70
C ASP H 14 40.88 4.18 66.66
N GLY H 15 39.86 5.01 66.38
CA GLY H 15 38.73 5.02 67.27
C GLY H 15 38.96 5.82 68.54
N LYS H 16 40.01 6.63 68.59
CA LYS H 16 40.32 7.45 69.75
C LYS H 16 40.07 8.93 69.44
N LEU H 17 39.68 9.67 70.47
CA LEU H 17 39.31 11.07 70.30
C LEU H 17 40.52 11.91 69.89
N LEU H 18 40.35 12.76 68.89
CA LEU H 18 41.39 13.70 68.48
C LEU H 18 41.08 15.12 68.92
N GLU H 19 39.88 15.62 68.57
CA GLU H 19 39.53 16.99 68.92
C GLU H 19 38.10 17.02 69.41
N GLU H 20 37.87 17.68 70.52
CA GLU H 20 36.52 17.73 71.05
C GLU H 20 35.80 19.01 70.62
N ASP H 21 34.50 18.87 70.29
CA ASP H 21 33.56 19.99 70.19
C ASP H 21 34.02 20.99 69.13
N VAL H 22 34.16 20.49 67.91
CA VAL H 22 34.69 21.26 66.78
C VAL H 22 33.52 21.78 65.95
N PRO H 23 33.50 23.06 65.58
CA PRO H 23 32.44 23.58 64.69
C PRO H 23 32.53 22.86 63.37
N LEU H 24 31.35 22.47 62.83
CA LEU H 24 31.33 21.76 61.54
C LEU H 24 32.22 22.42 60.48
N GLU H 25 32.19 23.76 60.39
CA GLU H 25 32.95 24.42 59.32
C GLU H 25 34.46 24.29 59.47
N ALA H 26 34.93 23.83 60.63
CA ALA H 26 36.38 23.65 60.78
C ALA H 26 36.92 22.53 59.88
N VAL H 27 36.06 21.68 59.32
CA VAL H 27 36.47 20.68 58.35
C VAL H 27 36.00 21.05 56.94
N SER H 28 35.53 22.27 56.74
CA SER H 28 35.11 22.65 55.39
C SER H 28 36.33 22.74 54.48
N PRO H 29 36.24 22.21 53.28
CA PRO H 29 37.28 22.44 52.28
C PRO H 29 37.53 23.94 52.07
N LEU H 30 36.54 24.79 52.34
CA LEU H 30 36.74 26.22 52.17
C LEU H 30 37.49 26.86 53.33
N LYS H 31 37.69 26.16 54.48
CA LYS H 31 38.29 26.75 55.69
C LYS H 31 39.48 25.97 56.21
N ASN H 32 39.46 24.66 56.10
CA ASN H 32 40.46 23.83 56.78
C ASN H 32 41.84 23.95 56.13
N PRO H 33 42.86 24.38 56.86
CA PRO H 33 44.14 24.62 56.20
C PRO H 33 44.79 23.34 55.69
N THR H 34 44.49 22.19 56.32
CA THR H 34 45.05 20.91 55.86
C THR H 34 44.45 20.52 54.52
N ILE H 35 43.14 20.71 54.35
CA ILE H 35 42.54 20.41 53.06
C ILE H 35 43.10 21.32 51.97
N ALA H 36 43.25 22.63 52.29
CA ALA H 36 43.81 23.56 51.30
C ALA H 36 45.19 23.11 50.82
N ASN H 37 46.06 22.69 51.76
CA ASN H 37 47.40 22.24 51.40
C ASN H 37 47.39 20.91 50.65
N LEU H 38 46.50 20.00 51.03
CA LEU H 38 46.43 18.73 50.33
C LEU H 38 46.00 18.94 48.89
N VAL H 39 45.00 19.81 48.66
CA VAL H 39 44.56 20.03 47.29
C VAL H 39 45.66 20.73 46.47
N SER H 40 46.31 21.71 47.06
CA SER H 40 47.43 22.36 46.39
C SER H 40 48.53 21.35 46.00
N ASP H 41 48.87 20.41 46.91
CA ASP H 41 49.91 19.41 46.61
C ASP H 41 49.47 18.44 45.53
N VAL H 42 48.19 18.08 45.51
CA VAL H 42 47.70 17.19 44.48
C VAL H 42 47.84 17.83 43.10
N LYS H 43 47.53 19.13 43.01
CA LYS H 43 47.58 19.87 41.74
C LYS H 43 49.01 20.11 41.27
N ARG H 44 49.94 20.36 42.19
CA ARG H 44 51.28 20.81 41.84
C ARG H 44 52.31 19.69 41.74
N SER H 45 51.95 18.45 42.10
CA SER H 45 52.88 17.33 42.19
C SER H 45 52.87 16.54 40.88
N VAL H 46 54.08 16.16 40.46
CA VAL H 46 54.36 15.50 39.20
C VAL H 46 55.39 14.41 39.51
N ALA H 47 55.13 13.19 39.02
CA ALA H 47 56.08 12.09 39.15
C ALA H 47 56.82 11.94 37.83
N VAL H 48 58.14 12.05 37.89
CA VAL H 48 59.02 11.91 36.76
C VAL H 48 59.68 10.54 36.87
N ASN H 49 59.50 9.70 35.86
CA ASN H 49 60.08 8.36 35.81
C ASN H 49 61.38 8.39 35.01
N LEU H 50 62.51 8.72 35.65
CA LEU H 50 63.80 8.77 34.96
C LEU H 50 64.20 7.44 34.37
N ALA H 51 63.97 6.34 35.11
CA ALA H 51 64.30 5.03 34.58
C ALA H 51 63.49 4.75 33.33
N GLY H 52 62.20 5.11 33.34
CA GLY H 52 61.38 4.89 32.16
C GLY H 52 61.82 5.74 30.98
N ILE H 53 62.21 7.00 31.24
CA ILE H 53 62.75 7.86 30.18
C ILE H 53 64.01 7.24 29.59
N GLU H 54 64.92 6.78 30.45
CA GLU H 54 66.15 6.15 30.01
C GLU H 54 65.87 4.90 29.20
N GLY H 55 65.00 4.02 29.71
CA GLY H 55 64.74 2.76 29.03
C GLY H 55 64.04 2.99 27.71
N SER H 56 63.05 3.91 27.67
CA SER H 56 62.38 4.33 26.44
C SER H 56 63.38 4.83 25.41
N LEU H 57 64.32 5.67 25.85
CA LEU H 57 65.31 6.17 24.91
C LEU H 57 66.21 5.05 24.41
N ARG H 58 66.63 4.14 25.29
CA ARG H 58 67.62 3.15 24.89
C ARG H 58 67.08 2.21 23.83
N LYS H 59 65.78 1.89 23.87
CA LYS H 59 65.15 1.00 22.89
C LYS H 59 64.36 1.75 21.82
N ALA H 60 64.39 3.08 21.86
CA ALA H 60 63.47 3.92 21.08
C ALA H 60 62.03 3.47 21.25
N ALA H 61 61.68 3.10 22.50
CA ALA H 61 60.32 2.63 22.85
C ALA H 61 59.47 3.86 23.17
N LEU H 62 59.00 4.51 22.11
CA LEU H 62 58.52 5.89 22.23
C LEU H 62 57.03 6.00 21.90
N GLY H 63 56.29 6.67 22.77
CA GLY H 63 54.95 7.08 22.44
C GLY H 63 53.87 6.08 22.80
N GLY H 64 54.16 5.09 23.62
CA GLY H 64 53.10 4.23 24.10
C GLY H 64 53.38 2.77 23.80
N LYS H 65 52.57 1.94 24.42
CA LYS H 65 52.92 0.53 24.50
C LYS H 65 53.04 -0.08 23.13
N SER H 66 54.08 -0.88 22.99
CA SER H 66 54.41 -1.66 21.81
C SER H 66 55.20 -0.89 20.85
N ASN H 67 55.20 0.45 20.99
CA ASN H 67 55.85 1.30 20.00
C ASN H 67 57.37 1.19 20.10
N PHE H 68 58.01 1.05 18.96
CA PHE H 68 59.44 1.20 18.84
C PHE H 68 59.78 1.87 17.51
N ILE H 69 60.80 2.69 17.54
CA ILE H 69 61.22 3.37 16.32
C ILE H 69 62.66 2.99 15.99
N PRO H 70 62.88 1.89 15.27
CA PRO H 70 64.24 1.40 15.05
C PRO H 70 65.18 2.43 14.43
N GLY H 71 66.41 2.50 14.95
CA GLY H 71 67.36 3.43 14.41
C GLY H 71 67.43 4.73 15.16
N ARG H 72 66.51 4.94 16.10
CA ARG H 72 66.42 6.23 16.76
C ARG H 72 66.78 6.13 18.24
N GLU H 73 67.40 5.00 18.65
CA GLU H 73 67.83 4.79 20.04
C GLU H 73 68.81 5.86 20.47
N VAL H 74 68.71 6.27 21.73
CA VAL H 74 69.65 7.17 22.37
C VAL H 74 69.97 6.54 23.71
N ASP H 75 71.28 6.27 23.96
CA ASP H 75 71.76 5.59 25.15
C ASP H 75 72.38 6.62 26.12
N LEU H 76 71.68 6.95 27.22
CA LEU H 76 72.22 7.95 28.14
C LEU H 76 72.14 7.41 29.56
N PRO H 77 73.21 7.68 30.46
CA PRO H 77 73.13 7.26 31.87
C PRO H 77 72.34 8.25 32.73
N ILE H 78 71.02 8.32 32.47
CA ILE H 78 70.15 9.29 33.17
C ILE H 78 70.05 8.96 34.66
N VAL H 79 69.72 7.72 35.00
CA VAL H 79 69.56 7.40 36.42
C VAL H 79 70.86 7.61 37.20
N GLU H 80 72.02 7.22 36.62
CA GLU H 80 73.30 7.41 37.28
C GLU H 80 73.58 8.88 37.58
N ASN H 81 72.97 9.80 36.83
CA ASN H 81 73.21 11.23 37.03
C ASN H 81 71.95 11.93 37.55
N ALA H 82 71.11 11.19 38.29
CA ALA H 82 69.81 11.70 38.71
C ALA H 82 69.96 12.93 39.58
N GLU H 83 70.96 12.99 40.47
CA GLU H 83 71.09 14.15 41.35
C GLU H 83 71.42 15.41 40.55
N ALA H 84 72.42 15.33 39.64
CA ALA H 84 72.71 16.50 38.80
C ALA H 84 71.48 16.93 38.01
N ILE H 85 70.74 15.95 37.49
CA ILE H 85 69.54 16.26 36.72
C ILE H 85 68.46 16.90 37.58
N ALA H 86 68.24 16.36 38.79
CA ALA H 86 67.26 16.92 39.71
C ALA H 86 67.58 18.34 40.06
N GLU H 87 68.87 18.64 40.27
CA GLU H 87 69.26 20.00 40.65
C GLU H 87 68.96 20.97 39.49
N LYS H 88 69.14 20.50 38.25
CA LYS H 88 68.79 21.33 37.11
C LYS H 88 67.30 21.53 37.02
N ILE H 89 66.52 20.47 37.24
CA ILE H 89 65.07 20.59 37.24
C ILE H 89 64.63 21.62 38.26
N LYS H 90 65.21 21.55 39.47
CA LYS H 90 64.84 22.52 40.50
C LYS H 90 65.05 23.96 40.02
N LYS H 91 66.24 24.23 39.45
CA LYS H 91 66.56 25.58 38.97
C LYS H 91 65.58 26.04 37.91
N LEU H 92 65.09 25.11 37.06
CA LEU H 92 64.19 25.54 35.98
C LEU H 92 62.73 25.69 36.43
N VAL H 93 62.33 24.93 37.45
CA VAL H 93 60.95 24.90 37.92
C VAL H 93 60.71 26.00 38.95
N GLN H 94 61.73 26.39 39.70
CA GLN H 94 61.46 27.33 40.76
C GLN H 94 61.20 28.73 40.19
N THR H 95 60.60 29.59 41.00
CA THR H 95 60.44 31.00 40.68
C THR H 95 61.32 31.86 41.56
N SER H 96 61.81 31.32 42.66
CA SER H 96 62.80 32.00 43.49
C SER H 96 63.40 30.96 44.43
N GLU H 97 64.57 31.28 45.00
CA GLU H 97 65.23 30.33 45.90
C GLU H 97 64.42 30.07 47.15
N ASP H 98 63.57 31.02 47.53
CA ASP H 98 62.76 30.99 48.75
C ASP H 98 61.38 30.39 48.55
N ASP H 99 61.08 29.78 47.41
CA ASP H 99 59.68 29.44 47.20
C ASP H 99 59.41 27.99 47.61
N ASP H 100 58.21 27.47 47.29
CA ASP H 100 57.86 26.16 47.80
C ASP H 100 58.08 25.05 46.77
N THR H 101 58.95 25.29 45.77
CA THR H 101 59.40 24.21 44.89
C THR H 101 59.99 23.08 45.73
N ASN H 102 59.65 21.83 45.42
CA ASN H 102 60.26 20.71 46.13
C ASN H 102 60.59 19.62 45.12
N ILE H 103 61.84 19.15 45.15
CA ILE H 103 62.29 18.05 44.31
C ILE H 103 62.79 16.94 45.23
N ARG H 104 62.27 15.72 45.06
CA ARG H 104 62.79 14.61 45.84
C ARG H 104 63.03 13.39 44.94
N LEU H 105 64.26 12.86 45.02
CA LEU H 105 64.58 11.59 44.39
C LEU H 105 63.98 10.43 45.18
N ILE H 106 63.44 9.45 44.47
CA ILE H 106 62.75 8.25 44.98
C ILE H 106 63.45 7.05 44.37
N ASN H 107 63.45 5.91 45.10
CA ASN H 107 63.79 4.62 44.49
C ASN H 107 65.15 4.66 43.80
N ASN H 108 66.17 5.13 44.53
CA ASN H 108 67.55 5.21 44.03
C ASN H 108 67.65 6.06 42.77
N GLY H 109 66.86 7.11 42.71
CA GLY H 109 66.99 8.02 41.63
C GLY H 109 66.25 7.60 40.36
N GLN H 110 65.49 6.50 40.43
CA GLN H 110 64.75 6.07 39.25
C GLN H 110 63.49 6.89 39.04
N GLN H 111 62.97 7.55 40.08
CA GLN H 111 61.80 8.43 39.96
C GLN H 111 62.10 9.71 40.76
N ILE H 112 61.45 10.79 40.35
CA ILE H 112 61.54 12.08 41.04
C ILE H 112 60.13 12.54 41.37
N LEU H 113 59.92 13.05 42.58
CA LEU H 113 58.68 13.76 42.87
C LEU H 113 58.98 15.25 42.69
N VAL H 114 58.28 15.92 41.79
CA VAL H 114 58.45 17.35 41.56
C VAL H 114 57.18 18.04 42.04
N GLN H 115 57.34 18.97 43.01
CA GLN H 115 56.22 19.82 43.43
C GLN H 115 56.50 21.23 42.92
N VAL H 116 55.73 21.63 41.91
CA VAL H 116 55.88 22.90 41.21
C VAL H 116 55.47 24.04 42.14
N PRO H 117 56.15 25.20 42.13
CA PRO H 117 55.81 26.27 43.08
C PRO H 117 54.40 26.84 42.89
N THR H 118 53.76 27.19 44.01
CA THR H 118 52.41 27.73 43.97
CA THR H 118 52.41 27.70 43.93
C THR H 118 52.35 28.99 43.13
N THR H 119 53.46 29.76 43.06
CA THR H 119 53.51 30.96 42.22
C THR H 119 53.18 30.65 40.78
N ARG H 120 53.69 29.53 40.25
CA ARG H 120 53.33 29.19 38.87
C ARG H 120 51.88 28.80 38.74
N MET H 121 51.34 28.11 39.74
CA MET H 121 49.94 27.72 39.69
C MET H 121 49.05 28.94 39.74
N GLY H 122 49.48 29.94 40.51
CA GLY H 122 48.72 31.18 40.68
C GLY H 122 48.49 31.98 39.40
N VAL H 123 49.43 31.95 38.45
CA VAL H 123 49.27 32.67 37.20
C VAL H 123 48.96 31.72 36.04
N ALA H 124 48.58 30.48 36.33
CA ALA H 124 48.15 29.60 35.27
C ALA H 124 46.64 29.40 35.37
N ALA H 125 46.00 29.12 34.23
CA ALA H 125 44.54 28.93 34.30
C ALA H 125 44.16 27.59 34.92
N ASP H 126 44.86 26.50 34.57
CA ASP H 126 44.51 25.21 35.21
C ASP H 126 45.77 24.50 35.68
N TYR H 127 45.57 23.30 36.23
CA TYR H 127 46.62 22.56 36.93
C TYR H 127 47.58 21.84 35.97
N THR H 128 47.26 21.77 34.66
CA THR H 128 48.17 21.12 33.74
CA THR H 128 48.18 21.14 33.71
C THR H 128 49.55 21.79 33.74
N VAL H 129 49.64 23.04 34.18
CA VAL H 129 50.90 23.75 34.21
C VAL H 129 51.99 22.91 34.87
N SER H 130 51.66 22.20 35.96
CA SER H 130 52.71 21.52 36.71
CA SER H 130 52.70 21.50 36.71
C SER H 130 53.39 20.47 35.86
N ALA H 131 52.60 19.66 35.15
CA ALA H 131 53.15 18.66 34.26
C ALA H 131 53.89 19.31 33.11
N LEU H 132 53.35 20.41 32.56
CA LEU H 132 53.95 21.02 31.39
C LEU H 132 55.29 21.62 31.75
N VAL H 133 55.32 22.34 32.88
CA VAL H 133 56.56 22.98 33.23
C VAL H 133 57.57 21.93 33.63
N THR H 134 57.13 20.94 34.39
CA THR H 134 58.04 19.88 34.82
C THR H 134 58.60 19.14 33.62
N GLY H 135 57.73 18.84 32.65
CA GLY H 135 58.19 18.18 31.43
C GLY H 135 59.24 18.98 30.69
N ALA H 136 59.03 20.31 30.57
CA ALA H 136 59.98 21.14 29.86
C ALA H 136 61.30 21.15 30.62
N ALA H 137 61.21 21.22 31.96
CA ALA H 137 62.43 21.24 32.74
C ALA H 137 63.20 19.92 32.63
N VAL H 138 62.48 18.79 32.63
CA VAL H 138 63.16 17.50 32.52
C VAL H 138 63.82 17.37 31.16
N VAL H 139 63.15 17.83 30.09
CA VAL H 139 63.71 17.66 28.76
C VAL H 139 65.01 18.46 28.64
N GLN H 140 64.98 19.72 29.11
CA GLN H 140 66.17 20.57 28.97
C GLN H 140 67.28 20.09 29.88
N ALA H 141 66.93 19.64 31.08
CA ALA H 141 67.93 19.15 32.02
C ALA H 141 68.67 17.97 31.42
N ILE H 142 67.95 17.05 30.78
CA ILE H 142 68.64 15.89 30.21
C ILE H 142 69.49 16.31 29.02
N ILE H 143 68.92 17.16 28.13
CA ILE H 143 69.67 17.59 26.95
C ILE H 143 70.94 18.30 27.38
N ASP H 144 70.85 19.16 28.41
CA ASP H 144 71.98 19.91 28.86
C ASP H 144 72.99 19.01 29.56
N GLU H 145 72.49 18.06 30.35
CA GLU H 145 73.40 17.22 31.10
C GLU H 145 74.32 16.45 30.18
N PHE H 146 73.80 15.99 29.03
CA PHE H 146 74.55 15.08 28.16
C PHE H 146 74.92 15.70 26.83
N ASP H 147 74.65 16.99 26.63
CA ASP H 147 74.89 17.69 25.36
C ASP H 147 74.31 16.90 24.20
N VAL H 148 73.03 16.53 24.34
CA VAL H 148 72.35 15.73 23.32
C VAL H 148 72.27 16.53 22.02
N ASP H 149 72.66 15.89 20.92
CA ASP H 149 72.67 16.63 19.66
C ASP H 149 71.24 16.87 19.16
N MET H 150 71.15 17.83 18.23
CA MET H 150 69.88 18.41 17.88
C MET H 150 69.02 17.37 17.13
N PHE H 151 69.66 16.40 16.45
CA PHE H 151 68.84 15.42 15.74
C PHE H 151 68.31 14.31 16.66
N ASP H 152 68.89 14.14 17.84
CA ASP H 152 68.42 13.17 18.84
C ASP H 152 67.52 13.79 19.90
N ALA H 153 67.59 15.11 20.07
CA ALA H 153 66.88 15.77 21.16
C ALA H 153 65.36 15.54 21.10
N ASN H 154 64.78 15.51 19.93
CA ASN H 154 63.33 15.32 19.90
C ASN H 154 62.95 13.93 20.41
N ALA H 155 63.85 12.95 20.40
CA ALA H 155 63.54 11.66 21.03
C ALA H 155 63.42 11.80 22.54
N VAL H 156 64.30 12.62 23.13
CA VAL H 156 64.20 12.90 24.57
C VAL H 156 62.85 13.52 24.88
N LYS H 157 62.45 14.53 24.08
CA LYS H 157 61.16 15.15 24.26
C LYS H 157 60.06 14.11 24.21
N THR H 158 60.10 13.23 23.20
CA THR H 158 59.09 12.20 23.05
C THR H 158 59.15 11.19 24.19
N ALA H 159 60.34 10.89 24.70
CA ALA H 159 60.43 9.94 25.80
C ALA H 159 59.76 10.51 27.05
N VAL H 160 59.88 11.81 27.27
CA VAL H 160 59.30 12.45 28.45
C VAL H 160 57.78 12.64 28.32
N MET H 161 57.31 13.30 27.25
CA MET H 161 55.90 13.68 27.18
C MET H 161 55.06 12.81 26.27
N GLY H 162 55.64 11.77 25.66
CA GLY H 162 54.85 10.83 24.92
C GLY H 162 54.46 11.31 23.52
N ARG H 163 53.24 11.00 23.09
CA ARG H 163 52.83 11.33 21.73
CA ARG H 163 52.82 11.33 21.73
C ARG H 163 52.20 12.70 21.61
N TYR H 164 52.19 13.48 22.69
CA TYR H 164 51.70 14.82 22.61
C TYR H 164 52.64 15.57 21.64
N PRO H 165 52.11 16.39 20.70
CA PRO H 165 50.70 16.83 20.55
C PRO H 165 49.87 16.11 19.50
N GLN H 166 50.36 15.02 18.92
CA GLN H 166 49.49 14.27 18.02
C GLN H 166 48.31 13.70 18.82
N THR H 167 48.56 13.26 20.06
CA THR H 167 47.48 12.89 20.97
C THR H 167 47.12 14.12 21.79
N VAL H 168 45.87 14.13 22.29
CA VAL H 168 45.40 15.29 23.06
C VAL H 168 46.04 15.32 24.43
N ASP H 169 46.59 14.19 24.85
CA ASP H 169 47.25 14.10 26.14
C ASP H 169 48.67 13.51 26.02
N PHE H 170 49.30 13.25 27.17
CA PHE H 170 50.66 12.72 27.24
C PHE H 170 50.66 11.18 27.08
N THR H 171 50.02 10.65 26.03
CA THR H 171 50.01 9.21 25.78
C THR H 171 51.43 8.63 25.67
N GLY H 172 51.69 7.58 26.45
CA GLY H 172 53.00 6.93 26.43
C GLY H 172 54.10 7.75 27.06
N ALA H 173 53.75 8.76 27.86
CA ALA H 173 54.77 9.57 28.51
C ALA H 173 55.41 8.81 29.67
N ASN H 174 56.52 9.35 30.13
CA ASN H 174 57.22 8.89 31.32
C ASN H 174 57.17 9.96 32.42
N LEU H 175 56.12 10.77 32.42
CA LEU H 175 55.78 11.45 33.66
C LEU H 175 54.28 11.35 33.84
N SER H 176 53.85 11.53 35.07
CA SER H 176 52.44 11.32 35.36
C SER H 176 52.06 12.24 36.48
N THR H 177 50.75 12.48 36.61
CA THR H 177 50.22 13.33 37.67
C THR H 177 49.03 12.59 38.19
N LEU H 178 48.65 12.85 39.44
CA LEU H 178 47.44 12.21 39.99
C LEU H 178 46.21 12.67 39.23
N LEU H 179 46.20 13.92 38.80
CA LEU H 179 45.07 14.43 38.03
C LEU H 179 45.39 14.38 36.54
N GLY H 180 44.50 13.83 35.76
CA GLY H 180 44.71 13.83 34.32
C GLY H 180 44.30 15.16 33.74
N PRO H 181 44.62 15.38 32.47
CA PRO H 181 44.35 16.67 31.86
C PRO H 181 42.85 16.96 31.76
N PRO H 182 42.49 18.22 31.82
CA PRO H 182 41.07 18.59 31.84
C PRO H 182 40.32 18.21 30.58
N VAL H 183 41.02 18.02 29.46
CA VAL H 183 40.33 17.62 28.22
C VAL H 183 39.68 16.26 28.33
N LEU H 184 40.11 15.44 29.27
CA LEU H 184 39.54 14.12 29.50
C LEU H 184 38.51 14.13 30.62
N LEU H 185 38.12 15.29 31.13
CA LEU H 185 37.11 15.32 32.16
C LEU H 185 35.73 14.99 31.55
N GLU H 186 34.97 14.14 32.27
CA GLU H 186 33.56 13.79 32.00
C GLU H 186 32.62 14.95 32.27
N GLY H 187 32.92 15.69 33.32
CA GLY H 187 32.06 16.74 33.78
C GLY H 187 32.92 17.93 34.15
N LEU H 188 32.32 19.09 34.10
CA LEU H 188 33.03 20.32 34.42
C LEU H 188 33.31 20.34 35.90
N GLY H 189 34.53 20.75 36.29
CA GLY H 189 34.90 20.74 37.70
C GLY H 189 35.25 19.37 38.26
N TYR H 190 35.43 18.35 37.42
CA TYR H 190 35.66 17.02 37.96
C TYR H 190 37.12 16.72 38.28
N GLY H 191 38.01 17.69 38.12
CA GLY H 191 39.45 17.41 38.21
C GLY H 191 39.86 16.59 39.41
N LEU H 192 39.38 16.97 40.60
CA LEU H 192 39.78 16.28 41.82
C LEU H 192 39.18 14.88 41.96
N ARG H 193 38.20 14.51 41.11
CA ARG H 193 37.56 13.20 41.23
C ARG H 193 38.30 12.14 40.42
N ASN H 194 39.37 12.52 39.72
CA ASN H 194 39.99 11.68 38.69
C ASN H 194 41.02 10.66 39.24
N ILE H 195 41.09 10.44 40.53
CA ILE H 195 42.11 9.55 41.09
C ILE H 195 41.52 8.16 41.33
N MET H 196 42.01 7.18 40.59
CA MET H 196 41.52 5.80 40.72
C MET H 196 41.63 5.29 42.17
N ALA H 197 40.66 4.44 42.57
CA ALA H 197 40.62 3.92 43.94
C ALA H 197 41.93 3.22 44.34
N ASN H 198 42.52 2.44 43.44
CA ASN H 198 43.82 1.80 43.74
C ASN H 198 44.91 2.80 44.05
N HIS H 199 44.91 3.98 43.41
CA HIS H 199 45.92 4.98 43.72
C HIS H 199 45.76 5.48 45.15
N VAL H 200 44.50 5.71 45.56
CA VAL H 200 44.19 6.11 46.93
C VAL H 200 44.69 5.08 47.93
N VAL H 201 44.49 3.79 47.64
CA VAL H 201 44.96 2.75 48.53
C VAL H 201 46.47 2.77 48.62
N ALA H 202 47.16 2.99 47.48
CA ALA H 202 48.62 2.98 47.52
C ALA H 202 49.16 4.19 48.31
N ILE H 203 48.53 5.36 48.17
CA ILE H 203 48.96 6.58 48.87
C ILE H 203 48.78 6.48 50.39
N THR H 204 47.74 5.79 50.85
CA THR H 204 47.51 5.63 52.29
C THR H 204 48.03 4.30 52.81
N ARG H 205 48.84 3.60 52.01
CA ARG H 205 49.50 2.36 52.40
C ARG H 205 48.49 1.35 52.95
N LYS H 206 47.34 1.25 52.29
CA LYS H 206 46.29 0.24 52.50
C LYS H 206 45.61 0.36 53.86
N ASN H 207 45.62 1.54 54.48
CA ASN H 207 44.98 1.73 55.77
C ASN H 207 43.54 2.17 55.56
N THR H 208 42.59 1.26 55.89
CA THR H 208 41.20 1.34 55.46
C THR H 208 40.59 2.72 55.64
N LEU H 209 40.53 3.18 56.88
CA LEU H 209 39.83 4.44 57.10
C LEU H 209 40.59 5.67 56.59
N ASN H 210 41.92 5.63 56.48
CA ASN H 210 42.60 6.75 55.85
C ASN H 210 42.36 6.77 54.34
N ALA H 211 42.22 5.59 53.72
CA ALA H 211 41.84 5.57 52.31
C ALA H 211 40.45 6.16 52.12
N SER H 212 39.46 5.69 52.91
CA SER H 212 38.11 6.23 52.72
C SER H 212 38.06 7.72 53.05
N ALA H 213 38.85 8.18 54.03
CA ALA H 213 38.92 9.61 54.31
C ALA H 213 39.52 10.40 53.14
N LEU H 214 40.66 9.96 52.59
CA LEU H 214 41.26 10.70 51.47
C LEU H 214 40.28 10.78 50.30
N SER H 215 39.62 9.66 49.98
CA SER H 215 38.60 9.67 48.94
C SER H 215 37.46 10.65 49.29
N SER H 216 37.00 10.65 50.54
CA SER H 216 35.91 11.56 50.92
C SER H 216 36.34 13.03 50.81
N ILE H 217 37.54 13.33 51.26
CA ILE H 217 38.05 14.70 51.18
C ILE H 217 38.11 15.15 49.74
N LEU H 218 38.66 14.29 48.87
CA LEU H 218 38.77 14.71 47.48
C LEU H 218 37.39 14.84 46.85
N GLU H 219 36.51 13.87 47.10
CA GLU H 219 35.16 13.86 46.51
C GLU H 219 34.34 15.04 46.98
N GLN H 220 34.32 15.26 48.27
CA GLN H 220 33.52 16.36 48.80
C GLN H 220 34.13 17.73 48.44
N THR H 221 35.45 17.84 48.36
CA THR H 221 36.03 19.09 47.88
C THR H 221 35.63 19.33 46.42
N ALA H 222 35.64 18.27 45.61
CA ALA H 222 35.16 18.40 44.25
C ALA H 222 33.70 18.87 44.21
N MET H 223 32.87 18.51 45.19
CA MET H 223 31.48 18.96 45.23
C MET H 223 31.40 20.46 45.48
N PHE H 224 32.39 21.04 46.17
CA PHE H 224 32.47 22.51 46.22
C PHE H 224 32.87 23.08 44.86
N GLU H 225 33.77 22.40 44.13
CA GLU H 225 34.23 22.86 42.83
C GLU H 225 33.14 22.82 41.78
N THR H 226 32.26 21.82 41.83
CA THR H 226 31.23 21.71 40.83
C THR H 226 30.05 22.59 41.14
N GLY H 227 30.05 23.26 42.30
CA GLY H 227 28.90 24.02 42.71
C GLY H 227 27.78 23.21 43.33
N ASP H 228 27.96 21.90 43.53
CA ASP H 228 26.91 21.10 44.17
C ASP H 228 26.82 21.45 45.65
N ALA H 229 27.94 21.71 46.29
CA ALA H 229 27.92 22.09 47.70
C ALA H 229 27.79 23.60 47.90
N VAL H 230 26.76 24.22 47.28
CA VAL H 230 26.47 25.65 47.38
C VAL H 230 25.07 25.80 48.00
N GLY H 231 24.90 26.86 48.79
CA GLY H 231 23.58 27.25 49.25
C GLY H 231 22.89 26.18 50.08
N ALA H 232 21.68 25.83 49.66
CA ALA H 232 20.89 24.85 50.36
C ALA H 232 21.65 23.54 50.62
N PHE H 233 22.61 23.19 49.76
CA PHE H 233 23.22 21.86 49.81
C PHE H 233 24.53 21.80 50.55
N GLU H 234 25.08 22.94 50.95
CA GLU H 234 26.41 22.94 51.56
C GLU H 234 26.48 22.08 52.81
N ARG H 235 25.50 22.24 53.72
CA ARG H 235 25.55 21.54 55.00
C ARG H 235 25.51 20.03 54.80
N MET H 236 24.68 19.55 53.88
CA MET H 236 24.70 18.13 53.55
C MET H 236 26.11 17.63 53.18
N HIS H 237 26.87 18.38 52.37
CA HIS H 237 28.17 17.89 51.94
C HIS H 237 29.17 17.99 53.07
N LEU H 238 29.06 19.03 53.89
CA LEU H 238 29.95 19.13 55.05
C LEU H 238 29.70 18.00 56.03
N LEU H 239 28.44 17.74 56.34
CA LEU H 239 28.13 16.67 57.27
C LEU H 239 28.56 15.32 56.73
N GLY H 240 28.38 15.12 55.42
CA GLY H 240 28.86 13.90 54.78
C GLY H 240 30.36 13.71 54.92
N LEU H 241 31.13 14.75 54.62
CA LEU H 241 32.57 14.71 54.86
C LEU H 241 32.88 14.39 56.32
N ALA H 242 32.27 15.11 57.26
CA ALA H 242 32.64 14.94 58.67
C ALA H 242 32.34 13.53 59.17
N TYR H 243 31.12 13.04 58.88
CA TYR H 243 30.67 11.76 59.38
C TYR H 243 31.20 10.59 58.58
N GLN H 244 31.03 10.62 57.26
CA GLN H 244 31.45 9.45 56.48
C GLN H 244 32.96 9.45 56.25
N GLY H 245 33.51 10.64 55.99
CA GLY H 245 34.92 10.74 55.73
C GLY H 245 35.79 10.79 56.96
N LEU H 246 35.36 11.48 58.01
CA LEU H 246 36.29 11.82 59.09
C LEU H 246 35.87 11.23 60.43
N ASN H 247 34.95 10.25 60.44
CA ASN H 247 34.64 9.47 61.64
C ASN H 247 34.16 10.40 62.76
N ALA H 248 33.37 11.43 62.39
CA ALA H 248 32.80 12.31 63.39
C ALA H 248 32.08 11.52 64.50
N ASN H 249 32.35 11.91 65.75
CA ASN H 249 31.73 11.31 66.93
C ASN H 249 31.96 9.81 67.01
N ASN H 250 32.92 9.29 66.24
CA ASN H 250 33.31 7.88 66.25
C ASN H 250 32.18 6.99 65.76
N LEU H 251 31.22 7.57 65.01
CA LEU H 251 30.05 6.79 64.62
C LEU H 251 30.43 5.69 63.65
N LEU H 252 31.22 6.03 62.63
CA LEU H 252 31.74 5.03 61.68
C LEU H 252 32.46 3.88 62.38
N PHE H 253 33.47 4.22 63.18
CA PHE H 253 34.24 3.20 63.90
C PHE H 253 33.36 2.31 64.78
N ASP H 254 32.47 2.93 65.58
CA ASP H 254 31.59 2.17 66.48
C ASP H 254 30.61 1.28 65.73
N LEU H 255 30.09 1.74 64.61
CA LEU H 255 29.22 0.88 63.81
C LEU H 255 29.95 -0.37 63.33
N VAL H 256 31.18 -0.21 62.83
CA VAL H 256 31.98 -1.38 62.41
C VAL H 256 32.26 -2.27 63.62
N LYS H 257 32.69 -1.65 64.71
CA LYS H 257 33.16 -2.44 65.84
C LYS H 257 32.07 -3.35 66.36
N GLU H 258 30.84 -2.82 66.51
CA GLU H 258 29.78 -3.62 67.10
C GLU H 258 29.21 -4.60 66.08
N ASN H 259 29.60 -4.45 64.83
CA ASN H 259 29.13 -5.39 63.81
C ASN H 259 30.27 -6.22 63.22
N GLY H 260 31.38 -6.40 63.94
CA GLY H 260 32.53 -7.11 63.35
C GLY H 260 32.25 -8.55 62.98
N LYS H 261 31.25 -9.19 63.59
CA LYS H 261 30.79 -10.53 63.26
C LYS H 261 29.39 -10.52 62.65
N GLY H 262 28.98 -9.39 62.08
CA GLY H 262 27.64 -9.17 61.62
C GLY H 262 27.52 -9.12 60.11
N THR H 263 26.41 -8.55 59.66
CA THR H 263 26.07 -8.54 58.24
C THR H 263 25.70 -7.12 57.84
N VAL H 264 25.42 -6.92 56.55
CA VAL H 264 24.92 -5.63 56.10
C VAL H 264 23.62 -5.29 56.84
N GLY H 265 22.72 -6.27 57.01
CA GLY H 265 21.48 -6.06 57.75
C GLY H 265 21.71 -5.63 59.20
N THR H 266 22.60 -6.32 59.92
CA THR H 266 22.78 -5.91 61.31
C THR H 266 23.39 -4.50 61.42
N VAL H 267 24.21 -4.06 60.43
CA VAL H 267 24.74 -2.69 60.46
C VAL H 267 23.62 -1.73 60.25
N ILE H 268 22.68 -2.09 59.38
CA ILE H 268 21.52 -1.22 59.18
C ILE H 268 20.73 -1.09 60.47
N ALA H 269 20.52 -2.20 61.19
CA ALA H 269 19.80 -2.14 62.46
C ALA H 269 20.51 -1.24 63.46
N SER H 270 21.85 -1.35 63.56
CA SER H 270 22.60 -0.49 64.50
C SER H 270 22.47 0.99 64.09
N LEU H 271 22.49 1.27 62.79
CA LEU H 271 22.46 2.67 62.37
C LEU H 271 21.07 3.25 62.61
N VAL H 272 20.03 2.53 62.19
CA VAL H 272 18.69 3.04 62.42
C VAL H 272 18.46 3.27 63.89
N GLU H 273 18.89 2.34 64.76
CA GLU H 273 18.69 2.56 66.20
C GLU H 273 19.45 3.79 66.68
N ARG H 274 20.66 4.01 66.17
CA ARG H 274 21.41 5.18 66.60
C ARG H 274 20.70 6.46 66.16
N ALA H 275 20.14 6.44 64.94
CA ALA H 275 19.45 7.61 64.39
C ALA H 275 18.20 7.94 65.18
N ILE H 276 17.47 6.90 65.63
CA ILE H 276 16.31 7.13 66.51
C ILE H 276 16.79 7.68 67.86
N GLU H 277 17.82 7.07 68.42
CA GLU H 277 18.33 7.55 69.70
C GLU H 277 18.77 9.01 69.65
N ASP H 278 19.41 9.43 68.57
CA ASP H 278 19.93 10.78 68.46
C ASP H 278 18.90 11.74 67.93
N ARG H 279 17.67 11.25 67.73
CA ARG H 279 16.52 12.03 67.25
C ARG H 279 16.75 12.62 65.85
N VAL H 280 17.56 11.95 65.03
CA VAL H 280 17.79 12.32 63.65
C VAL H 280 16.59 11.91 62.79
N ILE H 281 15.89 10.86 63.17
CA ILE H 281 14.66 10.48 62.47
C ILE H 281 13.56 10.24 63.50
N LYS H 282 12.32 10.17 63.02
CA LYS H 282 11.18 9.93 63.89
C LYS H 282 10.09 9.23 63.09
N VAL H 283 9.18 8.60 63.82
CA VAL H 283 8.12 7.85 63.18
C VAL H 283 7.14 8.84 62.55
N ALA H 284 6.87 8.68 61.26
CA ALA H 284 5.90 9.55 60.61
C ALA H 284 4.51 8.94 60.68
N LYS H 285 4.41 7.62 60.54
CA LYS H 285 3.11 6.99 60.48
C LYS H 285 3.29 5.50 60.77
N GLU H 286 2.44 4.94 61.59
CA GLU H 286 2.47 3.49 61.78
C GLU H 286 1.35 2.89 60.93
N MET H 287 1.68 1.86 60.16
CA MET H 287 0.84 1.27 59.13
C MET H 287 0.02 0.13 59.75
N THR H 288 -0.96 -0.38 59.00
CA THR H 288 -1.83 -1.47 59.48
CA THR H 288 -1.84 -1.43 59.56
C THR H 288 -1.04 -2.64 60.08
N SER H 289 0.04 -3.04 59.41
CA SER H 289 0.82 -4.23 59.83
C SER H 289 1.64 -4.01 61.09
N GLY H 290 1.71 -2.78 61.57
CA GLY H 290 2.62 -2.42 62.62
C GLY H 290 3.87 -1.77 62.09
N TYR H 291 4.08 -1.80 60.77
CA TYR H 291 5.26 -1.17 60.17
C TYR H 291 5.31 0.32 60.47
N LYS H 292 6.46 0.78 60.94
CA LYS H 292 6.63 2.21 61.23
C LYS H 292 7.35 2.88 60.07
N MET H 293 6.72 3.90 59.48
CA MET H 293 7.35 4.66 58.41
C MET H 293 7.95 5.91 59.05
N TYR H 294 9.24 6.12 58.84
CA TYR H 294 9.97 7.19 59.49
C TYR H 294 10.09 8.39 58.54
N GLU H 295 10.42 9.55 59.11
CA GLU H 295 10.80 10.71 58.31
C GLU H 295 12.02 11.34 58.96
N PRO H 296 12.85 12.05 58.20
CA PRO H 296 13.97 12.74 58.84
C PRO H 296 13.45 13.90 59.67
N ALA H 297 14.07 14.11 60.84
CA ALA H 297 13.91 15.38 61.54
C ALA H 297 14.90 16.44 61.03
N ASP H 298 16.00 16.00 60.39
CA ASP H 298 17.06 16.89 59.91
C ASP H 298 17.60 16.19 58.67
N TRP H 299 17.24 16.68 57.47
CA TRP H 299 17.50 15.88 56.27
C TRP H 299 19.00 15.77 56.00
N ALA H 300 19.76 16.85 56.16
CA ALA H 300 21.18 16.76 55.86
C ALA H 300 21.85 15.80 56.84
N LEU H 301 21.41 15.82 58.09
CA LEU H 301 22.01 15.00 59.12
C LEU H 301 21.63 13.54 58.94
N TRP H 302 20.36 13.24 58.62
CA TRP H 302 20.00 11.87 58.30
C TRP H 302 20.84 11.37 57.16
N ASN H 303 21.03 12.20 56.17
CA ASN H 303 21.79 11.69 55.04
C ASN H 303 23.21 11.34 55.48
N ALA H 304 23.77 12.13 56.41
CA ALA H 304 25.12 11.84 56.89
C ALA H 304 25.16 10.57 57.69
N TYR H 305 24.15 10.38 58.57
CA TYR H 305 24.07 9.12 59.34
C TYR H 305 23.96 7.95 58.39
N ALA H 306 23.07 8.07 57.42
CA ALA H 306 22.93 7.01 56.43
C ALA H 306 24.25 6.73 55.71
N ALA H 307 24.96 7.78 55.28
CA ALA H 307 26.24 7.58 54.57
C ALA H 307 27.27 6.90 55.44
N THR H 308 27.29 7.21 56.74
CA THR H 308 28.22 6.57 57.64
C THR H 308 27.92 5.08 57.77
N GLY H 309 26.65 4.71 57.95
CA GLY H 309 26.30 3.31 57.96
C GLY H 309 26.72 2.60 56.70
N LEU H 310 26.60 3.29 55.55
CA LEU H 310 26.99 2.73 54.25
C LEU H 310 28.47 2.34 54.21
N LEU H 311 29.35 3.24 54.64
CA LEU H 311 30.77 2.89 54.72
C LEU H 311 31.01 1.75 55.72
N ALA H 312 30.37 1.80 56.89
CA ALA H 312 30.55 0.72 57.87
C ALA H 312 30.10 -0.62 57.30
N ALA H 313 28.97 -0.64 56.58
CA ALA H 313 28.48 -1.88 55.98
C ALA H 313 29.45 -2.41 54.95
N THR H 314 30.07 -1.51 54.20
CA THR H 314 31.09 -1.90 53.24
C THR H 314 32.23 -2.57 53.96
N ILE H 315 32.68 -1.97 55.06
CA ILE H 315 33.84 -2.50 55.77
C ILE H 315 33.54 -3.86 56.36
N VAL H 316 32.32 -4.02 56.95
CA VAL H 316 31.91 -5.29 57.54
C VAL H 316 31.81 -6.39 56.47
N ASN H 317 31.11 -6.11 55.40
CA ASN H 317 30.80 -7.13 54.43
C ASN H 317 31.98 -7.44 53.51
N VAL H 318 32.68 -6.42 53.02
CA VAL H 318 33.88 -6.71 52.25
C VAL H 318 34.98 -7.20 53.18
N GLY H 319 35.03 -6.62 54.38
CA GLY H 319 36.03 -7.10 55.34
C GLY H 319 35.85 -8.55 55.71
N ALA H 320 34.61 -9.02 55.74
CA ALA H 320 34.40 -10.45 56.04
C ALA H 320 34.96 -11.33 54.91
N ALA H 321 34.72 -10.94 53.66
CA ALA H 321 35.20 -11.71 52.51
C ALA H 321 36.69 -11.46 52.19
N ARG H 322 37.26 -10.33 52.66
CA ARG H 322 38.56 -9.81 52.24
C ARG H 322 38.70 -9.92 50.72
N ALA H 323 37.62 -9.60 50.02
CA ALA H 323 37.58 -9.62 48.57
C ALA H 323 36.75 -8.42 48.11
N ALA H 324 37.36 -7.54 47.33
CA ALA H 324 36.73 -6.26 47.08
C ALA H 324 35.56 -6.35 46.12
N GLN H 325 35.42 -7.44 45.35
CA GLN H 325 34.36 -7.42 44.35
C GLN H 325 32.99 -7.13 44.97
N GLY H 326 32.76 -7.52 46.24
CA GLY H 326 31.46 -7.32 46.84
C GLY H 326 31.10 -5.87 47.13
N VAL H 327 31.99 -4.95 46.87
CA VAL H 327 31.72 -3.59 47.33
C VAL H 327 30.53 -3.02 46.62
N ALA H 328 30.40 -3.24 45.29
CA ALA H 328 29.28 -2.62 44.60
C ALA H 328 27.96 -3.19 45.10
N SER H 329 27.90 -4.52 45.27
CA SER H 329 26.71 -5.17 45.83
C SER H 329 26.38 -4.63 47.23
N THR H 330 27.41 -4.40 48.05
CA THR H 330 27.16 -3.93 49.40
C THR H 330 26.55 -2.56 49.37
N VAL H 331 27.07 -1.66 48.51
CA VAL H 331 26.55 -0.29 48.45
C VAL H 331 25.12 -0.32 47.97
N LEU H 332 24.83 -1.22 47.02
CA LEU H 332 23.49 -1.32 46.49
C LEU H 332 22.52 -1.76 47.59
N TYR H 333 22.80 -2.92 48.19
CA TYR H 333 21.80 -3.51 49.09
C TYR H 333 21.79 -2.84 50.46
N TYR H 334 22.88 -2.20 50.87
CA TYR H 334 22.79 -1.40 52.07
C TYR H 334 21.67 -0.39 51.93
N ASN H 335 21.65 0.34 50.77
CA ASN H 335 20.65 1.39 50.59
C ASN H 335 19.26 0.82 50.36
N ASP H 336 19.18 -0.26 49.57
CA ASP H 336 17.90 -0.91 49.30
C ASP H 336 17.24 -1.37 50.60
N ILE H 337 18.00 -2.09 51.44
CA ILE H 337 17.45 -2.60 52.66
C ILE H 337 17.14 -1.43 53.61
N LEU H 338 18.00 -0.42 53.64
CA LEU H 338 17.75 0.69 54.54
C LEU H 338 16.43 1.35 54.19
N GLU H 339 16.16 1.53 52.88
CA GLU H 339 14.93 2.19 52.47
C GLU H 339 13.69 1.37 52.87
N TYR H 340 13.71 0.06 52.62
CA TYR H 340 12.54 -0.75 52.97
C TYR H 340 12.45 -1.08 54.46
N GLU H 341 13.55 -0.93 55.18
CA GLU H 341 13.50 -1.04 56.63
C GLU H 341 12.76 0.12 57.30
N THR H 342 12.78 1.32 56.66
CA THR H 342 12.36 2.57 57.31
C THR H 342 11.34 3.46 56.58
N GLY H 343 11.24 3.37 55.26
CA GLY H 343 10.49 4.39 54.53
C GLY H 343 11.29 5.66 54.23
N LEU H 344 12.55 5.75 54.67
CA LEU H 344 13.40 6.92 54.50
C LEU H 344 14.10 6.86 53.15
N PRO H 345 14.56 7.98 52.63
CA PRO H 345 15.42 7.93 51.46
C PRO H 345 16.82 7.48 51.87
N GLY H 346 17.43 6.69 51.02
CA GLY H 346 18.77 6.18 51.26
C GLY H 346 19.81 7.27 50.99
N VAL H 347 21.09 6.85 50.99
CA VAL H 347 22.23 7.77 50.87
C VAL H 347 22.20 8.55 49.56
N ASP H 348 22.28 9.87 49.66
CA ASP H 348 22.34 10.74 48.50
C ASP H 348 21.04 10.63 47.72
N PHE H 349 19.95 10.37 48.45
CA PHE H 349 18.59 10.32 47.92
C PHE H 349 18.44 9.37 46.73
N GLY H 350 19.10 8.22 46.82
CA GLY H 350 19.04 7.25 45.77
C GLY H 350 20.27 7.21 44.90
N ARG H 351 21.12 8.25 44.93
CA ARG H 351 22.21 8.29 43.95
C ARG H 351 23.35 7.33 44.31
N ALA H 352 23.59 7.08 45.60
CA ALA H 352 24.61 6.06 45.89
C ALA H 352 24.14 4.69 45.45
N MET H 353 22.86 4.40 45.65
CA MET H 353 22.30 3.14 45.23
C MET H 353 22.31 3.00 43.72
N GLY H 354 21.90 4.04 42.99
CA GLY H 354 21.95 3.94 41.54
C GLY H 354 23.37 3.76 41.04
N THR H 355 24.33 4.51 41.61
CA THR H 355 25.73 4.31 41.23
C THR H 355 26.13 2.85 41.41
N ALA H 356 25.72 2.27 42.53
CA ALA H 356 26.09 0.89 42.84
C ALA H 356 25.48 -0.09 41.84
N VAL H 357 24.29 0.21 41.30
CA VAL H 357 23.70 -0.70 40.32
C VAL H 357 24.57 -0.75 39.09
N GLY H 358 24.96 0.41 38.56
CA GLY H 358 25.82 0.40 37.37
C GLY H 358 27.20 -0.13 37.66
N PHE H 359 27.76 0.26 38.81
CA PHE H 359 29.03 -0.24 39.29
C PHE H 359 29.03 -1.78 39.39
N SER H 360 27.94 -2.36 39.90
CA SER H 360 27.83 -3.83 39.95
C SER H 360 27.91 -4.41 38.54
N PHE H 361 27.12 -3.82 37.67
CA PHE H 361 26.99 -4.30 36.31
C PHE H 361 28.32 -4.17 35.59
N PHE H 362 28.96 -3.01 35.73
CA PHE H 362 30.22 -2.84 35.02
C PHE H 362 31.42 -3.39 35.77
N SER H 363 31.21 -4.22 36.80
CA SER H 363 32.31 -4.96 37.42
C SER H 363 32.02 -6.46 37.40
N HIS H 364 31.03 -6.87 36.58
CA HIS H 364 30.69 -8.27 36.39
C HIS H 364 30.21 -8.58 34.98
N SER H 365 30.37 -7.68 34.00
CA SER H 365 29.77 -7.92 32.68
C SER H 365 30.79 -7.71 31.56
N ILE H 366 30.34 -7.96 30.33
CA ILE H 366 31.23 -7.80 29.17
C ILE H 366 31.42 -6.37 28.68
N TYR H 367 30.64 -5.39 29.17
CA TYR H 367 30.40 -4.15 28.41
C TYR H 367 31.39 -3.02 28.70
N GLY H 368 32.18 -3.12 29.76
CA GLY H 368 33.02 -1.98 30.11
C GLY H 368 33.39 -2.11 31.58
N GLY H 369 33.84 -1.00 32.16
CA GLY H 369 34.22 -1.10 33.56
C GLY H 369 35.52 -1.87 33.79
N GLY H 370 35.50 -2.77 34.79
CA GLY H 370 36.67 -3.52 35.26
C GLY H 370 36.53 -3.87 36.74
N GLY H 371 37.64 -4.22 37.38
CA GLY H 371 37.56 -4.49 38.80
C GLY H 371 37.37 -3.20 39.58
N PRO H 372 37.01 -3.30 40.86
CA PRO H 372 36.63 -2.08 41.61
C PRO H 372 37.75 -1.06 41.72
N GLY H 373 38.99 -1.52 41.64
CA GLY H 373 40.12 -0.63 41.89
C GLY H 373 40.34 0.44 40.83
N ILE H 374 39.78 0.29 39.63
CA ILE H 374 40.07 1.24 38.55
C ILE H 374 39.03 2.36 38.45
N PHE H 375 38.02 2.37 39.33
CA PHE H 375 36.96 3.37 39.27
C PHE H 375 37.33 4.61 40.06
N HIS H 376 36.56 5.66 39.82
CA HIS H 376 36.83 6.96 40.41
C HIS H 376 35.66 7.88 40.04
N GLY H 377 35.67 9.10 40.59
CA GLY H 377 34.51 9.98 40.41
C GLY H 377 34.41 10.61 39.03
N ASN H 378 35.44 10.50 38.21
CA ASN H 378 35.43 11.01 36.85
C ASN H 378 35.18 9.89 35.86
N HIS H 379 34.75 8.73 36.35
CA HIS H 379 34.41 7.59 35.50
C HIS H 379 32.91 7.66 35.19
N VAL H 380 32.51 7.35 33.94
CA VAL H 380 31.08 7.48 33.63
C VAL H 380 30.22 6.58 34.55
N VAL H 381 30.77 5.44 34.98
CA VAL H 381 29.98 4.51 35.79
C VAL H 381 29.75 5.05 37.20
N THR H 382 30.77 5.65 37.82
CA THR H 382 30.72 5.94 39.25
C THR H 382 30.76 7.44 39.54
N ARG H 383 30.35 8.30 38.59
CA ARG H 383 30.31 9.74 38.81
C ARG H 383 29.06 10.23 39.54
N HIS H 384 28.00 9.41 39.61
CA HIS H 384 26.64 9.91 39.84
C HIS H 384 26.33 10.31 41.27
N SER H 385 26.84 9.57 42.22
CA SER H 385 26.68 9.98 43.60
C SER H 385 27.60 11.17 43.90
N LYS H 386 27.11 12.14 44.65
CA LYS H 386 27.90 13.37 44.83
C LYS H 386 28.78 13.27 46.07
N GLY H 387 29.67 12.25 46.07
CA GLY H 387 30.72 12.12 47.07
C GLY H 387 30.52 11.00 48.05
N PHE H 388 29.39 10.30 48.00
CA PHE H 388 29.08 9.36 49.06
C PHE H 388 29.39 7.92 48.68
N ALA H 389 29.79 7.65 47.44
CA ALA H 389 29.98 6.27 47.03
C ALA H 389 31.44 5.87 46.98
N LEU H 390 32.33 6.70 46.37
CA LEU H 390 33.71 6.25 46.17
C LEU H 390 34.50 6.00 47.45
N PRO H 391 34.25 6.65 48.59
CA PRO H 391 34.99 6.24 49.79
C PRO H 391 34.81 4.77 50.11
N CYS H 392 33.68 4.18 49.72
CA CYS H 392 33.48 2.76 49.97
C CYS H 392 34.44 1.94 49.15
N VAL H 393 34.71 2.38 47.94
CA VAL H 393 35.57 1.61 47.05
C VAL H 393 37.02 1.68 47.53
N ALA H 394 37.45 2.85 47.98
CA ALA H 394 38.77 2.94 48.60
C ALA H 394 38.93 1.98 49.78
N ALA H 395 37.93 1.95 50.68
CA ALA H 395 38.01 1.04 51.83
C ALA H 395 38.03 -0.40 51.38
N ALA H 396 37.16 -0.74 50.42
CA ALA H 396 37.08 -2.11 49.95
C ALA H 396 38.41 -2.60 49.41
N MET H 397 39.10 -1.79 48.57
CA MET H 397 40.35 -2.27 47.99
C MET H 397 41.46 -2.33 49.02
N CYS H 398 41.36 -1.57 50.13
CA CYS H 398 42.29 -1.81 51.23
C CYS H 398 42.13 -3.21 51.82
N LEU H 399 40.91 -3.75 51.79
CA LEU H 399 40.56 -5.00 52.48
C LEU H 399 40.71 -6.21 51.58
N ASP H 400 40.94 -6.01 50.29
CA ASP H 400 41.18 -7.11 49.37
C ASP H 400 42.53 -7.76 49.66
N ALA H 401 42.50 -9.07 49.87
CA ALA H 401 43.71 -9.80 50.24
C ALA H 401 44.41 -10.46 49.05
N GLY H 402 43.94 -10.23 47.83
CA GLY H 402 44.65 -10.72 46.65
C GLY H 402 43.79 -11.46 45.67
N THR H 403 42.60 -10.95 45.43
CA THR H 403 41.66 -11.61 44.55
C THR H 403 41.54 -10.92 43.19
N GLN H 404 42.16 -9.76 43.01
CA GLN H 404 42.01 -8.95 41.81
C GLN H 404 43.17 -9.15 40.83
N MET H 405 42.85 -9.14 39.53
CA MET H 405 43.91 -9.07 38.51
C MET H 405 44.48 -7.66 38.41
N PHE H 406 43.60 -6.65 38.39
CA PHE H 406 44.00 -5.24 38.36
C PHE H 406 44.07 -4.74 39.80
N SER H 407 45.07 -5.25 40.48
CA SER H 407 45.37 -5.02 41.87
C SER H 407 46.13 -3.71 42.03
N VAL H 408 46.29 -3.28 43.27
CA VAL H 408 47.10 -2.08 43.54
C VAL H 408 48.50 -2.23 42.93
N GLU H 409 49.10 -3.41 43.07
CA GLU H 409 50.44 -3.62 42.54
C GLU H 409 50.46 -3.46 41.03
N LYS H 410 49.45 -3.95 40.35
CA LYS H 410 49.39 -3.86 38.90
C LYS H 410 49.08 -2.44 38.41
N THR H 411 48.16 -1.72 39.05
CA THR H 411 47.77 -0.44 38.47
C THR H 411 48.54 0.72 39.05
N SER H 412 49.09 0.56 40.26
CA SER H 412 49.50 1.67 41.11
C SER H 412 50.82 1.35 41.79
N GLY H 413 51.67 0.58 41.09
CA GLY H 413 52.83 -0.08 41.68
C GLY H 413 53.89 0.83 42.26
N LEU H 414 54.05 2.03 41.70
CA LEU H 414 55.04 2.99 42.16
C LEU H 414 54.44 4.17 42.93
N ILE H 415 53.10 4.29 42.95
CA ILE H 415 52.38 5.42 43.55
C ILE H 415 52.70 5.58 45.03
N GLY H 416 52.72 4.47 45.78
CA GLY H 416 53.11 4.53 47.18
C GLY H 416 54.52 5.04 47.39
N SER H 417 55.48 4.54 46.62
CA SER H 417 56.86 4.98 46.84
C SER H 417 57.04 6.44 46.43
N VAL H 418 56.21 6.93 45.50
CA VAL H 418 56.34 8.32 45.05
C VAL H 418 55.57 9.28 45.94
N TYR H 419 54.33 8.96 46.34
CA TYR H 419 53.47 9.93 47.02
C TYR H 419 53.23 9.67 48.50
N SER H 420 53.43 8.46 49.00
CA SER H 420 52.89 8.17 50.32
C SER H 420 53.71 8.78 51.47
N GLU H 421 54.87 9.32 51.19
CA GLU H 421 55.63 9.99 52.24
C GLU H 421 55.07 11.38 52.59
N ILE H 422 54.12 11.88 51.80
CA ILE H 422 53.42 13.12 52.10
C ILE H 422 52.43 12.90 53.24
N ASP H 423 52.66 13.52 54.40
CA ASP H 423 51.91 13.15 55.60
C ASP H 423 50.40 13.36 55.40
N TYR H 424 50.00 14.51 54.84
CA TYR H 424 48.58 14.82 54.64
C TYR H 424 47.94 13.85 53.65
N PHE H 425 48.70 13.32 52.68
CA PHE H 425 48.10 12.33 51.77
C PHE H 425 47.89 11.02 52.51
N ARG H 426 48.93 10.57 53.20
CA ARG H 426 48.94 9.23 53.81
C ARG H 426 48.05 9.16 55.03
N GLU H 427 48.04 10.20 55.86
CA GLU H 427 47.32 10.17 57.13
C GLU H 427 46.38 11.37 57.20
N PRO H 428 45.37 11.40 56.36
CA PRO H 428 44.57 12.63 56.24
C PRO H 428 43.73 12.90 57.49
N ILE H 429 43.25 11.86 58.18
CA ILE H 429 42.33 12.09 59.28
C ILE H 429 42.99 12.90 60.37
N VAL H 430 44.13 12.42 60.86
CA VAL H 430 44.78 13.10 61.97
C VAL H 430 45.19 14.51 61.55
N ASN H 431 45.57 14.70 60.28
CA ASN H 431 46.08 16.02 59.90
C ASN H 431 44.96 17.01 59.64
N VAL H 432 43.81 16.51 59.16
CA VAL H 432 42.65 17.40 59.02
C VAL H 432 42.17 17.81 60.41
N ALA H 433 42.25 16.90 61.38
CA ALA H 433 41.86 17.25 62.76
C ALA H 433 42.78 18.32 63.32
N LYS H 434 44.08 18.21 63.02
CA LYS H 434 45.02 19.24 63.43
C LYS H 434 44.68 20.58 62.77
N GLY H 435 44.31 20.57 61.49
CA GLY H 435 43.89 21.81 60.84
C GLY H 435 42.65 22.39 61.47
N ALA H 436 41.67 21.52 61.83
CA ALA H 436 40.45 21.98 62.48
C ALA H 436 40.74 22.63 63.81
N ALA H 437 41.68 22.07 64.58
CA ALA H 437 42.04 22.67 65.86
C ALA H 437 42.65 24.06 65.68
N GLU H 438 43.42 24.25 64.60
CA GLU H 438 44.07 25.54 64.36
C GLU H 438 43.08 26.68 64.09
N ILE H 439 41.92 26.40 63.48
CA ILE H 439 41.00 27.46 63.06
C ILE H 439 39.69 27.43 63.83
N LYS H 440 39.47 26.44 64.67
CA LYS H 440 38.21 26.32 65.43
C LYS H 440 37.71 27.59 66.11
N ASP H 441 38.59 28.42 66.65
CA ASP H 441 38.14 29.59 67.40
C ASP H 441 38.10 30.84 66.54
N GLN H 442 38.47 30.71 65.26
CA GLN H 442 38.37 31.79 64.31
C GLN H 442 37.03 31.80 63.61
N LEU H 443 36.31 30.67 63.61
CA LEU H 443 34.97 30.60 63.05
C LEU H 443 33.95 31.22 64.03
N SER I 2 17.24 -0.46 72.44
CA SER I 2 17.10 -1.70 71.66
C SER I 2 16.34 -1.34 70.36
N TYR I 3 16.32 -2.24 69.37
CA TYR I 3 15.66 -1.98 68.08
C TYR I 3 15.15 -3.29 67.49
N LYS I 4 13.87 -3.34 67.13
CA LYS I 4 13.27 -4.50 66.47
C LYS I 4 13.19 -4.24 64.96
N ALA I 5 13.96 -4.99 64.17
CA ALA I 5 13.96 -4.78 62.73
C ALA I 5 12.58 -5.05 62.12
N GLN I 6 12.24 -4.30 61.04
CA GLN I 6 10.95 -4.36 60.35
C GLN I 6 10.96 -5.11 59.02
N TYR I 7 12.13 -5.09 58.31
CA TYR I 7 12.50 -5.80 57.07
C TYR I 7 11.80 -5.21 55.83
N THR I 8 10.48 -5.12 55.85
CA THR I 8 9.80 -4.59 54.67
C THR I 8 8.36 -4.23 55.03
N PRO I 9 7.78 -3.25 54.35
CA PRO I 9 6.39 -2.87 54.61
C PRO I 9 5.41 -3.79 53.91
N GLY I 10 4.17 -3.77 54.36
CA GLY I 10 3.11 -4.46 53.64
C GLY I 10 2.18 -5.23 54.55
N GLU I 11 0.93 -5.34 54.13
CA GLU I 11 -0.14 -5.87 54.97
C GLU I 11 -0.58 -7.23 54.50
N THR I 12 0.00 -7.77 53.42
CA THR I 12 -0.45 -9.05 52.83
C THR I 12 0.48 -10.21 53.20
N ARG I 13 0.05 -11.41 52.83
CA ARG I 13 0.88 -12.60 53.07
C ARG I 13 2.20 -12.53 52.31
N ILE I 14 2.17 -11.89 51.12
CA ILE I 14 3.38 -11.79 50.33
C ILE I 14 4.42 -11.00 51.10
N ALA I 15 3.99 -9.88 51.69
CA ALA I 15 4.93 -9.08 52.48
C ALA I 15 5.48 -9.89 53.65
N GLU I 16 4.61 -10.62 54.36
CA GLU I 16 5.08 -11.36 55.51
C GLU I 16 6.04 -12.47 55.08
N ASN I 17 5.77 -13.12 53.93
CA ASN I 17 6.75 -14.06 53.40
C ASN I 17 8.12 -13.42 53.19
N ARG I 18 8.16 -12.22 52.62
CA ARG I 18 9.42 -11.49 52.43
C ARG I 18 10.10 -11.24 53.76
N ARG I 19 9.33 -10.85 54.77
CA ARG I 19 9.95 -10.57 56.06
C ARG I 19 10.52 -11.85 56.67
N LYS I 20 9.81 -12.95 56.52
CA LYS I 20 10.32 -14.20 57.06
C LYS I 20 11.64 -14.56 56.40
N HIS I 21 11.74 -14.36 55.10
CA HIS I 21 12.98 -14.73 54.43
C HIS I 21 14.14 -13.91 54.98
N MET I 22 13.89 -12.62 55.24
CA MET I 22 14.96 -11.72 55.62
C MET I 22 15.34 -11.85 57.08
N ASN I 23 14.39 -12.18 57.95
CA ASN I 23 14.61 -12.23 59.38
C ASN I 23 15.59 -13.34 59.75
N PRO I 24 16.79 -13.02 60.23
CA PRO I 24 17.78 -14.06 60.51
C PRO I 24 17.35 -15.02 61.59
N ASP I 25 16.40 -14.63 62.44
CA ASP I 25 15.91 -15.47 63.53
C ASP I 25 14.72 -16.31 63.13
N TYR I 26 14.24 -16.18 61.88
CA TYR I 26 13.22 -17.06 61.32
C TYR I 26 13.92 -18.28 60.74
N GLU I 27 13.59 -19.46 61.26
CA GLU I 27 14.30 -20.63 60.77
C GLU I 27 13.64 -21.13 59.49
N LEU I 28 14.38 -21.11 58.38
CA LEU I 28 13.83 -21.56 57.10
C LEU I 28 13.53 -23.06 57.18
N ARG I 29 12.36 -23.48 56.72
CA ARG I 29 11.97 -24.89 56.84
C ARG I 29 12.77 -25.71 55.84
N LYS I 30 13.24 -26.88 56.26
CA LYS I 30 13.95 -27.74 55.34
C LYS I 30 12.94 -28.64 54.60
N LEU I 31 12.93 -28.60 53.26
CA LEU I 31 11.98 -29.39 52.49
C LEU I 31 12.59 -30.67 51.92
N ARG I 32 13.92 -30.74 51.84
CA ARG I 32 14.61 -31.87 51.24
C ARG I 32 16.01 -31.91 51.81
N GLU I 33 16.71 -33.01 51.58
CA GLU I 33 18.14 -33.07 51.89
C GLU I 33 18.93 -33.44 50.65
N ILE I 34 20.11 -32.86 50.56
CA ILE I 34 21.04 -33.18 49.49
C ILE I 34 22.37 -33.47 50.14
N SER I 35 23.08 -34.46 49.63
CA SER I 35 24.38 -34.80 50.24
C SER I 35 25.44 -33.73 49.89
N ASP I 36 26.52 -33.71 50.70
CA ASP I 36 27.61 -32.77 50.42
C ASP I 36 28.19 -33.05 49.04
N GLU I 37 28.36 -34.31 48.71
CA GLU I 37 28.88 -34.69 47.42
C GLU I 37 27.99 -34.19 46.28
N ASP I 38 26.69 -34.50 46.35
CA ASP I 38 25.79 -34.09 45.27
C ASP I 38 25.71 -32.56 45.14
N LEU I 39 25.76 -31.84 46.24
CA LEU I 39 25.75 -30.38 46.11
C LEU I 39 27.01 -29.88 45.40
N VAL I 40 28.19 -30.41 45.80
CA VAL I 40 29.45 -30.06 45.16
C VAL I 40 29.43 -30.38 43.68
N LYS I 41 28.83 -31.54 43.30
CA LYS I 41 28.73 -31.97 41.91
C LYS I 41 27.87 -31.01 41.08
N VAL I 42 26.74 -30.55 41.66
CA VAL I 42 25.86 -29.66 40.91
C VAL I 42 26.49 -28.27 40.79
N LEU I 43 27.14 -27.79 41.85
CA LEU I 43 27.91 -26.55 41.73
C LEU I 43 28.90 -26.63 40.57
N GLY I 44 29.58 -27.78 40.43
CA GLY I 44 30.42 -27.97 39.27
C GLY I 44 31.80 -27.35 39.36
N HIS I 45 32.21 -26.81 40.49
CA HIS I 45 33.53 -26.17 40.54
C HIS I 45 34.69 -27.08 40.93
N ARG I 46 34.43 -28.12 41.70
CA ARG I 46 35.51 -28.97 42.20
C ARG I 46 34.94 -30.36 42.30
N ASN I 47 35.84 -31.37 42.48
CA ASN I 47 35.33 -32.67 42.82
C ASN I 47 35.39 -32.85 44.32
N PRO I 48 34.42 -33.53 44.94
CA PRO I 48 34.50 -33.73 46.40
C PRO I 48 35.74 -34.52 46.75
N GLY I 49 36.35 -34.17 47.89
CA GLY I 49 37.58 -34.79 48.30
C GLY I 49 38.83 -34.05 47.87
N GLU I 50 38.74 -33.20 46.84
CA GLU I 50 39.86 -32.38 46.43
C GLU I 50 40.08 -31.24 47.44
N SER I 51 41.35 -30.95 47.73
CA SER I 51 41.67 -29.80 48.57
C SER I 51 41.06 -28.52 47.98
N TYR I 52 40.55 -27.65 48.85
CA TYR I 52 40.08 -26.35 48.35
C TYR I 52 41.26 -25.61 47.76
N LYS I 53 41.02 -24.92 46.64
CA LYS I 53 42.11 -24.25 45.93
C LYS I 53 42.15 -22.79 46.29
N SER I 54 43.36 -22.27 46.50
CA SER I 54 43.50 -20.88 46.91
C SER I 54 43.57 -19.92 45.72
N VAL I 55 43.31 -18.66 46.01
CA VAL I 55 43.62 -17.61 45.05
C VAL I 55 44.73 -16.71 45.57
N HIS I 56 44.99 -16.72 46.88
CA HIS I 56 46.09 -15.99 47.49
C HIS I 56 46.52 -16.71 48.75
N PRO I 57 47.69 -16.35 49.30
CA PRO I 57 48.19 -17.04 50.52
C PRO I 57 47.27 -16.84 51.71
N PRO I 58 47.48 -17.61 52.79
CA PRO I 58 46.66 -17.45 53.99
C PRO I 58 46.67 -16.01 54.47
N LEU I 59 45.51 -15.61 55.03
CA LEU I 59 45.24 -14.22 55.36
C LEU I 59 46.27 -13.67 56.33
N ASP I 60 46.75 -14.51 57.23
CA ASP I 60 47.68 -13.98 58.21
C ASP I 60 49.03 -13.60 57.59
N GLU I 61 49.25 -13.83 56.29
CA GLU I 61 50.46 -13.31 55.64
C GLU I 61 50.22 -11.98 54.95
N MET I 62 48.99 -11.46 54.95
CA MET I 62 48.71 -10.19 54.31
C MET I 62 48.57 -9.05 55.32
N ASP I 63 48.56 -9.35 56.63
CA ASP I 63 48.17 -8.39 57.68
C ASP I 63 49.30 -7.96 58.59
N PHE I 64 50.49 -7.65 58.04
CA PHE I 64 51.59 -7.29 58.93
C PHE I 64 51.43 -5.89 59.53
N GLU I 65 50.92 -4.92 58.77
CA GLU I 65 50.91 -3.53 59.21
C GLU I 65 49.59 -3.22 59.92
N GLU I 66 49.66 -2.43 60.98
CA GLU I 66 48.49 -2.23 61.82
C GLU I 66 47.36 -1.53 61.06
N ASP I 67 46.16 -2.10 61.16
CA ASP I 67 44.96 -1.47 60.64
C ASP I 67 43.88 -1.85 61.66
N ILE I 68 43.62 -0.93 62.57
CA ILE I 68 42.72 -1.24 63.68
C ILE I 68 41.32 -1.56 63.18
N VAL I 69 40.84 -0.79 62.20
CA VAL I 69 39.50 -1.01 61.66
C VAL I 69 39.39 -2.35 60.96
N ARG I 70 40.38 -2.73 60.15
CA ARG I 70 40.40 -4.04 59.50
C ARG I 70 40.23 -5.15 60.51
N ASP I 71 40.93 -5.04 61.62
CA ASP I 71 40.91 -6.10 62.61
C ASP I 71 39.69 -6.10 63.49
N LEU I 72 38.80 -5.10 63.36
CA LEU I 72 37.51 -5.17 64.01
C LEU I 72 36.62 -6.23 63.35
N VAL I 73 36.88 -6.60 62.10
CA VAL I 73 35.97 -7.42 61.32
C VAL I 73 36.50 -8.86 61.24
N GLU I 74 35.68 -9.81 61.67
CA GLU I 74 36.06 -11.24 61.58
C GLU I 74 35.99 -11.72 60.13
N PRO I 75 37.06 -12.24 59.58
CA PRO I 75 36.98 -12.80 58.22
C PRO I 75 36.28 -14.15 58.24
N ILE I 76 35.62 -14.47 57.15
CA ILE I 76 34.98 -15.78 57.09
C ILE I 76 36.08 -16.81 56.85
N GLN I 77 35.77 -18.07 57.11
CA GLN I 77 36.82 -19.09 57.13
C GLN I 77 37.49 -19.21 55.76
N GLY I 78 36.70 -19.10 54.67
CA GLY I 78 37.28 -19.16 53.35
C GLY I 78 38.26 -18.03 53.10
N ALA I 79 38.04 -16.86 53.70
CA ALA I 79 38.99 -15.77 53.53
C ALA I 79 40.27 -16.04 54.30
N LYS I 80 40.16 -16.65 55.51
CA LYS I 80 41.33 -16.97 56.31
C LYS I 80 42.30 -17.85 55.53
N GLU I 81 41.76 -18.79 54.77
CA GLU I 81 42.50 -19.79 54.05
C GLU I 81 42.84 -19.37 52.62
N GLY I 82 42.35 -18.21 52.16
CA GLY I 82 42.66 -17.71 50.82
C GLY I 82 41.94 -18.45 49.71
N VAL I 83 40.85 -19.14 50.04
CA VAL I 83 40.15 -19.95 49.05
C VAL I 83 39.64 -19.07 47.92
N ARG I 84 39.70 -19.60 46.70
CA ARG I 84 39.08 -18.91 45.59
C ARG I 84 37.58 -18.60 45.76
N VAL I 85 37.10 -17.59 45.01
CA VAL I 85 35.70 -17.19 45.00
C VAL I 85 34.95 -17.97 43.92
N ARG I 86 33.81 -18.54 44.26
CA ARG I 86 33.00 -19.24 43.28
C ARG I 86 31.55 -18.79 43.45
N TYR I 87 30.63 -19.38 42.68
CA TYR I 87 29.29 -18.83 42.59
C TYR I 87 28.22 -19.92 42.62
N ILE I 88 26.99 -19.53 42.98
CA ILE I 88 25.82 -20.31 42.60
C ILE I 88 24.82 -19.32 42.04
N GLN I 89 24.04 -19.76 41.08
CA GLN I 89 23.11 -18.88 40.38
CA GLN I 89 23.11 -18.89 40.39
C GLN I 89 21.77 -19.57 40.23
N PHE I 90 20.68 -18.81 40.44
CA PHE I 90 19.34 -19.39 40.33
C PHE I 90 18.50 -18.54 39.39
N ALA I 91 17.66 -19.19 38.59
CA ALA I 91 16.48 -18.56 38.00
C ALA I 91 15.24 -18.97 38.78
N ASP I 92 14.31 -18.03 39.00
CA ASP I 92 13.09 -18.27 39.77
C ASP I 92 11.89 -17.99 38.89
N SER I 93 11.04 -18.98 38.70
CA SER I 93 9.86 -18.73 37.88
C SER I 93 8.97 -17.65 38.46
N MET I 94 8.46 -16.77 37.57
CA MET I 94 7.43 -15.83 37.96
C MET I 94 6.10 -16.50 38.28
N TYR I 95 5.97 -17.81 38.05
CA TYR I 95 4.78 -18.53 38.49
C TYR I 95 4.98 -19.03 39.93
N ASN I 96 5.18 -18.05 40.83
CA ASN I 96 5.19 -18.25 42.29
C ASN I 96 6.36 -19.11 42.77
N ALA I 97 7.55 -19.03 42.14
CA ALA I 97 8.72 -19.67 42.75
C ALA I 97 8.85 -19.19 44.19
N PRO I 98 9.35 -20.02 45.12
CA PRO I 98 9.26 -19.66 46.54
C PRO I 98 10.24 -18.56 46.94
N ALA I 99 11.26 -18.32 46.13
CA ALA I 99 12.15 -17.17 46.32
C ALA I 99 12.17 -16.39 45.02
N GLN I 100 12.53 -15.10 45.10
CA GLN I 100 12.50 -14.22 43.93
C GLN I 100 13.72 -13.32 44.01
N PRO I 101 14.13 -12.67 42.89
CA PRO I 101 15.52 -12.11 42.84
C PRO I 101 15.92 -11.08 43.93
N TYR I 102 15.17 -9.98 44.10
CA TYR I 102 15.54 -9.02 45.14
C TYR I 102 15.26 -9.57 46.54
N ASP I 103 14.24 -10.40 46.68
CA ASP I 103 14.01 -11.10 47.95
C ASP I 103 15.27 -11.87 48.36
N ARG I 104 15.89 -12.58 47.39
CA ARG I 104 17.17 -13.26 47.63
C ARG I 104 18.25 -12.30 48.12
N ALA I 105 18.49 -11.23 47.35
CA ALA I 105 19.57 -10.31 47.69
C ALA I 105 19.38 -9.78 49.10
N ARG I 106 18.14 -9.37 49.42
CA ARG I 106 17.85 -8.81 50.76
C ARG I 106 18.01 -9.88 51.84
N THR I 107 17.56 -11.10 51.55
CA THR I 107 17.78 -12.21 52.49
C THR I 107 19.26 -12.45 52.71
N TYR I 108 20.05 -12.48 51.61
CA TYR I 108 21.47 -12.81 51.76
C TYR I 108 22.19 -11.78 52.60
N MET I 109 21.90 -10.48 52.37
CA MET I 109 22.63 -9.39 53.05
C MET I 109 22.26 -9.27 54.53
N TRP I 110 21.12 -9.82 54.94
CA TRP I 110 20.76 -9.91 56.35
C TRP I 110 21.36 -11.16 57.01
N ARG I 111 21.32 -12.30 56.32
CA ARG I 111 21.65 -13.57 56.95
C ARG I 111 23.10 -13.96 56.83
N TYR I 112 23.81 -13.58 55.76
CA TYR I 112 25.11 -14.19 55.45
C TYR I 112 26.20 -13.14 55.43
N ARG I 113 27.41 -13.61 55.68
CA ARG I 113 28.58 -12.75 55.83
C ARG I 113 29.42 -12.87 54.56
N GLY I 114 30.02 -11.75 54.13
CA GLY I 114 30.99 -11.81 53.04
C GLY I 114 30.37 -12.17 51.70
N VAL I 115 29.31 -11.45 51.37
CA VAL I 115 28.43 -11.71 50.23
C VAL I 115 28.75 -10.75 49.09
N ASP I 116 28.83 -11.27 47.85
CA ASP I 116 28.76 -10.47 46.61
C ASP I 116 27.54 -10.98 45.84
N THR I 117 26.46 -10.21 45.76
CA THR I 117 25.27 -10.83 45.16
C THR I 117 24.69 -9.91 44.09
N GLY I 118 24.32 -10.49 42.94
CA GLY I 118 23.79 -9.70 41.81
C GLY I 118 22.39 -10.10 41.47
N THR I 119 21.50 -9.11 41.31
CA THR I 119 20.10 -9.37 41.01
C THR I 119 19.78 -8.95 39.59
N LEU I 120 19.11 -9.84 38.85
CA LEU I 120 18.69 -9.55 37.47
C LEU I 120 17.28 -10.14 37.36
N SER I 121 16.57 -9.81 36.28
CA SER I 121 15.22 -10.35 36.13
C SER I 121 15.25 -11.87 35.98
N GLY I 122 16.25 -12.40 35.24
CA GLY I 122 16.28 -13.80 34.88
C GLY I 122 17.21 -14.69 35.70
N ARG I 123 18.00 -14.15 36.61
CA ARG I 123 18.85 -14.99 37.43
C ARG I 123 19.32 -14.18 38.61
N GLN I 124 19.79 -14.86 39.66
CA GLN I 124 20.32 -14.17 40.82
C GLN I 124 21.56 -14.92 41.25
N VAL I 125 22.68 -14.23 41.41
CA VAL I 125 23.97 -14.88 41.62
C VAL I 125 24.47 -14.51 43.00
N ILE I 126 25.16 -15.45 43.65
CA ILE I 126 26.04 -15.14 44.80
C ILE I 126 27.42 -15.62 44.45
N GLU I 127 28.42 -14.77 44.64
CA GLU I 127 29.82 -15.14 44.56
C GLU I 127 30.39 -15.02 45.95
N MET I 128 31.08 -16.06 46.42
CA MET I 128 31.55 -16.11 47.80
C MET I 128 32.76 -17.02 47.85
N ARG I 129 33.61 -16.81 48.87
CA ARG I 129 34.70 -17.77 49.12
C ARG I 129 34.11 -19.17 49.08
N GLU I 130 34.72 -20.04 48.27
CA GLU I 130 34.04 -21.27 47.87
C GLU I 130 33.74 -22.14 49.07
N LEU I 131 34.62 -22.14 50.05
CA LEU I 131 34.40 -22.92 51.26
C LEU I 131 33.07 -22.52 51.87
N ASP I 132 32.84 -21.21 52.01
CA ASP I 132 31.63 -20.75 52.68
C ASP I 132 30.43 -20.80 51.75
N LEU I 133 30.66 -20.62 50.43
CA LEU I 133 29.60 -20.81 49.44
C LEU I 133 28.93 -22.16 49.60
N GLU I 134 29.70 -23.19 49.88
CA GLU I 134 29.10 -24.52 49.91
C GLU I 134 28.14 -24.66 51.07
N GLY I 135 28.48 -24.07 52.22
CA GLY I 135 27.54 -24.08 53.35
C GLY I 135 26.27 -23.30 53.05
N VAL I 136 26.43 -22.08 52.50
CA VAL I 136 25.26 -21.27 52.13
C VAL I 136 24.42 -22.01 51.10
N SER I 137 25.05 -22.57 50.08
CA SER I 137 24.29 -23.20 49.01
C SER I 137 23.45 -24.37 49.51
N LYS I 138 23.97 -25.18 50.45
CA LYS I 138 23.17 -26.25 51.03
CA LYS I 138 23.17 -26.26 51.04
C LYS I 138 21.84 -25.71 51.54
N GLU I 139 21.89 -24.60 52.27
CA GLU I 139 20.67 -24.02 52.81
C GLU I 139 19.76 -23.51 51.70
N LEU I 140 20.34 -22.94 50.64
CA LEU I 140 19.53 -22.38 49.59
C LEU I 140 18.86 -23.47 48.78
N VAL I 141 19.40 -24.69 48.76
CA VAL I 141 18.78 -25.75 47.96
C VAL I 141 17.92 -26.68 48.83
N GLU I 142 18.25 -26.84 50.13
CA GLU I 142 17.44 -27.73 50.97
C GLU I 142 16.14 -27.12 51.52
N THR I 143 16.05 -25.79 51.61
CA THR I 143 14.97 -25.13 52.35
C THR I 143 13.87 -24.69 51.40
N GLU I 144 12.86 -24.05 51.99
CA GLU I 144 11.69 -23.56 51.27
C GLU I 144 12.05 -22.39 50.35
N LEU I 145 13.33 -22.01 50.25
CA LEU I 145 13.76 -21.07 49.23
C LEU I 145 13.89 -21.75 47.88
N PHE I 146 13.71 -23.07 47.81
CA PHE I 146 13.99 -23.80 46.58
C PHE I 146 12.83 -24.76 46.27
N ASP I 147 12.42 -24.77 45.02
CA ASP I 147 11.42 -25.70 44.51
C ASP I 147 12.02 -26.24 43.22
N PRO I 148 12.26 -27.54 43.07
CA PRO I 148 13.00 -27.99 41.88
C PRO I 148 12.25 -27.74 40.59
N ALA I 149 10.91 -27.52 40.64
CA ALA I 149 10.20 -27.22 39.40
C ALA I 149 10.32 -25.75 39.00
N THR I 150 10.38 -24.84 39.95
CA THR I 150 10.31 -23.42 39.66
C THR I 150 11.61 -22.68 40.00
N THR I 151 12.61 -23.35 40.56
CA THR I 151 13.88 -22.73 40.91
C THR I 151 14.97 -23.49 40.16
N GLY I 152 15.58 -22.89 39.14
CA GLY I 152 16.56 -23.58 38.32
C GLY I 152 17.98 -23.16 38.68
N ILE I 153 18.85 -24.16 38.92
CA ILE I 153 20.26 -23.87 39.14
C ILE I 153 20.93 -23.72 37.77
N ARG I 154 21.46 -22.55 37.45
CA ARG I 154 21.94 -22.34 36.08
C ARG I 154 22.88 -21.14 35.99
N GLY I 155 24.09 -21.38 35.46
CA GLY I 155 25.18 -20.40 35.39
C GLY I 155 25.30 -19.73 34.03
N ALA I 156 24.57 -20.24 33.05
CA ALA I 156 24.70 -19.76 31.69
C ALA I 156 23.44 -20.20 30.96
N THR I 157 23.02 -19.40 29.98
CA THR I 157 21.79 -19.71 29.21
C THR I 157 20.62 -19.88 30.17
N VAL I 158 20.28 -18.78 30.84
CA VAL I 158 19.33 -18.81 31.96
C VAL I 158 17.86 -18.61 31.59
N HIS I 159 17.54 -18.30 30.33
CA HIS I 159 16.18 -18.05 29.87
C HIS I 159 15.21 -18.98 30.58
N GLY I 160 14.11 -18.43 31.10
CA GLY I 160 13.02 -19.29 31.57
C GLY I 160 12.20 -18.70 32.69
N HIS I 161 12.72 -17.70 33.41
CA HIS I 161 11.92 -17.18 34.53
C HIS I 161 10.55 -16.66 34.05
N SER I 162 10.48 -16.11 32.84
CA SER I 162 9.25 -15.50 32.36
C SER I 162 8.45 -16.40 31.43
N LEU I 163 8.92 -17.62 31.19
CA LEU I 163 8.25 -18.49 30.23
C LEU I 163 7.14 -19.29 30.90
N ARG I 164 6.23 -19.76 30.05
CA ARG I 164 5.24 -20.75 30.46
C ARG I 164 5.94 -22.03 30.96
N LEU I 165 5.27 -22.71 31.90
CA LEU I 165 5.84 -23.96 32.42
C LEU I 165 5.67 -25.06 31.37
N ASP I 166 6.50 -26.10 31.47
CA ASP I 166 6.36 -27.17 30.51
C ASP I 166 5.18 -28.07 30.92
N GLU I 167 4.98 -29.18 30.19
CA GLU I 167 3.81 -29.98 30.49
C GLU I 167 3.93 -30.77 31.80
N ASN I 168 5.13 -30.88 32.39
CA ASN I 168 5.20 -31.50 33.70
C ASN I 168 5.25 -30.48 34.83
N GLY I 169 5.04 -29.20 34.51
CA GLY I 169 5.08 -28.15 35.50
C GLY I 169 6.45 -27.61 35.78
N LEU I 170 7.45 -27.96 34.96
CA LEU I 170 8.81 -27.48 35.21
C LEU I 170 9.12 -26.20 34.42
N MET I 171 9.94 -25.34 35.00
CA MET I 171 10.46 -24.20 34.28
C MET I 171 11.30 -24.65 33.08
N PHE I 172 11.16 -23.92 31.99
CA PHE I 172 12.03 -24.05 30.82
C PHE I 172 13.52 -24.01 31.19
N ASP I 173 14.31 -24.81 30.49
CA ASP I 173 15.76 -24.71 30.57
C ASP I 173 16.30 -25.08 29.19
N ALA I 174 16.81 -24.12 28.41
CA ALA I 174 17.30 -24.47 27.07
C ALA I 174 18.39 -25.53 27.14
N LEU I 175 19.14 -25.62 28.23
CA LEU I 175 20.12 -26.71 28.30
C LEU I 175 19.62 -27.99 28.97
N GLN I 176 18.38 -28.01 29.48
CA GLN I 176 17.79 -29.16 30.20
C GLN I 176 18.76 -29.78 31.22
N ARG I 177 19.20 -28.94 32.15
CA ARG I 177 20.10 -29.39 33.20
C ARG I 177 19.39 -30.31 34.16
N TYR I 178 18.05 -30.20 34.24
CA TYR I 178 17.21 -31.14 34.96
C TYR I 178 16.09 -31.66 34.06
N VAL I 179 15.61 -32.86 34.43
CA VAL I 179 14.53 -33.52 33.73
C VAL I 179 13.52 -34.05 34.73
N PHE I 180 12.30 -34.29 34.24
CA PHE I 180 11.25 -34.84 35.07
C PHE I 180 11.33 -36.34 34.95
N ASP I 181 11.43 -37.05 36.08
CA ASP I 181 11.41 -38.52 36.04
C ASP I 181 9.94 -38.93 36.10
N GLU I 182 9.45 -39.44 34.98
CA GLU I 182 8.02 -39.71 34.89
C GLU I 182 7.62 -40.89 35.76
N GLU I 183 8.53 -41.83 36.00
CA GLU I 183 8.19 -42.97 36.86
C GLU I 183 8.07 -42.55 38.33
N THR I 184 8.82 -41.54 38.78
CA THR I 184 8.83 -41.18 40.20
C THR I 184 8.17 -39.83 40.46
N GLY I 185 8.04 -38.99 39.47
CA GLY I 185 7.56 -37.67 39.80
C GLY I 185 8.63 -36.77 40.35
N HIS I 186 9.89 -37.20 40.39
CA HIS I 186 10.94 -36.32 40.90
C HIS I 186 11.61 -35.51 39.79
N VAL I 187 12.17 -34.38 40.18
CA VAL I 187 13.01 -33.59 39.31
C VAL I 187 14.47 -34.01 39.57
N VAL I 188 15.20 -34.35 38.52
CA VAL I 188 16.54 -34.92 38.63
C VAL I 188 17.54 -34.07 37.83
N TYR I 189 18.64 -33.66 38.45
CA TYR I 189 19.67 -32.93 37.71
C TYR I 189 20.59 -33.92 36.98
N VAL I 190 20.67 -33.78 35.66
CA VAL I 190 21.56 -34.57 34.85
C VAL I 190 22.79 -33.78 34.40
N LYS I 191 22.83 -32.46 34.65
CA LYS I 191 23.96 -31.60 34.33
C LYS I 191 24.27 -30.69 35.51
N GLU I 192 25.50 -30.16 35.57
CA GLU I 192 25.78 -29.17 36.60
C GLU I 192 25.43 -27.75 36.11
N GLN I 193 25.69 -26.71 36.93
CA GLN I 193 24.99 -25.44 36.66
C GLN I 193 25.47 -24.76 35.36
N VAL I 194 26.65 -25.08 34.82
CA VAL I 194 27.02 -24.49 33.52
C VAL I 194 26.58 -25.40 32.37
N GLY I 195 26.18 -26.64 32.64
CA GLY I 195 25.64 -27.52 31.62
C GLY I 195 26.50 -28.70 31.26
N ARG I 196 27.58 -28.99 32.04
CA ARG I 196 28.33 -30.22 31.77
C ARG I 196 27.58 -31.41 32.34
N PRO I 197 27.57 -32.52 31.62
CA PRO I 197 26.87 -33.72 32.11
C PRO I 197 27.41 -34.23 33.43
N LEU I 198 26.49 -34.66 34.29
CA LEU I 198 26.86 -35.33 35.54
C LEU I 198 27.09 -36.83 35.28
N ASP I 199 28.13 -37.40 35.89
CA ASP I 199 28.32 -38.84 35.81
C ASP I 199 27.19 -39.55 36.55
N GLU I 200 26.73 -38.99 37.64
CA GLU I 200 25.64 -39.60 38.41
C GLU I 200 24.59 -38.53 38.67
N PRO I 201 23.37 -38.72 38.17
CA PRO I 201 22.31 -37.70 38.34
C PRO I 201 22.00 -37.47 39.81
N VAL I 202 21.51 -36.28 40.13
CA VAL I 202 21.19 -35.86 41.49
C VAL I 202 19.69 -35.63 41.61
N ASP I 203 19.02 -36.47 42.42
CA ASP I 203 17.58 -36.36 42.65
C ASP I 203 17.27 -35.15 43.54
N MET I 204 16.44 -34.22 43.06
CA MET I 204 16.09 -33.05 43.85
C MET I 204 14.69 -33.14 44.41
N GLY I 205 14.05 -34.29 44.27
CA GLY I 205 12.76 -34.49 44.90
C GLY I 205 11.58 -34.01 44.08
N GLN I 206 10.39 -33.95 44.79
CA GLN I 206 9.12 -33.63 44.18
C GLN I 206 8.93 -32.13 44.13
N PRO I 207 8.37 -31.64 43.03
CA PRO I 207 7.91 -30.24 42.98
C PRO I 207 6.86 -29.97 44.06
N LEU I 208 6.84 -28.73 44.56
CA LEU I 208 5.77 -28.28 45.42
C LEU I 208 4.46 -28.14 44.63
N ASP I 209 3.32 -28.34 45.30
CA ASP I 209 2.12 -28.16 44.49
C ASP I 209 1.78 -26.67 44.39
N GLU I 210 0.89 -26.37 43.45
CA GLU I 210 0.59 -24.96 43.18
C GLU I 210 0.12 -24.25 44.43
N GLU I 211 -0.67 -24.94 45.28
CA GLU I 211 -1.26 -24.26 46.43
C GLU I 211 -0.18 -23.91 47.45
N GLU I 212 0.78 -24.81 47.65
CA GLU I 212 1.87 -24.49 48.57
C GLU I 212 2.69 -23.31 48.05
N LEU I 213 2.92 -23.23 46.73
CA LEU I 213 3.66 -22.08 46.19
C LEU I 213 2.90 -20.75 46.37
N ARG I 214 1.57 -20.74 46.16
CA ARG I 214 0.77 -19.51 46.38
C ARG I 214 0.88 -19.05 47.83
N LYS I 215 1.03 -20.00 48.77
CA LYS I 215 1.26 -19.76 50.19
C LYS I 215 2.60 -19.14 50.54
N ILE I 216 3.71 -19.61 49.96
CA ILE I 216 5.02 -19.20 50.45
C ILE I 216 5.76 -18.28 49.48
N THR I 217 5.18 -17.97 48.33
CA THR I 217 5.94 -17.17 47.37
C THR I 217 6.05 -15.72 47.81
N THR I 218 7.07 -15.05 47.27
CA THR I 218 7.37 -13.65 47.54
C THR I 218 7.07 -12.76 46.34
N ILE I 219 6.49 -13.31 45.24
CA ILE I 219 6.11 -12.44 44.14
C ILE I 219 4.64 -12.04 44.30
N TYR I 220 4.28 -10.82 43.89
CA TYR I 220 2.87 -10.43 43.79
C TYR I 220 2.37 -10.79 42.41
N ARG I 221 1.20 -11.44 42.32
CA ARG I 221 0.54 -11.74 41.06
C ARG I 221 -0.97 -11.58 41.24
N LYS I 222 -1.66 -10.97 40.26
CA LYS I 222 -3.09 -10.73 40.40
C LYS I 222 -3.88 -12.01 40.71
N ASP I 223 -3.50 -13.15 40.10
CA ASP I 223 -4.25 -14.39 40.36
C ASP I 223 -3.88 -15.08 41.68
N ASN I 224 -3.01 -14.48 42.49
CA ASN I 224 -2.76 -14.94 43.85
C ASN I 224 -3.08 -13.78 44.81
N ILE I 225 -2.09 -12.94 45.09
CA ILE I 225 -2.30 -11.69 45.83
C ILE I 225 -1.69 -10.56 44.99
N ALA I 226 -2.54 -9.64 44.56
CA ALA I 226 -2.12 -8.54 43.71
C ALA I 226 -1.36 -7.50 44.50
N MET I 227 -0.35 -6.91 43.86
CA MET I 227 0.32 -5.73 44.45
C MET I 227 -0.70 -4.66 44.78
N ARG I 228 -1.73 -4.55 43.97
CA ARG I 228 -2.77 -3.52 44.17
C ARG I 228 -3.45 -3.69 45.52
N ASP I 229 -3.50 -4.91 46.03
CA ASP I 229 -4.15 -5.16 47.31
C ASP I 229 -3.28 -4.77 48.50
N ASP I 230 -1.96 -4.65 48.31
CA ASP I 230 -1.12 -4.29 49.44
C ASP I 230 -0.98 -2.77 49.46
N LYS I 231 -2.05 -2.11 49.92
CA LYS I 231 -2.06 -0.65 49.97
C LYS I 231 -0.94 -0.14 50.82
N GLU I 232 -0.60 -0.85 51.91
CA GLU I 232 0.49 -0.44 52.79
C GLU I 232 1.84 -0.41 52.07
N ALA I 233 2.14 -1.45 51.32
CA ALA I 233 3.39 -1.52 50.61
C ALA I 233 3.47 -0.39 49.58
N ILE I 234 2.39 -0.16 48.83
CA ILE I 234 2.41 0.91 47.83
C ILE I 234 2.64 2.23 48.52
N GLU I 235 2.00 2.44 49.68
CA GLU I 235 2.17 3.69 50.40
C GLU I 235 3.63 3.91 50.78
N VAL I 236 4.33 2.87 51.18
CA VAL I 236 5.73 3.06 51.57
C VAL I 236 6.59 3.26 50.33
N VAL I 237 6.32 2.52 49.26
CA VAL I 237 7.06 2.74 48.03
C VAL I 237 6.91 4.19 47.56
N GLU I 238 5.68 4.73 47.59
CA GLU I 238 5.45 6.10 47.17
C GLU I 238 6.19 7.08 48.08
N ASN I 239 6.24 6.77 49.35
CA ASN I 239 6.93 7.63 50.31
C ASN I 239 8.41 7.71 50.01
N ILE I 240 9.01 6.56 49.64
CA ILE I 240 10.42 6.52 49.27
C ILE I 240 10.65 7.36 48.02
N HIS I 241 9.80 7.17 47.02
CA HIS I 241 9.91 7.96 45.82
C HIS I 241 9.81 9.46 46.13
N THR I 242 8.79 9.83 46.88
CA THR I 242 8.54 11.21 47.23
C THR I 242 9.73 11.77 47.98
N GLY I 243 10.21 11.02 48.99
CA GLY I 243 11.37 11.46 49.76
C GLY I 243 12.62 11.66 48.90
N ARG I 244 12.90 10.73 47.97
CA ARG I 244 14.01 10.96 47.08
C ARG I 244 13.81 12.23 46.24
N THR I 245 12.59 12.46 45.75
CA THR I 245 12.30 13.64 44.92
C THR I 245 12.56 14.92 45.71
N MET I 246 12.09 14.94 46.97
CA MET I 246 12.27 16.10 47.83
C MET I 246 13.73 16.35 48.14
N GLY I 247 14.50 15.27 48.40
CA GLY I 247 15.91 15.46 48.70
C GLY I 247 16.68 15.97 47.50
N GLY I 248 16.37 15.46 46.31
CA GLY I 248 17.07 15.91 45.12
C GLY I 248 16.78 17.36 44.81
N PHE I 249 15.52 17.79 45.00
CA PHE I 249 15.16 19.17 44.71
C PHE I 249 15.76 20.08 45.76
N GLY I 250 15.71 19.67 47.03
CA GLY I 250 16.52 20.24 48.09
C GLY I 250 15.98 21.52 48.73
N MET I 251 15.41 22.39 47.93
CA MET I 251 15.14 23.75 48.41
C MET I 251 14.16 23.77 49.56
N ASP I 252 13.26 22.78 49.66
CA ASP I 252 12.34 22.74 50.80
C ASP I 252 12.92 21.97 51.99
N VAL I 253 13.46 20.79 51.75
CA VAL I 253 13.92 20.02 52.92
C VAL I 253 15.15 20.68 53.55
N PHE I 254 15.95 21.41 52.76
CA PHE I 254 17.14 22.10 53.25
C PHE I 254 16.88 23.59 53.48
N LYS I 255 15.62 23.97 53.67
CA LYS I 255 15.30 25.40 53.75
C LYS I 255 16.04 26.09 54.88
N GLU I 256 16.19 25.43 56.05
CA GLU I 256 16.88 26.08 57.16
C GLU I 256 18.37 26.16 56.93
N ASP I 257 18.95 25.19 56.21
CA ASP I 257 20.36 25.31 55.83
C ASP I 257 20.58 26.47 54.87
N LEU I 258 19.72 26.60 53.85
CA LEU I 258 19.80 27.75 52.95
C LEU I 258 19.64 29.06 53.71
N ARG I 259 18.69 29.11 54.66
CA ARG I 259 18.49 30.34 55.42
C ARG I 259 19.78 30.76 56.12
N LYS I 260 20.52 29.79 56.66
CA LYS I 260 21.80 30.14 57.31
C LYS I 260 22.84 30.58 56.30
N ARG I 261 22.87 29.95 55.12
CA ARG I 261 23.80 30.38 54.10
C ARG I 261 23.47 31.78 53.61
N LEU I 262 22.18 32.17 53.63
CA LEU I 262 21.79 33.49 53.17
C LEU I 262 21.91 34.55 54.26
N GLY I 263 22.18 34.17 55.51
CA GLY I 263 22.35 35.16 56.54
C GLY I 263 21.05 35.73 57.06
N ASP I 264 19.95 34.98 56.91
CA ASP I 264 18.58 35.37 57.26
C ASP I 264 18.10 34.90 58.64
N LYS J 5 66.19 7.75 -19.30
CA LYS J 5 64.95 8.44 -19.66
C LYS J 5 64.14 8.80 -18.40
N LYS J 6 63.53 9.97 -18.39
CA LYS J 6 62.75 10.41 -17.24
C LYS J 6 61.53 9.52 -17.09
N LEU J 7 61.20 9.12 -15.85
CA LEU J 7 60.16 8.12 -15.62
C LEU J 7 58.74 8.63 -15.97
N PHE J 8 58.52 9.94 -15.96
CA PHE J 8 57.22 10.49 -16.30
C PHE J 8 56.99 10.66 -17.80
N LEU J 9 58.01 10.47 -18.64
CA LEU J 9 57.83 10.83 -20.05
C LEU J 9 56.81 9.91 -20.72
N LYS J 10 56.84 8.62 -20.42
CA LYS J 10 55.88 7.72 -21.03
C LYS J 10 54.44 8.18 -20.79
N ALA J 11 54.13 8.62 -19.56
CA ALA J 11 52.78 9.11 -19.31
C ALA J 11 52.52 10.45 -20.02
N LEU J 12 53.47 11.36 -20.02
CA LEU J 12 53.25 12.61 -20.72
C LEU J 12 52.93 12.36 -22.19
N LYS J 13 53.65 11.45 -22.83
CA LYS J 13 53.45 11.19 -24.25
C LYS J 13 52.07 10.59 -24.51
N LYS J 14 51.55 9.80 -23.57
CA LYS J 14 50.22 9.24 -23.78
C LYS J 14 49.14 10.27 -23.42
N LYS J 15 49.33 11.05 -22.37
CA LYS J 15 48.33 12.02 -21.98
C LYS J 15 48.21 13.16 -22.99
N PHE J 16 49.32 13.47 -23.68
CA PHE J 16 49.45 14.59 -24.60
C PHE J 16 49.81 14.11 -26.00
N GLU J 17 49.11 13.06 -26.44
CA GLU J 17 49.33 12.38 -27.71
C GLU J 17 49.63 13.30 -28.88
N GLY J 18 50.77 13.10 -29.52
CA GLY J 18 51.10 13.80 -30.75
C GLY J 18 51.64 15.19 -30.54
N GLU J 19 51.70 15.66 -29.31
CA GLU J 19 52.31 16.93 -28.97
C GLU J 19 53.68 16.65 -28.34
N ASP J 20 54.65 17.47 -28.71
CA ASP J 20 55.98 17.44 -28.10
C ASP J 20 55.90 17.84 -26.63
N PRO J 21 56.35 16.99 -25.69
CA PRO J 21 56.32 17.32 -24.26
C PRO J 21 57.11 18.57 -23.91
N GLU J 22 58.04 19.00 -24.75
CA GLU J 22 58.87 20.20 -24.50
C GLU J 22 58.36 21.48 -25.18
N GLU J 23 57.28 21.39 -25.97
CA GLU J 23 56.74 22.55 -26.68
C GLU J 23 55.92 23.43 -25.73
N LYS J 24 56.19 24.75 -25.75
CA LYS J 24 55.58 25.72 -24.84
C LYS J 24 54.19 26.19 -25.25
N SER J 25 53.75 25.87 -26.46
CA SER J 25 52.47 26.34 -26.97
C SER J 25 51.58 25.18 -27.41
N THR J 26 50.28 25.50 -27.48
CA THR J 26 49.24 24.54 -27.80
C THR J 26 48.02 25.32 -28.29
N ASN J 27 46.93 24.61 -28.54
CA ASN J 27 45.63 25.20 -28.86
C ASN J 27 44.60 24.84 -27.80
N PHE J 28 43.72 25.79 -27.51
CA PHE J 28 42.69 25.60 -26.53
C PHE J 28 41.34 25.89 -27.16
N TYR J 29 40.27 25.70 -26.38
CA TYR J 29 38.90 26.14 -26.65
C TYR J 29 38.28 25.37 -27.80
N CYS J 30 38.83 24.20 -28.13
CA CYS J 30 38.47 23.49 -29.35
C CYS J 30 38.09 22.05 -29.04
N PHE J 31 37.65 21.75 -27.82
CA PHE J 31 37.41 20.38 -27.40
C PHE J 31 35.94 20.06 -27.18
N GLY J 32 35.04 21.04 -27.31
CA GLY J 32 33.64 20.84 -27.04
C GLY J 32 33.33 20.93 -25.55
N GLY J 33 34.22 21.51 -24.76
CA GLY J 33 33.90 21.61 -23.35
C GLY J 33 33.77 20.24 -22.67
N TRP J 34 32.76 20.09 -21.82
CA TRP J 34 32.63 18.82 -21.10
C TRP J 34 32.40 17.65 -22.04
N GLU J 35 31.88 17.87 -23.21
CA GLU J 35 31.55 16.74 -24.08
C GLU J 35 32.79 16.02 -24.58
N GLN J 36 33.97 16.58 -24.38
CA GLN J 36 35.17 15.84 -24.73
C GLN J 36 35.39 14.60 -23.85
N SER J 37 34.75 14.51 -22.67
CA SER J 37 35.05 13.50 -21.65
C SER J 37 33.97 12.43 -21.55
N GLU J 38 34.37 11.17 -21.73
CA GLU J 38 33.47 10.05 -21.48
C GLU J 38 32.81 10.14 -20.11
N ARG J 39 33.59 10.43 -19.08
CA ARG J 39 33.06 10.43 -17.73
C ARG J 39 32.09 11.59 -17.53
N LYS J 40 32.46 12.79 -18.01
CA LYS J 40 31.52 13.89 -17.86
C LYS J 40 30.22 13.56 -18.59
N ARG J 41 30.29 12.92 -19.79
CA ARG J 41 29.06 12.60 -20.49
C ARG J 41 28.21 11.63 -19.69
N GLU J 42 28.86 10.62 -19.09
CA GLU J 42 28.14 9.68 -18.25
C GLU J 42 27.46 10.41 -17.10
N PHE J 43 28.17 11.36 -16.48
CA PHE J 43 27.62 12.02 -15.31
C PHE J 43 26.38 12.77 -15.72
N THR J 44 26.48 13.48 -16.84
CA THR J 44 25.38 14.29 -17.32
C THR J 44 24.19 13.41 -17.62
N GLU J 45 24.42 12.23 -18.20
CA GLU J 45 23.28 11.43 -18.55
C GLU J 45 22.62 10.84 -17.30
N TYR J 46 23.41 10.44 -16.30
CA TYR J 46 22.79 10.02 -15.04
C TYR J 46 22.03 11.14 -14.39
N ALA J 47 22.54 12.38 -14.47
CA ALA J 47 21.83 13.46 -13.83
C ALA J 47 20.44 13.60 -14.44
N LYS J 48 20.36 13.53 -15.77
CA LYS J 48 19.07 13.63 -16.40
C LYS J 48 18.17 12.46 -16.03
N LYS J 49 18.71 11.24 -15.97
CA LYS J 49 17.79 10.17 -15.64
C LYS J 49 17.33 10.29 -14.19
N ALA J 50 18.07 11.05 -13.37
CA ALA J 50 17.69 11.17 -11.96
C ALA J 50 16.48 12.09 -11.77
N ALA J 51 16.10 12.83 -12.81
CA ALA J 51 15.00 13.78 -12.71
C ALA J 51 13.73 13.20 -12.08
N GLU J 52 13.34 11.98 -12.45
CA GLU J 52 12.10 11.43 -11.91
C GLU J 52 12.19 11.17 -10.40
N LYS J 53 13.26 10.52 -9.95
CA LYS J 53 13.48 10.26 -8.51
C LYS J 53 13.46 11.57 -7.71
N ARG J 54 14.13 12.61 -8.23
CA ARG J 54 14.27 13.90 -7.56
C ARG J 54 12.99 14.74 -7.60
N GLY J 55 11.99 14.32 -8.38
CA GLY J 55 10.70 15.00 -8.46
C GLY J 55 10.72 16.50 -8.77
N GLY J 56 11.73 16.98 -9.49
CA GLY J 56 11.78 18.41 -9.84
C GLY J 56 12.96 19.14 -9.23
N ILE J 57 13.51 18.62 -8.14
CA ILE J 57 14.70 19.27 -7.56
C ILE J 57 15.83 19.32 -8.60
N PRO J 58 16.36 20.51 -8.92
CA PRO J 58 17.51 20.60 -9.83
C PRO J 58 18.66 19.75 -9.32
N PHE J 59 19.63 19.49 -10.20
CA PHE J 59 20.70 18.54 -9.86
C PHE J 59 21.96 18.91 -10.64
N TYR J 60 22.86 17.95 -10.83
CA TYR J 60 24.08 18.20 -11.59
C TYR J 60 23.73 18.73 -12.98
N ASN J 61 24.38 19.79 -13.37
CA ASN J 61 24.08 20.43 -14.64
C ASN J 61 25.37 21.05 -15.17
N PRO J 62 25.98 20.52 -16.22
CA PRO J 62 27.28 21.06 -16.66
C PRO J 62 27.17 22.49 -17.14
N ASP J 63 25.96 22.99 -17.38
CA ASP J 63 25.78 24.39 -17.74
C ASP J 63 25.67 25.32 -16.54
N ILE J 64 25.73 24.83 -15.31
CA ILE J 64 25.81 25.69 -14.15
C ILE J 64 27.28 26.04 -13.90
N GLY J 65 27.55 27.33 -13.72
CA GLY J 65 28.92 27.73 -13.41
C GLY J 65 29.94 27.43 -14.49
N VAL J 66 31.17 27.14 -14.05
CA VAL J 66 32.36 27.11 -14.92
C VAL J 66 32.16 26.13 -16.08
N PRO J 67 32.46 26.55 -17.31
CA PRO J 67 32.39 25.63 -18.45
C PRO J 67 33.64 24.76 -18.52
N LEU J 68 33.63 23.62 -17.82
CA LEU J 68 34.82 22.78 -17.71
C LEU J 68 35.30 22.40 -19.10
N GLY J 69 36.61 22.18 -19.22
CA GLY J 69 37.13 21.57 -20.44
C GLY J 69 37.40 22.57 -21.53
N GLN J 70 37.74 23.82 -21.16
CA GLN J 70 38.26 24.74 -22.17
C GLN J 70 39.66 24.34 -22.59
N ARG J 71 40.36 23.69 -21.66
CA ARG J 71 41.59 22.97 -21.96
C ARG J 71 41.26 21.49 -22.11
N LYS J 72 42.26 20.71 -22.45
CA LYS J 72 42.05 19.28 -22.53
C LYS J 72 42.02 18.73 -21.11
N LEU J 73 41.01 17.92 -20.83
CA LEU J 73 40.84 17.30 -19.53
C LEU J 73 41.66 16.03 -19.54
N MET J 74 42.58 15.92 -18.58
CA MET J 74 43.61 14.89 -18.66
C MET J 74 43.13 13.54 -18.16
N ALA J 75 43.71 12.48 -18.72
CA ALA J 75 43.73 11.20 -18.06
C ALA J 75 44.98 11.15 -17.18
N TYR J 76 44.95 10.26 -16.20
CA TYR J 76 46.07 10.08 -15.29
C TYR J 76 46.54 8.62 -15.30
N ARG J 77 47.83 8.41 -15.38
CA ARG J 77 48.35 7.05 -15.21
C ARG J 77 48.53 6.80 -13.72
N VAL J 78 47.91 5.77 -13.16
CA VAL J 78 48.25 5.49 -11.77
C VAL J 78 49.69 5.00 -11.77
N SER J 79 50.58 5.69 -11.03
CA SER J 79 52.00 5.37 -11.07
C SER J 79 52.27 3.89 -10.77
N GLY J 80 53.23 3.30 -11.47
CA GLY J 80 53.53 1.90 -11.26
C GLY J 80 52.50 0.92 -11.80
N THR J 81 51.48 1.39 -12.48
CA THR J 81 50.50 0.57 -13.15
C THR J 81 50.48 1.02 -14.60
N ASP J 82 49.69 0.32 -15.39
CA ASP J 82 49.40 0.72 -16.76
C ASP J 82 47.97 1.22 -16.87
N ALA J 83 47.35 1.57 -15.74
CA ALA J 83 45.96 2.03 -15.74
C ALA J 83 45.94 3.55 -16.00
N TYR J 84 45.22 3.94 -17.03
CA TYR J 84 45.03 5.34 -17.41
C TYR J 84 43.55 5.68 -17.26
N VAL J 85 43.23 6.63 -16.38
CA VAL J 85 41.83 6.83 -15.99
C VAL J 85 41.59 8.33 -15.93
N GLU J 86 40.33 8.73 -16.10
CA GLU J 86 40.00 10.12 -15.87
C GLU J 86 40.07 10.41 -14.38
N GLY J 87 40.38 11.70 -14.04
CA GLY J 87 40.50 12.08 -12.64
C GLY J 87 39.27 11.74 -11.82
N ASP J 88 38.10 11.78 -12.46
CA ASP J 88 36.87 11.53 -11.70
C ASP J 88 36.90 10.12 -11.11
N ASP J 89 37.56 9.20 -11.79
CA ASP J 89 37.63 7.81 -11.33
C ASP J 89 38.50 7.65 -10.09
N LEU J 90 39.21 8.72 -9.67
CA LEU J 90 40.07 8.68 -8.49
C LEU J 90 39.47 9.44 -7.32
N HIS J 91 38.31 10.07 -7.51
CA HIS J 91 37.60 10.70 -6.41
C HIS J 91 37.19 9.63 -5.40
N PHE J 92 37.40 9.90 -4.12
CA PHE J 92 37.12 8.84 -3.15
C PHE J 92 35.65 8.41 -3.18
N VAL J 93 34.71 9.32 -3.50
CA VAL J 93 33.31 8.88 -3.52
C VAL J 93 33.09 7.93 -4.67
N ASN J 94 33.83 8.11 -5.76
CA ASN J 94 33.63 7.31 -6.96
C ASN J 94 34.50 6.06 -6.98
N ASN J 95 35.38 5.86 -6.01
CA ASN J 95 36.39 4.84 -6.13
C ASN J 95 36.24 3.91 -4.92
N ALA J 96 35.68 2.73 -5.15
CA ALA J 96 35.37 1.80 -4.06
C ALA J 96 36.62 1.29 -3.36
N ALA J 97 37.77 1.26 -4.07
CA ALA J 97 39.02 0.75 -3.48
C ALA J 97 39.49 1.70 -2.39
N ILE J 98 39.38 3.00 -2.65
CA ILE J 98 39.81 3.98 -1.65
C ILE J 98 38.93 3.87 -0.43
N GLN J 99 37.61 3.78 -0.63
CA GLN J 99 36.70 3.63 0.50
C GLN J 99 37.00 2.34 1.25
N GLN J 100 37.28 1.24 0.54
CA GLN J 100 37.59 0.00 1.27
C GLN J 100 38.95 0.07 1.99
N MET J 101 39.92 0.84 1.49
CA MET J 101 41.17 1.00 2.25
C MET J 101 40.86 1.62 3.60
N VAL J 102 40.13 2.72 3.58
CA VAL J 102 39.81 3.40 4.82
C VAL J 102 38.99 2.48 5.73
N ASP J 103 38.00 1.79 5.17
CA ASP J 103 37.18 0.92 6.03
C ASP J 103 38.00 -0.19 6.66
N ASP J 104 38.91 -0.83 5.90
CA ASP J 104 39.75 -1.89 6.43
C ASP J 104 40.63 -1.40 7.59
N ILE J 105 41.09 -0.15 7.53
CA ILE J 105 41.86 0.43 8.64
C ILE J 105 40.97 0.70 9.82
N LYS J 106 39.83 1.38 9.57
CA LYS J 106 38.87 1.72 10.63
C LYS J 106 38.35 0.49 11.36
N ARG J 107 38.14 -0.61 10.65
CA ARG J 107 37.49 -1.78 11.23
C ARG J 107 38.45 -2.77 11.90
N THR J 108 39.72 -2.43 12.03
CA THR J 108 40.75 -3.28 12.60
C THR J 108 41.11 -2.79 13.99
N VAL J 109 41.16 -3.72 14.93
CA VAL J 109 41.79 -3.48 16.23
C VAL J 109 42.59 -4.73 16.64
N ILE J 110 43.62 -4.54 17.45
CA ILE J 110 44.54 -5.56 17.92
C ILE J 110 44.38 -5.64 19.42
N VAL J 111 44.30 -6.85 19.97
CA VAL J 111 44.11 -7.00 21.41
C VAL J 111 45.06 -8.09 21.91
N GLY J 112 45.87 -7.76 22.91
CA GLY J 112 46.68 -8.79 23.52
C GLY J 112 45.81 -9.86 24.17
N MET J 113 46.25 -11.11 24.10
CA MET J 113 45.58 -12.22 24.77
C MET J 113 46.25 -12.64 26.07
N ASP J 114 47.46 -12.18 26.35
CA ASP J 114 48.18 -12.71 27.50
C ASP J 114 47.50 -12.34 28.80
N THR J 115 46.87 -11.17 28.85
CA THR J 115 46.22 -10.77 30.08
C THR J 115 44.96 -11.61 30.31
N ALA J 116 44.11 -11.73 29.28
CA ALA J 116 42.95 -12.60 29.42
C ALA J 116 43.37 -14.00 29.82
N HIS J 117 44.48 -14.51 29.23
CA HIS J 117 44.91 -15.86 29.59
C HIS J 117 45.39 -15.91 31.05
N ALA J 118 46.01 -14.82 31.53
CA ALA J 118 46.35 -14.80 32.95
C ALA J 118 45.10 -14.76 33.83
N VAL J 119 44.05 -14.04 33.42
CA VAL J 119 42.84 -14.00 34.21
C VAL J 119 42.25 -15.41 34.30
N LEU J 120 42.19 -16.10 33.16
CA LEU J 120 41.69 -17.47 33.15
C LEU J 120 42.50 -18.35 34.10
N GLU J 121 43.83 -18.28 34.03
CA GLU J 121 44.62 -19.17 34.86
C GLU J 121 44.70 -18.74 36.35
N LYS J 122 45.00 -17.47 36.63
CA LYS J 122 45.36 -17.03 38.00
C LYS J 122 44.11 -16.74 38.80
N ARG J 123 43.07 -16.23 38.14
CA ARG J 123 41.84 -15.85 38.79
C ARG J 123 40.76 -16.91 38.69
N LEU J 124 40.65 -17.63 37.56
CA LEU J 124 39.55 -18.57 37.35
C LEU J 124 40.01 -20.04 37.40
N GLY J 125 41.29 -20.30 37.63
CA GLY J 125 41.80 -21.67 37.72
C GLY J 125 41.60 -22.52 36.49
N VAL J 126 41.49 -21.92 35.33
CA VAL J 126 41.22 -22.61 34.07
C VAL J 126 42.50 -22.62 33.24
N GLU J 127 42.84 -23.76 32.64
CA GLU J 127 44.09 -23.83 31.89
C GLU J 127 43.89 -23.38 30.45
N VAL J 128 44.91 -22.71 29.93
CA VAL J 128 44.95 -22.24 28.56
C VAL J 128 46.00 -23.06 27.83
N THR J 129 45.63 -23.64 26.69
CA THR J 129 46.48 -24.48 25.87
C THR J 129 46.35 -24.05 24.43
N PRO J 130 47.25 -24.51 23.53
CA PRO J 130 47.00 -24.26 22.11
C PRO J 130 45.61 -24.71 21.70
N GLU J 131 45.17 -25.83 22.23
CA GLU J 131 43.86 -26.36 21.87
C GLU J 131 42.74 -25.46 22.35
N THR J 132 42.84 -24.87 23.55
CA THR J 132 41.74 -24.00 23.93
C THR J 132 41.77 -22.67 23.18
N ILE J 133 42.97 -22.13 22.86
CA ILE J 133 43.08 -20.93 22.02
C ILE J 133 42.44 -21.18 20.66
N ASN J 134 42.72 -22.33 20.05
CA ASN J 134 42.13 -22.64 18.75
C ASN J 134 40.62 -22.72 18.86
N GLU J 135 40.09 -23.34 19.94
CA GLU J 135 38.65 -23.39 20.20
CA GLU J 135 38.65 -23.38 20.13
C GLU J 135 38.06 -21.99 20.29
N TYR J 136 38.71 -21.13 21.09
CA TYR J 136 38.28 -19.75 21.26
C TYR J 136 38.26 -19.01 19.92
N MET J 137 39.31 -19.21 19.08
CA MET J 137 39.35 -18.53 17.80
C MET J 137 38.22 -19.00 16.87
N GLU J 138 37.84 -20.28 16.93
CA GLU J 138 36.67 -20.72 16.15
C GLU J 138 35.39 -20.03 16.65
N VAL J 139 35.23 -19.95 17.96
CA VAL J 139 34.04 -19.31 18.53
C VAL J 139 33.97 -17.83 18.15
N ILE J 140 35.09 -17.10 18.23
CA ILE J 140 34.98 -15.64 17.97
C ILE J 140 34.72 -15.36 16.48
N ASN J 141 35.06 -16.30 15.60
CA ASN J 141 34.73 -16.12 14.22
C ASN J 141 33.26 -16.38 13.92
N HIS J 142 32.49 -16.90 14.86
CA HIS J 142 31.05 -16.95 14.80
C HIS J 142 30.43 -15.77 15.52
N ALA J 143 31.01 -15.36 16.64
CA ALA J 143 30.47 -14.25 17.43
C ALA J 143 30.79 -12.88 16.83
N LEU J 144 32.03 -12.67 16.38
CA LEU J 144 32.42 -11.35 15.93
C LEU J 144 31.51 -10.85 14.80
N PRO J 145 31.13 -11.66 13.82
CA PRO J 145 30.18 -11.15 12.82
C PRO J 145 28.73 -11.10 13.26
N GLY J 146 28.39 -11.37 14.53
CA GLY J 146 27.00 -11.26 14.97
C GLY J 146 26.23 -12.56 15.13
N GLY J 147 26.91 -13.67 15.46
CA GLY J 147 26.25 -14.93 15.81
C GLY J 147 26.19 -15.07 17.32
N ALA J 148 25.06 -15.60 17.81
CA ALA J 148 24.85 -15.70 19.25
C ALA J 148 25.50 -16.97 19.81
N VAL J 149 25.99 -16.88 21.05
CA VAL J 149 26.64 -18.05 21.64
C VAL J 149 26.13 -18.42 23.03
N VAL J 150 25.41 -17.56 23.77
CA VAL J 150 24.99 -17.91 25.13
C VAL J 150 23.46 -17.88 25.30
N GLN J 151 22.80 -16.82 24.84
CA GLN J 151 21.40 -16.64 25.19
C GLN J 151 20.42 -17.28 24.22
N GLU J 152 19.33 -17.81 24.78
CA GLU J 152 18.19 -18.27 24.00
C GLU J 152 17.43 -17.08 23.45
N HIS J 153 16.84 -17.29 22.27
CA HIS J 153 15.98 -16.29 21.58
C HIS J 153 16.75 -15.03 21.18
N MET J 154 17.98 -15.22 20.72
CA MET J 154 18.77 -14.13 20.15
C MET J 154 18.50 -14.01 18.66
N VAL J 155 18.40 -12.75 18.19
CA VAL J 155 18.35 -12.53 16.75
C VAL J 155 19.81 -12.36 16.33
N GLU J 156 20.09 -12.55 15.05
CA GLU J 156 21.47 -12.50 14.64
C GLU J 156 21.63 -11.68 13.37
N VAL J 157 22.90 -11.28 13.13
CA VAL J 157 23.27 -10.56 11.91
C VAL J 157 23.32 -11.53 10.76
N HIS J 158 22.82 -11.11 9.57
CA HIS J 158 22.84 -11.95 8.37
C HIS J 158 24.30 -12.26 7.94
N PRO J 159 24.76 -13.51 8.00
CA PRO J 159 26.17 -13.76 7.68
C PRO J 159 26.56 -13.29 6.28
N GLY J 160 25.63 -13.35 5.33
CA GLY J 160 25.90 -12.94 3.96
C GLY J 160 26.26 -11.46 3.85
N ILE J 161 25.89 -10.65 4.84
CA ILE J 161 26.20 -9.23 4.81
C ILE J 161 27.57 -8.95 5.43
N VAL J 162 28.12 -9.88 6.23
CA VAL J 162 29.33 -9.60 7.01
C VAL J 162 30.42 -10.65 6.75
N GLU J 163 30.53 -11.16 5.51
CA GLU J 163 31.53 -12.20 5.24
C GLU J 163 32.97 -11.67 5.31
N ASP J 164 33.15 -10.34 5.42
CA ASP J 164 34.48 -9.76 5.57
C ASP J 164 34.93 -9.72 7.02
N CYS J 165 34.06 -10.07 7.95
CA CYS J 165 34.36 -10.00 9.36
C CYS J 165 35.05 -11.27 9.84
N TYR J 166 36.22 -11.10 10.46
CA TYR J 166 36.94 -12.29 10.93
C TYR J 166 37.95 -11.87 11.99
N ALA J 167 38.51 -12.88 12.65
CA ALA J 167 39.55 -12.64 13.64
C ALA J 167 40.67 -13.64 13.41
N LYS J 168 41.93 -13.19 13.59
CA LYS J 168 43.11 -14.05 13.52
C LYS J 168 43.98 -13.79 14.73
N VAL J 169 44.99 -14.66 14.92
CA VAL J 169 45.96 -14.65 16.02
CA VAL J 169 45.94 -14.57 16.02
C VAL J 169 47.36 -14.55 15.44
N PHE J 170 48.26 -13.87 16.16
CA PHE J 170 49.68 -14.00 15.84
C PHE J 170 50.46 -13.99 17.15
N THR J 171 51.68 -14.52 17.09
CA THR J 171 52.48 -14.57 18.29
C THR J 171 53.97 -14.51 17.91
N GLY J 172 54.76 -13.93 18.80
CA GLY J 172 56.19 -13.98 18.67
C GLY J 172 56.81 -15.28 19.16
N ASP J 173 56.00 -16.13 19.78
CA ASP J 173 56.46 -17.40 20.35
C ASP J 173 56.34 -18.42 19.23
N ASP J 174 57.47 -18.77 18.58
CA ASP J 174 57.43 -19.72 17.46
C ASP J 174 56.87 -21.07 17.90
N ASN J 175 57.21 -21.51 19.10
CA ASN J 175 56.68 -22.79 19.59
C ASN J 175 55.16 -22.79 19.66
N LEU J 176 54.55 -21.69 20.12
CA LEU J 176 53.09 -21.60 20.13
C LEU J 176 52.52 -21.48 18.71
N ALA J 177 53.15 -20.66 17.89
CA ALA J 177 52.65 -20.48 16.53
C ALA J 177 52.55 -21.81 15.81
N ASP J 178 53.52 -22.71 16.01
CA ASP J 178 53.48 -24.05 15.44
C ASP J 178 52.27 -24.87 15.85
N GLU J 179 51.62 -24.52 16.94
CA GLU J 179 50.52 -25.32 17.44
C GLU J 179 49.16 -24.69 17.15
N LEU J 180 49.11 -23.46 16.68
CA LEU J 180 47.83 -22.82 16.44
C LEU J 180 47.29 -23.22 15.05
N ASP J 181 45.98 -23.26 14.96
CA ASP J 181 45.30 -23.62 13.73
C ASP J 181 45.70 -22.66 12.60
N LYS J 182 46.24 -23.22 11.50
CA LYS J 182 46.73 -22.34 10.45
C LYS J 182 45.62 -21.54 9.80
N ARG J 183 44.36 -22.03 9.90
CA ARG J 183 43.22 -21.32 9.30
C ARG J 183 43.04 -19.92 9.89
N ILE J 184 43.44 -19.71 11.15
CA ILE J 184 43.22 -18.43 11.83
C ILE J 184 44.54 -17.79 12.30
N LEU J 185 45.67 -18.22 11.75
CA LEU J 185 46.99 -17.74 12.16
C LEU J 185 47.54 -16.73 11.16
N ILE J 186 48.00 -15.58 11.66
CA ILE J 186 48.92 -14.76 10.87
C ILE J 186 50.34 -15.20 11.23
N ASP J 187 51.02 -15.79 10.24
CA ASP J 187 52.27 -16.51 10.45
C ASP J 187 53.42 -15.57 10.09
N ILE J 188 54.15 -15.11 11.09
CA ILE J 188 55.18 -14.10 10.83
C ILE J 188 56.28 -14.65 9.94
N ASN J 189 56.66 -15.90 10.16
CA ASN J 189 57.76 -16.46 9.40
C ASN J 189 57.39 -16.73 7.95
N LYS J 190 56.11 -17.01 7.64
CA LYS J 190 55.50 -16.90 6.31
C LYS J 190 55.50 -15.53 5.66
N GLU J 191 55.00 -14.54 6.39
CA GLU J 191 54.62 -13.31 5.71
C GLU J 191 55.82 -12.41 5.46
N PHE J 192 56.87 -12.56 6.26
CA PHE J 192 58.01 -11.63 6.26
C PHE J 192 59.30 -12.31 5.82
N PRO J 193 60.13 -11.61 5.06
CA PRO J 193 61.50 -12.08 4.79
C PRO J 193 62.19 -12.40 6.11
N GLU J 194 63.12 -13.37 6.07
CA GLU J 194 63.74 -13.89 7.29
C GLU J 194 64.25 -12.79 8.24
N GLU J 195 64.98 -11.81 7.71
CA GLU J 195 65.56 -10.78 8.58
C GLU J 195 64.49 -9.89 9.20
N GLN J 196 63.43 -9.59 8.44
CA GLN J 196 62.32 -8.83 8.99
C GLN J 196 61.56 -9.62 10.03
N ALA J 197 61.35 -10.94 9.77
CA ALA J 197 60.67 -11.82 10.76
C ALA J 197 61.43 -11.82 12.06
N GLU J 198 62.75 -11.97 11.97
CA GLU J 198 63.58 -11.99 13.17
C GLU J 198 63.49 -10.67 13.94
N GLN J 199 63.52 -9.53 13.22
CA GLN J 199 63.40 -8.24 13.89
C GLN J 199 62.04 -8.11 14.58
N LEU J 200 60.95 -8.42 13.87
CA LEU J 200 59.63 -8.36 14.48
C LEU J 200 59.54 -9.20 15.75
N LYS J 201 60.04 -10.44 15.69
CA LYS J 201 59.91 -11.30 16.86
C LYS J 201 60.76 -10.80 18.02
N SER J 202 61.92 -10.20 17.73
CA SER J 202 62.74 -9.65 18.81
C SER J 202 62.00 -8.54 19.56
N TYR J 203 61.14 -7.77 18.88
CA TYR J 203 60.41 -6.70 19.57
C TYR J 203 59.11 -7.21 20.21
N ILE J 204 58.44 -8.16 19.56
CA ILE J 204 57.17 -8.68 20.08
C ILE J 204 57.38 -9.60 21.27
N GLY J 205 58.45 -10.41 21.24
CA GLY J 205 58.72 -11.36 22.34
C GLY J 205 57.69 -12.48 22.34
N ASN J 206 57.63 -13.18 23.47
CA ASN J 206 56.68 -14.28 23.71
C ASN J 206 55.31 -13.75 24.16
N ARG J 207 54.71 -13.01 23.24
CA ARG J 207 53.39 -12.44 23.45
C ARG J 207 52.50 -12.81 22.28
N THR J 208 51.21 -12.87 22.56
CA THR J 208 50.19 -13.33 21.65
C THR J 208 49.11 -12.27 21.53
N TYR J 209 48.63 -12.07 20.32
CA TYR J 209 47.67 -11.01 20.00
C TYR J 209 46.59 -11.49 19.06
N GLN J 210 45.37 -11.01 19.23
CA GLN J 210 44.36 -11.30 18.23
C GLN J 210 44.08 -10.04 17.42
N VAL J 211 43.77 -10.24 16.15
CA VAL J 211 43.48 -9.15 15.23
C VAL J 211 42.03 -9.32 14.84
N ASN J 212 41.18 -8.38 15.24
CA ASN J 212 39.75 -8.46 14.98
C ASN J 212 39.43 -7.43 13.89
N ARG J 213 38.79 -7.88 12.82
CA ARG J 213 38.27 -7.03 11.73
C ARG J 213 36.76 -7.08 11.83
N VAL J 214 36.17 -6.04 12.40
CA VAL J 214 34.71 -6.00 12.53
C VAL J 214 34.10 -5.76 11.16
N PRO J 215 32.80 -6.04 10.91
CA PRO J 215 32.30 -5.92 9.55
C PRO J 215 32.40 -4.50 8.98
N THR J 216 32.68 -4.45 7.68
CA THR J 216 32.67 -3.18 6.96
C THR J 216 31.32 -2.45 7.09
N ILE J 217 30.20 -3.18 6.97
CA ILE J 217 28.91 -2.49 7.10
C ILE J 217 28.75 -1.79 8.44
N VAL J 218 29.42 -2.27 9.47
CA VAL J 218 29.29 -1.67 10.78
C VAL J 218 29.98 -0.31 10.83
N VAL J 219 31.19 -0.21 10.27
CA VAL J 219 31.87 1.08 10.33
C VAL J 219 31.20 2.07 9.37
N ARG J 220 30.56 1.59 8.31
CA ARG J 220 29.82 2.47 7.44
C ARG J 220 28.53 2.96 8.10
N ALA J 221 27.80 2.08 8.78
CA ALA J 221 26.59 2.51 9.44
C ALA J 221 26.91 3.36 10.66
N CYS J 222 28.06 3.11 11.30
CA CYS J 222 28.38 3.72 12.59
C CYS J 222 29.66 4.55 12.44
N ASP J 223 30.74 4.21 13.14
CA ASP J 223 31.95 5.02 13.03
C ASP J 223 33.16 4.23 13.53
N GLY J 224 34.32 4.91 13.63
CA GLY J 224 35.53 4.22 14.03
C GLY J 224 35.53 3.85 15.50
N GLY J 225 34.90 4.68 16.33
CA GLY J 225 34.83 4.42 17.76
C GLY J 225 34.01 3.18 18.09
N THR J 226 33.22 2.71 17.16
CA THR J 226 32.45 1.49 17.40
C THR J 226 33.36 0.26 17.50
N VAL J 227 34.52 0.31 16.82
CA VAL J 227 35.35 -0.87 16.50
C VAL J 227 35.98 -1.50 17.75
N SER J 228 36.68 -0.73 18.59
CA SER J 228 37.27 -1.42 19.74
C SER J 228 36.17 -1.97 20.66
N ARG J 229 34.99 -1.34 20.69
CA ARG J 229 33.88 -1.77 21.55
C ARG J 229 33.28 -3.05 21.03
N TRP J 230 32.99 -3.06 19.72
CA TRP J 230 32.41 -4.23 19.08
C TRP J 230 33.33 -5.43 19.28
N SER J 231 34.61 -5.26 18.99
CA SER J 231 35.63 -6.29 19.26
C SER J 231 35.58 -6.79 20.70
N ALA J 232 35.61 -5.87 21.67
CA ALA J 232 35.67 -6.28 23.06
C ALA J 232 34.41 -7.04 23.49
N MET J 233 33.24 -6.61 23.02
CA MET J 233 32.03 -7.32 23.41
C MET J 233 32.12 -8.77 22.97
N GLN J 234 32.61 -8.98 21.77
CA GLN J 234 32.55 -10.35 21.27
C GLN J 234 33.74 -11.16 21.75
N ILE J 235 34.84 -10.49 22.14
CA ILE J 235 35.91 -11.18 22.84
C ILE J 235 35.37 -11.76 24.12
N GLY J 236 34.62 -10.94 24.85
CA GLY J 236 34.01 -11.36 26.10
C GLY J 236 33.05 -12.53 25.93
N MET J 237 32.13 -12.44 24.95
CA MET J 237 31.20 -13.53 24.70
C MET J 237 31.96 -14.81 24.37
N SER J 238 33.06 -14.70 23.63
CA SER J 238 33.80 -15.87 23.17
C SER J 238 34.62 -16.50 24.28
N PHE J 239 35.15 -15.72 25.23
CA PHE J 239 35.75 -16.36 26.40
C PHE J 239 34.71 -17.09 27.25
N ILE J 240 33.53 -16.45 27.48
CA ILE J 240 32.48 -17.09 28.26
C ILE J 240 32.09 -18.42 27.65
N SER J 241 31.89 -18.44 26.34
CA SER J 241 31.44 -19.66 25.66
C SER J 241 32.57 -20.69 25.56
N ALA J 242 33.75 -20.29 25.05
CA ALA J 242 34.81 -21.26 24.75
C ALA J 242 35.38 -21.90 26.01
N TYR J 243 35.51 -21.14 27.10
CA TYR J 243 36.03 -21.67 28.37
C TYR J 243 34.93 -22.02 29.35
N LYS J 244 33.67 -22.00 28.91
CA LYS J 244 32.51 -22.42 29.71
C LYS J 244 32.44 -21.72 31.06
N LEU J 245 32.51 -20.39 31.02
CA LEU J 245 32.40 -19.59 32.23
C LEU J 245 30.93 -19.35 32.61
N CYS J 246 30.76 -18.98 33.87
CA CYS J 246 29.55 -18.36 34.34
C CYS J 246 29.31 -17.09 33.57
N ALA J 247 28.09 -16.96 33.05
CA ALA J 247 27.86 -16.02 31.96
C ALA J 247 27.54 -14.66 32.57
N GLY J 248 28.61 -14.04 33.10
CA GLY J 248 28.57 -12.80 33.84
C GLY J 248 28.94 -12.87 35.32
N GLU J 249 30.25 -12.97 35.62
CA GLU J 249 30.86 -12.99 36.97
C GLU J 249 32.01 -11.99 37.03
N ALA J 250 32.55 -11.73 38.24
CA ALA J 250 33.50 -10.62 38.42
C ALA J 250 34.71 -10.67 37.47
N ALA J 251 35.28 -11.86 37.25
CA ALA J 251 36.44 -11.99 36.36
C ALA J 251 36.16 -11.52 34.94
N ILE J 252 34.90 -11.60 34.48
CA ILE J 252 34.56 -11.15 33.13
C ILE J 252 34.91 -9.66 32.96
N ALA J 253 34.80 -8.89 34.02
CA ALA J 253 35.11 -7.48 33.86
C ALA J 253 36.58 -7.26 33.57
N ASP J 254 37.45 -8.17 33.99
CA ASP J 254 38.87 -8.07 33.66
C ASP J 254 39.07 -8.23 32.16
N PHE J 255 38.37 -9.21 31.52
CA PHE J 255 38.49 -9.32 30.06
C PHE J 255 38.07 -8.03 29.37
N SER J 256 37.01 -7.41 29.85
CA SER J 256 36.53 -6.19 29.23
C SER J 256 37.59 -5.10 29.36
N PHE J 257 38.08 -4.85 30.58
CA PHE J 257 39.05 -3.78 30.76
C PHE J 257 40.31 -4.01 29.92
N ALA J 258 40.78 -5.27 29.86
CA ALA J 258 41.90 -5.61 28.99
C ALA J 258 41.55 -5.33 27.53
N ALA J 259 40.38 -5.79 27.06
CA ALA J 259 40.11 -5.62 25.63
C ALA J 259 39.75 -4.19 25.20
N LYS J 260 39.25 -3.34 26.09
CA LYS J 260 38.85 -1.99 25.69
C LYS J 260 39.90 -0.96 26.05
N MHS J 261 40.82 -1.31 26.95
CA MHS J 261 41.83 -0.33 27.48
C MHS J 261 43.24 -0.82 27.70
O MHS J 261 44.22 -0.26 27.12
CB MHS J 261 41.34 0.21 28.82
CG MHS J 261 40.01 0.89 28.64
ND1 MHS J 261 39.79 2.12 28.09
CD2 MHS J 261 38.78 0.38 29.04
CE1 MHS J 261 38.45 2.35 28.15
NE2 MHS J 261 37.84 1.31 28.74
CM MHS J 261 40.81 3.07 27.52
N ALA J 262 43.42 -1.81 28.56
CA ALA J 262 44.76 -2.11 29.04
C ALA J 262 45.58 -2.89 27.98
N ASP J 263 44.90 -3.65 27.10
CA ASP J 263 45.64 -4.50 26.15
C ASP J 263 45.25 -4.28 24.70
N VAL J 264 44.59 -3.19 24.39
CA VAL J 264 44.09 -2.93 23.05
C VAL J 264 45.10 -2.05 22.31
N ILE J 265 45.29 -2.28 21.01
CA ILE J 265 46.04 -1.35 20.15
C ILE J 265 45.07 -0.82 19.09
N GLU J 266 44.76 0.46 19.13
CA GLU J 266 43.90 1.04 18.10
CA GLU J 266 43.89 1.02 18.10
C GLU J 266 44.73 1.65 16.99
N MET J 267 44.07 1.92 15.85
CA MET J 267 44.76 2.48 14.69
C MET J 267 44.95 3.99 14.86
N GLY J 268 43.94 4.65 15.43
CA GLY J 268 43.96 6.11 15.57
C GLY J 268 43.49 6.53 16.93
N THR J 269 43.99 7.68 17.39
CA THR J 269 43.67 8.27 18.69
C THR J 269 42.59 9.37 18.55
N ILE J 270 42.00 9.78 19.67
CA ILE J 270 40.89 10.76 19.60
C ILE J 270 41.41 12.16 19.25
N MET J 271 40.48 13.04 18.76
CA MET J 271 40.73 14.42 18.38
C MET J 271 40.33 15.37 19.51
N PRO J 272 40.88 16.57 19.55
CA PRO J 272 40.32 17.61 20.42
C PRO J 272 38.96 18.07 19.90
N ALA J 273 38.24 18.82 20.76
CA ALA J 273 36.83 19.10 20.56
C ALA J 273 36.54 19.76 19.21
N ARG J 274 37.41 20.64 18.78
CA ARG J 274 37.13 21.43 17.58
C ARG J 274 36.96 20.55 16.36
N AGM J 275 37.63 19.39 16.39
CA AGM J 275 37.56 18.45 15.25
CB AGM J 275 38.85 18.48 14.43
CG AGM J 275 40.17 18.37 15.20
CD AGM J 275 41.33 18.89 14.36
CE2 AGM J 275 41.86 17.88 13.35
NE1 AGM J 275 42.44 19.14 15.24
CZ AGM J 275 42.86 20.43 15.68
NH1 AGM J 275 43.60 20.25 16.91
NH2 AGM J 275 41.76 21.37 15.87
C AGM J 275 37.22 17.06 15.79
O AGM J 275 37.72 16.07 15.25
N ALA J 276 36.31 17.02 16.76
CA ALA J 276 35.98 15.84 17.54
C ALA J 276 35.66 14.59 16.70
N ARG J 277 36.30 13.50 17.06
CA ARG J 277 36.09 12.18 16.49
C ARG J 277 36.56 11.17 17.53
N GLY J 278 35.98 9.99 17.52
CA GLY J 278 36.51 8.92 18.37
C GLY J 278 37.73 8.25 17.75
N PRO J 279 38.19 7.18 18.38
CA PRO J 279 39.36 6.44 17.87
C PRO J 279 39.06 5.81 16.52
N ASN J 280 40.13 5.33 15.87
CA ASN J 280 40.07 4.69 14.55
C ASN J 280 39.39 5.56 13.49
N GLU J 281 39.64 6.85 13.53
CA GLU J 281 39.30 7.72 12.41
C GLU J 281 40.59 8.29 11.82
N PRO J 282 40.55 8.81 10.58
CA PRO J 282 41.81 9.10 9.88
C PRO J 282 42.70 10.17 10.56
N GLY J 283 42.14 11.16 11.25
CA GLY J 283 42.98 12.19 11.84
C GLY J 283 43.84 11.67 12.97
N GLY J 284 43.41 10.57 13.61
CA GLY J 284 44.19 9.99 14.69
C GLY J 284 45.27 8.99 14.25
N VAL J 285 45.38 8.68 12.98
CA VAL J 285 46.41 7.74 12.50
C VAL J 285 47.74 8.50 12.31
N ALA J 286 48.71 8.26 13.21
CA ALA J 286 50.04 8.83 13.00
C ALA J 286 50.70 8.33 11.69
N PHE J 287 51.60 9.16 11.15
CA PHE J 287 52.26 8.88 9.87
C PHE J 287 53.04 7.58 9.89
N GLY J 288 53.78 7.34 10.95
CA GLY J 288 54.47 6.06 11.10
C GLY J 288 53.53 4.88 11.28
N THR J 289 52.34 5.12 11.88
CA THR J 289 51.33 4.06 12.00
C THR J 289 50.85 3.69 10.61
N PHE J 290 50.54 4.70 9.79
CA PHE J 290 50.09 4.40 8.44
C PHE J 290 51.19 3.69 7.62
N ALA J 291 52.46 4.15 7.72
CA ALA J 291 53.53 3.41 7.03
C ALA J 291 53.56 1.94 7.45
N ASP J 292 53.25 1.62 8.71
CA ASP J 292 53.24 0.21 9.12
C ASP J 292 52.03 -0.53 8.63
N ILE J 293 50.90 0.17 8.45
CA ILE J 293 49.74 -0.50 7.89
C ILE J 293 50.03 -0.93 6.45
N VAL J 294 50.60 -0.03 5.64
CA VAL J 294 50.99 -0.37 4.27
C VAL J 294 52.06 -1.47 4.27
N GLN J 295 51.96 -2.42 3.34
CA GLN J 295 52.71 -3.66 3.39
C GLN J 295 53.81 -3.76 2.32
N ALA J 296 54.01 -2.68 1.57
CA ALA J 296 55.09 -2.63 0.59
C ALA J 296 56.43 -2.99 1.23
N SER J 297 56.66 -2.61 2.49
CA SER J 297 57.93 -2.91 3.15
C SER J 297 58.25 -4.41 3.14
N ARG J 298 57.25 -5.28 3.12
CA ARG J 298 57.58 -6.69 3.29
C ARG J 298 57.66 -7.44 1.97
N VAL J 299 57.38 -6.80 0.85
CA VAL J 299 57.47 -7.44 -0.47
C VAL J 299 58.46 -6.73 -1.39
N SER J 300 59.07 -5.63 -0.95
CA SER J 300 60.01 -4.89 -1.78
C SER J 300 61.18 -4.46 -0.93
N ASP J 301 62.39 -4.58 -1.46
CA ASP J 301 63.58 -4.00 -0.83
CA ASP J 301 63.57 -3.99 -0.81
C ASP J 301 64.03 -2.69 -1.49
N ASP J 302 63.19 -2.10 -2.32
CA ASP J 302 63.56 -0.86 -3.00
C ASP J 302 63.03 0.25 -2.12
N PRO J 303 63.89 0.98 -1.39
CA PRO J 303 63.33 1.95 -0.44
C PRO J 303 62.52 3.06 -1.11
N ALA J 304 62.85 3.45 -2.33
CA ALA J 304 62.04 4.42 -3.07
C ALA J 304 60.67 3.83 -3.37
N ASN J 305 60.62 2.55 -3.81
CA ASN J 305 59.31 1.95 -4.10
C ASN J 305 58.44 1.86 -2.85
N VAL J 306 59.02 1.39 -1.74
CA VAL J 306 58.31 1.30 -0.47
C VAL J 306 57.77 2.67 -0.04
N SER J 307 58.61 3.69 -0.05
CA SER J 307 58.12 5.03 0.31
C SER J 307 57.01 5.50 -0.64
N LEU J 308 57.14 5.22 -1.92
CA LEU J 308 56.17 5.71 -2.88
C LEU J 308 54.82 5.03 -2.67
N GLU J 309 54.83 3.74 -2.28
CA GLU J 309 53.58 3.02 -2.02
C GLU J 309 52.87 3.58 -0.78
N VAL J 310 53.63 3.93 0.24
CA VAL J 310 53.04 4.54 1.42
C VAL J 310 52.41 5.88 1.06
N ILE J 311 53.13 6.68 0.31
CA ILE J 311 52.63 8.01 -0.09
C ILE J 311 51.32 7.89 -0.88
N ALA J 312 51.19 6.89 -1.78
CA ALA J 312 49.95 6.73 -2.53
C ALA J 312 48.76 6.40 -1.62
N GLY J 313 48.92 5.43 -0.72
CA GLY J 313 47.83 5.09 0.17
C GLY J 313 47.51 6.27 1.07
N ALA J 314 48.56 6.94 1.57
CA ALA J 314 48.37 8.09 2.46
C ALA J 314 47.76 9.28 1.75
N ALA J 315 47.96 9.41 0.43
CA ALA J 315 47.33 10.55 -0.27
C ALA J 315 45.83 10.35 -0.29
N ALA J 316 45.44 9.09 -0.47
CA ALA J 316 44.02 8.75 -0.46
C ALA J 316 43.43 8.96 0.93
N LEU J 317 44.14 8.50 1.96
CA LEU J 317 43.62 8.58 3.33
C LEU J 317 43.57 10.01 3.85
N TYR J 318 44.69 10.70 3.81
CA TYR J 318 44.78 12.00 4.50
C TYR J 318 44.26 13.15 3.63
N ASP J 319 44.66 13.20 2.35
CA ASP J 319 44.22 14.37 1.56
C ASP J 319 42.83 14.18 0.97
N GLN J 320 42.58 13.04 0.33
CA GLN J 320 41.26 12.88 -0.30
C GLN J 320 40.13 12.68 0.71
N VAL J 321 40.31 11.74 1.67
CA VAL J 321 39.22 11.37 2.56
C VAL J 321 39.21 12.24 3.81
N TRP J 322 40.33 12.34 4.52
CA TRP J 322 40.32 13.09 5.79
C TRP J 322 40.16 14.59 5.51
N LEU J 323 41.12 15.20 4.84
CA LEU J 323 41.01 16.66 4.64
C LEU J 323 39.94 17.01 3.64
N GLY J 324 39.77 16.16 2.61
CA GLY J 324 38.82 16.42 1.53
C GLY J 324 37.36 16.12 1.84
N SER J 325 37.07 15.45 2.98
CA SER J 325 35.68 15.15 3.29
C SER J 325 35.40 15.34 4.77
N TYR J 326 36.00 14.51 5.63
CA TYR J 326 35.83 14.69 7.07
C TYR J 326 36.03 16.14 7.51
N MET J 327 37.06 16.82 6.98
CA MET J 327 37.35 18.18 7.42
C MET J 327 36.86 19.27 6.47
N SER J 328 36.24 18.92 5.33
CA SER J 328 35.74 19.93 4.38
C SER J 328 34.55 19.38 3.62
N GLY J 329 34.76 18.74 2.47
CA GLY J 329 33.69 18.09 1.74
C GLY J 329 33.38 18.84 0.44
N GLY J 330 32.57 18.18 -0.39
CA GLY J 330 32.26 18.75 -1.69
C GLY J 330 33.00 18.06 -2.81
N VAL J 331 33.28 18.80 -3.87
CA VAL J 331 34.16 18.28 -4.93
C VAL J 331 35.48 17.77 -4.32
N GLY J 332 36.00 18.45 -3.26
CA GLY J 332 37.10 17.85 -2.51
C GLY J 332 38.48 17.93 -3.18
N PHE J 333 39.37 17.00 -2.82
CA PHE J 333 40.78 17.28 -3.05
C PHE J 333 41.44 16.17 -3.83
N THR J 334 40.73 15.60 -4.83
CA THR J 334 41.29 14.47 -5.57
C THR J 334 42.70 14.76 -6.13
N GLN J 335 42.87 15.87 -6.89
CA GLN J 335 44.11 16.10 -7.61
C GLN J 335 45.22 16.69 -6.73
N TYR J 336 44.91 17.33 -5.60
CA TYR J 336 45.96 17.57 -4.62
C TYR J 336 46.66 16.26 -4.26
N ALA J 337 45.90 15.17 -4.22
CA ALA J 337 46.38 13.86 -3.81
C ALA J 337 46.98 13.09 -4.98
N THR J 338 46.29 13.06 -6.12
CA THR J 338 46.77 12.28 -7.24
C THR J 338 48.13 12.75 -7.73
N ALA J 339 48.48 14.00 -7.45
CA ALA J 339 49.77 14.48 -7.94
C ALA J 339 50.88 13.63 -7.36
N ALA J 340 50.62 12.97 -6.21
CA ALA J 340 51.65 12.22 -5.51
C ALA J 340 51.63 10.77 -5.87
N TYR J 341 50.69 10.34 -6.76
CA TYR J 341 50.68 8.92 -7.13
C TYR J 341 50.29 8.63 -8.56
N THR J 342 50.42 9.61 -9.47
CA THR J 342 50.14 9.40 -10.87
C THR J 342 51.30 9.89 -11.74
N ASP J 343 51.26 9.41 -12.96
CA ASP J 343 52.15 9.76 -14.07
C ASP J 343 53.65 9.50 -13.77
N ASP J 344 53.99 8.77 -12.69
CA ASP J 344 55.37 8.47 -12.28
C ASP J 344 56.19 9.74 -12.09
N ILE J 345 55.58 10.86 -11.75
CA ILE J 345 56.34 12.09 -11.62
C ILE J 345 57.12 12.10 -10.30
N LEU J 346 56.41 11.95 -9.17
CA LEU J 346 57.13 11.82 -7.90
C LEU J 346 58.17 10.71 -7.99
N ASP J 347 57.84 9.60 -8.65
CA ASP J 347 58.83 8.53 -8.86
C ASP J 347 60.12 9.07 -9.48
N ASP J 348 60.02 9.83 -10.56
CA ASP J 348 61.24 10.36 -11.18
C ASP J 348 62.04 11.16 -10.19
N PHE J 349 61.37 12.07 -9.47
CA PHE J 349 62.12 12.96 -8.59
C PHE J 349 62.75 12.15 -7.47
N LEU J 350 62.00 11.19 -6.92
CA LEU J 350 62.52 10.44 -5.77
C LEU J 350 63.62 9.47 -6.21
N TYR J 351 63.47 8.81 -7.35
CA TYR J 351 64.59 7.98 -7.79
C TYR J 351 65.83 8.82 -8.13
N TYR J 352 65.67 10.03 -8.70
CA TYR J 352 66.82 10.92 -8.88
C TYR J 352 67.51 11.18 -7.55
N GLY J 353 66.70 11.47 -6.52
CA GLY J 353 67.27 11.80 -5.23
C GLY J 353 67.95 10.62 -4.57
N MET J 354 67.34 9.42 -4.69
CA MET J 354 67.97 8.23 -4.12
C MET J 354 69.28 7.92 -4.82
N GLU J 355 69.33 8.11 -6.13
CA GLU J 355 70.56 7.81 -6.87
C GLU J 355 71.65 8.81 -6.56
N TYR J 356 71.26 10.07 -6.34
CA TYR J 356 72.17 11.11 -5.91
C TYR J 356 72.76 10.77 -4.56
N VAL J 357 71.91 10.34 -3.64
CA VAL J 357 72.35 9.93 -2.32
C VAL J 357 73.28 8.73 -2.40
N GLU J 358 72.88 7.70 -3.17
CA GLU J 358 73.71 6.50 -3.33
C GLU J 358 75.11 6.85 -3.78
N ASP J 359 75.24 7.76 -4.75
CA ASP J 359 76.55 8.14 -5.29
C ASP J 359 77.35 9.00 -4.31
N LYS J 360 76.71 9.92 -3.60
CA LYS J 360 77.51 10.91 -2.87
C LYS J 360 77.77 10.51 -1.42
N PHE J 361 76.80 9.88 -0.80
CA PHE J 361 76.79 9.53 0.62
C PHE J 361 76.68 8.04 0.87
N GLY J 362 75.98 7.31 0.02
CA GLY J 362 75.53 5.96 0.33
C GLY J 362 74.19 6.01 1.05
N ILE J 363 73.36 4.99 0.79
CA ILE J 363 72.14 4.82 1.57
C ILE J 363 72.54 4.52 3.00
N CYS J 364 71.95 5.24 3.97
CA CYS J 364 72.34 5.17 5.37
C CYS J 364 73.84 5.40 5.56
N GLY J 365 74.44 6.18 4.67
CA GLY J 365 75.88 6.38 4.71
C GLY J 365 76.32 7.60 5.48
N SER J 366 75.39 8.41 5.97
CA SER J 366 75.78 9.59 6.72
C SER J 366 75.03 9.67 8.04
N GLU J 367 75.70 10.20 9.07
CA GLU J 367 74.99 10.70 10.24
C GLU J 367 74.16 11.92 9.88
N PRO J 368 73.04 12.18 10.58
CA PRO J 368 72.30 13.41 10.25
C PRO J 368 73.08 14.64 10.65
N THR J 369 73.29 15.52 9.70
CA THR J 369 73.88 16.82 9.99
C THR J 369 73.14 17.85 9.13
N MET J 370 73.26 19.13 9.53
CA MET J 370 72.66 20.17 8.71
C MET J 370 73.31 20.26 7.33
N ASP J 371 74.63 20.03 7.24
CA ASP J 371 75.31 20.09 5.93
C ASP J 371 74.67 19.11 4.97
N VAL J 372 74.40 17.90 5.48
CA VAL J 372 73.85 16.83 4.67
C VAL J 372 72.42 17.15 4.29
N VAL J 373 71.61 17.65 5.25
CA VAL J 373 70.23 18.01 4.89
C VAL J 373 70.22 19.09 3.82
N ARG J 374 71.03 20.13 4.01
CA ARG J 374 71.07 21.22 3.03
C ARG J 374 71.54 20.73 1.67
N ASP J 375 72.53 19.84 1.63
CA ASP J 375 73.05 19.38 0.35
C ASP J 375 71.98 18.62 -0.44
N ILE J 376 71.38 17.61 0.19
CA ILE J 376 70.45 16.75 -0.50
C ILE J 376 69.18 17.51 -0.87
N SER J 377 68.62 18.24 0.08
CA SER J 377 67.34 18.89 -0.17
CA SER J 377 67.34 18.90 -0.17
C SER J 377 67.46 19.93 -1.27
N THR J 378 68.53 20.71 -1.25
CA THR J 378 68.74 21.70 -2.31
C THR J 378 68.88 21.02 -3.67
N GLU J 379 69.73 19.99 -3.74
CA GLU J 379 69.94 19.34 -5.04
C GLU J 379 68.65 18.77 -5.60
N VAL J 380 67.91 18.01 -4.77
CA VAL J 380 66.69 17.36 -5.25
C VAL J 380 65.60 18.38 -5.59
N THR J 381 65.52 19.47 -4.84
CA THR J 381 64.56 20.53 -5.18
C THR J 381 64.90 21.18 -6.52
N LEU J 382 66.16 21.58 -6.71
CA LEU J 382 66.55 22.11 -8.01
C LEU J 382 66.24 21.14 -9.15
N TYR J 383 66.54 19.85 -8.99
CA TYR J 383 66.26 18.93 -10.10
C TYR J 383 64.77 18.91 -10.39
N SER J 384 63.94 18.85 -9.34
CA SER J 384 62.48 18.76 -9.50
C SER J 384 61.94 19.99 -10.22
N LEU J 385 62.33 21.18 -9.75
CA LEU J 385 61.96 22.43 -10.45
C LEU J 385 62.39 22.41 -11.91
N GLU J 386 63.59 21.90 -12.19
CA GLU J 386 64.08 21.92 -13.58
C GLU J 386 63.22 21.02 -14.48
N GLN J 387 62.66 19.95 -13.92
CA GLN J 387 61.77 19.11 -14.71
C GLN J 387 60.52 19.89 -15.13
N TYR J 388 59.97 20.67 -14.21
CA TYR J 388 58.79 21.43 -14.61
C TYR J 388 59.15 22.50 -15.64
N GLU J 389 60.38 23.04 -15.58
CA GLU J 389 60.82 24.08 -16.51
C GLU J 389 61.18 23.51 -17.86
N GLU J 390 61.63 22.26 -17.90
CA GLU J 390 62.01 21.62 -19.15
C GLU J 390 60.81 21.05 -19.92
N TYR J 391 59.77 20.61 -19.21
CA TYR J 391 58.61 19.98 -19.84
C TYR J 391 57.35 20.80 -19.57
N PRO J 392 56.96 21.65 -20.49
CA PRO J 392 55.69 22.37 -20.33
C PRO J 392 54.50 21.45 -20.09
N THR J 393 54.47 20.26 -20.69
CA THR J 393 53.32 19.39 -20.44
C THR J 393 53.33 18.85 -19.02
N LEU J 394 54.52 18.74 -18.41
CA LEU J 394 54.59 18.34 -17.01
C LEU J 394 53.97 19.40 -16.12
N LEU J 395 54.26 20.67 -16.42
CA LEU J 395 53.79 21.79 -15.59
C LEU J 395 52.28 22.00 -15.77
N GLU J 396 51.74 21.69 -16.95
CA GLU J 396 50.32 21.75 -17.20
C GLU J 396 49.61 20.54 -16.55
N ASP J 397 50.37 19.47 -16.31
CA ASP J 397 49.88 18.31 -15.57
C ASP J 397 49.76 18.63 -14.08
N HIS J 398 50.86 18.99 -13.41
CA HIS J 398 50.81 19.49 -12.02
C HIS J 398 50.57 21.01 -12.05
N PHE J 399 49.33 21.37 -12.42
CA PHE J 399 49.01 22.73 -12.77
C PHE J 399 48.89 23.62 -11.54
N GLY J 400 48.66 23.05 -10.36
CA GLY J 400 48.52 23.85 -9.13
C GLY J 400 49.84 23.83 -8.39
N GLY J 401 50.29 25.00 -7.94
CA GLY J 401 51.56 25.06 -7.21
C GLY J 401 51.67 24.11 -6.03
N SER J 402 50.56 23.88 -5.33
CA SER J 402 50.56 23.05 -4.13
C SER J 402 51.04 21.68 -4.49
N MGN J 403 50.50 21.16 -5.60
CA MGN J 403 50.91 19.82 -6.11
CB1 MGN J 403 50.21 19.56 -7.47
CB2 MGN J 403 50.50 18.75 -5.10
CG MGN J 403 48.67 19.56 -7.44
CD MGN J 403 48.14 19.35 -8.85
OE1 MGN J 403 48.49 20.07 -9.76
NE2 MGN J 403 47.25 18.38 -9.06
C MGN J 403 52.43 19.76 -6.31
O MGN J 403 53.10 18.81 -5.87
N ARG J 404 53.00 20.78 -6.95
CA ARG J 404 54.40 20.85 -7.28
C ARG J 404 55.25 20.96 -6.04
N ALA J 405 54.79 21.78 -5.12
CA ALA J 405 55.53 21.96 -3.88
C ALA J 405 55.63 20.65 -3.09
N ALA J 406 54.51 19.96 -2.95
CA ALA J 406 54.45 18.71 -2.22
C ALA J 406 55.33 17.65 -2.86
N VAL J 407 55.30 17.52 -4.18
CA VAL J 407 56.02 16.45 -4.86
C VAL J 407 57.54 16.69 -4.81
N ALA J 408 57.97 17.92 -5.12
CA ALA J 408 59.39 18.27 -4.99
C ALA J 408 59.87 18.09 -3.56
N ALA J 409 59.07 18.56 -2.57
CA ALA J 409 59.55 18.49 -1.18
C ALA J 409 59.57 17.04 -0.65
N ALA J 410 58.64 16.20 -1.13
CA ALA J 410 58.62 14.79 -0.74
C ALA J 410 59.89 14.10 -1.20
N ALA J 411 60.28 14.32 -2.47
CA ALA J 411 61.53 13.79 -2.98
C ALA J 411 62.72 14.29 -2.17
N ALA J 412 62.71 15.58 -1.82
CA ALA J 412 63.83 16.10 -1.05
C ALA J 412 63.87 15.49 0.36
N GLY J 413 62.71 15.44 1.02
CA GLY J 413 62.63 14.91 2.38
C GLY J 413 62.93 13.43 2.47
N CYS J 414 62.30 12.62 1.61
CA CYS J 414 62.61 11.20 1.64
C CYS J 414 64.07 10.93 1.36
N SER J 415 64.65 11.65 0.38
CA SER J 415 66.02 11.40 -0.01
C SER J 415 66.96 11.76 1.13
N THR J 416 66.63 12.84 1.83
CA THR J 416 67.41 13.19 3.01
C THR J 416 67.31 12.09 4.07
N ALA J 417 66.10 11.51 4.27
CA ALA J 417 65.98 10.43 5.25
C ALA J 417 66.74 9.21 4.78
N PHE J 418 66.79 8.98 3.47
CA PHE J 418 67.53 7.81 2.96
C PHE J 418 69.01 7.88 3.34
N ALA J 419 69.60 9.07 3.25
CA ALA J 419 71.01 9.23 3.57
C ALA J 419 71.24 9.14 5.06
N THR J 420 70.35 9.73 5.86
CA THR J 420 70.71 9.96 7.27
C THR J 420 70.07 9.00 8.24
N GLY J 421 69.03 8.25 7.84
CA GLY J 421 68.28 7.41 8.74
C GLY J 421 67.46 8.15 9.78
N ASN J 422 67.19 9.44 9.56
CA ASN J 422 66.54 10.22 10.60
C ASN J 422 65.36 10.94 9.97
N SER J 423 64.16 10.57 10.41
CA SER J 423 62.87 11.16 9.90
C SER J 423 62.75 12.66 10.16
N ASN J 424 63.27 13.18 11.28
CA ASN J 424 63.14 14.63 11.50
C ASN J 424 64.16 15.40 10.65
N ALA J 425 65.32 14.80 10.37
CA ALA J 425 66.23 15.43 9.39
C ALA J 425 65.53 15.44 8.04
N GLY J 426 64.83 14.33 7.71
CA GLY J 426 63.98 14.35 6.52
C GLY J 426 62.99 15.51 6.49
N VAL J 427 62.23 15.72 7.56
CA VAL J 427 61.16 16.72 7.45
C VAL J 427 61.81 18.11 7.47
N ASN J 428 62.96 18.25 8.13
CA ASN J 428 63.68 19.50 8.05
C ASN J 428 64.08 19.78 6.62
N GLY J 429 64.54 18.74 5.92
CA GLY J 429 64.86 18.86 4.50
C GLY J 429 63.67 19.27 3.65
N TRP J 430 62.50 18.67 3.93
CA TRP J 430 61.23 19.08 3.32
C TRP J 430 60.99 20.58 3.48
N TYR J 431 61.22 21.14 4.68
CA TYR J 431 60.97 22.57 4.89
C TYR J 431 61.94 23.46 4.12
N LEU J 432 63.24 23.10 4.06
CA LEU J 432 64.19 23.77 3.19
C LEU J 432 63.71 23.76 1.75
N SER J 433 63.27 22.59 1.28
CA SER J 433 62.80 22.46 -0.10
C SER J 433 61.71 23.47 -0.39
N GLN J 434 60.76 23.62 0.53
CA GLN J 434 59.61 24.53 0.36
C GLN J 434 60.05 25.99 0.19
N ILE J 435 60.91 26.48 1.07
CA ILE J 435 61.23 27.90 0.95
C ILE J 435 62.17 28.15 -0.23
N LEU J 436 62.95 27.14 -0.66
CA LEU J 436 63.73 27.30 -1.88
CA LEU J 436 63.74 27.25 -1.88
C LEU J 436 62.84 27.32 -3.11
N HIS J 437 61.86 26.46 -3.16
CA HIS J 437 60.88 26.42 -4.24
C HIS J 437 60.19 27.77 -4.39
N LYS J 438 59.73 28.33 -3.26
CA LYS J 438 59.05 29.61 -3.27
C LYS J 438 59.94 30.68 -3.86
N GLU J 439 61.22 30.62 -3.52
CA GLU J 439 62.11 31.67 -3.96
C GLU J 439 62.51 31.47 -5.43
N ALA J 440 62.57 30.24 -5.91
CA ALA J 440 62.85 30.03 -7.32
C ALA J 440 61.69 30.52 -8.23
N HIS J 441 60.44 30.12 -7.95
CA HIS J 441 59.31 30.42 -8.84
C HIS J 441 58.49 31.58 -8.39
N SER J 442 58.87 32.21 -7.29
CA SER J 442 58.09 33.36 -6.77
C SER J 442 56.61 32.98 -6.54
N ARG J 443 56.40 31.73 -6.12
CA ARG J 443 55.09 31.22 -5.78
C ARG J 443 55.33 29.88 -5.07
N LEU J 444 54.28 29.41 -4.40
CA LEU J 444 54.42 28.12 -3.75
C LEU J 444 53.10 27.37 -3.92
N GLY J 445 52.23 27.36 -2.93
CA GLY J 445 50.97 26.67 -3.13
C GLY J 445 49.77 27.59 -3.03
N PHE J 446 48.64 27.05 -2.56
CA PHE J 446 47.40 27.84 -2.41
C PHE J 446 47.57 28.85 -1.26
N TYR J 447 46.55 29.69 -1.08
CA TYR J 447 46.60 30.83 -0.11
C TYR J 447 47.22 30.43 1.25
CA GL3 J 448 47.26 28.91 3.14
N GL3 J 448 46.83 29.28 1.80
C GL3 J 448 48.13 27.68 3.20
S GL3 J 448 48.38 26.88 4.58
N TYR J 449 48.79 27.43 2.07
CA TYR J 449 49.60 26.19 1.95
C TYR J 449 50.82 26.11 2.90
N ASP J 450 51.55 27.21 3.04
CA ASP J 450 52.83 27.09 3.70
C ASP J 450 52.78 27.54 5.16
N LEU J 451 51.60 27.51 5.78
CA LEU J 451 51.55 27.73 7.22
C LEU J 451 52.53 26.78 7.91
N GLN J 452 52.46 25.49 7.64
CA GLN J 452 53.35 24.63 8.42
C GLN J 452 54.79 24.66 7.93
N ASP J 453 55.03 25.08 6.68
CA ASP J 453 56.37 25.10 6.13
C ASP J 453 57.18 26.29 6.61
N GLN J 454 56.52 27.44 6.86
CA GLN J 454 57.23 28.60 7.43
C GLN J 454 57.50 28.33 8.93
N SMC J 455 56.58 27.66 9.61
CA SMC J 455 56.77 27.19 11.03
CB SMC J 455 55.41 26.69 11.63
SG SMC J 455 54.29 28.05 11.99
CS SMC J 455 52.69 27.31 11.84
C SMC J 455 57.69 25.98 11.03
O SMC J 455 58.19 25.60 12.09
N GLY J 456 57.92 25.35 9.88
CA GLY J 456 58.53 24.03 9.86
C GLY J 456 59.97 23.86 10.32
N ALA J 457 60.89 24.68 9.81
CA ALA J 457 62.28 24.51 10.23
C ALA J 457 62.38 24.62 11.75
N SER J 458 61.71 25.61 12.34
CA SER J 458 61.87 25.81 13.79
C SER J 458 61.26 24.65 14.58
N ASN J 459 60.10 24.09 14.13
CA ASN J 459 59.48 23.02 14.89
C ASN J 459 59.99 21.61 14.54
N SER J 460 60.76 21.47 13.46
CA SER J 460 61.23 20.15 13.04
C SER J 460 62.12 19.51 14.09
N LEU J 461 63.02 20.27 14.66
CA LEU J 461 63.93 19.76 15.68
C LEU J 461 63.66 20.38 17.05
N SER J 462 62.50 21.00 17.21
CA SER J 462 62.15 21.59 18.49
C SER J 462 61.98 20.51 19.53
N ILE J 463 62.18 20.89 20.79
CA ILE J 463 61.88 20.02 21.91
C ILE J 463 60.75 20.57 22.79
N ARG J 464 60.06 21.64 22.36
CA ARG J 464 59.04 22.24 23.21
C ARG J 464 57.66 21.59 23.08
N SER J 465 56.89 21.69 24.17
CA SER J 465 55.49 21.33 24.40
C SER J 465 54.74 20.70 23.23
N ASP J 466 54.13 21.55 22.37
CA ASP J 466 53.37 21.11 21.18
C ASP J 466 54.16 21.30 19.91
N GLU J 467 55.47 21.46 20.02
CA GLU J 467 56.34 21.62 18.89
C GLU J 467 57.16 20.38 18.68
N GLY J 468 57.84 19.90 19.72
CA GLY J 468 58.73 18.78 19.52
C GLY J 468 58.02 17.44 19.53
N LEU J 469 58.41 16.59 18.57
CA LEU J 469 57.84 15.26 18.50
C LEU J 469 58.56 14.52 17.38
N ILE J 470 59.03 13.29 17.67
CA ILE J 470 59.71 12.51 16.65
C ILE J 470 58.74 12.33 15.46
N HIS J 471 59.27 12.47 14.24
CA HIS J 471 58.39 12.68 13.09
C HIS J 471 57.40 11.52 12.88
N GLU J 472 57.87 10.28 13.09
CA GLU J 472 57.02 9.07 12.88
C GLU J 472 55.74 9.11 13.70
N LEU J 473 55.79 9.79 14.84
CA LEU J 473 54.65 9.89 15.73
C LEU J 473 53.81 11.13 15.48
N ARG J 474 54.26 12.07 14.64
CA ARG J 474 53.36 13.15 14.26
C ARG J 474 52.25 12.54 13.43
N GLY J 475 51.18 13.30 13.21
CA GLY J 475 50.10 12.88 12.32
C GLY J 475 49.21 14.09 12.02
N PRO J 476 47.99 13.85 11.53
CA PRO J 476 47.07 14.97 11.17
C PRO J 476 46.64 15.86 12.32
N ASN J 477 46.85 15.47 13.58
CA ASN J 477 46.50 16.33 14.70
C ASN J 477 47.69 17.07 15.28
N TYR J 478 48.88 16.81 14.81
CA TYR J 478 50.05 17.64 15.17
C TYR J 478 49.68 19.09 14.80
N PRO J 479 49.74 20.05 15.71
CA PRO J 479 49.02 21.33 15.47
C PRO J 479 49.31 22.02 14.13
N ASN J 480 50.57 22.14 13.75
CA ASN J 480 50.90 22.81 12.49
C ASN J 480 50.27 22.10 11.31
N TYR J 481 50.01 20.79 11.45
CA TYR J 481 49.58 19.98 10.33
C TYR J 481 48.07 19.84 10.25
N ALA J 482 47.34 20.39 11.21
CA ALA J 482 45.94 20.02 11.37
C ALA J 482 45.02 20.51 10.24
N MET J 483 45.47 21.41 9.34
CA MET J 483 44.53 22.07 8.40
C MET J 483 44.74 21.84 6.90
N ASN J 484 45.95 21.56 6.41
CA ASN J 484 46.22 21.84 4.99
C ASN J 484 46.63 20.63 4.15
N VAL J 485 46.10 20.58 2.93
CA VAL J 485 46.48 19.56 1.94
C VAL J 485 47.97 19.60 1.57
N GLY J 486 48.41 18.59 0.83
CA GLY J 486 49.73 18.64 0.22
C GLY J 486 50.88 18.53 1.18
N HIS J 487 50.68 17.85 2.32
CA HIS J 487 51.71 17.61 3.32
C HIS J 487 51.59 16.23 3.98
N GLN J 488 50.39 15.93 4.55
CA GLN J 488 50.23 14.70 5.35
C GLN J 488 50.60 13.48 4.53
N PRO J 489 50.12 13.30 3.29
CA PRO J 489 50.53 12.11 2.52
C PRO J 489 52.02 11.99 2.39
N GLU J 490 52.68 13.11 2.10
CA GLU J 490 54.12 13.06 1.89
C GLU J 490 54.86 12.84 3.20
N TYR J 491 54.32 13.37 4.32
CA TYR J 491 54.94 13.09 5.61
C TYR J 491 54.89 11.60 5.95
N ALA J 492 53.85 10.87 5.54
CA ALA J 492 53.86 9.44 5.79
C ALA J 492 55.02 8.80 5.01
N GLY J 493 55.29 9.25 3.80
CA GLY J 493 56.48 8.78 3.08
C GLY J 493 57.78 9.11 3.79
N ILE J 494 57.90 10.33 4.34
CA ILE J 494 59.11 10.67 5.08
C ILE J 494 59.23 9.80 6.34
N ALA J 495 58.09 9.46 6.98
CA ALA J 495 58.12 8.54 8.11
C ALA J 495 58.63 7.17 7.69
N GLN J 496 58.19 6.68 6.53
CA GLN J 496 58.67 5.36 6.08
C GLN J 496 60.15 5.39 5.61
N ALA J 497 60.61 6.47 4.99
CA ALA J 497 61.85 6.48 4.22
C ALA J 497 63.08 6.02 5.00
N PRO J 498 63.33 6.45 6.23
CA PRO J 498 64.59 6.01 6.86
C PRO J 498 64.56 4.55 7.21
N HIS J 499 63.36 4.03 7.52
CA HIS J 499 63.20 2.62 7.86
C HIS J 499 63.32 1.75 6.65
N ALA J 500 62.78 2.21 5.50
CA ALA J 500 62.99 1.45 4.26
C ALA J 500 64.45 1.46 3.87
N ALA J 501 65.15 2.56 4.12
CA ALA J 501 66.56 2.62 3.76
C ALA J 501 67.37 1.68 4.64
N ARG J 502 66.97 1.57 5.91
CA ARG J 502 67.62 0.69 6.86
C ARG J 502 67.24 -0.77 6.64
N GLY J 503 66.18 -1.04 5.88
CA GLY J 503 65.62 -2.37 5.80
C GLY J 503 64.87 -2.81 7.04
N ASP J 504 64.39 -1.86 7.85
CA ASP J 504 63.61 -2.20 9.03
C ASP J 504 62.33 -2.92 8.64
N ALA J 505 61.87 -3.81 9.52
CA ALA J 505 60.59 -4.46 9.31
C ALA J 505 59.37 -3.53 9.55
N PHE J 506 59.56 -2.45 10.28
CA PHE J 506 58.44 -1.57 10.64
C PHE J 506 59.06 -0.22 11.00
N CYS J 507 58.22 0.81 11.09
CA CYS J 507 58.59 2.18 11.47
C CYS J 507 58.28 2.55 12.92
N THR J 508 57.13 2.15 13.45
CA THR J 508 56.74 2.56 14.81
C THR J 508 56.14 1.45 15.65
N ASN J 509 55.59 0.39 15.03
CA ASN J 509 54.87 -0.57 15.84
C ASN J 509 54.86 -1.91 15.14
N PRO J 510 55.52 -2.92 15.70
CA PRO J 510 55.55 -4.21 15.01
C PRO J 510 54.21 -4.92 15.04
N LEU J 511 53.36 -4.62 16.05
CA LEU J 511 52.03 -5.26 16.09
C LEU J 511 51.15 -4.78 14.96
N ILE J 512 51.18 -3.47 14.67
CA ILE J 512 50.45 -2.93 13.52
C ILE J 512 50.95 -3.57 12.22
N LYS J 513 52.27 -3.68 12.07
CA LYS J 513 52.85 -4.21 10.83
C LYS J 513 52.37 -5.63 10.56
N VAL J 514 52.42 -6.49 11.59
CA VAL J 514 51.99 -7.88 11.43
C VAL J 514 50.48 -7.94 11.23
N ALA J 515 49.74 -7.10 11.95
CA ALA J 515 48.27 -7.15 11.87
C ALA J 515 47.72 -6.89 10.46
N PHE J 516 48.50 -6.23 9.57
CA PHE J 516 48.04 -6.05 8.19
C PHE J 516 48.77 -6.96 7.19
N ALA J 517 49.55 -7.95 7.66
CA ALA J 517 50.18 -8.95 6.77
C ALA J 517 49.24 -10.14 6.60
N ASP J 518 48.22 -9.96 5.79
CA ASP J 518 47.08 -10.88 5.82
C ASP J 518 46.40 -10.82 4.44
N LYS J 519 46.46 -11.92 3.70
CA LYS J 519 45.85 -11.92 2.38
C LYS J 519 44.34 -11.71 2.44
N ASP J 520 43.71 -11.84 3.62
CA ASP J 520 42.27 -11.84 3.70
C ASP J 520 41.68 -10.45 3.92
N LEU J 521 42.54 -9.45 4.04
CA LEU J 521 42.07 -8.08 3.88
C LEU J 521 41.41 -7.91 2.51
N SER J 522 40.52 -6.92 2.39
CA SER J 522 39.86 -6.65 1.11
CA SER J 522 39.87 -6.65 1.11
C SER J 522 40.73 -5.76 0.23
N PHE J 523 41.26 -4.70 0.78
CA PHE J 523 42.18 -3.85 0.06
C PHE J 523 43.56 -4.50 0.07
N ASP J 524 44.27 -4.45 -1.05
CA ASP J 524 45.60 -5.00 -1.10
C ASP J 524 46.62 -3.98 -0.61
N PHE J 525 46.96 -4.11 0.68
CA PHE J 525 47.89 -3.18 1.29
C PHE J 525 49.35 -3.40 0.86
N THR J 526 49.70 -4.49 0.13
CA THR J 526 51.08 -4.55 -0.38
C THR J 526 51.29 -3.54 -1.51
N SER J 527 50.25 -3.12 -2.21
CA SER J 527 50.41 -2.09 -3.24
C SER J 527 49.16 -1.24 -3.28
N PRO J 528 49.11 -0.18 -2.47
CA PRO J 528 47.98 0.73 -2.56
C PRO J 528 47.80 1.30 -3.96
N ARG J 529 48.88 1.48 -4.72
CA ARG J 529 48.76 1.93 -6.10
C ARG J 529 47.93 0.97 -6.96
N LYS J 530 48.28 -0.31 -6.94
CA LYS J 530 47.52 -1.24 -7.77
C LYS J 530 46.06 -1.32 -7.33
N SER J 531 45.80 -1.33 -6.00
CA SER J 531 44.42 -1.42 -5.53
C SER J 531 43.60 -0.20 -5.93
N ILE J 532 44.15 1.00 -5.75
CA ILE J 532 43.48 2.24 -6.17
C ILE J 532 43.20 2.22 -7.67
N ALA J 533 44.15 1.73 -8.45
CA ALA J 533 43.96 1.61 -9.88
C ALA J 533 42.78 0.71 -10.16
N LYS J 534 42.70 -0.40 -9.43
CA LYS J 534 41.62 -1.34 -9.68
C LYS J 534 40.26 -0.70 -9.39
N GLY J 535 40.17 0.09 -8.32
CA GLY J 535 38.95 0.80 -8.09
C GLY J 535 38.67 1.80 -9.20
N ALA J 536 39.72 2.45 -9.71
CA ALA J 536 39.53 3.47 -10.74
C ALA J 536 38.96 2.84 -11.99
N LEU J 537 39.30 1.58 -12.25
CA LEU J 537 38.78 0.85 -13.39
C LEU J 537 37.42 0.21 -13.11
N ARG J 538 36.83 0.45 -11.92
CA ARG J 538 35.57 -0.16 -11.48
C ARG J 538 35.64 -1.67 -11.49
N GLU J 539 36.80 -2.18 -11.11
CA GLU J 539 37.05 -3.61 -11.04
C GLU J 539 37.15 -4.08 -9.62
N PHE J 540 37.06 -3.18 -8.64
CA PHE J 540 37.26 -3.56 -7.25
C PHE J 540 35.91 -3.83 -6.59
N ILE J 541 35.80 -4.99 -5.94
CA ILE J 541 34.57 -5.39 -5.24
C ILE J 541 34.72 -5.03 -3.76
N PRO J 542 34.02 -4.04 -3.25
CA PRO J 542 34.15 -3.69 -1.83
C PRO J 542 33.24 -4.56 -0.99
N GLU J 543 33.36 -4.35 0.32
CA GLU J 543 32.57 -5.03 1.31
C GLU J 543 31.45 -4.12 1.82
N GLY J 544 30.48 -4.72 2.50
CA GLY J 544 29.50 -3.97 3.25
C GLY J 544 28.30 -3.50 2.46
N GLU J 545 28.15 -3.94 1.21
CA GLU J 545 26.96 -3.51 0.46
C GLU J 545 25.74 -4.21 1.03
N ARG J 546 24.54 -3.69 0.72
CA ARG J 546 23.32 -4.19 1.33
C ARG J 546 22.39 -4.93 0.35
N ASP J 547 22.91 -5.39 -0.77
CA ASP J 547 22.01 -5.99 -1.77
C ASP J 547 21.19 -7.15 -1.23
N LEU J 548 21.71 -7.95 -0.29
CA LEU J 548 20.95 -9.11 0.14
C LEU J 548 19.66 -8.77 0.87
N ILE J 549 19.51 -7.52 1.35
CA ILE J 549 18.32 -7.15 2.10
C ILE J 549 17.51 -6.07 1.37
N ILE J 550 17.83 -5.78 0.12
CA ILE J 550 17.07 -4.73 -0.53
CA ILE J 550 17.26 -4.69 -0.70
C ILE J 550 16.34 -5.35 -1.72
N PRO J 551 15.19 -4.77 -2.11
CA PRO J 551 14.35 -5.40 -3.14
C PRO J 551 15.10 -5.65 -4.44
N ALA J 552 14.63 -6.66 -5.17
CA ALA J 552 15.19 -7.03 -6.49
C ALA J 552 15.14 -5.87 -7.52
N PRO K 2 69.47 40.39 39.79
CA PRO K 2 68.45 39.43 39.33
C PRO K 2 69.03 38.28 38.49
N MET K 3 68.16 37.47 37.92
CA MET K 3 68.60 36.37 37.07
C MET K 3 69.20 36.88 35.76
N TYR K 4 68.49 37.77 35.09
CA TYR K 4 68.95 38.31 33.81
C TYR K 4 69.49 39.71 34.03
N GLU K 5 70.40 40.13 33.12
CA GLU K 5 71.02 41.45 33.23
C GLU K 5 70.21 42.55 32.55
N ASP K 6 69.22 42.20 31.74
CA ASP K 6 68.47 43.18 30.97
C ASP K 6 67.73 44.16 31.87
N ARG K 7 67.76 45.44 31.47
CA ARG K 7 66.93 46.48 32.02
C ARG K 7 66.35 47.29 30.88
N VAL K 8 65.12 47.76 31.07
CA VAL K 8 64.36 48.52 30.08
C VAL K 8 63.71 49.73 30.73
N ASP K 9 63.37 50.71 29.90
CA ASP K 9 62.46 51.76 30.33
C ASP K 9 61.07 51.38 29.85
N LEU K 10 60.07 51.53 30.75
CA LEU K 10 58.68 51.27 30.43
C LEU K 10 58.05 52.59 30.02
N TYR K 11 57.43 52.62 28.84
CA TYR K 11 56.76 53.78 28.28
C TYR K 11 55.28 53.49 28.13
N GLY K 12 54.43 54.49 28.29
CA GLY K 12 53.00 54.24 28.18
C GLY K 12 52.52 54.23 26.73
N ALA K 13 51.21 53.98 26.54
CA ALA K 13 50.60 54.04 25.21
C ALA K 13 50.63 55.44 24.61
N ASP K 14 50.84 56.48 25.43
CA ASP K 14 50.99 57.83 24.88
C ASP K 14 52.42 58.15 24.46
N GLY K 15 53.34 57.19 24.56
CA GLY K 15 54.73 57.43 24.17
C GLY K 15 55.52 58.18 25.21
N LYS K 16 55.03 58.27 26.44
CA LYS K 16 55.77 58.96 27.50
C LYS K 16 56.28 57.99 28.55
N LEU K 17 57.42 58.34 29.14
CA LEU K 17 58.11 57.47 30.10
C LEU K 17 57.23 57.23 31.31
N LEU K 18 57.12 55.98 31.73
CA LEU K 18 56.44 55.59 32.97
C LEU K 18 57.43 55.25 34.08
N GLU K 19 58.38 54.38 33.78
CA GLU K 19 59.35 53.90 34.78
C GLU K 19 60.72 53.70 34.12
N GLU K 20 61.75 54.24 34.73
CA GLU K 20 63.08 54.17 34.16
C GLU K 20 63.87 53.01 34.72
N ASP K 21 64.62 52.33 33.84
CA ASP K 21 65.67 51.40 34.26
C ASP K 21 65.13 50.28 35.16
N VAL K 22 64.18 49.52 34.59
CA VAL K 22 63.45 48.46 35.28
C VAL K 22 64.11 47.12 34.92
N PRO K 23 64.42 46.26 35.89
CA PRO K 23 64.92 44.92 35.53
C PRO K 23 63.84 44.18 34.75
N LEU K 24 64.27 43.50 33.69
CA LEU K 24 63.35 42.74 32.84
C LEU K 24 62.38 41.89 33.66
N GLU K 25 62.86 41.21 34.72
CA GLU K 25 61.99 40.30 35.45
C GLU K 25 60.86 41.01 36.18
N ALA K 26 60.95 42.35 36.28
CA ALA K 26 59.88 43.06 36.92
C ALA K 26 58.59 43.00 36.11
N VAL K 27 58.65 42.63 34.83
CA VAL K 27 57.41 42.43 34.10
C VAL K 27 57.12 40.96 33.86
N SER K 28 57.84 40.06 34.53
CA SER K 28 57.58 38.63 34.37
C SER K 28 56.21 38.28 34.92
N PRO K 29 55.44 37.48 34.21
CA PRO K 29 54.21 36.95 34.78
C PRO K 29 54.44 36.24 36.11
N LEU K 30 55.67 35.71 36.35
CA LEU K 30 55.91 35.05 37.61
C LEU K 30 56.19 36.00 38.76
N LYS K 31 56.43 37.30 38.50
CA LYS K 31 56.82 38.26 39.52
CA LYS K 31 56.84 38.27 39.51
C LYS K 31 55.89 39.46 39.63
N ASN K 32 55.39 39.97 38.51
CA ASN K 32 54.67 41.25 38.51
C ASN K 32 53.31 41.15 39.20
N PRO K 33 53.05 41.94 40.23
CA PRO K 33 51.80 41.73 40.98
C PRO K 33 50.58 42.11 40.16
N THR K 34 50.74 43.04 39.19
CA THR K 34 49.58 43.43 38.37
C THR K 34 49.18 42.28 37.46
N ILE K 35 50.18 41.60 36.86
CA ILE K 35 49.86 40.46 36.02
C ILE K 35 49.17 39.39 36.85
N ALA K 36 49.68 39.14 38.07
CA ALA K 36 49.06 38.13 38.93
C ALA K 36 47.59 38.47 39.20
N ASN K 37 47.30 39.73 39.53
CA ASN K 37 45.93 40.13 39.81
C ASN K 37 45.08 40.04 38.56
N LEU K 38 45.65 40.37 37.41
CA LEU K 38 44.85 40.34 36.20
C LEU K 38 44.46 38.91 35.87
N VAL K 39 45.40 37.98 35.97
CA VAL K 39 45.09 36.59 35.65
C VAL K 39 44.07 36.03 36.64
N SER K 40 44.25 36.33 37.92
CA SER K 40 43.28 35.91 38.92
C SER K 40 41.87 36.46 38.62
N ASP K 41 41.78 37.71 38.17
CA ASP K 41 40.48 38.30 37.85
C ASP K 41 39.86 37.66 36.62
N VAL K 42 40.69 37.32 35.63
CA VAL K 42 40.13 36.68 34.44
C VAL K 42 39.54 35.33 34.81
N LYS K 43 40.24 34.58 35.67
CA LYS K 43 39.79 33.24 36.03
C LYS K 43 38.55 33.26 36.91
N ARG K 44 38.45 34.25 37.80
CA ARG K 44 37.41 34.21 38.80
C ARG K 44 36.15 34.99 38.42
N SER K 45 36.15 35.69 37.27
CA SER K 45 35.06 36.60 36.92
C SER K 45 34.05 35.89 36.04
N VAL K 46 32.77 36.15 36.29
CA VAL K 46 31.65 35.53 35.60
C VAL K 46 30.60 36.60 35.29
N ALA K 47 30.12 36.64 34.05
CA ALA K 47 29.07 37.56 33.65
C ALA K 47 27.72 36.85 33.70
N VAL K 48 26.80 37.36 34.51
CA VAL K 48 25.46 36.83 34.63
C VAL K 48 24.50 37.75 33.89
N ASN K 49 23.81 37.21 32.89
CA ASN K 49 22.86 37.97 32.08
C ASN K 49 21.46 37.78 32.66
N LEU K 50 21.08 38.59 33.64
CA LEU K 50 19.75 38.45 34.24
C LEU K 50 18.62 38.72 33.24
N ALA K 51 18.80 39.71 32.35
CA ALA K 51 17.78 39.97 31.34
C ALA K 51 17.64 38.78 30.43
N GLY K 52 18.78 38.17 30.04
CA GLY K 52 18.70 36.99 29.19
C GLY K 52 18.06 35.80 29.91
N ILE K 53 18.39 35.59 31.18
CA ILE K 53 17.69 34.53 31.93
C ILE K 53 16.18 34.79 31.97
N GLU K 54 15.79 36.04 32.28
CA GLU K 54 14.38 36.37 32.35
C GLU K 54 13.68 36.14 31.01
N GLY K 55 14.25 36.63 29.93
CA GLY K 55 13.58 36.47 28.65
C GLY K 55 13.56 35.03 28.21
N SER K 56 14.67 34.30 28.44
CA SER K 56 14.68 32.85 28.19
C SER K 56 13.57 32.15 28.95
N LEU K 57 13.36 32.51 30.21
CA LEU K 57 12.28 31.87 30.94
C LEU K 57 10.92 32.29 30.40
N ARG K 58 10.74 33.57 30.08
CA ARG K 58 9.44 34.06 29.64
CA ARG K 58 9.43 34.04 29.65
C ARG K 58 8.95 33.36 28.37
N LYS K 59 9.88 33.06 27.44
CA LYS K 59 9.54 32.44 26.16
C LYS K 59 9.75 30.92 26.19
N ALA K 60 10.20 30.40 27.31
CA ALA K 60 10.78 29.06 27.35
C ALA K 60 11.82 28.89 26.22
N ALA K 61 12.61 29.95 25.97
CA ALA K 61 13.65 29.92 24.94
C ALA K 61 14.91 29.32 25.57
N LEU K 62 14.95 27.99 25.64
CA LEU K 62 15.90 27.29 26.54
C LEU K 62 16.90 26.43 25.77
N GLY K 63 18.17 26.58 26.12
CA GLY K 63 19.18 25.62 25.68
C GLY K 63 19.84 25.90 24.34
N GLY K 64 19.71 27.11 23.82
CA GLY K 64 20.40 27.45 22.60
C GLY K 64 19.48 28.03 21.55
N LYS K 65 20.13 28.55 20.51
CA LYS K 65 19.50 29.38 19.51
C LYS K 65 18.32 28.67 18.88
N SER K 66 17.21 29.39 18.81
CA SER K 66 15.95 28.99 18.22
C SER K 66 15.27 27.81 18.94
N ASN K 67 15.80 27.39 20.09
CA ASN K 67 15.09 26.45 20.95
C ASN K 67 13.94 27.17 21.69
N PHE K 68 12.77 26.52 21.71
CA PHE K 68 11.63 26.89 22.52
C PHE K 68 10.93 25.62 22.98
N ILE K 69 10.47 25.65 24.22
CA ILE K 69 9.75 24.52 24.79
C ILE K 69 8.34 24.98 25.15
N PRO K 70 7.40 24.92 24.23
CA PRO K 70 6.04 25.42 24.49
C PRO K 70 5.40 24.81 25.73
N GLY K 71 4.78 25.67 26.57
CA GLY K 71 4.13 25.17 27.75
C GLY K 71 4.99 25.24 28.99
N ARG K 72 6.26 25.56 28.83
CA ARG K 72 7.13 25.54 29.98
C ARG K 72 7.59 26.93 30.39
N GLU K 73 6.91 27.96 29.86
CA GLU K 73 7.24 29.35 30.16
C GLU K 73 7.13 29.63 31.66
N VAL K 74 8.01 30.50 32.17
CA VAL K 74 7.97 30.94 33.55
C VAL K 74 8.20 32.44 33.49
N ASP K 75 7.25 33.23 34.03
CA ASP K 75 7.29 34.70 33.95
C ASP K 75 7.65 35.34 35.30
N LEU K 76 8.90 35.78 35.44
CA LEU K 76 9.38 36.31 36.72
C LEU K 76 10.01 37.68 36.49
N PRO K 77 9.78 38.67 37.45
CA PRO K 77 10.42 40.01 37.37
C PRO K 77 11.84 39.99 37.92
N ILE K 78 12.73 39.28 37.21
CA ILE K 78 14.11 39.11 37.69
C ILE K 78 14.87 40.42 37.69
N VAL K 79 14.89 41.13 36.55
CA VAL K 79 15.65 42.38 36.51
C VAL K 79 15.14 43.38 37.53
N GLU K 80 13.80 43.46 37.73
CA GLU K 80 13.22 44.42 38.69
C GLU K 80 13.67 44.17 40.11
N ASN K 81 14.05 42.94 40.43
CA ASN K 81 14.54 42.55 41.75
C ASN K 81 16.02 42.22 41.73
N ALA K 82 16.79 42.84 40.81
CA ALA K 82 18.20 42.47 40.62
C ALA K 82 18.98 42.69 41.89
N GLU K 83 18.70 43.78 42.61
CA GLU K 83 19.48 44.08 43.80
C GLU K 83 19.32 42.99 44.85
N ALA K 84 18.06 42.58 45.10
CA ALA K 84 17.80 41.49 46.05
C ALA K 84 18.51 40.22 45.62
N ILE K 85 18.39 39.89 44.35
CA ILE K 85 19.02 38.67 43.83
C ILE K 85 20.55 38.74 43.92
N ALA K 86 21.14 39.90 43.57
CA ALA K 86 22.59 40.06 43.73
C ALA K 86 23.03 39.89 45.18
N GLU K 87 22.26 40.38 46.16
CA GLU K 87 22.70 40.20 47.54
C GLU K 87 22.70 38.72 47.93
N LYS K 88 21.73 37.95 47.41
CA LYS K 88 21.70 36.51 47.68
C LYS K 88 22.85 35.81 47.01
N ILE K 89 23.15 36.19 45.77
CA ILE K 89 24.30 35.60 45.09
C ILE K 89 25.57 35.84 45.90
N LYS K 90 25.73 37.08 46.39
CA LYS K 90 26.89 37.38 47.23
C LYS K 90 27.01 36.42 48.40
N LYS K 91 25.91 36.23 49.17
CA LYS K 91 25.93 35.37 50.35
C LYS K 91 26.30 33.92 50.01
N LEU K 92 25.85 33.43 48.83
CA LEU K 92 26.10 32.05 48.44
C LEU K 92 27.49 31.83 47.86
N VAL K 93 28.08 32.88 47.28
CA VAL K 93 29.37 32.78 46.60
C VAL K 93 30.52 33.05 47.55
N GLN K 94 30.32 33.89 48.57
CA GLN K 94 31.44 34.28 49.40
C GLN K 94 31.85 33.11 50.28
N THR K 95 33.07 33.18 50.82
CA THR K 95 33.49 32.22 51.83
C THR K 95 33.59 32.87 53.20
N SER K 96 33.67 34.20 53.25
CA SER K 96 33.57 34.92 54.50
C SER K 96 33.18 36.35 54.18
N GLU K 97 32.73 37.07 55.20
CA GLU K 97 32.29 38.45 55.00
C GLU K 97 33.46 39.34 54.56
N ASP K 98 34.67 38.98 54.92
CA ASP K 98 35.86 39.80 54.65
C ASP K 98 36.66 39.36 53.42
N ASP K 99 36.13 38.50 52.57
CA ASP K 99 36.97 37.99 51.49
C ASP K 99 36.82 38.88 50.24
N ASP K 100 37.38 38.43 49.12
CA ASP K 100 37.46 39.29 47.95
C ASP K 100 36.38 39.01 46.93
N THR K 101 35.26 38.39 47.37
CA THR K 101 34.05 38.31 46.56
C THR K 101 33.60 39.71 46.16
N ASN K 102 33.31 39.91 44.88
CA ASN K 102 32.77 41.18 44.40
CA ASN K 102 32.79 41.18 44.38
C ASN K 102 31.58 40.90 43.50
N ILE K 103 30.49 41.62 43.74
CA ILE K 103 29.27 41.52 42.94
C ILE K 103 28.97 42.93 42.47
N ARG K 104 28.75 43.11 41.18
CA ARG K 104 28.45 44.45 40.68
C ARG K 104 27.33 44.39 39.66
N LEU K 105 26.27 45.16 39.89
CA LEU K 105 25.21 45.25 38.90
C LEU K 105 25.60 46.20 37.78
N ILE K 106 25.28 45.82 36.53
CA ILE K 106 25.64 46.53 35.30
C ILE K 106 24.34 46.78 34.52
N ASN K 107 24.31 47.86 33.72
CA ASN K 107 23.24 48.04 32.71
C ASN K 107 21.86 47.97 33.34
N ASN K 108 21.66 48.77 34.39
CA ASN K 108 20.39 48.83 35.09
C ASN K 108 19.96 47.47 35.61
N GLY K 109 20.92 46.69 36.08
CA GLY K 109 20.56 45.44 36.67
C GLY K 109 20.33 44.32 35.70
N GLN K 110 20.54 44.55 34.39
CA GLN K 110 20.29 43.50 33.41
C GLN K 110 21.42 42.51 33.37
N GLN K 111 22.62 42.89 33.85
CA GLN K 111 23.77 41.99 33.96
C GLN K 111 24.45 42.17 35.31
N ILE K 112 25.13 41.13 35.76
CA ILE K 112 25.92 41.18 36.99
C ILE K 112 27.33 40.72 36.65
N LEU K 113 28.33 41.40 37.18
CA LEU K 113 29.69 40.84 37.19
C LEU K 113 29.93 40.21 38.56
N VAL K 114 30.24 38.94 38.57
CA VAL K 114 30.50 38.18 39.78
C VAL K 114 31.97 37.79 39.76
N GLN K 115 32.71 38.20 40.79
CA GLN K 115 34.08 37.77 40.96
C GLN K 115 34.14 36.85 42.17
N VAL K 116 34.29 35.56 41.90
CA VAL K 116 34.28 34.51 42.92
C VAL K 116 35.50 34.65 43.81
N PRO K 117 35.40 34.39 45.12
CA PRO K 117 36.55 34.61 46.02
C PRO K 117 37.69 33.66 45.68
N THR K 118 38.92 34.17 45.85
CA THR K 118 40.08 33.35 45.52
C THR K 118 40.20 32.12 46.42
N THR K 119 39.62 32.18 47.63
CA THR K 119 39.56 30.97 48.46
C THR K 119 38.92 29.80 47.72
N ARG K 120 37.85 30.04 46.96
CA ARG K 120 37.24 28.93 46.21
C ARG K 120 38.14 28.43 45.07
N MET K 121 38.84 29.35 44.41
CA MET K 121 39.75 28.95 43.34
C MET K 121 40.92 28.16 43.89
N GLY K 122 41.38 28.53 45.08
CA GLY K 122 42.53 27.85 45.67
C GLY K 122 42.30 26.37 45.96
N VAL K 123 41.06 25.97 46.25
CA VAL K 123 40.79 24.57 46.57
C VAL K 123 40.04 23.88 45.44
N ALA K 124 40.04 24.51 44.26
CA ALA K 124 39.49 23.86 43.08
C ALA K 124 40.64 23.49 42.14
N ALA K 125 40.43 22.44 41.33
CA ALA K 125 41.47 22.05 40.39
C ALA K 125 41.61 23.04 39.22
N ASP K 126 40.49 23.50 38.65
CA ASP K 126 40.61 24.47 37.55
C ASP K 126 39.61 25.62 37.71
N TYR K 127 39.62 26.52 36.72
CA TYR K 127 38.91 27.80 36.79
C TYR K 127 37.43 27.65 36.51
N THR K 128 36.94 26.48 36.06
CA THR K 128 35.50 26.36 35.82
CA THR K 128 35.50 26.35 35.83
C THR K 128 34.70 26.56 37.12
N VAL K 129 35.35 26.39 38.27
CA VAL K 129 34.67 26.57 39.54
C VAL K 129 33.86 27.87 39.56
N SER K 130 34.42 28.96 39.00
CA SER K 130 33.75 30.25 39.18
CA SER K 130 33.76 30.25 39.15
C SER K 130 32.40 30.25 38.48
N ALA K 131 32.36 29.72 37.27
CA ALA K 131 31.09 29.64 36.57
C ALA K 131 30.14 28.67 37.25
N LEU K 132 30.65 27.51 37.73
CA LEU K 132 29.76 26.53 38.32
C LEU K 132 29.17 27.05 39.62
N VAL K 133 30.02 27.67 40.46
CA VAL K 133 29.52 28.14 41.74
C VAL K 133 28.59 29.31 41.50
N THR K 134 28.95 30.17 40.56
CA THR K 134 28.13 31.34 40.25
C THR K 134 26.79 30.90 39.70
N GLY K 135 26.80 29.89 38.80
CA GLY K 135 25.55 29.36 38.28
C GLY K 135 24.65 28.80 39.38
N ALA K 136 25.23 28.07 40.34
CA ALA K 136 24.42 27.47 41.37
C ALA K 136 23.82 28.57 42.22
N ALA K 137 24.61 29.60 42.50
CA ALA K 137 24.13 30.66 43.33
C ALA K 137 23.00 31.42 42.64
N VAL K 138 23.11 31.63 41.32
CA VAL K 138 22.10 32.38 40.60
C VAL K 138 20.81 31.57 40.57
N VAL K 139 20.93 30.24 40.36
CA VAL K 139 19.73 29.41 40.28
C VAL K 139 18.99 29.43 41.61
N GLN K 140 19.72 29.24 42.72
CA GLN K 140 19.06 29.21 44.01
C GLN K 140 18.53 30.60 44.38
N ALA K 141 19.27 31.67 44.02
CA ALA K 141 18.83 33.01 44.35
C ALA K 141 17.50 33.36 43.67
N ILE K 142 17.36 32.96 42.40
CA ILE K 142 16.11 33.22 41.70
C ILE K 142 14.99 32.37 42.29
N ILE K 143 15.23 31.05 42.50
CA ILE K 143 14.21 30.16 43.03
C ILE K 143 13.74 30.64 44.39
N ASP K 144 14.68 31.09 45.24
CA ASP K 144 14.31 31.57 46.58
C ASP K 144 13.58 32.90 46.51
N GLU K 145 14.02 33.78 45.61
CA GLU K 145 13.43 35.11 45.55
C GLU K 145 11.94 35.02 45.20
N PHE K 146 11.58 34.10 44.32
CA PHE K 146 10.23 34.05 43.80
C PHE K 146 9.47 32.81 44.22
N ASP K 147 10.06 31.99 45.10
CA ASP K 147 9.45 30.74 45.53
CA ASP K 147 9.44 30.74 45.53
C ASP K 147 8.99 29.92 44.32
N VAL K 148 9.90 29.75 43.36
CA VAL K 148 9.53 29.03 42.16
C VAL K 148 9.19 27.59 42.54
N ASP K 149 8.08 27.08 42.02
CA ASP K 149 7.68 25.73 42.39
C ASP K 149 8.63 24.69 41.80
N MET K 150 8.57 23.48 42.40
CA MET K 150 9.47 22.40 42.05
C MET K 150 9.35 21.98 40.58
N PHE K 151 8.15 22.09 39.99
CA PHE K 151 8.05 21.62 38.60
C PHE K 151 8.54 22.67 37.60
N ASP K 152 8.72 23.92 38.01
CA ASP K 152 9.26 24.98 37.16
C ASP K 152 10.74 25.25 37.38
N ALA K 153 11.25 24.83 38.53
CA ALA K 153 12.63 25.15 38.91
C ALA K 153 13.65 24.65 37.88
N ASN K 154 13.43 23.48 37.32
CA ASN K 154 14.45 23.01 36.37
C ASN K 154 14.52 23.92 35.14
N ALA K 155 13.43 24.66 34.84
CA ALA K 155 13.52 25.64 33.75
C ALA K 155 14.47 26.76 34.10
N VAL K 156 14.47 27.19 35.37
CA VAL K 156 15.40 28.22 35.81
C VAL K 156 16.84 27.74 35.64
N LYS K 157 17.11 26.51 36.10
CA LYS K 157 18.42 25.91 35.95
C LYS K 157 18.84 25.91 34.49
N THR K 158 17.91 25.50 33.61
CA THR K 158 18.22 25.41 32.19
C THR K 158 18.43 26.79 31.61
N ALA K 159 17.73 27.79 32.12
CA ALA K 159 17.89 29.15 31.60
C ALA K 159 19.27 29.70 31.94
N VAL K 160 19.78 29.41 33.15
CA VAL K 160 21.08 29.90 33.59
C VAL K 160 22.22 29.13 32.90
N MET K 161 22.22 27.79 32.97
CA MET K 161 23.37 27.03 32.53
C MET K 161 23.18 26.36 31.17
N GLY K 162 22.03 26.54 30.53
CA GLY K 162 21.91 26.04 29.19
C GLY K 162 21.67 24.54 29.11
N ARG K 163 22.23 23.92 28.07
CA ARG K 163 21.99 22.50 27.82
C ARG K 163 22.88 21.55 28.62
N TYR K 164 23.75 22.08 29.46
CA TYR K 164 24.57 21.23 30.31
C TYR K 164 23.66 20.44 31.26
N PRO K 165 23.88 19.11 31.46
CA PRO K 165 25.00 18.28 31.01
C PRO K 165 24.81 17.44 29.77
N GLN K 166 23.73 17.61 29.00
CA GLN K 166 23.66 16.88 27.74
C GLN K 166 24.76 17.38 26.81
N THR K 167 25.06 18.69 26.83
CA THR K 167 26.26 19.21 26.17
C THR K 167 27.40 19.21 27.17
N VAL K 168 28.63 19.16 26.62
CA VAL K 168 29.83 19.15 27.46
C VAL K 168 30.09 20.51 28.07
N ASP K 169 29.45 21.53 27.52
CA ASP K 169 29.65 22.90 27.98
C ASP K 169 28.29 23.56 28.28
N PHE K 170 28.34 24.85 28.63
CA PHE K 170 27.13 25.61 28.92
C PHE K 170 26.45 26.11 27.64
N THR K 171 26.18 25.22 26.66
CA THR K 171 25.53 25.65 25.42
C THR K 171 24.18 26.34 25.67
N GLY K 172 24.02 27.53 25.10
CA GLY K 172 22.79 28.30 25.24
C GLY K 172 22.59 28.87 26.61
N ALA K 173 23.63 28.93 27.44
CA ALA K 173 23.52 29.46 28.77
C ALA K 173 23.39 31.00 28.77
N ASN K 174 22.95 31.51 29.91
CA ASN K 174 22.88 32.95 30.13
C ASN K 174 23.88 33.39 31.19
N LEU K 175 24.99 32.65 31.31
CA LEU K 175 26.14 33.27 31.93
C LEU K 175 27.35 32.91 31.10
N SER K 176 28.41 33.67 31.28
CA SER K 176 29.53 33.48 30.38
C SER K 176 30.81 33.85 31.11
N THR K 177 31.92 33.38 30.60
CA THR K 177 33.21 33.69 31.21
C THR K 177 34.13 34.04 30.09
N LEU K 178 35.18 34.81 30.39
CA LEU K 178 36.17 35.10 29.34
C LEU K 178 36.87 33.84 28.89
N LEU K 179 37.11 32.92 29.81
CA LEU K 179 37.73 31.64 29.49
C LEU K 179 36.66 30.56 29.33
N GLY K 180 36.70 29.84 28.24
CA GLY K 180 35.79 28.72 28.10
C GLY K 180 36.31 27.51 28.85
N PRO K 181 35.45 26.49 28.99
CA PRO K 181 35.82 25.33 29.80
C PRO K 181 36.98 24.58 29.19
N PRO K 182 37.79 23.91 30.03
CA PRO K 182 38.99 23.25 29.54
C PRO K 182 38.72 22.12 28.59
N VAL K 183 37.51 21.56 28.61
CA VAL K 183 37.17 20.47 27.71
C VAL K 183 37.25 20.90 26.24
N LEU K 184 37.17 22.20 25.95
CA LEU K 184 37.25 22.74 24.60
C LEU K 184 38.65 23.30 24.27
N LEU K 185 39.64 23.09 25.14
CA LEU K 185 40.98 23.56 24.81
C LEU K 185 41.60 22.69 23.69
N GLU K 186 42.22 23.37 22.69
CA GLU K 186 43.05 22.78 21.61
C GLU K 186 44.33 22.17 22.13
N GLY K 187 44.95 22.83 23.08
CA GLY K 187 46.23 22.40 23.57
C GLY K 187 46.21 22.50 25.08
N LEU K 188 47.07 21.70 25.71
CA LEU K 188 47.18 21.72 27.16
C LEU K 188 47.73 23.04 27.61
N GLY K 189 47.20 23.59 28.69
CA GLY K 189 47.70 24.89 29.13
C GLY K 189 47.19 26.08 28.33
N TYR K 190 46.24 25.90 27.42
CA TYR K 190 45.82 27.02 26.57
C TYR K 190 44.76 27.93 27.17
N GLY K 191 44.35 27.70 28.43
CA GLY K 191 43.20 28.42 28.97
C GLY K 191 43.25 29.91 28.74
N LEU K 192 44.39 30.54 29.04
CA LEU K 192 44.44 32.00 28.94
C LEU K 192 44.44 32.49 27.50
N ARG K 193 44.60 31.60 26.50
CA ARG K 193 44.67 32.04 25.12
C ARG K 193 43.29 32.10 24.46
N ASN K 194 42.24 31.75 25.19
CA ASN K 194 40.91 31.52 24.60
C ASN K 194 40.10 32.81 24.42
N ILE K 195 40.66 34.00 24.53
CA ILE K 195 39.85 35.22 24.46
C ILE K 195 39.93 35.83 23.05
N MET K 196 38.80 35.86 22.34
CA MET K 196 38.74 36.40 20.99
C MET K 196 39.24 37.82 20.93
N ALA K 197 39.89 38.16 19.81
CA ALA K 197 40.46 39.50 19.64
C ALA K 197 39.40 40.59 19.84
N ASN K 198 38.17 40.39 19.32
CA ASN K 198 37.10 41.39 19.53
C ASN K 198 36.78 41.59 21.02
N HIS K 199 36.88 40.56 21.86
CA HIS K 199 36.66 40.75 23.30
C HIS K 199 37.76 41.63 23.90
N VAL K 200 39.01 41.39 23.51
CA VAL K 200 40.14 42.19 23.95
C VAL K 200 39.92 43.66 23.62
N VAL K 201 39.47 43.93 22.40
CA VAL K 201 39.19 45.29 21.94
C VAL K 201 38.07 45.91 22.76
N ALA K 202 36.99 45.13 23.04
CA ALA K 202 35.90 45.72 23.83
C ALA K 202 36.37 46.01 25.26
N ILE K 203 37.18 45.13 25.85
CA ILE K 203 37.65 45.37 27.22
C ILE K 203 38.55 46.62 27.33
N THR K 204 39.33 46.92 26.29
CA THR K 204 40.23 48.08 26.34
C THR K 204 39.63 49.29 25.65
N ARG K 205 38.32 49.24 25.37
CA ARG K 205 37.58 50.34 24.76
C ARG K 205 38.27 50.84 23.48
N LYS K 206 38.75 49.91 22.67
CA LYS K 206 39.30 50.16 21.34
CA LYS K 206 39.29 50.19 21.34
C LYS K 206 40.58 50.98 21.37
N ASN K 207 41.31 50.99 22.48
CA ASN K 207 42.56 51.74 22.50
C ASN K 207 43.72 50.84 22.05
N THR K 208 44.31 51.14 20.88
CA THR K 208 45.16 50.23 20.10
C THR K 208 46.20 49.53 20.95
N LEU K 209 47.06 50.32 21.57
CA LEU K 209 48.17 49.71 22.28
C LEU K 209 47.79 49.03 23.60
N ASN K 210 46.72 49.49 24.28
CA ASN K 210 46.29 48.70 25.46
C ASN K 210 45.67 47.37 25.03
N ALA K 211 45.03 47.34 23.85
CA ALA K 211 44.58 46.04 23.35
C ALA K 211 45.76 45.11 23.03
N SER K 212 46.76 45.57 22.26
CA SER K 212 47.88 44.71 21.94
C SER K 212 48.65 44.32 23.20
N ALA K 213 48.74 45.24 24.18
CA ALA K 213 49.34 44.90 25.48
C ALA K 213 48.55 43.80 26.19
N LEU K 214 47.23 43.96 26.30
CA LEU K 214 46.43 42.94 27.01
C LEU K 214 46.58 41.58 26.35
N SER K 215 46.51 41.56 25.02
CA SER K 215 46.75 40.35 24.26
C SER K 215 48.16 39.80 24.53
N SER K 216 49.18 40.66 24.54
CA SER K 216 50.53 40.15 24.75
C SER K 216 50.67 39.59 26.17
N ILE K 217 50.10 40.28 27.15
CA ILE K 217 50.16 39.80 28.52
C ILE K 217 49.50 38.43 28.65
N LEU K 218 48.32 38.26 28.06
CA LEU K 218 47.65 36.97 28.20
C LEU K 218 48.40 35.88 27.47
N GLU K 219 48.88 36.17 26.25
CA GLU K 219 49.58 35.19 25.42
C GLU K 219 50.88 34.76 26.06
N GLN K 220 51.69 35.73 26.46
CA GLN K 220 52.97 35.38 27.05
C GLN K 220 52.80 34.74 28.42
N THR K 221 51.79 35.13 29.18
CA THR K 221 51.53 34.40 30.42
C THR K 221 51.14 32.96 30.11
N ALA K 222 50.35 32.74 29.07
CA ALA K 222 50.03 31.37 28.69
C ALA K 222 51.28 30.57 28.33
N MET K 223 52.31 31.23 27.77
CA MET K 223 53.55 30.55 27.39
C MET K 223 54.29 30.06 28.63
N PHE K 224 54.13 30.73 29.78
CA PHE K 224 54.67 30.16 31.02
C PHE K 224 53.84 28.93 31.45
N GLU K 225 52.52 29.01 31.25
CA GLU K 225 51.63 27.93 31.63
C GLU K 225 51.87 26.70 30.79
N THR K 226 52.20 26.86 29.50
CA THR K 226 52.44 25.69 28.67
C THR K 226 53.84 25.13 28.82
N GLY K 227 54.73 25.80 29.59
CA GLY K 227 56.12 25.40 29.68
C GLY K 227 57.01 25.85 28.53
N ASP K 228 56.46 26.60 27.58
CA ASP K 228 57.32 27.12 26.50
C ASP K 228 58.30 28.17 27.00
N ALA K 229 57.90 29.03 27.93
CA ALA K 229 58.80 29.99 28.55
C ALA K 229 59.52 29.40 29.77
N VAL K 230 60.17 28.26 29.58
CA VAL K 230 60.95 27.61 30.63
C VAL K 230 62.41 27.57 30.18
N GLY K 231 63.33 27.68 31.14
CA GLY K 231 64.71 27.37 30.82
C GLY K 231 65.30 28.25 29.74
N ALA K 232 65.86 27.62 28.70
CA ALA K 232 66.49 28.38 27.61
C ALA K 232 65.61 29.45 27.00
N PHE K 233 64.30 29.25 27.02
CA PHE K 233 63.39 30.07 26.24
C PHE K 233 62.78 31.19 27.05
N GLU K 234 63.00 31.21 28.37
CA GLU K 234 62.28 32.17 29.20
C GLU K 234 62.57 33.61 28.78
N ARG K 235 63.85 33.94 28.56
CA ARG K 235 64.23 35.33 28.25
C ARG K 235 63.58 35.79 26.95
N MET K 236 63.53 34.92 25.93
CA MET K 236 62.83 35.26 24.70
C MET K 236 61.39 35.72 24.95
N HIS K 237 60.65 34.99 25.81
CA HIS K 237 59.26 35.36 26.05
C HIS K 237 59.14 36.61 26.92
N LEU K 238 60.04 36.78 27.90
CA LEU K 238 60.00 38.01 28.70
C LEU K 238 60.30 39.24 27.83
N LEU K 239 61.34 39.15 27.00
CA LEU K 239 61.70 40.28 26.16
C LEU K 239 60.60 40.57 25.15
N GLY K 240 59.97 39.52 24.62
CA GLY K 240 58.84 39.69 23.74
C GLY K 240 57.69 40.44 24.41
N LEU K 241 57.32 40.01 25.62
CA LEU K 241 56.35 40.77 26.39
C LEU K 241 56.80 42.23 26.57
N ALA K 242 58.03 42.43 27.01
CA ALA K 242 58.45 43.77 27.38
C ALA K 242 58.43 44.72 26.19
N TYR K 243 59.00 44.29 25.05
CA TYR K 243 59.12 45.13 23.87
C TYR K 243 57.84 45.18 23.06
N GLN K 244 57.30 44.02 22.69
CA GLN K 244 56.12 44.05 21.80
C GLN K 244 54.85 44.40 22.53
N GLY K 245 54.69 43.86 23.74
CA GLY K 245 53.51 44.09 24.50
C GLY K 245 53.51 45.38 25.28
N LEU K 246 54.64 45.79 25.82
CA LEU K 246 54.65 46.83 26.84
C LEU K 246 55.51 48.03 26.42
N ASN K 247 55.84 48.12 25.12
CA ASN K 247 56.45 49.32 24.54
C ASN K 247 57.76 49.66 25.24
N ALA K 248 58.57 48.64 25.58
CA ALA K 248 59.87 48.87 26.22
C ALA K 248 60.70 49.86 25.43
N ASN K 249 61.29 50.83 26.13
CA ASN K 249 62.19 51.81 25.54
C ASN K 249 61.52 52.64 24.44
N ASN K 250 60.18 52.59 24.37
CA ASN K 250 59.39 53.36 23.41
C ASN K 250 59.64 52.91 21.99
N LEU K 251 60.15 51.67 21.79
CA LEU K 251 60.55 51.28 20.45
C LEU K 251 59.34 51.12 19.55
N LEU K 252 58.31 50.41 20.03
CA LEU K 252 57.06 50.27 19.30
C LEU K 252 56.49 51.63 18.89
N PHE K 253 56.29 52.51 19.86
CA PHE K 253 55.71 53.82 19.61
C PHE K 253 56.50 54.62 18.57
N ASP K 254 57.83 54.68 18.72
CA ASP K 254 58.69 55.43 17.80
C ASP K 254 58.69 54.85 16.40
N LEU K 255 58.66 53.53 16.26
CA LEU K 255 58.56 52.94 14.91
C LEU K 255 57.27 53.38 14.21
N VAL K 256 56.14 53.34 14.91
CA VAL K 256 54.88 53.81 14.31
C VAL K 256 54.98 55.29 13.97
N LYS K 257 55.45 56.10 14.93
CA LYS K 257 55.42 57.54 14.74
C LYS K 257 56.21 57.94 13.52
N GLU K 258 57.42 57.37 13.35
CA GLU K 258 58.27 57.77 12.25
C GLU K 258 57.82 57.17 10.93
N ASN K 259 56.88 56.23 10.96
CA ASN K 259 56.36 55.63 9.74
C ASN K 259 54.87 55.90 9.56
N GLY K 260 54.36 56.96 10.18
CA GLY K 260 52.92 57.24 10.10
C GLY K 260 52.41 57.48 8.69
N LYS K 261 53.30 57.87 7.76
CA LYS K 261 52.97 58.02 6.34
C LYS K 261 53.69 56.99 5.49
N GLY K 262 54.10 55.87 6.10
CA GLY K 262 54.95 54.91 5.47
C GLY K 262 54.26 53.59 5.17
N THR K 263 55.09 52.58 4.93
CA THR K 263 54.57 51.29 4.45
C THR K 263 55.17 50.19 5.34
N VAL K 264 54.77 48.93 5.11
CA VAL K 264 55.43 47.84 5.82
C VAL K 264 56.92 47.84 5.54
N GLY K 265 57.32 48.10 4.28
CA GLY K 265 58.73 48.14 3.92
C GLY K 265 59.48 49.20 4.70
N THR K 266 58.92 50.39 4.82
CA THR K 266 59.68 51.43 5.52
C THR K 266 59.76 51.13 7.02
N VAL K 267 58.79 50.43 7.59
CA VAL K 267 58.88 50.03 9.00
C VAL K 267 60.01 49.03 9.17
N ILE K 268 60.13 48.11 8.20
CA ILE K 268 61.26 47.18 8.23
C ILE K 268 62.58 47.92 8.18
N ALA K 269 62.73 48.90 7.24
CA ALA K 269 63.97 49.68 7.16
C ALA K 269 64.30 50.32 8.50
N SER K 270 63.31 50.92 9.18
CA SER K 270 63.58 51.59 10.45
C SER K 270 64.00 50.59 11.52
N LEU K 271 63.34 49.43 11.54
CA LEU K 271 63.63 48.48 12.59
C LEU K 271 65.02 47.91 12.39
N VAL K 272 65.34 47.50 11.15
CA VAL K 272 66.67 46.96 10.90
C VAL K 272 67.73 48.01 11.25
N GLU K 273 67.51 49.26 10.84
CA GLU K 273 68.49 50.30 11.18
C GLU K 273 68.66 50.45 12.69
N ARG K 274 67.55 50.39 13.43
CA ARG K 274 67.61 50.51 14.90
C ARG K 274 68.35 49.32 15.49
N ALA K 275 68.13 48.13 14.91
CA ALA K 275 68.77 46.91 15.41
C ALA K 275 70.28 46.94 15.18
N ILE K 276 70.72 47.51 14.05
CA ILE K 276 72.14 47.69 13.79
C ILE K 276 72.73 48.68 14.78
N GLU K 277 72.06 49.82 14.94
CA GLU K 277 72.56 50.86 15.83
C GLU K 277 72.70 50.36 17.26
N ASP K 278 71.78 49.51 17.73
CA ASP K 278 71.80 49.02 19.10
C ASP K 278 72.68 47.77 19.23
N ARG K 279 73.32 47.36 18.14
CA ARG K 279 74.24 46.22 18.07
C ARG K 279 73.54 44.89 18.43
N VAL K 280 72.25 44.81 18.11
CA VAL K 280 71.46 43.59 18.27
C VAL K 280 71.74 42.63 17.13
N ILE K 281 72.10 43.13 15.95
CA ILE K 281 72.49 42.26 14.84
C ILE K 281 73.78 42.83 14.28
N LYS K 282 74.46 42.01 13.48
CA LYS K 282 75.71 42.42 12.86
C LYS K 282 75.87 41.66 11.54
N VAL K 283 76.72 42.22 10.67
CA VAL K 283 76.94 41.62 9.36
C VAL K 283 77.76 40.34 9.55
N ALA K 284 77.26 39.22 9.02
CA ALA K 284 77.91 37.92 9.05
C ALA K 284 78.78 37.72 7.81
N LYS K 285 78.30 38.19 6.66
CA LYS K 285 79.03 37.98 5.42
C LYS K 285 78.49 38.96 4.39
N GLU K 286 79.38 39.56 3.61
CA GLU K 286 78.92 40.35 2.48
C GLU K 286 79.10 39.50 1.22
N MET K 287 78.06 39.42 0.41
CA MET K 287 77.95 38.52 -0.75
C MET K 287 78.49 39.26 -2.00
N THR K 288 78.62 38.53 -3.12
CA THR K 288 79.17 39.13 -4.36
C THR K 288 78.44 40.41 -4.81
N SER K 289 77.11 40.41 -4.73
CA SER K 289 76.28 41.54 -5.17
C SER K 289 76.40 42.73 -4.25
N GLY K 290 77.07 42.59 -3.12
CA GLY K 290 77.05 43.62 -2.15
C GLY K 290 76.05 43.37 -1.04
N TYR K 291 75.16 42.39 -1.22
CA TYR K 291 74.18 42.06 -0.20
C TYR K 291 74.85 41.65 1.11
N LYS K 292 74.41 42.26 2.22
CA LYS K 292 74.90 41.91 3.55
C LYS K 292 73.96 40.93 4.25
N MET K 293 74.48 39.77 4.64
CA MET K 293 73.71 38.78 5.36
C MET K 293 74.04 38.99 6.82
N TYR K 294 73.02 39.21 7.64
CA TYR K 294 73.22 39.53 9.05
C TYR K 294 73.05 38.27 9.91
N GLU K 295 73.53 38.34 11.14
CA GLU K 295 73.29 37.31 12.13
C GLU K 295 72.93 38.03 13.42
N PRO K 296 72.15 37.41 14.29
CA PRO K 296 71.87 38.05 15.59
C PRO K 296 73.12 38.05 16.46
N ALA K 297 73.34 39.15 17.17
CA ALA K 297 74.31 39.11 18.26
C ALA K 297 73.69 38.61 19.55
N ASP K 298 72.35 38.67 19.64
CA ASP K 298 71.60 38.31 20.85
C ASP K 298 70.25 37.78 20.33
N TRP K 299 70.09 36.45 20.35
CA TRP K 299 68.96 35.88 19.61
C TRP K 299 67.63 36.26 20.25
N ALA K 300 67.56 36.20 21.56
CA ALA K 300 66.28 36.52 22.18
C ALA K 300 65.97 38.01 22.00
N LEU K 301 66.99 38.86 22.04
CA LEU K 301 66.75 40.28 21.87
C LEU K 301 66.41 40.62 20.41
N TRP K 302 67.14 40.04 19.43
CA TRP K 302 66.74 40.22 18.05
C TRP K 302 65.31 39.78 17.84
N ASN K 303 64.91 38.67 18.41
CA ASN K 303 63.53 38.28 18.22
C ASN K 303 62.55 39.34 18.79
N ALA K 304 62.92 39.99 19.89
CA ALA K 304 62.03 40.97 20.47
C ALA K 304 61.94 42.22 19.61
N TYR K 305 63.10 42.65 19.05
CA TYR K 305 63.14 43.78 18.12
C TYR K 305 62.29 43.47 16.90
N ALA K 306 62.51 42.31 16.29
CA ALA K 306 61.68 41.96 15.13
C ALA K 306 60.19 41.93 15.50
N ALA K 307 59.85 41.38 16.67
CA ALA K 307 58.43 41.30 17.06
C ALA K 307 57.85 42.70 17.25
N THR K 308 58.66 43.63 17.77
CA THR K 308 58.17 44.99 17.92
C THR K 308 57.91 45.64 16.56
N GLY K 309 58.82 45.45 15.60
CA GLY K 309 58.60 45.98 14.28
C GLY K 309 57.34 45.41 13.66
N LEU K 310 57.07 44.13 13.89
CA LEU K 310 55.88 43.44 13.37
C LEU K 310 54.60 44.13 13.82
N LEU K 311 54.48 44.40 15.12
CA LEU K 311 53.31 45.12 15.60
C LEU K 311 53.24 46.52 15.02
N ALA K 312 54.37 47.22 14.97
CA ALA K 312 54.37 48.57 14.39
C ALA K 312 53.93 48.55 12.93
N ALA K 313 54.39 47.55 12.16
CA ALA K 313 53.97 47.42 10.77
C ALA K 313 52.48 47.15 10.64
N THR K 314 51.93 46.36 11.56
CA THR K 314 50.48 46.12 11.60
C THR K 314 49.75 47.44 11.80
N ILE K 315 50.25 48.25 12.73
CA ILE K 315 49.55 49.49 13.06
C ILE K 315 49.63 50.47 11.89
N VAL K 316 50.80 50.55 11.22
CA VAL K 316 50.96 51.46 10.10
C VAL K 316 50.07 51.05 8.95
N ASN K 317 50.11 49.78 8.59
CA ASN K 317 49.44 49.32 7.37
C ASN K 317 47.95 49.11 7.58
N VAL K 318 47.54 48.50 8.69
CA VAL K 318 46.10 48.43 8.96
C VAL K 318 45.58 49.82 9.31
N GLY K 319 46.37 50.57 10.06
CA GLY K 319 45.98 51.94 10.36
C GLY K 319 45.80 52.79 9.14
N ALA K 320 46.58 52.54 8.10
CA ALA K 320 46.39 53.32 6.88
C ALA K 320 45.05 53.01 6.24
N ALA K 321 44.66 51.72 6.23
CA ALA K 321 43.41 51.28 5.63
C ALA K 321 42.19 51.49 6.53
N ARG K 322 42.41 51.61 7.85
CA ARG K 322 41.37 51.52 8.89
C ARG K 322 40.42 50.35 8.58
N ALA K 323 41.01 49.24 8.14
CA ALA K 323 40.31 48.02 7.78
C ALA K 323 41.14 46.83 8.25
N ALA K 324 40.59 46.04 9.16
CA ALA K 324 41.40 45.00 9.83
C ALA K 324 41.70 43.82 8.94
N GLN K 325 40.99 43.65 7.81
CA GLN K 325 41.23 42.41 7.09
C GLN K 325 42.70 42.25 6.73
N GLY K 326 43.43 43.37 6.54
CA GLY K 326 44.81 43.37 6.10
C GLY K 326 45.79 42.85 7.12
N VAL K 327 45.32 42.54 8.32
CA VAL K 327 46.23 42.21 9.39
C VAL K 327 47.01 40.94 9.07
N ALA K 328 46.35 39.91 8.54
CA ALA K 328 47.03 38.64 8.32
C ALA K 328 48.12 38.81 7.26
N SER K 329 47.79 39.52 6.19
CA SER K 329 48.73 39.82 5.11
C SER K 329 49.91 40.63 5.65
N THR K 330 49.63 41.58 6.53
CA THR K 330 50.71 42.38 7.07
C THR K 330 51.67 41.53 7.87
N VAL K 331 51.14 40.65 8.73
CA VAL K 331 52.01 39.83 9.55
C VAL K 331 52.85 38.94 8.66
N LEU K 332 52.23 38.44 7.57
CA LEU K 332 52.95 37.57 6.68
C LEU K 332 54.10 38.32 6.02
N TYR K 333 53.80 39.41 5.32
CA TYR K 333 54.81 40.03 4.50
C TYR K 333 55.78 40.87 5.33
N TYR K 334 55.40 41.33 6.52
CA TYR K 334 56.42 41.93 7.37
C TYR K 334 57.56 40.95 7.57
N ASN K 335 57.21 39.69 7.92
CA ASN K 335 58.23 38.69 8.20
C ASN K 335 58.98 38.25 6.95
N ASP K 336 58.26 38.02 5.85
CA ASP K 336 58.86 37.60 4.60
C ASP K 336 59.87 38.64 4.13
N ILE K 337 59.46 39.92 4.12
CA ILE K 337 60.35 40.96 3.65
C ILE K 337 61.53 41.12 4.60
N LEU K 338 61.29 41.02 5.90
CA LEU K 338 62.34 41.19 6.88
C LEU K 338 63.43 40.15 6.67
N GLU K 339 63.01 38.89 6.42
CA GLU K 339 63.97 37.81 6.25
C GLU K 339 64.79 38.01 4.99
N TYR K 340 64.16 38.36 3.86
CA TYR K 340 64.94 38.56 2.64
C TYR K 340 65.67 39.91 2.62
N GLU K 341 65.29 40.85 3.45
CA GLU K 341 66.07 42.08 3.59
C GLU K 341 67.40 41.83 4.30
N THR K 342 67.47 40.79 5.14
CA THR K 342 68.60 40.62 6.06
C THR K 342 69.28 39.27 6.12
N GLY K 343 68.56 38.18 5.79
CA GLY K 343 69.11 36.85 6.06
C GLY K 343 68.85 36.36 7.47
N LEU K 344 68.16 37.12 8.26
CA LEU K 344 67.89 36.79 9.64
C LEU K 344 66.60 35.98 9.70
N PRO K 345 66.41 35.21 10.76
CA PRO K 345 65.10 34.59 10.98
C PRO K 345 64.07 35.63 11.44
N GLY K 346 62.85 35.49 10.96
CA GLY K 346 61.79 36.42 11.31
C GLY K 346 61.25 36.11 12.70
N VAL K 347 60.13 36.77 13.02
CA VAL K 347 59.55 36.70 14.35
C VAL K 347 59.15 35.27 14.68
N ASP K 348 59.60 34.81 15.84
CA ASP K 348 59.26 33.49 16.36
C ASP K 348 59.81 32.43 15.44
N PHE K 349 60.93 32.77 14.79
CA PHE K 349 61.67 31.85 13.91
C PHE K 349 60.80 31.22 12.82
N GLY K 350 59.92 32.04 12.24
CA GLY K 350 59.05 31.59 11.19
C GLY K 350 57.63 31.37 11.65
N ARG K 351 57.38 31.24 12.95
CA ARG K 351 56.04 30.82 13.36
C ARG K 351 55.03 31.95 13.26
N ALA K 352 55.45 33.20 13.44
CA ALA K 352 54.48 34.27 13.22
C ALA K 352 54.12 34.34 11.74
N MET K 353 55.13 34.14 10.88
CA MET K 353 54.84 34.14 9.46
C MET K 353 53.94 32.97 9.08
N GLY K 354 54.22 31.75 9.58
CA GLY K 354 53.38 30.63 9.22
C GLY K 354 51.95 30.82 9.72
N THR K 355 51.81 31.30 10.95
CA THR K 355 50.48 31.60 11.47
C THR K 355 49.74 32.54 10.49
N ALA K 356 50.45 33.55 9.97
CA ALA K 356 49.81 34.54 9.11
C ALA K 356 49.39 33.93 7.79
N VAL K 357 50.12 32.92 7.30
CA VAL K 357 49.74 32.29 6.04
C VAL K 357 48.39 31.58 6.22
N GLY K 358 48.25 30.80 7.29
CA GLY K 358 46.98 30.13 7.51
C GLY K 358 45.86 31.11 7.85
N PHE K 359 46.17 32.09 8.68
CA PHE K 359 45.26 33.17 9.06
C PHE K 359 44.76 33.93 7.83
N SER K 360 45.66 34.24 6.88
CA SER K 360 45.23 34.88 5.62
C SER K 360 44.22 33.99 4.91
N PHE K 361 44.56 32.72 4.80
CA PHE K 361 43.74 31.78 4.06
C PHE K 361 42.39 31.60 4.77
N PHE K 362 42.41 31.45 6.08
CA PHE K 362 41.15 31.25 6.76
C PHE K 362 40.45 32.54 7.08
N SER K 363 40.85 33.65 6.46
CA SER K 363 40.02 34.85 6.56
C SER K 363 39.68 35.39 5.18
N HIS K 364 39.86 34.57 4.16
CA HIS K 364 39.53 34.93 2.79
C HIS K 364 39.00 33.72 2.01
N SER K 365 38.67 32.58 2.66
CA SER K 365 38.36 31.37 1.90
C SER K 365 37.04 30.69 2.35
N ILE K 366 36.66 29.63 1.64
CA ILE K 366 35.42 28.95 2.02
C ILE K 366 35.56 28.01 3.23
N TYR K 367 36.79 27.75 3.73
CA TYR K 367 36.99 26.49 4.48
C TYR K 367 36.76 26.61 5.99
N GLY K 368 36.70 27.81 6.56
CA GLY K 368 36.62 27.91 8.01
C GLY K 368 37.14 29.28 8.41
N GLY K 369 37.48 29.43 9.66
CA GLY K 369 37.94 30.77 10.07
C GLY K 369 36.77 31.78 10.15
N GLY K 370 36.99 32.97 9.60
CA GLY K 370 36.06 34.11 9.70
C GLY K 370 36.83 35.44 9.59
N GLY K 371 36.20 36.52 10.01
CA GLY K 371 36.94 37.77 10.06
C GLY K 371 37.98 37.78 11.18
N PRO K 372 38.90 38.77 11.18
CA PRO K 372 40.02 38.72 12.15
C PRO K 372 39.59 38.76 13.61
N GLY K 373 38.44 39.37 13.91
CA GLY K 373 38.08 39.58 15.32
C GLY K 373 37.74 38.31 16.07
N ILE K 374 37.45 37.22 15.37
CA ILE K 374 37.01 36.02 16.09
C ILE K 374 38.16 35.08 16.41
N PHE K 375 39.42 35.44 16.05
CA PHE K 375 40.53 34.54 16.29
C PHE K 375 41.14 34.77 17.68
N HIS K 376 41.96 33.81 18.10
CA HIS K 376 42.56 33.78 19.42
C HIS K 376 43.58 32.66 19.46
N GLY K 377 44.32 32.59 20.55
CA GLY K 377 45.42 31.63 20.62
C GLY K 377 44.99 30.17 20.84
N ASN K 378 43.72 29.95 21.15
CA ASN K 378 43.17 28.62 21.29
C ASN K 378 42.44 28.21 20.01
N HIS K 379 42.62 28.96 18.93
CA HIS K 379 42.01 28.65 17.65
C HIS K 379 43.02 27.83 16.83
N VAL K 380 42.55 26.76 16.17
CA VAL K 380 43.51 25.91 15.45
C VAL K 380 44.29 26.74 14.43
N VAL K 381 43.69 27.80 13.89
CA VAL K 381 44.39 28.58 12.87
C VAL K 381 45.53 29.40 13.47
N THR K 382 45.30 30.05 14.62
CA THR K 382 46.21 31.07 15.09
C THR K 382 46.90 30.68 16.40
N ARG K 383 46.99 29.38 16.69
CA ARG K 383 47.70 28.91 17.88
C ARG K 383 49.20 28.85 17.73
N HIS K 384 49.75 28.92 16.51
CA HIS K 384 51.08 28.38 16.21
C HIS K 384 52.22 29.28 16.66
N SER K 385 52.08 30.58 16.56
CA SER K 385 53.11 31.46 17.09
C SER K 385 53.02 31.51 18.63
N LYS K 386 54.16 31.49 19.31
CA LYS K 386 54.06 31.39 20.77
C LYS K 386 53.98 32.78 21.40
N GLY K 387 52.90 33.48 21.01
CA GLY K 387 52.54 34.73 21.66
C GLY K 387 52.83 35.98 20.86
N PHE K 388 53.43 35.87 19.69
CA PHE K 388 53.90 37.06 18.99
C PHE K 388 52.97 37.53 17.88
N ALA K 389 51.88 36.83 17.62
CA ALA K 389 50.99 37.19 16.53
C ALA K 389 49.66 37.76 16.96
N LEU K 390 48.98 37.17 17.97
CA LEU K 390 47.67 37.70 18.32
C LEU K 390 47.68 39.16 18.76
N PRO K 391 48.75 39.71 19.36
CA PRO K 391 48.70 41.15 19.67
C PRO K 391 48.47 42.00 18.44
N CYS K 392 48.89 41.54 17.26
CA CYS K 392 48.64 42.31 16.04
C CYS K 392 47.18 42.36 15.72
N VAL K 393 46.48 41.28 16.00
CA VAL K 393 45.07 41.21 15.65
C VAL K 393 44.27 42.10 16.59
N ALA K 394 44.62 42.10 17.87
CA ALA K 394 43.98 43.01 18.81
C ALA K 394 44.13 44.45 18.34
N ALA K 395 45.35 44.82 17.91
CA ALA K 395 45.62 46.16 17.40
C ALA K 395 44.81 46.43 16.15
N ALA K 396 44.83 45.49 15.20
CA ALA K 396 44.12 45.70 13.96
C ALA K 396 42.64 45.94 14.20
N MET K 397 42.01 45.16 15.09
CA MET K 397 40.57 45.38 15.25
C MET K 397 40.25 46.67 15.98
N CYS K 398 41.17 47.22 16.79
CA CYS K 398 40.95 48.56 17.30
C CYS K 398 40.90 49.58 16.17
N LEU K 399 41.62 49.34 15.08
CA LEU K 399 41.77 50.28 13.99
C LEU K 399 40.69 50.08 12.92
N ASP K 400 39.90 49.02 12.99
CA ASP K 400 38.84 48.86 12.00
C ASP K 400 37.77 49.92 12.18
N ALA K 401 37.46 50.64 11.11
CA ALA K 401 36.48 51.71 11.23
C ALA K 401 35.07 51.26 10.88
N GLY K 402 34.86 49.99 10.54
CA GLY K 402 33.52 49.51 10.34
C GLY K 402 33.36 48.71 9.07
N THR K 403 34.32 47.86 8.79
CA THR K 403 34.30 47.10 7.55
C THR K 403 33.90 45.64 7.79
N GLN K 404 33.74 45.21 9.03
CA GLN K 404 33.52 43.81 9.38
C GLN K 404 32.05 43.53 9.62
N MET K 405 31.61 42.35 9.21
CA MET K 405 30.29 41.88 9.62
C MET K 405 30.32 41.38 11.05
N PHE K 406 31.36 40.60 11.40
CA PHE K 406 31.53 40.12 12.77
C PHE K 406 32.43 41.12 13.51
N SER K 407 31.82 42.25 13.77
CA SER K 407 32.44 43.39 14.42
C SER K 407 32.44 43.19 15.92
N VAL K 408 33.10 44.12 16.60
CA VAL K 408 33.08 44.12 18.06
C VAL K 408 31.64 44.18 18.59
N GLU K 409 30.76 45.03 18.02
CA GLU K 409 29.37 45.11 18.51
C GLU K 409 28.67 43.78 18.33
N LYS K 410 28.93 43.13 17.20
CA LYS K 410 28.24 41.89 16.91
C LYS K 410 28.73 40.75 17.80
N THR K 411 30.02 40.66 18.06
CA THR K 411 30.48 39.48 18.77
C THR K 411 30.62 39.71 20.27
N SER K 412 30.75 40.97 20.68
CA SER K 412 31.29 41.33 21.98
C SER K 412 30.52 42.52 22.56
N GLY K 413 29.24 42.61 22.23
CA GLY K 413 28.44 43.83 22.41
C GLY K 413 28.31 44.32 23.84
N LEU K 414 28.31 43.41 24.80
CA LEU K 414 28.17 43.77 26.20
C LEU K 414 29.46 43.61 27.00
N ILE K 415 30.53 43.09 26.37
CA ILE K 415 31.83 42.83 27.02
C ILE K 415 32.42 44.12 27.59
N GLY K 416 32.32 45.24 26.86
CA GLY K 416 32.81 46.51 27.39
C GLY K 416 32.09 46.93 28.66
N SER K 417 30.76 46.88 28.63
CA SER K 417 29.99 47.36 29.79
C SER K 417 30.15 46.45 30.99
N VAL K 418 30.49 45.18 30.77
CA VAL K 418 30.63 44.24 31.89
C VAL K 418 32.05 44.27 32.48
N TYR K 419 33.08 44.25 31.64
CA TYR K 419 34.48 44.09 32.09
C TYR K 419 35.36 45.33 31.98
N SER K 420 35.02 46.32 31.17
CA SER K 420 36.05 47.32 30.90
C SER K 420 36.24 48.33 32.04
N GLU K 421 35.42 48.30 33.08
CA GLU K 421 35.65 49.15 34.25
C GLU K 421 36.73 48.59 35.17
N ILE K 422 37.19 47.38 34.91
CA ILE K 422 38.34 46.81 35.64
C ILE K 422 39.63 47.46 35.14
N ASP K 423 40.30 48.22 36.02
CA ASP K 423 41.39 49.08 35.57
C ASP K 423 42.52 48.29 34.90
N TYR K 424 43.00 47.19 35.51
CA TYR K 424 44.13 46.62 34.80
CA TYR K 424 44.09 46.39 34.94
C TYR K 424 43.71 45.81 33.59
N PHE K 425 42.40 45.53 33.40
CA PHE K 425 41.97 44.99 32.12
C PHE K 425 42.01 46.08 31.06
N ARG K 426 41.41 47.22 31.38
CA ARG K 426 41.25 48.30 30.41
C ARG K 426 42.57 49.01 30.13
N GLU K 427 43.40 49.20 31.16
CA GLU K 427 44.62 49.97 30.99
C GLU K 427 45.80 49.15 31.51
N PRO K 428 46.16 48.08 30.82
CA PRO K 428 47.15 47.17 31.39
C PRO K 428 48.55 47.78 31.45
N ILE K 429 48.91 48.61 30.47
CA ILE K 429 50.30 49.07 30.38
C ILE K 429 50.66 49.88 31.61
N VAL K 430 49.88 50.94 31.90
CA VAL K 430 50.22 51.80 33.05
C VAL K 430 50.19 50.99 34.33
N ASN K 431 49.28 50.02 34.43
CA ASN K 431 49.18 49.27 35.69
C ASN K 431 50.24 48.20 35.83
N VAL K 432 50.69 47.61 34.72
CA VAL K 432 51.83 46.69 34.82
C VAL K 432 53.09 47.46 35.21
N ALA K 433 53.26 48.67 34.66
CA ALA K 433 54.43 49.49 35.00
C ALA K 433 54.42 49.87 36.49
N LYS K 434 53.25 50.19 37.03
CA LYS K 434 53.15 50.43 38.47
C LYS K 434 53.49 49.16 39.26
N GLY K 435 53.04 47.99 38.78
CA GLY K 435 53.46 46.76 39.43
C GLY K 435 54.97 46.58 39.36
N ALA K 436 55.57 46.89 38.21
CA ALA K 436 57.02 46.76 38.07
C ALA K 436 57.74 47.66 39.06
N ALA K 437 57.25 48.90 39.24
CA ALA K 437 57.90 49.82 40.17
C ALA K 437 57.83 49.27 41.59
N GLU K 438 56.74 48.60 41.91
CA GLU K 438 56.51 48.05 43.24
C GLU K 438 57.54 46.97 43.60
N ILE K 439 58.01 46.18 42.64
CA ILE K 439 58.92 45.07 42.98
C ILE K 439 60.32 45.28 42.45
N LYS K 440 60.61 46.39 41.74
CA LYS K 440 61.86 46.50 40.99
C LYS K 440 63.10 46.26 41.86
N ASP K 441 63.06 46.66 43.13
CA ASP K 441 64.20 46.57 44.02
C ASP K 441 64.21 45.27 44.83
N GLN K 442 63.20 44.42 44.66
CA GLN K 442 63.15 43.13 45.31
C GLN K 442 63.77 42.04 44.46
N LEU K 443 63.90 42.25 43.16
CA LEU K 443 64.54 41.27 42.28
C LEU K 443 66.07 41.34 42.40
N SER L 2 71.68 56.29 9.22
CA SER L 2 71.06 56.03 7.93
C SER L 2 71.10 54.52 7.64
N TYR L 3 70.30 54.07 6.65
CA TYR L 3 70.20 52.66 6.27
C TYR L 3 69.82 52.54 4.79
N LYS L 4 70.60 51.78 4.02
CA LYS L 4 70.27 51.54 2.61
C LYS L 4 69.60 50.18 2.43
N ALA L 5 68.31 50.16 2.08
CA ALA L 5 67.59 48.90 1.97
C ALA L 5 68.22 48.03 0.88
N GLN L 6 68.20 46.70 1.09
CA GLN L 6 68.77 45.68 0.21
C GLN L 6 67.75 44.92 -0.63
N TYR L 7 66.51 44.76 -0.10
CA TYR L 7 65.32 44.18 -0.75
C TYR L 7 65.42 42.67 -0.91
N THR L 8 66.48 42.17 -1.53
CA THR L 8 66.53 40.71 -1.73
C THR L 8 67.94 40.31 -2.14
N PRO L 9 68.37 39.08 -1.80
CA PRO L 9 69.71 38.62 -2.18
C PRO L 9 69.74 38.07 -3.59
N GLY L 10 70.95 38.01 -4.14
CA GLY L 10 71.15 37.29 -5.39
C GLY L 10 72.07 38.02 -6.34
N GLU L 11 72.76 37.25 -7.17
CA GLU L 11 73.81 37.79 -8.02
C GLU L 11 73.37 37.89 -9.46
N THR L 12 72.16 37.45 -9.79
CA THR L 12 71.73 37.33 -11.18
C THR L 12 70.83 38.50 -11.56
N ARG L 13 70.54 38.60 -12.86
CA ARG L 13 69.60 39.63 -13.32
C ARG L 13 68.20 39.46 -12.72
N ILE L 14 67.78 38.20 -12.47
CA ILE L 14 66.46 37.94 -11.89
C ILE L 14 66.37 38.59 -10.52
N ALA L 15 67.39 38.39 -9.70
CA ALA L 15 67.39 39.03 -8.39
C ALA L 15 67.36 40.55 -8.52
N GLU L 16 68.14 41.12 -9.44
CA GLU L 16 68.12 42.57 -9.56
C GLU L 16 66.75 43.08 -10.04
N ASN L 17 66.10 42.36 -10.97
CA ASN L 17 64.70 42.66 -11.32
C ASN L 17 63.78 42.66 -10.10
N ARG L 18 63.93 41.67 -9.20
CA ARG L 18 63.12 41.67 -7.98
C ARG L 18 63.39 42.91 -7.16
N ARG L 19 64.67 43.30 -7.04
CA ARG L 19 64.98 44.49 -6.24
C ARG L 19 64.41 45.76 -6.87
N LYS L 20 64.47 45.88 -8.18
CA LYS L 20 63.91 47.05 -8.85
C LYS L 20 62.41 47.17 -8.59
N HIS L 21 61.69 46.04 -8.61
CA HIS L 21 60.26 46.08 -8.34
C HIS L 21 60.00 46.59 -6.94
N MET L 22 60.82 46.14 -5.97
CA MET L 22 60.57 46.45 -4.58
C MET L 22 60.98 47.85 -4.20
N ASN L 23 62.04 48.38 -4.83
CA ASN L 23 62.60 49.66 -4.46
C ASN L 23 61.62 50.80 -4.76
N PRO L 24 61.09 51.50 -3.75
CA PRO L 24 60.11 52.56 -4.03
C PRO L 24 60.70 53.71 -4.82
N ASP L 25 62.03 53.84 -4.85
CA ASP L 25 62.68 54.91 -5.60
C ASP L 25 63.03 54.49 -7.02
N TYR L 26 62.77 53.25 -7.39
CA TYR L 26 62.93 52.83 -8.78
C TYR L 26 61.62 53.13 -9.52
N GLU L 27 61.69 53.95 -10.56
CA GLU L 27 60.48 54.34 -11.27
C GLU L 27 60.11 53.26 -12.29
N LEU L 28 58.94 52.65 -12.11
CA LEU L 28 58.47 51.59 -12.99
C LEU L 28 58.22 52.19 -14.37
N ARG L 29 58.74 51.55 -15.43
CA ARG L 29 58.58 52.14 -16.76
C ARG L 29 57.14 51.97 -17.21
N LYS L 30 56.55 52.99 -17.82
CA LYS L 30 55.22 52.84 -18.38
C LYS L 30 55.35 52.29 -19.79
N LEU L 31 54.65 51.18 -20.08
CA LEU L 31 54.67 50.54 -21.37
C LEU L 31 53.44 50.84 -22.21
N ARG L 32 52.37 51.32 -21.59
CA ARG L 32 51.09 51.55 -22.25
C ARG L 32 50.32 52.55 -21.41
N GLU L 33 49.23 53.05 -21.99
CA GLU L 33 48.28 53.85 -21.21
C GLU L 33 46.87 53.29 -21.35
N ILE L 34 46.12 53.40 -20.28
CA ILE L 34 44.72 53.00 -20.25
C ILE L 34 43.97 54.17 -19.65
N SER L 35 42.78 54.47 -20.19
CA SER L 35 42.02 55.59 -19.63
C SER L 35 41.45 55.23 -18.26
N ASP L 36 41.09 56.27 -17.50
CA ASP L 36 40.46 55.99 -16.20
C ASP L 36 39.19 55.18 -16.39
N GLU L 37 38.39 55.56 -17.38
CA GLU L 37 37.14 54.86 -17.64
C GLU L 37 37.37 53.39 -17.94
N ASP L 38 38.28 53.08 -18.88
CA ASP L 38 38.54 51.70 -19.25
C ASP L 38 39.10 50.88 -18.09
N LEU L 39 39.92 51.49 -17.25
CA LEU L 39 40.39 50.76 -16.08
C LEU L 39 39.23 50.41 -15.14
N VAL L 40 38.37 51.40 -14.86
CA VAL L 40 37.20 51.16 -14.04
C VAL L 40 36.30 50.09 -14.63
N LYS L 41 36.15 50.07 -15.98
CA LYS L 41 35.33 49.05 -16.65
C LYS L 41 35.89 47.64 -16.46
N VAL L 42 37.20 47.49 -16.58
CA VAL L 42 37.79 46.16 -16.44
C VAL L 42 37.77 45.72 -14.98
N LEU L 43 37.97 46.63 -14.04
CA LEU L 43 37.78 46.26 -12.64
C LEU L 43 36.38 45.70 -12.42
N GLY L 44 35.37 46.35 -12.98
CA GLY L 44 34.02 45.84 -12.96
C GLY L 44 33.25 46.12 -11.70
N HIS L 45 33.75 46.95 -10.79
CA HIS L 45 32.99 47.16 -9.57
C HIS L 45 31.98 48.30 -9.65
N ARG L 46 32.21 49.30 -10.49
CA ARG L 46 31.37 50.48 -10.52
CA ARG L 46 31.34 50.46 -10.53
C ARG L 46 31.34 51.01 -11.95
N ASN L 47 30.40 51.94 -12.21
CA ASN L 47 30.50 52.59 -13.52
C ASN L 47 31.17 53.95 -13.39
N PRO L 48 32.00 54.41 -14.34
CA PRO L 48 32.64 55.72 -14.15
C PRO L 48 31.59 56.81 -14.04
N GLY L 49 31.87 57.81 -13.19
CA GLY L 49 30.91 58.85 -12.91
C GLY L 49 30.01 58.57 -11.71
N GLU L 50 29.86 57.31 -11.30
CA GLU L 50 29.08 57.02 -10.10
C GLU L 50 29.87 57.44 -8.87
N SER L 51 29.17 58.01 -7.88
CA SER L 51 29.77 58.33 -6.58
C SER L 51 30.41 57.08 -5.98
N TYR L 52 31.57 57.23 -5.35
CA TYR L 52 32.13 56.09 -4.62
C TYR L 52 31.19 55.71 -3.51
N LYS L 53 30.98 54.42 -3.33
CA LYS L 53 30.02 53.90 -2.37
C LYS L 53 30.76 53.56 -1.08
N SER L 54 30.19 53.92 0.05
CA SER L 54 30.83 53.69 1.33
C SER L 54 30.43 52.35 1.97
N VAL L 55 31.25 51.92 2.91
CA VAL L 55 30.89 50.83 3.79
C VAL L 55 30.66 51.30 5.21
N HIS L 56 31.17 52.47 5.59
CA HIS L 56 30.89 53.05 6.90
C HIS L 56 30.96 54.57 6.78
N PRO L 57 30.46 55.29 7.77
CA PRO L 57 30.46 56.77 7.72
C PRO L 57 31.86 57.33 7.64
N PRO L 58 31.99 58.62 7.32
CA PRO L 58 33.33 59.23 7.25
C PRO L 58 34.12 58.99 8.54
N LEU L 59 35.40 58.85 8.36
CA LEU L 59 36.29 58.41 9.44
C LEU L 59 36.24 59.37 10.60
N ASP L 60 36.06 60.66 10.32
CA ASP L 60 36.11 61.58 11.47
C ASP L 60 34.90 61.43 12.41
N GLU L 61 33.94 60.52 12.13
CA GLU L 61 32.86 60.22 13.06
C GLU L 61 33.14 58.99 13.92
N MET L 62 34.24 58.29 13.70
CA MET L 62 34.59 57.13 14.52
C MET L 62 35.68 57.46 15.55
N ASP L 63 36.32 58.63 15.45
CA ASP L 63 37.54 58.92 16.23
C ASP L 63 37.44 59.99 17.32
N PHE L 64 36.42 59.99 18.16
CA PHE L 64 36.40 61.10 19.11
C PHE L 64 37.13 60.77 20.39
N GLU L 65 37.37 59.49 20.65
CA GLU L 65 37.92 59.12 21.92
C GLU L 65 39.43 58.97 21.72
N GLU L 66 40.20 59.51 22.65
CA GLU L 66 41.62 59.68 22.39
C GLU L 66 42.36 58.35 22.19
N ASP L 67 43.13 58.26 21.12
CA ASP L 67 44.04 57.13 20.86
C ASP L 67 45.27 57.75 20.17
N ILE L 68 46.31 58.01 20.95
CA ILE L 68 47.47 58.72 20.40
C ILE L 68 48.16 57.90 19.30
N VAL L 69 48.30 56.60 19.51
CA VAL L 69 48.95 55.74 18.50
C VAL L 69 48.15 55.71 17.21
N ARG L 70 46.83 55.57 17.31
CA ARG L 70 46.00 55.63 16.11
C ARG L 70 46.27 56.89 15.29
N ASP L 71 46.35 58.03 15.97
CA ASP L 71 46.47 59.29 15.24
C ASP L 71 47.89 59.54 14.74
N LEU L 72 48.85 58.68 15.09
CA LEU L 72 50.15 58.74 14.47
C LEU L 72 50.11 58.31 13.01
N VAL L 73 49.10 57.55 12.60
CA VAL L 73 49.06 56.97 11.27
C VAL L 73 48.09 57.71 10.37
N GLU L 74 48.55 58.10 9.19
CA GLU L 74 47.72 58.85 8.25
CA GLU L 74 47.72 58.85 8.25
C GLU L 74 46.82 57.87 7.50
N PRO L 75 45.52 58.06 7.54
CA PRO L 75 44.65 57.16 6.78
C PRO L 75 44.73 57.52 5.31
N ILE L 76 44.59 56.51 4.45
CA ILE L 76 44.56 56.81 3.02
C ILE L 76 43.21 57.44 2.71
N GLN L 77 43.09 58.07 1.54
CA GLN L 77 41.94 58.91 1.28
C GLN L 77 40.63 58.10 1.26
N GLY L 78 40.68 56.90 0.70
CA GLY L 78 39.50 56.03 0.74
C GLY L 78 39.06 55.70 2.16
N ALA L 79 40.00 55.62 3.10
CA ALA L 79 39.59 55.33 4.46
C ALA L 79 38.92 56.56 5.07
N LYS L 80 39.45 57.75 4.76
CA LYS L 80 38.88 58.99 5.27
C LYS L 80 37.41 59.09 4.89
N GLU L 81 37.09 58.68 3.68
CA GLU L 81 35.78 58.78 3.13
C GLU L 81 34.92 57.55 3.38
N GLY L 82 35.47 56.50 3.99
CA GLY L 82 34.69 55.30 4.27
C GLY L 82 34.36 54.47 3.07
N VAL L 83 35.10 54.64 1.99
CA VAL L 83 34.79 53.92 0.75
C VAL L 83 34.89 52.41 0.99
N ARG L 84 34.02 51.65 0.34
CA ARG L 84 34.11 50.19 0.35
C ARG L 84 35.48 49.67 -0.14
N VAL L 85 35.84 48.45 0.29
CA VAL L 85 37.05 47.76 -0.15
C VAL L 85 36.72 46.94 -1.40
N ARG L 86 37.56 47.05 -2.44
CA ARG L 86 37.38 46.27 -3.65
C ARG L 86 38.73 45.67 -4.05
N TYR L 87 38.80 44.99 -5.20
CA TYR L 87 39.97 44.14 -5.45
C TYR L 87 40.41 44.25 -6.91
N ILE L 88 41.68 43.90 -7.14
CA ILE L 88 42.15 43.49 -8.46
C ILE L 88 42.96 42.21 -8.28
N GLN L 89 42.87 41.29 -9.24
CA GLN L 89 43.50 39.97 -9.20
CA GLN L 89 43.60 40.05 -9.16
C GLN L 89 44.23 39.72 -10.51
N PHE L 90 45.45 39.20 -10.46
CA PHE L 90 46.22 38.88 -11.67
C PHE L 90 46.69 37.42 -11.60
N ALA L 91 46.66 36.75 -12.73
CA ALA L 91 47.47 35.54 -12.93
C ALA L 91 48.69 35.90 -13.78
N ASP L 92 49.87 35.34 -13.44
CA ASP L 92 51.13 35.62 -14.12
C ASP L 92 51.64 34.31 -14.70
N SER L 93 51.81 34.29 -16.02
CA SER L 93 52.32 33.08 -16.64
C SER L 93 53.71 32.74 -16.13
N MET L 94 53.95 31.43 -15.93
CA MET L 94 55.28 30.97 -15.59
C MET L 94 56.23 31.05 -16.77
N TYR L 95 55.73 31.37 -17.96
CA TYR L 95 56.61 31.64 -19.09
C TYR L 95 57.05 33.11 -19.08
N ASN L 96 57.74 33.45 -17.97
CA ASN L 96 58.42 34.74 -17.81
C ASN L 96 57.48 35.94 -17.82
N ALA L 97 56.28 35.82 -17.27
CA ALA L 97 55.50 37.05 -17.05
C ALA L 97 56.35 38.06 -16.27
N PRO L 98 56.18 39.37 -16.50
CA PRO L 98 57.14 40.34 -15.94
C PRO L 98 56.99 40.57 -14.44
N ALA L 99 55.86 40.22 -13.86
CA ALA L 99 55.72 40.18 -12.40
C ALA L 99 55.27 38.78 -12.05
N GLN L 100 55.49 38.40 -10.79
CA GLN L 100 55.21 37.05 -10.33
C GLN L 100 54.62 37.17 -8.92
N PRO L 101 54.00 36.12 -8.41
CA PRO L 101 53.11 36.34 -7.24
C PRO L 101 53.79 36.92 -5.96
N TYR L 102 54.85 36.29 -5.43
CA TYR L 102 55.45 36.87 -4.20
C TYR L 102 56.20 38.15 -4.51
N ASP L 103 56.74 38.26 -5.72
CA ASP L 103 57.34 39.52 -6.17
C ASP L 103 56.32 40.67 -6.03
N ARG L 104 55.08 40.42 -6.49
CA ARG L 104 54.00 41.40 -6.33
C ARG L 104 53.75 41.76 -4.86
N ALA L 105 53.52 40.78 -4.00
CA ALA L 105 53.23 41.04 -2.58
C ALA L 105 54.32 41.88 -1.94
N ARG L 106 55.60 41.51 -2.19
CA ARG L 106 56.74 42.25 -1.61
C ARG L 106 56.81 43.68 -2.18
N THR L 107 56.58 43.83 -3.48
CA THR L 107 56.53 45.16 -4.08
C THR L 107 55.42 45.99 -3.42
N TYR L 108 54.21 45.41 -3.31
CA TYR L 108 53.07 46.19 -2.81
C TYR L 108 53.33 46.67 -1.39
N MET L 109 53.93 45.79 -0.54
CA MET L 109 54.13 46.14 0.86
C MET L 109 55.26 47.17 1.04
N TRP L 110 56.13 47.33 0.05
CA TRP L 110 57.13 48.38 0.07
C TRP L 110 56.55 49.70 -0.48
N ARG L 111 55.78 49.61 -1.57
CA ARG L 111 55.39 50.81 -2.31
C ARG L 111 54.07 51.41 -1.87
N TYR L 112 53.11 50.60 -1.39
CA TYR L 112 51.75 51.11 -1.25
C TYR L 112 51.31 51.04 0.20
N ARG L 113 50.37 51.89 0.51
CA ARG L 113 49.85 52.09 1.86
C ARG L 113 48.49 51.41 1.97
N GLY L 114 48.23 50.76 3.10
CA GLY L 114 46.91 50.24 3.41
C GLY L 114 46.54 49.08 2.51
N VAL L 115 47.45 48.10 2.42
CA VAL L 115 47.36 46.97 1.50
C VAL L 115 46.88 45.72 2.22
N ASP L 116 45.94 44.98 1.59
CA ASP L 116 45.66 43.59 1.97
C ASP L 116 46.00 42.76 0.75
N THR L 117 47.05 41.94 0.78
CA THR L 117 47.41 41.28 -0.48
C THR L 117 47.56 39.78 -0.24
N GLY L 118 47.02 38.97 -1.17
CA GLY L 118 47.10 37.51 -0.98
C GLY L 118 47.87 36.88 -2.11
N THR L 119 48.82 35.99 -1.82
CA THR L 119 49.64 35.33 -2.84
C THR L 119 49.27 33.85 -2.93
N LEU L 120 49.09 33.36 -4.17
CA LEU L 120 48.77 31.96 -4.46
C LEU L 120 49.55 31.60 -5.70
N SER L 121 49.65 30.30 -6.00
CA SER L 121 50.38 29.90 -7.22
C SER L 121 49.70 30.48 -8.47
N GLY L 122 48.37 30.52 -8.49
CA GLY L 122 47.64 30.85 -9.69
C GLY L 122 47.07 32.25 -9.76
N ARG L 123 47.25 33.06 -8.75
CA ARG L 123 46.66 34.40 -8.75
CA ARG L 123 46.50 34.31 -8.60
C ARG L 123 47.26 35.15 -7.59
N GLN L 124 47.18 36.47 -7.70
CA GLN L 124 47.72 37.35 -6.66
C GLN L 124 46.67 38.44 -6.54
N VAL L 125 46.19 38.71 -5.33
CA VAL L 125 45.05 39.60 -5.14
C VAL L 125 45.51 40.77 -4.30
N ILE L 126 45.01 41.99 -4.58
CA ILE L 126 45.07 43.11 -3.63
C ILE L 126 43.66 43.56 -3.33
N GLU L 127 43.32 43.70 -2.06
CA GLU L 127 42.03 44.27 -1.65
C GLU L 127 42.36 45.58 -0.97
N MET L 128 41.70 46.65 -1.41
CA MET L 128 42.07 47.98 -0.94
C MET L 128 40.85 48.89 -1.03
N ARG L 129 40.82 49.95 -0.21
CA ARG L 129 39.79 50.94 -0.37
C ARG L 129 39.71 51.31 -1.84
N GLU L 130 38.50 51.27 -2.39
CA GLU L 130 38.33 51.26 -3.84
C GLU L 130 38.90 52.53 -4.44
N LEU L 131 38.77 53.66 -3.75
CA LEU L 131 39.29 54.91 -4.30
C LEU L 131 40.78 54.77 -4.57
N ASP L 132 41.50 54.22 -3.60
CA ASP L 132 42.94 54.14 -3.73
C ASP L 132 43.34 52.96 -4.61
N LEU L 133 42.51 51.90 -4.60
CA LEU L 133 42.69 50.76 -5.50
C LEU L 133 42.85 51.20 -6.95
N GLU L 134 42.02 52.15 -7.38
CA GLU L 134 42.02 52.53 -8.79
C GLU L 134 43.33 53.23 -9.17
N GLY L 135 43.89 54.04 -8.27
CA GLY L 135 45.22 54.61 -8.53
C GLY L 135 46.32 53.55 -8.60
N VAL L 136 46.32 52.64 -7.63
CA VAL L 136 47.28 51.55 -7.62
C VAL L 136 47.12 50.69 -8.88
N SER L 137 45.88 50.37 -9.24
CA SER L 137 45.64 49.49 -10.39
C SER L 137 46.15 50.11 -11.70
N LYS L 138 45.99 51.43 -11.89
CA LYS L 138 46.50 52.03 -13.12
C LYS L 138 47.99 51.75 -13.28
N GLU L 139 48.75 51.88 -12.19
CA GLU L 139 50.18 51.60 -12.28
C GLU L 139 50.42 50.12 -12.55
N LEU L 140 49.61 49.25 -11.99
CA LEU L 140 49.87 47.82 -12.14
C LEU L 140 49.58 47.37 -13.56
N VAL L 141 48.70 48.07 -14.27
CA VAL L 141 48.43 47.67 -15.65
CA VAL L 141 48.39 47.70 -15.64
C VAL L 141 49.23 48.48 -16.66
N GLU L 142 49.60 49.74 -16.35
CA GLU L 142 50.32 50.52 -17.36
C GLU L 142 51.82 50.22 -17.44
N THR L 143 52.42 49.67 -16.39
CA THR L 143 53.87 49.59 -16.27
C THR L 143 54.40 48.21 -16.67
N GLU L 144 55.72 48.05 -16.53
CA GLU L 144 56.39 46.81 -16.90
C GLU L 144 56.04 45.65 -15.99
N LEU L 145 55.15 45.86 -15.00
CA LEU L 145 54.60 44.79 -14.19
C LEU L 145 53.53 44.02 -14.91
N PHE L 146 53.13 44.48 -16.11
CA PHE L 146 51.99 43.92 -16.82
C PHE L 146 52.36 43.66 -18.28
N ASP L 147 51.99 42.48 -18.78
CA ASP L 147 52.15 42.11 -20.19
C ASP L 147 50.81 41.49 -20.60
N PRO L 148 50.09 42.07 -21.57
CA PRO L 148 48.73 41.57 -21.76
C PRO L 148 48.69 40.15 -22.24
N ALA L 149 49.80 39.60 -22.72
CA ALA L 149 49.77 38.18 -23.11
C ALA L 149 50.03 37.23 -21.94
N THR L 150 50.84 37.63 -20.94
CA THR L 150 51.24 36.73 -19.87
C THR L 150 50.71 37.15 -18.50
N THR L 151 50.03 38.28 -18.40
CA THR L 151 49.46 38.77 -17.16
C THR L 151 47.96 38.89 -17.37
N GLY L 152 47.16 38.02 -16.76
CA GLY L 152 45.72 38.05 -16.98
C GLY L 152 45.00 38.68 -15.80
N ILE L 153 44.12 39.64 -16.09
CA ILE L 153 43.25 40.22 -15.06
C ILE L 153 42.07 39.26 -14.87
N ARG L 154 41.89 38.71 -13.66
CA ARG L 154 40.88 37.68 -13.53
C ARG L 154 40.55 37.42 -12.07
N GLY L 155 39.26 37.54 -11.73
CA GLY L 155 38.80 37.38 -10.38
C GLY L 155 38.23 36.01 -10.00
N ALA L 156 38.05 35.11 -10.98
CA ALA L 156 37.41 33.82 -10.75
C ALA L 156 37.77 32.94 -11.93
N THR L 157 37.86 31.62 -11.70
CA THR L 157 38.26 30.69 -12.76
C THR L 157 39.61 31.12 -13.33
N VAL L 158 40.62 31.09 -12.45
CA VAL L 158 41.90 31.73 -12.80
C VAL L 158 42.91 30.80 -13.50
N HIS L 159 42.61 29.52 -13.62
CA HIS L 159 43.49 28.54 -14.26
C HIS L 159 44.29 29.17 -15.41
N GLY L 160 45.62 28.94 -15.47
CA GLY L 160 46.35 29.31 -16.69
C GLY L 160 47.81 29.65 -16.41
N HIS L 161 48.17 30.03 -15.16
CA HIS L 161 49.56 30.41 -14.92
C HIS L 161 50.56 29.33 -15.34
N SER L 162 50.19 28.05 -15.17
CA SER L 162 51.08 26.92 -15.38
C SER L 162 50.87 26.26 -16.72
N LEU L 163 49.97 26.78 -17.55
CA LEU L 163 49.66 26.14 -18.83
C LEU L 163 50.56 26.65 -19.97
N ARG L 164 50.64 25.83 -21.01
CA ARG L 164 51.25 26.25 -22.26
C ARG L 164 50.50 27.45 -22.83
N LEU L 165 51.24 28.31 -23.53
CA LEU L 165 50.61 29.46 -24.16
C LEU L 165 49.77 29.00 -25.36
N ASP L 166 48.79 29.82 -25.74
CA ASP L 166 47.99 29.47 -26.91
C ASP L 166 48.80 29.79 -28.17
N GLU L 167 48.24 29.48 -29.34
CA GLU L 167 49.00 29.61 -30.59
C GLU L 167 49.35 31.07 -30.94
N ASN L 168 48.71 32.05 -30.28
CA ASN L 168 49.07 33.45 -30.45
C ASN L 168 49.98 33.96 -29.36
N GLY L 169 50.46 33.11 -28.45
CA GLY L 169 51.33 33.53 -27.38
C GLY L 169 50.62 34.07 -26.16
N LEU L 170 49.30 33.92 -26.06
CA LEU L 170 48.58 34.41 -24.89
C LEU L 170 48.34 33.28 -23.88
N MET L 171 48.39 33.64 -22.60
CA MET L 171 48.00 32.72 -21.53
C MET L 171 46.53 32.28 -21.66
N PHE L 172 46.29 31.01 -21.33
CA PHE L 172 44.95 30.44 -21.24
C PHE L 172 44.04 31.25 -20.34
N ASP L 173 42.77 31.37 -20.72
CA ASP L 173 41.75 31.90 -19.85
C ASP L 173 40.45 31.14 -20.16
N ALA L 174 39.95 30.32 -19.21
CA ALA L 174 38.76 29.51 -19.51
C ALA L 174 37.55 30.37 -19.83
N LEU L 175 37.52 31.60 -19.31
CA LEU L 175 36.44 32.53 -19.60
C LEU L 175 36.73 33.50 -20.76
N GLN L 176 37.93 33.47 -21.35
CA GLN L 176 38.38 34.32 -22.47
C GLN L 176 37.98 35.78 -22.27
N ARG L 177 38.43 36.32 -21.17
CA ARG L 177 38.15 37.71 -20.86
C ARG L 177 38.91 38.64 -21.81
N TYR L 178 40.00 38.14 -22.42
CA TYR L 178 40.69 38.87 -23.48
C TYR L 178 40.86 37.96 -24.68
N VAL L 179 40.96 38.59 -25.85
CA VAL L 179 41.18 37.87 -27.10
C VAL L 179 42.29 38.55 -27.88
N PHE L 180 42.88 37.79 -28.80
CA PHE L 180 43.92 38.32 -29.66
C PHE L 180 43.26 38.89 -30.91
N ASP L 181 43.56 40.16 -31.24
CA ASP L 181 43.02 40.77 -32.45
C ASP L 181 43.99 40.47 -33.59
N GLU L 182 43.56 39.62 -34.51
CA GLU L 182 44.49 39.15 -35.53
C GLU L 182 44.83 40.24 -36.54
N GLU L 183 43.94 41.21 -36.72
CA GLU L 183 44.20 42.29 -37.67
C GLU L 183 45.30 43.21 -37.15
N THR L 184 45.37 43.43 -35.83
CA THR L 184 46.27 44.42 -35.25
C THR L 184 47.36 43.80 -34.40
N GLY L 185 47.21 42.57 -33.95
CA GLY L 185 48.21 42.04 -33.06
C GLY L 185 48.05 42.49 -31.63
N HIS L 186 46.96 43.16 -31.30
CA HIS L 186 46.75 43.61 -29.92
C HIS L 186 45.93 42.62 -29.11
N VAL L 187 46.09 42.70 -27.80
CA VAL L 187 45.30 41.91 -26.89
C VAL L 187 44.18 42.81 -26.41
N VAL L 188 42.94 42.36 -26.50
CA VAL L 188 41.78 43.21 -26.23
C VAL L 188 40.91 42.55 -25.16
N TYR L 189 40.59 43.30 -24.11
CA TYR L 189 39.64 42.75 -23.12
C TYR L 189 38.21 42.90 -23.60
N VAL L 190 37.48 41.78 -23.67
CA VAL L 190 36.05 41.83 -23.99
C VAL L 190 35.14 41.56 -22.78
N LYS L 191 35.69 41.17 -21.61
CA LYS L 191 34.94 40.98 -20.37
C LYS L 191 35.70 41.64 -19.24
N GLU L 192 35.00 41.96 -18.12
CA GLU L 192 35.73 42.45 -16.96
C GLU L 192 36.26 41.29 -16.10
N GLN L 193 36.86 41.62 -14.95
CA GLN L 193 37.71 40.61 -14.30
C GLN L 193 36.89 39.42 -13.75
N VAL L 194 35.57 39.55 -13.51
CA VAL L 194 34.81 38.37 -13.10
C VAL L 194 34.22 37.63 -14.31
N GLY L 195 34.24 38.23 -15.50
CA GLY L 195 33.75 37.57 -16.70
C GLY L 195 32.48 38.14 -17.27
N ARG L 196 32.02 39.32 -16.78
CA ARG L 196 30.85 39.90 -17.43
C ARG L 196 31.27 40.61 -18.72
N PRO L 197 30.48 40.51 -19.77
CA PRO L 197 30.83 41.20 -21.03
C PRO L 197 30.96 42.70 -20.85
N LEU L 198 31.96 43.25 -21.53
CA LEU L 198 32.09 44.70 -21.62
C LEU L 198 31.24 45.20 -22.77
N ASP L 199 30.55 46.33 -22.56
CA ASP L 199 29.86 46.97 -23.68
C ASP L 199 30.85 47.45 -24.72
N GLU L 200 32.02 47.92 -24.28
CA GLU L 200 33.02 48.44 -25.20
C GLU L 200 34.35 47.79 -24.88
N PRO L 201 34.93 47.05 -25.81
CA PRO L 201 36.20 46.34 -25.57
C PRO L 201 37.31 47.30 -25.19
N VAL L 202 38.30 46.82 -24.43
CA VAL L 202 39.41 47.66 -23.97
C VAL L 202 40.72 47.14 -24.53
N ASP L 203 41.35 47.92 -25.37
CA ASP L 203 42.63 47.53 -25.98
C ASP L 203 43.78 47.63 -24.97
N MET L 204 44.49 46.51 -24.76
CA MET L 204 45.65 46.50 -23.86
C MET L 204 46.99 46.48 -24.61
N GLY L 205 46.96 46.63 -25.92
CA GLY L 205 48.16 46.78 -26.68
C GLY L 205 48.80 45.47 -27.08
N GLN L 206 50.07 45.61 -27.43
CA GLN L 206 50.78 44.49 -28.02
C GLN L 206 51.53 43.73 -26.93
N PRO L 207 51.56 42.40 -27.05
CA PRO L 207 52.42 41.58 -26.16
C PRO L 207 53.89 41.94 -26.23
N LEU L 208 54.57 41.79 -25.10
CA LEU L 208 56.02 41.92 -25.11
C LEU L 208 56.65 40.77 -25.86
N ASP L 209 57.79 41.03 -26.50
CA ASP L 209 58.38 39.88 -27.15
C ASP L 209 59.16 39.05 -26.12
N GLU L 210 59.52 37.87 -26.60
CA GLU L 210 60.01 36.77 -25.79
C GLU L 210 61.32 37.20 -25.13
N GLU L 211 62.16 37.94 -25.89
CA GLU L 211 63.44 38.38 -25.35
C GLU L 211 63.26 39.48 -24.30
N GLU L 212 62.32 40.39 -24.53
CA GLU L 212 62.08 41.40 -23.52
C GLU L 212 61.59 40.78 -22.21
N LEU L 213 60.72 39.75 -22.28
CA LEU L 213 60.27 39.09 -21.05
C LEU L 213 61.43 38.41 -20.33
N ARG L 214 62.31 37.73 -21.07
CA ARG L 214 63.48 37.11 -20.42
C ARG L 214 64.33 38.14 -19.70
N LYS L 215 64.35 39.38 -20.20
CA LYS L 215 65.16 40.43 -19.61
C LYS L 215 64.53 40.96 -18.31
N ILE L 216 63.22 41.16 -18.27
CA ILE L 216 62.63 41.87 -17.14
C ILE L 216 61.87 40.95 -16.18
N THR L 217 61.80 39.66 -16.45
CA THR L 217 60.99 38.77 -15.58
C THR L 217 61.65 38.52 -14.21
N THR L 218 60.82 38.16 -13.22
CA THR L 218 61.28 37.87 -11.87
C THR L 218 61.22 36.39 -11.53
N ILE L 219 60.85 35.51 -12.48
CA ILE L 219 60.89 34.08 -12.22
C ILE L 219 62.23 33.51 -12.70
N TYR L 220 62.77 32.53 -11.95
CA TYR L 220 63.94 31.76 -12.39
C TYR L 220 63.43 30.58 -13.20
N ARG L 221 64.02 30.36 -14.38
CA ARG L 221 63.72 29.21 -15.23
C ARG L 221 65.03 28.77 -15.86
N LYS L 222 65.28 27.47 -15.91
CA LYS L 222 66.54 26.96 -16.45
C LYS L 222 66.83 27.46 -17.87
N ASP L 223 65.79 27.60 -18.71
CA ASP L 223 66.01 28.09 -20.09
C ASP L 223 66.20 29.59 -20.19
N ASN L 224 66.21 30.30 -19.06
CA ASN L 224 66.57 31.72 -19.05
C ASN L 224 67.72 31.89 -18.07
N ILE L 225 67.43 32.13 -16.81
CA ILE L 225 68.44 32.09 -15.76
C ILE L 225 67.95 31.13 -14.68
N ALA L 226 68.70 30.04 -14.45
CA ALA L 226 68.31 29.02 -13.47
C ALA L 226 68.53 29.52 -12.04
N MET L 227 67.65 29.08 -11.13
CA MET L 227 67.88 29.29 -9.70
C MET L 227 69.24 28.75 -9.29
N ARG L 228 69.62 27.61 -9.89
CA ARG L 228 70.88 26.96 -9.58
C ARG L 228 72.06 27.89 -9.83
N ASP L 229 71.91 28.83 -10.78
CA ASP L 229 73.02 29.74 -11.09
C ASP L 229 73.15 30.87 -10.05
N ASP L 230 72.13 31.12 -9.25
CA ASP L 230 72.19 32.21 -8.28
C ASP L 230 72.65 31.64 -6.94
N LYS L 231 73.97 31.35 -6.88
CA LYS L 231 74.51 30.75 -5.66
C LYS L 231 74.27 31.63 -4.46
N GLU L 232 74.32 32.95 -4.67
CA GLU L 232 74.13 33.91 -3.58
C GLU L 232 72.73 33.81 -3.01
N ALA L 233 71.74 33.77 -3.87
CA ALA L 233 70.37 33.64 -3.43
C ALA L 233 70.19 32.34 -2.68
N ILE L 234 70.78 31.26 -3.18
CA ILE L 234 70.64 29.98 -2.49
C ILE L 234 71.27 30.04 -1.12
N GLU L 235 72.45 30.66 -1.03
CA GLU L 235 73.14 30.78 0.24
C GLU L 235 72.29 31.50 1.28
N VAL L 236 71.60 32.57 0.88
CA VAL L 236 70.78 33.30 1.84
C VAL L 236 69.51 32.52 2.21
N VAL L 237 68.88 31.86 1.24
CA VAL L 237 67.74 31.02 1.54
C VAL L 237 68.13 29.94 2.55
N GLU L 238 69.28 29.29 2.32
CA GLU L 238 69.75 28.27 3.26
C GLU L 238 70.03 28.87 4.63
N ASN L 239 70.57 30.08 4.64
CA ASN L 239 70.86 30.73 5.91
C ASN L 239 69.61 30.98 6.71
N ILE L 240 68.52 31.42 6.03
CA ILE L 240 67.25 31.65 6.71
C ILE L 240 66.74 30.34 7.28
N HIS L 241 66.75 29.29 6.45
CA HIS L 241 66.33 27.97 6.90
C HIS L 241 67.12 27.51 8.12
N THR L 242 68.44 27.61 8.04
CA THR L 242 69.31 27.19 9.14
C THR L 242 69.02 27.99 10.40
N GLY L 243 68.90 29.32 10.26
CA GLY L 243 68.62 30.16 11.41
C GLY L 243 67.29 29.85 12.07
N ARG L 244 66.25 29.59 11.27
CA ARG L 244 64.98 29.20 11.84
C ARG L 244 65.11 27.86 12.60
N THR L 245 65.87 26.92 12.05
CA THR L 245 66.07 25.64 12.71
C THR L 245 66.77 25.82 14.06
N MET L 246 67.82 26.65 14.09
CA MET L 246 68.58 26.91 15.32
C MET L 246 67.73 27.61 16.37
N GLY L 247 66.91 28.60 15.96
CA GLY L 247 66.08 29.28 16.94
C GLY L 247 65.02 28.36 17.50
N GLY L 248 64.48 27.49 16.65
CA GLY L 248 63.47 26.56 17.12
C GLY L 248 64.05 25.56 18.09
N PHE L 249 65.27 25.10 17.82
CA PHE L 249 65.89 24.13 18.72
C PHE L 249 66.28 24.80 20.03
N GLY L 250 66.80 26.03 19.96
CA GLY L 250 66.90 26.89 21.11
C GLY L 250 68.14 26.68 21.98
N MET L 251 68.53 25.42 22.20
CA MET L 251 69.50 25.14 23.25
C MET L 251 70.84 25.78 22.98
N ASP L 252 71.27 25.86 21.70
CA ASP L 252 72.56 26.50 21.43
C ASP L 252 72.42 28.02 21.35
N VAL L 253 71.43 28.52 20.61
CA VAL L 253 71.44 29.99 20.45
C VAL L 253 71.06 30.67 21.74
N PHE L 254 70.28 30.02 22.62
CA PHE L 254 69.94 30.59 23.91
C PHE L 254 70.81 30.03 25.05
N LYS L 255 72.00 29.53 24.72
CA LYS L 255 72.80 28.87 25.75
C LYS L 255 73.09 29.79 26.93
N GLU L 256 73.34 31.09 26.70
CA GLU L 256 73.64 31.95 27.84
C GLU L 256 72.41 32.25 28.67
N ASP L 257 71.23 32.32 28.02
CA ASP L 257 69.98 32.46 28.76
C ASP L 257 69.72 31.23 29.60
N LEU L 258 69.90 30.03 29.03
CA LEU L 258 69.81 28.82 29.84
C LEU L 258 70.79 28.83 31.01
N ARG L 259 72.05 29.23 30.76
CA ARG L 259 73.03 29.21 31.84
C ARG L 259 72.59 30.11 33.00
N LYS L 260 72.00 31.25 32.69
CA LYS L 260 71.50 32.11 33.77
C LYS L 260 70.31 31.48 34.49
N ARG L 261 69.43 30.82 33.75
CA ARG L 261 68.33 30.14 34.43
C ARG L 261 68.83 29.00 35.32
N LEU L 262 69.95 28.34 34.95
CA LEU L 262 70.48 27.24 35.75
C LEU L 262 71.35 27.73 36.89
N GLY L 263 71.54 29.04 37.00
CA GLY L 263 72.27 29.61 38.12
C GLY L 263 73.75 29.52 37.94
N ASP L 264 74.22 29.39 36.70
CA ASP L 264 75.63 29.22 36.40
C ASP L 264 76.26 30.57 36.07
C1 COM M . -47.65 10.44 -20.76
C2 COM M . -47.11 9.97 -22.09
S1 COM M . -46.68 9.97 -19.37
S2 COM M . -48.10 10.73 -23.39
O1S COM M . -49.49 10.38 -23.21
O2S COM M . -48.01 12.26 -23.54
O3S COM M . -47.54 10.43 -24.78
N TP7 N . -41.95 -0.86 -23.66
P TP7 N . -40.17 -1.35 -27.80
O1P TP7 N . -39.82 -2.80 -27.88
O2P TP7 N . -38.99 -0.43 -27.83
O3P TP7 N . -41.16 -0.93 -28.86
O4P TP7 N . -40.84 -1.02 -26.33
CB TP7 N . -41.91 -1.87 -25.86
C TP7 N . -40.33 -2.64 -24.13
O TP7 N . -40.11 -3.87 -24.24
OXT TP7 N . -39.41 -1.86 -23.79
CA TP7 N . -41.74 -2.12 -24.36
CG TP7 N . -43.24 -1.18 -26.23
O1 TP7 N . -43.96 -1.38 -22.86
C1 TP7 N . -42.97 -0.65 -22.85
C2 TP7 N . -42.82 0.59 -21.96
C3 TP7 N . -43.84 0.57 -20.84
C4 TP7 N . -43.50 1.54 -19.70
C5 TP7 N . -43.48 2.98 -20.24
C6 TP7 N . -44.86 3.47 -20.72
C7 TP7 N . -45.89 3.33 -19.57
S7 TP7 N . -47.52 4.01 -19.94
C ACT O . -34.21 -10.87 10.52
O ACT O . -33.20 -11.56 10.75
OXT ACT O . -34.13 -10.09 9.52
CH3 ACT O . -35.39 -10.97 11.43
N TP7 P . -27.61 -24.59 -13.69
P TP7 P . -31.22 -27.19 -13.97
O1P TP7 P . -31.83 -27.06 -12.63
O2P TP7 P . -30.91 -28.62 -14.36
O3P TP7 P . -32.04 -26.40 -14.96
O4P TP7 P . -29.80 -26.40 -13.75
CB TP7 P . -29.11 -26.02 -14.94
C TP7 P . -29.70 -23.67 -14.41
O TP7 P . -30.34 -23.16 -15.34
OXT TP7 P . -29.89 -23.43 -13.18
CA TP7 P . -28.59 -24.59 -14.79
CG TP7 P . -28.06 -27.11 -15.16
O1 TP7 P . -25.82 -24.53 -15.04
C1 TP7 P . -26.31 -24.48 -13.90
C2 TP7 P . -25.47 -24.31 -12.63
C3 TP7 P . -24.16 -23.65 -13.02
C4 TP7 P . -23.39 -23.03 -11.82
C5 TP7 P . -23.07 -24.02 -10.69
C6 TP7 P . -22.14 -25.19 -11.10
C7 TP7 P . -20.79 -24.54 -11.56
S7 TP7 P . -19.48 -25.78 -11.90
NI F43 Q . -17.06 -27.82 -3.96
NA F43 Q . -18.70 -26.67 -3.33
CHA F43 Q . -17.72 -24.56 -4.18
C1A F43 Q . -18.71 -25.38 -3.36
C2A F43 Q . -19.75 -24.77 -2.44
C3A F43 Q . -20.10 -26.06 -1.66
C4A F43 Q . -19.98 -27.20 -2.71
C5A F43 Q . -20.95 -24.21 -3.22
C6A F43 Q . -22.05 -23.66 -2.33
O7A F43 Q . -21.97 -22.54 -1.90
N8A F43 Q . -23.06 -24.33 -2.00
C9A F43 Q . -19.14 -23.59 -1.68
CAA F43 Q . -19.23 -26.29 -0.39
CBA F43 Q . -19.73 -25.41 0.78
CCA F43 Q . -19.77 -25.99 2.18
ODA F43 Q . -20.80 -25.80 2.83
OEA F43 Q . -18.76 -26.64 2.60
NB F43 Q . -18.18 -29.53 -3.57
CHB F43 Q . -19.81 -28.53 -1.99
C1B F43 Q . -19.55 -29.58 -3.11
C2B F43 Q . -19.84 -31.01 -2.71
C3B F43 Q . -18.45 -31.63 -2.61
C4B F43 Q . -17.64 -30.68 -3.46
N5B F43 Q . -20.47 -29.31 -4.21
C6B F43 Q . -21.17 -30.39 -4.55
O7B F43 Q . -22.10 -30.40 -5.32
C8B F43 Q . -20.59 -31.64 -3.89
C9B F43 Q . -20.76 -31.14 -1.51
CAB F43 Q . -17.93 -31.74 -1.14
CBB F43 Q . -16.47 -32.27 -1.05
CCB F43 Q . -16.12 -32.64 0.37
ODB F43 Q . -16.90 -33.48 0.90
OEB F43 Q . -15.05 -32.11 0.89
NC F43 Q . -15.35 -28.89 -4.38
CHC F43 Q . -16.33 -31.05 -4.02
C1C F43 Q . -15.31 -30.22 -4.36
C2C F43 Q . -13.97 -30.80 -4.74
C3C F43 Q . -13.12 -29.54 -4.73
C4C F43 Q . -14.10 -28.42 -4.72
C5C F43 Q . -14.07 -31.36 -6.20
C6C F43 Q . -12.75 -32.01 -6.62
O7C F43 Q . -12.33 -32.98 -5.96
O8C F43 Q . -12.11 -31.60 -7.62
C8C F43 Q . -12.25 -29.52 -3.43
C9C F43 Q . -11.03 -30.45 -3.59
CAC F43 Q . -10.13 -30.49 -2.34
OBC F43 Q . -9.13 -31.22 -2.38
OCC F43 Q . -10.38 -29.80 -1.30
ND F43 Q . -15.84 -26.16 -4.01
CHD F43 Q . -13.73 -27.13 -4.87
C5D F43 Q . -12.96 -24.28 -4.98
C6D F43 Q . -11.85 -25.34 -5.06
C7D F43 Q . -12.38 -26.76 -5.37
O8D F43 Q . -11.59 -27.53 -6.02
C9D F43 Q . -15.30 -22.70 -3.03
CAD F43 Q . -14.53 -21.50 -3.59
OBD F43 Q . -14.42 -21.38 -4.83
OCD F43 Q . -14.08 -20.65 -2.79
C1D F43 Q . -14.56 -26.10 -4.34
C2D F43 Q . -14.04 -24.73 -3.97
C3D F43 Q . -15.32 -23.89 -3.98
C4D F43 Q . -16.40 -24.87 -3.53
C1 COM R . -17.43 -29.26 -6.86
C2 COM R . -18.68 -29.88 -7.41
S1 COM R . -17.67 -27.56 -6.43
S2 COM R . -18.48 -31.69 -7.40
O1S COM R . -17.39 -31.92 -8.27
O2S COM R . -18.17 -32.28 -6.02
O3S COM R . -19.71 -32.47 -7.82
NI F43 S . -45.97 12.34 -18.74
NA F43 S . -43.94 11.80 -18.55
CHA F43 S . -44.36 10.56 -16.49
C1A F43 S . -43.47 11.23 -17.49
C2A F43 S . -41.97 11.28 -17.37
C3A F43 S . -41.70 12.35 -18.42
C4A F43 S . -42.80 12.09 -19.47
C5A F43 S . -41.33 9.95 -17.77
C6A F43 S . -39.79 10.06 -17.70
O7A F43 S . -39.18 9.98 -16.62
N8A F43 S . -39.08 10.24 -18.73
C9A F43 S . -41.58 11.64 -15.92
CAA F43 S . -41.65 13.82 -17.88
CBA F43 S . -40.43 14.27 -16.99
CCA F43 S . -39.85 15.61 -17.33
ODA F43 S . -38.60 15.65 -17.56
OEA F43 S . -40.65 16.58 -17.39
NB F43 S . -45.47 13.03 -20.61
CHB F43 S . -43.08 13.32 -20.36
C1B F43 S . -44.21 12.91 -21.32
C2B F43 S . -44.32 13.77 -22.59
C3B F43 S . -45.54 14.64 -22.28
C4B F43 S . -46.26 13.83 -21.24
N5B F43 S . -43.93 11.57 -21.85
C6B F43 S . -43.99 11.53 -23.19
O7B F43 S . -43.67 10.58 -23.87
C8B F43 S . -44.58 12.81 -23.77
C9B F43 S . -43.08 14.56 -23.03
CAB F43 S . -45.26 16.06 -21.77
CBB F43 S . -46.54 16.89 -21.55
CCB F43 S . -46.16 18.37 -21.38
ODB F43 S . -45.53 18.90 -22.33
OEB F43 S . -46.44 18.94 -20.28
NC F43 S . -47.90 13.05 -18.82
CHC F43 S . -47.70 13.98 -21.03
C1C F43 S . -48.37 13.70 -19.88
C2C F43 S . -49.81 14.10 -19.73
C3C F43 S . -50.03 13.90 -18.25
C4C F43 S . -48.88 13.00 -17.83
C5C F43 S . -50.69 13.11 -20.50
C6C F43 S . -52.13 13.59 -20.43
O7C F43 S . -53.01 12.88 -19.95
O8C F43 S . -52.43 14.71 -20.89
C8C F43 S . -49.91 15.22 -17.48
C9C F43 S . -51.27 15.97 -17.59
CAC F43 S . -51.28 17.34 -16.88
OBC F43 S . -52.36 17.99 -16.97
OCC F43 S . -50.29 17.79 -16.24
ND F43 S . -46.30 12.08 -16.76
CHD F43 S . -48.73 12.48 -16.59
C5D F43 S . -48.35 11.49 -13.82
C6D F43 S . -49.62 12.26 -14.12
C7D F43 S . -49.87 12.38 -15.64
O8D F43 S . -51.08 12.44 -15.99
C9D F43 S . -44.91 11.54 -13.43
CAD F43 S . -45.37 10.86 -12.13
OBD F43 S . -46.06 9.82 -12.21
OCD F43 S . -44.93 11.30 -11.05
C1D F43 S . -47.46 12.19 -16.09
C2D F43 S . -47.16 12.05 -14.62
C3D F43 S . -45.84 11.26 -14.62
C4D F43 S . -45.15 11.73 -15.86
C ACT T . -18.94 10.80 -10.96
O ACT T . -19.28 9.72 -10.43
OXT ACT T . -19.82 11.68 -11.07
CH3 ACT T . -17.54 11.10 -11.44
C ACT U . -45.73 -29.41 -41.93
O ACT U . -45.59 -29.06 -40.73
OXT ACT U . -44.94 -28.86 -42.75
CH3 ACT U . -46.80 -30.40 -42.32
C ACT V . -47.58 -19.07 -7.82
O ACT V . -48.59 -18.41 -7.50
OXT ACT V . -46.58 -18.39 -8.20
CH3 ACT V . -47.60 -20.58 -7.80
C ACT W . 1.02 -52.13 -9.49
O ACT W . 1.95 -52.88 -9.10
OXT ACT W . -0.15 -52.47 -9.20
CH3 ACT W . 1.33 -50.89 -10.27
NA NA X . 11.68 -38.40 -15.19
C1 COM Y . 22.29 -7.88 30.19
C2 COM Y . 23.65 -7.63 30.73
S1 COM Y . 22.27 -7.63 28.44
S2 COM Y . 23.76 -8.36 32.36
O1S COM Y . 25.20 -8.24 32.92
O2S COM Y . 23.69 -9.87 32.45
O3S COM Y . 22.69 -7.81 33.13
NI F43 Z . 22.03 -10.05 27.59
NA F43 Z . 23.46 -9.80 26.11
CHA F43 Z . 22.03 -8.33 24.81
C1A F43 Z . 23.24 -9.24 25.00
C2A F43 Z . 24.21 -9.57 23.91
C3A F43 Z . 24.91 -10.74 24.60
C4A F43 Z . 24.87 -10.32 26.09
C5A F43 Z . 25.24 -8.45 23.70
C6A F43 Z . 26.28 -8.84 22.66
O7A F43 Z . 26.05 -8.73 21.45
N8A F43 Z . 27.42 -9.24 23.02
C9A F43 Z . 23.51 -9.81 22.56
CAA F43 Z . 24.40 -12.20 24.37
CBA F43 Z . 24.60 -12.75 22.93
CCA F43 Z . 24.99 -14.21 22.82
ODA F43 Z . 26.02 -14.48 22.14
OEA F43 Z . 24.28 -15.05 23.39
NB F43 Z . 23.47 -10.91 28.78
CHB F43 Z . 25.10 -11.51 26.99
C1B F43 Z . 24.90 -11.05 28.45
C2B F43 Z . 25.47 -11.99 29.52
C3B F43 Z . 24.24 -12.56 30.22
C4B F43 Z . 23.18 -11.59 29.83
N5B F43 Z . 25.65 -9.81 28.62
C6B F43 Z . 26.50 -9.86 29.65
O7B F43 Z . 27.36 -9.02 29.89
C8B F43 Z . 26.24 -11.09 30.50
C9B F43 Z . 26.57 -12.97 29.05
CAB F43 Z . 23.89 -13.99 29.73
CBB F43 Z . 22.65 -14.61 30.38
CCB F43 Z . 22.60 -16.09 30.11
ODB F43 Z . 23.59 -16.76 30.46
OEB F43 Z . 21.57 -16.54 29.53
NC F43 Z . 20.54 -10.40 28.93
CHC F43 Z . 21.90 -11.50 30.58
C1C F43 Z . 20.72 -11.02 30.10
C2C F43 Z . 19.49 -11.12 30.90
C3C F43 Z . 18.40 -10.78 29.88
C4C F43 Z . 19.17 -10.14 28.78
C5C F43 Z . 19.53 -10.10 32.06
C6C F43 Z . 18.34 -10.26 32.99
O7C F43 Z . 17.51 -9.33 33.19
O8C F43 Z . 18.23 -11.35 33.62
C8C F43 Z . 17.75 -12.12 29.42
C9C F43 Z . 16.83 -12.70 30.51
CAC F43 Z . 16.07 -13.96 30.04
OBC F43 Z . 15.22 -14.42 30.83
OCC F43 Z . 16.28 -14.51 28.93
ND F43 Z . 20.54 -9.57 26.28
CHD F43 Z . 18.56 -9.58 27.73
C5D F43 Z . 17.21 -8.43 25.40
C6D F43 Z . 16.32 -8.97 26.50
C7D F43 Z . 17.11 -9.23 27.79
O8D F43 Z . 16.45 -9.06 28.85
C9D F43 Z . 19.48 -9.00 22.81
CAD F43 Z . 18.39 -8.20 22.12
OBD F43 Z . 18.12 -7.07 22.56
OCD F43 Z . 17.84 -8.60 21.06
C1D F43 Z . 19.22 -9.47 26.53
C2D F43 Z . 18.48 -9.28 25.23
C3D F43 Z . 19.58 -8.72 24.34
C4D F43 Z . 20.89 -9.34 24.86
C ACT AA . -6.77 -0.22 26.22
O ACT AA . -6.94 -1.47 26.02
OXT ACT AA . -5.77 0.26 25.68
CH3 ACT AA . -7.70 0.63 27.08
C ACT BA . 70.96 6.38 44.89
O ACT BA . 70.38 5.89 45.88
OXT ACT BA . 71.98 5.74 44.45
CH3 ACT BA . 70.43 7.67 44.31
C ACT CA . 8.36 -18.69 53.97
O ACT CA . 7.70 -19.63 54.48
OXT ACT CA . 9.60 -18.82 53.89
CH3 ACT CA . 7.68 -17.46 53.47
N TP7 DA . 38.72 23.40 9.39
P TP7 DA . 36.70 26.57 11.93
O1P TP7 DA . 36.53 25.80 13.21
O2P TP7 DA . 35.38 26.76 11.21
O3P TP7 DA . 37.53 27.84 11.92
O4P TP7 DA . 37.47 25.60 10.87
CB TP7 DA . 38.65 24.96 11.30
C TP7 DA . 37.43 22.78 11.35
O TP7 DA . 36.43 22.70 10.58
OXT TP7 DA . 37.44 22.29 12.52
CA TP7 DA . 38.66 23.49 10.85
CG TP7 DA . 39.78 25.86 10.83
O1 TP7 DA . 40.89 22.86 9.25
C1 TP7 DA . 39.78 22.99 8.71
C2 TP7 DA . 39.58 22.75 7.21
C3 TP7 DA . 40.70 21.82 6.78
C4 TP7 DA . 40.45 21.17 5.40
C5 TP7 DA . 40.02 22.17 4.33
C6 TP7 DA . 41.15 23.08 3.82
C7 TP7 DA . 42.35 22.21 3.29
S7 TP7 DA . 43.78 23.20 2.74
NI F43 EA . 40.76 25.31 -5.02
NA F43 EA . 38.93 24.51 -4.38
CHA F43 EA . 39.86 22.27 -4.26
C1A F43 EA . 38.72 23.26 -4.26
C2A F43 EA . 37.28 22.84 -4.19
C3A F43 EA . 36.66 24.15 -4.66
C4A F43 EA . 37.64 25.24 -4.10
C5A F43 EA . 36.83 22.56 -2.75
C6A F43 EA . 35.34 22.23 -2.66
O7A F43 EA . 34.96 21.12 -2.94
N8A F43 EA . 34.48 23.10 -2.35
C9A F43 EA . 37.10 21.60 -5.08
CAA F43 EA . 36.45 24.32 -6.18
CBA F43 EA . 35.24 23.56 -6.77
CCA F43 EA . 34.42 24.33 -7.80
ODA F43 EA . 33.20 24.31 -7.62
OEA F43 EA . 34.98 24.94 -8.76
NB F43 EA . 39.95 27.20 -4.73
CHB F43 EA . 37.56 26.60 -4.79
C1B F43 EA . 38.64 27.52 -4.16
C2B F43 EA . 38.48 29.04 -4.39
C3B F43 EA . 39.55 29.38 -5.40
C4B F43 EA . 40.51 28.23 -5.24
N5B F43 EA . 38.59 27.41 -2.70
C6B F43 EA . 38.52 28.60 -2.08
O7B F43 EA . 38.34 28.74 -0.87
C8B F43 EA . 38.76 29.73 -3.05
C9B F43 EA . 37.03 29.46 -4.77
CAB F43 EA . 39.04 29.43 -6.84
CBB F43 EA . 40.10 29.61 -7.91
CCB F43 EA . 39.50 30.12 -9.20
ODB F43 EA . 38.71 31.09 -9.13
OEB F43 EA . 39.82 29.51 -10.26
NC F43 EA . 42.51 26.04 -5.88
CHC F43 EA . 41.93 28.39 -5.64
C1C F43 EA . 42.76 27.36 -6.00
C2C F43 EA . 44.09 27.64 -6.62
C3C F43 EA . 44.54 26.24 -7.10
C4C F43 EA . 43.62 25.29 -6.39
C5C F43 EA . 45.02 28.15 -5.52
C6C F43 EA . 46.38 28.51 -6.13
O7C F43 EA . 47.42 27.90 -5.81
O8C F43 EA . 46.44 29.47 -6.94
C8C F43 EA . 44.31 26.19 -8.62
C9C F43 EA . 45.34 27.00 -9.42
CAC F43 EA . 45.26 26.83 -10.95
OBC F43 EA . 44.33 26.19 -11.49
OCC F43 EA . 46.17 27.33 -11.64
ND F43 EA . 41.39 23.46 -5.68
CHD F43 EA . 43.69 23.95 -6.44
C5D F43 EA . 43.86 21.01 -6.60
C6D F43 EA . 44.88 21.81 -7.39
C7D F43 EA . 44.92 23.26 -6.94
O8D F43 EA . 46.06 23.82 -6.98
C9D F43 EA . 40.60 19.99 -6.52
CAD F43 EA . 41.32 18.64 -6.49
OBD F43 EA . 42.20 18.41 -5.62
OCD F43 EA . 40.96 17.79 -7.34
C1D F43 EA . 42.57 23.15 -6.23
C2D F43 EA . 42.49 21.73 -6.70
C3D F43 EA . 41.38 21.14 -5.88
C4D F43 EA . 40.45 22.33 -5.64
C1 COM FA . 42.55 26.43 -1.70
C2 COM FA . 41.68 27.65 -1.74
S1 COM FA . 41.87 25.02 -2.63
S2 COM FA . 42.53 29.24 -1.86
O1S COM FA . 41.89 30.10 -0.77
O2S COM FA . 43.96 29.13 -1.73
O3S COM FA . 42.17 30.01 -3.11
N TP7 GA . 30.53 1.83 27.78
P TP7 GA . 34.61 1.74 29.81
O1P TP7 GA . 34.47 1.54 31.31
O2P TP7 GA . 35.33 0.67 29.03
O3P TP7 GA . 35.08 3.11 29.44
O4P TP7 GA . 33.11 1.58 29.20
CB TP7 GA . 32.16 2.63 29.45
C TP7 GA . 32.34 3.30 27.02
O TP7 GA . 32.76 4.48 26.87
OXT TP7 GA . 32.67 2.38 26.25
CA TP7 GA . 31.38 2.97 28.16
CG TP7 GA . 31.34 2.19 30.66
O1 TP7 GA . 28.60 2.79 28.48
C1 TP7 GA . 29.21 1.90 27.89
C2 TP7 GA . 28.49 0.72 27.25
C3 TP7 GA . 27.06 1.16 26.93
C4 TP7 GA . 26.34 0.13 26.01
C5 TP7 GA . 26.42 -1.31 26.56
C6 TP7 GA . 25.59 -1.65 27.82
C7 TP7 GA . 24.13 -1.22 27.61
S7 TP7 GA . 23.06 -1.62 29.03
C ACT HA . 37.19 -12.65 3.99
O ACT HA . 36.44 -13.27 4.75
OXT ACT HA . 36.85 -11.48 3.68
CH3 ACT HA . 38.44 -13.29 3.45
C ACT IA . 19.41 21.96 18.49
O ACT IA . 19.89 20.80 18.26
OXT ACT IA . 18.24 22.04 18.91
CH3 ACT IA . 20.20 23.21 18.28
C ACT JA . 62.03 45.61 -14.19
O ACT JA . 61.04 46.18 -13.68
OXT ACT JA . 62.61 46.21 -15.14
CH3 ACT JA . 62.51 44.27 -13.73
#